data_6N1R
#
_entry.id   6N1R
#
_cell.length_a   1
_cell.length_b   1
_cell.length_c   1
_cell.angle_alpha   90
_cell.angle_beta   90
_cell.angle_gamma   90
#
_symmetry.space_group_name_H-M   'P 1'
#
_entity_poly.entity_id   1
_entity_poly.type   'polypeptide(L)'
_entity_poly.pdbx_seq_one_letter_code
;MHHHHHHSSGVDLGTENLYFQSIAMQDKNLVNVNLTKEMKASFIDYAMSVIVARALPDVRDGLKPVHRRILYGMNELGVT
PDKPHKKSARITGDVMGKYHPHGDSSIYEAMVRMAQWWSYRYMLVDGHGNFGSMDGDSAAAQRYTEARMSKIALEMLRDI
NKNTVDFVDNYDANEREPLVLPARFPNLLVNGATGIAVGMATNIPPHNLGETIDAVKLVMDNPEVTTKDLMEVLPGPDFP
TGALVMGKSGIHKAYETGKGSIVLRSRTEIETTKTGRERIVVTEFPYMVNKTKVHEHIVRLVQEKRIEGITAVRDESNRE
GVRFVIEVKRDASANVILNNLFKMTQMQTNFGFNMLAIQNGIPKILSLRQILDAYIEHQKEVVVRRTRFDKEKAEARAHI
LEGLLIALDHIDEVIRIIRASETDAEAQAELMSKFKLSERQSQAILDMRLRRLTGLERDKIQSEYDDLLALIADLADILA
KPERVSQIIKDELDEVKRKFSDKRRTELMVG
;
_entity_poly.pdbx_strand_id   A,B,C,D,E,F,G,H,I,J,K,L
#
# COMPACT_ATOMS: atom_id res chain seq x y z
N LYS A 28 -46.25 -33.20 18.03
CA LYS A 28 -47.57 -33.71 17.69
C LYS A 28 -48.58 -32.57 17.52
N ASN A 29 -48.58 -31.94 16.35
CA ASN A 29 -49.36 -30.73 16.14
C ASN A 29 -50.71 -30.99 15.47
N LEU A 30 -50.72 -31.47 14.23
CA LEU A 30 -51.98 -31.76 13.55
C LEU A 30 -52.58 -33.02 14.15
N VAL A 31 -53.88 -33.01 14.37
CA VAL A 31 -54.55 -34.14 15.03
C VAL A 31 -55.68 -34.66 14.14
N ASN A 32 -55.56 -34.41 12.83
CA ASN A 32 -56.59 -34.75 11.84
C ASN A 32 -56.75 -36.26 11.73
N VAL A 33 -57.94 -36.75 12.06
CA VAL A 33 -58.16 -38.19 12.21
C VAL A 33 -58.68 -38.86 10.95
N ASN A 34 -59.87 -38.49 10.48
CA ASN A 34 -60.64 -39.32 9.55
C ASN A 34 -60.02 -39.26 8.15
N LEU A 35 -59.01 -40.12 7.98
CA LEU A 35 -58.15 -40.03 6.81
C LEU A 35 -57.90 -41.42 6.22
N THR A 36 -58.95 -42.17 5.91
CA THR A 36 -58.71 -43.50 5.33
C THR A 36 -58.46 -43.42 3.83
N LYS A 37 -59.51 -43.07 3.07
CA LYS A 37 -59.36 -43.01 1.63
C LYS A 37 -58.58 -41.80 1.20
N GLU A 38 -58.54 -40.77 2.04
CA GLU A 38 -57.72 -39.62 1.71
C GLU A 38 -56.24 -39.89 1.91
N MET A 39 -55.87 -40.74 2.89
CA MET A 39 -54.46 -41.11 2.95
C MET A 39 -54.13 -42.09 1.84
N LYS A 40 -55.09 -42.91 1.40
CA LYS A 40 -54.81 -43.77 0.24
C LYS A 40 -54.64 -42.96 -1.03
N ALA A 41 -55.51 -41.97 -1.26
CA ALA A 41 -55.41 -41.15 -2.45
C ALA A 41 -54.17 -40.28 -2.44
N SER A 42 -53.87 -39.65 -1.30
CA SER A 42 -52.67 -38.83 -1.20
C SER A 42 -51.40 -39.68 -1.28
N PHE A 43 -51.47 -40.92 -0.81
CA PHE A 43 -50.29 -41.77 -0.85
C PHE A 43 -50.04 -42.29 -2.27
N ILE A 44 -51.10 -42.65 -2.99
CA ILE A 44 -50.98 -43.02 -4.40
C ILE A 44 -50.50 -41.83 -5.21
N ASP A 45 -50.97 -40.62 -4.87
CA ASP A 45 -50.57 -39.43 -5.61
C ASP A 45 -49.08 -39.13 -5.39
N TYR A 46 -48.61 -39.20 -4.16
CA TYR A 46 -47.21 -38.89 -3.92
C TYR A 46 -46.31 -40.01 -4.45
N ALA A 47 -46.78 -41.26 -4.43
CA ALA A 47 -45.99 -42.36 -4.96
C ALA A 47 -45.88 -42.30 -6.49
N MET A 48 -47.00 -42.05 -7.17
CA MET A 48 -46.97 -41.88 -8.61
C MET A 48 -46.17 -40.66 -9.03
N SER A 49 -46.19 -39.60 -8.22
CA SER A 49 -45.38 -38.45 -8.56
C SER A 49 -43.90 -38.75 -8.42
N VAL A 50 -43.53 -39.57 -7.43
CA VAL A 50 -42.14 -40.03 -7.34
C VAL A 50 -41.76 -40.86 -8.57
N ILE A 51 -42.56 -41.90 -8.86
CA ILE A 51 -42.27 -42.86 -9.94
C ILE A 51 -42.17 -42.16 -11.29
N VAL A 52 -43.08 -41.24 -11.57
CA VAL A 52 -43.00 -40.54 -12.84
C VAL A 52 -41.87 -39.53 -12.83
N ALA A 53 -41.92 -38.54 -11.94
CA ALA A 53 -41.08 -37.36 -12.10
C ALA A 53 -39.63 -37.64 -11.79
N ARG A 54 -39.33 -38.30 -10.68
CA ARG A 54 -37.96 -38.39 -10.24
C ARG A 54 -37.43 -39.81 -10.36
N ALA A 55 -38.02 -40.61 -11.23
CA ALA A 55 -37.74 -42.04 -11.27
C ALA A 55 -37.93 -42.52 -12.70
N LEU A 56 -38.19 -43.83 -12.82
CA LEU A 56 -37.95 -44.62 -14.01
C LEU A 56 -38.73 -44.10 -15.22
N PRO A 57 -38.09 -44.01 -16.38
CA PRO A 57 -38.78 -43.46 -17.56
C PRO A 57 -39.60 -44.44 -18.37
N ASP A 58 -40.08 -43.95 -19.49
CA ASP A 58 -41.16 -44.52 -20.28
C ASP A 58 -40.64 -45.56 -21.27
N VAL A 59 -41.54 -46.42 -21.73
CA VAL A 59 -41.20 -47.32 -22.84
C VAL A 59 -41.10 -46.55 -24.14
N ARG A 60 -42.13 -45.76 -24.47
CA ARG A 60 -42.32 -45.30 -25.83
C ARG A 60 -41.31 -44.24 -26.27
N ASP A 61 -40.55 -43.66 -25.35
CA ASP A 61 -39.39 -42.89 -25.80
C ASP A 61 -38.16 -43.04 -24.94
N GLY A 62 -38.21 -43.77 -23.83
CA GLY A 62 -37.03 -43.96 -23.01
C GLY A 62 -36.53 -42.71 -22.32
N LEU A 63 -37.36 -41.69 -22.21
CA LEU A 63 -36.90 -40.40 -21.71
C LEU A 63 -37.61 -40.07 -20.41
N LYS A 64 -36.85 -39.53 -19.47
CA LYS A 64 -37.43 -39.08 -18.22
C LYS A 64 -38.24 -37.82 -18.46
N PRO A 65 -39.24 -37.54 -17.62
CA PRO A 65 -40.04 -36.32 -17.81
C PRO A 65 -39.26 -35.04 -17.65
N VAL A 66 -38.22 -35.04 -16.80
CA VAL A 66 -37.28 -33.94 -16.78
C VAL A 66 -36.58 -33.81 -18.12
N HIS A 67 -36.17 -34.94 -18.68
CA HIS A 67 -35.49 -34.94 -19.97
C HIS A 67 -36.44 -34.54 -21.09
N ARG A 68 -37.68 -35.00 -21.02
CA ARG A 68 -38.68 -34.64 -22.03
C ARG A 68 -38.94 -33.15 -22.04
N ARG A 69 -39.02 -32.55 -20.85
CA ARG A 69 -39.23 -31.11 -20.80
C ARG A 69 -37.97 -30.35 -21.20
N ILE A 70 -36.78 -30.92 -20.98
CA ILE A 70 -35.54 -30.32 -21.50
C ILE A 70 -35.59 -30.26 -23.03
N LEU A 71 -35.88 -31.39 -23.66
CA LEU A 71 -35.85 -31.44 -25.12
C LEU A 71 -36.95 -30.59 -25.72
N TYR A 72 -38.14 -30.59 -25.13
CA TYR A 72 -39.21 -29.81 -25.74
C TYR A 72 -39.04 -28.32 -25.50
N GLY A 73 -38.48 -27.92 -24.35
CA GLY A 73 -38.23 -26.52 -24.13
C GLY A 73 -37.12 -25.99 -25.01
N MET A 74 -36.08 -26.80 -25.22
CA MET A 74 -35.01 -26.37 -26.10
C MET A 74 -35.44 -26.43 -27.56
N ASN A 75 -36.48 -27.22 -27.87
CA ASN A 75 -37.10 -27.17 -29.20
C ASN A 75 -37.88 -25.89 -29.39
N GLU A 76 -38.72 -25.52 -28.42
CA GLU A 76 -39.51 -24.30 -28.54
C GLU A 76 -38.64 -23.06 -28.49
N LEU A 77 -37.47 -23.12 -27.88
CA LEU A 77 -36.50 -22.05 -28.03
C LEU A 77 -35.75 -22.11 -29.35
N GLY A 78 -35.84 -23.24 -30.05
CA GLY A 78 -35.21 -23.36 -31.35
C GLY A 78 -33.70 -23.50 -31.31
N VAL A 79 -33.13 -23.89 -30.17
CA VAL A 79 -31.68 -23.88 -30.01
C VAL A 79 -31.17 -25.19 -30.61
N THR A 80 -31.02 -25.17 -31.91
CA THR A 80 -30.60 -26.27 -32.77
C THR A 80 -29.15 -26.04 -33.18
N PRO A 81 -28.47 -27.03 -33.81
CA PRO A 81 -27.08 -26.77 -34.22
C PRO A 81 -26.89 -25.87 -35.44
N ASP A 82 -27.93 -25.19 -35.93
CA ASP A 82 -27.68 -24.14 -36.90
C ASP A 82 -27.16 -22.87 -36.23
N LYS A 83 -27.62 -22.61 -35.02
CA LYS A 83 -27.15 -21.51 -34.19
C LYS A 83 -26.02 -22.00 -33.29
N PRO A 84 -25.17 -21.10 -32.83
CA PRO A 84 -24.17 -21.47 -31.82
C PRO A 84 -24.84 -21.70 -30.47
N HIS A 85 -24.03 -22.15 -29.52
CA HIS A 85 -24.52 -22.61 -28.24
C HIS A 85 -25.06 -21.46 -27.41
N LYS A 86 -26.11 -21.73 -26.65
CA LYS A 86 -26.71 -20.71 -25.81
C LYS A 86 -26.54 -21.04 -24.33
N LYS A 87 -26.66 -20.01 -23.50
CA LYS A 87 -26.47 -20.15 -22.07
C LYS A 87 -27.55 -21.03 -21.45
N SER A 88 -27.11 -22.04 -20.71
CA SER A 88 -28.02 -23.07 -20.19
C SER A 88 -28.93 -22.52 -19.10
N ALA A 89 -28.52 -21.44 -18.44
CA ALA A 89 -29.35 -20.84 -17.40
C ALA A 89 -30.66 -20.31 -17.97
N ARG A 90 -30.62 -19.76 -19.19
CA ARG A 90 -31.83 -19.25 -19.83
C ARG A 90 -32.76 -20.39 -20.21
N ILE A 91 -32.19 -21.52 -20.64
CA ILE A 91 -32.98 -22.69 -20.99
C ILE A 91 -33.65 -23.28 -19.77
N THR A 92 -32.90 -23.42 -18.67
CA THR A 92 -33.49 -23.93 -17.43
C THR A 92 -34.47 -22.94 -16.83
N GLY A 93 -34.27 -21.64 -17.02
CA GLY A 93 -35.24 -20.67 -16.55
C GLY A 93 -36.52 -20.74 -17.34
N ASP A 94 -36.43 -21.01 -18.64
CA ASP A 94 -37.64 -21.21 -19.43
C ASP A 94 -38.32 -22.53 -19.09
N VAL A 95 -37.53 -23.54 -18.70
CA VAL A 95 -38.10 -24.79 -18.17
C VAL A 95 -38.89 -24.53 -16.90
N MET A 96 -38.31 -23.71 -16.00
CA MET A 96 -38.99 -23.35 -14.76
C MET A 96 -40.25 -22.52 -15.02
N GLY A 97 -40.18 -21.58 -15.96
CA GLY A 97 -41.30 -20.74 -16.25
C GLY A 97 -42.37 -21.37 -17.12
N LYS A 98 -42.09 -22.50 -17.74
CA LYS A 98 -43.10 -23.13 -18.59
C LYS A 98 -43.49 -24.53 -18.17
N TYR A 99 -42.54 -25.43 -17.94
CA TYR A 99 -42.87 -26.85 -17.88
C TYR A 99 -42.57 -27.54 -16.56
N HIS A 100 -41.49 -27.20 -15.86
CA HIS A 100 -41.09 -28.10 -14.79
C HIS A 100 -40.61 -27.36 -13.54
N PRO A 101 -41.51 -27.08 -12.59
CA PRO A 101 -41.17 -26.25 -11.41
C PRO A 101 -40.53 -27.06 -10.27
N HIS A 102 -39.22 -27.28 -10.38
CA HIS A 102 -38.49 -28.12 -9.43
C HIS A 102 -37.08 -27.56 -9.28
N GLY A 103 -36.15 -28.39 -8.83
CA GLY A 103 -34.81 -27.93 -8.51
C GLY A 103 -34.03 -27.52 -9.75
N ASP A 104 -33.47 -26.31 -9.70
CA ASP A 104 -32.68 -25.79 -10.80
C ASP A 104 -31.41 -26.61 -10.99
N SER A 105 -30.75 -26.96 -9.89
CA SER A 105 -29.57 -27.81 -9.97
C SER A 105 -29.91 -29.24 -10.38
N SER A 106 -31.14 -29.70 -10.12
CA SER A 106 -31.53 -31.04 -10.61
C SER A 106 -31.74 -31.04 -12.11
N ILE A 107 -32.40 -30.00 -12.63
CA ILE A 107 -32.57 -29.86 -14.08
C ILE A 107 -31.22 -29.70 -14.75
N TYR A 108 -30.31 -28.94 -14.13
CA TYR A 108 -28.99 -28.80 -14.70
C TYR A 108 -28.14 -30.07 -14.53
N GLU A 109 -28.44 -30.89 -13.52
CA GLU A 109 -27.81 -32.20 -13.39
C GLU A 109 -28.20 -33.11 -14.54
N ALA A 110 -29.48 -33.07 -14.93
CA ALA A 110 -29.92 -33.80 -16.11
C ALA A 110 -29.27 -33.25 -17.38
N MET A 111 -29.09 -31.92 -17.43
CA MET A 111 -28.39 -31.29 -18.55
C MET A 111 -26.96 -31.78 -18.66
N VAL A 112 -26.26 -31.85 -17.53
CA VAL A 112 -24.85 -32.23 -17.53
C VAL A 112 -24.70 -33.72 -17.85
N ARG A 113 -25.55 -34.56 -17.25
CA ARG A 113 -25.46 -35.99 -17.50
C ARG A 113 -25.82 -36.35 -18.93
N MET A 114 -26.78 -35.63 -19.53
CA MET A 114 -27.14 -35.92 -20.90
C MET A 114 -26.04 -35.51 -21.88
N ALA A 115 -25.30 -34.43 -21.57
CA ALA A 115 -24.37 -33.85 -22.52
C ALA A 115 -22.92 -34.28 -22.28
N GLN A 116 -22.71 -35.53 -21.87
CA GLN A 116 -21.38 -36.08 -21.70
C GLN A 116 -21.29 -37.42 -22.43
N TRP A 117 -20.18 -37.61 -23.14
CA TRP A 117 -20.06 -38.79 -23.98
C TRP A 117 -19.85 -40.05 -23.15
N TRP A 118 -19.22 -39.94 -21.97
CA TRP A 118 -19.00 -41.12 -21.14
C TRP A 118 -20.15 -41.37 -20.18
N SER A 119 -20.85 -40.30 -19.79
CA SER A 119 -21.99 -40.46 -18.90
C SER A 119 -23.23 -40.92 -19.64
N TYR A 120 -23.24 -40.78 -20.97
CA TYR A 120 -24.44 -40.97 -21.74
C TYR A 120 -24.00 -41.30 -23.16
N ARG A 121 -24.61 -42.34 -23.75
CA ARG A 121 -24.04 -42.98 -24.93
C ARG A 121 -24.07 -42.05 -26.15
N TYR A 122 -25.26 -41.63 -26.57
CA TYR A 122 -25.38 -40.70 -27.68
C TYR A 122 -25.86 -39.39 -27.10
N MET A 123 -24.97 -38.38 -27.07
CA MET A 123 -25.25 -37.12 -26.40
C MET A 123 -26.37 -36.38 -27.12
N LEU A 124 -27.55 -36.38 -26.52
CA LEU A 124 -28.69 -35.68 -27.12
C LEU A 124 -28.47 -34.18 -27.09
N VAL A 125 -27.98 -33.67 -25.97
CA VAL A 125 -27.54 -32.29 -25.87
C VAL A 125 -26.05 -32.26 -26.15
N ASP A 126 -25.63 -31.38 -27.05
CA ASP A 126 -24.22 -31.08 -27.22
C ASP A 126 -23.90 -29.81 -26.44
N GLY A 127 -22.96 -29.92 -25.50
CA GLY A 127 -22.65 -28.83 -24.62
C GLY A 127 -21.47 -28.01 -25.08
N HIS A 128 -21.10 -27.04 -24.26
CA HIS A 128 -20.09 -26.05 -24.61
C HIS A 128 -19.50 -25.53 -23.31
N GLY A 129 -18.36 -26.10 -22.91
CA GLY A 129 -17.72 -25.75 -21.67
C GLY A 129 -17.36 -26.98 -20.87
N ASN A 130 -16.81 -26.72 -19.68
CA ASN A 130 -16.41 -27.79 -18.78
C ASN A 130 -17.64 -28.38 -18.12
N PHE A 131 -17.85 -29.68 -18.31
CA PHE A 131 -18.91 -30.39 -17.64
C PHE A 131 -18.42 -31.39 -16.62
N GLY A 132 -17.45 -32.23 -16.97
CA GLY A 132 -16.92 -33.17 -16.00
C GLY A 132 -15.78 -33.97 -16.60
N SER A 133 -15.48 -35.08 -15.92
CA SER A 133 -14.47 -36.01 -16.38
C SER A 133 -14.91 -37.42 -15.99
N MET A 134 -14.24 -38.41 -16.55
CA MET A 134 -14.45 -39.78 -16.11
C MET A 134 -13.93 -40.02 -14.70
N ASP A 135 -13.01 -39.17 -14.23
CA ASP A 135 -12.56 -39.21 -12.85
C ASP A 135 -13.66 -38.81 -11.88
N GLY A 136 -14.67 -38.09 -12.36
CA GLY A 136 -15.74 -37.61 -11.52
C GLY A 136 -15.56 -36.13 -11.23
N ASP A 137 -16.24 -35.30 -12.03
CA ASP A 137 -16.14 -33.86 -11.94
C ASP A 137 -17.49 -33.28 -12.33
N SER A 138 -17.75 -32.07 -11.86
CA SER A 138 -19.03 -31.41 -12.11
C SER A 138 -18.80 -29.99 -12.61
N ALA A 139 -19.75 -29.51 -13.38
CA ALA A 139 -19.76 -28.09 -13.73
C ALA A 139 -20.25 -27.29 -12.54
N ALA A 140 -19.95 -25.98 -12.57
CA ALA A 140 -20.25 -25.13 -11.42
C ALA A 140 -21.74 -24.86 -11.31
N ALA A 141 -22.32 -24.22 -12.31
CA ALA A 141 -23.76 -23.95 -12.31
C ALA A 141 -24.24 -23.85 -13.75
N GLN A 142 -25.52 -23.52 -13.90
CA GLN A 142 -26.18 -23.44 -15.19
C GLN A 142 -25.87 -22.16 -15.94
N ARG A 143 -25.22 -21.19 -15.30
CA ARG A 143 -24.94 -19.89 -15.90
C ARG A 143 -23.47 -19.73 -16.29
N TYR A 144 -22.67 -20.79 -16.21
CA TYR A 144 -21.26 -20.75 -16.57
C TYR A 144 -20.98 -21.30 -17.96
N THR A 145 -21.69 -22.35 -18.36
CA THR A 145 -21.45 -23.03 -19.62
C THR A 145 -22.69 -23.02 -20.50
N GLU A 146 -22.47 -23.31 -21.77
CA GLU A 146 -23.50 -23.24 -22.80
C GLU A 146 -23.87 -24.64 -23.27
N ALA A 147 -24.93 -24.72 -24.07
CA ALA A 147 -25.41 -25.98 -24.62
C ALA A 147 -26.31 -25.70 -25.82
N ARG A 148 -26.63 -26.78 -26.54
CA ARG A 148 -27.66 -26.78 -27.57
C ARG A 148 -28.02 -28.23 -27.84
N MET A 149 -28.99 -28.44 -28.72
CA MET A 149 -29.31 -29.78 -29.16
C MET A 149 -28.27 -30.29 -30.14
N SER A 150 -28.02 -31.60 -30.10
CA SER A 150 -27.12 -32.23 -31.04
C SER A 150 -27.93 -32.73 -32.24
N LYS A 151 -27.29 -33.55 -33.07
CA LYS A 151 -27.94 -34.03 -34.29
C LYS A 151 -28.98 -35.10 -34.01
N ILE A 152 -29.10 -35.56 -32.77
CA ILE A 152 -29.99 -36.65 -32.46
C ILE A 152 -31.28 -36.13 -31.85
N ALA A 153 -31.23 -34.97 -31.21
CA ALA A 153 -32.46 -34.37 -30.69
C ALA A 153 -33.33 -33.83 -31.81
N LEU A 154 -32.72 -33.37 -32.91
CA LEU A 154 -33.50 -33.02 -34.08
C LEU A 154 -34.19 -34.23 -34.68
N GLU A 155 -33.58 -35.41 -34.53
CA GLU A 155 -34.27 -36.64 -34.89
C GLU A 155 -35.44 -36.91 -33.95
N MET A 156 -35.21 -36.76 -32.64
CA MET A 156 -36.24 -37.00 -31.64
C MET A 156 -37.41 -36.03 -31.76
N LEU A 157 -37.18 -34.86 -32.35
CA LEU A 157 -38.20 -33.83 -32.46
C LEU A 157 -38.63 -33.58 -33.91
N ARG A 158 -38.13 -34.37 -34.84
CA ARG A 158 -38.61 -34.26 -36.21
C ARG A 158 -40.03 -34.79 -36.29
N ASP A 159 -40.91 -33.98 -36.89
CA ASP A 159 -42.34 -34.24 -36.99
C ASP A 159 -42.95 -34.39 -35.59
N ILE A 160 -42.92 -33.29 -34.85
CA ILE A 160 -43.61 -33.19 -33.59
C ILE A 160 -44.86 -32.30 -33.69
N ASN A 161 -44.82 -31.26 -34.51
CA ASN A 161 -45.83 -30.22 -34.50
C ASN A 161 -47.00 -30.52 -35.42
N LYS A 162 -47.26 -31.80 -35.66
CA LYS A 162 -48.14 -32.23 -36.74
C LYS A 162 -49.13 -33.27 -36.25
N ASN A 163 -49.77 -32.99 -35.10
CA ASN A 163 -50.75 -33.88 -34.45
C ASN A 163 -50.16 -35.27 -34.20
N THR A 164 -48.89 -35.30 -33.85
CA THR A 164 -48.18 -36.57 -33.76
C THR A 164 -48.37 -37.21 -32.39
N VAL A 165 -48.15 -36.46 -31.33
CA VAL A 165 -48.46 -36.90 -29.97
C VAL A 165 -49.32 -35.82 -29.33
N ASP A 166 -50.38 -36.25 -28.64
CA ASP A 166 -51.31 -35.32 -28.00
C ASP A 166 -50.62 -34.52 -26.89
N PHE A 167 -50.85 -33.21 -26.91
CA PHE A 167 -50.37 -32.35 -25.85
C PHE A 167 -51.27 -32.42 -24.63
N VAL A 168 -50.74 -31.92 -23.52
CA VAL A 168 -51.52 -31.67 -22.32
C VAL A 168 -51.18 -30.26 -21.83
N ASP A 169 -52.08 -29.73 -21.00
CA ASP A 169 -51.84 -28.46 -20.32
C ASP A 169 -51.04 -28.73 -19.07
N ASN A 170 -50.00 -27.95 -18.85
CA ASN A 170 -49.16 -28.14 -17.68
C ASN A 170 -49.67 -27.27 -16.52
N TYR A 171 -48.82 -27.09 -15.51
CA TYR A 171 -49.19 -26.51 -14.23
C TYR A 171 -49.57 -25.04 -14.33
N ASP A 172 -49.25 -24.36 -15.43
CA ASP A 172 -49.56 -22.96 -15.61
C ASP A 172 -50.73 -22.72 -16.55
N ALA A 173 -51.30 -23.79 -17.13
CA ALA A 173 -52.54 -23.80 -17.91
C ALA A 173 -52.52 -22.87 -19.13
N ASN A 174 -51.34 -22.50 -19.60
CA ASN A 174 -51.20 -21.71 -20.83
C ASN A 174 -50.22 -22.39 -21.77
N GLU A 175 -49.19 -23.00 -21.20
CA GLU A 175 -48.26 -23.80 -21.97
C GLU A 175 -48.83 -25.19 -22.21
N ARG A 176 -48.41 -25.79 -23.32
CA ARG A 176 -48.78 -27.17 -23.63
C ARG A 176 -47.50 -27.97 -23.76
N GLU A 177 -47.47 -29.16 -23.18
CA GLU A 177 -46.31 -30.02 -23.31
C GLU A 177 -46.69 -31.34 -23.94
N PRO A 178 -45.74 -32.04 -24.56
CA PRO A 178 -46.03 -33.38 -25.08
C PRO A 178 -46.01 -34.43 -24.00
N LEU A 179 -46.95 -35.37 -24.11
CA LEU A 179 -47.01 -36.52 -23.23
C LEU A 179 -45.77 -37.38 -23.36
N VAL A 180 -45.52 -37.88 -24.57
CA VAL A 180 -44.36 -38.70 -24.88
C VAL A 180 -43.73 -38.17 -26.16
N LEU A 181 -42.41 -38.02 -26.17
CA LEU A 181 -41.77 -37.49 -27.36
C LEU A 181 -41.87 -38.48 -28.50
N PRO A 182 -42.26 -38.05 -29.69
CA PRO A 182 -42.31 -38.99 -30.82
C PRO A 182 -40.91 -39.37 -31.24
N ALA A 183 -40.52 -40.58 -30.85
CA ALA A 183 -39.16 -41.01 -31.11
C ALA A 183 -39.05 -41.49 -32.54
N ARG A 184 -37.83 -41.45 -33.04
CA ARG A 184 -37.55 -42.06 -34.32
C ARG A 184 -36.55 -43.19 -34.21
N PHE A 185 -36.00 -43.42 -33.02
CA PHE A 185 -35.20 -44.58 -32.77
C PHE A 185 -35.50 -44.94 -31.32
N PRO A 186 -35.57 -46.22 -30.99
CA PRO A 186 -35.95 -46.61 -29.63
C PRO A 186 -34.82 -46.33 -28.64
N ASN A 187 -35.05 -45.33 -27.80
CA ASN A 187 -33.99 -44.74 -26.99
C ASN A 187 -33.76 -45.48 -25.68
N LEU A 188 -34.67 -46.37 -25.29
CA LEU A 188 -34.42 -47.24 -24.14
C LEU A 188 -33.20 -48.11 -24.37
N LEU A 189 -33.19 -48.83 -25.48
CA LEU A 189 -32.08 -49.72 -25.76
C LEU A 189 -30.79 -48.96 -26.00
N VAL A 190 -30.90 -47.73 -26.48
CA VAL A 190 -29.71 -46.95 -26.75
C VAL A 190 -29.10 -46.41 -25.46
N ASN A 191 -29.92 -45.81 -24.61
CA ASN A 191 -29.38 -45.05 -23.49
C ASN A 191 -29.68 -45.63 -22.12
N GLY A 192 -30.66 -46.53 -22.00
CA GLY A 192 -30.93 -47.18 -20.74
C GLY A 192 -31.70 -46.32 -19.77
N ALA A 193 -32.15 -46.96 -18.69
CA ALA A 193 -32.95 -46.31 -17.66
C ALA A 193 -32.33 -46.57 -16.29
N THR A 194 -31.73 -45.56 -15.70
CA THR A 194 -31.27 -45.69 -14.32
C THR A 194 -32.44 -45.51 -13.37
N GLY A 195 -32.51 -46.36 -12.35
CA GLY A 195 -33.71 -46.37 -11.52
C GLY A 195 -33.56 -46.18 -10.03
N ILE A 196 -34.49 -45.44 -9.45
CA ILE A 196 -34.57 -45.26 -8.01
C ILE A 196 -35.65 -46.17 -7.47
N ALA A 197 -35.27 -47.05 -6.55
CA ALA A 197 -36.22 -47.98 -5.94
C ALA A 197 -36.95 -47.29 -4.81
N VAL A 198 -38.27 -47.26 -4.90
CA VAL A 198 -39.14 -47.11 -3.73
C VAL A 198 -39.77 -48.49 -3.64
N GLY A 199 -38.97 -49.49 -4.02
CA GLY A 199 -39.37 -50.87 -4.15
C GLY A 199 -38.96 -51.41 -5.51
N MET A 200 -38.84 -50.50 -6.49
CA MET A 200 -38.70 -50.87 -7.89
C MET A 200 -37.66 -49.97 -8.54
N ALA A 201 -36.52 -50.55 -8.93
CA ALA A 201 -35.47 -49.84 -9.65
C ALA A 201 -35.21 -50.53 -10.99
N THR A 202 -34.47 -49.84 -11.86
CA THR A 202 -34.30 -50.33 -13.22
C THR A 202 -32.90 -50.00 -13.72
N ASN A 203 -32.46 -50.72 -14.75
CA ASN A 203 -31.06 -50.75 -15.14
C ASN A 203 -30.86 -50.30 -16.58
N ILE A 204 -29.59 -50.23 -16.97
CA ILE A 204 -29.12 -49.74 -18.27
C ILE A 204 -28.67 -50.93 -19.11
N PRO A 205 -29.48 -51.48 -20.01
CA PRO A 205 -28.90 -52.16 -21.16
C PRO A 205 -28.67 -51.19 -22.30
N PRO A 206 -27.43 -50.77 -22.56
CA PRO A 206 -27.17 -49.97 -23.75
C PRO A 206 -27.02 -50.88 -24.95
N HIS A 207 -27.14 -50.30 -26.14
CA HIS A 207 -27.10 -51.10 -27.35
C HIS A 207 -26.45 -50.31 -28.47
N ASN A 208 -25.88 -51.04 -29.41
CA ASN A 208 -25.38 -50.44 -30.65
C ASN A 208 -26.57 -50.10 -31.51
N LEU A 209 -26.55 -48.89 -32.08
CA LEU A 209 -27.72 -48.37 -32.78
C LEU A 209 -28.05 -49.17 -34.03
N GLY A 210 -27.02 -49.53 -34.81
CA GLY A 210 -27.26 -50.20 -36.08
C GLY A 210 -27.81 -51.61 -35.91
N GLU A 211 -27.22 -52.37 -34.98
CA GLU A 211 -27.75 -53.69 -34.69
C GLU A 211 -29.13 -53.61 -34.08
N THR A 212 -29.39 -52.55 -33.32
CA THR A 212 -30.72 -52.35 -32.75
C THR A 212 -31.75 -52.12 -33.83
N ILE A 213 -31.42 -51.27 -34.80
CA ILE A 213 -32.32 -50.98 -35.91
C ILE A 213 -32.54 -52.22 -36.76
N ASP A 214 -31.49 -53.03 -36.95
CA ASP A 214 -31.65 -54.28 -37.68
C ASP A 214 -32.52 -55.26 -36.90
N ALA A 215 -32.43 -55.24 -35.57
CA ALA A 215 -33.31 -56.07 -34.75
C ALA A 215 -34.75 -55.61 -34.87
N VAL A 216 -34.96 -54.30 -34.91
CA VAL A 216 -36.29 -53.74 -35.12
C VAL A 216 -36.84 -54.19 -36.47
N LYS A 217 -35.99 -54.19 -37.50
CA LYS A 217 -36.41 -54.63 -38.83
C LYS A 217 -36.79 -56.11 -38.83
N LEU A 218 -36.00 -56.94 -38.17
CA LEU A 218 -36.29 -58.37 -38.19
C LEU A 218 -37.51 -58.72 -37.34
N VAL A 219 -37.72 -57.99 -36.24
CA VAL A 219 -38.93 -58.19 -35.46
C VAL A 219 -40.16 -57.73 -36.24
N MET A 220 -40.03 -56.62 -36.96
CA MET A 220 -41.17 -56.11 -37.71
C MET A 220 -41.45 -56.97 -38.93
N ASP A 221 -40.43 -57.65 -39.45
CA ASP A 221 -40.67 -58.59 -40.53
C ASP A 221 -41.32 -59.86 -40.00
N ASN A 222 -40.62 -60.61 -39.15
CA ASN A 222 -41.19 -61.85 -38.66
C ASN A 222 -41.75 -61.61 -37.27
N PRO A 223 -43.05 -61.81 -37.06
CA PRO A 223 -43.63 -61.57 -35.73
C PRO A 223 -43.20 -62.57 -34.68
N GLU A 224 -42.61 -63.70 -35.08
CA GLU A 224 -42.05 -64.66 -34.13
C GLU A 224 -40.59 -64.93 -34.51
N VAL A 225 -39.69 -64.11 -33.96
CA VAL A 225 -38.26 -64.37 -34.00
C VAL A 225 -37.87 -64.81 -32.59
N THR A 226 -37.13 -65.91 -32.49
CA THR A 226 -36.64 -66.34 -31.20
C THR A 226 -35.57 -65.40 -30.69
N THR A 227 -35.48 -65.30 -29.35
CA THR A 227 -34.53 -64.39 -28.73
C THR A 227 -33.09 -64.82 -28.94
N LYS A 228 -32.85 -66.11 -29.18
CA LYS A 228 -31.54 -66.54 -29.64
C LYS A 228 -31.22 -65.93 -30.99
N ASP A 229 -32.20 -65.85 -31.88
CA ASP A 229 -31.98 -65.28 -33.20
C ASP A 229 -31.87 -63.77 -33.17
N LEU A 230 -32.26 -63.13 -32.07
CA LEU A 230 -32.00 -61.71 -31.90
C LEU A 230 -30.73 -61.46 -31.13
N MET A 231 -30.27 -62.41 -30.33
CA MET A 231 -28.91 -62.37 -29.82
C MET A 231 -27.91 -62.64 -30.93
N GLU A 232 -28.33 -63.35 -31.99
CA GLU A 232 -27.60 -63.34 -33.24
C GLU A 232 -27.48 -61.92 -33.77
N VAL A 233 -28.56 -61.15 -33.68
CA VAL A 233 -28.50 -59.75 -34.08
C VAL A 233 -27.79 -58.93 -33.03
N LEU A 234 -28.37 -58.86 -31.84
CA LEU A 234 -27.89 -57.94 -30.82
C LEU A 234 -26.80 -58.61 -29.99
N PRO A 235 -25.61 -58.06 -29.95
CA PRO A 235 -24.60 -58.57 -29.03
C PRO A 235 -24.98 -58.27 -27.60
N GLY A 236 -25.26 -57.00 -27.32
CA GLY A 236 -25.66 -56.56 -26.00
C GLY A 236 -25.14 -55.19 -25.64
N PRO A 237 -24.47 -55.10 -24.50
CA PRO A 237 -24.13 -53.77 -23.93
C PRO A 237 -23.06 -53.01 -24.68
N ASP A 238 -23.48 -52.00 -25.42
CA ASP A 238 -22.56 -51.10 -26.12
C ASP A 238 -22.31 -49.91 -25.19
N PHE A 239 -21.25 -50.01 -24.39
CA PHE A 239 -20.96 -49.00 -23.39
C PHE A 239 -20.43 -47.73 -24.03
N PRO A 240 -20.61 -46.58 -23.37
CA PRO A 240 -20.05 -45.33 -23.89
C PRO A 240 -18.54 -45.22 -23.80
N THR A 241 -17.87 -46.06 -23.02
CA THR A 241 -16.42 -46.07 -22.97
C THR A 241 -15.79 -47.39 -23.37
N GLY A 242 -16.57 -48.42 -23.60
CA GLY A 242 -15.98 -49.70 -23.92
C GLY A 242 -15.63 -50.49 -22.69
N ALA A 243 -15.67 -51.82 -22.82
CA ALA A 243 -15.36 -52.77 -21.75
C ALA A 243 -15.21 -54.15 -22.37
N LEU A 244 -15.21 -55.16 -21.51
CA LEU A 244 -15.35 -56.56 -21.87
C LEU A 244 -16.54 -57.12 -21.10
N VAL A 245 -17.41 -57.85 -21.80
CA VAL A 245 -18.59 -58.46 -21.18
C VAL A 245 -18.36 -59.94 -21.07
N MET A 246 -18.36 -60.44 -19.84
CA MET A 246 -18.32 -61.87 -19.57
C MET A 246 -19.73 -62.35 -19.28
N GLY A 247 -20.08 -63.49 -19.87
CA GLY A 247 -21.34 -64.13 -19.60
C GLY A 247 -22.36 -63.89 -20.68
N LYS A 248 -22.52 -64.86 -21.57
CA LYS A 248 -23.62 -64.79 -22.53
C LYS A 248 -24.86 -65.45 -21.96
N SER A 249 -24.69 -66.24 -20.91
CA SER A 249 -25.83 -66.85 -20.22
C SER A 249 -26.68 -65.80 -19.52
N GLY A 250 -26.03 -64.86 -18.81
CA GLY A 250 -26.76 -63.78 -18.18
C GLY A 250 -27.37 -62.82 -19.18
N ILE A 251 -26.72 -62.64 -20.33
CA ILE A 251 -27.29 -61.89 -21.44
C ILE A 251 -28.56 -62.55 -21.95
N HIS A 252 -28.53 -63.88 -22.12
CA HIS A 252 -29.69 -64.61 -22.61
C HIS A 252 -30.83 -64.58 -21.60
N LYS A 253 -30.50 -64.73 -20.31
CA LYS A 253 -31.46 -64.56 -19.23
C LYS A 253 -32.09 -63.16 -19.24
N ALA A 254 -31.28 -62.14 -19.51
CA ALA A 254 -31.78 -60.77 -19.47
C ALA A 254 -32.73 -60.50 -20.63
N TYR A 255 -32.35 -60.86 -21.84
CA TYR A 255 -33.26 -60.57 -22.95
C TYR A 255 -34.36 -61.60 -23.11
N GLU A 256 -34.39 -62.64 -22.28
CA GLU A 256 -35.61 -63.43 -22.18
C GLU A 256 -36.56 -62.90 -21.11
N THR A 257 -36.10 -62.80 -19.87
CA THR A 257 -36.99 -62.51 -18.75
C THR A 257 -36.94 -61.08 -18.27
N GLY A 258 -35.84 -60.38 -18.46
CA GLY A 258 -35.73 -59.02 -17.99
C GLY A 258 -34.76 -58.92 -16.84
N LYS A 259 -34.85 -59.84 -15.89
CA LYS A 259 -33.92 -59.87 -14.78
C LYS A 259 -32.71 -60.71 -15.13
N GLY A 260 -31.55 -60.24 -14.70
CA GLY A 260 -30.33 -61.01 -14.90
C GLY A 260 -29.14 -60.19 -14.44
N SER A 261 -27.96 -60.77 -14.66
CA SER A 261 -26.73 -60.04 -14.40
C SER A 261 -25.65 -60.57 -15.31
N ILE A 262 -24.81 -59.66 -15.80
CA ILE A 262 -23.64 -60.00 -16.57
C ILE A 262 -22.43 -59.53 -15.79
N VAL A 263 -21.23 -59.88 -16.28
CA VAL A 263 -20.00 -59.53 -15.60
C VAL A 263 -19.25 -58.57 -16.50
N LEU A 264 -18.62 -57.57 -15.91
CA LEU A 264 -17.88 -56.56 -16.67
C LEU A 264 -16.41 -56.67 -16.30
N ARG A 265 -15.63 -57.24 -17.22
CA ARG A 265 -14.18 -57.31 -17.12
C ARG A 265 -13.56 -56.25 -18.03
N SER A 266 -12.68 -55.42 -17.48
CA SER A 266 -12.08 -54.34 -18.24
C SER A 266 -11.17 -54.86 -19.34
N ARG A 267 -10.97 -54.04 -20.37
CA ARG A 267 -10.03 -54.38 -21.43
C ARG A 267 -8.62 -54.24 -20.88
N THR A 268 -8.11 -55.35 -20.38
CA THR A 268 -6.78 -55.46 -19.80
C THR A 268 -5.96 -56.44 -20.63
N GLU A 269 -4.67 -56.17 -20.71
CA GLU A 269 -3.79 -57.08 -21.44
C GLU A 269 -2.45 -57.15 -20.72
N ILE A 270 -1.82 -58.31 -20.82
CA ILE A 270 -0.54 -58.59 -20.17
C ILE A 270 0.55 -58.47 -21.23
N GLU A 271 1.48 -57.55 -21.00
CA GLU A 271 2.57 -57.28 -21.93
C GLU A 271 3.88 -57.48 -21.18
N THR A 272 4.65 -58.48 -21.61
CA THR A 272 5.88 -58.85 -20.91
C THR A 272 7.05 -58.10 -21.52
N THR A 273 7.77 -57.37 -20.67
CA THR A 273 8.97 -56.67 -21.12
C THR A 273 10.11 -57.67 -21.32
N LYS A 274 11.09 -57.26 -22.15
CA LYS A 274 12.31 -58.03 -22.29
C LYS A 274 13.13 -58.00 -21.01
N THR A 275 13.01 -56.92 -20.23
CA THR A 275 13.67 -56.82 -18.94
C THR A 275 13.14 -57.86 -17.97
N GLY A 276 11.81 -57.96 -17.84
CA GLY A 276 11.21 -59.00 -17.03
C GLY A 276 10.04 -58.56 -16.19
N ARG A 277 9.98 -57.27 -15.88
CA ARG A 277 8.91 -56.71 -15.05
C ARG A 277 7.69 -56.47 -15.93
N GLU A 278 6.68 -57.33 -15.78
CA GLU A 278 5.56 -57.38 -16.72
C GLU A 278 4.62 -56.19 -16.56
N ARG A 279 3.65 -56.11 -17.46
CA ARG A 279 2.86 -54.92 -17.69
C ARG A 279 1.38 -55.30 -17.78
N ILE A 280 0.52 -54.56 -17.09
CA ILE A 280 -0.91 -54.66 -17.29
C ILE A 280 -1.37 -53.37 -17.91
N VAL A 281 -1.79 -53.43 -19.17
CA VAL A 281 -2.33 -52.28 -19.88
C VAL A 281 -3.84 -52.37 -19.75
N VAL A 282 -4.42 -51.41 -19.02
CA VAL A 282 -5.86 -51.31 -18.85
C VAL A 282 -6.34 -50.10 -19.63
N THR A 283 -7.32 -50.32 -20.52
CA THR A 283 -7.79 -49.25 -21.39
C THR A 283 -9.27 -48.96 -21.29
N GLU A 284 -10.09 -49.89 -20.79
CA GLU A 284 -11.55 -49.71 -20.82
C GLU A 284 -12.15 -50.14 -19.48
N PHE A 285 -12.22 -49.19 -18.53
CA PHE A 285 -12.99 -49.40 -17.32
C PHE A 285 -14.48 -49.53 -17.65
N PRO A 286 -15.24 -50.31 -16.85
CA PRO A 286 -16.63 -50.59 -17.21
C PRO A 286 -17.58 -49.42 -17.03
N TYR A 287 -18.86 -49.70 -17.24
CA TYR A 287 -19.88 -48.65 -17.29
C TYR A 287 -20.09 -48.00 -15.94
N MET A 288 -19.92 -46.66 -15.92
CA MET A 288 -20.11 -45.81 -14.74
C MET A 288 -19.22 -46.26 -13.57
N VAL A 289 -17.95 -46.47 -13.86
CA VAL A 289 -16.95 -46.76 -12.85
C VAL A 289 -15.88 -45.67 -12.94
N ASN A 290 -15.53 -45.10 -11.80
CA ASN A 290 -14.48 -44.11 -11.71
C ASN A 290 -13.13 -44.71 -12.09
N LYS A 291 -12.25 -43.85 -12.59
CA LYS A 291 -10.84 -44.18 -12.76
C LYS A 291 -10.08 -43.96 -11.46
N THR A 292 -10.26 -42.77 -10.87
CA THR A 292 -9.44 -42.33 -9.74
C THR A 292 -9.70 -43.18 -8.50
N LYS A 293 -10.97 -43.53 -8.28
CA LYS A 293 -11.32 -44.37 -7.13
C LYS A 293 -10.73 -45.77 -7.28
N VAL A 294 -10.70 -46.29 -8.51
CA VAL A 294 -10.15 -47.63 -8.73
C VAL A 294 -8.64 -47.63 -8.57
N HIS A 295 -7.95 -46.59 -9.06
CA HIS A 295 -6.50 -46.55 -8.90
C HIS A 295 -6.10 -46.30 -7.43
N GLU A 296 -6.86 -45.48 -6.72
CA GLU A 296 -6.62 -45.32 -5.29
C GLU A 296 -6.94 -46.59 -4.52
N HIS A 297 -7.94 -47.34 -4.96
CA HIS A 297 -8.26 -48.63 -4.34
C HIS A 297 -7.16 -49.64 -4.60
N ILE A 298 -6.53 -49.59 -5.77
CA ILE A 298 -5.42 -50.48 -6.09
C ILE A 298 -4.20 -50.15 -5.24
N VAL A 299 -3.87 -48.86 -5.12
CA VAL A 299 -2.73 -48.44 -4.28
C VAL A 299 -3.00 -48.77 -2.81
N ARG A 300 -4.25 -48.63 -2.39
CA ARG A 300 -4.62 -49.00 -1.03
C ARG A 300 -4.51 -50.50 -0.81
N LEU A 301 -4.93 -51.31 -1.79
CA LEU A 301 -4.76 -52.76 -1.69
C LEU A 301 -3.30 -53.19 -1.73
N VAL A 302 -2.44 -52.39 -2.34
CA VAL A 302 -1.01 -52.59 -2.17
C VAL A 302 -0.61 -52.31 -0.73
N GLN A 303 -1.11 -51.21 -0.16
CA GLN A 303 -0.77 -50.87 1.22
C GLN A 303 -1.72 -51.49 2.24
N GLU A 304 -2.78 -52.18 1.83
CA GLU A 304 -3.48 -53.06 2.75
C GLU A 304 -2.80 -54.42 2.87
N LYS A 305 -1.95 -54.76 1.89
CA LYS A 305 -0.97 -55.84 1.99
C LYS A 305 -1.63 -57.21 2.10
N ARG A 306 -2.79 -57.38 1.47
CA ARG A 306 -3.39 -58.71 1.39
C ARG A 306 -2.68 -59.55 0.35
N ILE A 307 -2.36 -58.96 -0.80
CA ILE A 307 -1.57 -59.61 -1.83
C ILE A 307 -0.62 -58.59 -2.42
N GLU A 308 0.56 -59.06 -2.83
CA GLU A 308 1.64 -58.22 -3.31
C GLU A 308 1.99 -58.61 -4.74
N GLY A 309 2.95 -57.89 -5.33
CA GLY A 309 3.38 -58.09 -6.70
C GLY A 309 3.22 -56.87 -7.58
N ILE A 310 2.35 -55.94 -7.21
CA ILE A 310 2.19 -54.69 -7.96
C ILE A 310 3.35 -53.78 -7.62
N THR A 311 4.08 -53.33 -8.64
CA THR A 311 5.15 -52.37 -8.40
C THR A 311 4.57 -50.95 -8.25
N ALA A 312 3.91 -50.45 -9.30
CA ALA A 312 3.41 -49.09 -9.29
C ALA A 312 2.26 -48.97 -10.29
N VAL A 313 1.71 -47.76 -10.34
CA VAL A 313 0.62 -47.42 -11.26
C VAL A 313 1.01 -46.14 -11.99
N ARG A 314 0.96 -46.17 -13.31
CA ARG A 314 1.22 -44.98 -14.13
C ARG A 314 -0.10 -44.50 -14.73
N ASP A 315 -0.53 -43.32 -14.32
CA ASP A 315 -1.69 -42.63 -14.89
C ASP A 315 -1.14 -41.59 -15.86
N GLU A 316 -0.89 -42.01 -17.10
CA GLU A 316 -0.10 -41.25 -18.06
C GLU A 316 -0.96 -40.42 -19.00
N SER A 317 -2.09 -39.90 -18.53
CA SER A 317 -2.90 -39.00 -19.33
C SER A 317 -3.54 -37.95 -18.44
N ASN A 318 -3.73 -36.76 -19.01
CA ASN A 318 -4.45 -35.68 -18.36
C ASN A 318 -5.94 -35.76 -18.69
N ARG A 319 -6.26 -35.65 -19.98
CA ARG A 319 -7.62 -35.84 -20.47
C ARG A 319 -7.69 -36.68 -21.74
N GLU A 320 -6.57 -36.93 -22.41
CA GLU A 320 -6.56 -37.43 -23.77
C GLU A 320 -6.00 -38.85 -23.83
N GLY A 321 -6.79 -39.77 -24.34
CA GLY A 321 -6.37 -41.15 -24.50
C GLY A 321 -6.52 -41.94 -23.22
N VAL A 322 -7.22 -43.07 -23.28
CA VAL A 322 -7.46 -43.89 -22.09
C VAL A 322 -6.68 -45.18 -22.30
N ARG A 323 -5.44 -45.16 -21.84
CA ARG A 323 -4.54 -46.31 -21.85
C ARG A 323 -3.59 -46.14 -20.68
N PHE A 324 -3.65 -47.05 -19.71
CA PHE A 324 -2.94 -46.84 -18.46
C PHE A 324 -2.21 -48.11 -18.04
N VAL A 325 -0.96 -47.92 -17.63
CA VAL A 325 -0.02 -49.02 -17.37
C VAL A 325 0.10 -49.17 -15.86
N ILE A 326 -0.15 -50.38 -15.37
CA ILE A 326 0.16 -50.76 -14.00
C ILE A 326 1.17 -51.90 -14.06
N GLU A 327 2.28 -51.73 -13.33
CA GLU A 327 3.44 -52.59 -13.46
C GLU A 327 3.38 -53.74 -12.48
N VAL A 328 3.72 -54.93 -12.96
CA VAL A 328 3.95 -56.09 -12.12
C VAL A 328 5.45 -56.36 -12.13
N LYS A 329 6.00 -56.65 -10.94
CA LYS A 329 7.43 -56.76 -10.75
C LYS A 329 8.01 -57.98 -11.48
N ARG A 330 9.33 -58.11 -11.39
CA ARG A 330 10.01 -59.30 -11.87
C ARG A 330 9.61 -60.51 -11.02
N ASP A 331 9.53 -61.67 -11.68
CA ASP A 331 9.23 -62.97 -11.06
C ASP A 331 7.83 -62.97 -10.44
N ALA A 332 6.86 -62.57 -11.25
CA ALA A 332 5.45 -62.60 -10.85
C ALA A 332 4.60 -62.66 -12.12
N SER A 333 3.88 -63.75 -12.30
CA SER A 333 3.00 -63.89 -13.46
C SER A 333 1.83 -62.93 -13.32
N ALA A 334 1.72 -61.98 -14.24
CA ALA A 334 0.75 -60.89 -14.10
C ALA A 334 -0.69 -61.34 -14.33
N ASN A 335 -0.92 -62.58 -14.78
CA ASN A 335 -2.29 -63.09 -14.84
C ASN A 335 -2.82 -63.41 -13.45
N VAL A 336 -1.94 -63.76 -12.51
CA VAL A 336 -2.34 -63.94 -11.11
C VAL A 336 -2.78 -62.60 -10.52
N ILE A 337 -1.96 -61.56 -10.73
CA ILE A 337 -2.29 -60.21 -10.28
C ILE A 337 -3.54 -59.70 -10.97
N LEU A 338 -3.73 -60.08 -12.23
CA LEU A 338 -4.88 -59.63 -13.01
C LEU A 338 -6.17 -60.26 -12.50
N ASN A 339 -6.14 -61.58 -12.22
CA ASN A 339 -7.29 -62.24 -11.63
C ASN A 339 -7.58 -61.71 -10.23
N ASN A 340 -6.56 -61.32 -9.48
CA ASN A 340 -6.79 -60.83 -8.13
C ASN A 340 -7.33 -59.41 -8.12
N LEU A 341 -6.88 -58.55 -9.04
CA LEU A 341 -7.48 -57.23 -9.17
C LEU A 341 -8.90 -57.32 -9.76
N PHE A 342 -9.18 -58.36 -10.54
CA PHE A 342 -10.55 -58.60 -10.98
C PHE A 342 -11.42 -59.07 -9.83
N LYS A 343 -10.85 -59.85 -8.91
CA LYS A 343 -11.59 -60.31 -7.74
C LYS A 343 -11.88 -59.16 -6.79
N MET A 344 -10.90 -58.29 -6.55
CA MET A 344 -11.01 -57.28 -5.51
C MET A 344 -11.63 -55.98 -6.00
N THR A 345 -11.01 -55.35 -6.99
CA THR A 345 -11.27 -53.96 -7.31
C THR A 345 -12.58 -53.79 -8.08
N GLN A 346 -12.87 -52.56 -8.47
CA GLN A 346 -13.96 -52.26 -9.40
C GLN A 346 -13.46 -52.24 -10.84
N MET A 347 -12.74 -53.29 -11.23
CA MET A 347 -12.25 -53.46 -12.58
C MET A 347 -12.98 -54.56 -13.33
N GLN A 348 -13.33 -55.64 -12.62
CA GLN A 348 -14.31 -56.61 -13.08
C GLN A 348 -15.39 -56.70 -12.03
N THR A 349 -16.57 -56.18 -12.36
CA THR A 349 -17.70 -56.08 -11.45
C THR A 349 -18.88 -56.91 -11.97
N ASN A 350 -19.93 -56.97 -11.16
CA ASN A 350 -21.21 -57.44 -11.65
C ASN A 350 -22.00 -56.26 -12.18
N PHE A 351 -23.00 -56.58 -13.00
CA PHE A 351 -23.89 -55.53 -13.49
C PHE A 351 -25.24 -56.16 -13.76
N GLY A 352 -26.26 -55.71 -13.05
CA GLY A 352 -27.57 -56.27 -13.19
C GLY A 352 -28.36 -55.63 -14.31
N PHE A 353 -29.21 -56.44 -14.93
CA PHE A 353 -30.22 -55.99 -15.87
C PHE A 353 -31.59 -56.25 -15.27
N ASN A 354 -32.41 -55.21 -15.24
CA ASN A 354 -33.83 -55.34 -14.86
C ASN A 354 -34.57 -54.27 -15.65
N MET A 355 -35.08 -54.67 -16.82
CA MET A 355 -35.67 -53.72 -17.77
C MET A 355 -37.09 -53.40 -17.32
N LEU A 356 -37.19 -52.42 -16.44
CA LEU A 356 -38.43 -51.96 -15.83
C LEU A 356 -38.74 -50.56 -16.32
N ALA A 357 -39.90 -50.40 -16.93
CA ALA A 357 -40.29 -49.08 -17.44
C ALA A 357 -41.81 -49.02 -17.56
N ILE A 358 -42.31 -47.84 -17.92
CA ILE A 358 -43.74 -47.57 -17.94
C ILE A 358 -44.31 -48.02 -19.27
N GLN A 359 -45.22 -48.97 -19.24
CA GLN A 359 -46.02 -49.30 -20.41
C GLN A 359 -47.47 -49.18 -20.00
N ASN A 360 -48.27 -48.50 -20.85
CA ASN A 360 -49.70 -48.28 -20.66
C ASN A 360 -50.03 -47.59 -19.34
N GLY A 361 -49.09 -46.87 -18.75
CA GLY A 361 -49.29 -46.20 -17.49
C GLY A 361 -48.85 -46.97 -16.26
N ILE A 362 -48.41 -48.22 -16.39
CA ILE A 362 -47.96 -48.95 -15.21
C ILE A 362 -46.48 -49.30 -15.37
N PRO A 363 -45.72 -49.43 -14.28
CA PRO A 363 -44.36 -49.95 -14.41
C PRO A 363 -44.38 -51.45 -14.55
N LYS A 364 -43.60 -51.97 -15.50
CA LYS A 364 -43.50 -53.39 -15.74
C LYS A 364 -42.08 -53.76 -16.09
N ILE A 365 -41.70 -54.96 -15.69
CA ILE A 365 -40.46 -55.58 -16.16
C ILE A 365 -40.74 -56.19 -17.52
N LEU A 366 -40.04 -55.71 -18.55
CA LEU A 366 -40.33 -56.09 -19.91
C LEU A 366 -39.09 -56.69 -20.57
N SER A 367 -39.33 -57.56 -21.54
CA SER A 367 -38.24 -58.23 -22.22
C SER A 367 -37.83 -57.44 -23.46
N LEU A 368 -36.75 -57.91 -24.10
CA LEU A 368 -36.26 -57.29 -25.33
C LEU A 368 -37.27 -57.42 -26.46
N ARG A 369 -37.97 -58.55 -26.51
CA ARG A 369 -39.07 -58.71 -27.45
C ARG A 369 -40.17 -57.69 -27.19
N GLN A 370 -40.52 -57.49 -25.92
CA GLN A 370 -41.67 -56.67 -25.57
C GLN A 370 -41.38 -55.19 -25.76
N ILE A 371 -40.14 -54.76 -25.47
CA ILE A 371 -39.72 -53.39 -25.73
C ILE A 371 -39.84 -53.06 -27.20
N LEU A 372 -39.42 -53.97 -28.05
CA LEU A 372 -39.40 -53.67 -29.48
C LEU A 372 -40.76 -53.86 -30.12
N ASP A 373 -41.58 -54.78 -29.60
CA ASP A 373 -42.98 -54.86 -30.04
C ASP A 373 -43.73 -53.58 -29.71
N ALA A 374 -43.52 -53.05 -28.50
CA ALA A 374 -44.17 -51.80 -28.12
C ALA A 374 -43.65 -50.62 -28.91
N TYR A 375 -42.34 -50.61 -29.19
CA TYR A 375 -41.79 -49.52 -29.99
C TYR A 375 -42.30 -49.54 -31.42
N ILE A 376 -42.45 -50.73 -32.00
CA ILE A 376 -43.00 -50.84 -33.35
C ILE A 376 -44.46 -50.42 -33.38
N GLU A 377 -45.22 -50.76 -32.33
CA GLU A 377 -46.59 -50.27 -32.22
C GLU A 377 -46.63 -48.75 -32.11
N HIS A 378 -45.69 -48.16 -31.37
CA HIS A 378 -45.66 -46.71 -31.23
C HIS A 378 -45.29 -46.03 -32.53
N GLN A 379 -44.38 -46.63 -33.31
CA GLN A 379 -44.04 -46.02 -34.58
C GLN A 379 -45.15 -46.17 -35.58
N LYS A 380 -45.93 -47.25 -35.49
CA LYS A 380 -47.15 -47.35 -36.29
C LYS A 380 -48.13 -46.25 -35.94
N GLU A 381 -48.27 -45.95 -34.65
CA GLU A 381 -49.12 -44.85 -34.21
C GLU A 381 -48.60 -43.50 -34.73
N VAL A 382 -47.28 -43.31 -34.68
CA VAL A 382 -46.67 -42.06 -35.15
C VAL A 382 -46.90 -41.87 -36.63
N VAL A 383 -46.70 -42.94 -37.40
CA VAL A 383 -46.84 -42.85 -38.86
C VAL A 383 -48.29 -42.64 -39.25
N VAL A 384 -49.23 -43.33 -38.60
CA VAL A 384 -50.65 -43.15 -38.91
C VAL A 384 -51.10 -41.74 -38.57
N ARG A 385 -50.65 -41.19 -37.42
CA ARG A 385 -51.08 -39.85 -37.07
C ARG A 385 -50.46 -38.78 -37.96
N ARG A 386 -49.18 -38.95 -38.33
CA ARG A 386 -48.55 -37.98 -39.21
C ARG A 386 -49.17 -38.03 -40.61
N THR A 387 -49.48 -39.23 -41.07
CA THR A 387 -50.10 -39.39 -42.38
C THR A 387 -51.50 -38.82 -42.40
N ARG A 388 -52.26 -39.04 -41.32
CA ARG A 388 -53.59 -38.43 -41.24
C ARG A 388 -53.50 -36.92 -41.14
N PHE A 389 -52.47 -36.38 -40.50
CA PHE A 389 -52.33 -34.93 -40.44
C PHE A 389 -52.04 -34.33 -41.81
N ASP A 390 -51.11 -34.94 -42.54
CA ASP A 390 -50.81 -34.41 -43.86
C ASP A 390 -51.97 -34.63 -44.82
N LYS A 391 -52.75 -35.68 -44.62
CA LYS A 391 -53.97 -35.84 -45.41
C LYS A 391 -55.00 -34.78 -45.06
N GLU A 392 -55.08 -34.39 -43.79
CA GLU A 392 -55.95 -33.28 -43.38
C GLU A 392 -55.51 -31.98 -44.03
N LYS A 393 -54.22 -31.70 -44.02
CA LYS A 393 -53.70 -30.44 -44.57
C LYS A 393 -53.89 -30.38 -46.08
N ALA A 394 -53.49 -31.43 -46.77
CA ALA A 394 -53.66 -31.48 -48.22
C ALA A 394 -55.14 -31.56 -48.60
N GLU A 395 -55.98 -32.17 -47.76
CA GLU A 395 -57.39 -32.27 -48.07
C GLU A 395 -58.09 -30.93 -47.89
N ALA A 396 -57.66 -30.15 -46.89
CA ALA A 396 -58.19 -28.80 -46.74
C ALA A 396 -57.75 -27.90 -47.88
N ARG A 397 -56.49 -28.04 -48.30
CA ARG A 397 -56.01 -27.23 -49.42
C ARG A 397 -56.69 -27.64 -50.73
N ALA A 398 -56.94 -28.93 -50.91
CA ALA A 398 -57.66 -29.40 -52.08
C ALA A 398 -59.14 -29.00 -52.03
N HIS A 399 -59.69 -28.87 -50.83
CA HIS A 399 -61.05 -28.36 -50.68
C HIS A 399 -61.15 -26.91 -51.10
N ILE A 400 -60.19 -26.09 -50.66
CA ILE A 400 -60.16 -24.68 -51.05
C ILE A 400 -59.90 -24.55 -52.54
N LEU A 401 -59.01 -25.37 -53.08
CA LEU A 401 -58.67 -25.30 -54.49
C LEU A 401 -59.80 -25.85 -55.35
N GLU A 402 -60.61 -26.77 -54.81
CA GLU A 402 -61.79 -27.23 -55.51
C GLU A 402 -62.87 -26.16 -55.53
N GLY A 403 -63.00 -25.40 -54.44
CA GLY A 403 -63.90 -24.26 -54.46
C GLY A 403 -63.51 -23.21 -55.49
N LEU A 404 -62.21 -22.92 -55.58
CA LEU A 404 -61.74 -22.03 -56.63
C LEU A 404 -61.90 -22.66 -58.02
N LEU A 405 -61.84 -23.99 -58.11
CA LEU A 405 -62.01 -24.63 -59.39
C LEU A 405 -63.45 -24.56 -59.86
N ILE A 406 -64.40 -24.68 -58.92
CA ILE A 406 -65.82 -24.47 -59.23
C ILE A 406 -66.07 -23.01 -59.58
N ALA A 407 -65.33 -22.09 -58.96
CA ALA A 407 -65.38 -20.69 -59.39
C ALA A 407 -64.89 -20.51 -60.81
N LEU A 408 -63.84 -21.25 -61.18
CA LEU A 408 -63.34 -21.24 -62.56
C LEU A 408 -64.29 -21.96 -63.52
N ASP A 409 -65.17 -22.82 -63.02
CA ASP A 409 -66.13 -23.50 -63.88
C ASP A 409 -67.15 -22.53 -64.44
N HIS A 410 -67.93 -21.91 -63.56
CA HIS A 410 -68.93 -20.93 -63.95
C HIS A 410 -68.49 -19.59 -63.37
N ILE A 411 -67.63 -18.89 -64.10
CA ILE A 411 -67.14 -17.59 -63.64
C ILE A 411 -68.24 -16.56 -63.76
N ASP A 412 -69.07 -16.67 -64.80
CA ASP A 412 -70.01 -15.62 -65.17
C ASP A 412 -71.15 -15.51 -64.15
N GLU A 413 -71.60 -16.64 -63.63
CA GLU A 413 -72.65 -16.62 -62.62
C GLU A 413 -72.14 -16.03 -61.31
N VAL A 414 -70.88 -16.33 -60.97
CA VAL A 414 -70.26 -15.77 -59.77
C VAL A 414 -70.13 -14.27 -59.89
N ILE A 415 -69.69 -13.79 -61.06
CA ILE A 415 -69.58 -12.36 -61.31
C ILE A 415 -70.96 -11.71 -61.29
N ARG A 416 -71.96 -12.39 -61.84
CA ARG A 416 -73.33 -11.88 -61.86
C ARG A 416 -73.91 -11.74 -60.46
N ILE A 417 -73.56 -12.66 -59.57
CA ILE A 417 -74.02 -12.56 -58.18
C ILE A 417 -73.24 -11.50 -57.40
N ILE A 418 -71.92 -11.37 -57.67
CA ILE A 418 -71.12 -10.33 -57.03
C ILE A 418 -71.59 -8.94 -57.43
N ARG A 419 -71.93 -8.77 -58.70
CA ARG A 419 -72.50 -7.50 -59.16
C ARG A 419 -73.88 -7.27 -58.60
N ALA A 420 -74.61 -8.33 -58.27
CA ALA A 420 -75.91 -8.23 -57.65
C ALA A 420 -75.84 -8.23 -56.12
N SER A 421 -74.64 -8.31 -55.57
CA SER A 421 -74.48 -8.36 -54.12
C SER A 421 -74.48 -6.96 -53.54
N GLU A 422 -74.67 -6.90 -52.23
CA GLU A 422 -74.62 -5.64 -51.49
C GLU A 422 -73.62 -5.68 -50.35
N THR A 423 -73.51 -6.82 -49.67
CA THR A 423 -72.50 -7.06 -48.64
C THR A 423 -71.71 -8.31 -49.00
N ASP A 424 -70.58 -8.50 -48.31
CA ASP A 424 -69.76 -9.68 -48.55
C ASP A 424 -70.42 -10.93 -48.01
N ALA A 425 -71.15 -10.79 -46.90
CA ALA A 425 -71.88 -11.93 -46.33
C ALA A 425 -73.00 -12.37 -47.27
N GLU A 426 -73.68 -11.41 -47.90
CA GLU A 426 -74.69 -11.74 -48.91
C GLU A 426 -74.06 -12.46 -50.10
N ALA A 427 -72.89 -12.00 -50.54
CA ALA A 427 -72.24 -12.59 -51.69
C ALA A 427 -71.82 -14.03 -51.41
N GLN A 428 -71.22 -14.26 -50.25
CA GLN A 428 -70.78 -15.62 -49.93
C GLN A 428 -71.97 -16.53 -49.63
N ALA A 429 -73.05 -15.99 -49.07
CA ALA A 429 -74.24 -16.81 -48.81
C ALA A 429 -74.92 -17.20 -50.11
N GLU A 430 -75.01 -16.28 -51.06
CA GLU A 430 -75.64 -16.60 -52.33
C GLU A 430 -74.78 -17.52 -53.18
N LEU A 431 -73.45 -17.41 -53.08
CA LEU A 431 -72.58 -18.35 -53.77
C LEU A 431 -72.69 -19.75 -53.17
N MET A 432 -72.71 -19.84 -51.84
CA MET A 432 -72.89 -21.14 -51.20
C MET A 432 -74.28 -21.72 -51.46
N SER A 433 -75.27 -20.85 -51.68
CA SER A 433 -76.61 -21.33 -52.00
C SER A 433 -76.70 -21.79 -53.45
N LYS A 434 -75.96 -21.14 -54.34
CA LYS A 434 -76.12 -21.41 -55.76
C LYS A 434 -75.21 -22.53 -56.25
N PHE A 435 -74.04 -22.70 -55.65
CA PHE A 435 -73.10 -23.71 -56.14
C PHE A 435 -72.66 -24.67 -55.05
N LYS A 436 -73.41 -24.73 -53.93
CA LYS A 436 -73.23 -25.72 -52.86
C LYS A 436 -71.83 -25.64 -52.24
N LEU A 437 -71.46 -24.44 -51.84
CA LEU A 437 -70.09 -24.14 -51.44
C LEU A 437 -69.96 -24.07 -49.93
N SER A 438 -68.73 -23.96 -49.47
CA SER A 438 -68.43 -23.81 -48.06
C SER A 438 -68.10 -22.36 -47.74
N GLU A 439 -67.95 -22.08 -46.45
CA GLU A 439 -67.49 -20.76 -46.03
C GLU A 439 -66.05 -20.52 -46.47
N ARG A 440 -65.21 -21.55 -46.34
CA ARG A 440 -63.82 -21.47 -46.80
C ARG A 440 -63.78 -21.28 -48.31
N GLN A 441 -64.61 -22.03 -49.04
CA GLN A 441 -64.66 -21.93 -50.48
C GLN A 441 -65.17 -20.56 -50.93
N SER A 442 -66.20 -20.05 -50.26
CA SER A 442 -66.76 -18.75 -50.66
C SER A 442 -65.82 -17.60 -50.30
N GLN A 443 -65.10 -17.69 -49.19
CA GLN A 443 -64.09 -16.69 -48.87
C GLN A 443 -62.94 -16.73 -49.86
N ALA A 444 -62.56 -17.93 -50.31
CA ALA A 444 -61.50 -18.03 -51.31
C ALA A 444 -61.95 -17.46 -52.65
N ILE A 445 -63.22 -17.64 -53.00
CA ILE A 445 -63.74 -17.08 -54.25
C ILE A 445 -63.81 -15.55 -54.17
N LEU A 446 -64.34 -15.03 -53.07
CA LEU A 446 -64.44 -13.59 -52.92
C LEU A 446 -63.11 -12.92 -52.63
N ASP A 447 -62.05 -13.69 -52.36
CA ASP A 447 -60.71 -13.15 -52.26
C ASP A 447 -59.82 -13.62 -53.41
N MET A 448 -60.40 -14.27 -54.42
CA MET A 448 -59.63 -14.70 -55.58
C MET A 448 -59.24 -13.50 -56.43
N ARG A 449 -57.98 -13.49 -56.85
CA ARG A 449 -57.45 -12.38 -57.62
C ARG A 449 -57.83 -12.51 -59.08
N LEU A 450 -58.20 -11.38 -59.69
CA LEU A 450 -58.75 -11.36 -61.04
C LEU A 450 -57.69 -11.76 -62.08
N ARG A 451 -56.41 -11.52 -61.76
CA ARG A 451 -55.32 -11.96 -62.60
C ARG A 451 -55.27 -13.48 -62.72
N ARG A 452 -55.79 -14.18 -61.72
CA ARG A 452 -55.93 -15.63 -61.74
C ARG A 452 -57.13 -16.09 -62.56
N LEU A 453 -57.80 -15.20 -63.28
CA LEU A 453 -58.91 -15.57 -64.18
C LEU A 453 -58.44 -15.78 -65.61
N THR A 454 -57.39 -16.57 -65.81
CA THR A 454 -56.87 -16.83 -67.14
C THR A 454 -56.58 -18.31 -67.30
N GLY A 455 -56.50 -18.74 -68.56
CA GLY A 455 -56.13 -20.12 -68.86
C GLY A 455 -54.69 -20.43 -68.52
N LEU A 456 -53.84 -19.39 -68.44
CA LEU A 456 -52.48 -19.57 -67.96
C LEU A 456 -52.45 -19.84 -66.46
N GLU A 457 -53.50 -19.44 -65.75
CA GLU A 457 -53.63 -19.71 -64.32
C GLU A 457 -54.54 -20.89 -64.02
N ARG A 458 -55.55 -21.15 -64.86
CA ARG A 458 -56.39 -22.34 -64.70
C ARG A 458 -55.60 -23.61 -64.91
N ASP A 459 -54.57 -23.56 -65.76
CA ASP A 459 -53.69 -24.70 -65.96
C ASP A 459 -52.91 -25.03 -64.70
N LYS A 460 -52.38 -24.00 -64.03
CA LYS A 460 -51.58 -24.22 -62.82
C LYS A 460 -52.45 -24.72 -61.67
N ILE A 461 -53.66 -24.15 -61.54
CA ILE A 461 -54.59 -24.59 -60.50
C ILE A 461 -55.06 -26.02 -60.75
N GLN A 462 -55.36 -26.37 -62.00
CA GLN A 462 -55.84 -27.70 -62.31
C GLN A 462 -54.74 -28.75 -62.14
N SER A 463 -53.52 -28.43 -62.56
CA SER A 463 -52.40 -29.36 -62.41
C SER A 463 -52.05 -29.56 -60.93
N GLU A 464 -52.01 -28.46 -60.16
CA GLU A 464 -51.73 -28.57 -58.73
C GLU A 464 -52.86 -29.29 -58.00
N TYR A 465 -54.09 -29.14 -58.47
CA TYR A 465 -55.24 -29.82 -57.88
C TYR A 465 -55.16 -31.33 -58.12
N ASP A 466 -54.81 -31.74 -59.34
CA ASP A 466 -54.61 -33.15 -59.61
C ASP A 466 -53.41 -33.71 -58.85
N ASP A 467 -52.36 -32.90 -58.66
CA ASP A 467 -51.22 -33.35 -57.87
C ASP A 467 -51.59 -33.54 -56.40
N LEU A 468 -52.39 -32.64 -55.85
CA LEU A 468 -52.78 -32.78 -54.46
C LEU A 468 -53.77 -33.93 -54.27
N LEU A 469 -54.64 -34.19 -55.25
CA LEU A 469 -55.47 -35.39 -55.15
C LEU A 469 -54.65 -36.66 -55.31
N ALA A 470 -53.56 -36.62 -56.09
CA ALA A 470 -52.64 -37.75 -56.15
C ALA A 470 -51.95 -37.97 -54.81
N LEU A 471 -51.59 -36.88 -54.13
CA LEU A 471 -50.98 -37.00 -52.81
C LEU A 471 -51.98 -37.54 -51.79
N ILE A 472 -53.25 -37.14 -51.91
CA ILE A 472 -54.30 -37.68 -51.04
C ILE A 472 -54.49 -39.17 -51.29
N ALA A 473 -54.44 -39.60 -52.55
CA ALA A 473 -54.56 -41.02 -52.87
C ALA A 473 -53.36 -41.80 -52.36
N ASP A 474 -52.17 -41.19 -52.40
CA ASP A 474 -50.98 -41.83 -51.86
C ASP A 474 -51.07 -41.99 -50.35
N LEU A 475 -51.52 -40.96 -49.64
CA LEU A 475 -51.63 -41.05 -48.19
C LEU A 475 -52.76 -41.99 -47.78
N ALA A 476 -53.82 -42.09 -48.58
CA ALA A 476 -54.86 -43.07 -48.32
C ALA A 476 -54.34 -44.49 -48.53
N ASP A 477 -53.45 -44.68 -49.52
CA ASP A 477 -52.81 -45.98 -49.69
C ASP A 477 -51.86 -46.29 -48.54
N ILE A 478 -51.24 -45.27 -47.95
CA ILE A 478 -50.42 -45.49 -46.77
C ILE A 478 -51.29 -45.86 -45.58
N LEU A 479 -52.42 -45.17 -45.41
CA LEU A 479 -53.33 -45.48 -44.32
C LEU A 479 -54.10 -46.77 -44.52
N ALA A 480 -54.12 -47.32 -45.73
CA ALA A 480 -54.88 -48.54 -45.98
C ALA A 480 -54.05 -49.80 -45.82
N LYS A 481 -52.74 -49.73 -46.03
CA LYS A 481 -51.88 -50.90 -46.04
C LYS A 481 -50.81 -50.78 -44.98
N PRO A 482 -50.81 -51.65 -43.95
CA PRO A 482 -49.77 -51.59 -42.92
C PRO A 482 -48.40 -52.03 -43.41
N GLU A 483 -48.30 -52.64 -44.59
CA GLU A 483 -47.00 -53.00 -45.16
C GLU A 483 -46.17 -51.76 -45.44
N ARG A 484 -46.79 -50.76 -46.07
CA ARG A 484 -46.07 -49.52 -46.38
C ARG A 484 -45.73 -48.73 -45.13
N VAL A 485 -46.51 -48.92 -44.06
CA VAL A 485 -46.19 -48.30 -42.78
C VAL A 485 -44.85 -48.81 -42.27
N SER A 486 -44.70 -50.14 -42.25
CA SER A 486 -43.43 -50.77 -41.91
C SER A 486 -42.33 -50.37 -42.89
N GLN A 487 -42.69 -50.13 -44.14
CA GLN A 487 -41.70 -49.73 -45.12
C GLN A 487 -41.14 -48.34 -44.81
N ILE A 488 -42.02 -47.40 -44.46
CA ILE A 488 -41.59 -46.05 -44.09
C ILE A 488 -40.74 -46.11 -42.83
N ILE A 489 -41.11 -46.99 -41.90
CA ILE A 489 -40.34 -47.16 -40.67
C ILE A 489 -38.94 -47.69 -40.98
N LYS A 490 -38.85 -48.70 -41.86
CA LYS A 490 -37.56 -49.25 -42.26
C LYS A 490 -36.70 -48.20 -42.93
N ASP A 491 -37.30 -47.39 -43.80
CA ASP A 491 -36.54 -46.40 -44.55
C ASP A 491 -35.96 -45.34 -43.64
N GLU A 492 -36.78 -44.82 -42.72
CA GLU A 492 -36.27 -43.76 -41.86
C GLU A 492 -35.31 -44.29 -40.81
N LEU A 493 -35.52 -45.53 -40.36
CA LEU A 493 -34.56 -46.15 -39.45
C LEU A 493 -33.21 -46.39 -40.14
N ASP A 494 -33.23 -46.81 -41.39
CA ASP A 494 -31.97 -46.99 -42.10
C ASP A 494 -31.31 -45.67 -42.42
N GLU A 495 -32.12 -44.60 -42.56
CA GLU A 495 -31.55 -43.26 -42.69
C GLU A 495 -30.82 -42.85 -41.42
N VAL A 496 -31.42 -43.14 -40.26
CA VAL A 496 -30.76 -42.87 -38.99
C VAL A 496 -29.51 -43.71 -38.82
N LYS A 497 -29.58 -44.97 -39.25
CA LYS A 497 -28.44 -45.88 -39.16
C LYS A 497 -27.29 -45.40 -40.03
N ARG A 498 -27.60 -44.85 -41.20
CA ARG A 498 -26.56 -44.25 -42.02
C ARG A 498 -25.99 -43.01 -41.34
N LYS A 499 -26.85 -42.21 -40.70
CA LYS A 499 -26.37 -40.93 -40.19
C LYS A 499 -25.57 -41.06 -38.90
N PHE A 500 -25.70 -42.14 -38.14
CA PHE A 500 -25.10 -42.13 -36.81
C PHE A 500 -24.36 -43.40 -36.38
N SER A 501 -24.62 -44.56 -36.97
CA SER A 501 -24.28 -45.83 -36.33
C SER A 501 -22.78 -46.10 -36.34
N ASP A 502 -22.18 -46.07 -35.15
CA ASP A 502 -20.82 -46.56 -34.93
C ASP A 502 -20.91 -48.04 -34.59
N LYS A 503 -19.81 -48.64 -34.13
CA LYS A 503 -19.83 -50.02 -33.68
C LYS A 503 -19.41 -50.12 -32.22
N ARG A 504 -19.35 -51.35 -31.75
CA ARG A 504 -19.20 -51.62 -30.32
C ARG A 504 -17.82 -51.23 -29.83
N ARG A 505 -17.79 -50.28 -28.89
CA ARG A 505 -16.57 -50.01 -28.15
C ARG A 505 -16.28 -51.10 -27.14
N THR A 506 -17.30 -51.87 -26.77
CA THR A 506 -17.18 -53.00 -25.86
C THR A 506 -17.06 -54.29 -26.66
N GLU A 507 -16.13 -55.15 -26.28
CA GLU A 507 -15.99 -56.46 -26.89
C GLU A 507 -16.70 -57.50 -26.04
N LEU A 508 -17.54 -58.31 -26.67
CA LEU A 508 -18.13 -59.45 -26.00
C LEU A 508 -17.11 -60.56 -25.93
N MET A 509 -16.54 -60.79 -24.75
CA MET A 509 -15.61 -61.88 -24.56
C MET A 509 -16.37 -63.09 -24.03
N VAL A 510 -15.64 -64.19 -23.85
CA VAL A 510 -16.25 -65.41 -23.34
C VAL A 510 -15.58 -65.83 -22.04
N LYS B 28 11.07 26.95 -52.12
CA LYS B 28 10.64 27.16 -53.50
C LYS B 28 10.66 25.84 -54.28
N ASN B 29 9.62 25.03 -54.12
CA ASN B 29 9.62 23.68 -54.67
C ASN B 29 8.89 23.57 -56.00
N LEU B 30 7.58 23.83 -56.04
CA LEU B 30 6.85 23.75 -57.29
C LEU B 30 7.20 24.98 -58.14
N VAL B 31 7.41 24.77 -59.43
CA VAL B 31 7.83 25.85 -60.32
C VAL B 31 6.85 26.00 -61.46
N ASN B 32 5.62 25.54 -61.25
CA ASN B 32 4.57 25.52 -62.28
C ASN B 32 4.19 26.94 -62.69
N VAL B 33 4.41 27.26 -63.96
CA VAL B 33 4.29 28.63 -64.44
C VAL B 33 2.92 28.96 -65.01
N ASN B 34 2.50 28.31 -66.09
CA ASN B 34 1.43 28.82 -66.95
C ASN B 34 0.08 28.64 -66.26
N LEU B 35 -0.24 29.61 -65.42
CA LEU B 35 -1.36 29.48 -64.50
C LEU B 35 -2.18 30.76 -64.47
N THR B 36 -2.65 31.25 -65.62
CA THR B 36 -3.44 32.47 -65.58
C THR B 36 -4.91 32.18 -65.25
N LYS B 37 -5.60 31.53 -66.19
CA LYS B 37 -7.00 31.24 -65.97
C LYS B 37 -7.20 30.13 -64.96
N GLU B 38 -6.19 29.29 -64.79
CA GLU B 38 -6.29 28.26 -63.77
C GLU B 38 -6.12 28.83 -62.37
N MET B 39 -5.31 29.88 -62.20
CA MET B 39 -5.29 30.50 -60.88
C MET B 39 -6.56 31.32 -60.67
N LYS B 40 -7.16 31.86 -61.74
CA LYS B 40 -8.44 32.54 -61.55
C LYS B 40 -9.55 31.57 -61.19
N ALA B 41 -9.60 30.42 -61.86
CA ALA B 41 -10.62 29.43 -61.58
C ALA B 41 -10.43 28.82 -60.19
N SER B 42 -9.19 28.46 -59.84
CA SER B 42 -8.93 27.91 -58.52
C SER B 42 -9.15 28.94 -57.43
N PHE B 43 -8.91 30.22 -57.72
CA PHE B 43 -9.10 31.23 -56.71
C PHE B 43 -10.57 31.54 -56.49
N ILE B 44 -11.36 31.57 -57.57
CA ILE B 44 -12.81 31.70 -57.44
C ILE B 44 -13.39 30.49 -56.72
N ASP B 45 -12.84 29.30 -56.99
CA ASP B 45 -13.35 28.09 -56.35
C ASP B 45 -13.06 28.11 -54.86
N TYR B 46 -11.85 28.48 -54.46
CA TYR B 46 -11.55 28.47 -53.03
C TYR B 46 -12.25 29.62 -52.33
N ALA B 47 -12.46 30.75 -53.01
CA ALA B 47 -13.17 31.87 -52.39
C ALA B 47 -14.66 31.55 -52.21
N MET B 48 -15.30 31.00 -53.23
CA MET B 48 -16.69 30.59 -53.11
C MET B 48 -16.87 29.49 -52.09
N SER B 49 -15.88 28.59 -51.95
CA SER B 49 -16.00 27.56 -50.94
C SER B 49 -15.90 28.15 -49.54
N VAL B 50 -15.07 29.17 -49.37
CA VAL B 50 -15.04 29.89 -48.09
C VAL B 50 -16.39 30.55 -47.81
N ILE B 51 -16.87 31.36 -48.76
CA ILE B 51 -18.10 32.14 -48.59
C ILE B 51 -19.31 31.26 -48.31
N VAL B 52 -19.43 30.15 -49.03
CA VAL B 52 -20.56 29.27 -48.77
C VAL B 52 -20.35 28.49 -47.48
N ALA B 53 -19.29 27.68 -47.40
CA ALA B 53 -19.22 26.66 -46.36
C ALA B 53 -18.95 27.26 -44.99
N ARG B 54 -17.97 28.13 -44.87
CA ARG B 54 -17.53 28.55 -43.55
C ARG B 54 -17.90 29.99 -43.27
N ALA B 55 -18.91 30.51 -43.96
CA ALA B 55 -19.21 31.93 -43.93
C ALA B 55 -20.70 32.13 -44.13
N LEU B 56 -21.05 33.31 -44.61
CA LEU B 56 -22.37 33.92 -44.45
C LEU B 56 -23.48 33.07 -45.08
N PRO B 57 -24.60 32.89 -44.39
CA PRO B 57 -25.66 32.03 -44.90
C PRO B 57 -26.64 32.70 -45.84
N ASP B 58 -27.68 31.93 -46.18
CA ASP B 58 -28.56 32.16 -47.32
C ASP B 58 -29.71 33.08 -46.93
N VAL B 59 -30.34 33.67 -47.96
CA VAL B 59 -31.58 34.40 -47.72
C VAL B 59 -32.72 33.45 -47.42
N ARG B 60 -32.92 32.46 -48.28
CA ARG B 60 -34.18 31.72 -48.32
C ARG B 60 -34.40 30.82 -47.13
N ASP B 61 -33.39 30.54 -46.32
CA ASP B 61 -33.67 29.93 -45.03
C ASP B 61 -32.84 30.45 -43.88
N GLY B 62 -31.87 31.34 -44.11
CA GLY B 62 -31.09 31.87 -43.03
C GLY B 62 -30.18 30.88 -42.34
N LEU B 63 -29.90 29.75 -42.98
CA LEU B 63 -29.16 28.68 -42.34
C LEU B 63 -27.83 28.46 -43.03
N LYS B 64 -26.80 28.23 -42.24
CA LYS B 64 -25.50 27.91 -42.78
C LYS B 64 -25.53 26.50 -43.36
N PRO B 65 -24.65 26.21 -44.33
CA PRO B 65 -24.63 24.85 -44.90
C PRO B 65 -24.24 23.78 -43.90
N VAL B 66 -23.39 24.12 -42.93
CA VAL B 66 -23.15 23.21 -41.81
C VAL B 66 -24.45 22.98 -41.05
N HIS B 67 -25.19 24.06 -40.79
CA HIS B 67 -26.45 23.96 -40.08
C HIS B 67 -27.50 23.20 -40.88
N ARG B 68 -27.53 23.43 -42.20
CA ARG B 68 -28.47 22.73 -43.06
C ARG B 68 -28.20 21.23 -43.05
N ARG B 69 -26.93 20.85 -43.08
CA ARG B 69 -26.63 19.43 -43.04
C ARG B 69 -26.88 18.84 -41.65
N ILE B 70 -26.74 19.65 -40.60
CA ILE B 70 -27.13 19.21 -39.25
C ILE B 70 -28.61 18.86 -39.21
N LEU B 71 -29.44 19.80 -39.66
CA LEU B 71 -30.89 19.60 -39.58
C LEU B 71 -31.34 18.47 -40.48
N TYR B 72 -30.78 18.36 -41.68
CA TYR B 72 -31.26 17.31 -42.57
C TYR B 72 -30.74 15.94 -42.15
N GLY B 73 -29.53 15.86 -41.59
CA GLY B 73 -29.05 14.58 -41.10
C GLY B 73 -29.82 14.11 -39.88
N MET B 74 -30.15 15.04 -38.99
CA MET B 74 -30.93 14.67 -37.82
C MET B 74 -32.39 14.40 -38.19
N ASN B 75 -32.84 14.92 -39.33
CA ASN B 75 -34.15 14.54 -39.87
C ASN B 75 -34.12 13.12 -40.40
N GLU B 76 -33.11 12.79 -41.21
CA GLU B 76 -33.03 11.44 -41.77
C GLU B 76 -32.74 10.39 -40.70
N LEU B 77 -32.13 10.77 -39.59
CA LEU B 77 -32.06 9.88 -38.44
C LEU B 77 -33.36 9.86 -37.66
N GLY B 78 -34.26 10.80 -37.91
CA GLY B 78 -35.55 10.81 -37.25
C GLY B 78 -35.51 11.21 -35.79
N VAL B 79 -34.47 11.89 -35.36
CA VAL B 79 -34.27 12.18 -33.93
C VAL B 79 -35.09 13.43 -33.63
N THR B 80 -36.38 13.21 -33.41
CA THR B 80 -37.40 14.21 -33.15
C THR B 80 -37.75 14.17 -31.67
N PRO B 81 -38.53 15.15 -31.15
CA PRO B 81 -38.88 15.07 -29.72
C PRO B 81 -39.90 14.02 -29.31
N ASP B 82 -40.28 13.09 -30.20
CA ASP B 82 -41.04 11.94 -29.72
C ASP B 82 -40.15 10.93 -29.01
N LYS B 83 -38.92 10.80 -29.48
CA LYS B 83 -37.91 9.97 -28.87
C LYS B 83 -37.08 10.80 -27.89
N PRO B 84 -36.46 10.16 -26.91
CA PRO B 84 -35.51 10.88 -26.04
C PRO B 84 -34.23 11.22 -26.81
N HIS B 85 -33.37 11.96 -26.13
CA HIS B 85 -32.21 12.56 -26.75
C HIS B 85 -31.18 11.48 -27.11
N LYS B 86 -30.50 11.68 -28.23
CA LYS B 86 -29.49 10.73 -28.68
C LYS B 86 -28.10 11.35 -28.64
N LYS B 87 -27.11 10.47 -28.62
CA LYS B 87 -25.71 10.89 -28.52
C LYS B 87 -25.28 11.65 -29.77
N SER B 88 -24.74 12.85 -29.55
CA SER B 88 -24.42 13.76 -30.64
C SER B 88 -23.26 13.27 -31.49
N ALA B 89 -22.41 12.40 -30.94
CA ALA B 89 -21.29 11.85 -31.70
C ALA B 89 -21.79 11.00 -32.87
N ARG B 90 -22.88 10.28 -32.67
CA ARG B 90 -23.44 9.45 -33.74
C ARG B 90 -24.03 10.32 -34.84
N ILE B 91 -24.66 11.43 -34.45
CA ILE B 91 -25.22 12.37 -35.43
C ILE B 91 -24.12 13.03 -36.24
N THR B 92 -23.06 13.49 -35.58
CA THR B 92 -21.94 14.09 -36.30
C THR B 92 -21.18 13.07 -37.13
N GLY B 93 -21.13 11.82 -36.69
CA GLY B 93 -20.51 10.78 -37.50
C GLY B 93 -21.32 10.47 -38.74
N ASP B 94 -22.64 10.53 -38.63
CA ASP B 94 -23.48 10.37 -39.82
C ASP B 94 -23.39 11.58 -40.73
N VAL B 95 -23.18 12.77 -40.16
CA VAL B 95 -22.89 13.97 -40.95
C VAL B 95 -21.60 13.80 -41.73
N MET B 96 -20.56 13.27 -41.08
CA MET B 96 -19.29 13.01 -41.74
C MET B 96 -19.42 11.94 -42.82
N GLY B 97 -20.16 10.88 -42.54
CA GLY B 97 -20.32 9.81 -43.49
C GLY B 97 -21.30 10.07 -44.60
N LYS B 98 -22.12 11.11 -44.50
CA LYS B 98 -23.08 11.38 -45.56
C LYS B 98 -22.92 12.75 -46.22
N TYR B 99 -22.84 13.84 -45.44
CA TYR B 99 -23.05 15.16 -46.01
C TYR B 99 -21.87 16.12 -45.91
N HIS B 100 -21.10 16.10 -44.82
CA HIS B 100 -20.20 17.23 -44.63
C HIS B 100 -18.83 16.81 -44.10
N PRO B 101 -17.86 16.56 -44.96
CA PRO B 101 -16.54 16.02 -44.54
C PRO B 101 -15.56 17.10 -44.10
N HIS B 102 -15.69 17.55 -42.86
CA HIS B 102 -14.89 18.64 -42.32
C HIS B 102 -14.64 18.38 -40.85
N GLY B 103 -14.32 19.44 -40.10
CA GLY B 103 -13.90 19.29 -38.71
C GLY B 103 -15.04 18.82 -37.81
N ASP B 104 -14.76 17.75 -37.06
CA ASP B 104 -15.74 17.20 -36.14
C ASP B 104 -16.06 18.18 -35.02
N SER B 105 -15.02 18.85 -34.49
CA SER B 105 -15.24 19.86 -33.48
C SER B 105 -15.90 21.11 -34.05
N SER B 106 -15.77 21.38 -35.34
CA SER B 106 -16.47 22.52 -35.93
C SER B 106 -17.96 22.23 -36.07
N ILE B 107 -18.30 21.01 -36.52
CA ILE B 107 -19.70 20.59 -36.59
C ILE B 107 -20.31 20.57 -35.20
N TYR B 108 -19.55 20.09 -34.21
CA TYR B 108 -20.07 20.11 -32.85
C TYR B 108 -20.11 21.51 -32.26
N GLU B 109 -19.28 22.42 -32.74
CA GLU B 109 -19.37 23.83 -32.35
C GLU B 109 -20.67 24.44 -32.84
N ALA B 110 -21.06 24.11 -34.07
CA ALA B 110 -22.36 24.53 -34.58
C ALA B 110 -23.50 23.89 -33.78
N MET B 111 -23.32 22.62 -33.37
CA MET B 111 -24.28 21.94 -32.52
C MET B 111 -24.47 22.66 -31.19
N VAL B 112 -23.35 23.04 -30.57
CA VAL B 112 -23.41 23.67 -29.25
C VAL B 112 -23.98 25.07 -29.34
N ARG B 113 -23.56 25.85 -30.36
CA ARG B 113 -24.06 27.20 -30.50
C ARG B 113 -25.54 27.24 -30.86
N MET B 114 -26.01 26.26 -31.65
CA MET B 114 -27.42 26.24 -31.98
C MET B 114 -28.29 25.87 -30.78
N ALA B 115 -27.79 25.01 -29.89
CA ALA B 115 -28.59 24.45 -28.82
C ALA B 115 -28.42 25.17 -27.49
N GLN B 116 -28.23 26.49 -27.52
CA GLN B 116 -28.14 27.29 -26.32
C GLN B 116 -29.10 28.46 -26.43
N TRP B 117 -29.82 28.74 -25.33
CA TRP B 117 -30.85 29.76 -25.38
C TRP B 117 -30.27 31.16 -25.44
N TRP B 118 -29.09 31.37 -24.86
CA TRP B 118 -28.47 32.70 -24.88
C TRP B 118 -27.59 32.89 -26.09
N SER B 119 -27.02 31.81 -26.62
CA SER B 119 -26.20 31.91 -27.81
C SER B 119 -27.03 32.01 -29.07
N TYR B 120 -28.30 31.63 -28.99
CA TYR B 120 -29.12 31.47 -30.17
C TYR B 120 -30.57 31.63 -29.74
N ARG B 121 -31.33 32.41 -30.48
CA ARG B 121 -32.61 32.92 -29.99
C ARG B 121 -33.63 31.81 -29.80
N TYR B 122 -34.00 31.11 -30.87
CA TYR B 122 -34.93 30.00 -30.78
C TYR B 122 -34.12 28.74 -31.04
N MET B 123 -33.90 27.94 -30.00
CA MET B 123 -33.01 26.78 -30.08
C MET B 123 -33.60 25.74 -31.03
N LEU B 124 -33.03 25.64 -32.22
CA LEU B 124 -33.51 24.64 -33.18
C LEU B 124 -33.21 23.23 -32.70
N VAL B 125 -32.01 23.03 -32.19
CA VAL B 125 -31.66 21.79 -31.52
C VAL B 125 -31.91 21.98 -30.03
N ASP B 126 -32.63 21.04 -29.43
CA ASP B 126 -32.72 20.98 -27.97
C ASP B 126 -31.72 19.95 -27.48
N GLY B 127 -30.80 20.39 -26.62
CA GLY B 127 -29.73 19.54 -26.16
C GLY B 127 -30.03 18.88 -24.83
N HIS B 128 -29.03 18.14 -24.34
CA HIS B 128 -29.20 17.30 -23.16
C HIS B 128 -27.81 17.15 -22.54
N GLY B 129 -27.50 17.96 -21.55
CA GLY B 129 -26.21 17.96 -20.91
C GLY B 129 -25.63 19.35 -20.81
N ASN B 130 -24.41 19.41 -20.28
CA ASN B 130 -23.71 20.68 -20.11
C ASN B 130 -23.19 21.13 -21.46
N PHE B 131 -23.61 22.32 -21.88
CA PHE B 131 -23.09 22.94 -23.08
C PHE B 131 -22.26 24.18 -22.81
N GLY B 132 -22.74 25.10 -22.00
CA GLY B 132 -21.96 26.27 -21.69
C GLY B 132 -22.67 27.15 -20.68
N SER B 133 -22.20 28.39 -20.61
CA SER B 133 -22.81 29.41 -19.76
C SER B 133 -22.68 30.75 -20.46
N MET B 134 -23.40 31.73 -19.94
CA MET B 134 -23.22 33.10 -20.40
C MET B 134 -21.86 33.67 -20.00
N ASP B 135 -21.24 33.10 -18.96
CA ASP B 135 -19.87 33.45 -18.60
C ASP B 135 -18.86 33.04 -19.65
N GLY B 136 -19.22 32.08 -20.50
CA GLY B 136 -18.33 31.56 -21.51
C GLY B 136 -17.77 30.22 -21.09
N ASP B 137 -18.42 29.15 -21.56
CA ASP B 137 -18.08 27.78 -21.23
C ASP B 137 -18.37 26.92 -22.43
N SER B 138 -17.69 25.78 -22.51
CA SER B 138 -17.84 24.88 -23.64
C SER B 138 -18.07 23.46 -23.14
N ALA B 139 -18.77 22.67 -23.96
CA ALA B 139 -18.85 21.25 -23.70
C ALA B 139 -17.53 20.58 -24.09
N ALA B 140 -17.33 19.37 -23.57
CA ALA B 140 -16.06 18.69 -23.77
C ALA B 140 -15.91 18.18 -25.19
N ALA B 141 -16.79 17.28 -25.61
CA ALA B 141 -16.77 16.77 -26.98
C ALA B 141 -18.17 16.32 -27.36
N GLN B 142 -18.27 15.75 -28.56
CA GLN B 142 -19.54 15.32 -29.13
C GLN B 142 -20.05 14.02 -28.56
N ARG B 143 -19.23 13.31 -27.79
CA ARG B 143 -19.59 11.99 -27.26
C ARG B 143 -19.92 12.03 -25.78
N TYR B 144 -20.02 13.21 -25.18
CA TYR B 144 -20.35 13.36 -23.77
C TYR B 144 -21.80 13.70 -23.52
N THR B 145 -22.40 14.53 -24.38
CA THR B 145 -23.76 15.02 -24.20
C THR B 145 -24.63 14.62 -25.37
N GLU B 146 -25.94 14.72 -25.15
CA GLU B 146 -26.95 14.30 -26.11
C GLU B 146 -27.67 15.50 -26.70
N ALA B 147 -28.49 15.24 -27.71
CA ALA B 147 -29.26 16.29 -28.38
C ALA B 147 -30.40 15.64 -29.16
N ARG B 148 -31.32 16.49 -29.62
CA ARG B 148 -32.35 16.13 -30.59
C ARG B 148 -32.87 17.43 -31.20
N MET B 149 -33.79 17.30 -32.15
CA MET B 149 -34.47 18.47 -32.67
C MET B 149 -35.51 18.98 -31.69
N SER B 150 -35.71 20.29 -31.68
CA SER B 150 -36.73 20.90 -30.86
C SER B 150 -38.01 21.02 -31.68
N LYS B 151 -38.97 21.79 -31.16
CA LYS B 151 -40.26 21.93 -31.82
C LYS B 151 -40.20 22.83 -33.04
N ILE B 152 -39.06 23.47 -33.29
CA ILE B 152 -38.96 24.42 -34.38
C ILE B 152 -38.29 23.79 -35.59
N ALA B 153 -37.44 22.78 -35.37
CA ALA B 153 -36.84 22.08 -36.49
C ALA B 153 -37.85 21.20 -37.21
N LEU B 154 -38.84 20.68 -36.47
CA LEU B 154 -39.94 19.98 -37.13
C LEU B 154 -40.77 20.93 -37.98
N GLU B 155 -40.83 22.20 -37.61
CA GLU B 155 -41.41 23.21 -38.48
C GLU B 155 -40.56 23.43 -39.71
N MET B 156 -39.24 23.55 -39.52
CA MET B 156 -38.32 23.77 -40.64
C MET B 156 -38.27 22.60 -41.60
N LEU B 157 -38.64 21.41 -41.16
CA LEU B 157 -38.58 20.21 -41.96
C LEU B 157 -39.95 19.64 -42.27
N ARG B 158 -41.02 20.33 -41.88
CA ARG B 158 -42.35 19.90 -42.27
C ARG B 158 -42.53 20.14 -43.75
N ASP B 159 -42.99 19.10 -44.45
CA ASP B 159 -43.16 19.06 -45.90
C ASP B 159 -41.82 19.36 -46.59
N ILE B 160 -40.90 18.42 -46.40
CA ILE B 160 -39.65 18.41 -47.13
C ILE B 160 -39.60 17.32 -48.18
N ASN B 161 -40.22 16.17 -47.93
CA ASN B 161 -40.04 14.98 -48.74
C ASN B 161 -41.02 14.91 -49.90
N LYS B 162 -41.48 16.06 -50.38
CA LYS B 162 -42.64 16.13 -51.26
C LYS B 162 -42.36 17.04 -52.44
N ASN B 163 -41.19 16.86 -53.08
CA ASN B 163 -40.72 17.65 -54.23
C ASN B 163 -40.72 19.14 -53.90
N THR B 164 -40.36 19.47 -52.66
CA THR B 164 -40.49 20.83 -52.19
C THR B 164 -39.27 21.67 -52.56
N VAL B 165 -38.08 21.16 -52.26
CA VAL B 165 -36.83 21.77 -52.70
C VAL B 165 -36.01 20.68 -53.40
N ASP B 166 -35.43 21.02 -54.54
CA ASP B 166 -34.65 20.07 -55.32
C ASP B 166 -33.40 19.61 -54.56
N PHE B 167 -33.19 18.31 -54.56
CA PHE B 167 -31.98 17.73 -53.98
C PHE B 167 -30.82 17.85 -54.94
N VAL B 168 -29.62 17.66 -54.38
CA VAL B 168 -28.40 17.49 -55.17
C VAL B 168 -27.66 16.27 -54.61
N ASP B 169 -26.77 15.74 -55.44
CA ASP B 169 -25.87 14.68 -55.01
C ASP B 169 -24.66 15.30 -54.33
N ASN B 170 -24.30 14.77 -53.17
CA ASN B 170 -23.17 15.31 -52.44
C ASN B 170 -21.88 14.58 -52.84
N TYR B 171 -20.84 14.74 -52.02
CA TYR B 171 -19.49 14.32 -52.35
C TYR B 171 -19.32 12.81 -52.45
N ASP B 172 -20.28 12.02 -51.97
CA ASP B 172 -20.21 10.58 -52.03
C ASP B 172 -21.11 9.97 -53.10
N ALA B 173 -21.88 10.81 -53.80
CA ALA B 173 -22.66 10.46 -54.99
C ALA B 173 -23.70 9.35 -54.76
N ASN B 174 -24.07 9.12 -53.51
CA ASN B 174 -25.14 8.18 -53.18
C ASN B 174 -26.18 8.84 -52.29
N GLU B 175 -25.72 9.72 -51.41
CA GLU B 175 -26.60 10.53 -50.59
C GLU B 175 -27.10 11.72 -51.38
N ARG B 176 -28.28 12.19 -51.03
CA ARG B 176 -28.84 13.40 -51.62
C ARG B 176 -29.11 14.38 -50.49
N GLU B 177 -28.75 15.64 -50.70
CA GLU B 177 -29.00 16.66 -49.70
C GLU B 177 -29.87 17.76 -50.28
N PRO B 178 -30.59 18.49 -49.43
CA PRO B 178 -31.34 19.65 -49.92
C PRO B 178 -30.46 20.86 -50.15
N LEU B 179 -30.77 21.58 -51.23
CA LEU B 179 -30.10 22.84 -51.53
C LEU B 179 -30.38 23.88 -50.46
N VAL B 180 -31.65 24.19 -50.24
CA VAL B 180 -32.08 25.14 -49.22
C VAL B 180 -33.24 24.52 -48.45
N LEU B 181 -33.21 24.60 -47.13
CA LEU B 181 -34.27 24.00 -46.35
C LEU B 181 -35.57 24.75 -46.57
N PRO B 182 -36.68 24.06 -46.82
CA PRO B 182 -37.95 24.75 -46.99
C PRO B 182 -38.40 25.30 -45.66
N ALA B 183 -38.23 26.60 -45.50
CA ALA B 183 -38.55 27.21 -44.23
C ALA B 183 -40.04 27.46 -44.13
N ARG B 184 -40.51 27.56 -42.90
CA ARG B 184 -41.88 27.97 -42.67
C ARG B 184 -41.95 29.27 -41.89
N PHE B 185 -40.81 29.79 -41.45
CA PHE B 185 -40.76 31.11 -40.88
C PHE B 185 -39.41 31.65 -41.30
N PRO B 186 -39.32 32.94 -41.61
CA PRO B 186 -38.06 33.48 -42.11
C PRO B 186 -37.02 33.59 -41.00
N ASN B 187 -36.01 32.72 -41.08
CA ASN B 187 -35.09 32.49 -39.98
C ASN B 187 -33.95 33.47 -39.94
N LEU B 188 -33.73 34.25 -41.01
CA LEU B 188 -32.75 35.32 -40.98
C LEU B 188 -33.10 36.34 -39.92
N LEU B 189 -34.34 36.85 -39.97
CA LEU B 189 -34.76 37.87 -39.02
C LEU B 189 -34.83 37.31 -37.62
N VAL B 190 -35.09 36.02 -37.49
CA VAL B 190 -35.20 35.43 -36.17
C VAL B 190 -33.83 35.25 -35.55
N ASN B 191 -32.89 34.66 -36.28
CA ASN B 191 -31.65 34.23 -35.66
C ASN B 191 -30.41 34.97 -36.13
N GLY B 192 -30.46 35.68 -37.25
CA GLY B 192 -29.35 36.49 -37.69
C GLY B 192 -28.24 35.68 -38.34
N ALA B 193 -27.31 36.41 -38.95
CA ALA B 193 -26.18 35.82 -39.66
C ALA B 193 -24.88 36.42 -39.16
N THR B 194 -24.10 35.65 -38.42
CA THR B 194 -22.77 36.10 -38.05
C THR B 194 -21.82 35.88 -39.23
N GLY B 195 -20.95 36.86 -39.49
CA GLY B 195 -20.18 36.81 -40.72
C GLY B 195 -18.67 36.91 -40.60
N ILE B 196 -17.98 36.13 -41.41
CA ILE B 196 -16.53 36.19 -41.52
C ILE B 196 -16.18 36.98 -42.78
N ALA B 197 -15.43 38.06 -42.60
CA ALA B 197 -15.01 38.89 -43.72
C ALA B 197 -13.78 38.29 -44.37
N VAL B 198 -13.89 38.01 -45.67
CA VAL B 198 -12.72 37.91 -46.53
C VAL B 198 -12.89 39.15 -47.41
N GLY B 199 -13.43 40.19 -46.78
CA GLY B 199 -13.82 41.44 -47.40
C GLY B 199 -15.24 41.79 -47.04
N MET B 200 -16.04 40.77 -46.71
CA MET B 200 -17.48 40.90 -46.57
C MET B 200 -17.95 40.10 -45.36
N ALA B 201 -18.41 40.80 -44.33
CA ALA B 201 -18.98 40.18 -43.13
C ALA B 201 -20.41 40.67 -42.94
N THR B 202 -21.14 39.99 -42.05
CA THR B 202 -22.56 40.25 -41.90
C THR B 202 -22.97 40.08 -40.45
N ASN B 203 -24.11 40.68 -40.09
CA ASN B 203 -24.48 40.89 -38.70
C ASN B 203 -25.82 40.25 -38.36
N ILE B 204 -26.17 40.34 -37.08
CA ILE B 204 -27.34 39.73 -36.47
C ILE B 204 -28.38 40.81 -36.20
N PRO B 205 -29.37 41.03 -37.04
CA PRO B 205 -30.62 41.60 -36.54
C PRO B 205 -31.57 40.50 -36.09
N PRO B 206 -31.72 40.27 -34.79
CA PRO B 206 -32.75 39.34 -34.34
C PRO B 206 -34.10 40.04 -34.29
N HIS B 207 -35.15 39.25 -34.26
CA HIS B 207 -36.49 39.82 -34.30
C HIS B 207 -37.45 38.98 -33.48
N ASN B 208 -38.50 39.62 -32.98
CA ASN B 208 -39.59 38.92 -32.33
C ASN B 208 -40.40 38.21 -33.40
N LEU B 209 -40.74 36.95 -33.16
CA LEU B 209 -41.35 36.12 -34.18
C LEU B 209 -42.74 36.61 -34.58
N GLY B 210 -43.54 37.02 -33.60
CA GLY B 210 -44.92 37.39 -33.89
C GLY B 210 -45.01 38.69 -34.68
N GLU B 211 -44.23 39.69 -34.29
CA GLU B 211 -44.19 40.94 -35.05
C GLU B 211 -43.59 40.71 -36.42
N THR B 212 -42.66 39.76 -36.54
CA THR B 212 -42.08 39.43 -37.83
C THR B 212 -43.12 38.84 -38.76
N ILE B 213 -43.92 37.91 -38.23
CA ILE B 213 -44.96 37.28 -39.01
C ILE B 213 -46.03 38.28 -39.40
N ASP B 214 -46.35 39.21 -38.50
CA ASP B 214 -47.28 40.27 -38.85
C ASP B 214 -46.72 41.21 -39.91
N ALA B 215 -45.40 41.43 -39.88
CA ALA B 215 -44.76 42.22 -40.92
C ALA B 215 -44.81 41.50 -42.25
N VAL B 216 -44.62 40.18 -42.23
CA VAL B 216 -44.75 39.37 -43.43
C VAL B 216 -46.16 39.47 -43.99
N LYS B 217 -47.16 39.44 -43.11
CA LYS B 217 -48.55 39.56 -43.53
C LYS B 217 -48.82 40.91 -44.17
N LEU B 218 -48.31 41.99 -43.56
CA LEU B 218 -48.59 43.31 -44.10
C LEU B 218 -47.84 43.57 -45.39
N VAL B 219 -46.64 43.01 -45.53
CA VAL B 219 -45.92 43.14 -46.80
C VAL B 219 -46.62 42.33 -47.88
N MET B 220 -47.12 41.15 -47.53
CA MET B 220 -47.79 40.33 -48.53
C MET B 220 -49.15 40.89 -48.90
N ASP B 221 -49.77 41.64 -47.99
CA ASP B 221 -51.01 42.34 -48.33
C ASP B 221 -50.72 43.52 -49.23
N ASN B 222 -50.01 44.53 -48.71
CA ASN B 222 -49.76 45.72 -49.50
C ASN B 222 -48.36 45.63 -50.08
N PRO B 223 -48.21 45.62 -51.40
CA PRO B 223 -46.87 45.51 -51.99
C PRO B 223 -46.00 46.75 -51.80
N GLU B 224 -46.58 47.87 -51.38
CA GLU B 224 -45.83 49.07 -51.05
C GLU B 224 -46.22 49.52 -49.65
N VAL B 225 -45.52 48.99 -48.65
CA VAL B 225 -45.58 49.50 -47.29
C VAL B 225 -44.27 50.23 -47.04
N THR B 226 -44.37 51.45 -46.50
CA THR B 226 -43.17 52.19 -46.17
C THR B 226 -42.47 51.55 -44.97
N THR B 227 -41.14 51.71 -44.93
CA THR B 227 -40.35 51.10 -43.87
C THR B 227 -40.61 51.74 -42.51
N LYS B 228 -41.08 52.99 -42.49
CA LYS B 228 -41.59 53.57 -41.25
C LYS B 228 -42.81 52.80 -40.77
N ASP B 229 -43.68 52.40 -41.69
CA ASP B 229 -44.87 51.65 -41.31
C ASP B 229 -44.56 50.21 -40.94
N LEU B 230 -43.37 49.71 -41.26
CA LEU B 230 -42.95 48.42 -40.76
C LEU B 230 -42.12 48.53 -39.49
N MET B 231 -41.50 49.68 -39.26
CA MET B 231 -40.98 49.98 -37.94
C MET B 231 -42.10 50.22 -36.94
N GLU B 232 -43.27 50.65 -37.43
CA GLU B 232 -44.50 50.54 -36.65
C GLU B 232 -44.75 49.10 -36.25
N VAL B 233 -44.54 48.18 -37.18
CA VAL B 233 -44.69 46.77 -36.88
C VAL B 233 -43.50 46.28 -36.09
N LEU B 234 -42.32 46.31 -36.70
CA LEU B 234 -41.15 45.70 -36.10
C LEU B 234 -40.44 46.68 -35.19
N PRO B 235 -40.27 46.37 -33.92
CA PRO B 235 -39.45 47.21 -33.06
C PRO B 235 -37.99 47.10 -33.45
N GLY B 236 -37.50 45.86 -33.52
CA GLY B 236 -36.13 45.60 -33.90
C GLY B 236 -35.51 44.43 -33.16
N PRO B 237 -34.37 44.66 -32.54
CA PRO B 237 -33.58 43.55 -32.00
C PRO B 237 -34.16 42.86 -30.78
N ASP B 238 -34.71 41.67 -30.98
CA ASP B 238 -35.21 40.84 -29.89
C ASP B 238 -34.08 39.91 -29.48
N PHE B 239 -33.30 40.33 -28.50
CA PHE B 239 -32.14 39.59 -28.08
C PHE B 239 -32.52 38.33 -27.30
N PRO B 240 -31.68 37.30 -27.31
CA PRO B 240 -31.95 36.10 -26.52
C PRO B 240 -31.82 36.29 -25.02
N THR B 241 -31.20 37.36 -24.54
CA THR B 241 -31.12 37.63 -23.11
C THR B 241 -31.74 38.95 -22.71
N GLY B 242 -32.17 39.78 -23.65
CA GLY B 242 -32.71 41.07 -23.28
C GLY B 242 -31.63 42.12 -23.13
N ALA B 243 -32.01 43.36 -23.39
CA ALA B 243 -31.12 44.53 -23.30
C ALA B 243 -31.98 45.79 -23.37
N LEU B 244 -31.30 46.91 -23.58
CA LEU B 244 -31.91 48.18 -23.95
C LEU B 244 -31.28 48.64 -25.26
N VAL B 245 -32.10 49.07 -26.20
CA VAL B 245 -31.63 49.54 -27.50
C VAL B 245 -31.78 51.05 -27.54
N MET B 246 -30.66 51.74 -27.68
CA MET B 246 -30.65 53.18 -27.91
C MET B 246 -30.48 53.45 -29.40
N GLY B 247 -31.27 54.38 -29.91
CA GLY B 247 -31.12 54.82 -31.27
C GLY B 247 -32.16 54.22 -32.19
N LYS B 248 -33.22 54.97 -32.47
CA LYS B 248 -34.16 54.54 -33.48
C LYS B 248 -33.74 55.06 -34.85
N SER B 249 -32.84 56.04 -34.87
CA SER B 249 -32.30 56.54 -36.12
C SER B 249 -31.43 55.48 -36.80
N GLY B 250 -30.56 54.82 -36.04
CA GLY B 250 -29.75 53.75 -36.61
C GLY B 250 -30.58 52.54 -36.99
N ILE B 251 -31.66 52.28 -36.27
CA ILE B 251 -32.62 51.26 -36.65
C ILE B 251 -33.26 51.59 -37.99
N HIS B 252 -33.67 52.85 -38.17
CA HIS B 252 -34.30 53.26 -39.43
C HIS B 252 -33.32 53.19 -40.59
N LYS B 253 -32.08 53.62 -40.34
CA LYS B 253 -31.00 53.48 -41.32
C LYS B 253 -30.76 52.02 -41.69
N ALA B 254 -30.82 51.12 -40.70
CA ALA B 254 -30.56 49.71 -40.95
C ALA B 254 -31.65 49.07 -41.79
N TYR B 255 -32.92 49.28 -41.43
CA TYR B 255 -33.97 48.64 -42.21
C TYR B 255 -34.32 49.41 -43.47
N GLU B 256 -33.69 50.56 -43.71
CA GLU B 256 -33.74 51.13 -45.05
C GLU B 256 -32.62 50.63 -45.95
N THR B 257 -31.37 50.83 -45.54
CA THR B 257 -30.23 50.59 -46.41
C THR B 257 -29.50 49.29 -46.15
N GLY B 258 -29.55 48.79 -44.92
CA GLY B 258 -28.84 47.57 -44.60
C GLY B 258 -27.68 47.84 -43.68
N LYS B 259 -26.91 48.88 -43.97
CA LYS B 259 -25.80 49.27 -43.12
C LYS B 259 -26.28 50.24 -42.06
N GLY B 260 -25.77 50.08 -40.86
CA GLY B 260 -26.08 50.99 -39.79
C GLY B 260 -25.46 50.51 -38.50
N SER B 261 -25.76 51.24 -37.43
CA SER B 261 -25.36 50.80 -36.10
C SER B 261 -26.34 51.35 -35.08
N ILE B 262 -26.64 50.53 -34.08
CA ILE B 262 -27.44 50.93 -32.94
C ILE B 262 -26.57 50.84 -31.70
N VAL B 263 -27.10 51.30 -30.58
CA VAL B 263 -26.36 51.30 -29.33
C VAL B 263 -27.05 50.36 -28.37
N LEU B 264 -26.28 49.60 -27.62
CA LEU B 264 -26.83 48.63 -26.68
C LEU B 264 -26.48 49.06 -25.27
N ARG B 265 -27.47 49.59 -24.55
CA ARG B 265 -27.36 49.94 -23.15
C ARG B 265 -28.06 48.87 -22.32
N SER B 266 -27.35 48.32 -21.33
CA SER B 266 -27.89 47.25 -20.51
C SER B 266 -29.06 47.72 -19.66
N ARG B 267 -29.92 46.77 -19.27
CA ARG B 267 -31.01 47.10 -18.36
C ARG B 267 -30.43 47.31 -16.97
N THR B 268 -30.12 48.57 -16.68
CA THR B 268 -29.56 49.02 -15.43
C THR B 268 -30.54 49.96 -14.76
N GLU B 269 -30.55 49.92 -13.43
CA GLU B 269 -31.41 50.84 -12.69
C GLU B 269 -30.70 51.27 -11.42
N ILE B 270 -31.00 52.49 -10.99
CA ILE B 270 -30.39 53.10 -9.82
C ILE B 270 -31.39 53.00 -8.67
N GLU B 271 -30.98 52.32 -7.60
CA GLU B 271 -31.83 52.08 -6.45
C GLU B 271 -31.13 52.65 -5.22
N THR B 272 -31.71 53.68 -4.63
CA THR B 272 -31.08 54.38 -3.52
C THR B 272 -31.52 53.76 -2.19
N THR B 273 -30.54 53.33 -1.40
CA THR B 273 -30.85 52.79 -0.09
C THR B 273 -31.21 53.92 0.88
N LYS B 274 -31.92 53.56 1.94
CA LYS B 274 -32.19 54.51 3.01
C LYS B 274 -30.91 54.85 3.78
N THR B 275 -29.96 53.91 3.81
CA THR B 275 -28.65 54.17 4.42
C THR B 275 -27.90 55.25 3.66
N GLY B 276 -27.80 55.13 2.33
CA GLY B 276 -27.20 56.17 1.53
C GLY B 276 -26.32 55.66 0.40
N ARG B 277 -25.78 54.46 0.56
CA ARG B 277 -24.88 53.88 -0.43
C ARG B 277 -25.73 53.28 -1.56
N GLU B 278 -25.75 53.95 -2.70
CA GLU B 278 -26.69 53.63 -3.76
C GLU B 278 -26.33 52.34 -4.48
N ARG B 279 -27.22 51.94 -5.39
CA ARG B 279 -27.25 50.60 -5.95
C ARG B 279 -27.42 50.68 -7.46
N ILE B 280 -26.63 49.92 -8.21
CA ILE B 280 -26.85 49.75 -9.63
C ILE B 280 -27.24 48.29 -9.83
N VAL B 281 -28.50 48.06 -10.19
CA VAL B 281 -28.99 46.73 -10.49
C VAL B 281 -28.91 46.56 -12.00
N VAL B 282 -28.03 45.66 -12.43
CA VAL B 282 -27.87 45.33 -13.84
C VAL B 282 -28.42 43.93 -14.07
N THR B 283 -29.34 43.82 -15.02
CA THR B 283 -30.01 42.54 -15.26
C THR B 283 -29.88 42.01 -16.67
N GLU B 284 -29.57 42.85 -17.66
CA GLU B 284 -29.59 42.41 -19.06
C GLU B 284 -28.37 42.95 -19.79
N PHE B 285 -27.26 42.19 -19.73
CA PHE B 285 -26.12 42.46 -20.59
C PHE B 285 -26.48 42.27 -22.06
N PRO B 286 -25.85 43.03 -22.98
CA PRO B 286 -26.28 42.98 -24.39
C PRO B 286 -25.90 41.70 -25.11
N TYR B 287 -26.17 41.70 -26.42
CA TYR B 287 -26.05 40.51 -27.24
C TYR B 287 -24.60 40.07 -27.40
N MET B 288 -24.35 38.81 -26.99
CA MET B 288 -23.04 38.16 -27.08
C MET B 288 -21.95 38.95 -26.35
N VAL B 289 -22.26 39.33 -25.12
CA VAL B 289 -21.30 39.97 -24.23
C VAL B 289 -21.19 39.10 -22.98
N ASN B 290 -19.94 38.80 -22.59
CA ASN B 290 -19.66 38.05 -21.39
C ASN B 290 -20.13 38.82 -20.16
N LYS B 291 -20.46 38.05 -19.11
CA LYS B 291 -20.66 38.59 -17.78
C LYS B 291 -19.33 38.74 -17.05
N THR B 292 -18.54 37.67 -17.05
CA THR B 292 -17.34 37.58 -16.22
C THR B 292 -16.28 38.57 -16.69
N LYS B 293 -16.14 38.73 -18.00
CA LYS B 293 -15.16 39.68 -18.54
C LYS B 293 -15.56 41.11 -18.20
N VAL B 294 -16.86 41.40 -18.20
CA VAL B 294 -17.31 42.75 -17.89
C VAL B 294 -17.12 43.06 -16.41
N HIS B 295 -17.41 42.09 -15.53
CA HIS B 295 -17.23 42.34 -14.10
C HIS B 295 -15.74 42.43 -13.73
N GLU B 296 -14.89 41.61 -14.37
CA GLU B 296 -13.45 41.75 -14.17
C GLU B 296 -12.93 43.06 -14.74
N HIS B 297 -13.51 43.54 -15.85
CA HIS B 297 -13.14 44.83 -16.41
C HIS B 297 -13.56 45.96 -15.48
N ILE B 298 -14.71 45.82 -14.81
CA ILE B 298 -15.15 46.84 -13.86
C ILE B 298 -14.24 46.88 -12.64
N VAL B 299 -13.88 45.71 -12.09
CA VAL B 299 -12.97 45.66 -10.94
C VAL B 299 -11.59 46.18 -11.33
N ARG B 300 -11.17 45.89 -12.56
CA ARG B 300 -9.90 46.42 -13.04
C ARG B 300 -9.95 47.94 -13.21
N LEU B 301 -11.07 48.48 -13.71
CA LEU B 301 -11.22 49.92 -13.82
C LEU B 301 -11.32 50.60 -12.45
N VAL B 302 -11.77 49.86 -11.43
CA VAL B 302 -11.62 50.35 -10.07
C VAL B 302 -10.14 50.41 -9.70
N GLN B 303 -9.39 49.35 -10.02
CA GLN B 303 -7.97 49.32 -9.70
C GLN B 303 -7.08 49.93 -10.78
N GLU B 304 -7.64 50.33 -11.92
CA GLU B 304 -6.90 51.22 -12.81
C GLU B 304 -7.02 52.68 -12.39
N LYS B 305 -8.02 52.99 -11.56
CA LYS B 305 -8.11 54.24 -10.80
C LYS B 305 -8.25 55.46 -11.69
N ARG B 306 -8.92 55.30 -12.84
CA ARG B 306 -9.24 56.47 -13.65
C ARG B 306 -10.42 57.24 -13.05
N ILE B 307 -11.43 56.52 -12.58
CA ILE B 307 -12.55 57.12 -11.86
C ILE B 307 -12.93 56.19 -10.72
N GLU B 308 -13.39 56.79 -9.62
CA GLU B 308 -13.71 56.08 -8.39
C GLU B 308 -15.19 56.27 -8.05
N GLY B 309 -15.61 55.64 -6.95
CA GLY B 309 -16.99 55.67 -6.50
C GLY B 309 -17.64 54.31 -6.40
N ILE B 310 -17.13 53.32 -7.11
CA ILE B 310 -17.64 51.96 -7.02
C ILE B 310 -17.12 51.33 -5.73
N THR B 311 -18.04 50.85 -4.89
CA THR B 311 -17.62 50.15 -3.69
C THR B 311 -17.22 48.72 -4.02
N ALA B 312 -18.16 47.93 -4.52
CA ALA B 312 -17.92 46.52 -4.77
C ALA B 312 -18.89 46.01 -5.84
N VAL B 313 -18.75 44.74 -6.18
CA VAL B 313 -19.60 44.05 -7.14
C VAL B 313 -20.08 42.76 -6.50
N ARG B 314 -21.39 42.54 -6.49
CA ARG B 314 -21.96 41.30 -6.00
C ARG B 314 -22.50 40.50 -7.17
N ASP B 315 -21.89 39.34 -7.42
CA ASP B 315 -22.34 38.37 -8.40
C ASP B 315 -23.10 37.29 -7.64
N GLU B 316 -24.39 37.53 -7.41
CA GLU B 316 -25.18 36.76 -6.46
C GLU B 316 -25.98 35.64 -7.11
N SER B 317 -25.45 35.02 -8.16
CA SER B 317 -26.08 33.86 -8.76
C SER B 317 -25.02 32.88 -9.24
N ASN B 318 -25.37 31.60 -9.20
CA ASN B 318 -24.54 30.53 -9.75
C ASN B 318 -24.91 30.28 -11.20
N ARG B 319 -26.16 29.90 -11.45
CA ARG B 319 -26.70 29.75 -12.79
C ARG B 319 -28.10 30.33 -12.95
N GLU B 320 -28.79 30.66 -11.86
CA GLU B 320 -30.22 30.91 -11.88
C GLU B 320 -30.52 32.37 -11.57
N GLY B 321 -31.20 33.04 -12.48
CA GLY B 321 -31.59 34.42 -12.30
C GLY B 321 -30.48 35.38 -12.66
N VAL B 322 -30.76 36.33 -13.53
CA VAL B 322 -29.74 37.28 -13.97
C VAL B 322 -30.16 38.64 -13.41
N ARG B 323 -29.69 38.92 -12.21
CA ARG B 323 -29.88 40.20 -11.53
C ARG B 323 -28.70 40.42 -10.61
N PHE B 324 -27.90 41.45 -10.89
CA PHE B 324 -26.62 41.59 -10.20
C PHE B 324 -26.44 43.03 -9.72
N VAL B 325 -25.98 43.15 -8.48
CA VAL B 325 -25.91 44.41 -7.77
C VAL B 325 -24.45 44.85 -7.75
N ILE B 326 -24.19 46.06 -8.23
CA ILE B 326 -22.91 46.72 -8.04
C ILE B 326 -23.14 48.01 -7.25
N GLU B 327 -22.38 48.16 -6.17
CA GLU B 327 -22.66 49.17 -5.16
C GLU B 327 -21.90 50.45 -5.48
N VAL B 328 -22.58 51.58 -5.33
CA VAL B 328 -21.96 52.90 -5.34
C VAL B 328 -21.99 53.42 -3.91
N LYS B 329 -20.88 54.02 -3.48
CA LYS B 329 -20.69 54.42 -2.09
C LYS B 329 -21.61 55.58 -1.71
N ARG B 330 -21.53 55.95 -0.43
CA ARG B 330 -22.20 57.14 0.05
C ARG B 330 -21.59 58.38 -0.59
N ASP B 331 -22.45 59.38 -0.85
CA ASP B 331 -22.08 60.69 -1.40
C ASP B 331 -21.49 60.55 -2.79
N ALA B 332 -22.23 59.85 -3.65
CA ALA B 332 -21.86 59.69 -5.06
C ALA B 332 -23.13 59.37 -5.83
N SER B 333 -23.52 60.27 -6.73
CA SER B 333 -24.70 60.04 -7.57
C SER B 333 -24.39 58.93 -8.56
N ALA B 334 -25.14 57.81 -8.46
CA ALA B 334 -24.82 56.63 -9.24
C ALA B 334 -25.14 56.76 -10.72
N ASN B 335 -25.81 57.83 -11.14
CA ASN B 335 -25.98 58.07 -12.57
C ASN B 335 -24.69 58.52 -13.21
N VAL B 336 -23.81 59.18 -12.45
CA VAL B 336 -22.47 59.53 -12.95
C VAL B 336 -21.65 58.26 -13.16
N ILE B 337 -21.67 57.36 -12.17
CA ILE B 337 -20.98 56.09 -12.28
C ILE B 337 -21.59 55.24 -13.39
N LEU B 338 -22.90 55.35 -13.58
CA LEU B 338 -23.61 54.58 -14.59
C LEU B 338 -23.23 55.04 -16.00
N ASN B 339 -23.20 56.36 -16.21
CA ASN B 339 -22.74 56.92 -17.48
C ASN B 339 -21.28 56.59 -17.76
N ASN B 340 -20.46 56.53 -16.71
CA ASN B 340 -19.05 56.25 -16.92
C ASN B 340 -18.78 54.77 -17.20
N LEU B 341 -19.54 53.87 -16.57
CA LEU B 341 -19.44 52.45 -16.93
C LEU B 341 -20.05 52.18 -18.30
N PHE B 342 -21.00 53.00 -18.71
CA PHE B 342 -21.50 52.90 -20.08
C PHE B 342 -20.46 53.42 -21.08
N LYS B 343 -19.70 54.44 -20.70
CA LYS B 343 -18.64 54.94 -21.56
C LYS B 343 -17.50 53.94 -21.69
N MET B 344 -17.09 53.32 -20.59
CA MET B 344 -15.88 52.51 -20.56
C MET B 344 -16.15 51.05 -20.92
N THR B 345 -17.00 50.38 -20.16
CA THR B 345 -17.08 48.93 -20.15
C THR B 345 -17.81 48.41 -21.38
N GLN B 346 -17.98 47.09 -21.44
CA GLN B 346 -18.85 46.44 -22.41
C GLN B 346 -20.26 46.26 -21.85
N MET B 347 -20.82 47.34 -21.31
CA MET B 347 -22.17 47.35 -20.78
C MET B 347 -23.11 48.17 -21.66
N GLN B 348 -22.62 49.26 -22.23
CA GLN B 348 -23.27 49.95 -23.34
C GLN B 348 -22.26 50.02 -24.48
N THR B 349 -22.51 49.24 -25.53
CA THR B 349 -21.62 49.10 -26.67
C THR B 349 -22.29 49.60 -27.94
N ASN B 350 -21.53 49.62 -29.02
CA ASN B 350 -22.11 49.76 -30.34
C ASN B 350 -22.43 48.38 -30.89
N PHE B 351 -23.31 48.36 -31.88
CA PHE B 351 -23.61 47.11 -32.56
C PHE B 351 -24.01 47.43 -33.98
N GLY B 352 -23.24 46.92 -34.94
CA GLY B 352 -23.50 47.21 -36.33
C GLY B 352 -24.50 46.25 -36.94
N PHE B 353 -25.27 46.78 -37.88
CA PHE B 353 -26.13 45.99 -38.75
C PHE B 353 -25.60 46.10 -40.17
N ASN B 354 -25.40 44.96 -40.80
CA ASN B 354 -25.07 44.89 -42.23
C ASN B 354 -25.67 43.59 -42.75
N MET B 355 -26.89 43.67 -43.26
CA MET B 355 -27.66 42.48 -43.63
C MET B 355 -27.19 42.01 -44.99
N LEU B 356 -26.14 41.18 -44.96
CA LEU B 356 -25.49 40.63 -46.13
C LEU B 356 -25.71 39.13 -46.17
N ALA B 357 -26.31 38.65 -47.26
CA ALA B 357 -26.58 37.22 -47.39
C ALA B 357 -26.70 36.86 -48.85
N ILE B 358 -26.86 35.57 -49.12
CA ILE B 358 -26.85 35.05 -50.48
C ILE B 358 -28.25 35.14 -51.06
N GLN B 359 -28.40 35.91 -52.12
CA GLN B 359 -29.61 35.88 -52.92
C GLN B 359 -29.22 35.57 -54.34
N ASN B 360 -29.94 34.63 -54.97
CA ASN B 360 -29.73 34.19 -56.34
C ASN B 360 -28.32 33.69 -56.62
N GLY B 361 -27.60 33.27 -55.58
CA GLY B 361 -26.24 32.80 -55.73
C GLY B 361 -25.16 33.84 -55.48
N ILE B 362 -25.51 35.11 -55.27
CA ILE B 362 -24.47 36.10 -55.00
C ILE B 362 -24.67 36.68 -53.61
N PRO B 363 -23.61 37.13 -52.93
CA PRO B 363 -23.81 37.85 -51.66
C PRO B 363 -24.22 39.29 -51.95
N LYS B 364 -25.23 39.75 -51.22
CA LYS B 364 -25.73 41.11 -51.37
C LYS B 364 -26.13 41.66 -50.01
N ILE B 365 -25.95 42.96 -49.87
CA ILE B 365 -26.49 43.70 -48.74
C ILE B 365 -27.95 44.01 -49.06
N LEU B 366 -28.85 43.48 -48.24
CA LEU B 366 -30.26 43.56 -48.52
C LEU B 366 -31.01 44.25 -47.38
N SER B 367 -32.11 44.89 -47.72
CA SER B 367 -32.90 45.60 -46.73
C SER B 367 -33.96 44.71 -46.13
N LEU B 368 -34.67 45.25 -45.13
CA LEU B 368 -35.75 44.52 -44.48
C LEU B 368 -36.90 44.26 -45.44
N ARG B 369 -37.16 45.22 -46.32
CA ARG B 369 -38.13 45.01 -47.40
C ARG B 369 -37.71 43.87 -48.31
N GLN B 370 -36.43 43.84 -48.68
CA GLN B 370 -35.96 42.90 -49.68
C GLN B 370 -35.88 41.48 -49.12
N ILE B 371 -35.49 41.34 -47.85
CA ILE B 371 -35.50 40.04 -47.17
C ILE B 371 -36.89 39.45 -47.19
N LEU B 372 -37.88 40.26 -46.88
CA LEU B 372 -39.23 39.72 -46.75
C LEU B 372 -39.91 39.55 -48.10
N ASP B 373 -39.58 40.38 -49.09
CA ASP B 373 -40.05 40.13 -50.44
C ASP B 373 -39.51 38.81 -50.98
N ALA B 374 -38.22 38.55 -50.73
CA ALA B 374 -37.62 37.29 -51.18
C ALA B 374 -38.18 36.11 -50.42
N TYR B 375 -38.45 36.28 -49.12
CA TYR B 375 -39.02 35.19 -48.34
C TYR B 375 -40.44 34.86 -48.79
N ILE B 376 -41.23 35.88 -49.11
CA ILE B 376 -42.58 35.66 -49.61
C ILE B 376 -42.55 34.98 -50.97
N GLU B 377 -41.60 35.36 -51.83
CA GLU B 377 -41.42 34.66 -53.10
C GLU B 377 -41.03 33.20 -52.89
N HIS B 378 -40.19 32.94 -51.88
CA HIS B 378 -39.80 31.55 -51.61
C HIS B 378 -40.95 30.74 -51.06
N GLN B 379 -41.79 31.34 -50.23
CA GLN B 379 -42.93 30.59 -49.73
C GLN B 379 -43.97 30.35 -50.81
N LYS B 380 -44.09 31.28 -51.77
CA LYS B 380 -44.91 31.02 -52.94
C LYS B 380 -44.37 29.84 -53.73
N GLU B 381 -43.05 29.75 -53.88
CA GLU B 381 -42.44 28.61 -54.54
C GLU B 381 -42.69 27.31 -53.78
N VAL B 382 -42.59 27.36 -52.44
CA VAL B 382 -42.82 26.18 -51.60
C VAL B 382 -44.26 25.70 -51.74
N VAL B 383 -45.20 26.63 -51.69
CA VAL B 383 -46.62 26.28 -51.74
C VAL B 383 -46.99 25.73 -53.10
N VAL B 384 -46.49 26.35 -54.19
CA VAL B 384 -46.78 25.87 -55.52
C VAL B 384 -46.18 24.48 -55.75
N ARG B 385 -44.97 24.23 -55.26
CA ARG B 385 -44.38 22.92 -55.47
C ARG B 385 -45.05 21.85 -54.63
N ARG B 386 -45.43 22.17 -53.38
CA ARG B 386 -46.12 21.18 -52.56
C ARG B 386 -47.50 20.88 -53.11
N THR B 387 -48.18 21.90 -53.59
CA THR B 387 -49.51 21.72 -54.17
C THR B 387 -49.44 20.92 -55.46
N ARG B 388 -48.43 21.17 -56.28
CA ARG B 388 -48.27 20.36 -57.49
C ARG B 388 -47.90 18.93 -57.16
N PHE B 389 -47.15 18.70 -56.07
CA PHE B 389 -46.83 17.33 -55.68
C PHE B 389 -48.06 16.58 -55.23
N ASP B 390 -48.87 17.20 -54.39
CA ASP B 390 -50.08 16.51 -53.94
C ASP B 390 -51.08 16.35 -55.07
N LYS B 391 -51.08 17.26 -56.04
CA LYS B 391 -51.91 17.06 -57.22
C LYS B 391 -51.39 15.91 -58.07
N GLU B 392 -50.06 15.74 -58.14
CA GLU B 392 -49.48 14.58 -58.82
C GLU B 392 -49.88 13.28 -58.13
N LYS B 393 -49.79 13.25 -56.80
CA LYS B 393 -50.09 12.02 -56.06
C LYS B 393 -51.56 11.67 -56.16
N ALA B 394 -52.44 12.64 -55.91
CA ALA B 394 -53.87 12.40 -56.04
C ALA B 394 -54.29 12.15 -57.48
N GLU B 395 -53.58 12.74 -58.45
CA GLU B 395 -53.93 12.52 -59.84
C GLU B 395 -53.52 11.13 -60.29
N ALA B 396 -52.39 10.63 -59.80
CA ALA B 396 -52.00 9.25 -60.09
C ALA B 396 -52.96 8.26 -59.44
N ARG B 397 -53.39 8.55 -58.21
CA ARG B 397 -54.33 7.66 -57.55
C ARG B 397 -55.70 7.70 -58.22
N ALA B 398 -56.12 8.88 -58.68
CA ALA B 398 -57.36 8.99 -59.43
C ALA B 398 -57.26 8.35 -60.80
N HIS B 399 -56.06 8.33 -61.39
CA HIS B 399 -55.84 7.63 -62.64
C HIS B 399 -56.00 6.12 -62.46
N ILE B 400 -55.39 5.58 -61.40
CA ILE B 400 -55.53 4.15 -61.10
C ILE B 400 -56.98 3.81 -60.75
N LEU B 401 -57.63 4.69 -60.00
CA LEU B 401 -59.00 4.43 -59.59
C LEU B 401 -59.96 4.60 -60.75
N GLU B 402 -59.61 5.44 -61.72
CA GLU B 402 -60.39 5.56 -62.94
C GLU B 402 -60.25 4.32 -63.81
N GLY B 403 -59.04 3.75 -63.86
CA GLY B 403 -58.86 2.48 -64.55
C GLY B 403 -59.68 1.36 -63.94
N LEU B 404 -59.70 1.30 -62.60
CA LEU B 404 -60.57 0.34 -61.94
C LEU B 404 -62.05 0.67 -62.13
N LEU B 405 -62.37 1.96 -62.31
CA LEU B 405 -63.76 2.32 -62.53
C LEU B 405 -64.22 1.91 -63.92
N ILE B 406 -63.33 2.03 -64.91
CA ILE B 406 -63.62 1.51 -66.25
C ILE B 406 -63.71 -0.01 -66.22
N ALA B 407 -62.92 -0.67 -65.36
CA ALA B 407 -63.08 -2.10 -65.15
C ALA B 407 -64.46 -2.42 -64.57
N LEU B 408 -64.94 -1.60 -63.65
CA LEU B 408 -66.28 -1.75 -63.10
C LEU B 408 -67.37 -1.41 -64.10
N ASP B 409 -67.04 -0.64 -65.15
CA ASP B 409 -68.02 -0.30 -66.17
C ASP B 409 -68.41 -1.53 -66.97
N HIS B 410 -67.45 -2.11 -67.68
CA HIS B 410 -67.67 -3.31 -68.48
C HIS B 410 -66.85 -4.42 -67.84
N ILE B 411 -67.44 -5.07 -66.83
CA ILE B 411 -66.74 -6.16 -66.14
C ILE B 411 -66.69 -7.38 -67.04
N ASP B 412 -67.75 -7.60 -67.82
CA ASP B 412 -67.92 -8.85 -68.55
C ASP B 412 -66.93 -8.98 -69.69
N GLU B 413 -66.62 -7.87 -70.37
CA GLU B 413 -65.64 -7.91 -71.45
C GLU B 413 -64.24 -8.17 -70.90
N VAL B 414 -63.95 -7.59 -69.73
CA VAL B 414 -62.65 -7.81 -69.08
C VAL B 414 -62.49 -9.26 -68.68
N ILE B 415 -63.56 -9.84 -68.11
CA ILE B 415 -63.54 -11.26 -67.74
C ILE B 415 -63.42 -12.14 -68.98
N ARG B 416 -64.10 -11.75 -70.06
CA ARG B 416 -64.05 -12.49 -71.32
C ARG B 416 -62.66 -12.49 -71.93
N ILE B 417 -61.94 -11.38 -71.79
CA ILE B 417 -60.56 -11.31 -72.28
C ILE B 417 -59.60 -12.06 -71.36
N ILE B 418 -59.82 -12.01 -70.05
CA ILE B 418 -58.98 -12.75 -69.09
C ILE B 418 -59.14 -14.25 -69.30
N ARG B 419 -60.37 -14.70 -69.54
CA ARG B 419 -60.60 -16.11 -69.86
C ARG B 419 -60.02 -16.48 -71.21
N ALA B 420 -59.91 -15.53 -72.12
CA ALA B 420 -59.29 -15.76 -73.42
C ALA B 420 -57.80 -15.48 -73.41
N SER B 421 -57.24 -15.08 -72.28
CA SER B 421 -55.83 -14.75 -72.20
C SER B 421 -54.99 -16.01 -71.98
N GLU B 422 -53.71 -15.87 -72.22
CA GLU B 422 -52.76 -16.95 -71.98
C GLU B 422 -51.62 -16.53 -71.06
N THR B 423 -51.16 -15.29 -71.17
CA THR B 423 -50.17 -14.71 -70.27
C THR B 423 -50.73 -13.41 -69.70
N ASP B 424 -50.08 -12.90 -68.65
CA ASP B 424 -50.51 -11.66 -68.04
C ASP B 424 -50.22 -10.47 -68.94
N ALA B 425 -49.11 -10.54 -69.68
CA ALA B 425 -48.76 -9.48 -70.63
C ALA B 425 -49.79 -9.41 -71.76
N GLU B 426 -50.25 -10.58 -72.23
CA GLU B 426 -51.32 -10.61 -73.22
C GLU B 426 -52.59 -10.00 -72.68
N ALA B 427 -52.93 -10.33 -71.43
CA ALA B 427 -54.17 -9.83 -70.84
C ALA B 427 -54.14 -8.32 -70.70
N GLN B 428 -53.02 -7.78 -70.20
CA GLN B 428 -52.95 -6.33 -70.02
C GLN B 428 -52.84 -5.62 -71.36
N ALA B 429 -52.20 -6.23 -72.36
CA ALA B 429 -52.12 -5.60 -73.67
C ALA B 429 -53.47 -5.58 -74.36
N GLU B 430 -54.25 -6.65 -74.24
CA GLU B 430 -55.56 -6.68 -74.86
C GLU B 430 -56.55 -5.78 -74.13
N LEU B 431 -56.41 -5.63 -72.81
CA LEU B 431 -57.25 -4.68 -72.09
C LEU B 431 -56.92 -3.24 -72.46
N MET B 432 -55.62 -2.92 -72.57
CA MET B 432 -55.22 -1.59 -73.00
C MET B 432 -55.61 -1.33 -74.45
N SER B 433 -55.68 -2.37 -75.27
CA SER B 433 -56.11 -2.21 -76.65
C SER B 433 -57.62 -2.03 -76.75
N LYS B 434 -58.36 -2.69 -75.88
CA LYS B 434 -59.81 -2.70 -76.01
C LYS B 434 -60.48 -1.54 -75.29
N PHE B 435 -59.91 -1.06 -74.19
CA PHE B 435 -60.55 0.00 -73.43
C PHE B 435 -59.65 1.20 -73.21
N LYS B 436 -58.57 1.32 -74.01
CA LYS B 436 -57.69 2.50 -74.05
C LYS B 436 -57.05 2.78 -72.69
N LEU B 437 -56.42 1.75 -72.14
CA LEU B 437 -55.96 1.78 -70.76
C LEU B 437 -54.46 2.00 -70.70
N SER B 438 -53.97 2.19 -69.48
CA SER B 438 -52.55 2.35 -69.22
C SER B 438 -51.98 1.06 -68.67
N GLU B 439 -50.66 1.04 -68.52
CA GLU B 439 -50.01 -0.08 -67.86
C GLU B 439 -50.37 -0.13 -66.38
N ARG B 440 -50.41 1.05 -65.74
CA ARG B 440 -50.83 1.13 -64.34
C ARG B 440 -52.27 0.69 -64.19
N GLN B 441 -53.14 1.15 -65.11
CA GLN B 441 -54.54 0.77 -65.08
C GLN B 441 -54.74 -0.71 -65.31
N SER B 442 -54.01 -1.29 -66.27
CA SER B 442 -54.17 -2.69 -66.58
C SER B 442 -53.60 -3.59 -65.47
N GLN B 443 -52.50 -3.17 -64.82
CA GLN B 443 -52.00 -3.91 -63.67
C GLN B 443 -52.97 -3.84 -62.50
N ALA B 444 -53.62 -2.68 -62.31
CA ALA B 444 -54.61 -2.57 -61.25
C ALA B 444 -55.83 -3.43 -61.52
N ILE B 445 -56.22 -3.55 -62.79
CA ILE B 445 -57.36 -4.40 -63.15
C ILE B 445 -57.01 -5.87 -62.95
N LEU B 446 -55.84 -6.29 -63.43
CA LEU B 446 -55.44 -7.68 -63.29
C LEU B 446 -55.01 -8.04 -61.87
N ASP B 447 -54.86 -7.06 -60.99
CA ASP B 447 -54.66 -7.32 -59.57
C ASP B 447 -55.85 -6.91 -58.74
N MET B 448 -56.97 -6.56 -59.37
CA MET B 448 -58.18 -6.20 -58.63
C MET B 448 -58.80 -7.43 -57.99
N ARG B 449 -59.19 -7.29 -56.73
CA ARG B 449 -59.74 -8.41 -55.99
C ARG B 449 -61.21 -8.61 -56.31
N LEU B 450 -61.61 -9.88 -56.45
CA LEU B 450 -62.94 -10.23 -56.92
C LEU B 450 -64.02 -9.83 -55.92
N ARG B 451 -63.65 -9.77 -54.63
CA ARG B 451 -64.54 -9.29 -53.58
C ARG B 451 -64.92 -7.85 -53.80
N ARG B 452 -64.07 -7.09 -54.48
CA ARG B 452 -64.35 -5.71 -54.86
C ARG B 452 -65.27 -5.61 -56.09
N LEU B 453 -65.82 -6.73 -56.56
CA LEU B 453 -66.79 -6.73 -57.66
C LEU B 453 -68.23 -6.69 -57.18
N THR B 454 -68.55 -5.77 -56.28
CA THR B 454 -69.90 -5.66 -55.75
C THR B 454 -70.31 -4.19 -55.72
N GLY B 455 -71.63 -3.99 -55.64
CA GLY B 455 -72.16 -2.65 -55.52
C GLY B 455 -71.87 -2.03 -54.16
N LEU B 456 -71.60 -2.86 -53.15
CA LEU B 456 -71.12 -2.35 -51.87
C LEU B 456 -69.70 -1.84 -51.96
N GLU B 457 -68.94 -2.28 -52.95
CA GLU B 457 -67.59 -1.80 -53.21
C GLU B 457 -67.52 -0.77 -54.32
N ARG B 458 -68.42 -0.84 -55.31
CA ARG B 458 -68.48 0.18 -56.35
C ARG B 458 -68.90 1.53 -55.78
N ASP B 459 -69.72 1.51 -54.73
CA ASP B 459 -70.10 2.74 -54.05
C ASP B 459 -68.91 3.42 -53.41
N LYS B 460 -68.07 2.64 -52.73
CA LYS B 460 -66.90 3.19 -52.04
C LYS B 460 -65.88 3.73 -53.04
N ILE B 461 -65.65 2.99 -54.13
CA ILE B 461 -64.73 3.41 -55.17
C ILE B 461 -65.24 4.67 -55.87
N GLN B 462 -66.54 4.73 -56.17
CA GLN B 462 -67.09 5.89 -56.86
C GLN B 462 -67.09 7.14 -55.96
N SER B 463 -67.44 6.97 -54.69
CA SER B 463 -67.43 8.09 -53.75
C SER B 463 -66.02 8.61 -53.51
N GLU B 464 -65.06 7.70 -53.33
CA GLU B 464 -63.66 8.10 -53.14
C GLU B 464 -63.09 8.72 -54.40
N TYR B 465 -63.55 8.28 -55.57
CA TYR B 465 -63.11 8.84 -56.84
C TYR B 465 -63.61 10.26 -57.03
N ASP B 466 -64.87 10.51 -56.68
CA ASP B 466 -65.38 11.87 -56.72
C ASP B 466 -64.72 12.75 -55.68
N ASP B 467 -64.38 12.19 -54.52
CA ASP B 467 -63.67 12.97 -53.50
C ASP B 467 -62.27 13.34 -53.97
N LEU B 468 -61.57 12.42 -54.62
CA LEU B 468 -60.23 12.74 -55.11
C LEU B 468 -60.27 13.70 -56.28
N LEU B 469 -61.30 13.64 -57.14
CA LEU B 469 -61.43 14.66 -58.17
C LEU B 469 -61.79 16.01 -57.57
N ALA B 470 -62.53 16.02 -56.46
CA ALA B 470 -62.78 17.27 -55.75
C ALA B 470 -61.50 17.84 -55.17
N LEU B 471 -60.62 16.97 -54.66
CA LEU B 471 -59.35 17.43 -54.14
C LEU B 471 -58.45 17.95 -55.26
N ILE B 472 -58.52 17.32 -56.44
CA ILE B 472 -57.78 17.80 -57.60
C ILE B 472 -58.29 19.18 -58.04
N ALA B 473 -59.61 19.36 -58.01
CA ALA B 473 -60.17 20.67 -58.36
C ALA B 473 -59.80 21.73 -57.34
N ASP B 474 -59.72 21.34 -56.06
CA ASP B 474 -59.28 22.27 -55.02
C ASP B 474 -57.82 22.67 -55.22
N LEU B 475 -56.95 21.71 -55.52
CA LEU B 475 -55.54 22.04 -55.70
C LEU B 475 -55.32 22.81 -57.00
N ALA B 476 -56.15 22.58 -58.02
CA ALA B 476 -56.07 23.39 -59.22
C ALA B 476 -56.53 24.82 -58.96
N ASP B 477 -57.53 24.99 -58.07
CA ASP B 477 -57.92 26.33 -57.66
C ASP B 477 -56.84 27.01 -56.83
N ILE B 478 -56.06 26.23 -56.07
CA ILE B 478 -54.93 26.80 -55.35
C ILE B 478 -53.83 27.21 -56.32
N LEU B 479 -53.55 26.37 -57.33
CA LEU B 479 -52.55 26.69 -58.33
C LEU B 479 -53.00 27.77 -59.30
N ALA B 480 -54.29 28.09 -59.36
CA ALA B 480 -54.77 29.09 -60.30
C ALA B 480 -54.82 30.49 -59.72
N LYS B 481 -55.00 30.61 -58.40
CA LYS B 481 -55.21 31.90 -57.76
C LYS B 481 -54.12 32.17 -56.74
N PRO B 482 -53.27 33.18 -56.95
CA PRO B 482 -52.23 33.50 -55.96
C PRO B 482 -52.77 34.08 -54.67
N GLU B 483 -54.03 34.49 -54.62
CA GLU B 483 -54.64 34.97 -53.38
C GLU B 483 -54.68 33.87 -52.33
N ARG B 484 -55.12 32.67 -52.73
CA ARG B 484 -55.20 31.56 -51.81
C ARG B 484 -53.83 31.08 -51.38
N VAL B 485 -52.82 31.30 -52.23
CA VAL B 485 -51.44 30.98 -51.87
C VAL B 485 -51.02 31.80 -50.66
N SER B 486 -51.24 33.12 -50.74
CA SER B 486 -51.00 34.02 -49.63
C SER B 486 -51.86 33.66 -48.43
N GLN B 487 -53.06 33.14 -48.68
CA GLN B 487 -53.94 32.76 -47.59
C GLN B 487 -53.38 31.58 -46.81
N ILE B 488 -52.88 30.56 -47.53
CA ILE B 488 -52.26 29.40 -46.89
C ILE B 488 -51.02 29.83 -46.12
N ILE B 489 -50.27 30.78 -46.69
CA ILE B 489 -49.08 31.31 -46.02
C ILE B 489 -49.46 32.01 -44.72
N LYS B 490 -50.50 32.84 -44.76
CA LYS B 490 -50.98 33.54 -43.57
C LYS B 490 -51.44 32.57 -42.50
N ASP B 491 -52.16 31.52 -42.91
CA ASP B 491 -52.71 30.57 -41.96
C ASP B 491 -51.61 29.80 -41.25
N GLU B 492 -50.62 29.31 -42.01
CA GLU B 492 -49.57 28.52 -41.37
C GLU B 492 -48.63 29.41 -40.57
N LEU B 493 -48.41 30.65 -41.00
CA LEU B 493 -47.61 31.57 -40.21
C LEU B 493 -48.31 31.93 -38.90
N ASP B 494 -49.63 32.10 -38.93
CA ASP B 494 -50.33 32.39 -37.69
C ASP B 494 -50.39 31.17 -36.79
N GLU B 495 -50.36 29.96 -37.38
CA GLU B 495 -50.23 28.75 -36.59
C GLU B 495 -48.90 28.72 -35.86
N VAL B 496 -47.82 29.09 -36.55
CA VAL B 496 -46.51 29.16 -35.93
C VAL B 496 -46.48 30.23 -34.85
N LYS B 497 -47.13 31.37 -35.11
CA LYS B 497 -47.20 32.47 -34.16
C LYS B 497 -47.95 32.07 -32.90
N ARG B 498 -49.00 31.26 -33.05
CA ARG B 498 -49.68 30.73 -31.89
C ARG B 498 -48.78 29.75 -31.14
N LYS B 499 -48.01 28.93 -31.87
CA LYS B 499 -47.28 27.87 -31.20
C LYS B 499 -46.02 28.35 -30.49
N PHE B 500 -45.48 29.52 -30.86
CA PHE B 500 -44.15 29.85 -30.32
C PHE B 500 -43.94 31.28 -29.84
N SER B 501 -44.75 32.25 -30.27
CA SER B 501 -44.34 33.66 -30.19
C SER B 501 -44.37 34.19 -28.75
N ASP B 502 -43.19 34.48 -28.22
CA ASP B 502 -43.04 35.23 -26.98
C ASP B 502 -42.98 36.72 -27.34
N LYS B 503 -42.62 37.56 -26.38
CA LYS B 503 -42.42 38.98 -26.66
C LYS B 503 -40.99 39.39 -26.34
N ARG B 504 -40.75 40.70 -26.51
CA ARG B 504 -39.39 41.23 -26.48
C ARG B 504 -38.81 41.18 -25.08
N ARG B 505 -37.73 40.43 -24.92
CA ARG B 505 -36.93 40.52 -23.72
C ARG B 505 -36.12 41.81 -23.67
N THR B 506 -35.92 42.43 -24.82
CA THR B 506 -35.23 43.70 -24.94
C THR B 506 -36.24 44.83 -25.02
N GLU B 507 -36.01 45.90 -24.26
CA GLU B 507 -36.84 47.09 -24.32
C GLU B 507 -36.20 48.11 -25.24
N LEU B 508 -36.98 48.63 -26.19
CA LEU B 508 -36.55 49.75 -27.00
C LEU B 508 -36.66 51.03 -26.18
N MET B 509 -35.53 51.55 -25.72
CA MET B 509 -35.51 52.81 -25.01
C MET B 509 -35.22 53.94 -25.99
N VAL B 510 -35.24 55.16 -25.48
CA VAL B 510 -34.97 56.33 -26.31
C VAL B 510 -33.75 57.08 -25.78
N LYS C 28 11.58 28.46 51.20
CA LYS C 28 11.70 29.75 51.87
C LYS C 28 12.83 30.59 51.26
N ASN C 29 12.55 31.25 50.14
CA ASN C 29 13.58 31.93 49.37
C ASN C 29 13.68 33.42 49.67
N LEU C 30 12.64 34.20 49.37
CA LEU C 30 12.67 35.63 49.64
C LEU C 30 12.49 35.83 51.14
N VAL C 31 13.27 36.74 51.71
CA VAL C 31 13.25 36.97 53.15
C VAL C 31 12.93 38.43 53.45
N ASN C 32 12.28 39.09 52.50
CA ASN C 32 11.98 40.52 52.57
C ASN C 32 11.02 40.82 53.72
N VAL C 33 11.48 41.60 54.68
CA VAL C 33 10.73 41.78 55.93
C VAL C 33 9.82 43.00 55.93
N ASN C 34 10.35 44.20 55.80
CA ASN C 34 9.65 45.43 56.20
C ASN C 34 8.56 45.75 55.17
N LEU C 35 7.42 45.12 55.37
CA LEU C 35 6.37 45.11 54.37
C LEU C 35 5.00 45.34 55.01
N THR C 36 4.84 46.42 55.77
CA THR C 36 3.52 46.65 56.38
C THR C 36 2.58 47.35 55.41
N LYS C 37 2.86 48.61 55.09
CA LYS C 37 1.99 49.35 54.21
C LYS C 37 2.14 48.90 52.77
N GLU C 38 3.28 48.30 52.43
CA GLU C 38 3.43 47.77 51.09
C GLU C 38 2.65 46.47 50.90
N MET C 39 2.50 45.66 51.95
CA MET C 39 1.61 44.52 51.77
C MET C 39 0.16 44.97 51.80
N LYS C 40 -0.17 46.05 52.51
CA LYS C 40 -1.53 46.56 52.43
C LYS C 40 -1.84 47.13 51.06
N ALA C 41 -0.91 47.90 50.48
CA ALA C 41 -1.13 48.49 49.17
C ALA C 41 -1.15 47.43 48.09
N SER C 42 -0.22 46.46 48.13
CA SER C 42 -0.22 45.40 47.14
C SER C 42 -1.43 44.48 47.31
N PHE C 43 -1.94 44.33 48.53
CA PHE C 43 -3.08 43.47 48.74
C PHE C 43 -4.37 44.14 48.26
N ILE C 44 -4.50 45.45 48.52
CA ILE C 44 -5.63 46.21 47.98
C ILE C 44 -5.57 46.23 46.45
N ASP C 45 -4.36 46.33 45.89
CA ASP C 45 -4.23 46.37 44.44
C ASP C 45 -4.62 45.04 43.82
N TYR C 46 -4.17 43.92 44.39
CA TYR C 46 -4.52 42.64 43.79
C TYR C 46 -5.98 42.30 44.04
N ALA C 47 -6.55 42.75 45.17
CA ALA C 47 -7.97 42.50 45.44
C ALA C 47 -8.87 43.32 44.51
N MET C 48 -8.56 44.60 44.34
CA MET C 48 -9.32 45.43 43.41
C MET C 48 -9.16 44.96 41.98
N SER C 49 -8.00 44.43 41.62
CA SER C 49 -7.84 43.90 40.27
C SER C 49 -8.68 42.65 40.06
N VAL C 50 -8.81 41.82 41.10
CA VAL C 50 -9.72 40.68 41.01
C VAL C 50 -11.16 41.16 40.84
N ILE C 51 -11.62 42.04 41.75
CA ILE C 51 -13.01 42.52 41.78
C ILE C 51 -13.41 43.18 40.48
N VAL C 52 -12.54 44.02 39.93
CA VAL C 52 -12.86 44.68 38.68
C VAL C 52 -12.76 43.69 37.53
N ALA C 53 -11.56 43.15 37.29
CA ALA C 53 -11.29 42.49 36.01
C ALA C 53 -12.01 41.17 35.88
N ARG C 54 -11.92 40.31 36.89
CA ARG C 54 -12.40 38.94 36.72
C ARG C 54 -13.64 38.69 37.55
N ALA C 55 -14.39 39.73 37.89
CA ALA C 55 -15.47 39.62 38.85
C ALA C 55 -16.53 40.65 38.50
N LEU C 56 -17.32 41.01 39.51
CA LEU C 56 -18.65 41.58 39.37
C LEU C 56 -18.65 42.89 38.59
N PRO C 57 -19.58 43.07 37.66
CA PRO C 57 -19.58 44.27 36.83
C PRO C 57 -20.29 45.47 37.42
N ASP C 58 -20.40 46.51 36.60
CA ASP C 58 -20.70 47.88 36.97
C ASP C 58 -22.21 48.11 37.04
N VAL C 59 -22.61 49.17 37.76
CA VAL C 59 -24.00 49.60 37.71
C VAL C 59 -24.30 50.25 36.37
N ARG C 60 -23.50 51.22 35.95
CA ARG C 60 -23.90 52.15 34.91
C ARG C 60 -23.96 51.53 33.53
N ASP C 61 -23.42 50.34 33.32
CA ASP C 61 -23.75 49.64 32.09
C ASP C 61 -23.94 48.14 32.24
N GLY C 62 -23.73 47.57 33.42
CA GLY C 62 -23.94 46.15 33.61
C GLY C 62 -22.99 45.26 32.87
N LEU C 63 -21.85 45.79 32.43
CA LEU C 63 -20.95 45.04 31.58
C LEU C 63 -19.63 44.82 32.29
N LYS C 64 -19.08 43.62 32.12
CA LYS C 64 -17.79 43.32 32.67
C LYS C 64 -16.71 44.02 31.87
N PRO C 65 -15.55 44.31 32.48
CA PRO C 65 -14.49 44.99 31.72
C PRO C 65 -13.95 44.18 30.56
N VAL C 66 -13.96 42.86 30.66
CA VAL C 66 -13.68 42.00 29.51
C VAL C 66 -14.73 42.25 28.44
N HIS C 67 -16.00 42.31 28.84
CA HIS C 67 -17.08 42.54 27.90
C HIS C 67 -17.02 43.94 27.30
N ARG C 68 -16.66 44.92 28.13
CA ARG C 68 -16.54 46.30 27.64
C ARG C 68 -15.45 46.41 26.60
N ARG C 69 -14.33 45.73 26.83
CA ARG C 69 -13.27 45.78 25.83
C ARG C 69 -13.62 44.96 24.59
N ILE C 70 -14.44 43.92 24.74
CA ILE C 70 -14.95 43.20 23.56
C ILE C 70 -15.78 44.13 22.69
N LEU C 71 -16.75 44.81 23.30
CA LEU C 71 -17.65 45.67 22.53
C LEU C 71 -16.92 46.85 21.93
N TYR C 72 -16.00 47.45 22.67
CA TYR C 72 -15.34 48.62 22.12
C TYR C 72 -14.31 48.25 21.06
N GLY C 73 -13.64 47.10 21.20
CA GLY C 73 -12.73 46.67 20.17
C GLY C 73 -13.44 46.27 18.89
N MET C 74 -14.60 45.61 19.04
CA MET C 74 -15.35 45.25 17.85
C MET C 74 -16.04 46.47 17.24
N ASN C 75 -16.23 47.54 18.03
CA ASN C 75 -16.68 48.82 17.49
C ASN C 75 -15.58 49.48 16.67
N GLU C 76 -14.38 49.55 17.22
CA GLU C 76 -13.27 50.17 16.51
C GLU C 76 -12.85 49.38 15.28
N LEU C 77 -13.11 48.07 15.26
CA LEU C 77 -12.96 47.32 14.02
C LEU C 77 -14.15 47.51 13.09
N GLY C 78 -15.25 48.06 13.59
CA GLY C 78 -16.39 48.34 12.75
C GLY C 78 -17.19 47.12 12.35
N VAL C 79 -17.06 46.01 13.08
CA VAL C 79 -17.66 44.75 12.65
C VAL C 79 -19.10 44.79 13.14
N THR C 80 -19.95 45.43 12.35
CA THR C 80 -21.35 45.68 12.58
C THR C 80 -22.16 44.74 11.67
N PRO C 81 -23.50 44.63 11.84
CA PRO C 81 -24.24 43.75 10.94
C PRO C 81 -24.47 44.26 9.51
N ASP C 82 -23.81 45.35 9.09
CA ASP C 82 -23.82 45.65 7.67
C ASP C 82 -22.86 44.75 6.89
N LYS C 83 -21.76 44.39 7.51
CA LYS C 83 -20.79 43.45 6.98
C LYS C 83 -21.12 42.05 7.45
N PRO C 84 -20.68 41.03 6.72
CA PRO C 84 -20.81 39.65 7.22
C PRO C 84 -19.85 39.41 8.36
N HIS C 85 -19.97 38.22 8.95
CA HIS C 85 -19.28 37.88 10.18
C HIS C 85 -17.79 37.73 9.94
N LYS C 86 -17.00 38.15 10.93
CA LYS C 86 -15.55 38.06 10.82
C LYS C 86 -14.99 37.07 11.83
N LYS C 87 -13.78 36.61 11.55
CA LYS C 87 -13.11 35.61 12.37
C LYS C 87 -12.80 36.17 13.75
N SER C 88 -13.25 35.44 14.79
CA SER C 88 -13.15 35.93 16.16
C SER C 88 -11.71 35.97 16.67
N ALA C 89 -10.82 35.19 16.06
CA ALA C 89 -9.42 35.20 16.46
C ALA C 89 -8.78 36.55 16.20
N ARG C 90 -9.16 37.20 15.10
CA ARG C 90 -8.62 38.52 14.79
C ARG C 90 -9.13 39.57 15.76
N ILE C 91 -10.40 39.44 16.18
CA ILE C 91 -10.97 40.35 17.15
C ILE C 91 -10.30 40.20 18.51
N THR C 92 -10.12 38.96 18.96
CA THR C 92 -9.44 38.73 20.23
C THR C 92 -7.96 39.09 20.17
N GLY C 93 -7.34 38.96 19.00
CA GLY C 93 -5.95 39.39 18.86
C GLY C 93 -5.83 40.90 18.92
N ASP C 94 -6.82 41.61 18.38
CA ASP C 94 -6.83 43.07 18.51
C ASP C 94 -7.14 43.49 19.94
N VAL C 95 -7.96 42.70 20.65
CA VAL C 95 -8.18 42.92 22.07
C VAL C 95 -6.88 42.76 22.86
N MET C 96 -6.11 41.72 22.53
CA MET C 96 -4.82 41.51 23.17
C MET C 96 -3.83 42.62 22.84
N GLY C 97 -3.80 43.06 21.59
CA GLY C 97 -2.87 44.09 21.18
C GLY C 97 -3.27 45.49 21.55
N LYS C 98 -4.51 45.72 21.97
CA LYS C 98 -4.91 47.07 22.33
C LYS C 98 -5.39 47.23 23.76
N TYR C 99 -6.30 46.38 24.25
CA TYR C 99 -7.03 46.69 25.47
C TYR C 99 -6.84 45.71 26.62
N HIS C 100 -6.73 44.41 26.36
CA HIS C 100 -6.88 43.51 27.50
C HIS C 100 -5.90 42.34 27.45
N PRO C 101 -4.73 42.47 28.08
CA PRO C 101 -3.66 41.44 27.98
C PRO C 101 -3.83 40.30 28.99
N HIS C 102 -4.68 39.34 28.65
CA HIS C 102 -5.01 38.24 29.55
C HIS C 102 -5.26 36.99 28.72
N GLY C 103 -5.98 36.03 29.28
CA GLY C 103 -6.14 34.74 28.64
C GLY C 103 -6.98 34.82 27.37
N ASP C 104 -6.44 34.26 26.28
CA ASP C 104 -7.14 34.25 25.01
C ASP C 104 -8.40 33.40 25.08
N SER C 105 -8.30 32.24 25.73
CA SER C 105 -9.47 31.39 25.93
C SER C 105 -10.47 32.01 26.90
N SER C 106 -10.03 32.87 27.82
CA SER C 106 -10.98 33.54 28.70
C SER C 106 -11.76 34.61 27.95
N ILE C 107 -11.07 35.39 27.11
CA ILE C 107 -11.74 36.38 26.26
C ILE C 107 -12.71 35.68 25.31
N TYR C 108 -12.28 34.54 24.75
CA TYR C 108 -13.18 33.80 23.88
C TYR C 108 -14.30 33.10 24.63
N GLU C 109 -14.09 32.79 25.91
CA GLU C 109 -15.17 32.29 26.76
C GLU C 109 -16.24 33.35 26.96
N ALA C 110 -15.82 34.60 27.16
CA ALA C 110 -16.78 35.70 27.22
C ALA C 110 -17.48 35.90 25.88
N MET C 111 -16.74 35.71 24.78
CA MET C 111 -17.33 35.77 23.44
C MET C 111 -18.41 34.72 23.25
N VAL C 112 -18.13 33.49 23.67
CA VAL C 112 -19.07 32.39 23.48
C VAL C 112 -20.29 32.55 24.38
N ARG C 113 -20.07 32.93 25.65
CA ARG C 113 -21.19 33.09 26.57
C ARG C 113 -22.08 34.26 26.18
N MET C 114 -21.51 35.33 25.63
CA MET C 114 -22.32 36.46 25.22
C MET C 114 -23.16 36.13 23.99
N ALA C 115 -22.65 35.30 23.09
CA ALA C 115 -23.28 35.06 21.79
C ALA C 115 -24.11 33.79 21.76
N GLN C 116 -24.78 33.45 22.86
CA GLN C 116 -25.69 32.32 22.91
C GLN C 116 -27.02 32.77 23.49
N TRP C 117 -28.11 32.32 22.85
CA TRP C 117 -29.43 32.79 23.26
C TRP C 117 -29.85 32.22 24.60
N TRP C 118 -29.41 31.01 24.94
CA TRP C 118 -29.78 30.41 26.22
C TRP C 118 -28.82 30.77 27.33
N SER C 119 -27.56 31.03 26.99
CA SER C 119 -26.59 31.43 27.99
C SER C 119 -26.72 32.89 28.35
N TYR C 120 -27.40 33.67 27.52
CA TYR C 120 -27.39 35.13 27.67
C TYR C 120 -28.66 35.62 26.98
N ARG C 121 -29.38 36.53 27.66
CA ARG C 121 -30.76 36.82 27.29
C ARG C 121 -30.86 37.51 25.93
N TYR C 122 -30.25 38.67 25.79
CA TYR C 122 -30.25 39.39 24.52
C TYR C 122 -28.82 39.33 24.00
N MET C 123 -28.59 38.54 22.95
CA MET C 123 -27.24 38.29 22.45
C MET C 123 -26.64 39.57 21.89
N LEU C 124 -25.71 40.17 22.64
CA LEU C 124 -25.06 41.38 22.17
C LEU C 124 -24.17 41.08 20.96
N VAL C 125 -23.42 40.00 21.02
CA VAL C 125 -22.69 39.50 19.88
C VAL C 125 -23.56 38.48 19.18
N ASP C 126 -23.72 38.61 17.87
CA ASP C 126 -24.31 37.56 17.06
C ASP C 126 -23.19 36.76 16.42
N GLY C 127 -23.16 35.46 16.69
CA GLY C 127 -22.09 34.61 16.23
C GLY C 127 -22.41 33.89 14.95
N HIS C 128 -21.47 33.05 14.53
CA HIS C 128 -21.54 32.39 13.24
C HIS C 128 -20.72 31.11 13.36
N GLY C 129 -21.41 30.00 13.62
CA GLY C 129 -20.77 28.72 13.81
C GLY C 129 -21.27 28.02 15.05
N ASN C 130 -20.67 26.86 15.32
CA ASN C 130 -21.04 26.08 16.49
C ASN C 130 -20.43 26.71 17.73
N PHE C 131 -21.28 27.07 18.67
CA PHE C 131 -20.83 27.58 19.97
C PHE C 131 -21.12 26.63 21.11
N GLY C 132 -22.33 26.12 21.22
CA GLY C 132 -22.63 25.18 22.27
C GLY C 132 -24.06 24.68 22.17
N SER C 133 -24.53 24.10 23.27
CA SER C 133 -25.89 23.62 23.38
C SER C 133 -26.35 23.83 24.81
N MET C 134 -27.66 23.68 25.03
CA MET C 134 -28.18 23.68 26.39
C MET C 134 -27.76 22.44 27.15
N ASP C 135 -27.38 21.37 26.45
CA ASP C 135 -26.81 20.19 27.09
C ASP C 135 -25.45 20.47 27.69
N GLY C 136 -24.77 21.52 27.24
CA GLY C 136 -23.45 21.85 27.70
C GLY C 136 -22.42 21.44 26.68
N ASP C 137 -22.01 22.40 25.84
CA ASP C 137 -21.07 22.19 24.76
C ASP C 137 -20.28 23.46 24.57
N SER C 138 -19.09 23.32 24.01
CA SER C 138 -18.19 24.45 23.82
C SER C 138 -17.67 24.46 22.39
N ALA C 139 -17.35 25.66 21.91
CA ALA C 139 -16.63 25.78 20.67
C ALA C 139 -15.17 25.42 20.86
N ALA C 140 -14.49 25.11 19.76
CA ALA C 140 -13.12 24.62 19.85
C ALA C 140 -12.15 25.72 20.23
N ALA C 141 -12.04 26.75 19.39
CA ALA C 141 -11.18 27.88 19.68
C ALA C 141 -11.72 29.11 18.98
N GLN C 142 -10.97 30.21 19.09
CA GLN C 142 -11.36 31.51 18.55
C GLN C 142 -11.11 31.62 17.05
N ARG C 143 -10.44 30.65 16.44
CA ARG C 143 -10.09 30.70 15.04
C ARG C 143 -10.91 29.75 14.19
N TYR C 144 -11.94 29.14 14.76
CA TYR C 144 -12.81 28.21 14.04
C TYR C 144 -14.11 28.85 13.60
N THR C 145 -14.69 29.72 14.42
CA THR C 145 -16.00 30.31 14.16
C THR C 145 -15.89 31.83 14.10
N GLU C 146 -16.93 32.44 13.55
CA GLU C 146 -17.00 33.86 13.29
C GLU C 146 -18.00 34.53 14.22
N ALA C 147 -18.00 35.86 14.21
CA ALA C 147 -18.91 36.65 15.03
C ALA C 147 -18.99 38.06 14.47
N ARG C 148 -19.95 38.82 15.00
CA ARG C 148 -20.07 40.26 14.80
C ARG C 148 -20.99 40.80 15.88
N MET C 149 -21.16 42.12 15.88
CA MET C 149 -22.13 42.72 16.78
C MET C 149 -23.55 42.50 16.26
N SER C 150 -24.49 42.37 17.19
CA SER C 150 -25.89 42.25 16.84
C SER C 150 -26.52 43.63 16.84
N LYS C 151 -27.85 43.67 16.78
CA LYS C 151 -28.57 44.94 16.70
C LYS C 151 -28.60 45.67 18.04
N ILE C 152 -28.10 45.06 19.10
CA ILE C 152 -28.18 45.66 20.41
C ILE C 152 -26.86 46.31 20.81
N ALA C 153 -25.76 45.80 20.27
CA ALA C 153 -24.47 46.43 20.51
C ALA C 153 -24.35 47.77 19.79
N LEU C 154 -24.99 47.90 18.64
CA LEU C 154 -25.07 49.21 17.99
C LEU C 154 -25.88 50.19 18.82
N GLU C 155 -26.86 49.70 19.58
CA GLU C 155 -27.52 50.54 20.56
C GLU C 155 -26.58 50.93 21.69
N MET C 156 -25.83 49.96 22.21
CA MET C 156 -24.89 50.21 23.30
C MET C 156 -23.77 51.15 22.92
N LEU C 157 -23.46 51.26 21.62
CA LEU C 157 -22.37 52.07 21.12
C LEU C 157 -22.85 53.24 20.30
N ARG C 158 -24.16 53.46 20.20
CA ARG C 158 -24.66 54.65 19.53
C ARG C 158 -24.34 55.86 20.39
N ASP C 159 -23.75 56.87 19.75
CA ASP C 159 -23.27 58.10 20.39
C ASP C 159 -22.26 57.76 21.49
N ILE C 160 -21.13 57.23 21.04
CA ILE C 160 -19.99 57.04 21.90
C ILE C 160 -18.86 58.03 21.60
N ASN C 161 -18.69 58.43 20.35
CA ASN C 161 -17.51 59.16 19.91
C ASN C 161 -17.69 60.66 20.06
N LYS C 162 -18.52 61.11 20.99
CA LYS C 162 -19.01 62.47 21.02
C LYS C 162 -18.91 63.04 22.42
N ASN C 163 -17.75 62.86 23.07
CA ASN C 163 -17.47 63.31 24.43
C ASN C 163 -18.51 62.77 25.42
N THR C 164 -18.94 61.55 25.20
CA THR C 164 -20.05 61.01 25.96
C THR C 164 -19.57 60.39 27.27
N VAL C 165 -18.57 59.53 27.20
CA VAL C 165 -17.90 59.01 28.39
C VAL C 165 -16.41 59.24 28.23
N ASP C 166 -15.77 59.71 29.30
CA ASP C 166 -14.34 60.01 29.26
C ASP C 166 -13.51 58.76 29.03
N PHE C 167 -12.56 58.86 28.12
CA PHE C 167 -11.62 57.79 27.86
C PHE C 167 -10.50 57.79 28.89
N VAL C 168 -9.78 56.68 28.95
CA VAL C 168 -8.53 56.58 29.69
C VAL C 168 -7.50 55.93 28.78
N ASP C 169 -6.23 56.12 29.13
CA ASP C 169 -5.14 55.45 28.46
C ASP C 169 -4.96 54.07 29.08
N ASN C 170 -4.85 53.05 28.25
CA ASN C 170 -4.67 51.70 28.75
C ASN C 170 -3.19 51.37 28.90
N TYR C 171 -2.90 50.07 29.02
CA TYR C 171 -1.58 49.57 29.41
C TYR C 171 -0.50 49.84 28.37
N ASP C 172 -0.87 50.19 27.14
CA ASP C 172 0.09 50.47 26.08
C ASP C 172 0.25 51.95 25.79
N ALA C 173 -0.51 52.82 26.48
CA ALA C 173 -0.36 54.28 26.49
C ALA C 173 -0.49 54.92 25.12
N ASN C 174 -1.10 54.23 24.15
CA ASN C 174 -1.38 54.80 22.84
C ASN C 174 -2.85 54.62 22.50
N GLU C 175 -3.41 53.49 22.91
CA GLU C 175 -4.84 53.26 22.77
C GLU C 175 -5.59 53.94 23.89
N ARG C 176 -6.84 54.30 23.60
CA ARG C 176 -7.73 54.87 24.59
C ARG C 176 -8.96 53.97 24.69
N GLU C 177 -9.39 53.69 25.91
CA GLU C 177 -10.58 52.89 26.08
C GLU C 177 -11.63 53.65 26.87
N PRO C 178 -12.91 53.30 26.73
CA PRO C 178 -13.94 53.92 27.56
C PRO C 178 -13.98 53.33 28.96
N LEU C 179 -14.21 54.21 29.93
CA LEU C 179 -14.40 53.81 31.31
C LEU C 179 -15.65 52.95 31.45
N VAL C 180 -16.80 53.50 31.08
CA VAL C 180 -18.08 52.80 31.13
C VAL C 180 -18.79 53.02 29.80
N LEU C 181 -19.34 51.97 29.23
CA LEU C 181 -20.01 52.13 27.95
C LEU C 181 -21.28 52.94 28.12
N PRO C 182 -21.51 53.94 27.27
CA PRO C 182 -22.75 54.71 27.37
C PRO C 182 -23.92 53.86 26.96
N ALA C 183 -24.66 53.39 27.94
CA ALA C 183 -25.75 52.49 27.66
C ALA C 183 -26.97 53.28 27.19
N ARG C 184 -27.83 52.59 26.47
CA ARG C 184 -29.11 53.17 26.13
C ARG C 184 -30.26 52.37 26.70
N PHE C 185 -29.97 51.24 27.34
CA PHE C 185 -30.97 50.52 28.09
C PHE C 185 -30.21 49.92 29.26
N PRO C 186 -30.81 49.87 30.43
CA PRO C 186 -30.07 49.38 31.61
C PRO C 186 -29.86 47.87 31.56
N ASN C 187 -28.61 47.50 31.33
CA ASN C 187 -28.26 46.13 30.96
C ASN C 187 -28.10 45.21 32.16
N LEU C 188 -28.00 45.77 33.38
CA LEU C 188 -28.00 44.94 34.58
C LEU C 188 -29.29 44.15 34.69
N LEU C 189 -30.43 44.84 34.62
CA LEU C 189 -31.71 44.18 34.75
C LEU C 189 -31.98 43.24 33.59
N VAL C 190 -31.41 43.54 32.43
CA VAL C 190 -31.64 42.70 31.28
C VAL C 190 -30.84 41.41 31.37
N ASN C 191 -29.55 41.52 31.67
CA ASN C 191 -28.66 40.37 31.52
C ASN C 191 -28.08 39.84 32.82
N GLY C 192 -28.12 40.61 33.90
CA GLY C 192 -27.68 40.12 35.18
C GLY C 192 -26.16 40.09 35.33
N ALA C 193 -25.72 39.86 36.57
CA ALA C 193 -24.32 39.85 36.92
C ALA C 193 -23.99 38.55 37.65
N THR C 194 -23.28 37.66 37.00
CA THR C 194 -22.78 36.48 37.69
C THR C 194 -21.53 36.85 38.50
N GLY C 195 -21.43 36.34 39.73
CA GLY C 195 -20.39 36.82 40.61
C GLY C 195 -19.46 35.79 41.22
N ILE C 196 -18.19 36.15 41.31
CA ILE C 196 -17.19 35.34 41.98
C ILE C 196 -16.94 35.95 43.36
N ALA C 197 -17.15 35.16 44.40
CA ALA C 197 -16.93 35.61 45.77
C ALA C 197 -15.46 35.47 46.12
N VAL C 198 -14.86 36.59 46.51
CA VAL C 198 -13.66 36.58 47.33
C VAL C 198 -14.18 37.12 48.66
N GLY C 199 -15.45 36.77 48.92
CA GLY C 199 -16.23 37.26 50.04
C GLY C 199 -17.57 37.77 49.56
N MET C 200 -17.61 38.18 48.30
CA MET C 200 -18.74 38.94 47.76
C MET C 200 -19.05 38.43 46.35
N ALA C 201 -20.20 37.79 46.18
CA ALA C 201 -20.68 37.33 44.88
C ALA C 201 -22.03 37.95 44.58
N THR C 202 -22.46 37.84 43.33
CA THR C 202 -23.66 38.54 42.88
C THR C 202 -24.41 37.70 41.87
N ASN C 203 -25.70 38.01 41.70
CA ASN C 203 -26.63 37.11 41.02
C ASN C 203 -27.28 37.79 39.81
N ILE C 204 -28.09 37.00 39.10
CA ILE C 204 -28.76 37.36 37.86
C ILE C 204 -30.24 37.58 38.14
N PRO C 205 -30.72 38.79 38.34
CA PRO C 205 -32.13 39.05 38.02
C PRO C 205 -32.29 39.48 36.58
N PRO C 206 -32.76 38.62 35.69
CA PRO C 206 -33.07 39.07 34.35
C PRO C 206 -34.44 39.71 34.33
N HIS C 207 -34.70 40.48 33.27
CA HIS C 207 -35.95 41.22 33.20
C HIS C 207 -36.41 41.33 31.75
N ASN C 208 -37.72 41.46 31.59
CA ASN C 208 -38.30 41.75 30.29
C ASN C 208 -38.00 43.21 29.96
N LEU C 209 -37.56 43.46 28.73
CA LEU C 209 -37.06 44.78 28.36
C LEU C 209 -38.16 45.83 28.39
N GLY C 210 -39.35 45.49 27.89
CA GLY C 210 -40.40 46.48 27.77
C GLY C 210 -40.95 46.91 29.11
N GLU C 211 -41.20 45.93 30.01
CA GLU C 211 -41.62 46.27 31.35
C GLU C 211 -40.53 47.02 32.12
N THR C 212 -39.27 46.71 31.81
CA THR C 212 -38.16 47.42 32.44
C THR C 212 -38.15 48.88 32.02
N ILE C 213 -38.34 49.13 30.73
CA ILE C 213 -38.36 50.48 30.21
C ILE C 213 -39.55 51.25 30.76
N ASP C 214 -40.69 50.57 30.91
CA ASP C 214 -41.85 51.21 31.51
C ASP C 214 -41.62 51.51 32.99
N ALA C 215 -40.86 50.65 33.67
CA ALA C 215 -40.49 50.91 35.06
C ALA C 215 -39.56 52.10 35.14
N VAL C 216 -38.63 52.22 34.19
CA VAL C 216 -37.76 53.38 34.12
C VAL C 216 -38.57 54.65 33.92
N LYS C 217 -39.58 54.58 33.06
CA LYS C 217 -40.44 55.73 32.81
C LYS C 217 -41.21 56.13 34.05
N LEU C 218 -41.75 55.16 34.78
CA LEU C 218 -42.54 55.49 35.95
C LEU C 218 -41.67 55.98 37.11
N VAL C 219 -40.46 55.47 37.23
CA VAL C 219 -39.55 55.98 38.24
C VAL C 219 -39.10 57.40 37.88
N MET C 220 -38.87 57.65 36.60
CA MET C 220 -38.42 58.97 36.20
C MET C 220 -39.57 59.99 36.28
N ASP C 221 -40.80 59.52 36.15
CA ASP C 221 -41.94 60.41 36.36
C ASP C 221 -42.12 60.70 37.84
N ASN C 222 -42.45 59.68 38.63
CA ASN C 222 -42.69 59.91 40.04
C ASN C 222 -41.45 59.53 40.82
N PRO C 223 -40.82 60.46 41.54
CA PRO C 223 -39.60 60.12 42.28
C PRO C 223 -39.85 59.21 43.48
N GLU C 224 -41.10 59.04 43.91
CA GLU C 224 -41.44 58.10 44.96
C GLU C 224 -42.54 57.17 44.45
N VAL C 225 -42.13 56.07 43.82
CA VAL C 225 -43.01 54.96 43.51
C VAL C 225 -42.67 53.84 44.47
N THR C 226 -43.68 53.25 45.10
CA THR C 226 -43.43 52.13 45.98
C THR C 226 -43.05 50.89 45.17
N THR C 227 -42.24 50.03 45.79
CA THR C 227 -41.75 48.84 45.12
C THR C 227 -42.85 47.84 44.83
N LYS C 228 -43.94 47.87 45.59
CA LYS C 228 -45.13 47.11 45.20
C LYS C 228 -45.69 47.63 43.89
N ASP C 229 -45.67 48.94 43.69
CA ASP C 229 -46.19 49.51 42.46
C ASP C 229 -45.24 49.32 41.28
N LEU C 230 -43.99 48.93 41.54
CA LEU C 230 -43.10 48.52 40.46
C LEU C 230 -43.10 47.03 40.25
N MET C 231 -43.47 46.25 41.25
CA MET C 231 -43.82 44.86 41.03
C MET C 231 -45.13 44.73 40.27
N GLU C 232 -46.01 45.74 40.39
CA GLU C 232 -47.09 45.90 39.43
C GLU C 232 -46.53 46.03 38.01
N VAL C 233 -45.46 46.79 37.85
CA VAL C 233 -44.82 46.90 36.56
C VAL C 233 -44.00 45.65 36.26
N LEU C 234 -42.98 45.40 37.07
CA LEU C 234 -42.03 44.35 36.76
C LEU C 234 -42.51 43.03 37.34
N PRO C 235 -42.70 42.01 36.53
CA PRO C 235 -42.99 40.68 37.08
C PRO C 235 -41.76 40.12 37.77
N GLY C 236 -40.64 40.11 37.05
CA GLY C 236 -39.40 39.62 37.59
C GLY C 236 -38.55 38.89 36.56
N PRO C 237 -38.14 37.67 36.88
CA PRO C 237 -37.13 36.98 36.08
C PRO C 237 -37.59 36.51 34.71
N ASP C 238 -37.16 37.22 33.68
CA ASP C 238 -37.42 36.85 32.29
C ASP C 238 -36.24 36.02 31.82
N PHE C 239 -36.35 34.70 31.96
CA PHE C 239 -35.26 33.82 31.65
C PHE C 239 -35.06 33.68 30.14
N PRO C 240 -33.84 33.37 29.70
CA PRO C 240 -33.61 33.15 28.27
C PRO C 240 -34.22 31.88 27.70
N THR C 241 -34.64 30.92 28.55
CA THR C 241 -35.31 29.73 28.07
C THR C 241 -36.71 29.55 28.63
N GLY C 242 -37.13 30.39 29.56
CA GLY C 242 -38.45 30.18 30.16
C GLY C 242 -38.40 29.21 31.32
N ALA C 243 -39.32 29.41 32.26
CA ALA C 243 -39.46 28.59 33.46
C ALA C 243 -40.79 28.93 34.12
N LEU C 244 -40.94 28.47 35.36
CA LEU C 244 -41.98 28.90 36.28
C LEU C 244 -41.32 29.43 37.54
N VAL C 245 -41.77 30.58 38.01
CA VAL C 245 -41.23 31.20 39.21
C VAL C 245 -42.24 31.04 40.33
N MET C 246 -41.84 30.34 41.38
CA MET C 246 -42.61 30.24 42.60
C MET C 246 -42.08 31.24 43.63
N GLY C 247 -42.99 31.93 44.28
CA GLY C 247 -42.63 32.82 45.36
C GLY C 247 -42.61 34.27 44.94
N LYS C 248 -43.68 34.99 45.24
CA LYS C 248 -43.68 36.43 45.03
C LYS C 248 -43.17 37.13 46.28
N SER C 249 -43.14 36.42 47.41
CA SER C 249 -42.58 36.96 48.64
C SER C 249 -41.07 37.16 48.51
N GLY C 250 -40.36 36.16 47.97
CA GLY C 250 -38.93 36.31 47.75
C GLY C 250 -38.61 37.33 46.69
N ILE C 251 -39.49 37.47 45.69
CA ILE C 251 -39.37 38.55 44.71
C ILE C 251 -39.49 39.91 45.38
N HIS C 252 -40.45 40.07 46.28
CA HIS C 252 -40.65 41.34 46.96
C HIS C 252 -39.48 41.65 47.89
N LYS C 253 -38.99 40.63 48.59
CA LYS C 253 -37.78 40.75 49.40
C LYS C 253 -36.58 41.16 48.56
N ALA C 254 -36.46 40.62 47.35
CA ALA C 254 -35.32 40.90 46.49
C ALA C 254 -35.35 42.34 45.99
N TYR C 255 -36.48 42.78 45.46
CA TYR C 255 -36.50 44.14 44.94
C TYR C 255 -36.73 45.19 46.02
N GLU C 256 -36.89 44.78 47.28
CA GLU C 256 -36.76 45.75 48.36
C GLU C 256 -35.32 45.85 48.88
N THR C 257 -34.75 44.73 49.33
CA THR C 257 -33.48 44.76 50.04
C THR C 257 -32.28 44.35 49.19
N GLY C 258 -32.49 43.53 48.18
CA GLY C 258 -31.39 43.08 47.35
C GLY C 258 -31.12 41.60 47.58
N LYS C 259 -31.12 41.18 48.82
CA LYS C 259 -30.93 39.77 49.14
C LYS C 259 -32.27 39.07 49.18
N GLY C 260 -32.29 37.86 48.64
CA GLY C 260 -33.49 37.04 48.69
C GLY C 260 -33.27 35.76 47.91
N SER C 261 -34.34 34.98 47.82
CA SER C 261 -34.32 33.79 46.98
C SER C 261 -35.73 33.50 46.50
N ILE C 262 -35.82 33.07 45.25
CA ILE C 262 -37.07 32.61 44.68
C ILE C 262 -36.90 31.14 44.33
N VAL C 263 -37.99 30.50 43.91
CA VAL C 263 -37.96 29.09 43.59
C VAL C 263 -38.25 28.95 42.10
N LEU C 264 -37.54 28.03 41.45
CA LEU C 264 -37.70 27.83 40.01
C LEU C 264 -38.27 26.44 39.78
N ARG C 265 -39.55 26.39 39.44
CA ARG C 265 -40.25 25.17 39.05
C ARG C 265 -40.40 25.17 37.53
N SER C 266 -39.98 24.07 36.89
CA SER C 266 -40.00 23.97 35.44
C SER C 266 -41.43 23.92 34.92
N ARG C 267 -41.60 24.33 33.66
CA ARG C 267 -42.91 24.22 33.00
C ARG C 267 -43.18 22.76 32.71
N THR C 268 -43.86 22.12 33.66
CA THR C 268 -44.22 20.72 33.59
C THR C 268 -45.75 20.62 33.60
N GLU C 269 -46.25 19.62 32.90
CA GLU C 269 -47.68 19.39 32.89
C GLU C 269 -47.96 17.91 32.88
N ILE C 270 -49.08 17.53 33.48
CA ILE C 270 -49.50 16.14 33.60
C ILE C 270 -50.57 15.88 32.55
N GLU C 271 -50.30 14.94 31.66
CA GLU C 271 -51.20 14.61 30.56
C GLU C 271 -51.53 13.12 30.66
N THR C 272 -52.79 12.82 30.93
CA THR C 272 -53.23 11.45 31.16
C THR C 272 -53.67 10.82 29.85
N THR C 273 -53.06 9.70 29.50
CA THR C 273 -53.44 8.96 28.31
C THR C 273 -54.76 8.23 28.56
N LYS C 274 -55.45 7.91 27.46
CA LYS C 274 -56.64 7.07 27.54
C LYS C 274 -56.26 5.64 27.94
N THR C 275 -55.05 5.21 27.59
CA THR C 275 -54.55 3.90 27.99
C THR C 275 -54.39 3.82 29.51
N GLY C 276 -53.73 4.81 30.11
CA GLY C 276 -53.65 4.87 31.56
C GLY C 276 -52.29 5.29 32.09
N ARG C 277 -51.24 5.07 31.29
CA ARG C 277 -49.88 5.40 31.69
C ARG C 277 -49.65 6.89 31.46
N GLU C 278 -49.62 7.67 32.54
CA GLU C 278 -49.66 9.13 32.46
C GLU C 278 -48.33 9.70 31.97
N ARG C 279 -48.35 11.02 31.76
CA ARG C 279 -47.33 11.71 30.99
C ARG C 279 -46.91 12.96 31.75
N ILE C 280 -45.60 13.21 31.86
CA ILE C 280 -45.09 14.47 32.34
C ILE C 280 -44.38 15.13 31.17
N VAL C 281 -44.97 16.21 30.67
CA VAL C 281 -44.38 17.00 29.60
C VAL C 281 -43.62 18.14 30.25
N VAL C 282 -42.30 18.12 30.13
CA VAL C 282 -41.43 19.15 30.65
C VAL C 282 -40.87 19.93 29.47
N THR C 283 -41.05 21.26 29.48
CA THR C 283 -40.65 22.07 28.35
C THR C 283 -39.67 23.19 28.70
N GLU C 284 -39.59 23.61 29.97
CA GLU C 284 -38.78 24.79 30.33
C GLU C 284 -37.97 24.50 31.60
N PHE C 285 -36.78 23.93 31.42
CA PHE C 285 -35.83 23.84 32.51
C PHE C 285 -35.38 25.24 32.95
N PRO C 286 -35.04 25.42 34.25
CA PRO C 286 -34.76 26.78 34.74
C PRO C 286 -33.44 27.34 34.28
N TYR C 287 -33.11 28.52 34.83
CA TYR C 287 -31.98 29.30 34.36
C TYR C 287 -30.65 28.62 34.68
N MET C 288 -29.87 28.39 33.62
CA MET C 288 -28.53 27.79 33.68
C MET C 288 -28.56 26.41 34.36
N VAL C 289 -29.49 25.58 33.92
CA VAL C 289 -29.57 24.19 34.34
C VAL C 289 -29.45 23.31 33.09
N ASN C 290 -28.56 22.32 33.17
CA ASN C 290 -28.37 21.36 32.09
C ASN C 290 -29.65 20.55 31.87
N LYS C 291 -29.82 20.09 30.64
CA LYS C 291 -30.82 19.07 30.31
C LYS C 291 -30.27 17.68 30.60
N THR C 292 -29.07 17.39 30.09
CA THR C 292 -28.52 16.05 30.09
C THR C 292 -28.22 15.58 31.50
N LYS C 293 -27.70 16.47 32.33
CA LYS C 293 -27.40 16.12 33.72
C LYS C 293 -28.68 15.83 34.49
N VAL C 294 -29.75 16.57 34.20
CA VAL C 294 -31.02 16.34 34.89
C VAL C 294 -31.66 15.03 34.47
N HIS C 295 -31.62 14.71 33.17
CA HIS C 295 -32.19 13.44 32.73
C HIS C 295 -31.37 12.25 33.21
N GLU C 296 -30.04 12.37 33.23
CA GLU C 296 -29.21 11.32 33.82
C GLU C 296 -29.43 11.20 35.32
N HIS C 297 -29.68 12.32 36.00
CA HIS C 297 -30.01 12.28 37.42
C HIS C 297 -31.35 11.62 37.67
N ILE C 298 -32.31 11.82 36.75
CA ILE C 298 -33.62 11.17 36.88
C ILE C 298 -33.50 9.65 36.67
N VAL C 299 -32.75 9.24 35.64
CA VAL C 299 -32.55 7.81 35.39
C VAL C 299 -31.77 7.17 36.54
N ARG C 300 -30.81 7.91 37.10
CA ARG C 300 -30.07 7.42 38.26
C ARG C 300 -30.97 7.31 39.49
N LEU C 301 -31.86 8.27 39.71
CA LEU C 301 -32.83 8.18 40.81
C LEU C 301 -33.84 7.04 40.60
N VAL C 302 -34.10 6.67 39.35
CA VAL C 302 -34.83 5.43 39.11
C VAL C 302 -33.99 4.24 39.55
N GLN C 303 -32.70 4.23 39.20
CA GLN C 303 -31.84 3.13 39.58
C GLN C 303 -31.18 3.31 40.94
N GLU C 304 -31.36 4.46 41.61
CA GLU C 304 -31.04 4.52 43.03
C GLU C 304 -32.18 4.00 43.88
N LYS C 305 -33.38 3.90 43.31
CA LYS C 305 -34.51 3.14 43.85
C LYS C 305 -35.01 3.69 45.18
N ARG C 306 -34.92 5.00 45.36
CA ARG C 306 -35.54 5.61 46.54
C ARG C 306 -37.04 5.71 46.36
N ILE C 307 -37.48 6.11 45.16
CA ILE C 307 -38.90 6.13 44.83
C ILE C 307 -39.05 5.65 43.39
N GLU C 308 -40.16 4.97 43.11
CA GLU C 308 -40.43 4.34 41.83
C GLU C 308 -41.69 4.94 41.22
N GLY C 309 -42.03 4.47 40.01
CA GLY C 309 -43.17 4.95 39.26
C GLY C 309 -42.83 5.53 37.91
N ILE C 310 -41.59 5.95 37.70
CA ILE C 310 -41.14 6.44 36.41
C ILE C 310 -40.91 5.24 35.49
N THR C 311 -41.58 5.24 34.34
CA THR C 311 -41.33 4.19 33.36
C THR C 311 -40.06 4.47 32.58
N ALA C 312 -40.02 5.59 31.86
CA ALA C 312 -38.89 5.90 30.99
C ALA C 312 -38.84 7.40 30.75
N VAL C 313 -37.82 7.82 30.00
CA VAL C 313 -37.61 9.20 29.61
C VAL C 313 -37.39 9.24 28.11
N ARG C 314 -38.17 10.07 27.42
CA ARG C 314 -38.00 10.27 25.97
C ARG C 314 -37.41 11.66 25.74
N ASP C 315 -36.19 11.68 25.21
CA ASP C 315 -35.51 12.90 24.78
C ASP C 315 -35.68 12.98 23.27
N GLU C 316 -36.79 13.54 22.82
CA GLU C 316 -37.25 13.43 21.43
C GLU C 316 -36.85 14.63 20.59
N SER C 317 -35.69 15.22 20.85
CA SER C 317 -35.18 16.29 20.01
C SER C 317 -33.66 16.21 19.91
N ASN C 318 -33.14 16.63 18.77
CA ASN C 318 -31.70 16.75 18.56
C ASN C 318 -31.23 18.14 18.94
N ARG C 319 -31.76 19.16 18.27
CA ARG C 319 -31.52 20.55 18.62
C ARG C 319 -32.76 21.42 18.58
N GLU C 320 -33.87 20.93 18.02
CA GLU C 320 -35.00 21.77 17.64
C GLU C 320 -36.22 21.43 18.48
N GLY C 321 -36.73 22.44 19.19
CA GLY C 321 -37.92 22.27 20.00
C GLY C 321 -37.60 21.69 21.36
N VAL C 322 -38.03 22.36 22.42
CA VAL C 322 -37.75 21.90 23.79
C VAL C 322 -39.09 21.47 24.38
N ARG C 323 -39.41 20.20 24.18
CA ARG C 323 -40.59 19.56 24.75
C ARG C 323 -40.26 18.09 24.93
N PHE C 324 -40.25 17.63 26.17
CA PHE C 324 -39.72 16.30 26.45
C PHE C 324 -40.66 15.55 27.39
N VAL C 325 -40.90 14.29 27.05
CA VAL C 325 -41.91 13.45 27.69
C VAL C 325 -41.19 12.46 28.60
N ILE C 326 -41.56 12.45 29.86
CA ILE C 326 -41.15 11.41 30.80
C ILE C 326 -42.41 10.71 31.29
N GLU C 327 -42.41 9.38 31.17
CA GLU C 327 -43.61 8.58 31.34
C GLU C 327 -43.76 8.12 32.78
N VAL C 328 -44.97 8.21 33.30
CA VAL C 328 -45.34 7.59 34.57
C VAL C 328 -46.24 6.42 34.24
N LYS C 329 -46.02 5.30 34.92
CA LYS C 329 -46.67 4.04 34.61
C LYS C 329 -48.17 4.08 34.96
N ARG C 330 -48.84 2.98 34.63
CA ARG C 330 -50.23 2.78 35.05
C ARG C 330 -50.30 2.69 36.56
N ASP C 331 -51.41 3.21 37.11
CA ASP C 331 -51.74 3.16 38.54
C ASP C 331 -50.70 3.91 39.37
N ALA C 332 -50.44 5.16 38.96
CA ALA C 332 -49.54 6.05 39.69
C ALA C 332 -49.91 7.48 39.33
N SER C 333 -50.38 8.25 40.31
CA SER C 333 -50.72 9.65 40.08
C SER C 333 -49.44 10.44 39.85
N ALA C 334 -49.31 11.02 38.64
CA ALA C 334 -48.05 11.64 38.25
C ALA C 334 -47.78 12.96 38.95
N ASN C 335 -48.74 13.49 39.73
CA ASN C 335 -48.44 14.65 40.55
C ASN C 335 -47.56 14.27 41.75
N VAL C 336 -47.67 13.03 42.22
CA VAL C 336 -46.77 12.54 43.26
C VAL C 336 -45.34 12.44 42.73
N ILE C 337 -45.19 11.86 41.54
CA ILE C 337 -43.90 11.76 40.88
C ILE C 337 -43.36 13.14 40.54
N LEU C 338 -44.26 14.07 40.20
CA LEU C 338 -43.87 15.42 39.84
C LEU C 338 -43.35 16.20 41.04
N ASN C 339 -44.04 16.09 42.18
CA ASN C 339 -43.57 16.70 43.42
C ASN C 339 -42.26 16.08 43.89
N ASN C 340 -42.07 14.77 43.65
CA ASN C 340 -40.84 14.14 44.10
C ASN C 340 -39.65 14.47 43.20
N LEU C 341 -39.86 14.60 41.89
CA LEU C 341 -38.79 15.08 41.02
C LEU C 341 -38.50 16.56 41.26
N PHE C 342 -39.50 17.32 41.72
CA PHE C 342 -39.25 18.69 42.13
C PHE C 342 -38.45 18.74 43.44
N LYS C 343 -38.70 17.79 44.33
CA LYS C 343 -37.95 17.72 45.58
C LYS C 343 -36.50 17.32 45.33
N MET C 344 -36.27 16.33 44.47
CA MET C 344 -34.96 15.72 44.31
C MET C 344 -34.10 16.44 43.26
N THR C 345 -34.58 16.50 42.03
CA THR C 345 -33.74 16.81 40.88
C THR C 345 -33.44 18.30 40.80
N GLN C 346 -32.74 18.68 39.74
CA GLN C 346 -32.56 20.09 39.38
C GLN C 346 -33.64 20.54 38.40
N MET C 347 -34.88 20.26 38.73
CA MET C 347 -36.03 20.69 37.95
C MET C 347 -36.83 21.78 38.63
N GLN C 348 -36.94 21.71 39.95
CA GLN C 348 -37.37 22.83 40.78
C GLN C 348 -36.28 23.08 41.81
N THR C 349 -35.56 24.20 41.63
CA THR C 349 -34.41 24.56 42.45
C THR C 349 -34.69 25.85 43.21
N ASN C 350 -33.74 26.22 44.06
CA ASN C 350 -33.71 27.57 44.59
C ASN C 350 -32.87 28.45 43.68
N PHE C 351 -33.06 29.75 43.82
CA PHE C 351 -32.24 30.69 43.07
C PHE C 351 -32.16 31.97 43.87
N GLY C 352 -30.95 32.34 44.26
CA GLY C 352 -30.75 33.50 45.08
C GLY C 352 -30.62 34.77 44.25
N PHE C 353 -31.10 35.87 44.82
CA PHE C 353 -30.86 37.21 44.31
C PHE C 353 -30.01 37.96 45.31
N ASN C 354 -28.92 38.54 44.82
CA ASN C 354 -28.09 39.45 45.62
C ASN C 354 -27.50 40.46 44.64
N MET C 355 -28.19 41.59 44.47
CA MET C 355 -27.85 42.56 43.44
C MET C 355 -26.70 43.41 43.94
N LEU C 356 -25.49 42.91 43.69
CA LEU C 356 -24.24 43.51 44.12
C LEU C 356 -23.46 43.97 42.91
N ALA C 357 -23.15 45.25 42.84
CA ALA C 357 -22.42 45.78 41.70
C ALA C 357 -21.70 47.06 42.12
N ILE C 358 -20.91 47.60 41.19
CA ILE C 358 -20.05 48.74 41.47
C ILE C 358 -20.84 50.02 41.27
N GLN C 359 -21.00 50.79 42.34
CA GLN C 359 -21.51 52.15 42.22
C GLN C 359 -20.48 53.06 42.86
N ASN C 360 -20.15 54.16 42.16
CA ASN C 360 -19.20 55.19 42.59
C ASN C 360 -17.83 54.62 42.91
N GLY C 361 -17.47 53.46 42.35
CA GLY C 361 -16.19 52.84 42.62
C GLY C 361 -16.19 51.80 43.72
N ILE C 362 -17.29 51.62 44.44
CA ILE C 362 -17.29 50.58 45.49
C ILE C 362 -18.33 49.52 45.15
N PRO C 363 -18.15 48.27 45.59
CA PRO C 363 -19.22 47.29 45.44
C PRO C 363 -20.27 47.49 46.51
N LYS C 364 -21.53 47.46 46.10
CA LYS C 364 -22.65 47.62 47.02
C LYS C 364 -23.78 46.71 46.61
N ILE C 365 -24.51 46.24 47.61
CA ILE C 365 -25.78 45.56 47.39
C ILE C 365 -26.84 46.64 47.21
N LEU C 366 -27.46 46.66 46.04
CA LEU C 366 -28.38 47.72 45.67
C LEU C 366 -29.75 47.16 45.33
N SER C 367 -30.77 47.98 45.55
CA SER C 367 -32.13 47.55 45.30
C SER C 367 -32.56 47.91 43.87
N LEU C 368 -33.76 47.46 43.51
CA LEU C 368 -34.31 47.75 42.20
C LEU C 368 -34.56 49.24 42.02
N ARG C 369 -34.99 49.91 43.10
CA ARG C 369 -35.11 51.35 43.08
C ARG C 369 -33.76 52.01 42.84
N GLN C 370 -32.72 51.54 43.50
CA GLN C 370 -31.42 52.19 43.47
C GLN C 370 -30.72 51.98 42.13
N ILE C 371 -30.87 50.78 41.55
CA ILE C 371 -30.35 50.52 40.21
C ILE C 371 -30.93 51.48 39.20
N LEU C 372 -32.24 51.69 39.27
CA LEU C 372 -32.88 52.51 38.26
C LEU C 372 -32.71 53.99 38.52
N ASP C 373 -32.61 54.41 39.79
CA ASP C 373 -32.24 55.78 40.10
C ASP C 373 -30.85 56.11 39.56
N ALA C 374 -29.90 55.19 39.75
CA ALA C 374 -28.55 55.41 39.25
C ALA C 374 -28.50 55.38 37.73
N TYR C 375 -29.30 54.51 37.10
CA TYR C 375 -29.33 54.46 35.65
C TYR C 375 -29.94 55.74 35.06
N ILE C 376 -30.98 56.27 35.69
CA ILE C 376 -31.57 57.51 35.23
C ILE C 376 -30.59 58.67 35.39
N GLU C 377 -29.84 58.68 36.50
CA GLU C 377 -28.79 59.69 36.66
C GLU C 377 -27.72 59.56 35.59
N HIS C 378 -27.37 58.33 35.22
CA HIS C 378 -26.36 58.14 34.19
C HIS C 378 -26.87 58.56 32.82
N GLN C 379 -28.15 58.32 32.53
CA GLN C 379 -28.66 58.77 31.24
C GLN C 379 -28.81 60.28 31.20
N LYS C 380 -29.08 60.92 32.35
CA LYS C 380 -29.01 62.37 32.40
C LYS C 380 -27.62 62.88 32.09
N GLU C 381 -26.60 62.20 32.63
CA GLU C 381 -25.21 62.55 32.33
C GLU C 381 -24.91 62.36 30.85
N VAL C 382 -25.39 61.26 30.26
CA VAL C 382 -25.16 60.96 28.84
C VAL C 382 -25.80 62.03 27.96
N VAL C 383 -27.03 62.40 28.28
CA VAL C 383 -27.77 63.36 27.47
C VAL C 383 -27.15 64.74 27.59
N VAL C 384 -26.76 65.16 28.80
CA VAL C 384 -26.14 66.46 28.99
C VAL C 384 -24.80 66.53 28.27
N ARG C 385 -24.00 65.45 28.32
CA ARG C 385 -22.70 65.51 27.64
C ARG C 385 -22.84 65.48 26.14
N ARG C 386 -23.78 64.68 25.61
CA ARG C 386 -23.98 64.64 24.17
C ARG C 386 -24.53 65.96 23.65
N THR C 387 -25.44 66.57 24.42
CA THR C 387 -26.01 67.85 24.04
C THR C 387 -24.97 68.95 24.09
N ARG C 388 -24.10 68.93 25.09
CA ARG C 388 -23.02 69.91 25.14
C ARG C 388 -22.02 69.69 24.02
N PHE C 389 -21.80 68.44 23.60
CA PHE C 389 -20.89 68.20 22.48
C PHE C 389 -21.45 68.74 21.18
N ASP C 390 -22.72 68.47 20.92
CA ASP C 390 -23.30 68.99 19.68
C ASP C 390 -23.44 70.50 19.72
N LYS C 391 -23.62 71.08 20.92
CA LYS C 391 -23.61 72.53 21.02
C LYS C 391 -22.21 73.08 20.76
N GLU C 392 -21.17 72.36 21.19
CA GLU C 392 -19.80 72.76 20.87
C GLU C 392 -19.54 72.71 19.38
N LYS C 393 -19.98 71.64 18.72
CA LYS C 393 -19.73 71.47 17.29
C LYS C 393 -20.49 72.52 16.47
N ALA C 394 -21.79 72.67 16.75
CA ALA C 394 -22.57 73.68 16.05
C ALA C 394 -22.14 75.10 16.42
N GLU C 395 -21.62 75.31 17.63
CA GLU C 395 -21.18 76.63 18.03
C GLU C 395 -19.88 76.99 17.35
N ALA C 396 -18.99 76.01 17.16
CA ALA C 396 -17.77 76.27 16.41
C ALA C 396 -18.07 76.52 14.94
N ARG C 397 -19.02 75.78 14.38
CA ARG C 397 -19.39 76.00 12.98
C ARG C 397 -20.09 77.35 12.81
N ALA C 398 -20.92 77.74 13.77
CA ALA C 398 -21.56 79.05 13.74
C ALA C 398 -20.55 80.17 13.97
N HIS C 399 -19.48 79.90 14.73
CA HIS C 399 -18.41 80.87 14.91
C HIS C 399 -17.66 81.10 13.60
N ILE C 400 -17.34 80.02 12.89
CA ILE C 400 -16.67 80.14 11.59
C ILE C 400 -17.59 80.81 10.57
N LEU C 401 -18.88 80.47 10.61
CA LEU C 401 -19.82 81.03 9.66
C LEU C 401 -20.13 82.47 9.99
N GLU C 402 -20.02 82.85 11.27
CA GLU C 402 -20.15 84.25 11.65
C GLU C 402 -18.94 85.06 11.19
N GLY C 403 -17.75 84.47 11.27
CA GLY C 403 -16.58 85.14 10.70
C GLY C 403 -16.70 85.37 9.21
N LEU C 404 -17.20 84.35 8.48
CA LEU C 404 -17.47 84.56 7.06
C LEU C 404 -18.62 85.53 6.83
N LEU C 405 -19.55 85.63 7.78
CA LEU C 405 -20.65 86.58 7.62
C LEU C 405 -20.16 88.01 7.81
N ILE C 406 -19.23 88.22 8.74
CA ILE C 406 -18.58 89.52 8.90
C ILE C 406 -17.73 89.85 7.68
N ALA C 407 -17.12 88.82 7.06
CA ALA C 407 -16.44 89.02 5.79
C ALA C 407 -17.42 89.47 4.70
N LEU C 408 -18.62 88.90 4.69
CA LEU C 408 -19.65 89.32 3.76
C LEU C 408 -20.22 90.69 4.10
N ASP C 409 -20.05 91.15 5.34
CA ASP C 409 -20.54 92.47 5.72
C ASP C 409 -19.73 93.56 5.02
N HIS C 410 -18.45 93.62 5.31
CA HIS C 410 -17.54 94.60 4.70
C HIS C 410 -16.56 93.82 3.84
N ILE C 411 -16.96 93.51 2.61
CA ILE C 411 -16.08 92.76 1.72
C ILE C 411 -14.95 93.66 1.24
N ASP C 412 -15.23 94.94 1.05
CA ASP C 412 -14.30 95.85 0.37
C ASP C 412 -13.10 96.15 1.24
N GLU C 413 -13.30 96.28 2.55
CA GLU C 413 -12.18 96.51 3.45
C GLU C 413 -11.27 95.30 3.55
N VAL C 414 -11.87 94.10 3.52
CA VAL C 414 -11.11 92.86 3.55
C VAL C 414 -10.27 92.72 2.29
N ILE C 415 -10.87 93.04 1.13
CA ILE C 415 -10.14 93.01 -0.14
C ILE C 415 -9.03 94.05 -0.14
N ARG C 416 -9.31 95.24 0.43
CA ARG C 416 -8.32 96.31 0.50
C ARG C 416 -7.14 95.93 1.38
N ILE C 417 -7.37 95.18 2.44
CA ILE C 417 -6.28 94.72 3.28
C ILE C 417 -5.52 93.56 2.63
N ILE C 418 -6.23 92.66 1.93
CA ILE C 418 -5.57 91.56 1.22
C ILE C 418 -4.67 92.09 0.10
N ARG C 419 -5.14 93.11 -0.62
CA ARG C 419 -4.32 93.76 -1.63
C ARG C 419 -3.16 94.53 -1.01
N ALA C 420 -3.31 94.98 0.23
CA ALA C 420 -2.23 95.65 0.94
C ALA C 420 -1.38 94.68 1.76
N SER C 421 -1.69 93.40 1.71
CA SER C 421 -0.95 92.41 2.49
C SER C 421 0.30 91.97 1.74
N GLU C 422 1.20 91.34 2.48
CA GLU C 422 2.42 90.79 1.91
C GLU C 422 2.58 89.31 2.23
N THR C 423 2.18 88.88 3.43
CA THR C 423 2.15 87.48 3.82
C THR C 423 0.75 87.14 4.30
N ASP C 424 0.48 85.84 4.43
CA ASP C 424 -0.83 85.39 4.91
C ASP C 424 -1.00 85.69 6.39
N ALA C 425 0.10 85.60 7.15
CA ALA C 425 0.05 85.92 8.57
C ALA C 425 -0.24 87.40 8.79
N GLU C 426 0.34 88.27 7.94
CA GLU C 426 0.02 89.69 7.98
C GLU C 426 -1.44 89.94 7.68
N ALA C 427 -1.97 89.24 6.66
CA ALA C 427 -3.35 89.44 6.26
C ALA C 427 -4.32 89.03 7.35
N GLN C 428 -4.08 87.86 7.96
CA GLN C 428 -4.98 87.41 9.02
C GLN C 428 -4.83 88.25 10.28
N ALA C 429 -3.61 88.74 10.56
CA ALA C 429 -3.42 89.59 11.74
C ALA C 429 -4.10 90.94 11.56
N GLU C 430 -4.01 91.52 10.36
CA GLU C 430 -4.66 92.80 10.13
C GLU C 430 -6.17 92.66 10.06
N LEU C 431 -6.69 91.53 9.57
CA LEU C 431 -8.14 91.31 9.61
C LEU C 431 -8.63 91.13 11.04
N MET C 432 -7.91 90.36 11.85
CA MET C 432 -8.28 90.21 13.25
C MET C 432 -8.13 91.51 14.03
N SER C 433 -7.21 92.38 13.60
CA SER C 433 -7.06 93.68 14.24
C SER C 433 -8.17 94.64 13.84
N LYS C 434 -8.63 94.54 12.59
CA LYS C 434 -9.56 95.52 12.06
C LYS C 434 -11.01 95.16 12.33
N PHE C 435 -11.35 93.87 12.37
CA PHE C 435 -12.74 93.48 12.55
C PHE C 435 -12.94 92.54 13.73
N LYS C 436 -11.96 92.48 14.66
CA LYS C 436 -12.05 91.76 15.94
C LYS C 436 -12.32 90.26 15.72
N LEU C 437 -11.48 89.65 14.91
CA LEU C 437 -11.73 88.30 14.42
C LEU C 437 -10.86 87.30 15.16
N SER C 438 -11.11 86.02 14.89
CA SER C 438 -10.34 84.93 15.45
C SER C 438 -9.37 84.40 14.41
N GLU C 439 -8.51 83.48 14.86
CA GLU C 439 -7.63 82.78 13.92
C GLU C 439 -8.44 81.87 13.01
N ARG C 440 -9.43 81.18 13.56
CA ARG C 440 -10.32 80.35 12.76
C ARG C 440 -11.11 81.19 11.77
N GLN C 441 -11.61 82.34 12.23
CA GLN C 441 -12.37 83.24 11.38
C GLN C 441 -11.50 83.81 10.27
N SER C 442 -10.27 84.22 10.60
CA SER C 442 -9.40 84.81 9.60
C SER C 442 -8.90 83.79 8.60
N GLN C 443 -8.65 82.54 9.03
CA GLN C 443 -8.31 81.48 8.08
C GLN C 443 -9.48 81.16 7.17
N ALA C 444 -10.71 81.19 7.70
CA ALA C 444 -11.87 80.94 6.86
C ALA C 444 -12.07 82.06 5.85
N ILE C 445 -11.77 83.30 6.23
CA ILE C 445 -11.89 84.42 5.30
C ILE C 445 -10.82 84.34 4.22
N LEU C 446 -9.58 84.07 4.60
CA LEU C 446 -8.51 83.98 3.62
C LEU C 446 -8.55 82.69 2.81
N ASP C 447 -9.40 81.73 3.18
CA ASP C 447 -9.65 80.57 2.36
C ASP C 447 -11.06 80.57 1.77
N MET C 448 -11.79 81.67 1.91
CA MET C 448 -13.12 81.78 1.34
C MET C 448 -13.04 81.89 -0.18
N ARG C 449 -13.91 81.13 -0.85
CA ARG C 449 -13.89 81.09 -2.30
C ARG C 449 -14.64 82.28 -2.89
N LEU C 450 -14.08 82.86 -3.95
CA LEU C 450 -14.61 84.10 -4.52
C LEU C 450 -15.98 83.90 -5.14
N ARG C 451 -16.26 82.68 -5.59
CA ARG C 451 -17.58 82.32 -6.11
C ARG C 451 -18.65 82.45 -5.04
N ARG C 452 -18.26 82.32 -3.77
CA ARG C 452 -19.14 82.53 -2.64
C ARG C 452 -19.35 84.01 -2.31
N LEU C 453 -18.87 84.92 -3.16
CA LEU C 453 -19.09 86.35 -2.99
C LEU C 453 -20.29 86.85 -3.78
N THR C 454 -21.44 86.17 -3.64
CA THR C 454 -22.65 86.57 -4.36
C THR C 454 -23.83 86.53 -3.42
N GLY C 455 -24.90 87.24 -3.82
CA GLY C 455 -26.13 87.20 -3.06
C GLY C 455 -26.84 85.87 -3.14
N LEU C 456 -26.54 85.07 -4.18
CA LEU C 456 -27.03 83.71 -4.25
C LEU C 456 -26.33 82.80 -3.24
N GLU C 457 -25.15 83.20 -2.78
CA GLU C 457 -24.42 82.48 -1.74
C GLU C 457 -24.56 83.11 -0.36
N ARG C 458 -24.74 84.44 -0.29
CA ARG C 458 -24.99 85.08 1.00
C ARG C 458 -26.33 84.65 1.58
N ASP C 459 -27.30 84.33 0.71
CA ASP C 459 -28.59 83.82 1.16
C ASP C 459 -28.43 82.47 1.84
N LYS C 460 -27.65 81.57 1.24
CA LYS C 460 -27.45 80.23 1.79
C LYS C 460 -26.69 80.28 3.11
N ILE C 461 -25.66 81.12 3.17
CA ILE C 461 -24.87 81.29 4.39
C ILE C 461 -25.72 81.90 5.50
N GLN C 462 -26.53 82.92 5.18
CA GLN C 462 -27.35 83.57 6.20
C GLN C 462 -28.45 82.64 6.71
N SER C 463 -29.09 81.90 5.80
CA SER C 463 -30.14 80.97 6.20
C SER C 463 -29.59 79.82 7.04
N GLU C 464 -28.44 79.26 6.63
CA GLU C 464 -27.80 78.20 7.40
C GLU C 464 -27.29 78.71 8.73
N TYR C 465 -26.87 79.97 8.80
CA TYR C 465 -26.41 80.58 10.04
C TYR C 465 -27.56 80.75 11.02
N ASP C 466 -28.71 81.22 10.54
CA ASP C 466 -29.88 81.31 11.40
C ASP C 466 -30.38 79.93 11.82
N ASP C 467 -30.26 78.93 10.95
CA ASP C 467 -30.64 77.58 11.32
C ASP C 467 -29.72 77.01 12.39
N LEU C 468 -28.42 77.27 12.29
CA LEU C 468 -27.51 76.77 13.32
C LEU C 468 -27.66 77.52 14.63
N LEU C 469 -27.99 78.81 14.59
CA LEU C 469 -28.30 79.50 15.85
C LEU C 469 -29.61 79.01 16.44
N ALA C 470 -30.56 78.60 15.60
CA ALA C 470 -31.78 77.97 16.10
C ALA C 470 -31.48 76.63 16.76
N LEU C 471 -30.55 75.88 16.19
CA LEU C 471 -30.15 74.60 16.79
C LEU C 471 -29.41 74.83 18.11
N ILE C 472 -28.61 75.89 18.18
CA ILE C 472 -27.94 76.26 19.44
C ILE C 472 -28.96 76.64 20.50
N ALA C 473 -29.99 77.40 20.11
CA ALA C 473 -31.04 77.76 21.07
C ALA C 473 -31.83 76.54 21.52
N ASP C 474 -32.05 75.58 20.62
CA ASP C 474 -32.72 74.34 20.98
C ASP C 474 -31.89 73.53 21.97
N LEU C 475 -30.59 73.41 21.73
CA LEU C 475 -29.74 72.64 22.63
C LEU C 475 -29.55 73.36 23.96
N ALA C 476 -29.58 74.69 23.96
CA ALA C 476 -29.56 75.42 25.22
C ALA C 476 -30.85 75.23 26.00
N ASP C 477 -31.98 75.12 25.30
CA ASP C 477 -33.23 74.80 25.96
C ASP C 477 -33.23 73.37 26.50
N ILE C 478 -32.53 72.46 25.83
CA ILE C 478 -32.37 71.11 26.36
C ILE C 478 -31.49 71.11 27.61
N LEU C 479 -30.39 71.87 27.57
CA LEU C 479 -29.51 71.98 28.72
C LEU C 479 -30.09 72.81 29.86
N ALA C 480 -31.15 73.58 29.61
CA ALA C 480 -31.72 74.41 30.67
C ALA C 480 -32.85 73.72 31.42
N LYS C 481 -33.56 72.79 30.79
CA LYS C 481 -34.74 72.19 31.38
C LYS C 481 -34.56 70.68 31.51
N PRO C 482 -34.51 70.14 32.73
CA PRO C 482 -34.38 68.69 32.89
C PRO C 482 -35.61 67.90 32.48
N GLU C 483 -36.75 68.56 32.26
CA GLU C 483 -37.94 67.88 31.77
C GLU C 483 -37.71 67.30 30.39
N ARG C 484 -37.13 68.10 29.48
CA ARG C 484 -36.87 67.64 28.14
C ARG C 484 -35.78 66.58 28.10
N VAL C 485 -34.90 66.58 29.10
CA VAL C 485 -33.91 65.51 29.23
C VAL C 485 -34.60 64.18 29.42
N SER C 486 -35.52 64.13 30.39
CA SER C 486 -36.34 62.95 30.62
C SER C 486 -37.18 62.62 29.41
N GLN C 487 -37.60 63.64 28.64
CA GLN C 487 -38.39 63.41 27.46
C GLN C 487 -37.58 62.68 26.38
N ILE C 488 -36.34 63.11 26.16
CA ILE C 488 -35.45 62.47 25.20
C ILE C 488 -35.17 61.04 25.63
N ILE C 489 -35.02 60.84 26.95
CA ILE C 489 -34.78 59.51 27.49
C ILE C 489 -35.98 58.61 27.23
N LYS C 490 -37.20 59.11 27.48
CA LYS C 490 -38.42 58.35 27.22
C LYS C 490 -38.55 57.99 25.76
N ASP C 491 -38.24 58.93 24.88
CA ASP C 491 -38.42 58.72 23.45
C ASP C 491 -37.46 57.64 22.94
N GLU C 492 -36.20 57.72 23.34
CA GLU C 492 -35.25 56.73 22.83
C GLU C 492 -35.45 55.38 23.48
N LEU C 493 -35.89 55.35 24.74
CA LEU C 493 -36.23 54.08 25.37
C LEU C 493 -37.43 53.42 24.72
N ASP C 494 -38.43 54.22 24.35
CA ASP C 494 -39.58 53.64 23.66
C ASP C 494 -39.22 53.21 22.25
N GLU C 495 -38.23 53.88 21.64
CA GLU C 495 -37.71 53.41 20.36
C GLU C 495 -37.06 52.04 20.50
N VAL C 496 -36.28 51.85 21.56
CA VAL C 496 -35.67 50.55 21.82
C VAL C 496 -36.72 49.51 22.11
N LYS C 497 -37.76 49.90 22.87
CA LYS C 497 -38.85 48.99 23.21
C LYS C 497 -39.61 48.55 21.97
N ARG C 498 -39.79 49.46 21.01
CA ARG C 498 -40.38 49.07 19.74
C ARG C 498 -39.47 48.14 18.97
N LYS C 499 -38.15 48.39 19.02
CA LYS C 499 -37.26 47.62 18.16
C LYS C 499 -36.97 46.21 18.68
N PHE C 500 -37.17 45.94 19.98
CA PHE C 500 -36.67 44.67 20.49
C PHE C 500 -37.59 43.91 21.44
N SER C 501 -38.58 44.54 22.08
CA SER C 501 -39.18 43.97 23.28
C SER C 501 -40.09 42.78 22.95
N ASP C 502 -39.66 41.59 23.37
CA ASP C 502 -40.52 40.41 23.39
C ASP C 502 -41.23 40.37 24.74
N LYS C 503 -41.88 39.25 25.06
CA LYS C 503 -42.50 39.09 26.37
C LYS C 503 -41.90 37.89 27.10
N ARG C 504 -42.46 37.63 28.28
CA ARG C 504 -41.88 36.69 29.22
C ARG C 504 -42.00 35.27 28.71
N ARG C 505 -40.86 34.62 28.49
CA ARG C 505 -40.84 33.19 28.27
C ARG C 505 -41.08 32.42 29.56
N THR C 506 -40.88 33.07 30.70
CA THR C 506 -41.13 32.51 32.01
C THR C 506 -42.49 32.97 32.52
N GLU C 507 -43.27 32.05 33.05
CA GLU C 507 -44.55 32.38 33.66
C GLU C 507 -44.37 32.51 35.16
N LEU C 508 -44.86 33.62 35.72
CA LEU C 508 -44.93 33.77 37.17
C LEU C 508 -46.10 32.96 37.69
N MET C 509 -45.83 31.83 38.31
CA MET C 509 -46.87 31.04 38.93
C MET C 509 -46.98 31.41 40.40
N VAL C 510 -47.94 30.78 41.08
CA VAL C 510 -48.14 31.05 42.50
C VAL C 510 -47.97 29.77 43.29
N LYS D 28 55.65 -16.55 13.98
CA LYS D 28 56.54 -17.65 14.29
C LYS D 28 56.11 -18.36 15.56
N ASN D 29 55.12 -19.25 15.46
CA ASN D 29 54.50 -19.85 16.63
C ASN D 29 55.06 -21.23 16.97
N LEU D 30 54.89 -22.22 16.11
CA LEU D 30 55.42 -23.55 16.37
C LEU D 30 56.93 -23.52 16.16
N VAL D 31 57.67 -24.16 17.05
CA VAL D 31 59.12 -24.13 17.01
C VAL D 31 59.67 -25.54 16.94
N ASN D 32 58.85 -26.47 16.45
CA ASN D 32 59.18 -27.90 16.41
C ASN D 32 60.34 -28.16 15.46
N VAL D 33 61.45 -28.67 16.00
CA VAL D 33 62.69 -28.76 15.24
C VAL D 33 62.90 -30.10 14.55
N ASN D 34 63.00 -31.20 15.30
CA ASN D 34 63.59 -32.44 14.80
C ASN D 34 62.63 -33.12 13.83
N LEU D 35 62.69 -32.68 12.58
CA LEU D 35 61.69 -33.04 11.60
C LEU D 35 62.34 -33.40 10.28
N THR D 36 63.27 -34.34 10.27
CA THR D 36 63.90 -34.69 8.99
C THR D 36 63.05 -35.71 8.22
N LYS D 37 62.98 -36.93 8.74
CA LYS D 37 62.23 -37.96 8.04
C LYS D 37 60.73 -37.74 8.18
N GLU D 38 60.31 -37.02 9.22
CA GLU D 38 58.90 -36.71 9.33
C GLU D 38 58.47 -35.64 8.35
N MET D 39 59.34 -34.69 8.01
CA MET D 39 58.96 -33.78 6.94
C MET D 39 59.03 -34.47 5.59
N LYS D 40 59.93 -35.46 5.43
CA LYS D 40 59.92 -36.21 4.18
C LYS D 40 58.66 -37.05 4.04
N ALA D 41 58.27 -37.74 5.11
CA ALA D 41 57.08 -38.57 5.06
C ALA D 41 55.81 -37.73 4.90
N SER D 42 55.70 -36.63 5.65
CA SER D 42 54.54 -35.76 5.51
C SER D 42 54.52 -35.07 4.15
N PHE D 43 55.69 -34.80 3.57
CA PHE D 43 55.71 -34.13 2.28
C PHE D 43 55.36 -35.10 1.16
N ILE D 44 55.84 -36.35 1.23
CA ILE D 44 55.42 -37.38 0.29
C ILE D 44 53.93 -37.65 0.43
N ASP D 45 53.42 -37.63 1.66
CA ASP D 45 52.00 -37.89 1.87
C ASP D 45 51.13 -36.78 1.27
N TYR D 46 51.51 -35.53 1.50
CA TYR D 46 50.68 -34.45 0.96
C TYR D 46 50.84 -34.35 -0.56
N ALA D 47 52.03 -34.68 -1.09
CA ALA D 47 52.22 -34.65 -2.54
C ALA D 47 51.45 -35.76 -3.24
N MET D 48 51.51 -36.98 -2.70
CA MET D 48 50.74 -38.08 -3.26
C MET D 48 49.24 -37.84 -3.13
N SER D 49 48.81 -37.18 -2.04
CA SER D 49 47.39 -36.88 -1.92
C SER D 49 46.95 -35.86 -2.95
N VAL D 50 47.82 -34.90 -3.28
CA VAL D 50 47.52 -33.98 -4.37
C VAL D 50 47.42 -34.73 -5.70
N ILE D 51 48.46 -35.51 -6.04
CA ILE D 51 48.56 -36.20 -7.32
C ILE D 51 47.39 -37.16 -7.53
N VAL D 52 47.02 -37.91 -6.51
CA VAL D 52 45.90 -38.82 -6.66
C VAL D 52 44.58 -38.05 -6.67
N ALA D 53 44.26 -37.34 -5.58
CA ALA D 53 42.90 -36.89 -5.38
C ALA D 53 42.53 -35.75 -6.30
N ARG D 54 43.37 -34.73 -6.41
CA ARG D 54 42.95 -33.53 -7.11
C ARG D 54 43.69 -33.35 -8.42
N ALA D 55 44.20 -34.44 -8.98
CA ALA D 55 45.11 -34.36 -10.11
C ALA D 55 44.94 -35.61 -10.96
N LEU D 56 45.99 -35.92 -11.72
CA LEU D 56 45.94 -36.74 -12.92
C LEU D 56 45.41 -38.14 -12.66
N PRO D 57 44.51 -38.65 -13.49
CA PRO D 57 43.91 -39.96 -13.24
C PRO D 57 44.70 -41.15 -13.77
N ASP D 58 44.07 -42.31 -13.65
CA ASP D 58 44.68 -43.62 -13.72
C ASP D 58 44.77 -44.11 -15.17
N VAL D 59 45.65 -45.08 -15.40
CA VAL D 59 45.66 -45.76 -16.70
C VAL D 59 44.46 -46.67 -16.83
N ARG D 60 44.24 -47.54 -15.84
CA ARG D 60 43.37 -48.69 -16.03
C ARG D 60 41.90 -48.35 -16.13
N ASP D 61 41.49 -47.14 -15.79
CA ASP D 61 40.15 -46.73 -16.20
C ASP D 61 40.04 -45.29 -16.65
N GLY D 62 41.09 -44.49 -16.60
CA GLY D 62 41.01 -43.13 -17.06
C GLY D 62 40.14 -42.22 -16.24
N LEU D 63 39.82 -42.60 -15.01
CA LEU D 63 38.86 -41.87 -14.21
C LEU D 63 39.54 -41.29 -12.98
N LYS D 64 39.17 -40.06 -12.65
CA LYS D 64 39.67 -39.43 -11.46
C LYS D 64 39.02 -40.07 -10.24
N PRO D 65 39.69 -40.03 -9.08
CA PRO D 65 39.09 -40.62 -7.88
C PRO D 65 37.80 -39.95 -7.43
N VAL D 66 37.68 -38.64 -7.68
CA VAL D 66 36.39 -37.98 -7.50
C VAL D 66 35.35 -38.58 -8.43
N HIS D 67 35.75 -38.80 -9.69
CA HIS D 67 34.85 -39.39 -10.67
C HIS D 67 34.51 -40.84 -10.34
N ARG D 68 35.50 -41.58 -9.86
CA ARG D 68 35.28 -42.97 -9.48
C ARG D 68 34.29 -43.07 -8.34
N ARG D 69 34.41 -42.18 -7.36
CA ARG D 69 33.46 -42.20 -6.27
C ARG D 69 32.08 -41.70 -6.69
N ILE D 70 32.02 -40.80 -7.69
CA ILE D 70 30.74 -40.41 -8.27
C ILE D 70 30.03 -41.61 -8.88
N LEU D 71 30.74 -42.33 -9.74
CA LEU D 71 30.12 -43.45 -10.44
C LEU D 71 29.76 -44.57 -9.49
N TYR D 72 30.61 -44.86 -8.51
CA TYR D 72 30.28 -45.97 -7.63
C TYR D 72 29.20 -45.61 -6.63
N GLY D 73 29.13 -44.35 -6.19
CA GLY D 73 28.05 -43.95 -5.31
C GLY D 73 26.72 -43.92 -6.03
N MET D 74 26.72 -43.46 -7.28
CA MET D 74 25.47 -43.46 -8.04
C MET D 74 25.08 -44.87 -8.47
N ASN D 75 26.05 -45.79 -8.51
CA ASN D 75 25.74 -47.21 -8.70
C ASN D 75 25.08 -47.79 -7.47
N GLU D 76 25.65 -47.54 -6.29
CA GLU D 76 25.07 -48.08 -5.06
C GLU D 76 23.73 -47.45 -4.73
N LEU D 77 23.47 -46.23 -5.22
CA LEU D 77 22.12 -45.69 -5.14
C LEU D 77 21.22 -46.25 -6.24
N GLY D 78 21.79 -46.90 -7.24
CA GLY D 78 21.00 -47.52 -8.28
C GLY D 78 20.37 -46.55 -9.26
N VAL D 79 20.89 -45.34 -9.36
CA VAL D 79 20.24 -44.29 -10.16
C VAL D 79 20.71 -44.50 -11.59
N THR D 80 20.03 -45.41 -12.26
CA THR D 80 20.28 -45.86 -13.61
C THR D 80 19.21 -45.27 -14.53
N PRO D 81 19.35 -45.37 -15.87
CA PRO D 81 18.27 -44.81 -16.72
C PRO D 81 16.97 -45.59 -16.79
N ASP D 82 16.75 -46.60 -15.93
CA ASP D 82 15.41 -47.15 -15.82
C ASP D 82 14.50 -46.24 -15.00
N LYS D 83 15.06 -45.58 -14.00
CA LYS D 83 14.38 -44.59 -13.19
C LYS D 83 14.59 -43.20 -13.78
N PRO D 84 13.69 -42.27 -13.50
CA PRO D 84 13.94 -40.88 -13.89
C PRO D 84 15.03 -40.25 -13.04
N HIS D 85 15.38 -39.03 -13.39
CA HIS D 85 16.55 -38.36 -12.83
C HIS D 85 16.31 -38.00 -11.38
N LYS D 86 17.37 -38.09 -10.57
CA LYS D 86 17.27 -37.76 -9.16
C LYS D 86 18.09 -36.52 -8.83
N LYS D 87 17.75 -35.92 -7.70
CA LYS D 87 18.39 -34.68 -7.26
C LYS D 87 19.85 -34.92 -6.91
N SER D 88 20.73 -34.12 -7.53
CA SER D 88 22.16 -34.33 -7.42
C SER D 88 22.70 -34.03 -6.03
N ALA D 89 21.97 -33.21 -5.25
CA ALA D 89 22.40 -32.90 -3.89
C ALA D 89 22.38 -34.14 -3.01
N ARG D 90 21.42 -35.03 -3.22
CA ARG D 90 21.35 -36.27 -2.45
C ARG D 90 22.49 -37.20 -2.81
N ILE D 91 22.85 -37.23 -4.09
CA ILE D 91 23.98 -38.05 -4.54
C ILE D 91 25.30 -37.54 -3.97
N THR D 92 25.51 -36.22 -4.03
CA THR D 92 26.73 -35.66 -3.46
C THR D 92 26.75 -35.76 -1.95
N GLY D 93 25.59 -35.71 -1.30
CA GLY D 93 25.54 -35.92 0.13
C GLY D 93 25.88 -37.35 0.52
N ASP D 94 25.47 -38.31 -0.30
CA ASP D 94 25.86 -39.69 -0.06
C ASP D 94 27.34 -39.92 -0.37
N VAL D 95 27.88 -39.16 -1.33
CA VAL D 95 29.33 -39.17 -1.59
C VAL D 95 30.08 -38.65 -0.37
N MET D 96 29.59 -37.56 0.23
CA MET D 96 30.20 -37.01 1.44
C MET D 96 30.08 -37.96 2.62
N GLY D 97 28.93 -38.60 2.77
CA GLY D 97 28.73 -39.50 3.88
C GLY D 97 29.33 -40.87 3.72
N LYS D 98 29.77 -41.24 2.52
CA LYS D 98 30.35 -42.55 2.34
C LYS D 98 31.79 -42.54 1.83
N TYR D 99 32.10 -41.80 0.77
CA TYR D 99 33.35 -42.03 0.04
C TYR D 99 34.30 -40.84 0.00
N HIS D 100 33.82 -39.61 -0.10
CA HIS D 100 34.78 -38.56 -0.46
C HIS D 100 34.54 -37.26 0.30
N PRO D 101 35.20 -37.06 1.45
CA PRO D 101 34.93 -35.90 2.32
C PRO D 101 35.71 -34.65 1.92
N HIS D 102 35.20 -33.93 0.93
CA HIS D 102 35.88 -32.77 0.37
C HIS D 102 34.82 -31.75 -0.05
N GLY D 103 35.20 -30.84 -0.95
CA GLY D 103 34.33 -29.74 -1.31
C GLY D 103 33.09 -30.18 -2.06
N ASP D 104 31.92 -29.74 -1.58
CA ASP D 104 30.65 -30.08 -2.21
C ASP D 104 30.56 -29.47 -3.60
N SER D 105 30.99 -28.21 -3.74
CA SER D 105 31.01 -27.57 -5.04
C SER D 105 32.07 -28.18 -5.97
N SER D 106 33.13 -28.77 -5.42
CA SER D 106 34.11 -29.44 -6.28
C SER D 106 33.55 -30.75 -6.83
N ILE D 107 32.88 -31.53 -5.98
CA ILE D 107 32.21 -32.74 -6.43
C ILE D 107 31.12 -32.41 -7.45
N TYR D 108 30.38 -31.33 -7.21
CA TYR D 108 29.37 -30.93 -8.18
C TYR D 108 29.98 -30.32 -9.43
N GLU D 109 31.18 -29.76 -9.34
CA GLU D 109 31.91 -29.32 -10.53
C GLU D 109 32.28 -30.51 -11.41
N ALA D 110 32.72 -31.61 -10.79
CA ALA D 110 32.95 -32.83 -11.55
C ALA D 110 31.66 -33.39 -12.13
N MET D 111 30.55 -33.27 -11.39
CA MET D 111 29.24 -33.66 -11.89
C MET D 111 28.84 -32.87 -13.14
N VAL D 112 29.05 -31.55 -13.09
CA VAL D 112 28.64 -30.69 -14.20
C VAL D 112 29.54 -30.91 -15.41
N ARG D 113 30.86 -31.01 -15.18
CA ARG D 113 31.78 -31.22 -16.30
C ARG D 113 31.59 -32.57 -16.96
N MET D 114 31.26 -33.60 -16.17
CA MET D 114 31.04 -34.91 -16.77
C MET D 114 29.76 -34.96 -17.59
N ALA D 115 28.72 -34.21 -17.19
CA ALA D 115 27.41 -34.33 -17.79
C ALA D 115 27.13 -33.26 -18.84
N GLN D 116 28.14 -32.86 -19.60
CA GLN D 116 27.98 -31.92 -20.69
C GLN D 116 28.60 -32.49 -21.95
N TRP D 117 27.89 -32.35 -23.08
CA TRP D 117 28.35 -32.98 -24.30
C TRP D 117 29.55 -32.27 -24.89
N TRP D 118 29.68 -30.96 -24.67
CA TRP D 118 30.83 -30.22 -25.20
C TRP D 118 32.00 -30.21 -24.24
N SER D 119 31.72 -30.30 -22.95
CA SER D 119 32.79 -30.33 -21.97
C SER D 119 33.42 -31.70 -21.86
N TYR D 120 32.73 -32.74 -22.36
CA TYR D 120 33.13 -34.10 -22.10
C TYR D 120 32.53 -34.94 -23.22
N ARG D 121 33.34 -35.82 -23.81
CA ARG D 121 33.02 -36.43 -25.10
C ARG D 121 31.81 -37.34 -25.01
N TYR D 122 31.88 -38.39 -24.20
CA TYR D 122 30.76 -39.29 -24.02
C TYR D 122 30.26 -39.07 -22.60
N MET D 123 29.09 -38.45 -22.46
CA MET D 123 28.58 -38.05 -21.16
C MET D 123 28.26 -39.27 -20.31
N LEU D 124 29.12 -39.56 -19.34
CA LEU D 124 28.88 -40.70 -18.46
C LEU D 124 27.66 -40.47 -17.58
N VAL D 125 27.54 -39.28 -17.04
CA VAL D 125 26.33 -38.86 -16.35
C VAL D 125 25.44 -38.14 -17.34
N ASP D 126 24.18 -38.54 -17.43
CA ASP D 126 23.19 -37.77 -18.15
C ASP D 126 22.43 -36.90 -17.16
N GLY D 127 22.46 -35.59 -17.37
CA GLY D 127 21.87 -34.65 -16.45
C GLY D 127 20.47 -34.24 -16.83
N HIS D 128 19.93 -33.32 -16.03
CA HIS D 128 18.53 -32.93 -16.15
C HIS D 128 18.44 -31.51 -15.58
N GLY D 129 18.47 -30.52 -16.46
CA GLY D 129 18.44 -29.13 -16.06
C GLY D 129 19.54 -28.34 -16.73
N ASN D 130 19.60 -27.06 -16.35
CA ASN D 130 20.60 -26.15 -16.91
C ASN D 130 21.94 -26.44 -16.26
N PHE D 131 22.93 -26.78 -17.07
CA PHE D 131 24.29 -26.96 -16.60
C PHE D 131 25.25 -25.90 -17.10
N GLY D 132 25.24 -25.60 -18.39
CA GLY D 132 26.11 -24.56 -18.91
C GLY D 132 25.89 -24.35 -20.38
N SER D 133 26.87 -23.68 -20.99
CA SER D 133 26.87 -23.44 -22.44
C SER D 133 28.31 -23.48 -22.91
N MET D 134 28.48 -23.55 -24.23
CA MET D 134 29.80 -23.40 -24.81
C MET D 134 30.34 -21.97 -24.65
N ASP D 135 29.46 -21.00 -24.44
CA ASP D 135 29.88 -19.65 -24.11
C ASP D 135 30.55 -19.56 -22.74
N GLY D 136 30.31 -20.54 -21.88
CA GLY D 136 30.84 -20.55 -20.54
C GLY D 136 29.78 -20.14 -19.54
N ASP D 137 29.13 -21.13 -18.94
CA ASP D 137 28.03 -20.95 -18.02
C ASP D 137 28.09 -22.07 -17.00
N SER D 138 27.53 -21.81 -15.82
CA SER D 138 27.57 -22.78 -14.73
C SER D 138 26.17 -22.96 -14.15
N ALA D 139 25.92 -24.14 -13.60
CA ALA D 139 24.72 -24.35 -12.82
C ALA D 139 24.88 -23.69 -11.46
N ALA D 140 23.75 -23.48 -10.79
CA ALA D 140 23.75 -22.73 -9.54
C ALA D 140 24.34 -23.56 -8.40
N ALA D 141 23.71 -24.68 -8.08
CA ALA D 141 24.22 -25.57 -7.04
C ALA D 141 23.74 -26.99 -7.33
N GLN D 142 24.06 -27.88 -6.40
CA GLN D 142 23.75 -29.30 -6.53
C GLN D 142 22.31 -29.64 -6.21
N ARG D 143 21.55 -28.68 -5.68
CA ARG D 143 20.17 -28.92 -5.26
C ARG D 143 19.15 -28.29 -6.20
N TYR D 144 19.59 -27.78 -7.35
CA TYR D 144 18.70 -27.17 -8.33
C TYR D 144 18.35 -28.10 -9.49
N THR D 145 19.32 -28.90 -9.94
CA THR D 145 19.16 -29.75 -11.11
C THR D 145 19.37 -31.21 -10.73
N GLU D 146 18.92 -32.08 -11.63
CA GLU D 146 18.93 -33.53 -11.43
C GLU D 146 19.94 -34.19 -12.35
N ALA D 147 20.17 -35.48 -12.11
CA ALA D 147 21.11 -36.26 -12.90
C ALA D 147 20.80 -37.74 -12.72
N ARG D 148 21.45 -38.55 -13.56
CA ARG D 148 21.50 -40.01 -13.40
C ARG D 148 22.66 -40.51 -14.26
N MET D 149 22.89 -41.81 -14.21
CA MET D 149 23.87 -42.42 -15.10
C MET D 149 23.30 -42.55 -16.51
N SER D 150 24.17 -42.42 -17.50
CA SER D 150 23.79 -42.62 -18.87
C SER D 150 24.03 -44.07 -19.25
N LYS D 151 23.96 -44.35 -20.55
CA LYS D 151 24.10 -45.73 -21.03
C LYS D 151 25.54 -46.22 -21.00
N ILE D 152 26.49 -45.34 -20.67
CA ILE D 152 27.89 -45.71 -20.71
C ILE D 152 28.40 -46.03 -19.31
N ALA D 153 27.79 -45.44 -18.28
CA ALA D 153 28.18 -45.78 -16.93
C ALA D 153 27.72 -47.17 -16.53
N LEU D 154 26.58 -47.62 -17.10
CA LEU D 154 26.18 -49.01 -16.91
C LEU D 154 27.16 -49.96 -17.58
N GLU D 155 27.82 -49.53 -18.64
CA GLU D 155 28.92 -50.29 -19.20
C GLU D 155 30.11 -50.31 -18.26
N MET D 156 30.45 -49.14 -17.71
CA MET D 156 31.60 -49.03 -16.81
C MET D 156 31.39 -49.80 -15.51
N LEU D 157 30.15 -50.07 -15.14
CA LEU D 157 29.82 -50.75 -13.90
C LEU D 157 29.21 -52.12 -14.12
N ARG D 158 29.14 -52.57 -15.38
CA ARG D 158 28.69 -53.93 -15.63
C ARG D 158 29.75 -54.90 -15.15
N ASP D 159 29.32 -55.88 -14.36
CA ASP D 159 30.17 -56.88 -13.71
C ASP D 159 31.21 -56.18 -12.81
N ILE D 160 30.69 -55.54 -11.77
CA ILE D 160 31.51 -55.00 -10.72
C ILE D 160 31.42 -55.80 -9.44
N ASN D 161 30.26 -56.38 -9.13
CA ASN D 161 29.98 -56.95 -7.83
C ASN D 161 30.38 -58.41 -7.74
N LYS D 162 31.36 -58.83 -8.54
CA LYS D 162 31.64 -60.22 -8.78
C LYS D 162 33.12 -60.52 -8.65
N ASN D 163 33.74 -60.02 -7.57
CA ASN D 163 35.17 -60.17 -7.27
C ASN D 163 36.03 -59.67 -8.43
N THR D 164 35.59 -58.59 -9.06
CA THR D 164 36.22 -58.14 -10.28
C THR D 164 37.40 -57.23 -9.98
N VAL D 165 37.20 -56.23 -9.14
CA VAL D 165 38.28 -55.39 -8.64
C VAL D 165 38.19 -55.38 -7.12
N ASP D 166 39.33 -55.53 -6.45
CA ASP D 166 39.38 -55.57 -5.00
C ASP D 166 38.93 -54.24 -4.38
N PHE D 167 38.06 -54.34 -3.39
CA PHE D 167 37.64 -53.18 -2.64
C PHE D 167 38.67 -52.80 -1.59
N VAL D 168 38.53 -51.58 -1.08
CA VAL D 168 39.26 -51.13 0.10
C VAL D 168 38.27 -50.47 1.04
N ASP D 169 38.67 -50.37 2.30
CA ASP D 169 37.90 -49.63 3.29
C ASP D 169 38.27 -48.16 3.20
N ASN D 170 37.26 -47.31 3.18
CA ASN D 170 37.51 -45.87 3.08
C ASN D 170 37.62 -45.26 4.48
N TYR D 171 37.51 -43.93 4.54
CA TYR D 171 37.82 -43.15 5.73
C TYR D 171 36.86 -43.39 6.88
N ASP D 172 35.71 -44.01 6.64
CA ASP D 172 34.74 -44.29 7.68
C ASP D 172 34.72 -45.75 8.11
N ALA D 173 35.54 -46.60 7.48
CA ALA D 173 35.82 -47.98 7.88
C ALA D 173 34.58 -48.88 7.94
N ASN D 174 33.50 -48.48 7.26
CA ASN D 174 32.32 -49.31 7.14
C ASN D 174 31.91 -49.46 5.68
N GLU D 175 32.11 -48.40 4.91
CA GLU D 175 31.91 -48.44 3.47
C GLU D 175 33.12 -49.06 2.79
N ARG D 176 32.89 -49.68 1.65
CA ARG D 176 33.96 -50.21 0.82
C ARG D 176 33.87 -49.56 -0.53
N GLU D 177 35.00 -49.14 -1.08
CA GLU D 177 35.01 -48.55 -2.39
C GLU D 177 35.92 -49.34 -3.33
N PRO D 178 35.69 -49.26 -4.64
CA PRO D 178 36.61 -49.90 -5.58
C PRO D 178 37.87 -49.09 -5.80
N LEU D 179 38.98 -49.82 -5.91
CA LEU D 179 40.27 -49.22 -6.23
C LEU D 179 40.24 -48.58 -7.62
N VAL D 180 39.95 -49.39 -8.64
CA VAL D 180 39.86 -48.93 -10.02
C VAL D 180 38.59 -49.51 -10.62
N LEU D 181 37.82 -48.69 -11.31
CA LEU D 181 36.58 -49.18 -11.88
C LEU D 181 36.87 -50.18 -13.00
N PRO D 182 36.22 -51.33 -13.02
CA PRO D 182 36.45 -52.28 -14.10
C PRO D 182 35.86 -51.74 -15.39
N ALA D 183 36.73 -51.25 -16.24
CA ALA D 183 36.27 -50.63 -17.46
C ALA D 183 35.95 -51.68 -18.49
N ARG D 184 35.10 -51.31 -19.43
CA ARG D 184 34.85 -52.15 -20.58
C ARG D 184 35.25 -51.49 -21.87
N PHE D 185 35.68 -50.23 -21.82
CA PHE D 185 36.26 -49.58 -22.94
C PHE D 185 37.32 -48.66 -22.37
N PRO D 186 38.47 -48.52 -23.02
CA PRO D 186 39.54 -47.71 -22.43
C PRO D 186 39.21 -46.22 -22.48
N ASN D 187 38.95 -45.66 -21.31
CA ASN D 187 38.34 -44.34 -21.19
C ASN D 187 39.36 -43.22 -21.24
N LEU D 188 40.65 -43.52 -21.10
CA LEU D 188 41.69 -42.52 -21.31
C LEU D 188 41.64 -41.96 -22.72
N LEU D 189 41.67 -42.85 -23.71
CA LEU D 189 41.68 -42.41 -25.10
C LEU D 189 40.36 -41.75 -25.46
N VAL D 190 39.28 -42.15 -24.81
CA VAL D 190 37.99 -41.58 -25.13
C VAL D 190 37.86 -40.17 -24.56
N ASN D 191 38.18 -39.99 -23.28
CA ASN D 191 37.85 -38.75 -22.61
C ASN D 191 39.04 -37.90 -22.20
N GLY D 192 40.24 -38.46 -22.14
CA GLY D 192 41.42 -37.68 -21.85
C GLY D 192 41.59 -37.37 -20.38
N ALA D 193 42.76 -36.84 -20.05
CA ALA D 193 43.12 -36.50 -18.68
C ALA D 193 43.62 -35.08 -18.62
N THR D 194 42.83 -34.19 -18.04
CA THR D 194 43.31 -32.84 -17.79
C THR D 194 44.18 -32.83 -16.54
N GLY D 195 45.29 -32.11 -16.58
CA GLY D 195 46.26 -32.23 -15.51
C GLY D 195 46.71 -30.97 -14.81
N ILE D 196 46.87 -31.06 -13.50
CA ILE D 196 47.40 -29.97 -12.69
C ILE D 196 48.86 -30.28 -12.40
N ALA D 197 49.75 -29.37 -12.80
CA ALA D 197 51.17 -29.53 -12.57
C ALA D 197 51.53 -29.08 -11.16
N VAL D 198 52.12 -29.98 -10.39
CA VAL D 198 52.94 -29.61 -9.26
C VAL D 198 54.33 -30.00 -9.74
N GLY D 199 54.51 -29.84 -11.06
CA GLY D 199 55.69 -30.26 -11.78
C GLY D 199 55.29 -31.08 -12.98
N MET D 200 54.12 -31.71 -12.91
CA MET D 200 53.70 -32.74 -13.86
C MET D 200 52.23 -32.55 -14.18
N ALA D 201 51.93 -32.16 -15.42
CA ALA D 201 50.56 -32.03 -15.91
C ALA D 201 50.36 -32.93 -17.12
N THR D 202 49.10 -33.12 -17.51
CA THR D 202 48.78 -34.09 -18.54
C THR D 202 47.60 -33.58 -19.38
N ASN D 203 47.48 -34.14 -20.59
CA ASN D 203 46.63 -33.57 -21.62
C ASN D 203 45.56 -34.54 -22.09
N ILE D 204 44.72 -34.05 -22.99
CA ILE D 204 43.55 -34.74 -23.53
C ILE D 204 43.84 -35.15 -24.96
N PRO D 205 44.24 -36.39 -25.24
CA PRO D 205 43.96 -36.96 -26.55
C PRO D 205 42.61 -37.65 -26.57
N PRO D 206 41.57 -37.05 -27.15
CA PRO D 206 40.33 -37.78 -27.31
C PRO D 206 40.40 -38.66 -28.54
N HIS D 207 39.51 -39.63 -28.61
CA HIS D 207 39.55 -40.58 -29.71
C HIS D 207 38.14 -41.02 -30.07
N ASN D 208 37.98 -41.42 -31.34
CA ASN D 208 36.75 -42.03 -31.79
C ASN D 208 36.69 -43.44 -31.23
N LEU D 209 35.53 -43.81 -30.70
CA LEU D 209 35.41 -45.07 -29.96
C LEU D 209 35.61 -46.29 -30.86
N GLY D 210 35.05 -46.25 -32.06
CA GLY D 210 35.09 -47.43 -32.93
C GLY D 210 36.49 -47.70 -33.45
N GLU D 211 37.18 -46.65 -33.90
CA GLU D 211 38.56 -46.81 -34.32
C GLU D 211 39.46 -47.20 -33.16
N THR D 212 39.12 -46.73 -31.95
CA THR D 212 39.88 -47.11 -30.77
C THR D 212 39.74 -48.59 -30.49
N ILE D 213 38.50 -49.09 -30.56
CA ILE D 213 38.25 -50.50 -30.32
C ILE D 213 38.90 -51.36 -31.39
N ASP D 214 38.90 -50.89 -32.64
CA ASP D 214 39.60 -51.60 -33.69
C ASP D 214 41.11 -51.60 -33.48
N ALA D 215 41.64 -50.51 -32.92
CA ALA D 215 43.05 -50.46 -32.58
C ALA D 215 43.37 -51.43 -31.45
N VAL D 216 42.47 -51.54 -30.48
CA VAL D 216 42.62 -52.51 -29.41
C VAL D 216 42.64 -53.92 -29.97
N LYS D 217 41.76 -54.19 -30.95
CA LYS D 217 41.71 -55.51 -31.59
C LYS D 217 43.00 -55.81 -32.33
N LEU D 218 43.53 -54.84 -33.05
CA LEU D 218 44.73 -55.10 -33.84
C LEU D 218 45.96 -55.23 -32.95
N VAL D 219 46.01 -54.48 -31.85
CA VAL D 219 47.11 -54.63 -30.90
C VAL D 219 47.02 -55.98 -30.21
N MET D 220 45.81 -56.42 -29.87
CA MET D 220 45.66 -57.70 -29.19
C MET D 220 45.89 -58.86 -30.14
N ASP D 221 45.67 -58.66 -31.43
CA ASP D 221 46.02 -59.68 -32.40
C ASP D 221 47.52 -59.74 -32.59
N ASN D 222 48.12 -58.68 -33.13
CA ASN D 222 49.54 -58.70 -33.40
C ASN D 222 50.26 -57.96 -32.29
N PRO D 223 51.14 -58.64 -31.54
CA PRO D 223 51.83 -57.95 -30.43
C PRO D 223 52.84 -56.91 -30.88
N GLU D 224 53.21 -56.89 -32.16
CA GLU D 224 54.07 -55.85 -32.72
C GLU D 224 53.39 -55.24 -33.93
N VAL D 225 52.58 -54.22 -33.70
CA VAL D 225 52.05 -53.36 -34.74
C VAL D 225 52.80 -52.04 -34.64
N THR D 226 53.30 -51.55 -35.76
CA THR D 226 53.97 -50.26 -35.77
C THR D 226 52.96 -49.15 -35.56
N THR D 227 53.43 -48.05 -34.95
CA THR D 227 52.56 -46.93 -34.64
C THR D 227 52.08 -46.20 -35.88
N LYS D 228 52.82 -46.30 -36.99
CA LYS D 228 52.28 -45.84 -38.27
C LYS D 228 51.07 -46.68 -38.67
N ASP D 229 51.12 -47.98 -38.42
CA ASP D 229 49.99 -48.83 -38.76
C ASP D 229 48.82 -48.68 -37.81
N LEU D 230 49.02 -48.03 -36.67
CA LEU D 230 47.91 -47.68 -35.81
C LEU D 230 47.42 -46.26 -36.07
N MET D 231 48.27 -45.40 -36.61
CA MET D 231 47.80 -44.15 -37.18
C MET D 231 47.00 -44.39 -38.46
N GLU D 232 47.28 -45.51 -39.15
CA GLU D 232 46.35 -46.03 -40.14
C GLU D 232 45.00 -46.30 -39.51
N VAL D 233 45.00 -46.86 -38.30
CA VAL D 233 43.74 -47.08 -37.59
C VAL D 233 43.24 -45.79 -37.00
N LEU D 234 44.00 -45.23 -36.08
CA LEU D 234 43.53 -44.08 -35.31
C LEU D 234 43.85 -42.79 -36.03
N PRO D 235 42.87 -41.98 -36.37
CA PRO D 235 43.16 -40.65 -36.91
C PRO D 235 43.76 -39.77 -35.84
N GLY D 236 43.07 -39.68 -34.70
CA GLY D 236 43.52 -38.88 -33.58
C GLY D 236 42.40 -38.21 -32.83
N PRO D 237 42.50 -36.89 -32.66
CA PRO D 237 41.60 -36.19 -31.74
C PRO D 237 40.16 -36.06 -32.21
N ASP D 238 39.28 -36.86 -31.62
CA ASP D 238 37.84 -36.78 -31.89
C ASP D 238 37.25 -35.84 -30.84
N PHE D 239 37.15 -34.56 -31.19
CA PHE D 239 36.70 -33.56 -30.25
C PHE D 239 35.20 -33.66 -30.01
N PRO D 240 34.72 -33.22 -28.85
CA PRO D 240 33.28 -33.21 -28.58
C PRO D 240 32.49 -32.18 -29.39
N THR D 241 33.13 -31.19 -30.00
CA THR D 241 32.44 -30.24 -30.85
C THR D 241 32.94 -30.22 -32.29
N GLY D 242 34.00 -30.94 -32.60
CA GLY D 242 34.54 -30.88 -33.95
C GLY D 242 35.50 -29.73 -34.13
N ALA D 243 36.45 -29.92 -35.04
CA ALA D 243 37.48 -28.94 -35.38
C ALA D 243 38.17 -29.39 -36.66
N LEU D 244 39.30 -28.76 -36.94
CA LEU D 244 40.27 -29.20 -37.94
C LEU D 244 41.62 -29.37 -37.24
N VAL D 245 42.28 -30.49 -37.51
CA VAL D 245 43.58 -30.78 -36.93
C VAL D 245 44.64 -30.62 -38.01
N MET D 246 45.55 -29.69 -37.78
CA MET D 246 46.73 -29.52 -38.62
C MET D 246 47.91 -30.20 -37.97
N GLY D 247 48.67 -30.93 -38.78
CA GLY D 247 49.90 -31.54 -38.31
C GLY D 247 49.75 -33.01 -38.02
N LYS D 248 50.15 -33.84 -38.97
CA LYS D 248 50.21 -35.26 -38.70
C LYS D 248 51.57 -35.64 -38.13
N SER D 249 52.56 -34.75 -38.29
CA SER D 249 53.87 -34.96 -37.69
C SER D 249 53.80 -34.90 -36.17
N GLY D 250 53.10 -33.90 -35.63
CA GLY D 250 52.93 -33.82 -34.19
C GLY D 250 52.07 -34.95 -33.64
N ILE D 251 51.11 -35.41 -34.42
CA ILE D 251 50.33 -36.60 -34.08
C ILE D 251 51.24 -37.82 -33.98
N HIS D 252 52.14 -38.00 -34.95
CA HIS D 252 53.04 -39.14 -34.95
C HIS D 252 54.01 -39.07 -33.79
N LYS D 253 54.54 -37.88 -33.51
CA LYS D 253 55.37 -37.63 -32.35
C LYS D 253 54.64 -37.96 -31.05
N ALA D 254 53.35 -37.61 -30.97
CA ALA D 254 52.57 -37.84 -29.76
C ALA D 254 52.33 -39.32 -29.52
N TYR D 255 51.88 -40.05 -30.53
CA TYR D 255 51.62 -41.47 -30.29
C TYR D 255 52.86 -42.33 -30.38
N GLU D 256 54.03 -41.74 -30.67
CA GLU D 256 55.27 -42.46 -30.42
C GLU D 256 55.81 -42.21 -29.02
N THR D 257 56.06 -40.95 -28.67
CA THR D 257 56.78 -40.63 -27.45
C THR D 257 55.89 -40.16 -26.31
N GLY D 258 54.75 -39.58 -26.61
CA GLY D 258 53.88 -39.09 -25.56
C GLY D 258 53.82 -37.58 -25.56
N LYS D 259 54.98 -36.95 -25.69
CA LYS D 259 55.04 -35.50 -25.77
C LYS D 259 54.92 -35.05 -27.21
N GLY D 260 54.18 -33.97 -27.41
CA GLY D 260 54.06 -33.39 -28.74
C GLY D 260 53.07 -32.24 -28.71
N SER D 261 52.83 -31.70 -29.89
CA SER D 261 51.79 -30.69 -30.04
C SER D 261 51.25 -30.75 -31.45
N ILE D 262 49.94 -30.57 -31.57
CA ILE D 262 49.27 -30.44 -32.85
C ILE D 262 48.66 -29.05 -32.92
N VAL D 263 48.13 -28.70 -34.08
CA VAL D 263 47.55 -27.39 -34.29
C VAL D 263 46.06 -27.56 -34.52
N LEU D 264 45.27 -26.67 -33.96
CA LEU D 264 43.82 -26.74 -34.08
C LEU D 264 43.33 -25.54 -34.88
N ARG D 265 42.96 -25.79 -36.14
CA ARG D 265 42.34 -24.80 -37.01
C ARG D 265 40.85 -25.08 -37.10
N SER D 266 40.04 -24.06 -36.83
CA SER D 266 38.59 -24.21 -36.81
C SER D 266 38.04 -24.53 -38.20
N ARG D 267 36.87 -25.17 -38.24
CA ARG D 267 36.20 -25.42 -39.51
C ARG D 267 35.64 -24.10 -40.02
N THR D 268 36.44 -23.43 -40.84
CA THR D 268 36.13 -22.16 -41.44
C THR D 268 36.09 -22.33 -42.96
N GLU D 269 35.21 -21.57 -43.59
CA GLU D 269 35.15 -21.62 -45.05
C GLU D 269 34.86 -20.23 -45.58
N ILE D 270 35.36 -19.96 -46.78
CA ILE D 270 35.23 -18.67 -47.44
C ILE D 270 34.13 -18.80 -48.48
N GLU D 271 33.09 -17.99 -48.34
CA GLU D 271 31.94 -18.03 -49.23
C GLU D 271 31.77 -16.63 -49.82
N THR D 272 31.96 -16.52 -51.13
CA THR D 272 31.93 -15.23 -51.81
C THR D 272 30.52 -14.93 -52.29
N THR D 273 30.00 -13.78 -51.86
CA THR D 273 28.68 -13.35 -52.32
C THR D 273 28.78 -12.85 -53.76
N LYS D 274 27.63 -12.85 -54.44
CA LYS D 274 27.54 -12.22 -55.75
C LYS D 274 27.68 -10.71 -55.65
N THR D 275 27.27 -10.14 -54.52
CA THR D 275 27.45 -8.71 -54.28
C THR D 275 28.92 -8.34 -54.21
N GLY D 276 29.70 -9.06 -53.41
CA GLY D 276 31.13 -8.86 -53.38
C GLY D 276 31.75 -8.94 -52.00
N ARG D 277 30.95 -8.67 -50.97
CA ARG D 277 31.42 -8.67 -49.59
C ARG D 277 31.46 -10.12 -49.09
N GLU D 278 32.67 -10.67 -48.98
CA GLU D 278 32.85 -12.11 -48.76
C GLU D 278 32.48 -12.51 -47.34
N ARG D 279 32.51 -13.82 -47.11
CA ARG D 279 31.90 -14.45 -45.94
C ARG D 279 32.87 -15.45 -45.35
N ILE D 280 33.04 -15.43 -44.03
CA ILE D 280 33.75 -16.48 -43.33
C ILE D 280 32.73 -17.20 -42.47
N VAL D 281 32.42 -18.44 -42.82
CA VAL D 281 31.52 -19.28 -42.06
C VAL D 281 32.38 -20.13 -41.15
N VAL D 282 32.27 -19.89 -39.84
CA VAL D 282 32.98 -20.66 -38.83
C VAL D 282 31.97 -21.51 -38.09
N THR D 283 32.22 -22.81 -38.04
CA THR D 283 31.27 -23.74 -37.44
C THR D 283 31.83 -24.59 -36.31
N GLU D 284 33.14 -24.75 -36.21
CA GLU D 284 33.72 -25.68 -35.23
C GLU D 284 34.92 -25.04 -34.54
N PHE D 285 34.68 -24.31 -33.46
CA PHE D 285 35.75 -23.86 -32.59
C PHE D 285 36.44 -25.05 -31.93
N PRO D 286 37.75 -24.93 -31.62
CA PRO D 286 38.49 -26.11 -31.14
C PRO D 286 38.16 -26.51 -29.71
N TYR D 287 38.90 -27.49 -29.21
CA TYR D 287 38.61 -28.13 -27.93
C TYR D 287 38.82 -27.17 -26.77
N MET D 288 37.74 -26.99 -25.98
CA MET D 288 37.71 -26.15 -24.78
C MET D 288 38.13 -24.72 -25.07
N VAL D 289 37.53 -24.15 -26.12
CA VAL D 289 37.70 -22.75 -26.46
C VAL D 289 36.32 -22.10 -26.43
N ASN D 290 36.22 -20.96 -25.74
CA ASN D 290 35.00 -20.19 -25.68
C ASN D 290 34.62 -19.67 -27.06
N LYS D 291 33.32 -19.47 -27.26
CA LYS D 291 32.80 -18.72 -28.40
C LYS D 291 32.83 -17.23 -28.12
N THR D 292 32.30 -16.83 -26.96
CA THR D 292 32.06 -15.42 -26.65
C THR D 292 33.37 -14.66 -26.51
N LYS D 293 34.36 -15.29 -25.88
CA LYS D 293 35.66 -14.65 -25.71
C LYS D 293 36.36 -14.48 -27.05
N VAL D 294 36.18 -15.43 -27.96
CA VAL D 294 36.82 -15.32 -29.28
C VAL D 294 36.15 -14.24 -30.11
N HIS D 295 34.81 -14.14 -30.07
CA HIS D 295 34.13 -13.10 -30.84
C HIS D 295 34.40 -11.71 -30.27
N GLU D 296 34.48 -11.59 -28.93
CA GLU D 296 34.87 -10.32 -28.33
C GLU D 296 36.31 -9.98 -28.64
N HIS D 297 37.20 -10.99 -28.72
CA HIS D 297 38.58 -10.76 -29.11
C HIS D 297 38.68 -10.32 -30.57
N ILE D 298 37.80 -10.84 -31.43
CA ILE D 298 37.80 -10.42 -32.83
C ILE D 298 37.31 -8.98 -32.97
N VAL D 299 36.24 -8.62 -32.26
CA VAL D 299 35.74 -7.25 -32.30
C VAL D 299 36.76 -6.28 -31.69
N ARG D 300 37.47 -6.74 -30.66
CA ARG D 300 38.53 -5.93 -30.07
C ARG D 300 39.70 -5.75 -31.02
N LEU D 301 40.08 -6.81 -31.75
CA LEU D 301 41.13 -6.70 -32.76
C LEU D 301 40.71 -5.83 -33.94
N VAL D 302 39.41 -5.73 -34.20
CA VAL D 302 38.93 -4.71 -35.12
C VAL D 302 39.17 -3.32 -34.53
N GLN D 303 38.84 -3.15 -33.25
CA GLN D 303 39.03 -1.85 -32.61
C GLN D 303 40.42 -1.67 -32.00
N GLU D 304 41.26 -2.70 -32.00
CA GLU D 304 42.68 -2.46 -31.74
C GLU D 304 43.41 -2.00 -33.00
N LYS D 305 42.81 -2.24 -34.17
CA LYS D 305 43.19 -1.60 -35.44
C LYS D 305 44.59 -1.99 -35.89
N ARG D 306 45.01 -3.22 -35.59
CA ARG D 306 46.27 -3.71 -36.14
C ARG D 306 46.08 -4.11 -37.59
N ILE D 307 44.98 -4.78 -37.91
CA ILE D 307 44.63 -5.11 -39.28
C ILE D 307 43.12 -4.92 -39.44
N GLU D 308 42.71 -4.51 -40.64
CA GLU D 308 41.34 -4.18 -40.95
C GLU D 308 40.82 -5.09 -42.06
N GLY D 309 39.55 -4.91 -42.42
CA GLY D 309 38.88 -5.72 -43.42
C GLY D 309 37.66 -6.45 -42.92
N ILE D 310 37.55 -6.66 -41.62
CA ILE D 310 36.37 -7.29 -41.04
C ILE D 310 35.25 -6.25 -40.98
N THR D 311 34.11 -6.57 -41.57
CA THR D 311 32.97 -5.68 -41.47
C THR D 311 32.27 -5.85 -40.13
N ALA D 312 31.75 -7.05 -39.86
CA ALA D 312 30.97 -7.30 -38.66
C ALA D 312 31.01 -8.78 -38.34
N VAL D 313 30.36 -9.13 -37.23
CA VAL D 313 30.23 -10.51 -36.76
C VAL D 313 28.76 -10.77 -36.47
N ARG D 314 28.21 -11.83 -37.05
CA ARG D 314 26.85 -12.25 -36.79
C ARG D 314 26.87 -13.53 -35.96
N ASP D 315 26.37 -13.42 -34.73
CA ASP D 315 26.18 -14.56 -33.83
C ASP D 315 24.69 -14.92 -33.91
N GLU D 316 24.35 -15.75 -34.89
CA GLU D 316 22.96 -15.96 -35.29
C GLU D 316 22.35 -17.20 -34.65
N SER D 317 22.72 -17.53 -33.41
CA SER D 317 22.09 -18.61 -32.69
C SER D 317 22.01 -18.27 -31.21
N ASN D 318 20.97 -18.79 -30.57
CA ASN D 318 20.80 -18.68 -29.12
C ASN D 318 21.44 -19.88 -28.44
N ARG D 319 20.95 -21.07 -28.74
CA ARG D 319 21.54 -22.32 -28.27
C ARG D 319 21.65 -23.38 -29.35
N GLU D 320 20.99 -23.22 -30.50
CA GLU D 320 20.76 -24.29 -31.44
C GLU D 320 21.51 -24.04 -32.74
N GLY D 321 22.38 -24.98 -33.11
CA GLY D 321 23.13 -24.90 -34.33
C GLY D 321 24.36 -24.04 -34.19
N VAL D 322 25.52 -24.58 -34.55
CA VAL D 322 26.78 -23.85 -34.41
C VAL D 322 27.27 -23.57 -35.83
N ARG D 323 26.84 -22.43 -36.37
CA ARG D 323 27.27 -21.92 -37.67
C ARG D 323 27.19 -20.42 -37.60
N PHE D 324 28.33 -19.74 -37.73
CA PHE D 324 28.37 -18.31 -37.45
C PHE D 324 29.14 -17.59 -38.55
N VAL D 325 28.58 -16.47 -39.00
CA VAL D 325 29.04 -15.73 -40.16
C VAL D 325 29.77 -14.49 -39.67
N ILE D 326 31.01 -14.33 -40.10
CA ILE D 326 31.74 -13.08 -39.92
C ILE D 326 32.09 -12.54 -41.31
N GLU D 327 31.74 -11.27 -41.53
CA GLU D 327 31.73 -10.69 -42.85
C GLU D 327 33.07 -10.02 -43.14
N VAL D 328 33.58 -10.23 -44.36
CA VAL D 328 34.71 -9.48 -44.88
C VAL D 328 34.16 -8.55 -45.95
N LYS D 329 34.63 -7.31 -45.96
CA LYS D 329 34.10 -6.26 -46.81
C LYS D 329 34.41 -6.52 -48.29
N ARG D 330 33.89 -5.63 -49.13
CA ARG D 330 34.23 -5.63 -50.54
C ARG D 330 35.71 -5.27 -50.71
N ASP D 331 36.33 -5.89 -51.73
CA ASP D 331 37.72 -5.66 -52.13
C ASP D 331 38.69 -6.05 -51.01
N ALA D 332 38.52 -7.28 -50.52
CA ALA D 332 39.41 -7.85 -49.51
C ALA D 332 39.30 -9.36 -49.61
N SER D 333 40.40 -10.02 -49.99
CA SER D 333 40.42 -11.47 -50.06
C SER D 333 40.35 -12.05 -48.67
N ALA D 334 39.27 -12.80 -48.38
CA ALA D 334 39.01 -13.25 -47.01
C ALA D 334 39.95 -14.35 -46.55
N ASN D 335 40.79 -14.90 -47.43
CA ASN D 335 41.82 -15.83 -46.97
C ASN D 335 42.93 -15.10 -46.24
N VAL D 336 43.18 -13.84 -46.58
CA VAL D 336 44.12 -13.01 -45.83
C VAL D 336 43.60 -12.75 -44.42
N ILE D 337 42.33 -12.37 -44.31
CA ILE D 337 41.68 -12.15 -43.02
C ILE D 337 41.61 -13.46 -42.24
N LEU D 338 41.42 -14.57 -42.94
CA LEU D 338 41.32 -15.88 -42.31
C LEU D 338 42.65 -16.33 -41.72
N ASN D 339 43.74 -16.15 -42.48
CA ASN D 339 45.08 -16.43 -41.96
C ASN D 339 45.44 -15.51 -40.80
N ASN D 340 44.98 -14.26 -40.83
CA ASN D 340 45.32 -13.34 -39.76
C ASN D 340 44.52 -13.61 -38.49
N LEU D 341 43.26 -14.01 -38.61
CA LEU D 341 42.50 -14.43 -37.43
C LEU D 341 43.00 -15.76 -36.90
N PHE D 342 43.58 -16.60 -37.77
CA PHE D 342 44.23 -17.81 -37.30
C PHE D 342 45.54 -17.49 -36.57
N LYS D 343 46.25 -16.46 -37.03
CA LYS D 343 47.46 -16.03 -36.35
C LYS D 343 47.17 -15.42 -34.99
N MET D 344 46.14 -14.58 -34.90
CA MET D 344 45.90 -13.79 -33.69
C MET D 344 45.01 -14.50 -32.69
N THR D 345 43.80 -14.86 -33.09
CA THR D 345 42.73 -15.21 -32.16
C THR D 345 42.93 -16.61 -31.60
N GLN D 346 41.96 -17.04 -30.78
CA GLN D 346 41.87 -18.43 -30.35
C GLN D 346 40.97 -19.23 -31.28
N MET D 347 41.24 -19.14 -32.58
CA MET D 347 40.52 -19.89 -33.59
C MET D 347 41.38 -20.96 -34.22
N GLN D 348 42.67 -20.70 -34.41
CA GLN D 348 43.67 -21.72 -34.67
C GLN D 348 44.74 -21.58 -33.60
N THR D 349 44.78 -22.55 -32.69
CA THR D 349 45.67 -22.56 -31.53
C THR D 349 46.64 -23.73 -31.62
N ASN D 350 47.56 -23.76 -30.66
CA ASN D 350 48.33 -24.97 -30.42
C ASN D 350 47.61 -25.84 -29.40
N PHE D 351 47.97 -27.11 -29.37
CA PHE D 351 47.41 -27.99 -28.36
C PHE D 351 48.44 -29.08 -28.10
N GLY D 352 48.90 -29.15 -26.86
CA GLY D 352 49.92 -30.11 -26.50
C GLY D 352 49.33 -31.45 -26.11
N PHE D 353 50.08 -32.50 -26.41
CA PHE D 353 49.83 -33.84 -25.92
C PHE D 353 50.96 -34.25 -25.01
N ASN D 354 50.61 -34.70 -23.80
CA ASN D 354 51.56 -35.29 -22.87
C ASN D 354 50.78 -36.33 -22.07
N MET D 355 50.82 -37.58 -22.54
CA MET D 355 49.97 -38.63 -21.99
C MET D 355 50.64 -39.16 -20.73
N LEU D 356 50.33 -38.50 -19.62
CA LEU D 356 50.88 -38.78 -18.30
C LEU D 356 49.77 -39.29 -17.40
N ALA D 357 49.95 -40.50 -16.87
CA ALA D 357 48.92 -41.07 -16.00
C ALA D 357 49.57 -42.12 -15.09
N ILE D 358 48.77 -42.66 -14.18
CA ILE D 358 49.26 -43.56 -13.14
C ILE D 358 49.29 -44.98 -13.69
N GLN D 359 50.48 -45.57 -13.77
CA GLN D 359 50.60 -46.98 -14.01
C GLN D 359 51.41 -47.58 -12.88
N ASN D 360 50.92 -48.70 -12.33
CA ASN D 360 51.54 -49.44 -11.24
C ASN D 360 51.78 -48.60 -10.00
N GLY D 361 51.03 -47.52 -9.83
CA GLY D 361 51.18 -46.64 -8.69
C GLY D 361 52.09 -45.44 -8.92
N ILE D 362 52.75 -45.32 -10.06
CA ILE D 362 53.59 -44.15 -10.29
C ILE D 362 53.05 -43.36 -11.49
N PRO D 363 53.26 -42.05 -11.54
CA PRO D 363 52.91 -41.31 -12.76
C PRO D 363 54.00 -41.50 -13.81
N LYS D 364 53.57 -41.78 -15.04
CA LYS D 364 54.49 -41.97 -16.15
C LYS D 364 53.89 -41.36 -17.41
N ILE D 365 54.79 -40.87 -18.26
CA ILE D 365 54.44 -40.48 -19.61
C ILE D 365 54.44 -41.75 -20.46
N LEU D 366 53.27 -42.08 -21.02
CA LEU D 366 53.10 -43.34 -21.71
C LEU D 366 52.64 -43.10 -23.14
N SER D 367 52.99 -44.03 -24.01
CA SER D 367 52.64 -43.92 -25.41
C SER D 367 51.30 -44.57 -25.70
N LEU D 368 50.85 -44.43 -26.95
CA LEU D 368 49.60 -45.04 -27.39
C LEU D 368 49.69 -46.56 -27.36
N ARG D 369 50.86 -47.09 -27.71
CA ARG D 369 51.11 -48.52 -27.58
C ARG D 369 51.00 -48.97 -26.13
N GLN D 370 51.59 -48.19 -25.22
CA GLN D 370 51.69 -48.60 -23.82
C GLN D 370 50.34 -48.50 -23.10
N ILE D 371 49.55 -47.47 -23.44
CA ILE D 371 48.19 -47.35 -22.91
C ILE D 371 47.37 -48.56 -23.27
N LEU D 372 47.46 -49.00 -24.51
CA LEU D 372 46.60 -50.08 -24.95
C LEU D 372 47.14 -51.44 -24.54
N ASP D 373 48.46 -51.59 -24.43
CA ASP D 373 49.00 -52.81 -23.84
C ASP D 373 48.56 -52.97 -22.39
N ALA D 374 48.60 -51.88 -21.63
CA ALA D 374 48.16 -51.93 -20.24
C ALA D 374 46.66 -52.16 -20.13
N TYR D 375 45.88 -51.57 -21.03
CA TYR D 375 44.44 -51.78 -21.01
C TYR D 375 44.08 -53.22 -21.35
N ILE D 376 44.79 -53.82 -22.31
CA ILE D 376 44.54 -55.22 -22.66
C ILE D 376 44.93 -56.13 -21.51
N GLU D 377 46.03 -55.81 -20.81
CA GLU D 377 46.39 -56.57 -19.60
C GLU D 377 45.32 -56.44 -18.53
N HIS D 378 44.75 -55.25 -18.38
CA HIS D 378 43.70 -55.06 -17.37
C HIS D 378 42.43 -55.80 -17.73
N GLN D 379 42.09 -55.85 -19.02
CA GLN D 379 40.89 -56.60 -19.39
C GLN D 379 41.11 -58.09 -19.27
N LYS D 380 42.35 -58.56 -19.47
CA LYS D 380 42.67 -59.95 -19.17
C LYS D 380 42.49 -60.24 -17.68
N GLU D 381 42.91 -59.31 -16.83
CA GLU D 381 42.68 -59.45 -15.39
C GLU D 381 41.20 -59.47 -15.05
N VAL D 382 40.42 -58.59 -15.69
CA VAL D 382 38.98 -58.52 -15.45
C VAL D 382 38.29 -59.81 -15.84
N VAL D 383 38.65 -60.33 -17.02
CA VAL D 383 38.01 -61.54 -17.53
C VAL D 383 38.40 -62.76 -16.69
N VAL D 384 39.67 -62.87 -16.29
CA VAL D 384 40.09 -63.99 -15.46
C VAL D 384 39.41 -63.94 -14.09
N ARG D 385 39.28 -62.75 -13.51
CA ARG D 385 38.65 -62.68 -12.19
C ARG D 385 37.15 -62.94 -12.26
N ARG D 386 36.48 -62.43 -13.30
CA ARG D 386 35.05 -62.68 -13.43
C ARG D 386 34.77 -64.14 -13.71
N THR D 387 35.62 -64.77 -14.54
CA THR D 387 35.47 -66.17 -14.87
C THR D 387 35.74 -67.04 -13.65
N ARG D 388 36.74 -66.68 -12.84
CA ARG D 388 36.97 -67.43 -11.61
C ARG D 388 35.84 -67.24 -10.62
N PHE D 389 35.21 -66.06 -10.59
CA PHE D 389 34.08 -65.86 -9.69
C PHE D 389 32.90 -66.71 -10.09
N ASP D 390 32.57 -66.73 -11.37
CA ASP D 390 31.44 -67.55 -11.80
C ASP D 390 31.75 -69.03 -11.68
N LYS D 391 33.01 -69.42 -11.81
CA LYS D 391 33.38 -70.80 -11.54
C LYS D 391 33.25 -71.13 -10.06
N GLU D 392 33.56 -70.16 -9.18
CA GLU D 392 33.34 -70.35 -7.75
C GLU D 392 31.86 -70.52 -7.43
N LYS D 393 31.02 -69.68 -8.03
CA LYS D 393 29.58 -69.73 -7.75
C LYS D 393 28.96 -71.01 -8.27
N ALA D 394 29.24 -71.35 -9.52
CA ALA D 394 28.73 -72.59 -10.09
C ALA D 394 29.34 -73.82 -9.44
N GLU D 395 30.59 -73.71 -8.95
CA GLU D 395 31.21 -74.85 -8.31
C GLU D 395 30.63 -75.08 -6.93
N ALA D 396 30.29 -74.01 -6.21
CA ALA D 396 29.61 -74.17 -4.94
C ALA D 396 28.20 -74.73 -5.12
N ARG D 397 27.50 -74.27 -6.17
CA ARG D 397 26.17 -74.81 -6.41
C ARG D 397 26.23 -76.26 -6.86
N ALA D 398 27.24 -76.62 -7.65
CA ALA D 398 27.43 -78.01 -8.04
C ALA D 398 27.88 -78.87 -6.87
N HIS D 399 28.58 -78.28 -5.91
CA HIS D 399 28.95 -78.99 -4.69
C HIS D 399 27.71 -79.33 -3.85
N ILE D 400 26.83 -78.33 -3.68
CA ILE D 400 25.58 -78.56 -2.95
C ILE D 400 24.69 -79.55 -3.70
N LEU D 401 24.64 -79.44 -5.01
CA LEU D 401 23.80 -80.32 -5.81
C LEU D 401 24.38 -81.73 -5.87
N GLU D 402 25.70 -81.85 -5.75
CA GLU D 402 26.33 -83.16 -5.66
C GLU D 402 26.04 -83.81 -4.31
N GLY D 403 26.02 -83.01 -3.24
CA GLY D 403 25.60 -83.53 -1.95
C GLY D 403 24.17 -84.04 -1.95
N LEU D 404 23.27 -83.29 -2.59
CA LEU D 404 21.91 -83.78 -2.76
C LEU D 404 21.84 -84.97 -3.70
N LEU D 405 22.77 -85.06 -4.65
CA LEU D 405 22.77 -86.21 -5.55
C LEU D 405 23.23 -87.46 -4.84
N ILE D 406 24.20 -87.34 -3.93
CA ILE D 406 24.60 -88.45 -3.07
C ILE D 406 23.47 -88.82 -2.12
N ALA D 407 22.68 -87.83 -1.68
CA ALA D 407 21.48 -88.13 -0.91
C ALA D 407 20.48 -88.92 -1.73
N LEU D 408 20.34 -88.59 -3.02
CA LEU D 408 19.49 -89.35 -3.92
C LEU D 408 20.06 -90.72 -4.26
N ASP D 409 21.36 -90.91 -4.07
CA ASP D 409 21.97 -92.22 -4.33
C ASP D 409 21.48 -93.24 -3.32
N HIS D 410 21.81 -93.03 -2.05
CA HIS D 410 21.39 -93.92 -0.97
C HIS D 410 20.43 -93.13 -0.10
N ILE D 411 19.15 -93.12 -0.48
CA ILE D 411 18.15 -92.40 0.29
C ILE D 411 17.86 -93.15 1.58
N ASP D 412 17.89 -94.48 1.53
CA ASP D 412 17.41 -95.29 2.64
C ASP D 412 18.34 -95.21 3.85
N GLU D 413 19.65 -95.15 3.60
CA GLU D 413 20.59 -95.02 4.70
C GLU D 413 20.47 -93.66 5.37
N VAL D 414 20.22 -92.62 4.57
CA VAL D 414 20.04 -91.27 5.11
C VAL D 414 18.79 -91.22 5.97
N ILE D 415 17.71 -91.83 5.49
CA ILE D 415 16.46 -91.89 6.26
C ILE D 415 16.66 -92.70 7.53
N ARG D 416 17.42 -93.79 7.44
CA ARG D 416 17.71 -94.64 8.60
C ARG D 416 18.51 -93.91 9.66
N ILE D 417 19.42 -93.04 9.24
CA ILE D 417 20.19 -92.25 10.20
C ILE D 417 19.35 -91.11 10.77
N ILE D 418 18.48 -90.48 9.96
CA ILE D 418 17.59 -89.43 10.45
C ILE D 418 16.61 -89.97 11.47
N ARG D 419 16.08 -91.17 11.21
CA ARG D 419 15.21 -91.83 12.19
C ARG D 419 15.97 -92.25 13.43
N ALA D 420 17.27 -92.50 13.31
CA ALA D 420 18.11 -92.84 14.45
C ALA D 420 18.74 -91.61 15.08
N SER D 421 18.46 -90.41 14.56
CA SER D 421 19.06 -89.20 15.07
C SER D 421 18.28 -88.68 16.26
N GLU D 422 18.90 -87.77 17.00
CA GLU D 422 18.25 -87.12 18.14
C GLU D 422 18.30 -85.60 18.02
N THR D 423 19.40 -85.06 17.50
CA THR D 423 19.53 -83.64 17.20
C THR D 423 19.93 -83.47 15.73
N ASP D 424 19.81 -82.24 15.24
CA ASP D 424 20.18 -81.95 13.86
C ASP D 424 21.69 -82.02 13.67
N ALA D 425 22.44 -81.60 14.70
CA ALA D 425 23.90 -81.68 14.64
C ALA D 425 24.36 -83.12 14.60
N GLU D 426 23.70 -84.01 15.37
CA GLU D 426 24.00 -85.43 15.30
C GLU D 426 23.71 -85.98 13.91
N ALA D 427 22.59 -85.58 13.32
CA ALA D 427 22.20 -86.10 12.01
C ALA D 427 23.20 -85.68 10.95
N GLN D 428 23.59 -84.40 10.95
CA GLN D 428 24.53 -83.94 9.94
C GLN D 428 25.92 -84.50 10.17
N ALA D 429 26.31 -84.71 11.44
CA ALA D 429 27.62 -85.30 11.73
C ALA D 429 27.68 -86.75 11.29
N GLU D 430 26.60 -87.51 11.53
CA GLU D 430 26.61 -88.91 11.13
C GLU D 430 26.48 -89.06 9.62
N LEU D 431 25.79 -88.14 8.95
CA LEU D 431 25.76 -88.18 7.49
C LEU D 431 27.13 -87.85 6.89
N MET D 432 27.80 -86.83 7.44
CA MET D 432 29.15 -86.50 6.98
C MET D 432 30.14 -87.61 7.32
N SER D 433 29.90 -88.35 8.39
CA SER D 433 30.77 -89.48 8.73
C SER D 433 30.51 -90.67 7.83
N LYS D 434 29.27 -90.88 7.42
CA LYS D 434 28.92 -92.09 6.70
C LYS D 434 29.10 -91.95 5.19
N PHE D 435 28.90 -90.75 4.64
CA PHE D 435 28.99 -90.59 3.19
C PHE D 435 29.97 -89.51 2.78
N LYS D 436 30.88 -89.11 3.69
CA LYS D 436 32.01 -88.22 3.41
C LYS D 436 31.53 -86.85 2.90
N LEU D 437 30.63 -86.25 3.65
CA LEU D 437 29.91 -85.08 3.20
C LEU D 437 30.46 -83.81 3.85
N SER D 438 29.97 -82.68 3.39
CA SER D 438 30.33 -81.38 3.93
C SER D 438 29.23 -80.87 4.84
N GLU D 439 29.51 -79.76 5.51
CA GLU D 439 28.47 -79.09 6.30
C GLU D 439 27.40 -78.51 5.38
N ARG D 440 27.82 -77.92 4.26
CA ARG D 440 26.86 -77.42 3.28
C ARG D 440 26.03 -78.54 2.69
N GLN D 441 26.69 -79.66 2.38
CA GLN D 441 25.99 -80.83 1.83
C GLN D 441 25.02 -81.42 2.84
N SER D 442 25.43 -81.53 4.10
CA SER D 442 24.57 -82.12 5.11
C SER D 442 23.40 -81.21 5.47
N GLN D 443 23.62 -79.89 5.47
CA GLN D 443 22.50 -78.97 5.66
C GLN D 443 21.52 -79.02 4.50
N ALA D 444 22.03 -79.18 3.28
CA ALA D 444 21.15 -79.30 2.13
C ALA D 444 20.35 -80.59 2.17
N ILE D 445 20.95 -81.67 2.66
CA ILE D 445 20.24 -82.94 2.78
C ILE D 445 19.17 -82.86 3.87
N LEU D 446 19.52 -82.31 5.03
CA LEU D 446 18.55 -82.20 6.12
C LEU D 446 17.52 -81.10 5.88
N ASP D 447 17.70 -80.26 4.87
CA ASP D 447 16.67 -79.32 4.45
C ASP D 447 16.08 -79.68 3.10
N MET D 448 16.40 -80.85 2.56
CA MET D 448 15.85 -81.30 1.30
C MET D 448 14.37 -81.65 1.47
N ARG D 449 13.56 -81.19 0.52
CA ARG D 449 12.13 -81.40 0.60
C ARG D 449 11.76 -82.79 0.08
N LEU D 450 10.82 -83.44 0.79
CA LEU D 450 10.49 -84.83 0.52
C LEU D 450 9.81 -84.99 -0.84
N ARG D 451 9.15 -83.94 -1.32
CA ARG D 451 8.56 -83.92 -2.65
C ARG D 451 9.61 -84.05 -3.72
N ARG D 452 10.84 -83.62 -3.42
CA ARG D 452 11.98 -83.79 -4.31
C ARG D 452 12.56 -85.21 -4.27
N LEU D 453 11.91 -86.15 -3.59
CA LEU D 453 12.33 -87.56 -3.57
C LEU D 453 11.62 -88.39 -4.63
N THR D 454 11.61 -87.92 -5.88
CA THR D 454 10.96 -88.64 -6.96
C THR D 454 11.87 -88.65 -8.19
N GLY D 455 11.58 -89.60 -9.09
CA GLY D 455 12.30 -89.65 -10.35
C GLY D 455 11.96 -88.50 -11.27
N LEU D 456 10.81 -87.87 -11.06
CA LEU D 456 10.50 -86.64 -11.79
C LEU D 456 11.33 -85.47 -11.29
N GLU D 457 11.87 -85.55 -10.09
CA GLU D 457 12.77 -84.54 -9.54
C GLU D 457 14.23 -84.94 -9.63
N ARG D 458 14.55 -86.24 -9.59
CA ARG D 458 15.93 -86.68 -9.79
C ARG D 458 16.40 -86.41 -11.21
N ASP D 459 15.48 -86.43 -12.17
CA ASP D 459 15.82 -86.09 -13.54
C ASP D 459 16.24 -84.63 -13.67
N LYS D 460 15.49 -83.73 -13.02
CA LYS D 460 15.80 -82.31 -13.09
C LYS D 460 17.11 -81.98 -12.39
N ILE D 461 17.35 -82.60 -11.22
CA ILE D 461 18.58 -82.41 -10.48
C ILE D 461 19.77 -82.95 -11.26
N GLN D 462 19.63 -84.14 -11.86
CA GLN D 462 20.73 -84.74 -12.61
C GLN D 462 21.05 -83.96 -13.88
N SER D 463 20.02 -83.51 -14.59
CA SER D 463 20.23 -82.73 -15.80
C SER D 463 20.86 -81.37 -15.49
N GLU D 464 20.37 -80.70 -14.45
CA GLU D 464 20.95 -79.42 -14.05
C GLU D 464 22.36 -79.58 -13.52
N TYR D 465 22.65 -80.72 -12.89
CA TYR D 465 23.99 -81.00 -12.39
C TYR D 465 24.97 -81.22 -13.53
N ASP D 466 24.56 -81.95 -14.55
CA ASP D 466 25.41 -82.10 -15.73
C ASP D 466 25.57 -80.78 -16.48
N ASP D 467 24.53 -79.95 -16.49
CA ASP D 467 24.65 -78.63 -17.13
C ASP D 467 25.61 -77.73 -16.37
N LEU D 468 25.58 -77.77 -15.05
CA LEU D 468 26.51 -76.94 -14.28
C LEU D 468 27.94 -77.47 -14.37
N LEU D 469 28.12 -78.78 -14.46
CA LEU D 469 29.48 -79.28 -14.70
C LEU D 469 29.96 -78.94 -16.11
N ALA D 470 29.04 -78.87 -17.07
CA ALA D 470 29.41 -78.39 -18.40
C ALA D 470 29.82 -76.92 -18.36
N LEU D 471 29.13 -76.12 -17.55
CA LEU D 471 29.50 -74.72 -17.41
C LEU D 471 30.84 -74.57 -16.71
N ILE D 472 31.13 -75.45 -15.74
CA ILE D 472 32.43 -75.46 -15.08
C ILE D 472 33.54 -75.84 -16.06
N ALA D 473 33.27 -76.81 -16.94
CA ALA D 473 34.26 -77.19 -17.94
C ALA D 473 34.48 -76.08 -18.96
N ASP D 474 33.41 -75.34 -19.29
CA ASP D 474 33.54 -74.20 -20.19
C ASP D 474 34.38 -73.09 -19.55
N LEU D 475 34.13 -72.78 -18.28
CA LEU D 475 34.90 -71.73 -17.63
C LEU D 475 36.34 -72.15 -17.38
N ALA D 476 36.58 -73.45 -17.18
CA ALA D 476 37.95 -73.94 -17.08
C ALA D 476 38.66 -73.85 -18.43
N ASP D 477 37.93 -74.07 -19.53
CA ASP D 477 38.51 -73.85 -20.85
C ASP D 477 38.78 -72.38 -21.12
N ILE D 478 37.98 -71.49 -20.55
CA ILE D 478 38.25 -70.07 -20.66
C ILE D 478 39.49 -69.70 -19.84
N LEU D 479 39.61 -70.24 -18.63
CA LEU D 479 40.78 -69.98 -17.80
C LEU D 479 42.03 -70.69 -18.28
N ALA D 480 41.91 -71.66 -19.18
CA ALA D 480 43.09 -72.40 -19.64
C ALA D 480 43.69 -71.80 -20.91
N LYS D 481 42.89 -71.14 -21.74
CA LYS D 481 43.34 -70.66 -23.04
C LYS D 481 43.21 -69.15 -23.12
N PRO D 482 44.31 -68.40 -23.22
CA PRO D 482 44.21 -66.94 -23.36
C PRO D 482 43.65 -66.48 -24.70
N GLU D 483 43.54 -67.36 -25.68
CA GLU D 483 42.92 -67.00 -26.96
C GLU D 483 41.44 -66.64 -26.76
N ARG D 484 40.72 -67.47 -26.01
CA ARG D 484 39.31 -67.21 -25.77
C ARG D 484 39.10 -65.99 -24.90
N VAL D 485 40.09 -65.65 -24.07
CA VAL D 485 40.04 -64.43 -23.28
C VAL D 485 39.99 -63.23 -24.20
N SER D 486 40.91 -63.17 -25.15
CA SER D 486 40.91 -62.13 -26.18
C SER D 486 39.65 -62.19 -27.02
N GLN D 487 39.08 -63.37 -27.20
CA GLN D 487 37.85 -63.50 -27.97
C GLN D 487 36.68 -62.84 -27.25
N ILE D 488 36.56 -63.08 -25.95
CA ILE D 488 35.51 -62.45 -25.14
C ILE D 488 35.69 -60.95 -25.13
N ILE D 489 36.94 -60.50 -25.07
CA ILE D 489 37.24 -59.07 -25.10
C ILE D 489 36.80 -58.46 -26.43
N LYS D 490 37.12 -59.13 -27.54
CA LYS D 490 36.72 -58.66 -28.87
C LYS D 490 35.21 -58.58 -29.00
N ASP D 491 34.52 -59.60 -28.49
CA ASP D 491 33.06 -59.67 -28.63
C ASP D 491 32.39 -58.54 -27.86
N GLU D 492 32.82 -58.31 -26.62
CA GLU D 492 32.15 -57.29 -25.83
C GLU D 492 32.55 -55.89 -26.30
N LEU D 493 33.78 -55.72 -26.79
CA LEU D 493 34.17 -54.45 -27.37
C LEU D 493 33.38 -54.14 -28.64
N ASP D 494 33.14 -55.16 -29.47
CA ASP D 494 32.35 -54.91 -30.66
C ASP D 494 30.89 -54.69 -30.33
N GLU D 495 30.42 -55.26 -29.21
CA GLU D 495 29.09 -54.94 -28.72
C GLU D 495 28.99 -53.47 -28.32
N VAL D 496 30.00 -52.96 -27.64
CA VAL D 496 30.04 -51.56 -27.27
C VAL D 496 30.13 -50.68 -28.52
N LYS D 497 30.92 -51.11 -29.50
CA LYS D 497 31.08 -50.37 -30.75
C LYS D 497 29.77 -50.30 -31.51
N ARG D 498 28.99 -51.38 -31.48
CA ARG D 498 27.66 -51.33 -32.07
C ARG D 498 26.75 -50.39 -31.29
N LYS D 499 26.86 -50.39 -29.96
CA LYS D 499 25.89 -49.63 -29.19
C LYS D 499 26.15 -48.13 -29.17
N PHE D 500 27.37 -47.68 -29.47
CA PHE D 500 27.66 -46.27 -29.23
C PHE D 500 28.44 -45.53 -30.31
N SER D 501 29.17 -46.21 -31.20
CA SER D 501 30.24 -45.55 -31.95
C SER D 501 29.69 -44.62 -33.03
N ASP D 502 29.90 -43.32 -32.85
CA ASP D 502 29.69 -42.33 -33.88
C ASP D 502 31.00 -42.18 -34.66
N LYS D 503 31.10 -41.17 -35.50
CA LYS D 503 32.35 -40.89 -36.21
C LYS D 503 32.86 -39.50 -35.87
N ARG D 504 33.97 -39.14 -36.51
CA ARG D 504 34.73 -37.95 -36.14
C ARG D 504 33.98 -36.69 -36.49
N ARG D 505 33.66 -35.90 -35.47
CA ARG D 505 33.18 -34.55 -35.70
C ARG D 505 34.31 -33.63 -36.13
N THR D 506 35.54 -34.01 -35.87
CA THR D 506 36.73 -33.29 -36.27
C THR D 506 37.29 -33.89 -37.54
N GLU D 507 37.64 -33.05 -38.51
CA GLU D 507 38.28 -33.50 -39.74
C GLU D 507 39.78 -33.33 -39.61
N LEU D 508 40.53 -34.38 -39.92
CA LEU D 508 41.97 -34.29 -40.02
C LEU D 508 42.33 -33.63 -41.34
N MET D 509 42.74 -32.38 -41.30
CA MET D 509 43.20 -31.69 -42.50
C MET D 509 44.70 -31.80 -42.61
N VAL D 510 45.25 -31.26 -43.69
CA VAL D 510 46.69 -31.30 -43.90
C VAL D 510 47.24 -29.89 -44.01
N LYS E 28 53.83 -20.21 -16.08
CA LYS E 28 55.24 -20.32 -15.72
C LYS E 28 55.89 -18.93 -15.65
N ASN E 29 55.71 -18.25 -14.52
CA ASN E 29 56.12 -16.86 -14.40
C ASN E 29 57.48 -16.68 -13.73
N LEU E 30 57.61 -17.06 -12.46
CA LEU E 30 58.90 -16.93 -11.77
C LEU E 30 59.82 -18.02 -12.28
N VAL E 31 61.08 -17.66 -12.52
CA VAL E 31 62.04 -18.60 -13.11
C VAL E 31 63.25 -18.72 -12.19
N ASN E 32 63.07 -18.42 -10.91
CA ASN E 32 64.14 -18.39 -9.91
C ASN E 32 64.72 -19.78 -9.69
N VAL E 33 66.00 -19.94 -10.00
CA VAL E 33 66.60 -21.27 -10.05
C VAL E 33 67.28 -21.67 -8.74
N ASN E 34 68.31 -20.96 -8.32
CA ASN E 34 69.28 -21.48 -7.33
C ASN E 34 68.65 -21.50 -5.94
N LEU E 35 67.93 -22.58 -5.70
CA LEU E 35 67.07 -22.66 -4.53
C LEU E 35 67.20 -24.02 -3.85
N THR E 36 68.41 -24.42 -3.48
CA THR E 36 68.54 -25.71 -2.81
C THR E 36 68.28 -25.60 -1.31
N LYS E 37 69.17 -24.93 -0.59
CA LYS E 37 69.01 -24.81 0.84
C LYS E 37 67.91 -23.83 1.19
N GLU E 38 67.59 -22.91 0.28
CA GLU E 38 66.48 -22.01 0.53
C GLU E 38 65.13 -22.71 0.37
N MET E 39 65.03 -23.68 -0.54
CA MET E 39 63.78 -24.43 -0.56
C MET E 39 63.71 -25.39 0.62
N LYS E 40 64.86 -25.88 1.11
CA LYS E 40 64.81 -26.69 2.32
C LYS E 40 64.41 -25.88 3.54
N ALA E 41 64.97 -24.67 3.68
CA ALA E 41 64.64 -23.83 4.82
C ALA E 41 63.21 -23.34 4.75
N SER E 42 62.75 -22.90 3.57
CA SER E 42 61.38 -22.46 3.43
C SER E 42 60.40 -23.61 3.57
N PHE E 43 60.81 -24.83 3.20
CA PHE E 43 59.91 -25.96 3.32
C PHE E 43 59.80 -26.42 4.77
N ILE E 44 60.92 -26.42 5.50
CA ILE E 44 60.88 -26.71 6.94
C ILE E 44 60.09 -25.64 7.67
N ASP E 45 60.21 -24.38 7.24
CA ASP E 45 59.47 -23.30 7.89
C ASP E 45 57.98 -23.44 7.67
N TYR E 46 57.55 -23.73 6.44
CA TYR E 46 56.12 -23.85 6.21
C TYR E 46 55.57 -25.13 6.82
N ALA E 47 56.36 -26.19 6.89
CA ALA E 47 55.91 -27.44 7.50
C ALA E 47 55.77 -27.29 9.02
N MET E 48 56.76 -26.69 9.67
CA MET E 48 56.68 -26.44 11.10
C MET E 48 55.57 -25.47 11.44
N SER E 49 55.30 -24.50 10.55
CA SER E 49 54.19 -23.59 10.82
C SER E 49 52.86 -24.31 10.72
N VAL E 50 52.74 -25.27 9.80
CA VAL E 50 51.53 -26.09 9.75
C VAL E 50 51.39 -26.91 11.03
N ILE E 51 52.45 -27.66 11.40
CA ILE E 51 52.42 -28.57 12.54
C ILE E 51 52.12 -27.85 13.84
N VAL E 52 52.73 -26.70 14.05
CA VAL E 52 52.45 -25.95 15.26
C VAL E 52 51.07 -25.31 15.19
N ALA E 53 50.87 -24.41 14.23
CA ALA E 53 49.74 -23.49 14.31
C ALA E 53 48.42 -24.19 14.04
N ARG E 54 48.33 -24.98 12.98
CA ARG E 54 47.02 -25.49 12.57
C ARG E 54 46.91 -26.97 12.80
N ALA E 55 47.70 -27.52 13.71
CA ALA E 55 47.83 -28.96 13.86
C ALA E 55 48.13 -29.27 15.32
N LEU E 56 48.74 -30.44 15.52
CA LEU E 56 48.71 -31.18 16.77
C LEU E 56 49.31 -30.39 17.93
N PRO E 57 48.67 -30.39 19.10
CA PRO E 57 49.15 -29.59 20.23
C PRO E 57 50.21 -30.25 21.09
N ASP E 58 50.53 -29.55 22.17
CA ASP E 58 51.72 -29.75 22.99
C ASP E 58 51.49 -30.82 24.06
N VAL E 59 52.59 -31.36 24.57
CA VAL E 59 52.51 -32.24 25.74
C VAL E 59 52.18 -31.42 26.98
N ARG E 60 52.95 -30.37 27.24
CA ARG E 60 52.98 -29.78 28.56
C ARG E 60 51.72 -29.02 28.93
N ASP E 61 50.84 -28.73 27.99
CA ASP E 61 49.51 -28.30 28.40
C ASP E 61 48.37 -28.84 27.56
N GLY E 62 48.64 -29.59 26.50
CA GLY E 62 47.56 -30.16 25.71
C GLY E 62 46.74 -29.16 24.93
N LEU E 63 47.24 -27.95 24.75
CA LEU E 63 46.46 -26.89 24.16
C LEU E 63 47.06 -26.47 22.83
N LYS E 64 46.19 -26.21 21.87
CA LYS E 64 46.64 -25.72 20.58
C LYS E 64 47.06 -24.27 20.72
N PRO E 65 47.96 -23.79 19.85
CA PRO E 65 48.38 -22.39 19.95
C PRO E 65 47.28 -21.39 19.71
N VAL E 66 46.30 -21.74 18.87
CA VAL E 66 45.07 -20.94 18.78
C VAL E 66 44.36 -20.91 20.12
N HIS E 67 44.26 -22.08 20.76
CA HIS E 67 43.60 -22.17 22.06
C HIS E 67 44.39 -21.45 23.13
N ARG E 68 45.72 -21.54 23.08
CA ARG E 68 46.56 -20.85 24.05
C ARG E 68 46.39 -19.35 23.95
N ARG E 69 46.32 -18.84 22.72
CA ARG E 69 46.12 -17.41 22.57
C ARG E 69 44.70 -17.00 22.93
N ILE E 70 43.71 -17.89 22.76
CA ILE E 70 42.36 -17.62 23.25
C ILE E 70 42.37 -17.44 24.75
N LEU E 71 42.95 -18.40 25.47
CA LEU E 71 42.93 -18.34 26.93
C LEU E 71 43.74 -17.18 27.46
N TYR E 72 44.89 -16.90 26.86
CA TYR E 72 45.68 -15.81 27.41
C TYR E 72 45.12 -14.45 27.05
N GLY E 73 44.49 -14.30 25.89
CA GLY E 73 43.85 -13.04 25.56
C GLY E 73 42.64 -12.78 26.42
N MET E 74 41.85 -13.83 26.70
CA MET E 74 40.70 -13.65 27.56
C MET E 74 41.12 -13.49 29.02
N ASN E 75 42.32 -13.93 29.37
CA ASN E 75 42.89 -13.63 30.68
C ASN E 75 43.28 -12.16 30.78
N GLU E 76 44.00 -11.66 29.78
CA GLU E 76 44.41 -10.26 29.80
C GLU E 76 43.24 -9.30 29.67
N LEU E 77 42.13 -9.73 29.07
CA LEU E 77 40.91 -8.96 29.15
C LEU E 77 40.19 -9.14 30.49
N GLY E 78 40.58 -10.15 31.26
CA GLY E 78 40.00 -10.35 32.58
C GLY E 78 38.59 -10.90 32.56
N VAL E 79 38.16 -11.52 31.46
CA VAL E 79 36.76 -11.92 31.31
C VAL E 79 36.64 -13.27 32.01
N THR E 80 36.47 -13.21 33.31
CA THR E 80 36.37 -14.31 34.25
C THR E 80 34.90 -14.47 34.66
N PRO E 81 34.52 -15.57 35.36
CA PRO E 81 33.12 -15.67 35.77
C PRO E 81 32.66 -14.77 36.92
N ASP E 82 33.47 -13.80 37.35
CA ASP E 82 32.92 -12.79 38.25
C ASP E 82 32.08 -11.77 37.49
N LYS E 83 32.46 -11.47 36.27
CA LYS E 83 31.72 -10.62 35.36
C LYS E 83 30.78 -11.46 34.51
N PRO E 84 29.71 -10.86 34.00
CA PRO E 84 28.87 -11.57 33.03
C PRO E 84 29.59 -11.70 31.69
N HIS E 85 28.94 -12.42 30.78
CA HIS E 85 29.56 -12.83 29.53
C HIS E 85 29.76 -11.63 28.61
N LYS E 86 30.86 -11.64 27.86
CA LYS E 86 31.15 -10.56 26.93
C LYS E 86 31.10 -11.04 25.50
N LYS E 87 30.93 -10.08 24.60
CA LYS E 87 30.80 -10.35 23.18
C LYS E 87 32.09 -10.94 22.62
N SER E 88 31.96 -12.10 21.96
CA SER E 88 33.12 -12.85 21.49
C SER E 88 33.86 -12.17 20.35
N ALA E 89 33.17 -11.28 19.63
CA ALA E 89 33.82 -10.55 18.54
C ALA E 89 34.92 -9.64 19.07
N ARG E 90 34.71 -9.05 20.24
CA ARG E 90 35.72 -8.18 20.83
C ARG E 90 36.93 -8.98 21.28
N ILE E 91 36.69 -10.18 21.81
CA ILE E 91 37.77 -11.06 22.22
C ILE E 91 38.60 -11.52 21.03
N THR E 92 37.92 -11.95 19.95
CA THR E 92 38.65 -12.36 18.76
C THR E 92 39.32 -11.19 18.07
N GLY E 93 38.76 -9.99 18.17
CA GLY E 93 39.43 -8.82 17.62
C GLY E 93 40.67 -8.46 18.40
N ASP E 94 40.65 -8.67 19.72
CA ASP E 94 41.85 -8.46 20.51
C ASP E 94 42.88 -9.56 20.26
N VAL E 95 42.41 -10.77 19.95
CA VAL E 95 43.30 -11.84 19.51
C VAL E 95 43.99 -11.47 18.21
N MET E 96 43.23 -10.92 17.26
CA MET E 96 43.79 -10.47 15.99
C MET E 96 44.77 -9.31 16.18
N GLY E 97 44.43 -8.36 17.05
CA GLY E 97 45.28 -7.22 17.27
C GLY E 97 46.47 -7.46 18.17
N LYS E 98 46.51 -8.59 18.87
CA LYS E 98 47.64 -8.83 19.75
C LYS E 98 48.42 -10.10 19.43
N TYR E 99 47.76 -11.25 19.28
CA TYR E 99 48.46 -12.52 19.31
C TYR E 99 48.38 -13.37 18.05
N HIS E 100 47.26 -13.38 17.34
CA HIS E 100 47.14 -14.43 16.33
C HIS E 100 46.49 -13.95 15.05
N PRO E 101 47.28 -13.50 14.07
CA PRO E 101 46.73 -12.89 12.83
C PRO E 101 46.35 -13.92 11.77
N HIS E 102 45.16 -14.48 11.90
CA HIS E 102 44.70 -15.55 11.02
C HIS E 102 43.18 -15.42 10.85
N GLY E 103 42.54 -16.51 10.46
CA GLY E 103 41.12 -16.46 10.13
C GLY E 103 40.24 -16.20 11.33
N ASP E 104 39.37 -15.19 11.21
CA ASP E 104 38.44 -14.83 12.28
C ASP E 104 37.46 -15.96 12.54
N SER E 105 36.94 -16.57 11.47
CA SER E 105 36.04 -17.71 11.62
C SER E 105 36.76 -18.94 12.14
N SER E 106 38.07 -19.07 11.90
CA SER E 106 38.80 -20.20 12.47
C SER E 106 38.99 -20.04 13.97
N ILE E 107 39.35 -18.83 14.41
CA ILE E 107 39.45 -18.53 15.84
C ILE E 107 38.10 -18.72 16.51
N TYR E 108 37.02 -18.28 15.85
CA TYR E 108 35.70 -18.49 16.42
C TYR E 108 35.25 -19.94 16.35
N GLU E 109 35.77 -20.71 15.40
CA GLU E 109 35.53 -22.15 15.37
C GLU E 109 36.16 -22.83 16.57
N ALA E 110 37.37 -22.41 16.94
CA ALA E 110 37.98 -22.91 18.17
C ALA E 110 37.19 -22.47 19.41
N MET E 111 36.65 -21.24 19.37
CA MET E 111 35.79 -20.74 20.44
C MET E 111 34.55 -21.61 20.61
N VAL E 112 33.90 -21.94 19.49
CA VAL E 112 32.66 -22.71 19.53
C VAL E 112 32.92 -24.15 19.96
N ARG E 113 33.98 -24.76 19.41
CA ARG E 113 34.28 -26.14 19.76
C ARG E 113 34.72 -26.28 21.21
N MET E 114 35.43 -25.29 21.75
CA MET E 114 35.84 -25.36 23.13
C MET E 114 34.66 -25.21 24.09
N ALA E 115 33.67 -24.41 23.73
CA ALA E 115 32.58 -24.03 24.63
C ALA E 115 31.32 -24.87 24.44
N GLN E 116 31.47 -26.15 24.11
CA GLN E 116 30.35 -27.07 24.00
C GLN E 116 30.63 -28.31 24.82
N TRP E 117 29.61 -28.76 25.56
CA TRP E 117 29.81 -29.87 26.48
C TRP E 117 29.98 -31.19 25.75
N TRP E 118 29.35 -31.35 24.57
CA TRP E 118 29.48 -32.59 23.83
C TRP E 118 30.65 -32.58 22.87
N SER E 119 31.04 -31.40 22.40
CA SER E 119 32.18 -31.29 21.52
C SER E 119 33.50 -31.34 22.28
N TYR E 120 33.45 -31.11 23.59
CA TYR E 120 34.66 -30.89 24.36
C TYR E 120 34.31 -31.24 25.80
N ARG E 121 35.17 -32.02 26.46
CA ARG E 121 34.80 -32.70 27.69
C ARG E 121 34.55 -31.72 28.84
N TYR E 122 35.57 -30.95 29.21
CA TYR E 122 35.42 -29.95 30.26
C TYR E 122 35.51 -28.60 29.57
N MET E 123 34.39 -27.89 29.48
CA MET E 123 34.31 -26.64 28.73
C MET E 123 35.17 -25.58 29.38
N LEU E 124 36.33 -25.29 28.77
CA LEU E 124 37.20 -24.26 29.30
C LEU E 124 36.57 -22.89 29.17
N VAL E 125 35.98 -22.61 28.02
CA VAL E 125 35.17 -21.42 27.83
C VAL E 125 33.73 -21.78 28.12
N ASP E 126 33.07 -21.00 28.96
CA ASP E 126 31.63 -21.09 29.12
C ASP E 126 30.98 -20.02 28.26
N GLY E 127 30.12 -20.45 27.34
CA GLY E 127 29.52 -19.56 26.38
C GLY E 127 28.15 -19.06 26.81
N HIS E 128 27.54 -18.29 25.91
CA HIS E 128 26.30 -17.61 26.20
C HIS E 128 25.59 -17.37 24.87
N GLY E 129 24.67 -18.26 24.52
CA GLY E 129 23.96 -18.19 23.27
C GLY E 129 23.96 -19.53 22.56
N ASN E 130 23.37 -19.51 21.36
CA ASN E 130 23.30 -20.72 20.55
C ASN E 130 24.66 -20.99 19.92
N PHE E 131 25.21 -22.15 20.20
CA PHE E 131 26.44 -22.60 19.57
C PHE E 131 26.25 -23.76 18.62
N GLY E 132 25.56 -24.81 19.05
CA GLY E 132 25.32 -25.92 18.15
C GLY E 132 24.44 -26.97 18.81
N SER E 133 24.46 -28.16 18.23
CA SER E 133 23.76 -29.31 18.76
C SER E 133 24.57 -30.55 18.47
N MET E 134 24.19 -31.66 19.11
CA MET E 134 24.78 -32.95 18.76
C MET E 134 24.36 -33.41 17.37
N ASP E 135 23.24 -32.88 16.86
CA ASP E 135 22.84 -33.15 15.49
C ASP E 135 23.80 -32.53 14.47
N GLY E 136 24.57 -31.53 14.89
CA GLY E 136 25.47 -30.82 14.01
C GLY E 136 24.88 -29.48 13.62
N ASP E 137 25.29 -28.44 14.35
CA ASP E 137 24.80 -27.09 14.17
C ASP E 137 25.92 -26.13 14.50
N SER E 138 25.85 -24.93 13.94
CA SER E 138 26.90 -23.93 14.13
C SER E 138 26.28 -22.61 14.53
N ALA E 139 27.04 -21.81 15.25
CA ALA E 139 26.66 -20.44 15.50
C ALA E 139 26.91 -19.61 14.25
N ALA E 140 26.27 -18.44 14.18
CA ALA E 140 26.32 -17.62 12.98
C ALA E 140 27.68 -16.96 12.83
N ALA E 141 28.06 -16.11 13.78
CA ALA E 141 29.35 -15.46 13.74
C ALA E 141 29.78 -15.12 15.17
N GLN E 142 30.91 -14.44 15.28
CA GLN E 142 31.51 -14.08 16.56
C GLN E 142 30.85 -12.89 17.22
N ARG E 143 29.96 -12.20 16.52
CA ARG E 143 29.32 -10.99 17.02
C ARG E 143 27.87 -11.21 17.42
N TYR E 144 27.40 -12.44 17.42
CA TYR E 144 26.03 -12.77 17.79
C TYR E 144 25.90 -13.27 19.22
N THR E 145 26.86 -14.06 19.69
CA THR E 145 26.81 -14.70 21.00
C THR E 145 27.99 -14.27 21.86
N GLU E 146 27.85 -14.52 23.15
CA GLU E 146 28.81 -14.10 24.16
C GLU E 146 29.54 -15.31 24.72
N ALA E 147 30.58 -15.03 25.52
CA ALA E 147 31.38 -16.06 26.15
C ALA E 147 32.15 -15.46 27.32
N ARG E 148 32.75 -16.34 28.11
CA ARG E 148 33.73 -16.00 29.13
C ARG E 148 34.48 -17.26 29.50
N MET E 149 35.47 -17.12 30.38
CA MET E 149 36.15 -18.30 30.91
C MET E 149 35.28 -19.00 31.94
N SER E 150 35.41 -20.32 31.99
CA SER E 150 34.71 -21.11 32.99
C SER E 150 35.60 -21.27 34.21
N LYS E 151 35.21 -22.18 35.10
CA LYS E 151 35.95 -22.38 36.35
C LYS E 151 37.25 -23.14 36.14
N ILE E 152 37.50 -23.63 34.93
CA ILE E 152 38.68 -24.45 34.69
C ILE E 152 39.78 -23.63 34.04
N ALA E 153 39.41 -22.58 33.30
CA ALA E 153 40.42 -21.70 32.73
C ALA E 153 41.10 -20.86 33.80
N LEU E 154 40.38 -20.51 34.86
CA LEU E 154 41.02 -19.87 36.00
C LEU E 154 42.00 -20.80 36.68
N GLU E 155 41.76 -22.11 36.63
CA GLU E 155 42.76 -23.07 37.07
C GLU E 155 43.96 -23.07 36.14
N MET E 156 43.71 -23.09 34.82
CA MET E 156 44.79 -23.10 33.83
C MET E 156 45.63 -21.84 33.87
N LEU E 157 45.09 -20.74 34.37
CA LEU E 157 45.77 -19.46 34.40
C LEU E 157 46.09 -19.01 35.82
N ARG E 158 45.82 -19.83 36.82
CA ARG E 158 46.24 -19.50 38.17
C ARG E 158 47.76 -19.60 38.26
N ASP E 159 48.37 -18.55 38.81
CA ASP E 159 49.82 -18.38 38.89
C ASP E 159 50.46 -18.46 37.52
N ILE E 160 50.13 -17.46 36.70
CA ILE E 160 50.78 -17.26 35.43
C ILE E 160 51.72 -16.05 35.45
N ASN E 161 51.40 -15.01 36.19
CA ASN E 161 52.08 -13.74 36.10
C ASN E 161 53.28 -13.64 37.03
N LYS E 162 53.88 -14.77 37.35
CA LYS E 162 54.83 -14.86 38.45
C LYS E 162 56.08 -15.61 38.03
N ASN E 163 56.63 -15.26 36.85
CA ASN E 163 57.82 -15.88 36.27
C ASN E 163 57.64 -17.40 36.12
N THR E 164 56.43 -17.81 35.79
CA THR E 164 56.10 -19.21 35.80
C THR E 164 56.48 -19.88 34.47
N VAL E 165 56.07 -19.30 33.36
CA VAL E 165 56.51 -19.73 32.03
C VAL E 165 57.04 -18.50 31.31
N ASP E 166 58.18 -18.66 30.64
CA ASP E 166 58.82 -17.57 29.93
C ASP E 166 57.95 -17.06 28.77
N PHE E 167 57.81 -15.75 28.69
CA PHE E 167 57.11 -15.13 27.58
C PHE E 167 58.01 -15.03 26.36
N VAL E 168 57.38 -14.78 25.22
CA VAL E 168 58.07 -14.40 23.99
C VAL E 168 57.36 -13.19 23.41
N ASP E 169 58.08 -12.48 22.54
CA ASP E 169 57.50 -11.39 21.77
C ASP E 169 56.82 -11.96 20.55
N ASN E 170 55.60 -11.52 20.29
CA ASN E 170 54.87 -12.02 19.14
C ASN E 170 55.13 -11.13 17.92
N TYR E 171 54.26 -11.27 16.91
CA TYR E 171 54.48 -10.69 15.58
C TYR E 171 54.42 -9.16 15.58
N ASP E 172 53.92 -8.53 16.63
CA ASP E 172 53.83 -7.08 16.71
C ASP E 172 54.88 -6.47 17.62
N ALA E 173 55.71 -7.30 18.26
CA ALA E 173 56.90 -6.90 19.03
C ALA E 173 56.61 -5.94 20.18
N ASN E 174 55.36 -5.87 20.64
CA ASN E 174 55.01 -5.08 21.80
C ASN E 174 54.24 -5.93 22.80
N GLU E 175 53.43 -6.85 22.29
CA GLU E 175 52.75 -7.81 23.12
C GLU E 175 53.68 -8.96 23.46
N ARG E 176 53.43 -9.58 24.61
CA ARG E 176 54.17 -10.77 25.01
C ARG E 176 53.16 -11.89 25.21
N GLU E 177 53.47 -13.07 24.72
CA GLU E 177 52.60 -14.20 24.92
C GLU E 177 53.32 -15.33 25.64
N PRO E 178 52.59 -16.21 26.32
CA PRO E 178 53.23 -17.38 26.93
C PRO E 178 53.53 -18.46 25.92
N LEU E 179 54.68 -19.09 26.10
CA LEU E 179 55.08 -20.24 25.29
C LEU E 179 54.13 -21.41 25.51
N VAL E 180 54.00 -21.86 26.75
CA VAL E 180 53.12 -22.96 27.13
C VAL E 180 52.35 -22.52 28.37
N LEU E 181 51.05 -22.75 28.39
CA LEU E 181 50.27 -22.33 29.54
C LEU E 181 50.63 -23.19 30.75
N PRO E 182 50.88 -22.58 31.90
CA PRO E 182 51.17 -23.38 33.09
C PRO E 182 49.92 -24.11 33.55
N ALA E 183 49.90 -25.39 33.25
CA ALA E 183 48.71 -26.16 33.56
C ALA E 183 48.72 -26.56 35.03
N ARG E 184 47.53 -26.83 35.53
CA ARG E 184 47.42 -27.40 36.86
C ARG E 184 46.76 -28.76 36.83
N PHE E 185 46.32 -29.22 35.66
CA PHE E 185 45.88 -30.57 35.49
C PHE E 185 46.28 -30.95 34.08
N PRO E 186 46.71 -32.18 33.85
CA PRO E 186 47.19 -32.53 32.51
C PRO E 186 46.04 -32.65 31.52
N ASN E 187 45.99 -31.68 30.60
CA ASN E 187 44.82 -31.47 29.76
C ASN E 187 44.81 -32.35 28.52
N LEU E 188 45.95 -32.97 28.18
CA LEU E 188 45.96 -33.96 27.10
C LEU E 188 45.03 -35.11 27.40
N LEU E 189 45.19 -35.73 28.56
CA LEU E 189 44.38 -36.87 28.92
C LEU E 189 42.93 -36.47 29.11
N VAL E 190 42.69 -35.23 29.51
CA VAL E 190 41.33 -34.80 29.73
C VAL E 190 40.60 -34.54 28.41
N ASN E 191 41.23 -33.80 27.51
CA ASN E 191 40.51 -33.31 26.35
C ASN E 191 40.99 -33.88 25.02
N GLY E 192 42.17 -34.46 24.95
CA GLY E 192 42.62 -35.11 23.74
C GLY E 192 43.13 -34.14 22.70
N ALA E 193 43.75 -34.70 21.67
CA ALA E 193 44.34 -33.93 20.59
C ALA E 193 43.84 -34.46 19.25
N THR E 194 42.98 -33.69 18.59
CA THR E 194 42.60 -34.04 17.23
C THR E 194 43.70 -33.62 16.25
N GLY E 195 43.99 -34.47 15.29
CA GLY E 195 45.17 -34.22 14.46
C GLY E 195 44.98 -34.19 12.96
N ILE E 196 45.67 -33.26 12.32
CA ILE E 196 45.70 -33.17 10.87
C ILE E 196 47.01 -33.78 10.39
N ALA E 197 46.91 -34.80 9.54
CA ALA E 197 48.08 -35.46 8.98
C ALA E 197 48.60 -34.68 7.79
N VAL E 198 49.86 -34.28 7.87
CA VAL E 198 50.65 -33.98 6.69
C VAL E 198 51.65 -35.12 6.68
N GLY E 199 51.16 -36.28 7.15
CA GLY E 199 51.92 -37.48 7.37
C GLY E 199 51.67 -38.01 8.77
N MET E 200 51.28 -37.11 9.68
CA MET E 200 51.24 -37.40 11.10
C MET E 200 49.98 -36.78 11.70
N ALA E 201 49.05 -37.62 12.13
CA ALA E 201 47.84 -37.19 12.82
C ALA E 201 47.76 -37.83 14.20
N THR E 202 46.85 -37.31 15.03
CA THR E 202 46.81 -37.73 16.43
C THR E 202 45.37 -37.76 16.92
N ASN E 203 45.14 -38.50 17.99
CA ASN E 203 43.79 -38.90 18.41
C ASN E 203 43.46 -38.41 19.82
N ILE E 204 42.22 -38.67 20.21
CA ILE E 204 41.63 -38.25 21.47
C ILE E 204 41.52 -39.44 22.40
N PRO E 205 42.43 -39.68 23.33
CA PRO E 205 42.04 -40.41 24.53
C PRO E 205 41.55 -39.47 25.62
N PRO E 206 40.24 -39.39 25.84
CA PRO E 206 39.75 -38.61 26.98
C PRO E 206 39.85 -39.44 28.24
N HIS E 207 39.79 -38.77 29.38
CA HIS E 207 39.96 -39.46 30.65
C HIS E 207 39.12 -38.80 31.73
N ASN E 208 38.75 -39.60 32.72
CA ASN E 208 38.09 -39.08 33.91
C ASN E 208 39.14 -38.34 34.73
N LEU E 209 38.78 -37.15 35.21
CA LEU E 209 39.75 -36.28 35.86
C LEU E 209 40.27 -36.87 37.17
N GLY E 210 39.38 -37.45 37.98
CA GLY E 210 39.78 -37.92 39.29
C GLY E 210 40.70 -39.13 39.22
N GLU E 211 40.35 -40.10 38.35
CA GLU E 211 41.24 -41.24 38.15
C GLU E 211 42.55 -40.82 37.52
N THR E 212 42.52 -39.78 36.68
CA THR E 212 43.74 -39.26 36.09
C THR E 212 44.66 -38.68 37.14
N ILE E 213 44.09 -37.89 38.05
CA ILE E 213 44.85 -37.28 39.13
C ILE E 213 45.41 -38.34 40.06
N ASP E 214 44.62 -39.39 40.32
CA ASP E 214 45.11 -40.50 41.13
C ASP E 214 46.23 -41.26 40.42
N ALA E 215 46.16 -41.36 39.09
CA ALA E 215 47.23 -41.96 38.33
C ALA E 215 48.49 -41.11 38.39
N VAL E 216 48.32 -39.78 38.34
CA VAL E 216 49.44 -38.88 38.50
C VAL E 216 50.09 -39.06 39.87
N LYS E 217 49.26 -39.22 40.91
CA LYS E 217 49.77 -39.43 42.26
C LYS E 217 50.55 -40.74 42.36
N LEU E 218 50.03 -41.81 41.76
CA LEU E 218 50.71 -43.09 41.88
C LEU E 218 51.98 -43.15 41.05
N VAL E 219 52.00 -42.46 39.90
CA VAL E 219 53.22 -42.38 39.13
C VAL E 219 54.26 -41.53 39.86
N MET E 220 53.82 -40.46 40.50
CA MET E 220 54.77 -39.60 41.20
C MET E 220 55.27 -40.26 42.47
N ASP E 221 54.47 -41.15 43.05
CA ASP E 221 54.95 -41.93 44.20
C ASP E 221 55.94 -42.98 43.75
N ASN E 222 55.48 -43.96 42.96
CA ASN E 222 56.37 -45.03 42.55
C ASN E 222 56.86 -44.74 41.15
N PRO E 223 58.17 -44.58 40.94
CA PRO E 223 58.67 -44.28 39.59
C PRO E 223 58.55 -45.45 38.62
N GLU E 224 58.28 -46.66 39.10
CA GLU E 224 58.02 -47.81 38.23
C GLU E 224 56.70 -48.43 38.64
N VAL E 225 55.61 -47.94 38.04
CA VAL E 225 54.31 -48.59 38.11
C VAL E 225 54.07 -49.22 36.75
N THR E 226 53.66 -50.49 36.73
CA THR E 226 53.34 -51.14 35.48
C THR E 226 52.04 -50.57 34.91
N THR E 227 51.95 -50.59 33.58
CA THR E 227 50.79 -50.02 32.90
C THR E 227 49.53 -50.83 33.16
N LYS E 228 49.65 -52.11 33.48
CA LYS E 228 48.50 -52.85 33.99
C LYS E 228 48.00 -52.26 35.30
N ASP E 229 48.93 -51.85 36.17
CA ASP E 229 48.54 -51.27 37.44
C ASP E 229 48.02 -49.84 37.31
N LEU E 230 48.23 -49.21 36.16
CA LEU E 230 47.58 -47.94 35.89
C LEU E 230 46.28 -48.09 35.12
N MET E 231 46.13 -49.20 34.39
CA MET E 231 44.81 -49.58 33.90
C MET E 231 43.91 -50.03 35.03
N GLU E 232 44.50 -50.52 36.13
CA GLU E 232 43.78 -50.62 37.39
C GLU E 232 43.27 -49.25 37.82
N VAL E 233 44.10 -48.23 37.66
CA VAL E 233 43.65 -46.87 37.97
C VAL E 233 42.76 -46.35 36.85
N LEU E 234 43.30 -46.21 35.67
CA LEU E 234 42.59 -45.55 34.59
C LEU E 234 41.75 -46.55 33.83
N PRO E 235 40.44 -46.35 33.75
CA PRO E 235 39.62 -47.20 32.89
C PRO E 235 39.92 -46.89 31.43
N GLY E 236 39.84 -45.62 31.06
CA GLY E 236 40.12 -45.19 29.71
C GLY E 236 39.23 -44.04 29.26
N PRO E 237 38.58 -44.22 28.11
CA PRO E 237 37.89 -43.10 27.46
C PRO E 237 36.63 -42.60 28.17
N ASP E 238 36.75 -41.46 28.83
CA ASP E 238 35.62 -40.79 29.46
C ASP E 238 35.06 -39.81 28.45
N PHE E 239 34.08 -40.25 27.68
CA PHE E 239 33.53 -39.44 26.62
C PHE E 239 32.65 -38.31 27.17
N PRO E 240 32.52 -37.21 26.43
CA PRO E 240 31.62 -36.14 26.86
C PRO E 240 30.15 -36.46 26.78
N THR E 241 29.74 -37.51 26.07
CA THR E 241 28.35 -37.92 26.03
C THR E 241 28.11 -39.33 26.52
N GLY E 242 29.15 -40.08 26.83
CA GLY E 242 28.93 -41.46 27.24
C GLY E 242 28.82 -42.40 26.07
N ALA E 243 29.23 -43.65 26.30
CA ALA E 243 29.21 -44.72 25.30
C ALA E 243 29.45 -46.05 26.02
N LEU E 244 29.73 -47.08 25.24
CA LEU E 244 30.26 -48.34 25.69
C LEU E 244 31.56 -48.61 24.95
N VAL E 245 32.60 -49.01 25.68
CA VAL E 245 33.90 -49.31 25.11
C VAL E 245 34.10 -50.81 25.11
N MET E 246 34.25 -51.37 23.91
CA MET E 246 34.61 -52.76 23.74
C MET E 246 36.11 -52.86 23.48
N GLY E 247 36.75 -53.81 24.15
CA GLY E 247 38.14 -54.09 23.90
C GLY E 247 39.05 -53.50 24.95
N LYS E 248 39.46 -54.32 25.91
CA LYS E 248 40.47 -53.89 26.86
C LYS E 248 41.86 -54.22 26.32
N SER E 249 41.93 -55.09 25.33
CA SER E 249 43.20 -55.41 24.68
C SER E 249 43.73 -54.21 23.89
N GLY E 250 42.85 -53.54 23.13
CA GLY E 250 43.26 -52.34 22.41
C GLY E 250 43.58 -51.20 23.33
N ILE E 251 42.88 -51.12 24.47
CA ILE E 251 43.22 -50.16 25.52
C ILE E 251 44.61 -50.41 26.07
N HIS E 252 44.95 -51.67 26.33
CA HIS E 252 46.26 -52.01 26.86
C HIS E 252 47.36 -51.73 25.84
N LYS E 253 47.09 -52.07 24.57
CA LYS E 253 47.98 -51.72 23.47
C LYS E 253 48.20 -50.21 23.37
N ALA E 254 47.14 -49.43 23.57
CA ALA E 254 47.22 -47.98 23.44
C ALA E 254 48.06 -47.37 24.56
N TYR E 255 47.78 -47.74 25.80
CA TYR E 255 48.56 -47.12 26.88
C TYR E 255 49.91 -47.80 27.10
N GLU E 256 50.23 -48.84 26.34
CA GLU E 256 51.62 -49.27 26.27
C GLU E 256 52.40 -48.57 25.17
N THR E 257 51.94 -48.69 23.93
CA THR E 257 52.73 -48.26 22.78
C THR E 257 52.29 -46.92 22.21
N GLY E 258 51.03 -46.55 22.35
CA GLY E 258 50.55 -45.32 21.79
C GLY E 258 49.60 -45.57 20.65
N LYS E 259 49.95 -46.49 19.77
CA LYS E 259 49.08 -46.85 18.67
C LYS E 259 48.16 -47.98 19.09
N GLY E 260 46.91 -47.88 18.64
CA GLY E 260 45.95 -48.93 18.91
C GLY E 260 44.59 -48.53 18.40
N SER E 261 43.62 -49.39 18.66
CA SER E 261 42.23 -49.05 18.37
C SER E 261 41.33 -49.80 19.34
N ILE E 262 40.27 -49.11 19.76
CA ILE E 262 39.22 -49.71 20.57
C ILE E 262 37.94 -49.66 19.77
N VAL E 263 36.89 -50.28 20.29
CA VAL E 263 35.62 -50.34 19.61
C VAL E 263 34.60 -49.57 20.44
N LEU E 264 33.74 -48.82 19.79
CA LEU E 264 32.73 -48.01 20.48
C LEU E 264 31.35 -48.55 20.13
N ARG E 265 30.75 -49.25 21.10
CA ARG E 265 29.38 -49.73 21.02
C ARG E 265 28.50 -48.82 21.86
N SER E 266 27.42 -48.32 21.26
CA SER E 266 26.53 -47.38 21.94
C SER E 266 25.79 -48.07 23.09
N ARG E 267 25.36 -47.25 24.06
CA ARG E 267 24.54 -47.77 25.15
C ARG E 267 23.15 -48.07 24.61
N THR E 268 22.97 -49.32 24.19
CA THR E 268 21.74 -49.83 23.64
C THR E 268 21.22 -50.94 24.54
N GLU E 269 19.90 -51.02 24.62
CA GLU E 269 19.31 -52.10 25.41
C GLU E 269 18.04 -52.58 24.71
N ILE E 270 17.75 -53.87 24.91
CA ILE E 270 16.61 -54.53 24.29
C ILE E 270 15.52 -54.64 25.35
N GLU E 271 14.37 -54.05 25.06
CA GLU E 271 13.25 -54.01 25.98
C GLU E 271 12.04 -54.63 25.27
N THR E 272 11.58 -55.76 25.77
CA THR E 272 10.51 -56.52 25.12
C THR E 272 9.17 -56.08 25.68
N THR E 273 8.28 -55.64 24.79
CA THR E 273 6.94 -55.28 25.20
C THR E 273 6.12 -56.53 25.48
N LYS E 274 5.05 -56.35 26.29
CA LYS E 274 4.10 -57.42 26.49
C LYS E 274 3.30 -57.71 25.23
N THR E 275 3.13 -56.69 24.37
CA THR E 275 2.48 -56.88 23.08
C THR E 275 3.30 -57.80 22.18
N GLY E 276 4.60 -57.54 22.05
CA GLY E 276 5.46 -58.43 21.31
C GLY E 276 6.49 -57.72 20.43
N ARG E 277 6.19 -56.49 20.03
CA ARG E 277 7.06 -55.72 19.15
C ARG E 277 8.16 -55.09 20.00
N GLU E 278 9.38 -55.64 19.90
CA GLU E 278 10.46 -55.32 20.83
C GLU E 278 11.02 -53.92 20.57
N ARG E 279 11.93 -53.52 21.45
CA ARG E 279 12.36 -52.14 21.59
C ARG E 279 13.87 -52.09 21.69
N ILE E 280 14.50 -51.18 20.95
CA ILE E 280 15.91 -50.88 21.13
C ILE E 280 15.98 -49.46 21.65
N VAL E 281 16.38 -49.32 22.91
CA VAL E 281 16.58 -48.02 23.53
C VAL E 281 18.06 -47.68 23.39
N VAL E 282 18.35 -46.65 22.60
CA VAL E 282 19.71 -46.18 22.40
C VAL E 282 19.82 -44.83 23.09
N THR E 283 20.82 -44.70 23.98
CA THR E 283 20.96 -43.49 24.77
C THR E 283 22.31 -42.80 24.63
N GLU E 284 23.35 -43.49 24.20
CA GLU E 284 24.71 -42.92 24.19
C GLU E 284 25.42 -43.25 22.88
N PHE E 285 25.24 -42.40 21.88
CA PHE E 285 26.04 -42.47 20.67
C PHE E 285 27.51 -42.16 20.99
N PRO E 286 28.46 -42.75 20.24
CA PRO E 286 29.87 -42.61 20.61
C PRO E 286 30.46 -41.24 20.33
N TYR E 287 31.76 -41.13 20.55
CA TYR E 287 32.45 -39.84 20.51
C TYR E 287 32.48 -39.24 19.12
N MET E 288 31.95 -38.03 19.00
CA MET E 288 31.90 -37.23 17.77
C MET E 288 31.20 -37.99 16.64
N VAL E 289 30.03 -38.53 16.96
CA VAL E 289 29.15 -39.16 15.98
C VAL E 289 27.82 -38.42 16.00
N ASN E 290 27.35 -38.04 14.83
CA ASN E 290 26.06 -37.38 14.67
C ASN E 290 24.92 -38.31 15.11
N LYS E 291 23.84 -37.70 15.57
CA LYS E 291 22.57 -38.40 15.77
C LYS E 291 21.80 -38.49 14.46
N THR E 292 21.64 -37.34 13.79
CA THR E 292 20.76 -37.23 12.64
C THR E 292 21.25 -38.05 11.47
N LYS E 293 22.57 -38.06 11.25
CA LYS E 293 23.14 -38.84 10.16
C LYS E 293 22.97 -40.34 10.42
N VAL E 294 23.07 -40.76 11.68
CA VAL E 294 22.91 -42.17 12.00
C VAL E 294 21.45 -42.61 11.85
N HIS E 295 20.50 -41.78 12.28
CA HIS E 295 19.10 -42.15 12.13
C HIS E 295 18.67 -42.13 10.65
N GLU E 296 19.17 -41.18 9.88
CA GLU E 296 18.91 -41.18 8.44
C GLU E 296 19.58 -42.37 7.76
N HIS E 297 20.76 -42.78 8.24
CA HIS E 297 21.41 -43.97 7.71
C HIS E 297 20.64 -45.23 8.06
N ILE E 298 20.01 -45.27 9.23
CA ILE E 298 19.19 -46.42 9.62
C ILE E 298 17.93 -46.50 8.76
N VAL E 299 17.25 -45.36 8.55
CA VAL E 299 16.06 -45.33 7.70
C VAL E 299 16.42 -45.69 6.26
N ARG E 300 17.59 -45.23 5.81
CA ARG E 300 18.06 -45.58 4.47
C ARG E 300 18.38 -47.06 4.36
N LEU E 301 18.99 -47.65 5.40
CA LEU E 301 19.24 -49.09 5.40
C LEU E 301 17.95 -49.91 5.48
N VAL E 302 16.90 -49.34 6.05
CA VAL E 302 15.58 -49.95 5.91
C VAL E 302 15.13 -49.88 4.45
N GLN E 303 15.31 -48.74 3.80
CA GLN E 303 14.91 -48.60 2.40
C GLN E 303 16.00 -49.01 1.42
N GLU E 304 17.20 -49.34 1.87
CA GLU E 304 18.14 -50.05 1.01
C GLU E 304 17.87 -51.55 0.99
N LYS E 305 17.12 -52.04 2.00
CA LYS E 305 16.49 -53.36 1.99
C LYS E 305 17.50 -54.49 1.97
N ARG E 306 18.67 -54.29 2.60
CA ARG E 306 19.61 -55.39 2.77
C ARG E 306 19.14 -56.33 3.87
N ILE E 307 18.67 -55.76 4.98
CA ILE E 307 18.08 -56.54 6.06
C ILE E 307 16.86 -55.78 6.59
N GLU E 308 15.86 -56.53 7.04
CA GLU E 308 14.58 -55.99 7.47
C GLU E 308 14.34 -56.36 8.93
N GLY E 309 13.21 -55.89 9.46
CA GLY E 309 12.85 -56.10 10.86
C GLY E 309 12.65 -54.83 11.65
N ILE E 310 13.23 -53.72 11.21
CA ILE E 310 13.03 -52.43 11.86
C ILE E 310 11.66 -51.91 11.47
N THR E 311 10.83 -51.61 12.46
CA THR E 311 9.54 -50.99 12.17
C THR E 311 9.70 -49.49 11.91
N ALA E 312 10.18 -48.75 12.91
CA ALA E 312 10.28 -47.30 12.80
C ALA E 312 11.34 -46.81 13.77
N VAL E 313 11.55 -45.49 13.74
CA VAL E 313 12.48 -44.79 14.62
C VAL E 313 11.74 -43.62 15.26
N ARG E 314 11.78 -43.54 16.58
CA ARG E 314 11.20 -42.42 17.31
C ARG E 314 12.32 -41.55 17.87
N ASP E 315 12.41 -40.32 17.37
CA ASP E 315 13.32 -39.30 17.87
C ASP E 315 12.50 -38.39 18.77
N GLU E 316 12.37 -38.77 20.04
CA GLU E 316 11.39 -38.19 20.96
C GLU E 316 11.97 -37.10 21.82
N SER E 317 12.91 -36.32 21.31
CA SER E 317 13.44 -35.17 22.03
C SER E 317 13.77 -34.04 21.06
N ASN E 318 13.62 -32.82 21.55
CA ASN E 318 14.01 -31.62 20.81
C ASN E 318 15.46 -31.27 21.14
N ARG E 319 15.73 -30.98 22.41
CA ARG E 319 17.08 -30.75 22.90
C ARG E 319 17.37 -31.44 24.22
N GLU E 320 16.36 -31.96 24.92
CA GLU E 320 16.47 -32.34 26.31
C GLU E 320 16.32 -33.84 26.48
N GLY E 321 17.34 -34.47 27.04
CA GLY E 321 17.31 -35.90 27.31
C GLY E 321 17.70 -36.70 26.08
N VAL E 322 18.68 -37.59 26.22
CA VAL E 322 19.15 -38.39 25.09
C VAL E 322 18.76 -39.83 25.40
N ARG E 323 17.56 -40.19 24.95
CA ARG E 323 17.02 -41.54 25.04
C ARG E 323 16.07 -41.72 23.88
N PHE E 324 16.40 -42.65 22.97
CA PHE E 324 15.67 -42.73 21.72
C PHE E 324 15.32 -44.18 21.40
N VAL E 325 14.08 -44.39 20.99
CA VAL E 325 13.48 -45.70 20.82
C VAL E 325 13.42 -46.00 19.33
N ILE E 326 14.00 -47.12 18.93
CA ILE E 326 13.82 -47.66 17.59
C ILE E 326 13.17 -49.04 17.73
N GLU E 327 12.07 -49.23 17.01
CA GLU E 327 11.19 -50.36 17.21
C GLU E 327 11.58 -51.53 16.32
N VAL E 328 11.58 -52.72 16.88
CA VAL E 328 11.69 -53.96 16.13
C VAL E 328 10.32 -54.63 16.16
N LYS E 329 9.89 -55.15 15.02
CA LYS E 329 8.55 -55.67 14.85
C LYS E 329 8.32 -56.95 15.66
N ARG E 330 7.09 -57.44 15.60
CA ARG E 330 6.76 -58.75 16.17
C ARG E 330 7.50 -59.84 15.40
N ASP E 331 7.88 -60.89 16.14
CA ASP E 331 8.54 -62.10 15.62
C ASP E 331 9.89 -61.76 14.98
N ALA E 332 10.71 -61.04 15.75
CA ALA E 332 12.08 -60.71 15.34
C ALA E 332 12.88 -60.43 16.60
N SER E 333 13.88 -61.26 16.86
CA SER E 333 14.76 -61.07 18.01
C SER E 333 15.62 -59.84 17.79
N ALA E 334 15.45 -58.83 18.65
CA ALA E 334 16.08 -57.53 18.41
C ALA E 334 17.58 -57.54 18.66
N ASN E 335 18.14 -58.63 19.19
CA ASN E 335 19.59 -58.74 19.28
C ASN E 335 20.21 -58.99 17.91
N VAL E 336 19.47 -59.64 17.01
CA VAL E 336 19.93 -59.80 15.62
C VAL E 336 19.98 -58.44 14.93
N ILE E 337 18.90 -57.65 15.08
CA ILE E 337 18.84 -56.30 14.52
C ILE E 337 19.90 -55.42 15.16
N LEU E 338 20.16 -55.64 16.45
CA LEU E 338 21.14 -54.84 17.18
C LEU E 338 22.56 -55.11 16.71
N ASN E 339 22.91 -56.40 16.52
CA ASN E 339 24.20 -56.76 15.96
C ASN E 339 24.35 -56.26 14.53
N ASN E 340 23.26 -56.24 13.76
CA ASN E 340 23.37 -55.80 12.37
C ASN E 340 23.49 -54.28 12.25
N LEU E 341 22.81 -53.53 13.13
CA LEU E 341 23.01 -52.08 13.16
C LEU E 341 24.39 -51.74 13.73
N PHE E 342 24.94 -52.60 14.57
CA PHE E 342 26.32 -52.41 15.02
C PHE E 342 27.30 -52.71 13.90
N LYS E 343 26.98 -53.68 13.05
CA LYS E 343 27.83 -53.99 11.91
C LYS E 343 27.80 -52.87 10.87
N MET E 344 26.62 -52.34 10.58
CA MET E 344 26.45 -51.41 9.47
C MET E 344 26.68 -49.96 9.86
N THR E 345 25.90 -49.46 10.81
CA THR E 345 25.76 -48.03 11.03
C THR E 345 26.97 -47.46 11.77
N GLN E 346 26.89 -46.16 12.07
CA GLN E 346 27.85 -45.50 12.96
C GLN E 346 27.34 -45.52 14.40
N MET E 347 26.95 -46.70 14.87
CA MET E 347 26.51 -46.90 16.24
C MET E 347 27.50 -47.70 17.05
N GLN E 348 28.15 -48.69 16.42
CA GLN E 348 29.36 -49.31 16.94
C GLN E 348 30.43 -49.17 15.89
N THR E 349 31.42 -48.32 16.17
CA THR E 349 32.49 -47.98 15.24
C THR E 349 33.83 -48.41 15.81
N ASN E 350 34.87 -48.23 14.99
CA ASN E 350 36.22 -48.29 15.50
C ASN E 350 36.66 -46.90 15.94
N PHE E 351 37.70 -46.86 16.77
CA PHE E 351 38.26 -45.58 17.17
C PHE E 351 39.73 -45.80 17.48
N GLY E 352 40.58 -45.12 16.72
CA GLY E 352 42.00 -45.30 16.89
C GLY E 352 42.57 -44.38 17.95
N PHE E 353 43.60 -44.88 18.62
CA PHE E 353 44.44 -44.10 19.52
C PHE E 353 45.83 -44.00 18.92
N ASN E 354 46.33 -42.78 18.81
CA ASN E 354 47.73 -42.54 18.42
C ASN E 354 48.14 -41.25 19.14
N MET E 355 48.73 -41.40 20.32
CA MET E 355 49.03 -40.26 21.19
C MET E 355 50.31 -39.60 20.70
N LEU E 356 50.13 -38.69 19.76
CA LEU E 356 51.20 -37.96 19.10
C LEU E 356 51.11 -36.49 19.49
N ALA E 357 52.18 -35.96 20.08
CA ALA E 357 52.18 -34.57 20.49
C ALA E 357 53.62 -34.07 20.58
N ILE E 358 53.76 -32.78 20.86
CA ILE E 358 55.06 -32.12 20.84
C ILE E 358 55.72 -32.29 22.20
N GLN E 359 56.86 -32.96 22.22
CA GLN E 359 57.71 -32.96 23.40
C GLN E 359 59.07 -32.47 22.98
N ASN E 360 59.64 -31.55 23.76
CA ASN E 360 60.96 -30.94 23.55
C ASN E 360 61.10 -30.29 22.18
N GLY E 361 59.99 -29.90 21.55
CA GLY E 361 60.03 -29.30 20.25
C GLY E 361 59.82 -30.24 19.07
N ILE E 362 59.75 -31.55 19.30
CA ILE E 362 59.52 -32.46 18.18
C ILE E 362 58.20 -33.20 18.37
N PRO E 363 57.52 -33.62 17.30
CA PRO E 363 56.35 -34.48 17.49
C PRO E 363 56.78 -35.91 17.74
N LYS E 364 56.17 -36.54 18.72
CA LYS E 364 56.47 -37.92 19.07
C LYS E 364 55.20 -38.64 19.46
N ILE E 365 55.18 -39.93 19.15
CA ILE E 365 54.16 -40.83 19.67
C ILE E 365 54.59 -41.23 21.07
N LEU E 366 53.77 -40.89 22.07
CA LEU E 366 54.13 -41.08 23.45
C LEU E 366 53.11 -41.95 24.16
N SER E 367 53.56 -42.66 25.19
CA SER E 367 52.70 -43.55 25.93
C SER E 367 52.06 -42.82 27.12
N LEU E 368 51.16 -43.53 27.80
CA LEU E 368 50.50 -42.98 28.98
C LEU E 368 51.50 -42.74 30.10
N ARG E 369 52.49 -43.63 30.23
CA ARG E 369 53.58 -43.41 31.17
C ARG E 369 54.36 -42.15 30.82
N GLN E 370 54.65 -41.95 29.54
CA GLN E 370 55.53 -40.87 29.12
C GLN E 370 54.83 -39.51 29.21
N ILE E 371 53.53 -39.47 28.89
CA ILE E 371 52.73 -38.25 29.07
C ILE E 371 52.76 -37.79 30.51
N LEU E 372 52.59 -38.74 31.43
CA LEU E 372 52.48 -38.35 32.83
C LEU E 372 53.83 -38.10 33.47
N ASP E 373 54.88 -38.79 33.01
CA ASP E 373 56.23 -38.45 33.44
C ASP E 373 56.60 -37.04 33.01
N ALA E 374 56.27 -36.67 31.77
CA ALA E 374 56.56 -35.33 31.29
C ALA E 374 55.71 -34.29 32.00
N TYR E 375 54.45 -34.61 32.30
CA TYR E 375 53.61 -33.68 33.02
C TYR E 375 54.10 -33.44 34.44
N ILE E 376 54.56 -34.51 35.11
CA ILE E 376 55.10 -34.36 36.45
C ILE E 376 56.39 -33.54 36.43
N GLU E 377 57.23 -33.74 35.41
CA GLU E 377 58.41 -32.89 35.25
C GLU E 377 58.03 -31.44 35.03
N HIS E 378 56.96 -31.20 34.26
CA HIS E 378 56.54 -29.81 34.02
C HIS E 378 55.97 -29.18 35.27
N GLN E 379 55.25 -29.94 36.10
CA GLN E 379 54.75 -29.36 37.32
C GLN E 379 55.85 -29.13 38.33
N LYS E 380 56.90 -29.95 38.30
CA LYS E 380 58.09 -29.65 39.10
C LYS E 380 58.73 -28.35 38.66
N GLU E 381 58.80 -28.12 37.34
CA GLU E 381 59.31 -26.85 36.82
C GLU E 381 58.43 -25.68 37.25
N VAL E 382 57.11 -25.85 37.20
CA VAL E 382 56.17 -24.81 37.58
C VAL E 382 56.32 -24.45 39.05
N VAL E 383 56.42 -25.47 39.90
CA VAL E 383 56.51 -25.25 41.34
C VAL E 383 57.84 -24.61 41.70
N VAL E 384 58.95 -25.06 41.09
CA VAL E 384 60.25 -24.47 41.37
C VAL E 384 60.30 -23.02 40.93
N ARG E 385 59.72 -22.70 39.75
CA ARG E 385 59.78 -21.32 39.30
C ARG E 385 58.87 -20.41 40.12
N ARG E 386 57.68 -20.89 40.51
CA ARG E 386 56.80 -20.07 41.33
C ARG E 386 57.39 -19.85 42.71
N THR E 387 58.02 -20.88 43.26
CA THR E 387 58.64 -20.77 44.57
C THR E 387 59.84 -19.84 44.53
N ARG E 388 60.64 -19.90 43.47
CA ARG E 388 61.73 -18.96 43.33
C ARG E 388 61.24 -17.54 43.13
N PHE E 389 60.10 -17.36 42.46
CA PHE E 389 59.56 -16.01 42.30
C PHE E 389 59.11 -15.43 43.62
N ASP E 390 58.38 -16.21 44.41
CA ASP E 390 57.93 -15.70 45.69
C ASP E 390 59.09 -15.51 46.65
N LYS E 391 60.15 -16.32 46.51
CA LYS E 391 61.34 -16.08 47.30
C LYS E 391 62.04 -14.80 46.87
N GLU E 392 62.03 -14.50 45.57
CA GLU E 392 62.55 -13.22 45.08
C GLU E 392 61.78 -12.04 45.64
N LYS E 393 60.45 -12.14 45.61
CA LYS E 393 59.60 -11.04 46.08
C LYS E 393 59.75 -10.82 47.58
N ALA E 394 59.64 -11.89 48.35
CA ALA E 394 59.81 -11.78 49.79
C ALA E 394 61.25 -11.43 50.17
N GLU E 395 62.23 -11.83 49.36
CA GLU E 395 63.61 -11.51 49.67
C GLU E 395 63.90 -10.05 49.39
N ALA E 396 63.30 -9.50 48.33
CA ALA E 396 63.44 -8.06 48.09
C ALA E 396 62.74 -7.24 49.16
N ARG E 397 61.57 -7.70 49.61
CA ARG E 397 60.87 -6.98 50.67
C ARG E 397 61.63 -7.09 51.99
N ALA E 398 62.21 -8.25 52.27
CA ALA E 398 63.04 -8.41 53.46
C ALA E 398 64.33 -7.61 53.37
N HIS E 399 64.85 -7.41 52.15
CA HIS E 399 66.02 -6.57 51.95
C HIS E 399 65.70 -5.12 52.27
N ILE E 400 64.56 -4.63 51.78
CA ILE E 400 64.13 -3.26 52.07
C ILE E 400 63.83 -3.10 53.55
N LEU E 401 63.20 -4.11 54.15
CA LEU E 401 62.84 -4.03 55.56
C LEU E 401 64.06 -4.18 56.44
N GLU E 402 65.10 -4.88 55.96
CA GLU E 402 66.36 -4.94 56.68
C GLU E 402 67.10 -3.61 56.62
N GLY E 403 67.02 -2.92 55.47
CA GLY E 403 67.58 -1.57 55.40
C GLY E 403 66.90 -0.61 56.35
N LEU E 404 65.56 -0.69 56.44
CA LEU E 404 64.86 0.11 57.43
C LEU E 404 65.16 -0.36 58.86
N LEU E 405 65.48 -1.63 59.04
CA LEU E 405 65.81 -2.11 60.36
C LEU E 405 67.18 -1.60 60.81
N ILE E 406 68.13 -1.52 59.87
CA ILE E 406 69.43 -0.90 60.14
C ILE E 406 69.26 0.59 60.40
N ALA E 407 68.30 1.22 59.72
CA ALA E 407 67.95 2.61 60.04
C ALA E 407 67.41 2.73 61.46
N LEU E 408 66.61 1.76 61.89
CA LEU E 408 66.12 1.74 63.27
C LEU E 408 67.21 1.39 64.27
N ASP E 409 68.30 0.77 63.82
CA ASP E 409 69.40 0.44 64.72
C ASP E 409 70.10 1.71 65.20
N HIS E 410 70.69 2.44 64.27
CA HIS E 410 71.38 3.70 64.58
C HIS E 410 70.59 4.81 63.91
N ILE E 411 69.56 5.29 64.60
CA ILE E 411 68.74 6.36 64.05
C ILE E 411 69.51 7.68 64.08
N ASP E 412 70.32 7.86 65.12
CA ASP E 412 70.93 9.16 65.40
C ASP E 412 71.99 9.50 64.37
N GLU E 413 72.75 8.51 63.92
CA GLU E 413 73.77 8.74 62.91
C GLU E 413 73.13 9.09 61.56
N VAL E 414 72.01 8.43 61.26
CA VAL E 414 71.27 8.70 60.03
C VAL E 414 70.72 10.12 60.04
N ILE E 415 70.15 10.53 61.18
CA ILE E 415 69.65 11.89 61.32
C ILE E 415 70.78 12.90 61.25
N ARG E 416 71.94 12.56 61.83
CA ARG E 416 73.11 13.44 61.81
C ARG E 416 73.64 13.63 60.39
N ILE E 417 73.57 12.58 59.57
CA ILE E 417 74.00 12.71 58.17
C ILE E 417 72.96 13.45 57.33
N ILE E 418 71.66 13.23 57.60
CA ILE E 418 70.60 13.95 56.89
C ILE E 418 70.66 15.45 57.20
N ARG E 419 70.92 15.80 58.45
CA ARG E 419 71.12 17.20 58.81
C ARG E 419 72.40 17.77 58.22
N ALA E 420 73.39 16.93 57.96
CA ALA E 420 74.62 17.36 57.31
C ALA E 420 74.56 17.22 55.80
N SER E 421 73.44 16.77 55.26
CA SER E 421 73.32 16.57 53.82
C SER E 421 72.93 17.87 53.14
N GLU E 422 73.10 17.89 51.83
CA GLU E 422 72.71 19.03 51.00
C GLU E 422 71.78 18.62 49.88
N THR E 423 71.99 17.45 49.29
CA THR E 423 71.11 16.88 48.28
C THR E 423 70.70 15.48 48.74
N ASP E 424 69.67 14.94 48.07
CA ASP E 424 69.20 13.59 48.40
C ASP E 424 70.20 12.55 47.96
N ALA E 425 70.87 12.80 46.83
CA ALA E 425 71.89 11.88 46.33
C ALA E 425 73.07 11.83 47.28
N GLU E 426 73.45 12.99 47.84
CA GLU E 426 74.50 13.02 48.87
C GLU E 426 74.09 12.24 50.10
N ALA E 427 72.84 12.39 50.53
CA ALA E 427 72.37 11.72 51.73
C ALA E 427 72.36 10.21 51.55
N GLN E 428 71.86 9.74 50.41
CA GLN E 428 71.82 8.30 50.20
C GLN E 428 73.22 7.73 49.95
N ALA E 429 74.12 8.50 49.34
CA ALA E 429 75.49 8.03 49.13
C ALA E 429 76.24 7.93 50.44
N GLU E 430 76.06 8.92 51.33
CA GLU E 430 76.75 8.88 52.61
C GLU E 430 76.16 7.82 53.53
N LEU E 431 74.85 7.55 53.44
CA LEU E 431 74.27 6.45 54.20
C LEU E 431 74.77 5.10 53.70
N MET E 432 74.83 4.92 52.39
CA MET E 432 75.37 3.68 51.84
C MET E 432 76.87 3.53 52.13
N SER E 433 77.58 4.65 52.27
CA SER E 433 78.99 4.58 52.61
C SER E 433 79.19 4.27 54.09
N LYS E 434 78.29 4.76 54.94
CA LYS E 434 78.50 4.64 56.37
C LYS E 434 77.94 3.35 56.95
N PHE E 435 76.86 2.82 56.38
CA PHE E 435 76.24 1.63 56.95
C PHE E 435 76.10 0.51 55.93
N LYS E 436 76.84 0.57 54.81
CA LYS E 436 76.96 -0.50 53.81
C LYS E 436 75.59 -0.85 53.21
N LEU E 437 74.91 0.17 52.72
CA LEU E 437 73.52 0.04 52.32
C LEU E 437 73.39 -0.04 50.80
N SER E 438 72.17 -0.31 50.35
CA SER E 438 71.86 -0.35 48.94
C SER E 438 71.16 0.93 48.52
N GLU E 439 70.93 1.07 47.22
CA GLU E 439 70.12 2.17 46.71
C GLU E 439 68.67 2.03 47.14
N ARG E 440 68.16 0.79 47.10
CA ARG E 440 66.80 0.53 47.56
C ARG E 440 66.68 0.81 49.06
N GLN E 441 67.69 0.37 49.83
CA GLN E 441 67.69 0.59 51.26
C GLN E 441 67.79 2.06 51.60
N SER E 442 68.65 2.80 50.89
CA SER E 442 68.82 4.22 51.19
C SER E 442 67.61 5.05 50.76
N GLN E 443 66.95 4.67 49.65
CA GLN E 443 65.70 5.33 49.29
C GLN E 443 64.60 5.04 50.29
N ALA E 444 64.56 3.82 50.83
CA ALA E 444 63.57 3.50 51.84
C ALA E 444 63.82 4.26 53.13
N ILE E 445 65.09 4.47 53.48
CA ILE E 445 65.42 5.24 54.68
C ILE E 445 65.07 6.71 54.49
N LEU E 446 65.44 7.28 53.35
CA LEU E 446 65.14 8.69 53.10
C LEU E 446 63.67 8.94 52.78
N ASP E 447 62.88 7.89 52.57
CA ASP E 447 61.44 8.02 52.45
C ASP E 447 60.70 7.41 53.64
N MET E 448 61.43 7.02 54.68
CA MET E 448 60.81 6.48 55.88
C MET E 448 60.08 7.57 56.64
N ARG E 449 58.86 7.26 57.09
CA ARG E 449 58.04 8.23 57.77
C ARG E 449 58.43 8.32 59.24
N LEU E 450 58.46 9.56 59.76
CA LEU E 450 58.96 9.82 61.10
C LEU E 450 58.06 9.22 62.17
N ARG E 451 56.77 9.06 61.85
CA ARG E 451 55.82 8.40 62.73
C ARG E 451 56.21 6.94 62.96
N ARG E 452 56.91 6.34 62.00
CA ARG E 452 57.44 4.99 62.13
C ARG E 452 58.72 4.93 62.97
N LEU E 453 59.11 6.03 63.62
CA LEU E 453 60.25 6.05 64.53
C LEU E 453 59.85 5.83 65.97
N THR E 454 59.06 4.78 66.24
CA THR E 454 58.62 4.48 67.59
C THR E 454 58.76 2.99 67.86
N GLY E 455 58.78 2.65 69.15
CA GLY E 455 58.81 1.25 69.54
C GLY E 455 57.51 0.53 69.24
N LEU E 456 56.42 1.28 69.10
CA LEU E 456 55.17 0.69 68.65
C LEU E 456 55.22 0.34 67.17
N GLU E 457 56.13 0.95 66.42
CA GLU E 457 56.35 0.63 65.02
C GLU E 457 57.56 -0.27 64.79
N ARG E 458 58.59 -0.17 65.64
CA ARG E 458 59.72 -1.09 65.56
C ARG E 458 59.31 -2.52 65.86
N ASP E 459 58.30 -2.69 66.71
CA ASP E 459 57.77 -4.02 67.00
C ASP E 459 57.14 -4.64 65.78
N LYS E 460 56.34 -3.86 65.04
CA LYS E 460 55.65 -4.37 63.86
C LYS E 460 56.64 -4.69 62.76
N ILE E 461 57.63 -3.83 62.56
CA ILE E 461 58.66 -4.05 61.55
C ILE E 461 59.50 -5.27 61.89
N GLN E 462 59.88 -5.43 63.16
CA GLN E 462 60.71 -6.56 63.56
C GLN E 462 59.94 -7.88 63.47
N SER E 463 58.68 -7.89 63.89
CA SER E 463 57.86 -9.08 63.81
C SER E 463 57.59 -9.49 62.36
N GLU E 464 57.26 -8.50 61.50
CA GLU E 464 57.04 -8.79 60.10
C GLU E 464 58.33 -9.22 59.40
N TYR E 465 59.47 -8.70 59.86
CA TYR E 465 60.77 -9.08 59.30
C TYR E 465 61.11 -10.52 59.64
N ASP E 466 60.87 -10.92 60.89
CA ASP E 466 61.07 -12.31 61.26
C ASP E 466 60.08 -13.24 60.56
N ASP E 467 58.85 -12.77 60.32
CA ASP E 467 57.89 -13.57 59.58
C ASP E 467 58.30 -13.75 58.13
N LEU E 468 58.84 -12.71 57.50
CA LEU E 468 59.27 -12.84 56.12
C LEU E 468 60.53 -13.67 56.00
N LEU E 469 61.42 -13.62 56.99
CA LEU E 469 62.56 -14.54 56.97
C LEU E 469 62.13 -15.97 57.22
N ALA E 470 61.07 -16.17 58.01
CA ALA E 470 60.49 -17.51 58.16
C ALA E 470 59.90 -18.00 56.85
N LEU E 471 59.26 -17.11 56.10
CA LEU E 471 58.72 -17.50 54.80
C LEU E 471 59.84 -17.81 53.80
N ILE E 472 60.95 -17.07 53.88
CA ILE E 472 62.12 -17.35 53.04
C ILE E 472 62.71 -18.72 53.40
N ALA E 473 62.78 -19.03 54.69
CA ALA E 473 63.28 -20.35 55.10
C ALA E 473 62.34 -21.47 54.66
N ASP E 474 61.04 -21.21 54.67
CA ASP E 474 60.07 -22.19 54.19
C ASP E 474 60.22 -22.42 52.69
N LEU E 475 60.37 -21.35 51.92
CA LEU E 475 60.52 -21.52 50.47
C LEU E 475 61.87 -22.13 50.11
N ALA E 476 62.90 -21.88 50.91
CA ALA E 476 64.18 -22.56 50.71
C ALA E 476 64.08 -24.04 51.03
N ASP E 477 63.27 -24.39 52.04
CA ASP E 477 63.02 -25.80 52.31
C ASP E 477 62.20 -26.45 51.20
N ILE E 478 61.32 -25.68 50.54
CA ILE E 478 60.60 -26.21 49.38
C ILE E 478 61.56 -26.41 48.21
N LEU E 479 62.45 -25.45 47.98
CA LEU E 479 63.43 -25.57 46.91
C LEU E 479 64.53 -26.57 47.20
N ALA E 480 64.69 -27.01 48.44
CA ALA E 480 65.74 -27.95 48.78
C ALA E 480 65.30 -29.40 48.70
N LYS E 481 64.01 -29.68 48.93
CA LYS E 481 63.52 -31.05 49.03
C LYS E 481 62.47 -31.30 47.97
N PRO E 482 62.74 -32.20 47.01
CA PRO E 482 61.72 -32.51 45.98
C PRO E 482 60.52 -33.27 46.52
N GLU E 483 60.59 -33.81 47.74
CA GLU E 483 59.43 -34.47 48.34
C GLU E 483 58.29 -33.49 48.54
N ARG E 484 58.59 -32.32 49.09
CA ARG E 484 57.56 -31.31 49.32
C ARG E 484 57.03 -30.74 48.03
N VAL E 485 57.83 -30.78 46.97
CA VAL E 485 57.36 -30.37 45.65
C VAL E 485 56.22 -31.27 45.19
N SER E 486 56.46 -32.58 45.27
CA SER E 486 55.41 -33.56 44.98
C SER E 486 54.24 -33.42 45.94
N GLN E 487 54.50 -33.00 47.17
CA GLN E 487 53.43 -32.81 48.13
C GLN E 487 52.51 -31.66 47.72
N ILE E 488 53.09 -30.54 47.30
CA ILE E 488 52.31 -29.39 46.84
C ILE E 488 51.52 -29.77 45.59
N ILE E 489 52.13 -30.59 44.72
CA ILE E 489 51.46 -31.06 43.52
C ILE E 489 50.26 -31.92 43.88
N LYS E 490 50.43 -32.85 44.83
CA LYS E 490 49.34 -33.71 45.29
C LYS E 490 48.22 -32.91 45.88
N ASP E 491 48.56 -31.89 46.69
CA ASP E 491 47.55 -31.11 47.38
C ASP E 491 46.71 -30.30 46.40
N GLU E 492 47.36 -29.66 45.43
CA GLU E 492 46.59 -28.84 44.50
C GLU E 492 45.83 -29.70 43.51
N LEU E 493 46.37 -30.86 43.14
CA LEU E 493 45.62 -31.78 42.29
C LEU E 493 44.40 -32.34 43.01
N ASP E 494 44.52 -32.64 44.29
CA ASP E 494 43.36 -33.11 45.02
C ASP E 494 42.35 -32.00 45.25
N GLU E 495 42.82 -30.75 45.30
CA GLU E 495 41.91 -29.62 45.34
C GLU E 495 41.11 -29.52 44.05
N VAL E 496 41.77 -29.72 42.92
CA VAL E 496 41.08 -29.73 41.63
C VAL E 496 40.11 -30.89 41.54
N LYS E 497 40.53 -32.05 42.06
CA LYS E 497 39.69 -33.24 42.04
C LYS E 497 38.44 -33.05 42.89
N ARG E 498 38.57 -32.35 44.01
CA ARG E 498 37.39 -32.00 44.80
C ARG E 498 36.50 -31.02 44.04
N LYS E 499 37.12 -30.06 43.33
CA LYS E 499 36.30 -29.01 42.74
C LYS E 499 35.58 -29.44 41.46
N PHE E 500 36.01 -30.50 40.79
CA PHE E 500 35.45 -30.75 39.47
C PHE E 500 35.10 -32.19 39.13
N SER E 501 35.66 -33.20 39.81
CA SER E 501 35.70 -34.56 39.26
C SER E 501 34.33 -35.23 39.30
N ASP E 502 33.76 -35.45 38.12
CA ASP E 502 32.60 -36.32 37.95
C ASP E 502 33.10 -37.73 37.72
N LYS E 503 32.21 -38.64 37.31
CA LYS E 503 32.62 -39.99 36.96
C LYS E 503 32.26 -40.30 35.52
N ARG E 504 32.55 -41.54 35.13
CA ARG E 504 32.49 -41.94 33.73
C ARG E 504 31.07 -41.98 33.22
N ARG E 505 30.78 -41.16 32.22
CA ARG E 505 29.54 -41.29 31.48
C ARG E 505 29.59 -42.49 30.55
N THR E 506 30.78 -42.97 30.22
CA THR E 506 30.98 -44.14 29.39
C THR E 506 31.22 -45.35 30.29
N GLU E 507 30.56 -46.46 29.97
CA GLU E 507 30.79 -47.71 30.69
C GLU E 507 31.77 -48.57 29.90
N LEU E 508 32.80 -49.07 30.59
CA LEU E 508 33.70 -50.05 29.99
C LEU E 508 33.01 -51.40 30.01
N MET E 509 32.54 -51.85 28.86
CA MET E 509 31.96 -53.18 28.75
C MET E 509 33.03 -54.17 28.30
N VAL E 510 32.64 -55.43 28.20
CA VAL E 510 33.56 -56.47 27.78
C VAL E 510 33.05 -57.15 26.52
N LYS F 28 -18.66 26.45 50.17
CA LYS F 28 -18.32 26.86 51.53
C LYS F 28 -17.99 25.66 52.40
N ASN F 29 -16.75 25.16 52.29
CA ASN F 29 -16.38 23.91 52.93
C ASN F 29 -15.67 24.10 54.26
N LEU F 30 -14.49 24.71 54.27
CA LEU F 30 -13.77 24.94 55.52
C LEU F 30 -14.45 26.07 56.27
N VAL F 31 -14.61 25.90 57.58
CA VAL F 31 -15.32 26.88 58.39
C VAL F 31 -14.44 27.38 59.52
N ASN F 32 -13.13 27.28 59.32
CA ASN F 32 -12.12 27.61 60.34
C ASN F 32 -12.15 29.10 60.64
N VAL F 33 -12.47 29.44 61.90
CA VAL F 33 -12.74 30.83 62.27
C VAL F 33 -11.52 31.56 62.80
N ASN F 34 -10.96 31.13 63.93
CA ASN F 34 -10.08 31.98 64.73
C ASN F 34 -8.72 32.13 64.05
N LEU F 35 -8.68 33.09 63.13
CA LEU F 35 -7.55 33.21 62.22
C LEU F 35 -7.12 34.67 62.08
N THR F 36 -6.82 35.35 63.19
CA THR F 36 -6.39 36.74 63.06
C THR F 36 -4.90 36.84 62.74
N LYS F 37 -4.07 36.47 63.71
CA LYS F 37 -2.63 36.59 63.50
C LYS F 37 -2.13 35.50 62.57
N GLU F 38 -2.87 34.39 62.47
CA GLU F 38 -2.47 33.37 61.52
C GLU F 38 -2.78 33.77 60.09
N MET F 39 -3.84 34.54 59.85
CA MET F 39 -4.01 35.04 58.49
C MET F 39 -3.03 36.16 58.21
N LYS F 40 -2.62 36.92 59.23
CA LYS F 40 -1.57 37.92 58.99
C LYS F 40 -0.23 37.26 58.68
N ALA F 41 0.13 36.23 59.43
CA ALA F 41 1.39 35.55 59.21
C ALA F 41 1.39 34.80 57.88
N SER F 42 0.31 34.08 57.56
CA SER F 42 0.23 33.39 56.29
C SER F 42 0.15 34.36 55.12
N PHE F 43 -0.43 35.54 55.33
CA PHE F 43 -0.53 36.50 54.24
C PHE F 43 0.81 37.18 53.99
N ILE F 44 1.55 37.51 55.06
CA ILE F 44 2.90 38.02 54.90
C ILE F 44 3.80 36.98 54.27
N ASP F 45 3.61 35.70 54.63
CA ASP F 45 4.43 34.64 54.07
C ASP F 45 4.17 34.47 52.58
N TYR F 46 2.91 34.45 52.17
CA TYR F 46 2.63 34.27 50.75
C TYR F 46 2.99 35.51 49.95
N ALA F 47 2.87 36.70 50.55
CA ALA F 47 3.26 37.93 49.85
C ALA F 47 4.77 38.04 49.67
N MET F 48 5.54 37.74 50.73
CA MET F 48 6.99 37.74 50.62
C MET F 48 7.47 36.65 49.68
N SER F 49 6.78 35.51 49.62
CA SER F 49 7.18 34.47 48.68
C SER F 49 6.94 34.91 47.25
N VAL F 50 5.85 35.66 47.01
CA VAL F 50 5.65 36.24 45.68
C VAL F 50 6.75 37.22 45.34
N ILE F 51 6.99 38.21 46.23
CA ILE F 51 7.96 39.29 45.99
C ILE F 51 9.36 38.76 45.76
N VAL F 52 9.78 37.78 46.55
CA VAL F 52 11.11 37.23 46.35
C VAL F 52 11.13 36.34 45.12
N ALA F 53 10.35 35.26 45.11
CA ALA F 53 10.58 34.19 44.15
C ALA F 53 10.16 34.58 42.74
N ARG F 54 8.98 35.15 42.58
CA ARG F 54 8.45 35.33 41.23
C ARG F 54 8.41 36.79 40.84
N ALA F 55 9.23 37.62 41.48
CA ALA F 55 9.12 39.06 41.34
C ALA F 55 10.49 39.68 41.51
N LEU F 56 10.50 40.96 41.90
CA LEU F 56 11.60 41.88 41.69
C LEU F 56 12.89 41.42 42.36
N PRO F 57 14.02 41.51 41.68
CA PRO F 57 15.28 41.02 42.24
C PRO F 57 16.03 42.00 43.12
N ASP F 58 17.23 41.58 43.50
CA ASP F 58 18.01 42.11 44.61
C ASP F 58 18.87 43.30 44.15
N VAL F 59 19.29 44.12 45.12
CA VAL F 59 20.28 45.15 44.82
C VAL F 59 21.64 44.52 44.58
N ARG F 60 22.10 43.68 45.51
CA ARG F 60 23.51 43.35 45.59
C ARG F 60 23.99 42.45 44.46
N ASP F 61 23.10 41.85 43.68
CA ASP F 61 23.56 41.26 42.44
C ASP F 61 22.62 41.44 41.26
N GLY F 62 21.45 42.03 41.44
CA GLY F 62 20.55 42.24 40.33
C GLY F 62 19.96 41.00 39.73
N LEU F 63 20.00 39.88 40.44
CA LEU F 63 19.60 38.61 39.89
C LEU F 63 18.38 38.08 40.61
N LYS F 64 17.46 37.51 39.85
CA LYS F 64 16.29 36.89 40.42
C LYS F 64 16.69 35.58 41.09
N PRO F 65 15.94 35.12 42.10
CA PRO F 65 16.29 33.86 42.76
C PRO F 65 16.22 32.66 41.85
N VAL F 66 15.32 32.67 40.86
CA VAL F 66 15.36 31.66 39.81
C VAL F 66 16.67 31.74 39.05
N HIS F 67 17.09 32.97 38.72
CA HIS F 67 18.34 33.17 38.00
C HIS F 67 19.54 32.78 38.84
N ARG F 68 19.49 33.11 40.14
CA ARG F 68 20.59 32.76 41.04
C ARG F 68 20.74 31.26 41.14
N ARG F 69 19.63 30.54 41.21
CA ARG F 69 19.74 29.09 41.27
C ARG F 69 20.15 28.50 39.93
N ILE F 70 19.80 29.16 38.82
CA ILE F 70 20.32 28.74 37.50
C ILE F 70 21.83 28.82 37.47
N LEU F 71 22.37 29.98 37.85
CA LEU F 71 23.81 30.19 37.77
C LEU F 71 24.57 29.30 38.74
N TYR F 72 24.03 29.13 39.95
CA TYR F 72 24.78 28.31 40.91
C TYR F 72 24.67 26.83 40.60
N GLY F 73 23.54 26.36 40.05
CA GLY F 73 23.43 24.98 39.66
C GLY F 73 24.31 24.66 38.46
N MET F 74 24.38 25.59 37.51
CA MET F 74 25.24 25.35 36.36
C MET F 74 26.71 25.52 36.74
N ASN F 75 26.99 26.23 37.83
CA ASN F 75 28.35 26.26 38.38
C ASN F 75 28.71 24.94 39.02
N GLU F 76 27.83 24.40 39.85
CA GLU F 76 28.11 23.13 40.51
C GLU F 76 28.14 21.96 39.52
N LEU F 77 27.45 22.09 38.39
CA LEU F 77 27.65 21.12 37.31
C LEU F 77 28.92 21.41 36.52
N GLY F 78 29.52 22.58 36.69
CA GLY F 78 30.76 22.90 36.02
C GLY F 78 30.63 23.17 34.54
N VAL F 79 29.43 23.50 34.07
CA VAL F 79 29.19 23.62 32.63
C VAL F 79 29.63 25.03 32.23
N THR F 80 30.92 25.16 32.01
CA THR F 80 31.64 26.38 31.68
C THR F 80 31.99 26.34 30.20
N PRO F 81 32.48 27.46 29.60
CA PRO F 81 32.85 27.38 28.17
C PRO F 81 34.13 26.62 27.83
N ASP F 82 34.75 25.91 28.78
CA ASP F 82 35.80 24.98 28.37
C ASP F 82 35.23 23.71 27.75
N LYS F 83 34.08 23.27 28.24
CA LYS F 83 33.34 22.16 27.70
C LYS F 83 32.32 22.65 26.67
N PRO F 84 31.92 21.80 25.74
CA PRO F 84 30.82 22.16 24.84
C PRO F 84 29.49 22.18 25.59
N HIS F 85 28.46 22.61 24.87
CA HIS F 85 27.17 22.89 25.46
C HIS F 85 26.49 21.61 25.90
N LYS F 86 25.76 21.69 27.02
CA LYS F 86 25.04 20.53 27.54
C LYS F 86 23.55 20.74 27.47
N LYS F 87 22.83 19.61 27.53
CA LYS F 87 21.38 19.61 27.41
C LYS F 87 20.74 20.32 28.61
N SER F 88 19.89 21.30 28.30
CA SER F 88 19.31 22.16 29.34
C SER F 88 18.32 21.43 30.23
N ALA F 89 17.76 20.32 29.75
CA ALA F 89 16.84 19.54 30.56
C ALA F 89 17.52 18.95 31.78
N ARG F 90 18.78 18.54 31.62
CA ARG F 90 19.53 17.98 32.74
C ARG F 90 19.86 19.05 33.77
N ILE F 91 20.15 20.26 33.29
CA ILE F 91 20.42 21.38 34.20
C ILE F 91 19.17 21.77 34.97
N THR F 92 18.03 21.88 34.29
CA THR F 92 16.79 22.20 34.98
C THR F 92 16.33 21.06 35.89
N GLY F 93 16.63 19.81 35.53
CA GLY F 93 16.32 18.71 36.42
C GLY F 93 17.17 18.73 37.68
N ASP F 94 18.42 19.14 37.55
CA ASP F 94 19.26 19.30 38.74
C ASP F 94 18.83 20.50 39.56
N VAL F 95 18.30 21.54 38.91
CA VAL F 95 17.69 22.66 39.62
C VAL F 95 16.48 22.20 40.43
N MET F 96 15.65 21.36 39.81
CA MET F 96 14.48 20.81 40.51
C MET F 96 14.89 19.89 41.66
N GLY F 97 15.91 19.07 41.45
CA GLY F 97 16.34 18.15 42.47
C GLY F 97 17.20 18.76 43.55
N LYS F 98 17.71 19.97 43.37
CA LYS F 98 18.53 20.57 44.40
C LYS F 98 18.00 21.88 44.95
N TYR F 99 17.63 22.85 44.11
CA TYR F 99 17.46 24.22 44.59
C TYR F 99 16.06 24.79 44.42
N HIS F 100 15.34 24.49 43.34
CA HIS F 100 14.16 25.31 43.08
C HIS F 100 12.97 24.49 42.59
N PRO F 101 12.10 24.03 43.49
CA PRO F 101 10.98 23.12 43.11
C PRO F 101 9.74 23.86 42.61
N HIS F 102 9.76 24.22 41.34
CA HIS F 102 8.69 25.02 40.73
C HIS F 102 8.52 24.59 39.28
N GLY F 103 7.94 25.47 38.47
CA GLY F 103 7.60 25.10 37.10
C GLY F 103 8.82 24.90 36.22
N ASP F 104 8.86 23.76 35.55
CA ASP F 104 9.97 23.42 34.66
C ASP F 104 10.01 24.38 33.47
N SER F 105 8.84 24.69 32.91
CA SER F 105 8.77 25.65 31.82
C SER F 105 9.06 27.08 32.29
N SER F 106 8.83 27.40 33.56
CA SER F 106 9.20 28.72 34.07
C SER F 106 10.71 28.85 34.21
N ILE F 107 11.36 27.82 34.74
CA ILE F 107 12.81 27.81 34.83
C ILE F 107 13.43 27.86 33.43
N TYR F 108 12.85 27.13 32.49
CA TYR F 108 13.34 27.18 31.13
C TYR F 108 13.00 28.50 30.43
N GLU F 109 11.93 29.18 30.86
CA GLU F 109 11.65 30.52 30.37
C GLU F 109 12.72 31.50 30.80
N ALA F 110 13.18 31.38 32.05
CA ALA F 110 14.30 32.18 32.51
C ALA F 110 15.58 31.83 31.75
N MET F 111 15.77 30.54 31.44
CA MET F 111 16.89 30.10 30.62
C MET F 111 16.88 30.73 29.25
N VAL F 112 15.72 30.75 28.60
CA VAL F 112 15.60 31.28 27.25
C VAL F 112 15.76 32.79 27.24
N ARG F 113 15.14 33.47 28.20
CA ARG F 113 15.23 34.92 28.24
C ARG F 113 16.63 35.39 28.58
N MET F 114 17.36 34.65 29.42
CA MET F 114 18.71 35.04 29.75
C MET F 114 19.67 34.84 28.58
N ALA F 115 19.43 33.83 27.75
CA ALA F 115 20.37 33.43 26.71
C ALA F 115 20.01 33.98 25.34
N GLN F 116 19.47 35.19 25.28
CA GLN F 116 19.17 35.85 24.02
C GLN F 116 19.76 37.25 24.02
N TRP F 117 20.39 37.63 22.91
CA TRP F 117 21.10 38.90 22.88
C TRP F 117 20.14 40.08 22.84
N TRP F 118 18.96 39.92 22.26
CA TRP F 118 18.00 41.02 22.19
C TRP F 118 17.09 41.04 23.40
N SER F 119 16.84 39.89 24.01
CA SER F 119 16.00 39.84 25.20
C SER F 119 16.76 40.25 26.44
N TYR F 120 18.09 40.25 26.38
CA TYR F 120 18.90 40.40 27.56
C TYR F 120 20.26 40.91 27.09
N ARG F 121 20.78 41.94 27.77
CA ARG F 121 21.87 42.75 27.23
C ARG F 121 23.16 41.96 27.11
N TYR F 122 23.69 41.46 28.22
CA TYR F 122 24.89 40.65 28.20
C TYR F 122 24.45 39.24 28.57
N MET F 123 24.48 38.33 27.59
CA MET F 123 23.95 36.98 27.76
C MET F 123 24.81 36.22 28.77
N LEU F 124 24.27 36.04 29.98
CA LEU F 124 25.00 35.30 30.99
C LEU F 124 25.10 33.83 30.62
N VAL F 125 24.01 33.26 30.14
CA VAL F 125 24.03 31.93 29.56
C VAL F 125 24.23 32.07 28.06
N ASP F 126 25.19 31.32 27.52
CA ASP F 126 25.31 31.20 26.07
C ASP F 126 24.63 29.89 25.66
N GLY F 127 23.64 30.00 24.79
CA GLY F 127 22.85 28.85 24.39
C GLY F 127 23.34 28.20 23.12
N HIS F 128 22.59 27.19 22.69
CA HIS F 128 22.99 26.35 21.57
C HIS F 128 21.71 25.76 20.98
N GLY F 129 21.20 26.40 19.93
CA GLY F 129 19.96 25.99 19.31
C GLY F 129 19.03 27.15 19.11
N ASN F 130 17.84 26.83 18.59
CA ASN F 130 16.83 27.83 18.34
C ASN F 130 16.17 28.23 19.66
N PHE F 131 16.25 29.51 19.99
CA PHE F 131 15.56 30.05 21.15
C PHE F 131 14.43 30.97 20.80
N GLY F 132 14.64 31.94 19.92
CA GLY F 132 13.56 32.82 19.54
C GLY F 132 14.01 33.79 18.46
N SER F 133 13.23 34.84 18.30
CA SER F 133 13.53 35.92 17.38
C SER F 133 13.02 37.22 17.98
N MET F 134 13.45 38.33 17.38
CA MET F 134 12.88 39.63 17.75
C MET F 134 11.43 39.76 17.32
N ASP F 135 11.00 38.96 16.34
CA ASP F 135 9.59 38.90 15.97
C ASP F 135 8.73 38.29 17.06
N GLY F 136 9.33 37.54 17.97
CA GLY F 136 8.61 36.87 19.01
C GLY F 136 8.45 35.39 18.69
N ASP F 137 9.36 34.59 19.24
CA ASP F 137 9.42 33.16 19.00
C ASP F 137 9.93 32.50 20.26
N SER F 138 9.60 31.22 20.43
CA SER F 138 9.97 30.47 21.62
C SER F 138 10.60 29.15 21.22
N ALA F 139 11.48 28.64 22.09
CA ALA F 139 11.95 27.29 21.93
C ALA F 139 10.87 26.31 22.38
N ALA F 140 11.02 25.05 21.96
CA ALA F 140 9.97 24.06 22.21
C ALA F 140 9.97 23.64 23.67
N ALA F 141 11.07 23.05 24.14
CA ALA F 141 11.17 22.64 25.54
C ALA F 141 12.64 22.65 25.94
N GLN F 142 12.88 22.21 27.18
CA GLN F 142 14.21 22.19 27.77
C GLN F 142 15.07 21.04 27.29
N ARG F 143 14.49 20.08 26.57
CA ARG F 143 15.20 18.89 26.13
C ARG F 143 15.52 18.90 24.65
N TYR F 144 15.30 20.03 23.97
CA TYR F 144 15.58 20.15 22.55
C TYR F 144 16.89 20.87 22.27
N THR F 145 17.23 21.88 23.05
CA THR F 145 18.40 22.72 22.83
C THR F 145 19.33 22.67 24.02
N GLU F 146 20.57 23.11 23.78
CA GLU F 146 21.65 23.05 24.75
C GLU F 146 22.00 24.45 25.24
N ALA F 147 22.84 24.50 26.27
CA ALA F 147 23.28 25.76 26.85
C ALA F 147 24.55 25.51 27.66
N ARG F 148 25.19 26.62 28.05
CA ARG F 148 26.26 26.64 29.04
C ARG F 148 26.41 28.07 29.54
N MET F 149 27.32 28.26 30.49
CA MET F 149 27.63 29.61 30.92
C MET F 149 28.51 30.32 29.89
N SER F 150 28.32 31.63 29.79
CA SER F 150 29.15 32.44 28.92
C SER F 150 30.34 32.97 29.71
N LYS F 151 31.05 33.94 29.13
CA LYS F 151 32.25 34.48 29.77
C LYS F 151 31.93 35.41 30.92
N ILE F 152 30.65 35.72 31.14
CA ILE F 152 30.29 36.68 32.16
C ILE F 152 29.80 35.97 33.42
N ALA F 153 29.26 34.77 33.27
CA ALA F 153 28.87 34.00 34.45
C ALA F 153 30.08 33.49 35.22
N LEU F 154 31.19 33.22 34.51
CA LEU F 154 32.43 32.90 35.20
C LEU F 154 32.95 34.10 35.98
N GLU F 155 32.66 35.31 35.51
CA GLU F 155 32.92 36.50 36.30
C GLU F 155 32.03 36.55 37.53
N MET F 156 30.74 36.29 37.34
CA MET F 156 29.78 36.33 38.45
C MET F 156 30.04 35.26 39.49
N LEU F 157 30.74 34.20 39.13
CA LEU F 157 31.01 33.08 40.02
C LEU F 157 32.48 32.94 40.35
N ARG F 158 33.32 33.87 39.90
CA ARG F 158 34.71 33.85 40.31
C ARG F 158 34.80 34.24 41.77
N ASP F 159 35.53 33.43 42.53
CA ASP F 159 35.68 33.55 43.99
C ASP F 159 34.31 33.50 44.66
N ILE F 160 33.68 32.33 44.55
CA ILE F 160 32.48 32.03 45.29
C ILE F 160 32.73 31.04 46.42
N ASN F 161 33.65 30.10 46.25
CA ASN F 161 33.79 28.97 47.14
C ASN F 161 34.74 29.25 48.29
N LYS F 162 34.87 30.51 48.68
CA LYS F 162 35.95 30.97 49.55
C LYS F 162 35.42 31.85 50.66
N ASN F 163 34.33 31.39 51.32
CA ASN F 163 33.66 32.11 52.42
C ASN F 163 33.23 33.51 51.98
N THR F 164 32.82 33.63 50.73
CA THR F 164 32.57 34.95 50.16
C THR F 164 31.16 35.42 50.48
N VAL F 165 30.16 34.59 50.23
CA VAL F 165 28.79 34.86 50.64
C VAL F 165 28.29 33.64 51.42
N ASP F 166 27.63 33.89 52.54
CA ASP F 166 27.14 32.81 53.39
C ASP F 166 26.08 31.98 52.68
N PHE F 167 26.23 30.66 52.78
CA PHE F 167 25.24 29.73 52.25
C PHE F 167 24.07 29.58 53.21
N VAL F 168 22.98 29.04 52.68
CA VAL F 168 21.85 28.58 53.48
C VAL F 168 21.49 27.18 53.03
N ASP F 169 20.77 26.47 53.90
CA ASP F 169 20.21 25.18 53.56
C ASP F 169 18.88 25.39 52.84
N ASN F 170 18.70 24.70 51.73
CA ASN F 170 17.47 24.85 50.98
C ASN F 170 16.43 23.82 51.45
N TYR F 171 15.40 23.62 50.62
CA TYR F 171 14.20 22.87 50.99
C TYR F 171 14.46 21.39 51.21
N ASP F 172 15.60 20.86 50.77
CA ASP F 172 15.94 19.46 50.93
C ASP F 172 16.96 19.22 52.04
N ALA F 173 17.47 20.27 52.67
CA ALA F 173 18.30 20.24 53.87
C ALA F 173 19.60 19.46 53.71
N ASN F 174 20.05 19.25 52.47
CA ASN F 174 21.33 18.62 52.20
C ASN F 174 22.16 19.48 51.25
N GLU F 175 21.47 20.13 50.32
CA GLU F 175 22.11 21.10 49.44
C GLU F 175 22.25 22.43 50.15
N ARG F 176 23.25 23.19 49.74
CA ARG F 176 23.46 24.54 50.23
C ARG F 176 23.44 25.47 49.04
N GLU F 177 22.74 26.59 49.17
CA GLU F 177 22.72 27.56 48.09
C GLU F 177 23.25 28.91 48.58
N PRO F 178 23.74 29.75 47.67
CA PRO F 178 24.13 31.09 48.08
C PRO F 178 22.95 32.03 48.22
N LEU F 179 23.03 32.89 49.25
CA LEU F 179 22.04 33.92 49.46
C LEU F 179 22.03 34.92 48.31
N VAL F 180 23.16 35.55 48.06
CA VAL F 180 23.32 36.52 46.98
C VAL F 180 24.61 36.18 46.24
N LEU F 181 24.57 36.17 44.92
CA LEU F 181 25.77 35.83 44.17
C LEU F 181 26.81 36.92 44.32
N PRO F 182 28.06 36.58 44.61
CA PRO F 182 29.09 37.62 44.71
C PRO F 182 29.39 38.18 43.35
N ALA F 183 28.86 39.36 43.10
CA ALA F 183 29.00 39.95 41.78
C ALA F 183 30.38 40.59 41.65
N ARG F 184 30.81 40.73 40.42
CA ARG F 184 32.02 41.49 40.15
C ARG F 184 31.73 42.69 39.27
N PHE F 185 30.50 42.85 38.80
CA PHE F 185 30.08 44.05 38.14
C PHE F 185 28.63 44.23 38.54
N PRO F 186 28.18 45.46 38.76
CA PRO F 186 26.81 45.66 39.23
C PRO F 186 25.79 45.39 38.13
N ASN F 187 25.07 44.29 38.28
CA ASN F 187 24.27 43.72 37.20
C ASN F 187 22.88 44.35 37.10
N LEU F 188 22.45 45.11 38.12
CA LEU F 188 21.21 45.88 38.02
C LEU F 188 21.28 46.87 36.89
N LEU F 189 22.33 47.70 36.89
CA LEU F 189 22.45 48.72 35.87
C LEU F 189 22.70 48.11 34.51
N VAL F 190 23.30 46.94 34.46
CA VAL F 190 23.58 46.32 33.19
C VAL F 190 22.32 45.71 32.60
N ASN F 191 21.58 44.94 33.38
CA ASN F 191 20.51 44.13 32.81
C ASN F 191 19.10 44.54 33.23
N GLY F 192 18.96 45.31 34.30
CA GLY F 192 17.66 45.80 34.69
C GLY F 192 16.80 44.77 35.41
N ALA F 193 15.70 45.25 35.97
CA ALA F 193 14.78 44.42 36.74
C ALA F 193 13.37 44.60 36.22
N THR F 194 12.84 43.60 35.53
CA THR F 194 11.44 43.63 35.15
C THR F 194 10.58 43.24 36.35
N GLY F 195 9.47 43.96 36.55
CA GLY F 195 8.73 43.78 37.78
C GLY F 195 7.25 43.45 37.67
N ILE F 196 6.80 42.56 38.54
CA ILE F 196 5.39 42.22 38.66
C ILE F 196 4.82 42.97 39.86
N ALA F 197 3.80 43.79 39.62
CA ALA F 197 3.16 44.55 40.68
C ALA F 197 2.13 43.68 41.39
N VAL F 198 2.30 43.53 42.70
CA VAL F 198 1.21 43.18 43.58
C VAL F 198 1.01 44.47 44.36
N GLY F 199 1.25 45.58 43.66
CA GLY F 199 1.27 46.91 44.19
C GLY F 199 2.54 47.63 43.78
N MET F 200 3.59 46.85 43.52
CA MET F 200 4.94 47.36 43.35
C MET F 200 5.62 46.65 42.20
N ALA F 201 5.89 47.37 41.11
CA ALA F 201 6.62 46.85 39.96
C ALA F 201 7.85 47.69 39.72
N THR F 202 8.75 47.18 38.87
CA THR F 202 10.05 47.82 38.69
C THR F 202 10.50 47.66 37.25
N ASN F 203 11.43 48.53 36.84
CA ASN F 203 11.74 48.75 35.43
C ASN F 203 13.21 48.46 35.13
N ILE F 204 13.54 48.57 33.84
CA ILE F 204 14.84 48.26 33.27
C ILE F 204 15.54 49.57 32.90
N PRO F 205 16.42 50.12 33.72
CA PRO F 205 17.47 50.97 33.17
C PRO F 205 18.70 50.15 32.79
N PRO F 206 18.91 49.88 31.50
CA PRO F 206 20.17 49.24 31.11
C PRO F 206 21.26 50.29 30.99
N HIS F 207 22.50 49.82 31.01
CA HIS F 207 23.63 50.74 31.00
C HIS F 207 24.79 50.14 30.23
N ASN F 208 25.62 51.02 29.68
CA ASN F 208 26.87 50.61 29.07
C ASN F 208 27.84 50.22 30.18
N LEU F 209 28.52 49.09 30.02
CA LEU F 209 29.32 48.54 31.09
C LEU F 209 30.51 49.42 31.45
N GLY F 210 31.18 49.98 30.43
CA GLY F 210 32.40 50.73 30.68
C GLY F 210 32.12 52.05 31.38
N GLU F 211 31.10 52.77 30.92
CA GLU F 211 30.70 54.00 31.59
C GLU F 211 30.17 53.72 32.98
N THR F 212 29.54 52.56 33.17
CA THR F 212 29.06 52.18 34.49
C THR F 212 30.23 51.96 35.44
N ILE F 213 31.25 51.26 34.98
CA ILE F 213 32.42 50.99 35.80
C ILE F 213 33.16 52.29 36.11
N ASP F 214 33.21 53.20 35.14
CA ASP F 214 33.82 54.51 35.40
C ASP F 214 33.01 55.31 36.39
N ALA F 215 31.69 55.16 36.36
CA ALA F 215 30.83 55.81 37.35
C ALA F 215 31.07 55.23 38.73
N VAL F 216 31.26 53.91 38.80
CA VAL F 216 31.60 53.25 40.06
C VAL F 216 32.91 53.79 40.60
N LYS F 217 33.88 53.97 39.71
CA LYS F 217 35.19 54.51 40.11
C LYS F 217 35.07 55.92 40.64
N LEU F 218 34.28 56.76 39.97
CA LEU F 218 34.17 58.15 40.40
C LEU F 218 33.36 58.28 41.68
N VAL F 219 32.37 57.43 41.87
CA VAL F 219 31.64 57.43 43.14
C VAL F 219 32.51 56.93 44.26
N MET F 220 33.34 55.92 44.00
CA MET F 220 34.19 55.38 45.04
C MET F 220 35.33 56.33 45.36
N ASP F 221 35.73 57.15 44.39
CA ASP F 221 36.73 58.19 44.67
C ASP F 221 36.11 59.31 45.48
N ASN F 222 35.16 60.04 44.90
CA ASN F 222 34.57 61.16 45.60
C ASN F 222 33.24 60.73 46.20
N PRO F 223 33.09 60.77 47.53
CA PRO F 223 31.82 60.34 48.14
C PRO F 223 30.66 61.28 47.86
N GLU F 224 30.91 62.49 47.37
CA GLU F 224 29.85 63.39 46.95
C GLU F 224 30.11 63.84 45.52
N VAL F 225 29.60 63.07 44.57
CA VAL F 225 29.53 63.46 43.17
C VAL F 225 28.07 63.79 42.88
N THR F 226 27.83 64.95 42.26
CA THR F 226 26.47 65.29 41.89
C THR F 226 25.99 64.41 40.74
N THR F 227 24.69 64.18 40.70
CA THR F 227 24.10 63.30 39.70
C THR F 227 24.18 63.90 38.30
N LYS F 228 24.29 65.22 38.18
CA LYS F 228 24.63 65.82 36.90
C LYS F 228 26.02 65.38 36.46
N ASP F 229 26.96 65.30 37.40
CA ASP F 229 28.31 64.90 37.06
C ASP F 229 28.42 63.41 36.80
N LEU F 230 27.41 62.63 37.16
CA LEU F 230 27.36 61.23 36.77
C LEU F 230 26.56 61.02 35.50
N MET F 231 25.64 61.93 35.19
CA MET F 231 25.08 61.98 33.86
C MET F 231 26.10 62.45 32.84
N GLU F 232 27.10 63.22 33.28
CA GLU F 232 28.31 63.41 32.49
C GLU F 232 28.96 62.07 32.20
N VAL F 233 29.00 61.20 33.20
CA VAL F 233 29.54 59.86 32.99
C VAL F 233 28.53 59.00 32.25
N LEU F 234 27.39 58.75 32.87
CA LEU F 234 26.45 57.79 32.33
C LEU F 234 25.50 58.47 31.36
N PRO F 235 25.44 58.04 30.12
CA PRO F 235 24.43 58.55 29.21
C PRO F 235 23.05 58.07 29.62
N GLY F 236 22.92 56.75 29.78
CA GLY F 236 21.67 56.15 30.19
C GLY F 236 21.42 54.81 29.54
N PRO F 237 20.25 54.66 28.92
CA PRO F 237 19.81 53.33 28.47
C PRO F 237 20.57 52.75 27.30
N ASP F 238 21.43 51.78 27.57
CA ASP F 238 22.16 51.05 26.55
C ASP F 238 21.33 49.81 26.21
N PHE F 239 20.48 49.93 25.21
CA PHE F 239 19.57 48.86 24.85
C PHE F 239 20.29 47.71 24.17
N PRO F 240 19.76 46.49 24.26
CA PRO F 240 20.37 45.37 23.55
C PRO F 240 20.21 45.39 22.05
N THR F 241 19.32 46.21 21.50
CA THR F 241 19.18 46.35 20.05
C THR F 241 19.42 47.76 19.55
N GLY F 242 19.60 48.73 20.42
CA GLY F 242 19.76 50.10 19.96
C GLY F 242 18.42 50.79 19.74
N ALA F 243 18.44 52.11 19.91
CA ALA F 243 17.27 52.97 19.75
C ALA F 243 17.74 54.42 19.72
N LEU F 244 16.78 55.33 19.86
CA LEU F 244 17.01 56.73 20.14
C LEU F 244 16.25 57.10 21.41
N VAL F 245 16.92 57.80 22.31
CA VAL F 245 16.31 58.22 23.58
C VAL F 245 16.04 59.70 23.50
N MET F 246 14.78 60.07 23.61
CA MET F 246 14.36 61.45 23.73
C MET F 246 14.10 61.77 25.20
N GLY F 247 14.60 62.92 25.63
CA GLY F 247 14.32 63.40 26.96
C GLY F 247 15.48 63.17 27.91
N LYS F 248 16.28 64.20 28.13
CA LYS F 248 17.30 64.13 29.15
C LYS F 248 16.74 64.61 30.49
N SER F 249 15.60 65.30 30.45
CA SER F 249 14.93 65.71 31.67
C SER F 249 14.38 64.51 32.43
N GLY F 250 13.73 63.59 31.73
CA GLY F 250 13.26 62.38 32.37
C GLY F 250 14.38 61.48 32.84
N ILE F 251 15.50 61.48 32.12
CA ILE F 251 16.70 60.79 32.57
C ILE F 251 17.22 61.38 33.88
N HIS F 252 17.25 62.71 33.96
CA HIS F 252 17.73 63.36 35.18
C HIS F 252 16.79 63.11 36.35
N LYS F 253 15.48 63.16 36.09
CA LYS F 253 14.48 62.80 37.08
C LYS F 253 14.65 61.36 37.56
N ALA F 254 14.97 60.45 36.63
CA ALA F 254 15.11 59.04 36.99
C ALA F 254 16.33 58.79 37.86
N TYR F 255 17.49 59.32 37.46
CA TYR F 255 18.67 59.05 38.29
C TYR F 255 18.78 59.98 39.49
N GLU F 256 17.84 60.92 39.65
CA GLU F 256 17.74 61.57 40.95
C GLU F 256 16.78 60.85 41.89
N THR F 257 15.53 60.66 41.48
CA THR F 257 14.49 60.18 42.38
C THR F 257 14.16 58.72 42.21
N GLY F 258 14.35 58.15 41.03
CA GLY F 258 14.02 56.77 40.80
C GLY F 258 12.83 56.65 39.87
N LYS F 259 11.81 57.44 40.10
CA LYS F 259 10.64 57.45 39.24
C LYS F 259 10.84 58.44 38.11
N GLY F 260 10.41 58.04 36.92
CA GLY F 260 10.46 58.94 35.78
C GLY F 260 10.01 58.21 34.54
N SER F 261 10.11 58.92 33.41
CA SER F 261 9.86 58.29 32.12
C SER F 261 10.66 59.02 31.06
N ILE F 262 11.19 58.24 30.12
CA ILE F 262 11.86 58.77 28.95
C ILE F 262 11.05 58.35 27.73
N VAL F 263 11.44 58.86 26.57
CA VAL F 263 10.74 58.56 25.33
C VAL F 263 11.70 57.78 24.43
N LEU F 264 11.17 56.79 23.74
CA LEU F 264 11.97 55.95 22.87
C LEU F 264 11.52 56.16 21.44
N ARG F 265 12.34 56.89 20.67
CA ARG F 265 12.16 57.10 19.25
C ARG F 265 13.13 56.21 18.49
N SER F 266 12.62 55.42 17.55
CA SER F 266 13.43 54.48 16.80
C SER F 266 14.44 55.20 15.91
N ARG F 267 15.53 54.51 15.58
CA ARG F 267 16.50 55.04 14.64
C ARG F 267 15.89 55.00 13.24
N THR F 268 15.25 56.09 12.87
CA THR F 268 14.60 56.27 11.59
C THR F 268 15.28 57.41 10.84
N GLU F 269 15.32 57.27 9.53
CA GLU F 269 15.89 58.34 8.71
C GLU F 269 15.10 58.46 7.42
N ILE F 270 15.06 59.69 6.91
CA ILE F 270 14.32 60.02 5.69
C ILE F 270 15.32 60.11 4.55
N GLU F 271 15.13 59.28 3.54
CA GLU F 271 16.03 59.21 2.39
C GLU F 271 15.20 59.46 1.14
N THR F 272 15.48 60.57 0.47
CA THR F 272 14.69 60.99 -0.69
C THR F 272 15.29 60.42 -1.96
N THR F 273 14.50 59.68 -2.71
CA THR F 273 14.93 59.16 -3.99
C THR F 273 14.98 60.27 -5.04
N LYS F 274 15.78 60.05 -6.08
CA LYS F 274 15.79 60.95 -7.22
C LYS F 274 14.47 60.87 -7.99
N THR F 275 13.82 59.70 -7.95
CA THR F 275 12.50 59.53 -8.56
C THR F 275 11.46 60.43 -7.87
N GLY F 276 11.39 60.37 -6.54
CA GLY F 276 10.52 61.26 -5.81
C GLY F 276 9.80 60.61 -4.64
N ARG F 277 9.62 59.29 -4.71
CA ARG F 277 8.91 58.56 -3.66
C ARG F 277 9.87 58.29 -2.51
N GLU F 278 9.69 59.03 -1.41
CA GLU F 278 10.68 59.08 -0.34
C GLU F 278 10.68 57.78 0.48
N ARG F 279 11.65 57.70 1.40
CA ARG F 279 12.03 56.47 2.05
C ARG F 279 12.16 56.71 3.54
N ILE F 280 11.60 55.81 4.35
CA ILE F 280 11.87 55.81 5.78
C ILE F 280 12.63 54.54 6.09
N VAL F 281 13.89 54.68 6.45
CA VAL F 281 14.75 53.57 6.84
C VAL F 281 14.70 53.49 8.35
N VAL F 282 14.10 52.42 8.86
CA VAL F 282 14.02 52.16 10.29
C VAL F 282 14.94 51.00 10.61
N THR F 283 15.84 51.20 11.57
CA THR F 283 16.84 50.20 11.88
C THR F 283 16.85 49.74 13.33
N GLU F 284 16.30 50.53 14.26
CA GLU F 284 16.43 50.22 15.69
C GLU F 284 15.09 50.44 16.39
N PHE F 285 14.25 49.40 16.41
CA PHE F 285 13.07 49.41 17.24
C PHE F 285 13.45 49.42 18.72
N PRO F 286 12.63 50.04 19.59
CA PRO F 286 13.04 50.23 20.99
C PRO F 286 13.02 48.95 21.81
N TYR F 287 13.27 49.11 23.11
CA TYR F 287 13.48 47.99 24.01
C TYR F 287 12.21 47.18 24.22
N MET F 288 12.31 45.88 23.90
CA MET F 288 11.23 44.89 24.05
C MET F 288 9.99 45.29 23.28
N VAL F 289 10.19 45.66 22.02
CA VAL F 289 9.10 45.95 21.10
C VAL F 289 9.24 44.99 19.92
N ASN F 290 8.13 44.33 19.56
CA ASN F 290 8.08 43.44 18.42
C ASN F 290 8.33 44.21 17.13
N LYS F 291 8.88 43.51 16.14
CA LYS F 291 8.92 43.99 14.77
C LYS F 291 7.62 43.70 14.05
N THR F 292 7.15 42.45 14.13
CA THR F 292 6.03 41.98 13.33
C THR F 292 4.74 42.67 13.72
N LYS F 293 4.54 42.87 15.03
CA LYS F 293 3.33 43.54 15.50
C LYS F 293 3.32 45.01 15.07
N VAL F 294 4.49 45.64 15.03
CA VAL F 294 4.55 47.04 14.62
C VAL F 294 4.30 47.18 13.12
N HIS F 295 4.86 46.27 12.31
CA HIS F 295 4.62 46.35 10.87
C HIS F 295 3.17 46.00 10.52
N GLU F 296 2.58 45.03 11.22
CA GLU F 296 1.16 44.75 11.02
C GLU F 296 0.29 45.90 11.50
N HIS F 297 0.70 46.59 12.57
CA HIS F 297 -0.02 47.76 13.04
C HIS F 297 0.08 48.91 12.03
N ILE F 298 1.22 49.03 11.35
CA ILE F 298 1.39 50.06 10.33
C ILE F 298 0.51 49.77 9.12
N VAL F 299 0.50 48.51 8.65
CA VAL F 299 -0.35 48.12 7.52
C VAL F 299 -1.82 48.27 7.89
N ARG F 300 -2.17 47.97 9.14
CA ARG F 300 -3.54 48.15 9.61
C ARG F 300 -3.91 49.63 9.66
N LEU F 301 -2.99 50.49 10.11
CA LEU F 301 -3.24 51.93 10.11
C LEU F 301 -3.33 52.50 8.70
N VAL F 302 -2.68 51.86 7.73
CA VAL F 302 -2.96 52.19 6.34
C VAL F 302 -4.38 51.79 5.98
N GLN F 303 -4.81 50.60 6.38
CA GLN F 303 -6.16 50.16 6.07
C GLN F 303 -7.19 50.57 7.12
N GLU F 304 -6.78 51.19 8.23
CA GLU F 304 -7.75 51.90 9.06
C GLU F 304 -8.04 53.30 8.53
N LYS F 305 -7.15 53.81 7.67
CA LYS F 305 -7.40 54.97 6.82
C LYS F 305 -7.61 56.25 7.62
N ARG F 306 -6.95 56.37 8.76
CA ARG F 306 -6.97 57.63 9.49
C ARG F 306 -6.05 58.65 8.82
N ILE F 307 -4.87 58.21 8.40
CA ILE F 307 -3.95 59.05 7.63
C ILE F 307 -3.31 58.18 6.55
N GLU F 308 -3.03 58.81 5.41
CA GLU F 308 -2.52 58.14 4.23
C GLU F 308 -1.15 58.69 3.86
N GLY F 309 -0.56 58.14 2.80
CA GLY F 309 0.76 58.52 2.34
C GLY F 309 1.77 57.38 2.33
N ILE F 310 1.55 56.34 3.12
CA ILE F 310 2.42 55.17 3.12
C ILE F 310 2.11 54.35 1.88
N THR F 311 3.13 54.08 1.06
CA THR F 311 2.93 53.20 -0.08
C THR F 311 2.95 51.74 0.36
N ALA F 312 4.07 51.28 0.91
CA ALA F 312 4.22 49.88 1.26
C ALA F 312 5.28 49.75 2.35
N VAL F 313 5.50 48.52 2.78
CA VAL F 313 6.51 48.16 3.78
C VAL F 313 7.33 47.01 3.23
N ARG F 314 8.64 47.16 3.22
CA ARG F 314 9.55 46.10 2.81
C ARG F 314 10.28 45.56 4.03
N ASP F 315 10.01 44.30 4.37
CA ASP F 315 10.70 43.56 5.42
C ASP F 315 11.74 42.68 4.72
N GLU F 316 12.91 43.26 4.47
CA GLU F 316 13.90 42.68 3.56
C GLU F 316 14.97 41.88 4.29
N SER F 317 14.61 41.20 5.38
CA SER F 317 15.54 40.31 6.06
C SER F 317 14.79 39.11 6.62
N ASN F 318 15.49 37.98 6.67
CA ASN F 318 14.99 36.77 7.30
C ASN F 318 15.39 36.74 8.76
N ARG F 319 16.70 36.73 9.02
CA ARG F 319 17.24 36.84 10.37
C ARG F 319 18.41 37.79 10.47
N GLU F 320 19.00 38.23 9.35
CA GLU F 320 20.30 38.86 9.34
C GLU F 320 20.19 40.31 8.91
N GLY F 321 20.65 41.22 9.78
CA GLY F 321 20.65 42.63 9.49
C GLY F 321 19.31 43.27 9.79
N VAL F 322 19.30 44.32 10.59
CA VAL F 322 18.05 44.99 10.97
C VAL F 322 18.08 46.36 10.31
N ARG F 323 17.56 46.42 9.10
CA ARG F 323 17.41 47.65 8.33
C ARG F 323 16.21 47.45 7.41
N PHE F 324 15.16 48.24 7.62
CA PHE F 324 13.90 47.98 6.94
C PHE F 324 13.32 49.26 6.36
N VAL F 325 12.86 49.17 5.12
CA VAL F 325 12.45 50.30 4.31
C VAL F 325 10.92 50.32 4.28
N ILE F 326 10.34 51.44 4.68
CA ILE F 326 8.93 51.70 4.45
C ILE F 326 8.80 52.93 3.57
N GLU F 327 8.04 52.80 2.49
CA GLU F 327 8.03 53.78 1.41
C GLU F 327 6.95 54.81 1.64
N VAL F 328 7.29 56.08 1.41
CA VAL F 328 6.32 57.16 1.33
C VAL F 328 6.22 57.56 -0.14
N LYS F 329 4.99 57.79 -0.59
CA LYS F 329 4.72 58.03 -2.01
C LYS F 329 5.27 59.37 -2.48
N ARG F 330 5.11 59.61 -3.78
CA ARG F 330 5.42 60.91 -4.36
C ARG F 330 4.49 61.97 -3.79
N ASP F 331 5.03 63.19 -3.62
CA ASP F 331 4.30 64.38 -3.16
C ASP F 331 3.76 64.18 -1.74
N ALA F 332 4.66 63.77 -0.85
CA ALA F 332 4.34 63.62 0.56
C ALA F 332 5.64 63.72 1.35
N SER F 333 5.75 64.75 2.18
CA SER F 333 6.94 64.92 3.02
C SER F 333 6.95 63.84 4.09
N ALA F 334 7.97 62.99 4.06
CA ALA F 334 8.00 61.80 4.92
C ALA F 334 8.25 62.13 6.39
N ASN F 335 8.59 63.37 6.72
CA ASN F 335 8.68 63.74 8.13
C ASN F 335 7.30 63.87 8.75
N VAL F 336 6.28 64.21 7.95
CA VAL F 336 4.90 64.20 8.44
C VAL F 336 4.46 62.77 8.75
N ILE F 337 4.73 61.84 7.83
CA ILE F 337 4.42 60.44 8.03
C ILE F 337 5.23 59.87 9.20
N LEU F 338 6.46 60.36 9.36
CA LEU F 338 7.34 59.89 10.42
C LEU F 338 6.84 60.33 11.80
N ASN F 339 6.43 61.60 11.92
CA ASN F 339 5.83 62.09 13.15
C ASN F 339 4.51 61.39 13.46
N ASN F 340 3.76 61.02 12.42
CA ASN F 340 2.47 60.38 12.66
C ASN F 340 2.63 58.92 13.06
N LEU F 341 3.60 58.21 12.49
CA LEU F 341 3.90 56.86 12.94
C LEU F 341 4.55 56.86 14.32
N PHE F 342 5.24 57.95 14.67
CA PHE F 342 5.72 58.09 16.04
C PHE F 342 4.58 58.36 17.01
N LYS F 343 3.57 59.10 16.57
CA LYS F 343 2.40 59.35 17.40
C LYS F 343 1.58 58.08 17.61
N MET F 344 1.37 57.30 16.55
CA MET F 344 0.43 56.18 16.60
C MET F 344 1.09 54.88 17.06
N THR F 345 2.11 54.43 16.34
CA THR F 345 2.58 53.06 16.44
C THR F 345 3.42 52.85 17.69
N GLN F 346 3.95 51.63 17.84
CA GLN F 346 4.96 51.33 18.85
C GLN F 346 6.37 51.50 18.28
N MET F 347 6.61 52.65 17.66
CA MET F 347 7.91 53.00 17.14
C MET F 347 8.58 54.11 17.93
N GLN F 348 7.80 55.06 18.43
CA GLN F 348 8.22 55.98 19.48
C GLN F 348 7.22 55.85 20.62
N THR F 349 7.66 55.25 21.72
CA THR F 349 6.83 54.95 22.88
C THR F 349 7.33 55.70 24.10
N ASN F 350 6.58 55.58 25.19
CA ASN F 350 7.09 55.97 26.49
C ASN F 350 7.77 54.79 27.13
N PHE F 351 8.61 55.08 28.12
CA PHE F 351 9.24 54.00 28.88
C PHE F 351 9.52 54.53 30.26
N GLY F 352 8.92 53.90 31.26
CA GLY F 352 9.07 54.35 32.63
C GLY F 352 10.29 53.76 33.29
N PHE F 353 10.87 54.55 34.19
CA PHE F 353 11.92 54.09 35.10
C PHE F 353 11.36 54.15 36.52
N ASN F 354 11.47 53.04 37.23
CA ASN F 354 11.16 52.99 38.66
C ASN F 354 12.10 51.94 39.27
N MET F 355 13.24 52.40 39.76
CA MET F 355 14.31 51.50 40.21
C MET F 355 13.97 51.00 41.60
N LEU F 356 13.20 49.92 41.64
CA LEU F 356 12.71 49.29 42.85
C LEU F 356 13.34 47.93 42.99
N ALA F 357 14.03 47.71 44.11
CA ALA F 357 14.69 46.43 44.34
C ALA F 357 14.89 46.22 45.83
N ILE F 358 15.40 45.05 46.18
CA ILE F 358 15.53 44.65 47.58
C ILE F 358 16.83 45.16 48.14
N GLN F 359 16.76 46.02 49.13
CA GLN F 359 17.94 46.38 49.92
C GLN F 359 17.62 46.07 51.37
N ASN F 360 18.56 45.41 52.05
CA ASN F 360 18.48 45.03 53.46
C ASN F 360 17.25 44.19 53.78
N GLY F 361 16.69 43.50 52.79
CA GLY F 361 15.51 42.69 52.98
C GLY F 361 14.20 43.37 52.68
N ILE F 362 14.17 44.66 52.37
CA ILE F 362 12.90 45.31 52.03
C ILE F 362 12.94 45.82 50.60
N PRO F 363 11.81 45.91 49.91
CA PRO F 363 11.81 46.57 48.59
C PRO F 363 11.81 48.07 48.77
N LYS F 364 12.66 48.75 48.00
CA LYS F 364 12.75 50.20 48.04
C LYS F 364 12.99 50.74 46.64
N ILE F 365 12.46 51.93 46.42
CA ILE F 365 12.80 52.70 45.23
C ILE F 365 14.10 53.42 45.51
N LEU F 366 15.13 53.12 44.72
CA LEU F 366 16.46 53.61 44.98
C LEU F 366 16.99 54.39 43.79
N SER F 367 17.88 55.33 44.07
CA SER F 367 18.44 56.16 43.04
C SER F 367 19.72 55.56 42.48
N LEU F 368 20.25 56.20 41.43
CA LEU F 368 21.50 55.76 40.83
C LEU F 368 22.66 55.90 41.79
N ARG F 369 22.65 56.95 42.60
CA ARG F 369 23.62 57.11 43.68
C ARG F 369 23.52 55.97 44.68
N GLN F 370 22.30 55.61 45.05
CA GLN F 370 22.09 54.64 46.12
C GLN F 370 22.42 53.21 45.67
N ILE F 371 22.10 52.88 44.42
CA ILE F 371 22.47 51.60 43.83
C ILE F 371 23.98 51.41 43.88
N LEU F 372 24.72 52.45 43.50
CA LEU F 372 26.15 52.30 43.39
C LEU F 372 26.85 52.42 44.75
N ASP F 373 26.29 53.20 45.68
CA ASP F 373 26.79 53.18 47.05
C ASP F 373 26.63 51.80 47.67
N ALA F 374 25.47 51.17 47.46
CA ALA F 374 25.24 49.83 48.01
C ALA F 374 26.12 48.81 47.32
N TYR F 375 26.34 48.95 46.02
CA TYR F 375 27.20 48.01 45.31
C TYR F 375 28.65 48.13 45.76
N ILE F 376 29.11 49.35 46.01
CA ILE F 376 30.47 49.55 46.51
C ILE F 376 30.62 48.97 47.91
N GLU F 377 29.59 49.14 48.75
CA GLU F 377 29.60 48.51 50.07
C GLU F 377 29.63 46.99 49.96
N HIS F 378 28.92 46.43 48.99
CA HIS F 378 28.92 44.98 48.82
C HIS F 378 30.26 44.48 48.32
N GLN F 379 30.92 45.23 47.44
CA GLN F 379 32.22 44.79 46.98
C GLN F 379 33.27 44.93 48.07
N LYS F 380 33.11 45.91 48.96
CA LYS F 380 33.97 45.98 50.14
C LYS F 380 33.77 44.76 51.01
N GLU F 381 32.52 44.32 51.18
CA GLU F 381 32.25 43.09 51.93
C GLU F 381 32.87 41.87 51.26
N VAL F 382 32.76 41.80 49.92
CA VAL F 382 33.31 40.68 49.17
C VAL F 382 34.83 40.62 49.31
N VAL F 383 35.48 41.78 49.20
CA VAL F 383 36.94 41.83 49.26
C VAL F 383 37.44 41.51 50.65
N VAL F 384 36.76 42.04 51.70
CA VAL F 384 37.17 41.75 53.06
C VAL F 384 36.98 40.28 53.39
N ARG F 385 35.89 39.66 52.93
CA ARG F 385 35.68 38.25 53.24
C ARG F 385 36.64 37.36 52.47
N ARG F 386 36.92 37.68 51.20
CA ARG F 386 37.87 36.87 50.45
C ARG F 386 39.28 36.99 51.00
N THR F 387 39.64 38.20 51.41
CA THR F 387 40.96 38.44 51.98
C THR F 387 41.11 37.75 53.32
N ARG F 388 40.06 37.76 54.15
CA ARG F 388 40.11 37.03 55.39
C ARG F 388 40.16 35.53 55.17
N PHE F 389 39.51 35.03 54.11
CA PHE F 389 39.59 33.60 53.83
C PHE F 389 40.99 33.19 53.42
N ASP F 390 41.61 33.95 52.53
CA ASP F 390 42.96 33.59 52.12
C ASP F 390 43.95 33.80 53.24
N LYS F 391 43.69 34.74 54.14
CA LYS F 391 44.53 34.87 55.33
C LYS F 391 44.34 33.68 56.26
N GLU F 392 43.12 33.15 56.35
CA GLU F 392 42.87 31.93 57.13
C GLU F 392 43.62 30.74 56.53
N LYS F 393 43.56 30.59 55.21
CA LYS F 393 44.20 29.45 54.55
C LYS F 393 45.72 29.53 54.67
N ALA F 394 46.29 30.68 54.33
CA ALA F 394 47.73 30.86 54.46
C ALA F 394 48.17 30.84 55.92
N GLU F 395 47.33 31.27 56.84
CA GLU F 395 47.71 31.27 58.24
C GLU F 395 47.70 29.84 58.80
N ALA F 396 46.76 29.01 58.35
CA ALA F 396 46.77 27.61 58.75
C ALA F 396 47.97 26.89 58.16
N ARG F 397 48.31 27.20 56.91
CA ARG F 397 49.47 26.56 56.30
C ARG F 397 50.76 27.02 56.96
N ALA F 398 50.84 28.30 57.33
CA ALA F 398 51.99 28.81 58.05
C ALA F 398 52.06 28.27 59.46
N HIS F 399 50.91 27.95 60.06
CA HIS F 399 50.87 27.31 61.37
C HIS F 399 51.45 25.90 61.30
N ILE F 400 51.03 25.13 60.28
CA ILE F 400 51.56 23.78 60.09
C ILE F 400 53.05 23.84 59.75
N LEU F 401 53.44 24.80 58.92
CA LEU F 401 54.83 24.91 58.52
C LEU F 401 55.69 25.43 59.66
N GLU F 402 55.12 26.20 60.58
CA GLU F 402 55.83 26.61 61.77
C GLU F 402 56.01 25.44 62.73
N GLY F 403 55.01 24.57 62.83
CA GLY F 403 55.19 23.35 63.61
C GLY F 403 56.29 22.47 63.07
N LEU F 404 56.34 22.32 61.74
CA LEU F 404 57.46 21.58 61.14
C LEU F 404 58.77 22.35 61.29
N LEU F 405 58.73 23.67 61.38
CA LEU F 405 59.96 24.42 61.56
C LEU F 405 60.50 24.25 62.96
N ILE F 406 59.60 24.18 63.95
CA ILE F 406 60.01 23.86 65.33
C ILE F 406 60.52 22.43 65.41
N ALA F 407 59.95 21.53 64.60
CA ALA F 407 60.52 20.18 64.49
C ALA F 407 61.93 20.21 63.92
N LEU F 408 62.17 21.08 62.94
CA LEU F 408 63.51 21.26 62.39
C LEU F 408 64.45 21.97 63.36
N ASP F 409 63.90 22.68 64.35
CA ASP F 409 64.75 23.36 65.33
C ASP F 409 65.45 22.34 66.22
N HIS F 410 64.68 21.57 66.97
CA HIS F 410 65.23 20.54 67.85
C HIS F 410 64.75 19.20 67.30
N ILE F 411 65.51 18.67 66.34
CA ILE F 411 65.14 17.39 65.73
C ILE F 411 65.43 16.26 66.71
N ASP F 412 66.50 16.40 67.50
CA ASP F 412 67.01 15.30 68.31
C ASP F 412 66.08 14.99 69.47
N GLU F 413 65.47 16.01 70.07
CA GLU F 413 64.52 15.79 71.15
C GLU F 413 63.25 15.11 70.64
N VAL F 414 62.82 15.48 69.44
CA VAL F 414 61.64 14.89 68.82
C VAL F 414 61.91 13.41 68.53
N ILE F 415 63.09 13.11 68.00
CA ILE F 415 63.48 11.72 67.72
C ILE F 415 63.59 10.94 69.02
N ARG F 416 64.13 11.58 70.07
CA ARG F 416 64.27 10.93 71.37
C ARG F 416 62.92 10.61 72.00
N ILE F 417 61.92 11.45 71.79
CA ILE F 417 60.59 11.17 72.29
C ILE F 417 59.88 10.11 71.44
N ILE F 418 60.08 10.14 70.12
CA ILE F 418 59.50 9.13 69.23
C ILE F 418 60.07 7.75 69.54
N ARG F 419 61.36 7.67 69.80
CA ARG F 419 61.98 6.41 70.21
C ARG F 419 61.51 5.98 71.60
N ALA F 420 61.14 6.94 72.44
CA ALA F 420 60.58 6.64 73.76
C ALA F 420 59.07 6.49 73.74
N SER F 421 58.44 6.62 72.58
CA SER F 421 56.99 6.55 72.50
C SER F 421 56.54 5.10 72.38
N GLU F 422 55.27 4.88 72.62
CA GLU F 422 54.66 3.57 72.47
C GLU F 422 53.46 3.59 71.54
N THR F 423 52.67 4.66 71.56
CA THR F 423 51.57 4.88 70.63
C THR F 423 51.76 6.24 69.96
N ASP F 424 51.00 6.46 68.90
CA ASP F 424 51.07 7.74 68.18
C ASP F 424 50.45 8.86 69.00
N ALA F 425 49.39 8.54 69.75
CA ALA F 425 48.77 9.52 70.63
C ALA F 425 49.70 9.95 71.74
N GLU F 426 50.47 8.99 72.29
CA GLU F 426 51.50 9.33 73.27
C GLU F 426 52.56 10.23 72.68
N ALA F 427 52.99 9.94 71.45
CA ALA F 427 54.04 10.71 70.81
C ALA F 427 53.59 12.14 70.56
N GLN F 428 52.38 12.31 70.04
CA GLN F 428 51.91 13.65 69.75
C GLN F 428 51.59 14.41 71.04
N ALA F 429 51.14 13.72 72.08
CA ALA F 429 50.86 14.38 73.35
C ALA F 429 52.15 14.83 74.03
N GLU F 430 53.20 14.02 73.97
CA GLU F 430 54.46 14.40 74.58
C GLU F 430 55.17 15.49 73.78
N LEU F 431 55.01 15.48 72.45
CA LEU F 431 55.56 16.59 71.66
C LEU F 431 54.84 17.89 71.93
N MET F 432 53.51 17.85 72.02
CA MET F 432 52.74 19.05 72.36
C MET F 432 53.02 19.51 73.79
N SER F 433 53.37 18.58 74.68
CA SER F 433 53.72 18.96 76.05
C SER F 433 55.12 19.55 76.11
N LYS F 434 56.04 19.08 75.28
CA LYS F 434 57.43 19.47 75.39
C LYS F 434 57.75 20.72 74.59
N PHE F 435 57.08 20.94 73.46
CA PHE F 435 57.42 22.08 72.62
C PHE F 435 56.21 22.97 72.33
N LYS F 436 55.14 22.84 73.13
CA LYS F 436 53.97 23.73 73.10
C LYS F 436 53.29 23.72 71.73
N LEU F 437 52.97 22.52 71.26
CA LEU F 437 52.54 22.33 69.88
C LEU F 437 51.03 22.11 69.82
N SER F 438 50.53 22.07 68.60
CA SER F 438 49.12 21.81 68.34
C SER F 438 48.94 20.38 67.89
N GLU F 439 47.67 19.98 67.76
CA GLU F 439 47.36 18.67 67.18
C GLU F 439 47.74 18.63 65.71
N ARG F 440 47.45 19.71 64.98
CA ARG F 440 47.85 19.81 63.58
C ARG F 440 49.36 19.79 63.44
N GLN F 441 50.05 20.52 64.32
CA GLN F 441 51.52 20.56 64.31
C GLN F 441 52.11 19.20 64.64
N SER F 442 51.55 18.52 65.64
CA SER F 442 52.10 17.23 66.05
C SER F 442 51.82 16.14 65.01
N GLN F 443 50.66 16.20 64.35
CA GLN F 443 50.39 15.27 63.26
C GLN F 443 51.32 15.52 62.07
N ALA F 444 51.62 16.79 61.80
CA ALA F 444 52.54 17.10 60.72
C ALA F 444 53.96 16.63 61.04
N ILE F 445 54.36 16.72 62.31
CA ILE F 445 55.68 16.24 62.72
C ILE F 445 55.75 14.73 62.64
N LEU F 446 54.74 14.03 63.15
CA LEU F 446 54.75 12.58 63.11
C LEU F 446 54.45 12.02 61.72
N ASP F 447 54.04 12.85 60.78
CA ASP F 447 53.93 12.45 59.38
C ASP F 447 54.98 13.11 58.51
N MET F 448 55.94 13.80 59.11
CA MET F 448 57.01 14.43 58.34
C MET F 448 57.95 13.37 57.78
N ARG F 449 58.31 13.53 56.50
CA ARG F 449 59.15 12.56 55.84
C ARG F 449 60.61 12.80 56.16
N LEU F 450 61.35 11.70 56.38
CA LEU F 450 62.72 11.77 56.87
C LEU F 450 63.65 12.38 55.82
N ARG F 451 63.29 12.24 54.54
CA ARG F 451 64.03 12.87 53.45
C ARG F 451 63.99 14.38 53.56
N ARG F 452 62.95 14.92 54.20
CA ARG F 452 62.84 16.34 54.47
C ARG F 452 63.69 16.78 55.68
N LEU F 453 64.52 15.90 56.22
CA LEU F 453 65.43 16.25 57.31
C LEU F 453 66.82 16.65 56.81
N THR F 454 66.88 17.55 55.85
CA THR F 454 68.14 18.00 55.30
C THR F 454 68.14 19.51 55.16
N GLY F 455 69.35 20.07 55.07
CA GLY F 455 69.48 21.50 54.83
C GLY F 455 69.05 21.92 53.44
N LEU F 456 69.02 20.97 52.49
CA LEU F 456 68.45 21.23 51.18
C LEU F 456 66.93 21.33 51.25
N GLU F 457 66.31 20.77 52.28
CA GLU F 457 64.88 20.87 52.51
C GLU F 457 64.51 21.92 53.55
N ARG F 458 65.38 22.16 54.53
CA ARG F 458 65.15 23.24 55.50
C ARG F 458 65.19 24.61 54.83
N ASP F 459 65.99 24.74 53.77
CA ASP F 459 66.02 25.98 53.01
C ASP F 459 64.69 26.26 52.32
N LYS F 460 64.11 25.23 51.71
CA LYS F 460 62.84 25.39 51.01
C LYS F 460 61.70 25.69 51.97
N ILE F 461 61.68 24.99 53.11
CA ILE F 461 60.66 25.22 54.13
C ILE F 461 60.79 26.61 54.72
N GLN F 462 62.03 27.05 55.01
CA GLN F 462 62.22 28.37 55.61
C GLN F 462 61.89 29.50 54.64
N SER F 463 62.27 29.34 53.37
CA SER F 463 61.97 30.35 52.35
C SER F 463 60.47 30.43 52.10
N GLU F 464 59.80 29.27 51.97
CA GLU F 464 58.35 29.26 51.78
C GLU F 464 57.62 29.79 53.00
N TYR F 465 58.17 29.57 54.19
CA TYR F 465 57.57 30.08 55.42
C TYR F 465 57.66 31.59 55.50
N ASP F 466 58.81 32.15 55.13
CA ASP F 466 58.92 33.60 55.06
C ASP F 466 58.05 34.19 53.97
N ASP F 467 57.89 33.48 52.85
CA ASP F 467 57.00 33.95 51.80
C ASP F 467 55.54 33.95 52.24
N LEU F 468 55.13 32.92 52.97
CA LEU F 468 53.75 32.89 53.45
C LEU F 468 53.51 33.91 54.54
N LEU F 469 54.50 34.18 55.40
CA LEU F 469 54.33 35.28 56.35
C LEU F 469 54.31 36.63 55.65
N ALA F 470 55.03 36.76 54.54
CA ALA F 470 54.94 37.99 53.74
C ALA F 470 53.54 38.13 53.13
N LEU F 471 52.96 37.02 52.69
CA LEU F 471 51.61 37.07 52.15
C LEU F 471 50.59 37.39 53.25
N ILE F 472 50.81 36.89 54.46
CA ILE F 472 49.96 37.24 55.60
C ILE F 472 50.06 38.72 55.93
N ALA F 473 51.28 39.28 55.87
CA ALA F 473 51.45 40.70 56.13
C ALA F 473 50.80 41.54 55.03
N ASP F 474 50.85 41.05 53.79
CA ASP F 474 50.18 41.74 52.68
C ASP F 474 48.67 41.75 52.87
N LEU F 475 48.10 40.60 53.25
CA LEU F 475 46.65 40.53 53.42
C LEU F 475 46.21 41.31 54.66
N ALA F 476 47.05 41.39 55.69
CA ALA F 476 46.74 42.23 56.83
C ALA F 476 46.80 43.71 56.46
N ASP F 477 47.71 44.08 55.55
CA ASP F 477 47.72 45.44 55.05
C ASP F 477 46.50 45.73 54.18
N ILE F 478 45.99 44.72 53.48
CA ILE F 478 44.74 44.90 52.74
C ILE F 478 43.56 45.06 53.69
N LEU F 479 43.52 44.25 54.75
CA LEU F 479 42.46 44.35 55.74
C LEU F 479 42.58 45.57 56.63
N ALA F 480 43.72 46.24 56.66
CA ALA F 480 43.90 47.40 57.52
C ALA F 480 43.57 48.72 56.83
N LYS F 481 43.72 48.79 55.52
CA LYS F 481 43.56 50.04 54.78
C LYS F 481 42.45 49.92 53.75
N PRO F 482 41.35 50.66 53.90
CA PRO F 482 40.27 50.60 52.89
C PRO F 482 40.65 51.23 51.55
N GLU F 483 41.75 51.96 51.47
CA GLU F 483 42.21 52.50 50.19
C GLU F 483 42.57 51.38 49.23
N ARG F 484 43.32 50.40 49.70
CA ARG F 484 43.72 49.28 48.85
C ARG F 484 42.54 48.40 48.48
N VAL F 485 41.50 48.39 49.32
CA VAL F 485 40.27 47.69 49.00
C VAL F 485 39.65 48.27 47.74
N SER F 486 39.48 49.60 47.74
CA SER F 486 39.02 50.31 46.56
C SER F 486 39.96 50.13 45.38
N GLN F 487 41.26 49.98 45.65
CA GLN F 487 42.22 49.78 44.58
C GLN F 487 42.00 48.43 43.90
N ILE F 488 41.80 47.38 44.69
CA ILE F 488 41.54 46.05 44.14
C ILE F 488 40.24 46.05 43.35
N ILE F 489 39.25 46.80 43.86
CA ILE F 489 37.97 46.92 43.17
C ILE F 489 38.15 47.60 41.82
N LYS F 490 38.91 48.70 41.79
CA LYS F 490 39.20 49.42 40.55
C LYS F 490 39.91 48.53 39.55
N ASP F 491 40.89 47.76 40.02
CA ASP F 491 41.70 46.94 39.14
C ASP F 491 40.86 45.84 38.49
N GLU F 492 40.04 45.16 39.30
CA GLU F 492 39.26 44.07 38.72
C GLU F 492 38.11 44.58 37.87
N LEU F 493 37.56 45.74 38.21
CA LEU F 493 36.55 46.36 37.37
C LEU F 493 37.12 46.80 36.03
N ASP F 494 38.33 47.33 36.04
CA ASP F 494 38.95 47.72 34.77
C ASP F 494 39.36 46.49 33.96
N GLU F 495 39.65 45.38 34.64
CA GLU F 495 39.87 44.12 33.93
C GLU F 495 38.62 43.66 33.22
N VAL F 496 37.47 43.78 33.90
CA VAL F 496 36.19 43.43 33.28
C VAL F 496 35.88 44.37 32.13
N LYS F 497 36.19 45.66 32.31
CA LYS F 497 35.94 46.66 31.28
C LYS F 497 36.79 46.39 30.05
N ARG F 498 38.04 45.93 30.24
CA ARG F 498 38.84 45.53 29.11
C ARG F 498 38.27 44.28 28.45
N LYS F 499 37.75 43.35 29.24
CA LYS F 499 37.35 42.07 28.65
C LYS F 499 36.00 42.13 27.92
N PHE F 500 35.15 43.13 28.21
CA PHE F 500 33.80 43.03 27.67
C PHE F 500 33.20 44.31 27.10
N SER F 501 33.70 45.50 27.43
CA SER F 501 32.92 46.73 27.26
C SER F 501 32.81 47.13 25.79
N ASP F 502 31.60 47.05 25.25
CA ASP F 502 31.27 47.64 23.96
C ASP F 502 30.79 49.07 24.21
N LYS F 503 30.21 49.71 23.20
CA LYS F 503 29.63 51.04 23.39
C LYS F 503 28.15 51.02 23.05
N ARG F 504 27.54 52.21 23.12
CA ARG F 504 26.09 52.34 23.07
C ARG F 504 25.57 52.03 21.68
N ARG F 505 24.74 51.01 21.59
CA ARG F 505 23.95 50.78 20.39
C ARG F 505 22.83 51.79 20.26
N THR F 506 22.44 52.41 21.36
CA THR F 506 21.42 53.44 21.40
C THR F 506 22.08 54.81 21.40
N GLU F 507 21.57 55.71 20.57
CA GLU F 507 22.05 57.08 20.53
C GLU F 507 21.13 57.96 21.38
N LEU F 508 21.73 58.73 22.28
CA LEU F 508 20.98 59.75 23.01
C LEU F 508 20.75 60.94 22.10
N MET F 509 19.52 61.09 21.62
CA MET F 509 19.16 62.25 20.82
C MET F 509 18.57 63.32 21.72
N VAL F 510 18.23 64.46 21.12
CA VAL F 510 17.65 65.56 21.87
C VAL F 510 16.29 65.90 21.30
N LYS G 28 42.84 -41.52 2.49
CA LYS G 28 44.00 -42.10 1.84
C LYS G 28 43.65 -42.70 0.49
N ASN G 29 43.56 -41.84 -0.53
CA ASN G 29 43.04 -42.26 -1.84
C ASN G 29 44.13 -42.61 -2.83
N LEU G 30 44.95 -41.64 -3.22
CA LEU G 30 46.03 -41.92 -4.17
C LEU G 30 47.13 -42.69 -3.44
N VAL G 31 47.68 -43.71 -4.09
CA VAL G 31 48.68 -44.56 -3.47
C VAL G 31 49.94 -44.58 -4.30
N ASN G 32 50.14 -43.53 -5.10
CA ASN G 32 51.26 -43.43 -6.05
C ASN G 32 52.59 -43.36 -5.30
N VAL G 33 53.44 -44.34 -5.52
CA VAL G 33 54.65 -44.50 -4.71
C VAL G 33 55.88 -43.84 -5.32
N ASN G 34 56.33 -44.28 -6.49
CA ASN G 34 57.69 -44.02 -6.96
C ASN G 34 57.84 -42.56 -7.40
N LEU G 35 58.09 -41.72 -6.40
CA LEU G 35 58.01 -40.28 -6.59
C LEU G 35 59.21 -39.59 -5.93
N THR G 36 60.43 -39.97 -6.28
CA THR G 36 61.57 -39.30 -5.67
C THR G 36 61.91 -38.00 -6.40
N LYS G 37 62.41 -38.13 -7.63
CA LYS G 37 62.80 -36.94 -8.37
C LYS G 37 61.58 -36.19 -8.87
N GLU G 38 60.44 -36.87 -8.99
CA GLU G 38 59.24 -36.15 -9.38
C GLU G 38 58.67 -35.33 -8.24
N MET G 39 58.83 -35.77 -6.99
CA MET G 39 58.42 -34.88 -5.91
C MET G 39 59.42 -33.76 -5.73
N LYS G 40 60.71 -34.01 -6.06
CA LYS G 40 61.66 -32.88 -6.02
C LYS G 40 61.37 -31.86 -7.09
N ALA G 41 61.08 -32.31 -8.31
CA ALA G 41 60.79 -31.40 -9.40
C ALA G 41 59.48 -30.67 -9.19
N SER G 42 58.43 -31.38 -8.75
CA SER G 42 57.16 -30.72 -8.49
C SER G 42 57.25 -29.80 -7.28
N PHE G 43 58.12 -30.11 -6.32
CA PHE G 43 58.24 -29.25 -5.15
C PHE G 43 59.03 -27.99 -5.47
N ILE G 44 60.08 -28.11 -6.28
CA ILE G 44 60.80 -26.94 -6.76
C ILE G 44 59.90 -26.08 -7.64
N ASP G 45 59.04 -26.72 -8.44
CA ASP G 45 58.14 -25.98 -9.32
C ASP G 45 57.11 -25.20 -8.51
N TYR G 46 56.52 -25.84 -7.51
CA TYR G 46 55.50 -25.11 -6.74
C TYR G 46 56.14 -24.07 -5.83
N ALA G 47 57.37 -24.31 -5.36
CA ALA G 47 58.05 -23.31 -4.54
C ALA G 47 58.48 -22.09 -5.35
N MET G 48 59.06 -22.32 -6.53
CA MET G 48 59.42 -21.21 -7.40
C MET G 48 58.19 -20.45 -7.88
N SER G 49 57.07 -21.15 -8.09
CA SER G 49 55.86 -20.44 -8.48
C SER G 49 55.34 -19.57 -7.36
N VAL G 50 55.47 -20.02 -6.11
CA VAL G 50 55.14 -19.17 -4.97
C VAL G 50 56.04 -17.95 -4.93
N ILE G 51 57.36 -18.17 -4.94
CA ILE G 51 58.37 -17.10 -4.80
C ILE G 51 58.23 -16.05 -5.89
N VAL G 52 58.04 -16.48 -7.12
CA VAL G 52 57.88 -15.52 -8.19
C VAL G 52 56.51 -14.85 -8.12
N ALA G 53 55.43 -15.62 -8.25
CA ALA G 53 54.14 -15.04 -8.55
C ALA G 53 53.54 -14.31 -7.36
N ARG G 54 53.55 -14.92 -6.18
CA ARG G 54 52.79 -14.36 -5.08
C ARG G 54 53.71 -13.84 -4.00
N ALA G 55 54.95 -13.50 -4.35
CA ALA G 55 55.97 -13.20 -3.36
C ALA G 55 56.95 -12.21 -3.96
N LEU G 56 58.16 -12.20 -3.40
CA LEU G 56 59.09 -11.09 -3.45
C LEU G 56 59.48 -10.71 -4.87
N PRO G 57 59.51 -9.43 -5.20
CA PRO G 57 59.80 -9.00 -6.57
C PRO G 57 61.27 -8.86 -6.92
N ASP G 58 61.51 -8.35 -8.11
CA ASP G 58 62.76 -8.42 -8.85
C ASP G 58 63.68 -7.26 -8.46
N VAL G 59 64.98 -7.44 -8.74
CA VAL G 59 65.92 -6.33 -8.61
C VAL G 59 65.69 -5.32 -9.72
N ARG G 60 65.68 -5.79 -10.97
CA ARG G 60 65.87 -4.90 -12.10
C ARG G 60 64.69 -3.98 -12.38
N ASP G 61 63.53 -4.22 -11.78
CA ASP G 61 62.52 -3.18 -11.80
C ASP G 61 61.74 -3.03 -10.51
N GLY G 62 61.96 -3.86 -9.50
CA GLY G 62 61.25 -3.72 -8.26
C GLY G 62 59.77 -3.99 -8.32
N LEU G 63 59.30 -4.67 -9.36
CA LEU G 63 57.89 -4.84 -9.57
C LEU G 63 57.51 -6.30 -9.47
N LYS G 64 56.38 -6.56 -8.84
CA LYS G 64 55.86 -7.91 -8.75
C LYS G 64 55.33 -8.34 -10.12
N PRO G 65 55.31 -9.65 -10.39
CA PRO G 65 54.78 -10.10 -11.69
C PRO G 65 53.32 -9.79 -11.91
N VAL G 66 52.53 -9.76 -10.84
CA VAL G 66 51.17 -9.24 -10.93
C VAL G 66 51.20 -7.78 -11.34
N HIS G 67 52.10 -7.00 -10.72
CA HIS G 67 52.22 -5.59 -11.04
C HIS G 67 52.74 -5.38 -12.45
N ARG G 68 53.69 -6.21 -12.87
CA ARG G 68 54.24 -6.11 -14.22
C ARG G 68 53.17 -6.37 -15.26
N ARG G 69 52.32 -7.36 -15.01
CA ARG G 69 51.25 -7.62 -15.96
C ARG G 69 50.16 -6.55 -15.90
N ILE G 70 49.97 -5.91 -14.74
CA ILE G 70 49.08 -4.76 -14.66
C ILE G 70 49.56 -3.63 -15.56
N LEU G 71 50.83 -3.26 -15.41
CA LEU G 71 51.37 -2.14 -16.16
C LEU G 71 51.43 -2.44 -17.64
N TYR G 72 51.81 -3.66 -18.01
CA TYR G 72 51.91 -3.94 -19.44
C TYR G 72 50.55 -4.11 -20.10
N GLY G 73 49.56 -4.65 -19.38
CA GLY G 73 48.23 -4.74 -19.94
C GLY G 73 47.59 -3.38 -20.08
N MET G 74 47.80 -2.50 -19.11
CA MET G 74 47.24 -1.17 -19.22
C MET G 74 48.01 -0.34 -20.25
N ASN G 75 49.24 -0.72 -20.56
CA ASN G 75 49.98 -0.12 -21.66
C ASN G 75 49.39 -0.55 -23.00
N GLU G 76 49.17 -1.86 -23.17
CA GLU G 76 48.62 -2.35 -24.42
C GLU G 76 47.18 -1.92 -24.64
N LEU G 77 46.44 -1.61 -23.56
CA LEU G 77 45.16 -0.95 -23.73
C LEU G 77 45.32 0.55 -23.97
N GLY G 78 46.51 1.10 -23.73
CA GLY G 78 46.75 2.50 -24.01
C GLY G 78 46.11 3.45 -23.04
N VAL G 79 45.76 2.98 -21.83
CA VAL G 79 44.98 3.80 -20.90
C VAL G 79 46.00 4.66 -20.15
N THR G 80 46.36 5.76 -20.79
CA THR G 80 47.34 6.74 -20.35
C THR G 80 46.59 7.99 -19.87
N PRO G 81 47.27 8.96 -19.23
CA PRO G 81 46.54 10.16 -18.79
C PRO G 81 46.14 11.15 -19.88
N ASP G 82 46.28 10.81 -21.17
CA ASP G 82 45.64 11.65 -22.18
C ASP G 82 44.14 11.39 -22.26
N LYS G 83 43.72 10.16 -22.02
CA LYS G 83 42.34 9.76 -21.94
C LYS G 83 41.86 9.83 -20.50
N PRO G 84 40.56 9.99 -20.28
CA PRO G 84 40.03 9.88 -18.92
C PRO G 84 40.07 8.44 -18.43
N HIS G 85 39.71 8.27 -17.17
CA HIS G 85 39.87 7.01 -16.47
C HIS G 85 38.92 5.96 -17.01
N LYS G 86 39.38 4.71 -17.06
CA LYS G 86 38.55 3.62 -17.56
C LYS G 86 38.24 2.64 -16.44
N LYS G 87 37.18 1.86 -16.67
CA LYS G 87 36.69 0.90 -15.70
C LYS G 87 37.71 -0.21 -15.46
N SER G 88 38.06 -0.41 -14.20
CA SER G 88 39.14 -1.34 -13.84
C SER G 88 38.76 -2.80 -14.09
N ALA G 89 37.47 -3.10 -14.13
CA ALA G 89 37.03 -4.47 -14.41
C ALA G 89 37.44 -4.91 -15.80
N ARG G 90 37.41 -3.99 -16.77
CA ARG G 90 37.80 -4.32 -18.13
C ARG G 90 39.30 -4.56 -18.21
N ILE G 91 40.08 -3.79 -17.45
CA ILE G 91 41.53 -3.97 -17.41
C ILE G 91 41.89 -5.30 -16.78
N THR G 92 41.27 -5.63 -15.65
CA THR G 92 41.54 -6.92 -15.02
C THR G 92 41.01 -8.09 -15.84
N GLY G 93 39.93 -7.89 -16.60
CA GLY G 93 39.46 -8.93 -17.48
C GLY G 93 40.42 -9.17 -18.64
N ASP G 94 41.04 -8.10 -19.13
CA ASP G 94 42.06 -8.27 -20.17
C ASP G 94 43.34 -8.88 -19.58
N VAL G 95 43.63 -8.61 -18.32
CA VAL G 95 44.71 -9.28 -17.61
C VAL G 95 44.44 -10.78 -17.53
N MET G 96 43.20 -11.14 -17.18
CA MET G 96 42.81 -12.55 -17.12
C MET G 96 42.85 -13.22 -18.49
N GLY G 97 42.39 -12.52 -19.52
CA GLY G 97 42.36 -13.09 -20.85
C GLY G 97 43.68 -13.07 -21.57
N LYS G 98 44.68 -12.34 -21.09
CA LYS G 98 45.96 -12.32 -21.77
C LYS G 98 47.13 -12.80 -20.93
N TYR G 99 47.32 -12.30 -19.71
CA TYR G 99 48.59 -12.46 -19.03
C TYR G 99 48.54 -13.24 -17.71
N HIS G 100 47.50 -13.09 -16.90
CA HIS G 100 47.66 -13.58 -15.53
C HIS G 100 46.39 -14.27 -15.01
N PRO G 101 46.28 -15.59 -15.18
CA PRO G 101 45.03 -16.32 -14.82
C PRO G 101 44.97 -16.72 -13.34
N HIS G 102 44.56 -15.78 -12.50
CA HIS G 102 44.54 -15.97 -11.06
C HIS G 102 43.35 -15.21 -10.48
N GLY G 103 43.42 -14.90 -9.19
CA GLY G 103 42.28 -14.31 -8.51
C GLY G 103 42.00 -12.88 -8.97
N ASP G 104 40.74 -12.63 -9.33
CA ASP G 104 40.31 -11.31 -9.79
C ASP G 104 40.41 -10.29 -8.66
N SER G 105 40.01 -10.69 -7.46
CA SER G 105 40.14 -9.81 -6.30
C SER G 105 41.60 -9.62 -5.88
N SER G 106 42.48 -10.58 -6.18
CA SER G 106 43.90 -10.38 -5.88
C SER G 106 44.53 -9.38 -6.83
N ILE G 107 44.20 -9.48 -8.13
CA ILE G 107 44.67 -8.50 -9.10
C ILE G 107 44.12 -7.11 -8.77
N TYR G 108 42.86 -7.05 -8.36
CA TYR G 108 42.29 -5.77 -7.97
C TYR G 108 42.84 -5.29 -6.62
N GLU G 109 43.29 -6.19 -5.77
CA GLU G 109 43.99 -5.80 -4.54
C GLU G 109 45.31 -5.12 -4.86
N ALA G 110 46.04 -5.65 -5.84
CA ALA G 110 47.25 -4.99 -6.32
C ALA G 110 46.93 -3.64 -6.97
N MET G 111 45.81 -3.57 -7.68
CA MET G 111 45.34 -2.31 -8.26
C MET G 111 45.08 -1.27 -7.19
N VAL G 112 44.39 -1.66 -6.12
CA VAL G 112 44.02 -0.73 -5.06
C VAL G 112 45.24 -0.30 -4.27
N ARG G 113 46.13 -1.25 -3.94
CA ARG G 113 47.31 -0.91 -3.16
C ARG G 113 48.27 -0.03 -3.95
N MET G 114 48.37 -0.25 -5.26
CA MET G 114 49.25 0.58 -6.07
C MET G 114 48.73 2.02 -6.20
N ALA G 115 47.41 2.19 -6.24
CA ALA G 115 46.81 3.48 -6.56
C ALA G 115 46.37 4.26 -5.32
N GLN G 116 47.12 4.16 -4.23
CA GLN G 116 46.86 4.93 -3.03
C GLN G 116 48.14 5.63 -2.58
N TRP G 117 48.00 6.90 -2.20
CA TRP G 117 49.18 7.68 -1.89
C TRP G 117 49.81 7.27 -0.57
N TRP G 118 49.01 6.78 0.38
CA TRP G 118 49.56 6.37 1.66
C TRP G 118 49.97 4.90 1.66
N SER G 119 49.33 4.09 0.85
CA SER G 119 49.70 2.69 0.75
C SER G 119 50.93 2.48 -0.11
N TYR G 120 51.28 3.47 -0.93
CA TYR G 120 52.29 3.29 -1.95
C TYR G 120 52.84 4.67 -2.27
N ARG G 121 54.16 4.79 -2.33
CA ARG G 121 54.81 6.11 -2.28
C ARG G 121 54.51 6.95 -3.51
N TYR G 122 54.89 6.47 -4.68
CA TYR G 122 54.59 7.18 -5.92
C TYR G 122 53.56 6.34 -6.66
N MET G 123 52.33 6.83 -6.72
CA MET G 123 51.21 6.06 -7.27
C MET G 123 51.42 5.84 -8.76
N LEU G 124 51.78 4.61 -9.13
CA LEU G 124 51.98 4.29 -10.54
C LEU G 124 50.65 4.32 -11.28
N VAL G 125 49.63 3.75 -10.69
CA VAL G 125 48.27 3.87 -11.19
C VAL G 125 47.62 5.04 -10.49
N ASP G 126 47.01 5.94 -11.27
CA ASP G 126 46.15 6.97 -10.70
C ASP G 126 44.71 6.50 -10.84
N GLY G 127 44.02 6.40 -9.71
CA GLY G 127 42.68 5.86 -9.69
C GLY G 127 41.61 6.93 -9.74
N HIS G 128 40.36 6.48 -9.65
CA HIS G 128 39.21 7.34 -9.83
C HIS G 128 38.06 6.70 -9.08
N GLY G 129 37.82 7.16 -7.86
CA GLY G 129 36.79 6.63 -7.00
C GLY G 129 37.32 6.33 -5.62
N ASN G 130 36.44 5.76 -4.80
CA ASN G 130 36.79 5.41 -3.43
C ASN G 130 37.63 4.14 -3.44
N PHE G 131 38.84 4.24 -2.90
CA PHE G 131 39.70 3.08 -2.73
C PHE G 131 39.90 2.68 -1.28
N GLY G 132 40.22 3.63 -0.41
CA GLY G 132 40.38 3.30 0.99
C GLY G 132 40.68 4.55 1.81
N SER G 133 41.19 4.30 3.01
CA SER G 133 41.60 5.36 3.91
C SER G 133 42.80 4.86 4.69
N MET G 134 43.47 5.80 5.39
CA MET G 134 44.52 5.41 6.31
C MET G 134 43.96 4.68 7.53
N ASP G 135 42.67 4.87 7.83
CA ASP G 135 42.01 4.11 8.87
C ASP G 135 41.88 2.63 8.52
N GLY G 136 41.97 2.30 7.24
CA GLY G 136 41.81 0.94 6.78
C GLY G 136 40.44 0.75 6.17
N ASP G 137 40.38 0.87 4.85
CA ASP G 137 39.14 0.77 4.08
C ASP G 137 39.47 0.16 2.74
N SER G 138 38.47 -0.45 2.12
CA SER G 138 38.65 -1.13 0.85
C SER G 138 37.57 -0.69 -0.14
N ALA G 139 37.91 -0.75 -1.41
CA ALA G 139 36.90 -0.58 -2.44
C ALA G 139 36.07 -1.85 -2.56
N ALA G 140 34.90 -1.72 -3.18
CA ALA G 140 33.96 -2.84 -3.22
C ALA G 140 34.43 -3.91 -4.20
N ALA G 141 34.56 -3.56 -5.48
CA ALA G 141 35.04 -4.51 -6.47
C ALA G 141 35.69 -3.73 -7.61
N GLN G 142 36.10 -4.48 -8.64
CA GLN G 142 36.80 -3.93 -9.78
C GLN G 142 35.88 -3.23 -10.78
N ARG G 143 34.57 -3.35 -10.62
CA ARG G 143 33.61 -2.80 -11.54
C ARG G 143 32.89 -1.57 -11.00
N TYR G 144 33.34 -1.05 -9.87
CA TYR G 144 32.74 0.13 -9.26
C TYR G 144 33.52 1.40 -9.53
N THR G 145 34.85 1.32 -9.54
CA THR G 145 35.72 2.48 -9.68
C THR G 145 36.61 2.34 -10.91
N GLU G 146 37.18 3.47 -11.30
CA GLU G 146 37.99 3.58 -12.51
C GLU G 146 39.45 3.79 -12.15
N ALA G 147 40.31 3.71 -13.17
CA ALA G 147 41.74 3.90 -13.00
C ALA G 147 42.36 4.21 -14.35
N ARG G 148 43.64 4.62 -14.30
CA ARG G 148 44.50 4.73 -15.47
C ARG G 148 45.94 4.79 -14.97
N MET G 149 46.89 4.85 -15.90
CA MET G 149 48.27 5.05 -15.53
C MET G 149 48.51 6.51 -15.15
N SER G 150 49.42 6.72 -14.21
CA SER G 150 49.82 8.06 -13.83
C SER G 150 51.02 8.48 -14.66
N LYS G 151 51.66 9.58 -14.26
CA LYS G 151 52.79 10.12 -15.02
C LYS G 151 54.06 9.31 -14.83
N ILE G 152 54.04 8.31 -13.95
CA ILE G 152 55.25 7.57 -13.66
C ILE G 152 55.25 6.23 -14.39
N ALA G 153 54.08 5.70 -14.70
CA ALA G 153 54.00 4.48 -15.49
C ALA G 153 54.38 4.72 -16.93
N LEU G 154 54.11 5.93 -17.46
CA LEU G 154 54.60 6.29 -18.77
C LEU G 154 56.12 6.38 -18.79
N GLU G 155 56.73 6.73 -17.65
CA GLU G 155 58.17 6.64 -17.51
C GLU G 155 58.63 5.18 -17.52
N MET G 156 57.94 4.34 -16.76
CA MET G 156 58.29 2.92 -16.67
C MET G 156 58.11 2.19 -18.00
N LEU G 157 57.28 2.71 -18.89
CA LEU G 157 56.99 2.08 -20.16
C LEU G 157 57.49 2.87 -21.34
N ARG G 158 58.21 3.97 -21.10
CA ARG G 158 58.83 4.69 -22.20
C ARG G 158 59.96 3.85 -22.76
N ASP G 159 59.96 3.70 -24.09
CA ASP G 159 60.90 2.86 -24.83
C ASP G 159 60.83 1.40 -24.33
N ILE G 160 59.67 0.80 -24.56
CA ILE G 160 59.49 -0.62 -24.34
C ILE G 160 59.42 -1.40 -25.64
N ASN G 161 58.85 -0.82 -26.69
CA ASN G 161 58.50 -1.55 -27.90
C ASN G 161 59.64 -1.59 -28.90
N LYS G 162 60.87 -1.50 -28.43
CA LYS G 162 62.03 -1.21 -29.29
C LYS G 162 63.17 -2.16 -28.99
N ASN G 163 62.86 -3.47 -28.89
CA ASN G 163 63.82 -4.53 -28.59
C ASN G 163 64.56 -4.26 -27.28
N THR G 164 63.84 -3.69 -26.32
CA THR G 164 64.48 -3.23 -25.10
C THR G 164 64.61 -4.34 -24.07
N VAL G 165 63.54 -5.07 -23.81
CA VAL G 165 63.56 -6.26 -22.99
C VAL G 165 62.90 -7.38 -23.78
N ASP G 166 63.52 -8.56 -23.76
CA ASP G 166 63.00 -9.70 -24.51
C ASP G 166 61.65 -10.15 -23.98
N PHE G 167 60.72 -10.38 -24.89
CA PHE G 167 59.41 -10.92 -24.55
C PHE G 167 59.48 -12.43 -24.36
N VAL G 168 58.44 -12.96 -23.73
CA VAL G 168 58.20 -14.39 -23.68
C VAL G 168 56.75 -14.64 -24.05
N ASP G 169 56.46 -15.87 -24.44
CA ASP G 169 55.10 -16.31 -24.67
C ASP G 169 54.48 -16.74 -23.36
N ASN G 170 53.28 -16.27 -23.08
CA ASN G 170 52.61 -16.61 -21.84
C ASN G 170 51.76 -17.87 -22.02
N TYR G 171 50.86 -18.10 -21.07
CA TYR G 171 50.12 -19.36 -20.94
C TYR G 171 49.15 -19.62 -22.09
N ASP G 172 48.84 -18.62 -22.90
CA ASP G 172 47.93 -18.77 -24.02
C ASP G 172 48.64 -18.83 -25.38
N ALA G 173 49.98 -18.68 -25.38
CA ALA G 173 50.85 -18.90 -26.53
C ALA G 173 50.53 -18.02 -27.74
N ASN G 174 49.82 -16.92 -27.53
CA ASN G 174 49.55 -15.95 -28.59
C ASN G 174 49.95 -14.55 -28.13
N GLU G 175 49.74 -14.28 -26.84
CA GLU G 175 50.19 -13.03 -26.25
C GLU G 175 51.67 -13.14 -25.89
N ARG G 176 52.33 -11.99 -25.90
CA ARG G 176 53.71 -11.90 -25.46
C ARG G 176 53.79 -10.92 -24.31
N GLU G 177 54.52 -11.28 -23.27
CA GLU G 177 54.68 -10.37 -22.15
C GLU G 177 56.16 -10.05 -21.93
N PRO G 178 56.47 -8.92 -21.30
CA PRO G 178 57.85 -8.63 -20.96
C PRO G 178 58.32 -9.38 -19.73
N LEU G 179 59.57 -9.83 -19.79
CA LEU G 179 60.21 -10.48 -18.65
C LEU G 179 60.35 -9.51 -17.48
N VAL G 180 61.04 -8.40 -17.71
CA VAL G 180 61.24 -7.36 -16.70
C VAL G 180 60.96 -6.02 -17.36
N LEU G 181 60.20 -5.16 -16.68
CA LEU G 181 59.88 -3.88 -17.27
C LEU G 181 61.13 -3.02 -17.36
N PRO G 182 61.38 -2.39 -18.50
CA PRO G 182 62.55 -1.51 -18.59
C PRO G 182 62.32 -0.26 -17.78
N ALA G 183 62.95 -0.23 -16.62
CA ALA G 183 62.73 0.88 -15.72
C ALA G 183 63.56 2.07 -16.15
N ARG G 184 63.12 3.24 -15.73
CA ARG G 184 63.92 4.44 -15.91
C ARG G 184 64.29 5.07 -14.58
N PHE G 185 63.80 4.53 -13.48
CA PHE G 185 64.25 4.93 -12.17
C PHE G 185 64.18 3.66 -11.34
N PRO G 186 65.13 3.45 -10.43
CA PRO G 186 65.15 2.19 -9.68
C PRO G 186 64.03 2.15 -8.64
N ASN G 187 63.04 1.30 -8.90
CA ASN G 187 61.78 1.33 -8.19
C ASN G 187 61.80 0.54 -6.89
N LEU G 188 62.83 -0.30 -6.68
CA LEU G 188 63.01 -0.96 -5.39
C LEU G 188 63.18 0.06 -4.28
N LEU G 189 64.14 0.97 -4.46
CA LEU G 189 64.41 1.96 -3.43
C LEU G 189 63.26 2.92 -3.26
N VAL G 190 62.50 3.14 -4.32
CA VAL G 190 61.39 4.07 -4.24
C VAL G 190 60.22 3.44 -3.49
N ASN G 191 59.83 2.23 -3.86
CA ASN G 191 58.57 1.68 -3.37
C ASN G 191 58.70 0.48 -2.46
N GLY G 192 59.86 -0.19 -2.43
CA GLY G 192 60.08 -1.28 -1.50
C GLY G 192 59.42 -2.58 -1.94
N ALA G 193 59.78 -3.64 -1.23
CA ALA G 193 59.28 -4.98 -1.52
C ALA G 193 58.72 -5.60 -0.25
N THR G 194 57.41 -5.73 -0.16
CA THR G 194 56.81 -6.46 0.94
C THR G 194 56.91 -7.96 0.66
N GLY G 195 57.26 -8.74 1.69
CA GLY G 195 57.58 -10.13 1.45
C GLY G 195 56.83 -11.18 2.24
N ILE G 196 56.48 -12.27 1.57
CA ILE G 196 55.87 -13.42 2.21
C ILE G 196 56.95 -14.48 2.42
N ALA G 197 57.16 -14.87 3.67
CA ALA G 197 58.14 -15.89 4.00
C ALA G 197 57.55 -17.27 3.79
N VAL G 198 58.21 -18.06 2.94
CA VAL G 198 58.10 -19.51 2.98
C VAL G 198 59.48 -19.90 3.48
N GLY G 199 60.03 -19.04 4.33
CA GLY G 199 61.37 -19.10 4.85
C GLY G 199 62.08 -17.78 4.66
N MET G 200 61.63 -17.01 3.66
CA MET G 200 62.34 -15.83 3.19
C MET G 200 61.34 -14.72 2.91
N ALA G 201 61.39 -13.65 3.71
CA ALA G 201 60.56 -12.47 3.51
C ALA G 201 61.45 -11.24 3.34
N THR G 202 60.84 -10.15 2.88
CA THR G 202 61.63 -8.97 2.52
C THR G 202 60.84 -7.71 2.87
N ASN G 203 61.57 -6.59 2.99
CA ASN G 203 61.06 -5.39 3.62
C ASN G 203 61.09 -4.19 2.68
N ILE G 204 60.56 -3.08 3.16
CA ILE G 204 60.39 -1.82 2.44
C ILE G 204 61.41 -0.82 2.94
N PRO G 205 62.56 -0.62 2.30
CA PRO G 205 63.23 0.68 2.41
C PRO G 205 62.73 1.63 1.34
N PRO G 206 61.88 2.59 1.68
CA PRO G 206 61.53 3.62 0.70
C PRO G 206 62.60 4.70 0.68
N HIS G 207 62.61 5.48 -0.40
CA HIS G 207 63.65 6.47 -0.57
C HIS G 207 63.10 7.69 -1.28
N ASN G 208 63.73 8.83 -1.01
CA ASN G 208 63.43 10.05 -1.75
C ASN G 208 64.04 9.91 -3.14
N LEU G 209 63.25 10.28 -4.16
CA LEU G 209 63.66 10.02 -5.54
C LEU G 209 64.88 10.81 -5.94
N GLY G 210 64.95 12.09 -5.54
CA GLY G 210 66.04 12.94 -5.99
C GLY G 210 67.38 12.55 -5.38
N GLU G 211 67.38 12.28 -4.08
CA GLU G 211 68.60 11.79 -3.43
C GLU G 211 68.99 10.42 -3.97
N THR G 212 68.01 9.60 -4.34
CA THR G 212 68.29 8.30 -4.91
C THR G 212 68.99 8.45 -6.25
N ILE G 213 68.48 9.35 -7.09
CA ILE G 213 69.07 9.59 -8.40
C ILE G 213 70.46 10.17 -8.27
N ASP G 214 70.66 11.04 -7.27
CA ASP G 214 72.00 11.57 -7.03
C ASP G 214 72.94 10.49 -6.52
N ALA G 215 72.42 9.53 -5.75
CA ALA G 215 73.22 8.39 -5.32
C ALA G 215 73.60 7.52 -6.51
N VAL G 216 72.66 7.34 -7.43
CA VAL G 216 72.94 6.60 -8.66
C VAL G 216 74.04 7.29 -9.46
N LYS G 217 73.98 8.62 -9.53
CA LYS G 217 75.00 9.39 -10.24
C LYS G 217 76.37 9.23 -9.59
N LEU G 218 76.42 9.30 -8.26
CA LEU G 218 77.72 9.21 -7.59
C LEU G 218 78.29 7.80 -7.64
N VAL G 219 77.43 6.79 -7.60
CA VAL G 219 77.91 5.42 -7.75
C VAL G 219 78.40 5.19 -9.18
N MET G 220 77.70 5.75 -10.16
CA MET G 220 78.11 5.54 -11.54
C MET G 220 79.36 6.35 -11.86
N ASP G 221 79.58 7.45 -11.15
CA ASP G 221 80.84 8.18 -11.32
C ASP G 221 81.98 7.43 -10.66
N ASN G 222 81.95 7.29 -9.34
CA ASN G 222 83.05 6.62 -8.66
C ASN G 222 82.65 5.19 -8.36
N PRO G 223 83.37 4.20 -8.91
CA PRO G 223 82.99 2.80 -8.65
C PRO G 223 83.23 2.35 -7.22
N GLU G 224 83.98 3.11 -6.42
CA GLU G 224 84.15 2.81 -5.00
C GLU G 224 83.79 4.05 -4.20
N VAL G 225 82.51 4.17 -3.86
CA VAL G 225 82.03 5.13 -2.88
C VAL G 225 81.70 4.35 -1.62
N THR G 226 82.18 4.84 -0.47
CA THR G 226 81.85 4.18 0.78
C THR G 226 80.40 4.43 1.13
N THR G 227 79.81 3.47 1.86
CA THR G 227 78.40 3.55 2.21
C THR G 227 78.11 4.67 3.21
N LYS G 228 79.12 5.09 3.97
CA LYS G 228 78.98 6.32 4.75
C LYS G 228 78.80 7.52 3.83
N ASP G 229 79.54 7.54 2.72
CA ASP G 229 79.43 8.65 1.79
C ASP G 229 78.15 8.60 0.96
N LEU G 230 77.45 7.47 0.97
CA LEU G 230 76.12 7.42 0.37
C LEU G 230 75.02 7.65 1.38
N MET G 231 75.29 7.40 2.67
CA MET G 231 74.43 7.89 3.71
C MET G 231 74.54 9.40 3.85
N GLU G 232 75.69 9.97 3.45
CA GLU G 232 75.75 11.40 3.18
C GLU G 232 74.74 11.79 2.12
N VAL G 233 74.62 10.97 1.08
CA VAL G 233 73.61 11.22 0.06
C VAL G 233 72.23 10.83 0.56
N LEU G 234 72.04 9.54 0.83
CA LEU G 234 70.72 9.03 1.13
C LEU G 234 70.45 9.15 2.62
N PRO G 235 69.41 9.85 3.02
CA PRO G 235 69.01 9.84 4.42
C PRO G 235 68.45 8.48 4.81
N GLY G 236 67.47 8.01 4.03
CA GLY G 236 66.87 6.73 4.27
C GLY G 236 65.38 6.71 3.96
N PRO G 237 64.58 6.26 4.93
CA PRO G 237 63.17 5.97 4.66
C PRO G 237 62.29 7.18 4.41
N ASP G 238 61.94 7.41 3.15
CA ASP G 238 61.01 8.47 2.77
C ASP G 238 59.61 7.85 2.73
N PHE G 239 58.90 7.94 3.84
CA PHE G 239 57.61 7.31 3.97
C PHE G 239 56.54 8.06 3.17
N PRO G 240 55.48 7.36 2.74
CA PRO G 240 54.39 8.04 2.05
C PRO G 240 53.54 8.94 2.92
N THR G 241 53.62 8.84 4.24
CA THR G 241 52.89 9.74 5.12
C THR G 241 53.78 10.54 6.05
N GLY G 242 55.08 10.27 6.08
CA GLY G 242 55.94 10.97 7.02
C GLY G 242 55.97 10.31 8.38
N ALA G 243 57.09 10.48 9.06
CA ALA G 243 57.34 9.93 10.40
C ALA G 243 58.59 10.58 10.96
N LEU G 244 59.09 9.99 12.05
CA LEU G 244 60.41 10.26 12.58
C LEU G 244 61.17 8.94 12.64
N VAL G 245 62.42 8.95 12.19
CA VAL G 245 63.26 7.76 12.19
C VAL G 245 64.31 7.91 13.28
N MET G 246 64.28 7.02 14.24
CA MET G 246 65.31 6.92 15.26
C MET G 246 66.29 5.82 14.89
N GLY G 247 67.57 6.12 15.03
CA GLY G 247 68.60 5.13 14.82
C GLY G 247 69.28 5.28 13.48
N LYS G 248 70.44 5.91 13.48
CA LYS G 248 71.25 5.94 12.27
C LYS G 248 72.19 4.74 12.24
N SER G 249 72.37 4.09 13.40
CA SER G 249 73.18 2.88 13.47
C SER G 249 72.50 1.73 12.73
N GLY G 250 71.20 1.55 12.94
CA GLY G 250 70.46 0.53 12.21
C GLY G 250 70.35 0.83 10.73
N ILE G 251 70.27 2.12 10.38
CA ILE G 251 70.34 2.54 8.99
C ILE G 251 71.67 2.15 8.36
N HIS G 252 72.77 2.38 9.07
CA HIS G 252 74.09 2.05 8.55
C HIS G 252 74.26 0.54 8.42
N LYS G 253 73.78 -0.21 9.41
CA LYS G 253 73.74 -1.66 9.34
C LYS G 253 72.93 -2.16 8.15
N ALA G 254 71.81 -1.50 7.86
CA ALA G 254 70.94 -1.92 6.77
C ALA G 254 71.58 -1.68 5.41
N TYR G 255 72.12 -0.49 5.18
CA TYR G 255 72.70 -0.25 3.86
C TYR G 255 74.13 -0.79 3.75
N GLU G 256 74.68 -1.37 4.81
CA GLU G 256 75.88 -2.19 4.62
C GLU G 256 75.54 -3.64 4.32
N THR G 257 74.81 -4.30 5.22
CA THR G 257 74.62 -5.74 5.15
C THR G 257 73.29 -6.17 4.58
N GLY G 258 72.25 -5.35 4.71
CA GLY G 258 70.95 -5.72 4.22
C GLY G 258 69.99 -5.97 5.37
N LYS G 259 70.44 -6.69 6.38
CA LYS G 259 69.62 -6.94 7.56
C LYS G 259 69.84 -5.84 8.58
N GLY G 260 68.75 -5.44 9.22
CA GLY G 260 68.83 -4.44 10.27
C GLY G 260 67.44 -4.08 10.75
N SER G 261 67.41 -3.12 11.66
CA SER G 261 66.14 -2.56 12.09
C SER G 261 66.35 -1.12 12.53
N ILE G 262 65.39 -0.28 12.22
CA ILE G 262 65.36 1.09 12.67
C ILE G 262 64.11 1.25 13.55
N VAL G 263 63.98 2.41 14.18
CA VAL G 263 62.87 2.67 15.07
C VAL G 263 62.05 3.80 14.45
N LEU G 264 60.73 3.68 14.55
CA LEU G 264 59.82 4.67 13.96
C LEU G 264 59.08 5.35 15.09
N ARG G 265 59.46 6.59 15.39
CA ARG G 265 58.79 7.46 16.33
C ARG G 265 57.97 8.48 15.56
N SER G 266 56.68 8.58 15.90
CA SER G 266 55.77 9.48 15.19
C SER G 266 56.13 10.94 15.42
N ARG G 267 55.73 11.80 14.49
CA ARG G 267 55.91 13.24 14.66
C ARG G 267 54.93 13.72 15.71
N THR G 268 55.40 13.74 16.94
CA THR G 268 54.65 14.17 18.11
C THR G 268 55.31 15.39 18.71
N GLU G 269 54.49 16.28 19.26
CA GLU G 269 55.05 17.44 19.92
C GLU G 269 54.21 17.77 21.15
N ILE G 270 54.87 18.33 22.16
CA ILE G 270 54.24 18.69 23.42
C ILE G 270 53.97 20.18 23.40
N GLU G 271 52.71 20.55 23.54
CA GLU G 271 52.29 21.95 23.50
C GLU G 271 51.55 22.25 24.80
N THR G 272 52.13 23.13 25.61
CA THR G 272 51.59 23.42 26.93
C THR G 272 50.62 24.59 26.84
N THR G 273 49.39 24.38 27.30
CA THR G 273 48.41 25.44 27.35
C THR G 273 48.72 26.40 28.48
N LYS G 274 48.20 27.63 28.37
CA LYS G 274 48.29 28.58 29.47
C LYS G 274 47.41 28.14 30.64
N THR G 275 46.33 27.40 30.35
CA THR G 275 45.48 26.84 31.39
C THR G 275 46.25 25.82 32.23
N GLY G 276 46.92 24.87 31.59
CA GLY G 276 47.76 23.93 32.30
C GLY G 276 47.68 22.51 31.80
N ARG G 277 46.57 22.16 31.17
CA ARG G 277 46.36 20.80 30.66
C ARG G 277 47.07 20.66 29.32
N GLU G 278 48.20 19.94 29.32
CA GLU G 278 49.11 19.94 28.18
C GLU G 278 48.55 19.13 27.01
N ARG G 279 49.28 19.18 25.90
CA ARG G 279 48.79 18.77 24.60
C ARG G 279 49.83 17.91 23.91
N ILE G 280 49.42 16.79 23.34
CA ILE G 280 50.28 16.01 22.46
C ILE G 280 49.67 16.10 21.07
N VAL G 281 50.36 16.78 20.17
CA VAL G 281 49.95 16.90 18.78
C VAL G 281 50.71 15.84 18.02
N VAL G 282 49.98 14.85 17.51
CA VAL G 282 50.54 13.78 16.70
C VAL G 282 50.08 13.99 15.27
N THR G 283 51.03 14.04 14.34
CA THR G 283 50.70 14.33 12.95
C THR G 283 51.15 13.27 11.96
N GLU G 284 52.12 12.42 12.30
CA GLU G 284 52.70 11.49 11.33
C GLU G 284 52.87 10.11 11.96
N PHE G 285 51.82 9.29 11.88
CA PHE G 285 51.94 7.88 12.22
C PHE G 285 52.88 7.16 11.24
N PRO G 286 53.60 6.12 11.70
CA PRO G 286 54.63 5.52 10.85
C PRO G 286 54.09 4.69 9.70
N TYR G 287 55.00 4.03 9.00
CA TYR G 287 54.68 3.35 7.75
C TYR G 287 53.78 2.15 7.98
N MET G 288 52.64 2.15 7.30
CA MET G 288 51.62 1.08 7.33
C MET G 288 51.15 0.79 8.75
N VAL G 289 50.80 1.86 9.46
CA VAL G 289 50.20 1.76 10.79
C VAL G 289 48.84 2.45 10.72
N ASN G 290 47.81 1.77 11.21
CA ASN G 290 46.47 2.32 11.28
C ASN G 290 46.43 3.52 12.23
N LYS G 291 45.49 4.42 11.95
CA LYS G 291 45.13 5.48 12.90
C LYS G 291 44.12 4.97 13.92
N THR G 292 43.06 4.32 13.43
CA THR G 292 41.91 3.96 14.26
C THR G 292 42.30 2.91 15.30
N LYS G 293 43.11 1.94 14.89
CA LYS G 293 43.55 0.90 15.82
C LYS G 293 44.45 1.49 16.91
N VAL G 294 45.27 2.47 16.56
CA VAL G 294 46.15 3.08 17.55
C VAL G 294 45.36 3.94 18.54
N HIS G 295 44.36 4.69 18.04
CA HIS G 295 43.56 5.50 18.97
C HIS G 295 42.67 4.63 19.86
N GLU G 296 42.13 3.54 19.32
CA GLU G 296 41.38 2.60 20.15
C GLU G 296 42.29 1.90 21.14
N HIS G 297 43.54 1.61 20.75
CA HIS G 297 44.50 1.03 21.67
C HIS G 297 44.87 2.01 22.78
N ILE G 298 44.93 3.30 22.46
CA ILE G 298 45.22 4.32 23.48
C ILE G 298 44.06 4.44 24.46
N VAL G 299 42.82 4.49 23.96
CA VAL G 299 41.65 4.55 24.83
C VAL G 299 41.54 3.30 25.68
N ARG G 300 41.89 2.14 25.10
CA ARG G 300 41.88 0.89 25.84
C ARG G 300 42.96 0.89 26.92
N LEU G 301 44.16 1.42 26.62
CA LEU G 301 45.21 1.54 27.64
C LEU G 301 44.85 2.54 28.73
N VAL G 302 44.00 3.52 28.42
CA VAL G 302 43.41 4.33 29.48
C VAL G 302 42.49 3.47 30.34
N GLN G 303 41.65 2.65 29.70
CA GLN G 303 40.74 1.80 30.45
C GLN G 303 41.34 0.45 30.83
N GLU G 304 42.55 0.12 30.38
CA GLU G 304 43.28 -0.98 31.00
C GLU G 304 44.00 -0.54 32.28
N LYS G 305 44.18 0.77 32.44
CA LYS G 305 44.55 1.40 33.71
C LYS G 305 45.93 0.98 34.21
N ARG G 306 46.85 0.71 33.28
CA ARG G 306 48.22 0.47 33.68
C ARG G 306 48.92 1.78 34.02
N ILE G 307 48.70 2.81 33.23
CA ILE G 307 49.19 4.15 33.52
C ILE G 307 48.11 5.16 33.13
N GLU G 308 48.05 6.25 33.88
CA GLU G 308 47.03 7.27 33.75
C GLU G 308 47.66 8.60 33.40
N GLY G 309 46.82 9.62 33.21
CA GLY G 309 47.25 10.95 32.83
C GLY G 309 46.65 11.45 31.53
N ILE G 310 46.20 10.55 30.67
CA ILE G 310 45.55 10.92 29.42
C ILE G 310 44.13 11.37 29.75
N THR G 311 43.77 12.59 29.35
CA THR G 311 42.40 13.03 29.52
C THR G 311 41.50 12.45 28.44
N ALA G 312 41.78 12.78 27.18
CA ALA G 312 40.92 12.38 26.07
C ALA G 312 41.73 12.38 24.79
N VAL G 313 41.06 11.99 23.70
CA VAL G 313 41.62 11.97 22.36
C VAL G 313 40.66 12.69 21.43
N ARG G 314 41.17 13.66 20.69
CA ARG G 314 40.37 14.37 19.69
C ARG G 314 40.85 13.95 18.30
N ASP G 315 39.96 13.29 17.57
CA ASP G 315 40.16 12.91 16.17
C ASP G 315 39.40 13.94 15.33
N GLU G 316 40.05 15.07 15.05
CA GLU G 316 39.39 16.27 14.54
C GLU G 316 39.48 16.38 13.02
N SER G 317 39.44 15.25 12.30
CA SER G 317 39.40 15.28 10.85
C SER G 317 38.55 14.12 10.34
N ASN G 318 37.89 14.35 9.20
CA ASN G 318 37.14 13.33 8.51
C ASN G 318 38.05 12.63 7.50
N ARG G 319 38.57 13.39 6.54
CA ARG G 319 39.55 12.90 5.58
C ARG G 319 40.70 13.86 5.34
N GLU G 320 40.60 15.11 5.78
CA GLU G 320 41.47 16.18 5.33
C GLU G 320 42.33 16.68 6.47
N GLY G 321 43.65 16.61 6.28
CA GLY G 321 44.60 17.09 7.26
C GLY G 321 44.86 16.07 8.33
N VAL G 322 46.12 15.74 8.57
CA VAL G 322 46.49 14.74 9.56
C VAL G 322 47.22 15.47 10.68
N ARG G 323 46.44 15.94 11.65
CA ARG G 323 46.93 16.59 12.85
C ARG G 323 45.92 16.31 13.95
N PHE G 324 46.34 15.58 14.99
CA PHE G 324 45.40 15.08 15.97
C PHE G 324 45.91 15.32 17.38
N VAL G 325 45.02 15.81 18.24
CA VAL G 325 45.34 16.28 19.57
C VAL G 325 44.88 15.22 20.57
N ILE G 326 45.80 14.78 21.41
CA ILE G 326 45.48 13.96 22.57
C ILE G 326 45.92 14.72 23.81
N GLU G 327 45.00 14.88 24.75
CA GLU G 327 45.16 15.79 25.88
C GLU G 327 45.78 15.08 27.06
N VAL G 328 46.74 15.73 27.71
CA VAL G 328 47.26 15.32 29.00
C VAL G 328 46.74 16.31 30.03
N LYS G 329 46.30 15.78 31.18
CA LYS G 329 45.63 16.59 32.19
C LYS G 329 46.58 17.57 32.86
N ARG G 330 46.01 18.37 33.76
CA ARG G 330 46.79 19.25 34.61
C ARG G 330 47.67 18.42 35.55
N ASP G 331 48.86 18.95 35.84
CA ASP G 331 49.84 18.37 36.77
C ASP G 331 50.30 16.99 36.29
N ALA G 332 50.74 16.95 35.03
CA ALA G 332 51.31 15.74 34.45
C ALA G 332 52.20 16.16 33.29
N SER G 333 53.49 15.90 33.41
CA SER G 333 54.43 16.22 32.34
C SER G 333 54.18 15.29 31.16
N ALA G 334 53.80 15.86 30.02
CA ALA G 334 53.36 15.05 28.89
C ALA G 334 54.49 14.33 28.18
N ASN G 335 55.75 14.60 28.53
CA ASN G 335 56.84 13.79 28.00
C ASN G 335 56.88 12.41 28.64
N VAL G 336 56.40 12.29 29.88
CA VAL G 336 56.25 10.98 30.51
C VAL G 336 55.19 10.16 29.80
N ILE G 337 54.04 10.78 29.54
CA ILE G 337 52.95 10.14 28.80
C ILE G 337 53.39 9.82 27.38
N LEU G 338 54.22 10.69 26.80
CA LEU G 338 54.71 10.51 25.44
C LEU G 338 55.65 9.32 25.32
N ASN G 339 56.59 9.21 26.27
CA ASN G 339 57.48 8.06 26.33
C ASN G 339 56.71 6.77 26.61
N ASN G 340 55.63 6.85 27.39
CA ASN G 340 54.89 5.63 27.70
C ASN G 340 54.01 5.19 26.55
N LEU G 341 53.43 6.12 25.80
CA LEU G 341 52.71 5.75 24.58
C LEU G 341 53.66 5.29 23.48
N PHE G 342 54.91 5.76 23.51
CA PHE G 342 55.92 5.22 22.61
C PHE G 342 56.32 3.81 23.01
N LYS G 343 56.36 3.54 24.31
CA LYS G 343 56.67 2.20 24.79
C LYS G 343 55.56 1.21 24.46
N MET G 344 54.30 1.61 24.65
CA MET G 344 53.18 0.69 24.56
C MET G 344 52.61 0.58 23.16
N THR G 345 52.16 1.69 22.60
CA THR G 345 51.28 1.69 21.44
C THR G 345 52.04 1.40 20.16
N GLN G 346 51.33 1.43 19.04
CA GLN G 346 51.95 1.42 17.71
C GLN G 346 52.19 2.83 17.20
N MET G 347 52.82 3.65 18.03
CA MET G 347 53.18 5.02 17.67
C MET G 347 54.68 5.18 17.50
N GLN G 348 55.47 4.49 18.31
CA GLN G 348 56.89 4.27 18.06
C GLN G 348 57.12 2.76 18.06
N THR G 349 57.39 2.22 16.87
CA THR G 349 57.54 0.79 16.65
C THR G 349 58.96 0.48 16.17
N ASN G 350 59.24 -0.81 16.04
CA ASN G 350 60.41 -1.23 15.29
C ASN G 350 60.04 -1.42 13.84
N PHE G 351 61.06 -1.42 12.98
CA PHE G 351 60.82 -1.70 11.57
C PHE G 351 62.08 -2.33 11.01
N GLY G 352 61.96 -3.55 10.53
CA GLY G 352 63.10 -4.27 10.02
C GLY G 352 63.37 -3.96 8.56
N PHE G 353 64.65 -3.99 8.20
CA PHE G 353 65.11 -3.95 6.82
C PHE G 353 65.76 -5.28 6.50
N ASN G 354 65.32 -5.91 5.42
CA ASN G 354 65.97 -7.10 4.88
C ASN G 354 65.76 -7.05 3.37
N MET G 355 66.73 -6.47 2.66
CA MET G 355 66.58 -6.19 1.23
C MET G 355 66.87 -7.47 0.46
N LEU G 356 65.81 -8.26 0.30
CA LEU G 356 65.85 -9.56 -0.36
C LEU G 356 65.05 -9.48 -1.65
N ALA G 357 65.69 -9.78 -2.77
CA ALA G 357 65.01 -9.73 -4.05
C ALA G 357 65.73 -10.62 -5.04
N ILE G 358 65.15 -10.74 -6.24
CA ILE G 358 65.64 -11.66 -7.25
C ILE G 358 66.74 -11.00 -8.06
N GLN G 359 67.95 -11.55 -8.00
CA GLN G 359 69.00 -11.16 -8.92
C GLN G 359 69.46 -12.42 -9.63
N ASN G 360 69.60 -12.34 -10.95
CA ASN G 360 70.06 -13.43 -11.82
C ASN G 360 69.21 -14.68 -11.70
N GLY G 361 67.97 -14.56 -11.25
CA GLY G 361 67.09 -15.70 -11.08
C GLY G 361 67.06 -16.29 -9.69
N ILE G 362 67.90 -15.83 -8.76
CA ILE G 362 67.85 -16.39 -7.41
C ILE G 362 67.47 -15.29 -6.41
N PRO G 363 66.82 -15.62 -5.30
CA PRO G 363 66.62 -14.60 -4.26
C PRO G 363 67.89 -14.41 -3.45
N LYS G 364 68.24 -13.16 -3.22
CA LYS G 364 69.43 -12.82 -2.45
C LYS G 364 69.15 -11.60 -1.59
N ILE G 365 69.80 -11.58 -0.43
CA ILE G 365 69.85 -10.39 0.40
C ILE G 365 70.95 -9.50 -0.14
N LEU G 366 70.58 -8.31 -0.58
CA LEU G 366 71.50 -7.42 -1.27
C LEU G 366 71.60 -6.09 -0.56
N SER G 367 72.76 -5.46 -0.70
CA SER G 367 73.00 -4.18 -0.05
C SER G 367 72.59 -3.02 -0.95
N LEU G 368 72.68 -1.81 -0.39
CA LEU G 368 72.36 -0.60 -1.14
C LEU G 368 73.35 -0.40 -2.28
N ARG G 369 74.62 -0.73 -2.05
CA ARG G 369 75.61 -0.73 -3.12
C ARG G 369 75.24 -1.69 -4.22
N GLN G 370 74.81 -2.90 -3.85
CA GLN G 370 74.57 -3.96 -4.82
C GLN G 370 73.32 -3.72 -5.64
N ILE G 371 72.27 -3.18 -5.01
CA ILE G 371 71.05 -2.78 -5.71
C ILE G 371 71.37 -1.77 -6.81
N LEU G 372 72.19 -0.78 -6.48
CA LEU G 372 72.44 0.28 -7.42
C LEU G 372 73.48 -0.10 -8.47
N ASP G 373 74.43 -0.96 -8.11
CA ASP G 373 75.32 -1.52 -9.13
C ASP G 373 74.54 -2.35 -10.14
N ALA G 374 73.60 -3.16 -9.67
CA ALA G 374 72.78 -3.96 -10.59
C ALA G 374 71.85 -3.08 -11.42
N TYR G 375 71.31 -2.03 -10.82
CA TYR G 375 70.44 -1.13 -11.57
C TYR G 375 71.21 -0.37 -12.65
N ILE G 376 72.43 0.04 -12.35
CA ILE G 376 73.27 0.72 -13.34
C ILE G 376 73.64 -0.23 -14.47
N GLU G 377 73.92 -1.50 -14.14
CA GLU G 377 74.16 -2.51 -15.17
C GLU G 377 72.92 -2.72 -16.04
N HIS G 378 71.74 -2.69 -15.42
CA HIS G 378 70.52 -2.87 -16.20
C HIS G 378 70.24 -1.68 -17.10
N GLN G 379 70.54 -0.47 -16.63
CA GLN G 379 70.32 0.67 -17.50
C GLN G 379 71.34 0.72 -18.61
N LYS G 380 72.55 0.21 -18.37
CA LYS G 380 73.50 0.05 -19.48
C LYS G 380 72.97 -0.93 -20.51
N GLU G 381 72.35 -2.02 -20.06
CA GLU G 381 71.72 -2.97 -20.97
C GLU G 381 70.58 -2.33 -21.75
N VAL G 382 69.76 -1.52 -21.07
CA VAL G 382 68.63 -0.85 -21.71
C VAL G 382 69.11 0.12 -22.77
N VAL G 383 70.14 0.91 -22.45
CA VAL G 383 70.64 1.91 -23.37
C VAL G 383 71.31 1.26 -24.58
N VAL G 384 72.09 0.19 -24.35
CA VAL G 384 72.74 -0.48 -25.47
C VAL G 384 71.72 -1.14 -26.37
N ARG G 385 70.66 -1.74 -25.81
CA ARG G 385 69.67 -2.39 -26.66
C ARG G 385 68.83 -1.38 -27.43
N ARG G 386 68.47 -0.26 -26.78
CA ARG G 386 67.69 0.76 -27.48
C ARG G 386 68.51 1.42 -28.57
N THR G 387 69.79 1.66 -28.30
CA THR G 387 70.68 2.26 -29.28
C THR G 387 70.91 1.33 -30.45
N ARG G 388 71.07 0.03 -30.18
CA ARG G 388 71.20 -0.92 -31.28
C ARG G 388 69.92 -1.05 -32.07
N PHE G 389 68.76 -0.90 -31.44
CA PHE G 389 67.51 -0.95 -32.18
C PHE G 389 67.37 0.24 -33.12
N ASP G 390 67.65 1.44 -32.62
CA ASP G 390 67.54 2.61 -33.48
C ASP G 390 68.61 2.60 -34.55
N LYS G 391 69.77 2.00 -34.28
CA LYS G 391 70.77 1.83 -35.33
C LYS G 391 70.30 0.83 -36.38
N GLU G 392 69.59 -0.22 -35.95
CA GLU G 392 68.97 -1.15 -36.91
C GLU G 392 67.95 -0.46 -37.79
N LYS G 393 67.08 0.34 -37.17
CA LYS G 393 66.01 1.01 -37.92
C LYS G 393 66.58 2.03 -38.90
N ALA G 394 67.47 2.90 -38.42
CA ALA G 394 68.10 3.88 -39.30
C ALA G 394 69.01 3.22 -40.31
N GLU G 395 69.61 2.08 -39.99
CA GLU G 395 70.49 1.41 -40.93
C GLU G 395 69.69 0.74 -42.04
N ALA G 396 68.52 0.19 -41.69
CA ALA G 396 67.64 -0.35 -42.73
C ALA G 396 67.10 0.75 -43.62
N ARG G 397 66.75 1.91 -43.04
CA ARG G 397 66.26 3.01 -43.85
C ARG G 397 67.36 3.58 -44.73
N ALA G 398 68.59 3.65 -44.20
CA ALA G 398 69.72 4.09 -45.00
C ALA G 398 70.09 3.08 -46.07
N HIS G 399 69.83 1.80 -45.81
CA HIS G 399 70.05 0.77 -46.83
C HIS G 399 69.07 0.94 -47.99
N ILE G 400 67.79 1.16 -47.66
CA ILE G 400 66.78 1.40 -48.70
C ILE G 400 67.08 2.69 -49.45
N LEU G 401 67.49 3.72 -48.72
CA LEU G 401 67.76 5.00 -49.35
C LEU G 401 69.05 4.96 -50.16
N GLU G 402 69.99 4.09 -49.79
CA GLU G 402 71.18 3.88 -50.59
C GLU G 402 70.84 3.14 -51.88
N GLY G 403 69.93 2.18 -51.81
CA GLY G 403 69.46 1.53 -53.02
C GLY G 403 68.79 2.50 -53.98
N LEU G 404 67.95 3.40 -53.44
CA LEU G 404 67.38 4.45 -54.27
C LEU G 404 68.44 5.44 -54.74
N LEU G 405 69.50 5.62 -53.97
CA LEU G 405 70.56 6.54 -54.40
C LEU G 405 71.36 5.94 -55.55
N ILE G 406 71.59 4.62 -55.52
CA ILE G 406 72.21 3.92 -56.64
C ILE G 406 71.29 3.94 -57.85
N ALA G 407 69.97 3.90 -57.63
CA ALA G 407 69.02 4.10 -58.72
C ALA G 407 69.14 5.49 -59.32
N LEU G 408 69.36 6.50 -58.47
CA LEU G 408 69.59 7.86 -58.94
C LEU G 408 70.95 8.03 -59.61
N ASP G 409 71.89 7.12 -59.33
CA ASP G 409 73.20 7.20 -59.95
C ASP G 409 73.11 6.90 -61.44
N HIS G 410 72.69 5.69 -61.79
CA HIS G 410 72.53 5.28 -63.17
C HIS G 410 71.05 5.04 -63.39
N ILE G 411 70.32 6.11 -63.70
CA ILE G 411 68.88 5.99 -63.93
C ILE G 411 68.62 5.31 -65.27
N ASP G 412 69.48 5.57 -66.25
CA ASP G 412 69.22 5.17 -67.62
C ASP G 412 69.33 3.67 -67.80
N GLU G 413 70.28 3.04 -67.11
CA GLU G 413 70.43 1.59 -67.18
C GLU G 413 69.25 0.89 -66.52
N VAL G 414 68.76 1.45 -65.41
CA VAL G 414 67.60 0.91 -64.72
C VAL G 414 66.36 0.99 -65.60
N ILE G 415 66.18 2.14 -66.27
CA ILE G 415 65.06 2.31 -67.20
C ILE G 415 65.20 1.36 -68.38
N ARG G 416 66.43 1.17 -68.86
CA ARG G 416 66.69 0.27 -69.98
C ARG G 416 66.37 -1.18 -69.63
N ILE G 417 66.62 -1.57 -68.39
CA ILE G 417 66.30 -2.93 -67.96
C ILE G 417 64.79 -3.08 -67.70
N ILE G 418 64.14 -2.03 -67.15
CA ILE G 418 62.70 -2.07 -66.94
C ILE G 418 61.95 -2.15 -68.27
N ARG G 419 62.41 -1.42 -69.27
CA ARG G 419 61.83 -1.51 -70.61
C ARG G 419 62.13 -2.87 -71.26
N ALA G 420 63.23 -3.50 -70.87
CA ALA G 420 63.56 -4.84 -71.36
C ALA G 420 62.99 -5.94 -70.48
N SER G 421 62.28 -5.59 -69.42
CA SER G 421 61.75 -6.58 -68.50
C SER G 421 60.41 -7.11 -69.00
N GLU G 422 60.00 -8.22 -68.43
CA GLU G 422 58.71 -8.83 -68.75
C GLU G 422 57.86 -9.05 -67.50
N THR G 423 58.49 -9.42 -66.39
CA THR G 423 57.82 -9.53 -65.09
C THR G 423 58.57 -8.68 -64.08
N ASP G 424 57.93 -8.46 -62.93
CA ASP G 424 58.56 -7.66 -61.87
C ASP G 424 59.71 -8.43 -61.23
N ALA G 425 59.56 -9.76 -61.12
CA ALA G 425 60.63 -10.58 -60.58
C ALA G 425 61.84 -10.57 -61.48
N GLU G 426 61.63 -10.59 -62.79
CA GLU G 426 62.74 -10.45 -63.74
C GLU G 426 63.42 -9.11 -63.59
N ALA G 427 62.64 -8.04 -63.43
CA ALA G 427 63.20 -6.70 -63.33
C ALA G 427 64.05 -6.56 -62.07
N GLN G 428 63.53 -7.03 -60.94
CA GLN G 428 64.30 -6.91 -59.71
C GLN G 428 65.50 -7.84 -59.70
N ALA G 429 65.40 -9.01 -60.34
CA ALA G 429 66.54 -9.92 -60.40
C ALA G 429 67.64 -9.35 -61.29
N GLU G 430 67.28 -8.74 -62.41
CA GLU G 430 68.29 -8.17 -63.29
C GLU G 430 68.90 -6.90 -62.70
N LEU G 431 68.12 -6.14 -61.94
CA LEU G 431 68.70 -4.98 -61.24
C LEU G 431 69.66 -5.41 -60.15
N MET G 432 69.30 -6.44 -59.38
CA MET G 432 70.19 -6.96 -58.35
C MET G 432 71.42 -7.61 -58.98
N SER G 433 71.29 -8.15 -60.18
CA SER G 433 72.44 -8.74 -60.86
C SER G 433 73.36 -7.68 -61.44
N LYS G 434 72.79 -6.56 -61.89
CA LYS G 434 73.57 -5.56 -62.60
C LYS G 434 74.19 -4.54 -61.67
N PHE G 435 73.55 -4.21 -60.55
CA PHE G 435 74.08 -3.17 -59.67
C PHE G 435 74.25 -3.66 -58.24
N LYS G 436 74.28 -4.98 -58.03
CA LYS G 436 74.62 -5.62 -56.75
C LYS G 436 73.65 -5.19 -55.64
N LEU G 437 72.36 -5.34 -55.91
CA LEU G 437 71.33 -4.77 -55.06
C LEU G 437 70.68 -5.84 -54.20
N SER G 438 69.83 -5.40 -53.29
CA SER G 438 69.08 -6.28 -52.42
C SER G 438 67.65 -6.40 -52.92
N GLU G 439 66.90 -7.31 -52.29
CA GLU G 439 65.46 -7.40 -52.58
C GLU G 439 64.74 -6.15 -52.11
N ARG G 440 65.10 -5.65 -50.93
CA ARG G 440 64.52 -4.41 -50.42
C ARG G 440 64.87 -3.24 -51.34
N GLN G 441 66.12 -3.18 -51.77
CA GLN G 441 66.57 -2.12 -52.67
C GLN G 441 65.88 -2.20 -54.02
N SER G 442 65.73 -3.41 -54.57
CA SER G 442 65.11 -3.55 -55.87
C SER G 442 63.61 -3.29 -55.82
N GLN G 443 62.95 -3.66 -54.72
CA GLN G 443 61.54 -3.31 -54.56
C GLN G 443 61.35 -1.81 -54.40
N ALA G 444 62.28 -1.15 -53.71
CA ALA G 444 62.20 0.30 -53.58
C ALA G 444 62.43 1.00 -54.92
N ILE G 445 63.31 0.45 -55.76
CA ILE G 445 63.54 1.03 -57.07
C ILE G 445 62.34 0.82 -57.98
N LEU G 446 61.79 -0.39 -58.00
CA LEU G 446 60.63 -0.65 -58.84
C LEU G 446 59.34 -0.05 -58.29
N ASP G 447 59.35 0.46 -57.06
CA ASP G 447 58.23 1.24 -56.54
C ASP G 447 58.57 2.71 -56.38
N MET G 448 59.73 3.13 -56.89
CA MET G 448 60.11 4.54 -56.82
C MET G 448 59.25 5.37 -57.76
N ARG G 449 58.78 6.51 -57.25
CA ARG G 449 57.89 7.36 -58.03
C ARG G 449 58.70 8.24 -58.98
N LEU G 450 58.17 8.39 -60.21
CA LEU G 450 58.90 9.06 -61.28
C LEU G 450 59.06 10.55 -61.00
N ARG G 451 58.15 11.12 -60.22
CA ARG G 451 58.26 12.51 -59.77
C ARG G 451 59.49 12.71 -58.91
N ARG G 452 59.95 11.65 -58.25
CA ARG G 452 61.18 11.68 -57.48
C ARG G 452 62.44 11.56 -58.36
N LEU G 453 62.29 11.62 -59.68
CA LEU G 453 63.44 11.60 -60.60
C LEU G 453 63.88 13.01 -60.99
N THR G 454 64.07 13.88 -60.01
CA THR G 454 64.49 15.25 -60.28
C THR G 454 65.59 15.65 -59.32
N GLY G 455 66.33 16.69 -59.70
CA GLY G 455 67.35 17.24 -58.83
C GLY G 455 66.79 17.95 -57.62
N LEU G 456 65.53 18.36 -57.69
CA LEU G 456 64.84 18.89 -56.52
C LEU G 456 64.50 17.78 -55.53
N GLU G 457 64.46 16.53 -55.98
CA GLU G 457 64.25 15.38 -55.12
C GLU G 457 65.53 14.64 -54.79
N ARG G 458 66.52 14.65 -55.69
CA ARG G 458 67.82 14.05 -55.38
C ARG G 458 68.53 14.81 -54.27
N ASP G 459 68.28 16.11 -54.17
CA ASP G 459 68.85 16.90 -53.09
C ASP G 459 68.30 16.47 -51.74
N LYS G 460 66.98 16.25 -51.67
CA LYS G 460 66.35 15.86 -50.41
C LYS G 460 66.77 14.47 -50.00
N ILE G 461 66.85 13.54 -50.96
CA ILE G 461 67.30 12.18 -50.69
C ILE G 461 68.75 12.15 -50.24
N GLN G 462 69.61 12.93 -50.91
CA GLN G 462 71.03 12.94 -50.56
C GLN G 462 71.27 13.59 -49.20
N SER G 463 70.57 14.68 -48.90
CA SER G 463 70.71 15.35 -47.61
C SER G 463 70.19 14.47 -46.47
N GLU G 464 69.02 13.83 -46.68
CA GLU G 464 68.48 12.93 -45.66
C GLU G 464 69.35 11.69 -45.50
N TYR G 465 69.99 11.24 -46.57
CA TYR G 465 70.90 10.10 -46.51
C TYR G 465 72.16 10.42 -45.70
N ASP G 466 72.73 11.59 -45.92
CA ASP G 466 73.85 12.02 -45.11
C ASP G 466 73.45 12.25 -43.66
N ASP G 467 72.23 12.74 -43.42
CA ASP G 467 71.76 12.91 -42.05
C ASP G 467 71.58 11.57 -41.34
N LEU G 468 71.06 10.58 -42.05
CA LEU G 468 70.88 9.27 -41.43
C LEU G 468 72.22 8.57 -41.21
N LEU G 469 73.19 8.76 -42.11
CA LEU G 469 74.52 8.23 -41.83
C LEU G 469 75.19 8.95 -40.68
N ALA G 470 74.90 10.24 -40.50
CA ALA G 470 75.38 10.96 -39.32
C ALA G 470 74.75 10.41 -38.05
N LEU G 471 73.47 10.05 -38.11
CA LEU G 471 72.81 9.46 -36.95
C LEU G 471 73.37 8.07 -36.66
N ILE G 472 73.72 7.31 -37.71
CA ILE G 472 74.36 6.01 -37.53
C ILE G 472 75.73 6.16 -36.89
N ALA G 473 76.49 7.19 -37.30
CA ALA G 473 77.80 7.43 -36.69
C ALA G 473 77.66 7.87 -35.25
N ASP G 474 76.61 8.64 -34.94
CA ASP G 474 76.35 9.05 -33.56
C ASP G 474 76.00 7.84 -32.68
N LEU G 475 75.15 6.95 -33.18
CA LEU G 475 74.77 5.78 -32.39
C LEU G 475 75.92 4.80 -32.27
N ALA G 476 76.80 4.73 -33.28
CA ALA G 476 78.00 3.92 -33.15
C ALA G 476 78.97 4.51 -32.12
N ASP G 477 79.03 5.84 -32.04
CA ASP G 477 79.81 6.46 -30.98
C ASP G 477 79.21 6.24 -29.60
N ILE G 478 77.88 6.13 -29.53
CA ILE G 478 77.24 5.77 -28.26
C ILE G 478 77.55 4.33 -27.90
N LEU G 479 77.49 3.42 -28.87
CA LEU G 479 77.80 2.02 -28.62
C LEU G 479 79.28 1.76 -28.43
N ALA G 480 80.16 2.70 -28.78
CA ALA G 480 81.59 2.48 -28.63
C ALA G 480 82.14 2.98 -27.31
N LYS G 481 81.51 3.98 -26.70
CA LYS G 481 82.04 4.62 -25.51
C LYS G 481 81.06 4.49 -24.35
N PRO G 482 81.39 3.75 -23.29
CA PRO G 482 80.48 3.65 -22.14
C PRO G 482 80.34 4.94 -21.34
N GLU G 483 81.20 5.93 -21.57
CA GLU G 483 81.04 7.23 -20.91
C GLU G 483 79.74 7.90 -21.31
N ARG G 484 79.45 7.92 -22.61
CA ARG G 484 78.23 8.55 -23.10
C ARG G 484 77.00 7.76 -22.68
N VAL G 485 77.14 6.46 -22.44
CA VAL G 485 76.06 5.66 -21.91
C VAL G 485 75.64 6.18 -20.54
N SER G 486 76.63 6.34 -19.65
CA SER G 486 76.39 6.94 -18.35
C SER G 486 75.88 8.36 -18.48
N GLN G 487 76.30 9.07 -19.52
CA GLN G 487 75.83 10.43 -19.72
C GLN G 487 74.34 10.46 -20.04
N ILE G 488 73.89 9.58 -20.92
CA ILE G 488 72.47 9.49 -21.27
C ILE G 488 71.66 9.08 -20.04
N ILE G 489 72.23 8.19 -19.23
CA ILE G 489 71.57 7.77 -18.00
C ILE G 489 71.41 8.94 -17.03
N LYS G 490 72.48 9.73 -16.86
CA LYS G 490 72.44 10.91 -16.01
C LYS G 490 71.41 11.91 -16.49
N ASP G 491 71.35 12.13 -17.80
CA ASP G 491 70.46 13.13 -18.36
C ASP G 491 69.01 12.74 -18.15
N GLU G 492 68.66 11.49 -18.42
CA GLU G 492 67.27 11.09 -18.29
C GLU G 492 66.87 10.94 -16.83
N LEU G 493 67.80 10.55 -15.96
CA LEU G 493 67.52 10.52 -14.53
C LEU G 493 67.30 11.92 -13.98
N ASP G 494 68.07 12.89 -14.44
CA ASP G 494 67.85 14.26 -13.97
C ASP G 494 66.57 14.84 -14.56
N GLU G 495 66.17 14.36 -15.73
CA GLU G 495 64.86 14.74 -16.26
C GLU G 495 63.74 14.23 -15.38
N VAL G 496 63.87 12.98 -14.93
CA VAL G 496 62.87 12.41 -14.01
C VAL G 496 62.89 13.15 -12.67
N LYS G 497 64.09 13.51 -12.20
CA LYS G 497 64.23 14.24 -10.95
C LYS G 497 63.59 15.61 -11.03
N ARG G 498 63.70 16.27 -12.19
CA ARG G 498 62.99 17.53 -12.39
C ARG G 498 61.49 17.31 -12.41
N LYS G 499 61.04 16.22 -13.03
CA LYS G 499 59.61 16.06 -13.23
C LYS G 499 58.86 15.60 -11.98
N PHE G 500 59.54 15.01 -11.00
CA PHE G 500 58.77 14.38 -9.92
C PHE G 500 59.29 14.60 -8.50
N SER G 501 60.54 14.97 -8.28
CA SER G 501 61.18 14.79 -6.97
C SER G 501 60.66 15.78 -5.94
N ASP G 502 59.93 15.26 -4.95
CA ASP G 502 59.59 16.01 -3.75
C ASP G 502 60.71 15.79 -2.73
N LYS G 503 60.49 16.18 -1.48
CA LYS G 503 61.45 15.92 -0.43
C LYS G 503 60.81 15.08 0.68
N ARG G 504 61.61 14.84 1.73
CA ARG G 504 61.26 13.87 2.75
C ARG G 504 60.10 14.36 3.60
N ARG G 505 59.01 13.62 3.57
CA ARG G 505 57.93 13.83 4.53
C ARG G 505 58.33 13.31 5.91
N THR G 506 59.30 12.43 5.97
CA THR G 506 59.83 11.88 7.21
C THR G 506 61.09 12.64 7.60
N GLU G 507 61.19 13.01 8.87
CA GLU G 507 62.38 13.66 9.40
C GLU G 507 63.27 12.61 10.06
N LEU G 508 64.54 12.59 9.70
CA LEU G 508 65.52 11.78 10.40
C LEU G 508 65.88 12.47 11.70
N MET G 509 65.38 11.95 12.81
CA MET G 509 65.73 12.46 14.13
C MET G 509 66.89 11.66 14.69
N VAL G 510 67.35 12.05 15.87
CA VAL G 510 68.45 11.36 16.52
C VAL G 510 68.01 10.83 17.87
N LYS H 28 -4.40 48.34 34.77
CA LYS H 28 -5.12 48.99 35.86
C LYS H 28 -6.57 49.27 35.45
N ASN H 29 -7.42 48.26 35.57
CA ASN H 29 -8.78 48.34 35.04
C ASN H 29 -9.81 48.69 36.10
N LEU H 30 -10.01 47.84 37.10
CA LEU H 30 -10.99 48.14 38.15
C LEU H 30 -10.38 49.20 39.07
N VAL H 31 -11.20 50.18 39.46
CA VAL H 31 -10.72 51.29 40.26
C VAL H 31 -11.53 51.39 41.55
N ASN H 32 -12.12 50.28 41.96
CA ASN H 32 -13.02 50.22 43.12
C ASN H 32 -12.24 50.51 44.41
N VAL H 33 -12.63 51.58 45.09
CA VAL H 33 -11.86 52.09 46.20
C VAL H 33 -12.31 51.57 47.56
N ASN H 34 -13.54 51.87 47.98
CA ASN H 34 -13.93 51.78 49.39
C ASN H 34 -14.09 50.32 49.80
N LEU H 35 -12.96 49.73 50.15
CA LEU H 35 -12.88 48.29 50.34
C LEU H 35 -12.10 47.94 51.59
N THR H 36 -12.49 48.48 52.75
CA THR H 36 -11.75 48.14 53.96
C THR H 36 -12.23 46.81 54.56
N LYS H 37 -13.45 46.81 55.08
CA LYS H 37 -13.97 45.60 55.70
C LYS H 37 -14.34 44.56 54.67
N GLU H 38 -14.60 44.99 53.43
CA GLU H 38 -14.87 44.02 52.38
C GLU H 38 -13.61 43.32 51.93
N MET H 39 -12.45 44.00 51.94
CA MET H 39 -11.24 43.26 51.65
C MET H 39 -10.85 42.38 52.83
N LYS H 40 -11.19 42.78 54.06
CA LYS H 40 -10.94 41.89 55.18
C LYS H 40 -11.82 40.65 55.13
N ALA H 41 -13.10 40.82 54.82
CA ALA H 41 -14.01 39.70 54.75
C ALA H 41 -13.69 38.79 53.58
N SER H 42 -13.41 39.36 52.41
CA SER H 42 -13.04 38.55 51.25
C SER H 42 -11.69 37.88 51.45
N PHE H 43 -10.79 38.51 52.21
CA PHE H 43 -9.49 37.90 52.42
C PHE H 43 -9.56 36.77 53.43
N ILE H 44 -10.36 36.93 54.48
CA ILE H 44 -10.62 35.84 55.42
C ILE H 44 -11.33 34.70 54.72
N ASP H 45 -12.25 35.02 53.81
CA ASP H 45 -12.99 33.99 53.09
C ASP H 45 -12.07 33.19 52.18
N TYR H 46 -11.21 33.87 51.42
CA TYR H 46 -10.34 33.13 50.53
C TYR H 46 -9.26 32.38 51.29
N ALA H 47 -8.81 32.93 52.43
CA ALA H 47 -7.81 32.23 53.24
C ALA H 47 -8.38 30.98 53.91
N MET H 48 -9.57 31.10 54.50
CA MET H 48 -10.22 29.93 55.08
C MET H 48 -10.59 28.90 54.03
N SER H 49 -10.92 29.33 52.82
CA SER H 49 -11.20 28.36 51.77
C SER H 49 -9.95 27.62 51.36
N VAL H 50 -8.80 28.30 51.35
CA VAL H 50 -7.53 27.61 51.11
C VAL H 50 -7.25 26.59 52.22
N ILE H 51 -7.29 27.05 53.48
CA ILE H 51 -6.94 26.23 54.65
C ILE H 51 -7.83 24.99 54.74
N VAL H 52 -9.13 25.16 54.54
CA VAL H 52 -10.01 24.00 54.60
C VAL H 52 -9.84 23.12 53.37
N ALA H 53 -10.12 23.66 52.18
CA ALA H 53 -10.33 22.81 51.02
C ALA H 53 -9.03 22.21 50.51
N ARG H 54 -7.99 23.01 50.35
CA ARG H 54 -6.81 22.51 49.66
C ARG H 54 -5.64 22.36 50.60
N ALA H 55 -5.90 22.21 51.89
CA ALA H 55 -4.87 22.27 52.90
C ALA H 55 -5.26 21.38 54.07
N LEU H 56 -4.70 21.69 55.23
CA LEU H 56 -4.52 20.76 56.34
C LEU H 56 -5.85 20.22 56.87
N PRO H 57 -5.95 18.93 57.13
CA PRO H 57 -7.21 18.33 57.55
C PRO H 57 -7.50 18.40 59.04
N ASP H 58 -8.59 17.74 59.41
CA ASP H 58 -9.30 17.91 60.67
C ASP H 58 -8.71 17.02 61.76
N VAL H 59 -8.99 17.38 63.02
CA VAL H 59 -8.65 16.48 64.13
C VAL H 59 -9.56 15.28 64.14
N ARG H 60 -10.87 15.51 64.10
CA ARG H 60 -11.83 14.49 64.49
C ARG H 60 -11.95 13.35 63.51
N ASP H 61 -11.42 13.47 62.29
CA ASP H 61 -11.27 12.27 61.48
C ASP H 61 -9.99 12.21 60.68
N GLY H 62 -9.14 13.23 60.71
CA GLY H 62 -7.89 13.17 59.98
C GLY H 62 -8.02 13.16 58.48
N LEU H 63 -9.17 13.55 57.95
CA LEU H 63 -9.44 13.43 56.53
C LEU H 63 -9.61 14.80 55.90
N LYS H 64 -9.05 14.96 54.72
CA LYS H 64 -9.22 16.18 53.98
C LYS H 64 -10.64 16.26 53.44
N PRO H 65 -11.15 17.48 53.20
CA PRO H 65 -12.51 17.59 52.67
C PRO H 65 -12.70 16.99 51.29
N VAL H 66 -11.65 17.01 50.47
CA VAL H 66 -11.66 16.24 49.23
C VAL H 66 -11.81 14.77 49.53
N HIS H 67 -11.04 14.29 50.51
CA HIS H 67 -11.10 12.88 50.90
C HIS H 67 -12.44 12.52 51.52
N ARG H 68 -13.00 13.43 52.32
CA ARG H 68 -14.29 13.19 52.94
C ARG H 68 -15.38 13.07 51.90
N ARG H 69 -15.33 13.92 50.87
CA ARG H 69 -16.32 13.82 49.82
C ARG H 69 -16.09 12.59 48.93
N ILE H 70 -14.83 12.14 48.80
CA ILE H 70 -14.56 10.88 48.11
C ILE H 70 -15.23 9.72 48.84
N LEU H 71 -15.00 9.62 50.15
CA LEU H 71 -15.53 8.49 50.91
C LEU H 71 -17.04 8.54 50.98
N TYR H 72 -17.62 9.72 51.15
CA TYR H 72 -19.07 9.76 51.28
C TYR H 72 -19.76 9.58 49.94
N GLY H 73 -19.17 10.05 48.84
CA GLY H 73 -19.75 9.79 47.54
C GLY H 73 -19.67 8.34 47.14
N MET H 74 -18.54 7.69 47.47
CA MET H 74 -18.43 6.28 47.16
C MET H 74 -19.27 5.43 48.10
N ASN H 75 -19.62 5.97 49.27
CA ASN H 75 -20.60 5.32 50.15
C ASN H 75 -21.99 5.41 49.56
N GLU H 76 -22.41 6.61 49.12
CA GLU H 76 -23.74 6.77 48.54
C GLU H 76 -23.89 6.05 47.21
N LEU H 77 -22.79 5.80 46.50
CA LEU H 77 -22.84 4.90 45.36
C LEU H 77 -22.81 3.45 45.78
N GLY H 78 -22.47 3.16 47.04
CA GLY H 78 -22.48 1.80 47.53
C GLY H 78 -21.35 0.94 47.03
N VAL H 79 -20.28 1.53 46.54
CA VAL H 79 -19.21 0.77 45.87
C VAL H 79 -18.31 0.25 46.99
N THR H 80 -18.73 -0.86 47.57
CA THR H 80 -18.11 -1.56 48.68
C THR H 80 -17.43 -2.81 48.14
N PRO H 81 -16.60 -3.52 48.95
CA PRO H 81 -15.98 -4.74 48.42
C PRO H 81 -16.88 -5.96 48.25
N ASP H 82 -18.20 -5.83 48.38
CA ASP H 82 -19.06 -6.93 47.95
C ASP H 82 -19.20 -6.97 46.44
N LYS H 83 -19.20 -5.81 45.80
CA LYS H 83 -19.21 -5.66 44.36
C LYS H 83 -17.78 -5.56 43.84
N PRO H 84 -17.56 -5.91 42.58
CA PRO H 84 -16.25 -5.66 41.98
C PRO H 84 -16.02 -4.17 41.74
N HIS H 85 -14.82 -3.86 41.29
CA HIS H 85 -14.35 -2.49 41.20
C HIS H 85 -15.09 -1.74 40.11
N LYS H 86 -15.36 -0.45 40.35
CA LYS H 86 -16.05 0.37 39.37
C LYS H 86 -15.13 1.46 38.83
N LYS H 87 -15.53 1.98 37.67
CA LYS H 87 -14.74 3.00 36.97
C LYS H 87 -14.70 4.29 37.77
N SER H 88 -13.48 4.78 38.02
CA SER H 88 -13.28 5.93 38.90
C SER H 88 -13.79 7.22 38.29
N ALA H 89 -13.92 7.28 36.97
CA ALA H 89 -14.44 8.48 36.31
C ALA H 89 -15.89 8.73 36.71
N ARG H 90 -16.67 7.67 36.87
CA ARG H 90 -18.06 7.82 37.27
C ARG H 90 -18.17 8.32 38.71
N ILE H 91 -17.27 7.83 39.57
CA ILE H 91 -17.23 8.27 40.96
C ILE H 91 -16.84 9.74 41.06
N THR H 92 -15.80 10.14 40.33
CA THR H 92 -15.40 11.55 40.35
C THR H 92 -16.44 12.44 39.66
N GLY H 93 -17.15 11.92 38.67
CA GLY H 93 -18.23 12.70 38.07
C GLY H 93 -19.40 12.89 39.02
N ASP H 94 -19.68 11.89 39.85
CA ASP H 94 -20.71 12.06 40.87
C ASP H 94 -20.24 12.98 41.98
N VAL H 95 -18.93 12.99 42.26
CA VAL H 95 -18.34 13.97 43.18
C VAL H 95 -18.53 15.38 42.64
N MET H 96 -18.27 15.57 41.35
CA MET H 96 -18.47 16.87 40.71
C MET H 96 -19.93 17.28 40.70
N GLY H 97 -20.83 16.35 40.42
CA GLY H 97 -22.24 16.65 40.36
C GLY H 97 -22.93 16.75 41.68
N LYS H 98 -22.31 16.31 42.77
CA LYS H 98 -22.96 16.39 44.07
C LYS H 98 -22.20 17.22 45.10
N TYR H 99 -20.91 16.99 45.30
CA TYR H 99 -20.24 17.49 46.50
C TYR H 99 -19.10 18.46 46.26
N HIS H 100 -18.29 18.27 45.22
CA HIS H 100 -17.03 19.02 45.22
C HIS H 100 -16.66 19.55 43.84
N PRO H 101 -17.06 20.78 43.50
CA PRO H 101 -16.86 21.32 42.13
C PRO H 101 -15.48 21.95 41.93
N HIS H 102 -14.49 21.11 41.65
CA HIS H 102 -13.10 21.55 41.53
C HIS H 102 -12.42 20.69 40.48
N GLY H 103 -11.09 20.64 40.53
CA GLY H 103 -10.32 19.97 39.48
C GLY H 103 -10.52 18.46 39.48
N ASP H 104 -10.86 17.94 38.30
CA ASP H 104 -11.07 16.50 38.14
C ASP H 104 -9.78 15.73 38.36
N SER H 105 -8.67 16.25 37.83
CA SER H 105 -7.38 15.62 38.07
C SER H 105 -6.91 15.78 39.50
N SER H 106 -7.37 16.81 40.22
CA SER H 106 -7.01 16.93 41.63
C SER H 106 -7.76 15.90 42.48
N ILE H 107 -9.05 15.72 42.20
CA ILE H 107 -9.83 14.68 42.88
C ILE H 107 -9.26 13.30 42.56
N TYR H 108 -8.86 13.08 41.31
CA TYR H 108 -8.26 11.81 40.97
C TYR H 108 -6.84 11.67 41.52
N GLU H 109 -6.15 12.78 41.77
CA GLU H 109 -4.86 12.73 42.47
C GLU H 109 -5.05 12.26 43.90
N ALA H 110 -6.10 12.74 44.56
CA ALA H 110 -6.42 12.23 45.90
C ALA H 110 -6.83 10.76 45.84
N MET H 111 -7.54 10.36 44.79
CA MET H 111 -7.88 8.96 44.58
C MET H 111 -6.65 8.08 44.44
N VAL H 112 -5.67 8.53 43.66
CA VAL H 112 -4.47 7.74 43.41
C VAL H 112 -3.59 7.68 44.64
N ARG H 113 -3.42 8.82 45.34
CA ARG H 113 -2.59 8.84 46.52
C ARG H 113 -3.19 8.03 47.67
N MET H 114 -4.52 8.02 47.78
CA MET H 114 -5.14 7.23 48.83
C MET H 114 -5.03 5.74 48.57
N ALA H 115 -5.06 5.32 47.30
CA ALA H 115 -5.14 3.92 46.95
C ALA H 115 -3.80 3.30 46.60
N GLN H 116 -2.72 3.72 47.28
CA GLN H 116 -1.41 3.14 47.09
C GLN H 116 -0.83 2.77 48.45
N TRP H 117 -0.23 1.58 48.52
CA TRP H 117 0.24 1.08 49.81
C TRP H 117 1.48 1.83 50.29
N TRP H 118 2.31 2.32 49.37
CA TRP H 118 3.52 3.05 49.78
C TRP H 118 3.25 4.54 49.93
N SER H 119 2.28 5.07 49.20
CA SER H 119 1.95 6.47 49.32
C SER H 119 1.09 6.75 50.53
N TYR H 120 0.47 5.70 51.09
CA TYR H 120 -0.56 5.88 52.10
C TYR H 120 -0.62 4.59 52.89
N ARG H 121 -0.64 4.70 54.22
CA ARG H 121 -0.34 3.56 55.09
C ARG H 121 -1.40 2.48 54.99
N TYR H 122 -2.64 2.79 55.33
CA TYR H 122 -3.73 1.84 55.22
C TYR H 122 -4.63 2.34 54.10
N MET H 123 -4.62 1.63 52.97
CA MET H 123 -5.31 2.08 51.77
C MET H 123 -6.81 2.08 51.99
N LEU H 124 -7.38 3.27 52.16
CA LEU H 124 -8.83 3.37 52.36
C LEU H 124 -9.58 2.97 51.11
N VAL H 125 -9.11 3.44 49.96
CA VAL H 125 -9.61 2.99 48.67
C VAL H 125 -8.71 1.85 48.20
N ASP H 126 -9.33 0.74 47.81
CA ASP H 126 -8.60 -0.30 47.11
C ASP H 126 -8.84 -0.13 45.62
N GLY H 127 -7.75 0.03 44.86
CA GLY H 127 -7.85 0.31 43.45
C GLY H 127 -7.72 -0.92 42.59
N HIS H 128 -7.73 -0.69 41.28
CA HIS H 128 -7.79 -1.77 40.30
C HIS H 128 -7.16 -1.22 39.02
N GLY H 129 -5.89 -1.51 38.82
CA GLY H 129 -5.16 -1.01 37.67
C GLY H 129 -3.84 -0.39 38.07
N ASN H 130 -3.15 0.14 37.06
CA ASN H 130 -1.86 0.79 37.29
C ASN H 130 -2.09 2.16 37.89
N PHE H 131 -1.52 2.38 39.07
CA PHE H 131 -1.55 3.69 39.71
C PHE H 131 -0.20 4.35 39.77
N GLY H 132 0.84 3.65 40.21
CA GLY H 132 2.15 4.24 40.24
C GLY H 132 3.19 3.24 40.72
N SER H 133 4.34 3.78 41.12
CA SER H 133 5.42 2.99 41.67
C SER H 133 6.12 3.82 42.73
N MET H 134 6.97 3.16 43.52
CA MET H 134 7.83 3.88 44.44
C MET H 134 8.90 4.69 43.71
N ASP H 135 9.20 4.33 42.46
CA ASP H 135 10.08 5.13 41.62
C ASP H 135 9.47 6.47 41.26
N GLY H 136 8.15 6.59 41.34
CA GLY H 136 7.45 7.80 40.96
C GLY H 136 6.80 7.64 39.62
N ASP H 137 5.51 7.28 39.64
CA ASP H 137 4.73 7.01 38.44
C ASP H 137 3.30 7.43 38.72
N SER H 138 2.57 7.73 37.66
CA SER H 138 1.20 8.20 37.77
C SER H 138 0.30 7.41 36.84
N ALA H 139 -0.98 7.30 37.23
CA ALA H 139 -1.97 6.78 36.31
C ALA H 139 -2.32 7.84 35.28
N ALA H 140 -2.92 7.39 34.17
CA ALA H 140 -3.19 8.30 33.06
C ALA H 140 -4.33 9.25 33.38
N ALA H 141 -5.52 8.72 33.62
CA ALA H 141 -6.67 9.55 33.98
C ALA H 141 -7.64 8.71 34.81
N GLN H 142 -8.78 9.33 35.12
CA GLN H 142 -9.79 8.72 35.96
C GLN H 142 -10.66 7.71 35.24
N ARG H 143 -10.54 7.62 33.92
CA ARG H 143 -11.38 6.74 33.11
C ARG H 143 -10.62 5.52 32.59
N TYR H 144 -9.40 5.29 33.06
CA TYR H 144 -8.61 4.15 32.65
C TYR H 144 -8.63 3.01 33.65
N THR H 145 -8.63 3.33 34.95
CA THR H 145 -8.55 2.34 36.01
C THR H 145 -9.77 2.42 36.92
N GLU H 146 -9.95 1.36 37.70
CA GLU H 146 -11.10 1.20 38.57
C GLU H 146 -10.70 1.31 40.03
N ALA H 147 -11.70 1.36 40.91
CA ALA H 147 -11.47 1.47 42.34
C ALA H 147 -12.74 1.05 43.07
N ARG H 148 -12.60 0.89 44.39
CA ARG H 148 -13.72 0.72 45.32
C ARG H 148 -13.19 1.01 46.71
N MET H 149 -14.08 0.97 47.70
CA MET H 149 -13.66 1.08 49.08
C MET H 149 -13.03 -0.22 49.56
N SER H 150 -12.05 -0.09 50.45
CA SER H 150 -11.42 -1.25 51.05
C SER H 150 -12.15 -1.59 52.35
N LYS H 151 -11.54 -2.46 53.15
CA LYS H 151 -12.18 -2.91 54.38
C LYS H 151 -12.13 -1.87 55.48
N ILE H 152 -11.44 -0.76 55.26
CA ILE H 152 -11.26 0.24 56.30
C ILE H 152 -12.23 1.40 56.10
N ALA H 153 -12.65 1.65 54.87
CA ALA H 153 -13.64 2.69 54.61
C ALA H 153 -15.01 2.26 55.09
N LEU H 154 -15.31 0.95 55.06
CA LEU H 154 -16.53 0.46 55.68
C LEU H 154 -16.51 0.64 57.18
N GLU H 155 -15.32 0.61 57.78
CA GLU H 155 -15.18 0.99 59.19
C GLU H 155 -15.44 2.47 59.39
N MET H 156 -14.86 3.30 58.52
CA MET H 156 -15.03 4.75 58.62
C MET H 156 -16.46 5.20 58.38
N LEU H 157 -17.25 4.39 57.69
CA LEU H 157 -18.62 4.73 57.34
C LEU H 157 -19.64 3.84 58.03
N ARG H 158 -19.19 2.96 58.92
CA ARG H 158 -20.13 2.18 59.71
C ARG H 158 -20.81 3.09 60.71
N ASP H 159 -22.15 3.02 60.74
CA ASP H 159 -23.02 3.86 61.55
C ASP H 159 -22.78 5.34 61.20
N ILE H 160 -23.14 5.68 59.98
CA ILE H 160 -23.19 7.06 59.54
C ILE H 160 -24.60 7.57 59.39
N ASN H 161 -25.55 6.73 58.99
CA ASN H 161 -26.87 7.16 58.57
C ASN H 161 -27.85 7.23 59.73
N LYS H 162 -27.35 7.45 60.94
CA LYS H 162 -28.11 7.23 62.15
C LYS H 162 -27.98 8.41 63.10
N ASN H 163 -28.13 9.63 62.56
CA ASN H 163 -28.00 10.89 63.31
C ASN H 163 -26.65 10.98 64.02
N THR H 164 -25.61 10.48 63.37
CA THR H 164 -24.32 10.35 64.03
C THR H 164 -23.52 11.63 63.91
N VAL H 165 -23.40 12.18 62.72
CA VAL H 165 -22.81 13.49 62.50
C VAL H 165 -23.79 14.32 61.68
N ASP H 166 -23.99 15.57 62.08
CA ASP H 166 -24.93 16.46 61.41
C ASP H 166 -24.51 16.74 59.98
N PHE H 167 -25.46 16.63 59.06
CA PHE H 167 -25.24 16.98 57.67
C PHE H 167 -25.33 18.48 57.47
N VAL H 168 -24.83 18.93 56.32
CA VAL H 168 -25.03 20.27 55.83
C VAL H 168 -25.46 20.19 54.38
N ASP H 169 -26.08 21.27 53.89
CA ASP H 169 -26.41 21.41 52.49
C ASP H 169 -25.19 21.94 51.75
N ASN H 170 -24.86 21.31 50.63
CA ASN H 170 -23.70 21.74 49.86
C ASN H 170 -24.12 22.78 48.82
N TYR H 171 -23.24 23.00 47.84
CA TYR H 171 -23.35 24.10 46.89
C TYR H 171 -24.54 23.98 45.96
N ASP H 172 -25.16 22.82 45.86
CA ASP H 172 -26.31 22.61 44.99
C ASP H 172 -27.64 22.56 45.74
N ALA H 173 -27.60 22.65 47.07
CA ALA H 173 -28.75 22.82 47.96
C ALA H 173 -29.79 21.70 47.85
N ASN H 174 -29.39 20.54 47.32
CA ASN H 174 -30.26 19.37 47.29
C ASN H 174 -29.56 18.17 47.89
N GLU H 175 -28.25 18.09 47.67
CA GLU H 175 -27.43 17.07 48.31
C GLU H 175 -27.08 17.50 49.72
N ARG H 176 -26.86 16.51 50.58
CA ARG H 176 -26.40 16.75 51.94
C ARG H 176 -25.09 16.01 52.13
N GLU H 177 -24.12 16.66 52.74
CA GLU H 177 -22.86 16.02 53.00
C GLU H 177 -22.56 16.02 54.50
N PRO H 178 -21.74 15.08 54.97
CA PRO H 178 -21.32 15.11 56.37
C PRO H 178 -20.24 16.14 56.65
N LEU H 179 -20.37 16.79 57.79
CA LEU H 179 -19.35 17.72 58.26
C LEU H 179 -18.03 17.02 58.51
N VAL H 180 -18.03 16.03 59.39
CA VAL H 180 -16.86 15.24 59.72
C VAL H 180 -17.27 13.77 59.71
N LEU H 181 -16.46 12.93 59.09
CA LEU H 181 -16.81 11.52 59.02
C LEU H 181 -16.73 10.89 60.40
N PRO H 182 -17.73 10.13 60.82
CA PRO H 182 -17.65 9.47 62.12
C PRO H 182 -16.62 8.37 62.07
N ALA H 183 -15.47 8.65 62.65
CA ALA H 183 -14.39 7.70 62.59
C ALA H 183 -14.57 6.62 63.63
N ARG H 184 -13.96 5.48 63.38
CA ARG H 184 -13.91 4.44 64.38
C ARG H 184 -12.49 4.12 64.80
N PHE H 185 -11.50 4.75 64.16
CA PHE H 185 -10.14 4.67 64.61
C PHE H 185 -9.55 6.03 64.29
N PRO H 186 -8.69 6.56 65.14
CA PRO H 186 -8.18 7.92 64.90
C PRO H 186 -7.18 7.94 63.76
N ASN H 187 -7.60 8.54 62.65
CA ASN H 187 -6.91 8.40 61.37
C ASN H 187 -5.78 9.40 61.20
N LEU H 188 -5.71 10.43 62.06
CA LEU H 188 -4.55 11.32 62.06
C LEU H 188 -3.28 10.57 62.35
N LEU H 189 -3.27 9.82 63.46
CA LEU H 189 -2.08 9.10 63.86
C LEU H 189 -1.76 7.99 62.88
N VAL H 190 -2.77 7.45 62.21
CA VAL H 190 -2.54 6.37 61.28
C VAL H 190 -1.94 6.89 59.99
N ASN H 191 -2.52 7.94 59.41
CA ASN H 191 -2.17 8.33 58.06
C ASN H 191 -1.48 9.67 57.94
N GLY H 192 -1.56 10.53 58.95
CA GLY H 192 -0.84 11.78 58.94
C GLY H 192 -1.50 12.84 58.08
N ALA H 193 -1.00 14.07 58.21
CA ALA H 193 -1.52 15.22 57.51
C ALA H 193 -0.39 15.94 56.79
N THR H 194 -0.36 15.85 55.47
CA THR H 194 0.59 16.64 54.70
C THR H 194 0.05 18.06 54.56
N GLY H 195 0.92 19.06 54.71
CA GLY H 195 0.44 20.42 54.80
C GLY H 195 1.02 21.44 53.85
N ILE H 196 0.17 22.32 53.34
CA ILE H 196 0.58 23.43 52.52
C ILE H 196 0.60 24.68 53.38
N ALA H 197 1.76 25.33 53.45
CA ALA H 197 1.93 26.54 54.23
C ALA H 197 1.45 27.74 53.42
N VAL H 198 0.49 28.47 53.96
CA VAL H 198 0.27 29.86 53.60
C VAL H 198 0.71 30.58 54.87
N GLY H 199 1.72 29.99 55.53
CA GLY H 199 2.23 30.39 56.81
C GLY H 199 2.29 29.20 57.74
N MET H 200 1.45 28.20 57.47
CA MET H 200 1.20 27.10 58.41
C MET H 200 1.10 25.80 57.63
N ALA H 201 2.08 24.91 57.82
CA ALA H 201 2.08 23.58 57.23
C ALA H 201 2.16 22.53 58.32
N THR H 202 1.90 21.28 57.94
CA THR H 202 1.77 20.22 58.93
C THR H 202 2.33 18.91 58.37
N ASN H 203 2.65 17.99 59.27
CA ASN H 203 3.48 16.83 58.94
C ASN H 203 2.76 15.52 59.23
N ILE H 204 3.44 14.43 58.88
CA ILE H 204 2.95 13.06 58.96
C ILE H 204 3.65 12.36 60.12
N PRO H 205 3.06 12.26 61.31
CA PRO H 205 3.42 11.14 62.18
C PRO H 205 2.53 9.94 61.92
N PRO H 206 3.02 8.92 61.24
CA PRO H 206 2.24 7.70 61.12
C PRO H 206 2.42 6.84 62.36
N HIS H 207 1.51 5.90 62.55
CA HIS H 207 1.55 5.09 63.75
C HIS H 207 1.05 3.69 63.46
N ASN H 208 1.52 2.74 64.27
CA ASN H 208 1.01 1.38 64.23
C ASN H 208 -0.37 1.38 64.86
N LEU H 209 -1.31 0.71 64.20
CA LEU H 209 -2.71 0.79 64.61
C LEU H 209 -2.95 0.17 65.98
N GLY H 210 -2.33 -0.97 66.25
CA GLY H 210 -2.61 -1.68 67.49
C GLY H 210 -2.06 -0.96 68.71
N GLU H 211 -0.82 -0.47 68.60
CA GLU H 211 -0.26 0.33 69.68
C GLU H 211 -1.01 1.63 69.86
N THR H 212 -1.54 2.18 68.76
CA THR H 212 -2.34 3.40 68.84
C THR H 212 -3.62 3.15 69.61
N ILE H 213 -4.30 2.04 69.32
CA ILE H 213 -5.53 1.69 69.99
C ILE H 213 -5.27 1.40 71.46
N ASP H 214 -4.14 0.76 71.77
CA ASP H 214 -3.77 0.54 73.16
C ASP H 214 -3.47 1.84 73.88
N ALA H 215 -2.88 2.80 73.16
CA ALA H 215 -2.66 4.13 73.73
C ALA H 215 -3.97 4.84 74.00
N VAL H 216 -4.93 4.68 73.09
CA VAL H 216 -6.27 5.24 73.29
C VAL H 216 -6.90 4.62 74.54
N LYS H 217 -6.73 3.32 74.72
CA LYS H 217 -7.29 2.63 75.88
C LYS H 217 -6.65 3.13 77.16
N LEU H 218 -5.34 3.32 77.17
CA LEU H 218 -4.67 3.75 78.40
C LEU H 218 -4.97 5.20 78.72
N VAL H 219 -5.13 6.04 77.69
CA VAL H 219 -5.51 7.43 77.94
C VAL H 219 -6.94 7.48 78.44
N MET H 220 -7.82 6.65 77.90
CA MET H 220 -9.21 6.67 78.33
C MET H 220 -9.37 6.07 79.72
N ASP H 221 -8.47 5.17 80.10
CA ASP H 221 -8.48 4.67 81.46
C ASP H 221 -7.95 5.71 82.43
N ASN H 222 -6.68 6.07 82.31
CA ASN H 222 -6.11 7.02 83.24
C ASN H 222 -6.09 8.39 82.59
N PRO H 223 -6.79 9.38 83.15
CA PRO H 223 -6.79 10.71 82.52
C PRO H 223 -5.46 11.45 82.60
N GLU H 224 -4.53 10.99 83.44
CA GLU H 224 -3.19 11.55 83.49
C GLU H 224 -2.18 10.42 83.31
N VAL H 225 -1.84 10.14 82.05
CA VAL H 225 -0.71 9.29 81.71
C VAL H 225 0.39 10.21 81.19
N THR H 226 1.60 10.03 81.70
CA THR H 226 2.71 10.82 81.21
C THR H 226 3.08 10.38 79.80
N THR H 227 3.62 11.33 79.02
CA THR H 227 3.96 11.06 77.63
C THR H 227 5.14 10.10 77.50
N LYS H 228 5.98 10.01 78.52
CA LYS H 228 6.96 8.93 78.56
C LYS H 228 6.27 7.58 78.65
N ASP H 229 5.20 7.49 79.42
CA ASP H 229 4.47 6.23 79.55
C ASP H 229 3.64 5.91 78.32
N LEU H 230 3.43 6.87 77.43
CA LEU H 230 2.81 6.58 76.15
C LEU H 230 3.84 6.34 75.06
N MET H 231 5.05 6.86 75.22
CA MET H 231 6.16 6.41 74.41
C MET H 231 6.57 4.99 74.77
N GLU H 232 6.29 4.57 76.01
CA GLU H 232 6.28 3.15 76.35
C GLU H 232 5.30 2.41 75.46
N VAL H 233 4.13 3.00 75.25
CA VAL H 233 3.15 2.39 74.35
C VAL H 233 3.55 2.62 72.91
N LEU H 234 3.58 3.87 72.49
CA LEU H 234 3.77 4.19 71.09
C LEU H 234 5.25 4.28 70.76
N PRO H 235 5.76 3.48 69.84
CA PRO H 235 7.13 3.67 69.39
C PRO H 235 7.25 4.95 68.58
N GLY H 236 6.39 5.09 67.57
CA GLY H 236 6.39 6.27 66.74
C GLY H 236 6.05 5.97 65.29
N PRO H 237 6.92 6.42 64.38
CA PRO H 237 6.57 6.40 62.95
C PRO H 237 6.54 5.03 62.31
N ASP H 238 5.34 4.52 62.07
CA ASP H 238 5.14 3.26 61.35
C ASP H 238 4.97 3.60 59.88
N PHE H 239 6.07 3.59 59.15
CA PHE H 239 6.06 3.98 57.75
C PHE H 239 5.40 2.93 56.87
N PRO H 240 4.83 3.34 55.74
CA PRO H 240 4.25 2.37 54.80
C PRO H 240 5.26 1.49 54.08
N THR H 241 6.54 1.84 54.08
CA THR H 241 7.56 0.98 53.49
C THR H 241 8.64 0.54 54.46
N GLY H 242 8.63 1.04 55.68
CA GLY H 242 9.69 0.67 56.61
C GLY H 242 10.92 1.55 56.45
N ALA H 243 11.63 1.71 57.56
CA ALA H 243 12.85 2.52 57.64
C ALA H 243 13.54 2.22 58.96
N LEU H 244 14.51 3.06 59.30
CA LEU H 244 15.11 3.14 60.62
C LEU H 244 14.94 4.56 61.14
N VAL H 245 14.51 4.70 62.38
CA VAL H 245 14.31 6.00 63.01
C VAL H 245 15.42 6.23 64.02
N MET H 246 16.21 7.26 63.78
CA MET H 246 17.21 7.72 64.73
C MET H 246 16.66 8.89 65.52
N GLY H 247 16.87 8.86 66.82
CA GLY H 247 16.50 9.96 67.68
C GLY H 247 15.22 9.72 68.43
N LYS H 248 15.35 9.30 69.70
CA LYS H 248 14.18 9.22 70.54
C LYS H 248 13.95 10.54 71.26
N SER H 249 14.97 11.40 71.28
CA SER H 249 14.83 12.74 71.85
C SER H 249 13.89 13.59 71.03
N GLY H 250 14.04 13.57 69.69
CA GLY H 250 13.13 14.30 68.83
C GLY H 250 11.72 13.73 68.84
N ILE H 251 11.62 12.41 69.01
CA ILE H 251 10.32 11.77 69.21
C ILE H 251 9.66 12.28 70.48
N HIS H 252 10.41 12.37 71.57
CA HIS H 252 9.86 12.84 72.84
C HIS H 252 9.46 14.30 72.75
N LYS H 253 10.29 15.12 72.09
CA LYS H 253 9.97 16.51 71.80
C LYS H 253 8.69 16.63 70.98
N ALA H 254 8.51 15.74 70.00
CA ALA H 254 7.35 15.81 69.12
C ALA H 254 6.06 15.46 69.86
N TYR H 255 6.05 14.36 70.60
CA TYR H 255 4.82 14.00 71.28
C TYR H 255 4.62 14.75 72.59
N GLU H 256 5.57 15.61 72.99
CA GLU H 256 5.26 16.58 74.03
C GLU H 256 4.71 17.88 73.46
N THR H 257 5.45 18.54 72.58
CA THR H 257 5.12 19.89 72.15
C THR H 257 4.47 19.96 70.79
N GLY H 258 4.73 19.01 69.91
CA GLY H 258 4.17 19.05 68.58
C GLY H 258 5.22 19.31 67.55
N LYS H 259 6.10 20.27 67.82
CA LYS H 259 7.20 20.57 66.92
C LYS H 259 8.40 19.72 67.27
N GLY H 260 9.09 19.24 66.24
CA GLY H 260 10.30 18.48 66.45
C GLY H 260 10.82 17.96 65.12
N SER H 261 11.89 17.19 65.21
CA SER H 261 12.39 16.49 64.04
C SER H 261 13.09 15.22 64.48
N ILE H 262 12.91 14.17 63.69
CA ILE H 262 13.62 12.92 63.88
C ILE H 262 14.49 12.69 62.65
N VAL H 263 15.31 11.66 62.70
CA VAL H 263 16.21 11.35 61.60
C VAL H 263 15.80 10.02 61.01
N LEU H 264 15.86 9.90 59.69
CA LEU H 264 15.45 8.69 59.01
C LEU H 264 16.67 8.08 58.34
N ARG H 265 17.18 7.01 58.92
CA ARG H 265 18.27 6.20 58.36
C ARG H 265 17.68 4.94 57.76
N SER H 266 18.01 4.67 56.51
CA SER H 266 17.46 3.51 55.80
C SER H 266 17.96 2.20 56.40
N ARG H 267 17.18 1.14 56.20
CA ARG H 267 17.61 -0.19 56.62
C ARG H 267 18.72 -0.66 55.69
N THR H 268 19.95 -0.38 56.10
CA THR H 268 21.15 -0.72 55.37
C THR H 268 21.97 -1.68 56.21
N GLU H 269 22.67 -2.59 55.55
CA GLU H 269 23.54 -3.50 56.27
C GLU H 269 24.79 -3.76 55.44
N ILE H 270 25.89 -4.01 56.14
CA ILE H 270 27.19 -4.24 55.52
C ILE H 270 27.45 -5.74 55.53
N GLU H 271 27.62 -6.30 54.33
CA GLU H 271 27.83 -7.74 54.17
C GLU H 271 29.15 -7.93 53.43
N THR H 272 30.11 -8.54 54.12
CA THR H 272 31.45 -8.69 53.58
C THR H 272 31.56 -10.02 52.84
N THR H 273 31.96 -9.94 51.57
CA THR H 273 32.18 -11.15 50.78
C THR H 273 33.48 -11.82 51.20
N LYS H 274 33.57 -13.12 50.91
CA LYS H 274 34.83 -13.83 51.11
C LYS H 274 35.89 -13.36 50.11
N THR H 275 35.46 -12.89 48.94
CA THR H 275 36.37 -12.31 47.96
C THR H 275 37.02 -11.05 48.49
N GLY H 276 36.23 -10.12 49.02
CA GLY H 276 36.77 -8.94 49.65
C GLY H 276 36.01 -7.65 49.35
N ARG H 277 35.32 -7.62 48.22
CA ARG H 277 34.58 -6.44 47.80
C ARG H 277 33.24 -6.41 48.54
N GLU H 278 33.13 -5.52 49.52
CA GLU H 278 32.03 -5.55 50.47
C GLU H 278 30.71 -5.07 49.83
N ARG H 279 29.65 -5.18 50.61
CA ARG H 279 28.28 -5.10 50.12
C ARG H 279 27.47 -4.20 51.03
N ILE H 280 26.70 -3.29 50.45
CA ILE H 280 25.71 -2.53 51.20
C ILE H 280 24.34 -2.96 50.69
N VAL H 281 23.60 -3.67 51.53
CA VAL H 281 22.25 -4.10 51.21
C VAL H 281 21.31 -3.06 51.81
N VAL H 282 20.62 -2.33 50.93
CA VAL H 282 19.64 -1.33 51.34
C VAL H 282 18.27 -1.87 50.98
N THR H 283 17.38 -1.90 51.97
CA THR H 283 16.06 -2.48 51.76
C THR H 283 14.90 -1.56 52.08
N GLU H 284 15.10 -0.50 52.87
CA GLU H 284 13.98 0.34 53.31
C GLU H 284 14.35 1.82 53.21
N PHE H 285 14.12 2.41 52.04
CA PHE H 285 14.19 3.85 51.89
C PHE H 285 13.12 4.54 52.74
N PRO H 286 13.39 5.77 53.24
CA PRO H 286 12.47 6.38 54.19
C PRO H 286 11.18 6.89 53.57
N TYR H 287 10.37 7.56 54.39
CA TYR H 287 9.02 7.96 54.01
C TYR H 287 9.02 9.00 52.90
N MET H 288 8.33 8.66 51.81
CA MET H 288 8.16 9.52 50.62
C MET H 288 9.50 9.97 50.04
N VAL H 289 10.39 9.00 49.86
CA VAL H 289 11.65 9.22 49.17
C VAL H 289 11.69 8.29 47.97
N ASN H 290 12.04 8.85 46.81
CA ASN H 290 12.19 8.09 45.58
C ASN H 290 13.34 7.09 45.71
N LYS H 291 13.22 5.99 44.96
CA LYS H 291 14.32 5.07 44.73
C LYS H 291 15.23 5.56 43.62
N THR H 292 14.62 5.91 42.48
CA THR H 292 15.36 6.19 41.25
C THR H 292 16.19 7.46 41.40
N LYS H 293 15.63 8.48 42.05
CA LYS H 293 16.36 9.72 42.26
C LYS H 293 17.54 9.51 43.18
N VAL H 294 17.39 8.64 44.18
CA VAL H 294 18.49 8.39 45.11
C VAL H 294 19.60 7.59 44.44
N HIS H 295 19.25 6.59 43.62
CA HIS H 295 20.28 5.82 42.92
C HIS H 295 20.99 6.66 41.85
N GLU H 296 20.25 7.52 41.15
CA GLU H 296 20.88 8.44 40.22
C GLU H 296 21.74 9.47 40.94
N HIS H 297 21.34 9.89 42.14
CA HIS H 297 22.16 10.79 42.94
C HIS H 297 23.42 10.10 43.43
N ILE H 298 23.34 8.81 43.72
CA ILE H 298 24.54 8.06 44.14
C ILE H 298 25.50 7.90 42.98
N VAL H 299 25.00 7.55 41.79
CA VAL H 299 25.86 7.42 40.61
C VAL H 299 26.46 8.77 40.23
N ARG H 300 25.68 9.84 40.41
CA ARG H 300 26.19 11.18 40.15
C ARG H 300 27.27 11.57 41.15
N LEU H 301 27.09 11.22 42.43
CA LEU H 301 28.12 11.47 43.45
C LEU H 301 29.37 10.62 43.22
N VAL H 302 29.23 9.47 42.56
CA VAL H 302 30.40 8.77 42.08
C VAL H 302 31.08 9.59 40.99
N GLN H 303 30.30 10.12 40.05
CA GLN H 303 30.87 10.90 38.97
C GLN H 303 31.02 12.39 39.30
N GLU H 304 30.53 12.84 40.46
CA GLU H 304 30.95 14.14 40.96
C GLU H 304 32.29 14.08 41.67
N LYS H 305 32.70 12.87 42.08
CA LYS H 305 34.06 12.55 42.49
C LYS H 305 34.49 13.29 43.75
N ARG H 306 33.54 13.55 44.65
CA ARG H 306 33.91 14.11 45.94
C ARG H 306 34.50 13.03 46.85
N ILE H 307 33.90 11.84 46.84
CA ILE H 307 34.43 10.68 47.55
C ILE H 307 34.23 9.45 46.67
N GLU H 308 35.16 8.51 46.77
CA GLU H 308 35.20 7.31 45.95
C GLU H 308 35.10 6.07 46.83
N GLY H 309 35.08 4.91 46.18
CA GLY H 309 34.95 3.63 46.85
C GLY H 309 33.75 2.82 46.42
N ILE H 310 32.73 3.46 45.86
CA ILE H 310 31.57 2.75 45.34
C ILE H 310 31.95 2.13 44.00
N THR H 311 31.77 0.81 43.88
CA THR H 311 32.00 0.17 42.60
C THR H 311 30.82 0.38 41.67
N ALA H 312 29.64 -0.12 42.06
CA ALA H 312 28.48 -0.07 41.20
C ALA H 312 27.22 -0.16 42.05
N VAL H 313 26.08 -0.08 41.37
CA VAL H 313 24.75 -0.19 41.99
C VAL H 313 23.95 -1.22 41.21
N ARG H 314 23.41 -2.21 41.92
CA ARG H 314 22.54 -3.21 41.30
C ARG H 314 21.11 -2.96 41.76
N ASP H 315 20.25 -2.60 40.81
CA ASP H 315 18.81 -2.46 41.01
C ASP H 315 18.16 -3.73 40.48
N GLU H 316 18.10 -4.76 41.33
CA GLU H 316 17.80 -6.12 40.91
C GLU H 316 16.33 -6.48 41.08
N SER H 317 15.42 -5.52 40.88
CA SER H 317 14.00 -5.81 40.91
C SER H 317 13.28 -4.93 39.90
N ASN H 318 12.19 -5.47 39.35
CA ASN H 318 11.30 -4.74 38.46
C ASN H 318 10.20 -4.07 39.28
N ARG H 319 9.40 -4.88 39.96
CA ARG H 319 8.39 -4.39 40.89
C ARG H 319 8.34 -5.16 42.20
N GLU H 320 9.00 -6.32 42.30
CA GLU H 320 8.76 -7.27 43.36
C GLU H 320 9.99 -7.40 44.24
N GLY H 321 9.80 -7.13 45.54
CA GLY H 321 10.86 -7.25 46.52
C GLY H 321 11.75 -6.03 46.54
N VAL H 322 11.93 -5.44 47.72
CA VAL H 322 12.74 -4.23 47.86
C VAL H 322 13.97 -4.62 48.64
N ARG H 323 15.00 -5.04 47.91
CA ARG H 323 16.31 -5.37 48.45
C ARG H 323 17.33 -5.09 47.36
N PHE H 324 18.22 -4.13 47.61
CA PHE H 324 19.08 -3.64 46.53
C PHE H 324 20.53 -3.54 47.02
N VAL H 325 21.44 -4.02 46.19
CA VAL H 325 22.84 -4.19 46.52
C VAL H 325 23.63 -3.07 45.84
N ILE H 326 24.38 -2.32 46.63
CA ILE H 326 25.37 -1.39 46.12
C ILE H 326 26.75 -1.83 46.63
N GLU H 327 27.69 -1.98 45.70
CA GLU H 327 28.95 -2.64 45.96
C GLU H 327 30.00 -1.63 46.39
N VAL H 328 30.77 -1.99 47.43
CA VAL H 328 31.97 -1.26 47.81
C VAL H 328 33.15 -2.13 47.42
N LYS H 329 34.19 -1.51 46.85
CA LYS H 329 35.32 -2.22 46.28
C LYS H 329 36.16 -2.90 47.35
N ARG H 330 37.18 -3.62 46.89
CA ARG H 330 38.18 -4.18 47.77
C ARG H 330 38.97 -3.05 48.44
N ASP H 331 39.37 -3.30 49.70
CA ASP H 331 40.20 -2.40 50.51
C ASP H 331 39.49 -1.07 50.75
N ALA H 332 38.25 -1.16 51.23
CA ALA H 332 37.47 0.01 51.61
C ALA H 332 36.41 -0.44 52.60
N SER H 333 36.51 0.06 53.83
CA SER H 333 35.52 -0.27 54.86
C SER H 333 34.19 0.40 54.51
N ALA H 334 33.16 -0.43 54.28
CA ALA H 334 31.90 0.07 53.76
C ALA H 334 31.09 0.86 54.79
N ASN H 335 31.51 0.88 56.05
CA ASN H 335 30.85 1.76 57.01
C ASN H 335 31.23 3.22 56.77
N VAL H 336 32.42 3.47 56.22
CA VAL H 336 32.81 4.82 55.82
C VAL H 336 31.95 5.30 54.67
N ILE H 337 31.78 4.44 53.65
CA ILE H 337 30.93 4.74 52.51
C ILE H 337 29.47 4.87 52.96
N LEU H 338 29.07 4.09 53.96
CA LEU H 338 27.71 4.11 54.45
C LEU H 338 27.40 5.40 55.18
N ASN H 339 28.33 5.84 56.05
CA ASN H 339 28.19 7.14 56.71
C ASN H 339 28.22 8.29 55.73
N ASN H 340 28.99 8.17 54.65
CA ASN H 340 29.06 9.26 53.68
C ASN H 340 27.83 9.33 52.79
N LEU H 341 27.26 8.19 52.43
CA LEU H 341 25.98 8.20 51.71
C LEU H 341 24.84 8.63 52.61
N PHE H 342 24.96 8.41 53.92
CA PHE H 342 23.99 8.94 54.86
C PHE H 342 24.14 10.46 54.99
N LYS H 343 25.37 10.96 54.92
CA LYS H 343 25.60 12.39 54.97
C LYS H 343 25.09 13.09 53.72
N MET H 344 25.33 12.52 52.55
CA MET H 344 25.06 13.20 51.29
C MET H 344 23.64 12.95 50.77
N THR H 345 23.29 11.69 50.55
CA THR H 345 22.13 11.34 49.73
C THR H 345 20.84 11.53 50.50
N GLN H 346 19.73 11.16 49.86
CA GLN H 346 18.44 11.07 50.52
C GLN H 346 18.19 9.65 51.03
N MET H 347 19.16 9.12 51.75
CA MET H 347 19.06 7.80 52.36
C MET H 347 18.94 7.88 53.87
N GLN H 348 19.63 8.84 54.49
CA GLN H 348 19.36 9.26 55.85
C GLN H 348 19.09 10.75 55.82
N THR H 349 17.84 11.12 56.05
CA THR H 349 17.35 12.49 55.96
C THR H 349 16.86 12.96 57.33
N ASN H 350 16.49 14.24 57.38
CA ASN H 350 15.70 14.74 58.49
C ASN H 350 14.23 14.59 58.16
N PHE H 351 13.41 14.63 59.20
CA PHE H 351 11.97 14.62 58.99
C PHE H 351 11.32 15.35 60.14
N GLY H 352 10.62 16.43 59.83
CA GLY H 352 10.01 17.24 60.86
C GLY H 352 8.63 16.73 61.24
N PHE H 353 8.30 16.93 62.50
CA PHE H 353 6.95 16.74 63.03
C PHE H 353 6.41 18.08 63.45
N ASN H 354 5.22 18.42 62.96
CA ASN H 354 4.49 19.59 63.43
C ASN H 354 3.00 19.25 63.30
N MET H 355 2.43 18.74 64.38
CA MET H 355 1.07 18.19 64.36
C MET H 355 0.08 19.35 64.44
N LEU H 356 -0.23 19.89 63.29
CA LEU H 356 -1.11 21.04 63.12
C LEU H 356 -2.38 20.60 62.40
N ALA H 357 -3.53 20.81 63.04
CA ALA H 357 -4.79 20.40 62.43
C ALA H 357 -5.92 21.23 63.03
N ILE H 358 -7.12 21.03 62.50
CA ILE H 358 -8.28 21.84 62.86
C ILE H 358 -8.94 21.25 64.10
N GLN H 359 -8.96 22.01 65.18
CA GLN H 359 -9.77 21.67 66.33
C GLN H 359 -10.69 22.85 66.61
N ASN H 360 -11.98 22.56 66.81
CA ASN H 360 -13.02 23.54 67.11
C ASN H 360 -13.14 24.63 66.05
N GLY H 361 -12.70 24.37 64.83
CA GLY H 361 -12.75 25.34 63.76
C GLY H 361 -11.48 26.16 63.57
N ILE H 362 -10.47 26.02 64.43
CA ILE H 362 -9.25 26.78 64.22
C ILE H 362 -8.08 25.83 63.99
N PRO H 363 -7.05 26.22 63.25
CA PRO H 363 -5.85 25.38 63.17
C PRO H 363 -5.00 25.57 64.42
N LYS H 364 -4.54 24.45 64.98
CA LYS H 364 -3.70 24.48 66.16
C LYS H 364 -2.65 23.40 66.07
N ILE H 365 -1.49 23.70 66.65
CA ILE H 365 -0.45 22.71 66.87
C ILE H 365 -0.82 21.94 68.13
N LEU H 366 -1.04 20.64 67.99
CA LEU H 366 -1.54 19.84 69.09
C LEU H 366 -0.60 18.68 69.39
N SER H 367 -0.61 18.26 70.64
CA SER H 367 0.26 17.18 71.07
C SER H 367 -0.42 15.83 70.92
N LEU H 368 0.35 14.77 71.18
CA LEU H 368 -0.18 13.41 71.13
C LEU H 368 -1.25 13.18 72.17
N ARG H 369 -1.06 13.78 73.36
CA ARG H 369 -2.09 13.77 74.38
C ARG H 369 -3.36 14.44 73.90
N GLN H 370 -3.22 15.59 73.25
CA GLN H 370 -4.37 16.41 72.88
C GLN H 370 -5.15 15.80 71.73
N ILE H 371 -4.45 15.21 70.76
CA ILE H 371 -5.09 14.48 69.67
C ILE H 371 -5.97 13.37 70.21
N LEU H 372 -5.46 12.63 71.17
CA LEU H 372 -6.20 11.47 71.65
C LEU H 372 -7.27 11.84 72.64
N ASP H 373 -7.07 12.92 73.42
CA ASP H 373 -8.15 13.44 74.25
C ASP H 373 -9.32 13.91 73.38
N ALA H 374 -9.01 14.62 72.28
CA ALA H 374 -10.06 15.09 71.39
C ALA H 374 -10.73 13.93 70.67
N TYR H 375 -9.97 12.91 70.29
CA TYR H 375 -10.55 11.76 69.63
C TYR H 375 -11.47 10.98 70.57
N ILE H 376 -11.08 10.84 71.83
CA ILE H 376 -11.93 10.16 72.80
C ILE H 376 -13.20 10.96 73.06
N GLU H 377 -13.10 12.29 73.11
CA GLU H 377 -14.29 13.12 73.21
C GLU H 377 -15.20 12.95 72.00
N HIS H 378 -14.61 12.83 70.81
CA HIS H 378 -15.42 12.65 69.61
C HIS H 378 -16.10 11.29 69.58
N GLN H 379 -15.41 10.26 70.07
CA GLN H 379 -16.07 8.95 70.09
C GLN H 379 -17.14 8.88 71.17
N LYS H 380 -16.98 9.64 72.26
CA LYS H 380 -18.07 9.79 73.21
C LYS H 380 -19.27 10.45 72.56
N GLU H 381 -19.03 11.48 71.75
CA GLU H 381 -20.12 12.12 71.01
C GLU H 381 -20.78 11.16 70.03
N VAL H 382 -19.97 10.35 69.33
CA VAL H 382 -20.50 9.38 68.36
C VAL H 382 -21.37 8.35 69.06
N VAL H 383 -20.90 7.84 70.18
CA VAL H 383 -21.62 6.79 70.91
C VAL H 383 -22.91 7.33 71.50
N VAL H 384 -22.87 8.53 72.08
CA VAL H 384 -24.06 9.12 72.65
C VAL H 384 -25.10 9.41 71.56
N ARG H 385 -24.67 9.90 70.40
CA ARG H 385 -25.64 10.20 69.35
C ARG H 385 -26.21 8.93 68.73
N ARG H 386 -25.38 7.89 68.54
CA ARG H 386 -25.90 6.65 67.98
C ARG H 386 -26.85 5.97 68.96
N THR H 387 -26.52 6.01 70.25
CA THR H 387 -27.36 5.42 71.27
C THR H 387 -28.68 6.17 71.39
N ARG H 388 -28.64 7.50 71.31
CA ARG H 388 -29.89 8.25 71.32
C ARG H 388 -30.72 8.00 70.08
N PHE H 389 -30.07 7.75 68.93
CA PHE H 389 -30.84 7.45 67.73
C PHE H 389 -31.54 6.11 67.84
N ASP H 390 -30.83 5.10 68.31
CA ASP H 390 -31.48 3.79 68.44
C ASP H 390 -32.51 3.80 69.55
N LYS H 391 -32.34 4.63 70.57
CA LYS H 391 -33.39 4.80 71.57
C LYS H 391 -34.61 5.50 70.98
N GLU H 392 -34.39 6.46 70.07
CA GLU H 392 -35.49 7.09 69.35
C GLU H 392 -36.25 6.08 68.50
N LYS H 393 -35.52 5.25 67.76
CA LYS H 393 -36.15 4.28 66.87
C LYS H 393 -36.92 3.23 67.65
N ALA H 394 -36.28 2.63 68.65
CA ALA H 394 -36.95 1.65 69.48
C ALA H 394 -38.07 2.26 70.32
N GLU H 395 -37.93 3.54 70.68
CA GLU H 395 -38.97 4.18 71.48
C GLU H 395 -40.19 4.49 70.63
N ALA H 396 -39.98 4.86 69.37
CA ALA H 396 -41.10 5.05 68.46
C ALA H 396 -41.79 3.73 68.15
N ARG H 397 -41.01 2.66 67.99
CA ARG H 397 -41.62 1.36 67.73
C ARG H 397 -42.36 0.85 68.96
N ALA H 398 -41.82 1.10 70.15
CA ALA H 398 -42.51 0.73 71.38
C ALA H 398 -43.73 1.59 71.62
N HIS H 399 -43.72 2.83 71.13
CA HIS H 399 -44.89 3.69 71.21
C HIS H 399 -46.03 3.15 70.33
N ILE H 400 -45.68 2.76 69.10
CA ILE H 400 -46.68 2.17 68.20
C ILE H 400 -47.18 0.84 68.75
N LEU H 401 -46.26 0.05 69.29
CA LEU H 401 -46.64 -1.26 69.81
C LEU H 401 -47.44 -1.13 71.11
N GLU H 402 -47.21 -0.06 71.87
CA GLU H 402 -48.02 0.22 73.04
C GLU H 402 -49.42 0.66 72.65
N GLY H 403 -49.54 1.43 71.57
CA GLY H 403 -50.86 1.77 71.05
C GLY H 403 -51.63 0.54 70.61
N LEU H 404 -50.96 -0.38 69.91
CA LEU H 404 -51.60 -1.64 69.57
C LEU H 404 -51.87 -2.50 70.80
N LEU H 405 -51.06 -2.35 71.85
CA LEU H 405 -51.30 -3.12 73.07
C LEU H 405 -52.52 -2.60 73.81
N ILE H 406 -52.72 -1.28 73.80
CA ILE H 406 -53.95 -0.69 74.35
C ILE H 406 -55.15 -1.08 73.50
N ALA H 407 -54.96 -1.23 72.19
CA ALA H 407 -56.01 -1.79 71.34
C ALA H 407 -56.34 -3.22 71.73
N LEU H 408 -55.33 -4.01 72.07
CA LEU H 408 -55.54 -5.36 72.56
C LEU H 408 -56.15 -5.40 73.95
N ASP H 409 -56.02 -4.31 74.72
CA ASP H 409 -56.60 -4.25 76.05
C ASP H 409 -58.13 -4.25 75.97
N HIS H 410 -58.68 -3.21 75.36
CA HIS H 410 -60.13 -3.07 75.20
C HIS H 410 -60.40 -3.15 73.70
N ILE H 411 -60.52 -4.37 73.19
CA ILE H 411 -60.80 -4.56 71.77
C ILE H 411 -62.24 -4.17 71.46
N ASP H 412 -63.15 -4.45 72.39
CA ASP H 412 -64.57 -4.34 72.13
C ASP H 412 -65.01 -2.89 71.99
N GLU H 413 -64.42 -2.00 72.78
CA GLU H 413 -64.76 -0.58 72.67
C GLU H 413 -64.24 -0.01 71.36
N VAL H 414 -63.08 -0.45 70.93
CA VAL H 414 -62.50 -0.01 69.66
C VAL H 414 -63.38 -0.46 68.50
N ILE H 415 -63.82 -1.72 68.55
CA ILE H 415 -64.73 -2.25 67.52
C ILE H 415 -66.06 -1.51 67.55
N ARG H 416 -66.55 -1.20 68.74
CA ARG H 416 -67.81 -0.47 68.90
C ARG H 416 -67.73 0.94 68.32
N ILE H 417 -66.57 1.58 68.45
CA ILE H 417 -66.40 2.91 67.86
C ILE H 417 -66.20 2.83 66.34
N ILE H 418 -65.48 1.80 65.86
CA ILE H 418 -65.30 1.61 64.42
C ILE H 418 -66.63 1.33 63.73
N ARG H 419 -67.48 0.52 64.36
CA ARG H 419 -68.82 0.28 63.84
C ARG H 419 -69.69 1.52 63.93
N ALA H 420 -69.42 2.41 64.87
CA ALA H 420 -70.13 3.67 64.98
C ALA H 420 -69.46 4.78 64.20
N SER H 421 -68.37 4.51 63.51
CA SER H 421 -67.65 5.52 62.77
C SER H 421 -68.27 5.72 61.39
N GLU H 422 -67.91 6.82 60.76
CA GLU H 422 -68.35 7.13 59.40
C GLU H 422 -67.18 7.40 58.48
N THR H 423 -66.14 8.06 58.97
CA THR H 423 -64.90 8.28 58.24
C THR H 423 -63.73 7.76 59.08
N ASP H 424 -62.57 7.63 58.43
CA ASP H 424 -61.38 7.17 59.14
C ASP H 424 -60.87 8.22 60.10
N ALA H 425 -61.00 9.50 59.72
CA ALA H 425 -60.60 10.59 60.59
C ALA H 425 -61.46 10.63 61.85
N GLU H 426 -62.77 10.38 61.69
CA GLU H 426 -63.66 10.28 62.84
C GLU H 426 -63.26 9.13 63.75
N ALA H 427 -62.92 7.99 63.16
CA ALA H 427 -62.57 6.81 63.94
C ALA H 427 -61.30 7.04 64.74
N GLN H 428 -60.27 7.61 64.10
CA GLN H 428 -59.03 7.85 64.81
C GLN H 428 -59.17 8.96 65.84
N ALA H 429 -60.01 9.97 65.56
CA ALA H 429 -60.23 11.04 66.53
C ALA H 429 -60.98 10.53 67.75
N GLU H 430 -61.98 9.68 67.55
CA GLU H 430 -62.72 9.15 68.68
C GLU H 430 -61.92 8.14 69.48
N LEU H 431 -61.03 7.39 68.81
CA LEU H 431 -60.13 6.50 69.55
C LEU H 431 -59.12 7.28 70.38
N MET H 432 -58.54 8.34 69.80
CA MET H 432 -57.62 9.19 70.55
C MET H 432 -58.34 9.94 71.66
N SER H 433 -59.62 10.22 71.49
CA SER H 433 -60.39 10.88 72.55
C SER H 433 -60.74 9.90 73.67
N LYS H 434 -60.99 8.65 73.32
CA LYS H 434 -61.49 7.70 74.30
C LYS H 434 -60.39 6.99 75.05
N PHE H 435 -59.24 6.75 74.42
CA PHE H 435 -58.18 6.00 75.07
C PHE H 435 -56.86 6.75 75.10
N LYS H 436 -56.88 8.07 74.89
CA LYS H 436 -55.73 8.98 75.05
C LYS H 436 -54.58 8.57 74.12
N LEU H 437 -54.89 8.44 72.84
CA LEU H 437 -53.98 7.85 71.89
C LEU H 437 -53.32 8.92 71.02
N SER H 438 -52.36 8.49 70.22
CA SER H 438 -51.68 9.37 69.29
C SER H 438 -52.22 9.15 67.88
N GLU H 439 -51.77 9.99 66.95
CA GLU H 439 -52.09 9.78 65.54
C GLU H 439 -51.42 8.52 65.02
N ARG H 440 -50.16 8.30 65.42
CA ARG H 440 -49.45 7.08 65.03
C ARG H 440 -50.13 5.86 65.62
N GLN H 441 -50.53 5.95 66.90
CA GLN H 441 -51.22 4.85 67.56
C GLN H 441 -52.56 4.57 66.92
N SER H 442 -53.33 5.61 66.60
CA SER H 442 -54.64 5.40 66.02
C SER H 442 -54.57 4.89 64.59
N GLN H 443 -53.56 5.33 63.82
CA GLN H 443 -53.36 4.76 62.49
C GLN H 443 -52.94 3.30 62.56
N ALA H 444 -52.13 2.95 63.56
CA ALA H 444 -51.74 1.55 63.73
C ALA H 444 -52.92 0.69 64.13
N ILE H 445 -53.83 1.23 64.95
CA ILE H 445 -55.02 0.49 65.34
C ILE H 445 -55.96 0.31 64.16
N LEU H 446 -56.22 1.38 63.40
CA LEU H 446 -57.10 1.28 62.26
C LEU H 446 -56.48 0.56 61.06
N ASP H 447 -55.18 0.28 61.11
CA ASP H 447 -54.55 -0.58 60.12
C ASP H 447 -54.11 -1.91 60.71
N MET H 448 -54.52 -2.22 61.94
CA MET H 448 -54.19 -3.49 62.55
C MET H 448 -54.98 -4.62 61.90
N ARG H 449 -54.29 -5.71 61.61
CA ARG H 449 -54.91 -6.83 60.92
C ARG H 449 -55.68 -7.70 61.91
N LEU H 450 -56.86 -8.15 61.48
CA LEU H 450 -57.78 -8.86 62.36
C LEU H 450 -57.24 -10.22 62.77
N ARG H 451 -56.37 -10.81 61.93
CA ARG H 451 -55.68 -12.04 62.26
C ARG H 451 -54.78 -11.88 63.47
N ARG H 452 -54.31 -10.66 63.71
CA ARG H 452 -53.53 -10.32 64.90
C ARG H 452 -54.40 -10.13 66.15
N LEU H 453 -55.70 -10.44 66.07
CA LEU H 453 -56.59 -10.39 67.24
C LEU H 453 -56.72 -11.73 67.93
N THR H 454 -55.59 -12.39 68.24
CA THR H 454 -55.60 -13.68 68.90
C THR H 454 -54.57 -13.69 70.01
N GLY H 455 -54.75 -14.64 70.93
CA GLY H 455 -53.78 -14.83 72.00
C GLY H 455 -52.47 -15.40 71.50
N LEU H 456 -52.49 -16.05 70.34
CA LEU H 456 -51.24 -16.47 69.69
C LEU H 456 -50.48 -15.29 69.13
N GLU H 457 -51.15 -14.17 68.89
CA GLU H 457 -50.51 -12.95 68.44
C GLU H 457 -50.30 -11.94 69.56
N ARG H 458 -51.17 -11.93 70.58
CA ARG H 458 -50.95 -11.06 71.73
C ARG H 458 -49.71 -11.47 72.51
N ASP H 459 -49.39 -12.76 72.50
CA ASP H 459 -48.16 -13.24 73.14
C ASP H 459 -46.93 -12.68 72.45
N LYS H 460 -46.92 -12.69 71.12
CA LYS H 460 -45.77 -12.21 70.36
C LYS H 460 -45.60 -10.70 70.52
N ILE H 461 -46.71 -9.96 70.48
CA ILE H 461 -46.68 -8.52 70.67
C ILE H 461 -46.23 -8.16 72.07
N GLN H 462 -46.73 -8.87 73.09
CA GLN H 462 -46.36 -8.57 74.48
C GLN H 462 -44.90 -8.90 74.76
N SER H 463 -44.43 -10.05 74.24
CA SER H 463 -43.04 -10.44 74.44
C SER H 463 -42.09 -9.49 73.72
N GLU H 464 -42.41 -9.11 72.48
CA GLU H 464 -41.58 -8.16 71.73
C GLU H 464 -41.63 -6.78 72.37
N TYR H 465 -42.76 -6.41 72.98
CA TYR H 465 -42.89 -5.13 73.66
C TYR H 465 -42.03 -5.07 74.90
N ASP H 466 -42.01 -6.15 75.69
CA ASP H 466 -41.13 -6.21 76.83
C ASP H 466 -39.66 -6.26 76.42
N ASP H 467 -39.36 -6.91 75.29
CA ASP H 467 -37.98 -6.92 74.79
C ASP H 467 -37.54 -5.54 74.34
N LEU H 468 -38.42 -4.79 73.69
CA LEU H 468 -38.05 -3.44 73.26
C LEU H 468 -37.95 -2.48 74.44
N LEU H 469 -38.77 -2.66 75.47
CA LEU H 469 -38.57 -1.85 76.68
C LEU H 469 -37.30 -2.23 77.41
N ALA H 470 -36.90 -3.50 77.34
CA ALA H 470 -35.60 -3.90 77.88
C ALA H 470 -34.46 -3.26 77.10
N LEU H 471 -34.60 -3.16 75.79
CA LEU H 471 -33.59 -2.50 74.99
C LEU H 471 -33.53 -1.01 75.28
N ILE H 472 -34.69 -0.39 75.54
CA ILE H 472 -34.74 1.01 75.93
C ILE H 472 -34.06 1.23 77.28
N ALA H 473 -34.28 0.31 78.22
CA ALA H 473 -33.62 0.41 79.52
C ALA H 473 -32.11 0.20 79.40
N ASP H 474 -31.69 -0.68 78.49
CA ASP H 474 -30.27 -0.87 78.23
C ASP H 474 -29.63 0.38 77.64
N LEU H 475 -30.30 1.01 76.67
CA LEU H 475 -29.73 2.21 76.06
C LEU H 475 -29.77 3.39 77.01
N ALA H 476 -30.76 3.43 77.91
CA ALA H 476 -30.76 4.46 78.94
C ALA H 476 -29.64 4.25 79.95
N ASP H 477 -29.31 2.98 80.24
CA ASP H 477 -28.14 2.70 81.08
C ASP H 477 -26.84 3.06 80.37
N ILE H 478 -26.80 2.93 79.04
CA ILE H 478 -25.64 3.38 78.29
C ILE H 478 -25.53 4.90 78.33
N LEU H 479 -26.65 5.60 78.16
CA LEU H 479 -26.66 7.06 78.21
C LEU H 479 -26.49 7.61 79.62
N ALA H 480 -26.64 6.79 80.65
CA ALA H 480 -26.53 7.28 82.01
C ALA H 480 -25.12 7.14 82.57
N LYS H 481 -24.36 6.15 82.11
CA LYS H 481 -23.06 5.84 82.69
C LYS H 481 -21.96 5.99 81.64
N PRO H 482 -21.04 6.95 81.80
CA PRO H 482 -19.95 7.09 80.82
C PRO H 482 -18.93 5.96 80.87
N GLU H 483 -18.95 5.11 81.89
CA GLU H 483 -18.07 3.94 81.94
C GLU H 483 -18.38 2.99 80.80
N ARG H 484 -19.65 2.69 80.58
CA ARG H 484 -20.03 1.78 79.51
C ARG H 484 -19.79 2.39 78.14
N VAL H 485 -19.78 3.72 78.05
CA VAL H 485 -19.43 4.39 76.81
C VAL H 485 -17.99 4.05 76.42
N SER H 486 -17.08 4.23 77.38
CA SER H 486 -15.69 3.83 77.20
C SER H 486 -15.56 2.34 76.95
N GLN H 487 -16.45 1.55 77.54
CA GLN H 487 -16.41 0.10 77.32
C GLN H 487 -16.75 -0.25 75.88
N ILE H 488 -17.78 0.38 75.31
CA ILE H 488 -18.15 0.15 73.93
C ILE H 488 -17.04 0.61 73.00
N ILE H 489 -16.38 1.71 73.36
CA ILE H 489 -15.26 2.22 72.58
C ILE H 489 -14.10 1.22 72.58
N LYS H 490 -13.78 0.69 73.77
CA LYS H 490 -12.72 -0.32 73.89
C LYS H 490 -13.02 -1.56 73.08
N ASP H 491 -14.28 -2.01 73.12
CA ASP H 491 -14.67 -3.23 72.45
C ASP H 491 -14.55 -3.09 70.94
N GLU H 492 -15.05 -1.97 70.39
CA GLU H 492 -15.01 -1.82 68.94
C GLU H 492 -13.61 -1.50 68.47
N LEU H 493 -12.81 -0.79 69.28
CA LEU H 493 -11.41 -0.57 68.92
C LEU H 493 -10.62 -1.87 68.92
N ASP H 494 -10.88 -2.76 69.88
CA ASP H 494 -10.19 -4.02 69.88
C ASP H 494 -10.67 -4.92 68.75
N GLU H 495 -11.92 -4.75 68.31
CA GLU H 495 -12.40 -5.44 67.13
C GLU H 495 -11.63 -4.98 65.89
N VAL H 496 -11.41 -3.68 65.77
CA VAL H 496 -10.63 -3.14 64.66
C VAL H 496 -9.18 -3.63 64.74
N LYS H 497 -8.63 -3.68 65.95
CA LYS H 497 -7.26 -4.14 66.17
C LYS H 497 -7.11 -5.60 65.78
N ARG H 498 -8.12 -6.42 66.06
CA ARG H 498 -8.10 -7.79 65.59
C ARG H 498 -8.20 -7.85 64.08
N LYS H 499 -9.01 -6.98 63.48
CA LYS H 499 -9.26 -7.12 62.04
C LYS H 499 -8.12 -6.60 61.17
N PHE H 500 -7.25 -5.73 61.69
CA PHE H 500 -6.31 -5.07 60.78
C PHE H 500 -4.86 -4.96 61.25
N SER H 501 -4.57 -5.04 62.55
CA SER H 501 -3.31 -4.52 63.08
C SER H 501 -2.12 -5.39 62.69
N ASP H 502 -1.25 -4.85 61.84
CA ASP H 502 0.06 -5.42 61.59
C ASP H 502 1.05 -4.83 62.60
N LYS H 503 2.33 -5.04 62.38
CA LYS H 503 3.35 -4.42 63.24
C LYS H 503 4.28 -3.54 62.42
N ARG H 504 5.27 -2.97 63.11
CA ARG H 504 6.09 -1.92 62.55
C ARG H 504 7.00 -2.46 61.45
N ARG H 505 6.82 -1.94 60.24
CA ARG H 505 7.79 -2.17 59.18
C ARG H 505 9.06 -1.36 59.41
N THR H 506 8.97 -0.31 60.22
CA THR H 506 10.10 0.52 60.59
C THR H 506 10.64 0.08 61.94
N GLU H 507 11.96 -0.04 62.04
CA GLU H 507 12.61 -0.35 63.30
C GLU H 507 13.09 0.93 63.95
N LEU H 508 12.75 1.11 65.22
CA LEU H 508 13.31 2.20 66.01
C LEU H 508 14.72 1.83 66.42
N MET H 509 15.71 2.44 65.79
CA MET H 509 17.10 2.23 66.17
C MET H 509 17.52 3.32 67.14
N VAL H 510 18.76 3.22 67.61
CA VAL H 510 19.29 4.21 68.54
C VAL H 510 20.52 4.87 67.95
N LYS I 28 -18.53 20.39 -52.98
CA LYS I 28 -18.99 21.55 -53.74
C LYS I 28 -20.31 22.07 -53.18
N ASN I 29 -20.24 22.87 -52.11
CA ASN I 29 -21.43 23.29 -51.38
C ASN I 29 -21.93 24.66 -51.78
N LEU I 30 -21.15 25.72 -51.54
CA LEU I 30 -21.58 27.07 -51.92
C LEU I 30 -21.44 27.20 -53.43
N VAL I 31 -22.44 27.81 -54.06
CA VAL I 31 -22.47 27.93 -55.52
C VAL I 31 -22.57 29.39 -55.91
N ASN I 32 -22.14 30.29 -55.02
CA ASN I 32 -22.25 31.73 -55.21
C ASN I 32 -21.39 32.20 -56.38
N VAL I 33 -22.05 32.76 -57.40
CA VAL I 33 -21.36 33.04 -58.66
C VAL I 33 -20.82 34.46 -58.75
N ASN I 34 -21.68 35.48 -58.71
CA ASN I 34 -21.33 36.82 -59.19
C ASN I 34 -20.39 37.51 -58.21
N LEU I 35 -19.11 37.20 -58.37
CA LEU I 35 -18.11 37.56 -57.38
C LEU I 35 -16.86 38.12 -58.05
N THR I 36 -16.99 39.15 -58.89
CA THR I 36 -15.79 39.69 -59.52
C THR I 36 -15.08 40.68 -58.61
N LYS I 37 -15.72 41.83 -58.39
CA LYS I 37 -15.08 42.85 -57.57
C LYS I 37 -15.12 42.47 -56.10
N GLU I 38 -16.05 41.60 -55.71
CA GLU I 38 -16.07 41.15 -54.33
C GLU I 38 -14.96 40.16 -54.06
N MET I 39 -14.57 39.33 -55.05
CA MET I 39 -13.40 38.50 -54.80
C MET I 39 -12.14 39.33 -54.87
N LYS I 40 -12.13 40.41 -55.66
CA LYS I 40 -10.95 41.29 -55.64
C LYS I 40 -10.83 42.02 -54.29
N ALA I 41 -11.94 42.54 -53.77
CA ALA I 41 -11.91 43.25 -52.51
C ALA I 41 -11.60 42.32 -51.35
N SER I 42 -12.23 41.13 -51.32
CA SER I 42 -11.93 40.18 -50.26
C SER I 42 -10.52 39.63 -50.37
N PHE I 43 -9.99 39.54 -51.59
CA PHE I 43 -8.64 39.02 -51.74
C PHE I 43 -7.60 40.06 -51.33
N ILE I 44 -7.82 41.32 -51.68
CA ILE I 44 -6.97 42.40 -51.20
C ILE I 44 -7.04 42.52 -49.69
N ASP I 45 -8.24 42.32 -49.12
CA ASP I 45 -8.39 42.41 -47.68
C ASP I 45 -7.64 41.29 -46.96
N TYR I 46 -7.77 40.07 -47.46
CA TYR I 46 -7.08 38.98 -46.76
C TYR I 46 -5.57 39.04 -47.01
N ALA I 47 -5.14 39.55 -48.17
CA ALA I 47 -3.71 39.69 -48.43
C ALA I 47 -3.08 40.79 -47.58
N MET I 48 -3.73 41.95 -47.49
CA MET I 48 -3.24 43.01 -46.63
C MET I 48 -3.28 42.62 -45.17
N SER I 49 -4.25 41.81 -44.76
CA SER I 49 -4.28 41.36 -43.37
C SER I 49 -3.12 40.41 -43.09
N VAL I 50 -2.76 39.57 -44.06
CA VAL I 50 -1.56 38.75 -43.91
C VAL I 50 -0.32 39.61 -43.78
N ILE I 51 -0.12 40.53 -44.75
CA ILE I 51 1.10 41.37 -44.84
C ILE I 51 1.27 42.21 -43.59
N VAL I 52 0.20 42.81 -43.10
CA VAL I 52 0.32 43.61 -41.90
C VAL I 52 0.48 42.72 -40.68
N ALA I 53 -0.52 41.88 -40.39
CA ALA I 53 -0.60 41.28 -39.06
C ALA I 53 0.45 40.20 -38.85
N ARG I 54 0.62 39.30 -39.79
CA ARG I 54 1.45 38.13 -39.53
C ARG I 54 2.73 38.17 -40.35
N ALA I 55 3.15 39.36 -40.77
CA ALA I 55 4.23 39.49 -41.73
C ALA I 55 4.96 40.78 -41.47
N LEU I 56 5.64 41.28 -42.51
CA LEU I 56 6.75 42.20 -42.43
C LEU I 56 6.37 43.52 -41.74
N PRO I 57 7.20 44.02 -40.83
CA PRO I 57 6.87 45.23 -40.09
C PRO I 57 7.22 46.54 -40.77
N ASP I 58 7.03 47.61 -40.03
CA ASP I 58 6.94 48.99 -40.50
C ASP I 58 8.32 49.63 -40.60
N VAL I 59 8.42 50.69 -41.39
CA VAL I 59 9.63 51.51 -41.40
C VAL I 59 9.74 52.30 -40.11
N ARG I 60 8.68 53.03 -39.75
CA ARG I 60 8.80 54.11 -38.78
C ARG I 60 9.02 53.64 -37.36
N ASP I 61 8.83 52.36 -37.06
CA ASP I 61 9.33 51.86 -35.79
C ASP I 61 9.94 50.48 -35.85
N GLY I 62 9.90 49.79 -36.97
CA GLY I 62 10.49 48.47 -37.06
C GLY I 62 9.82 47.40 -36.25
N LEU I 63 8.58 47.63 -35.83
CA LEU I 63 7.91 46.73 -34.92
C LEU I 63 6.71 46.09 -35.60
N LYS I 64 6.52 44.80 -35.35
CA LYS I 64 5.37 44.10 -35.86
C LYS I 64 4.13 44.54 -35.09
N PRO I 65 2.94 44.45 -35.71
CA PRO I 65 1.72 44.86 -34.99
C PRO I 65 1.42 44.02 -33.78
N VAL I 66 1.80 42.74 -33.78
CA VAL I 66 1.76 41.94 -32.57
C VAL I 66 2.68 42.53 -31.53
N HIS I 67 3.89 42.92 -31.94
CA HIS I 67 4.86 43.51 -31.03
C HIS I 67 4.39 44.87 -30.54
N ARG I 68 3.79 45.67 -31.42
CA ARG I 68 3.29 46.98 -31.04
C ARG I 68 2.19 46.86 -30.00
N ARG I 69 1.32 45.88 -30.16
CA ARG I 69 0.27 45.70 -29.17
C ARG I 69 0.82 45.11 -27.87
N ILE I 70 1.91 44.32 -27.95
CA ILE I 70 2.59 43.86 -26.73
C ILE I 70 3.12 45.05 -25.94
N LEU I 71 3.86 45.93 -26.61
CA LEU I 71 4.48 47.05 -25.91
C LEU I 71 3.45 48.02 -25.39
N TYR I 72 2.39 48.29 -26.16
CA TYR I 72 1.43 49.26 -25.68
C TYR I 72 0.54 48.69 -24.59
N GLY I 73 0.22 47.39 -24.64
CA GLY I 73 -0.56 46.80 -23.57
C GLY I 73 0.24 46.72 -22.28
N MET I 74 1.53 46.39 -22.38
CA MET I 74 2.34 46.35 -21.19
C MET I 74 2.66 47.74 -20.67
N ASN I 75 2.55 48.76 -21.54
CA ASN I 75 2.62 50.15 -21.09
C ASN I 75 1.37 50.54 -20.32
N GLU I 76 0.20 50.23 -20.85
CA GLU I 76 -1.04 50.58 -20.18
C GLU I 76 -1.24 49.78 -18.89
N LEU I 77 -0.63 48.60 -18.78
CA LEU I 77 -0.57 47.93 -17.49
C LEU I 77 0.51 48.51 -16.59
N GLY I 78 1.41 49.31 -17.14
CA GLY I 78 2.43 49.95 -16.33
C GLY I 78 3.53 49.04 -15.85
N VAL I 79 3.71 47.89 -16.49
CA VAL I 79 4.65 46.87 -15.99
C VAL I 79 6.02 47.27 -16.50
N THR I 80 6.64 48.18 -15.76
CA THR I 80 7.93 48.80 -16.02
C THR I 80 8.95 48.20 -15.05
N PRO I 81 10.27 48.45 -15.23
CA PRO I 81 11.23 47.88 -14.28
C PRO I 81 11.28 48.52 -12.89
N ASP I 82 10.35 49.41 -12.54
CA ASP I 82 10.26 49.81 -11.14
C ASP I 82 9.58 48.75 -10.30
N LYS I 83 8.62 48.04 -10.88
CA LYS I 83 7.95 46.91 -10.27
C LYS I 83 8.66 45.62 -10.64
N PRO I 84 8.53 44.58 -9.84
CA PRO I 84 9.03 43.26 -10.24
C PRO I 84 8.19 42.66 -11.36
N HIS I 85 8.65 41.52 -11.85
CA HIS I 85 8.09 40.92 -13.05
C HIS I 85 6.69 40.39 -12.79
N LYS I 86 5.82 40.49 -13.80
CA LYS I 86 4.45 40.01 -13.66
C LYS I 86 4.21 38.84 -14.60
N LYS I 87 3.16 38.08 -14.27
CA LYS I 87 2.81 36.88 -15.02
C LYS I 87 2.37 37.22 -16.42
N SER I 88 3.01 36.59 -17.41
CA SER I 88 2.80 36.92 -18.81
C SER I 88 1.42 36.52 -19.31
N ALA I 89 0.77 35.57 -18.64
CA ALA I 89 -0.58 35.17 -19.02
C ALA I 89 -1.57 36.30 -18.86
N ARG I 90 -1.39 37.11 -17.80
CA ARG I 90 -2.28 38.24 -17.58
C ARG I 90 -2.08 39.32 -18.64
N ILE I 91 -0.83 39.51 -19.06
CA ILE I 91 -0.52 40.48 -20.10
C ILE I 91 -1.10 40.05 -21.44
N THR I 92 -0.93 38.78 -21.79
CA THR I 92 -1.50 38.28 -23.03
C THR I 92 -3.02 38.22 -22.98
N GLY I 93 -3.60 38.00 -21.79
CA GLY I 93 -5.04 38.04 -21.68
C GLY I 93 -5.59 39.46 -21.85
N ASP I 94 -4.84 40.44 -21.37
CA ASP I 94 -5.24 41.83 -21.60
C ASP I 94 -5.04 42.23 -23.06
N VAL I 95 -4.03 41.64 -23.72
CA VAL I 95 -3.86 41.81 -25.16
C VAL I 95 -5.06 41.25 -25.92
N MET I 96 -5.51 40.06 -25.51
CA MET I 96 -6.69 39.45 -26.12
C MET I 96 -7.95 40.25 -25.86
N GLY I 97 -8.11 40.76 -24.65
CA GLY I 97 -9.29 41.51 -24.29
C GLY I 97 -9.30 42.95 -24.77
N LYS I 98 -8.16 43.48 -25.22
CA LYS I 98 -8.15 44.86 -25.68
C LYS I 98 -7.72 45.04 -27.12
N TYR I 99 -6.60 44.45 -27.56
CA TYR I 99 -5.98 44.87 -28.81
C TYR I 99 -5.87 43.79 -29.88
N HIS I 100 -5.62 42.54 -29.53
CA HIS I 100 -5.21 41.63 -30.61
C HIS I 100 -5.83 40.24 -30.46
N PRO I 101 -6.98 40.00 -31.08
CA PRO I 101 -7.72 38.72 -30.90
C PRO I 101 -7.25 37.61 -31.82
N HIS I 102 -6.17 36.94 -31.43
CA HIS I 102 -5.53 35.92 -32.26
C HIS I 102 -4.96 34.84 -31.34
N GLY I 103 -3.98 34.09 -31.83
CA GLY I 103 -3.47 32.93 -31.11
C GLY I 103 -2.70 33.34 -29.86
N ASP I 104 -3.07 32.73 -28.72
CA ASP I 104 -2.42 33.01 -27.46
C ASP I 104 -0.98 32.54 -27.48
N SER I 105 -0.73 31.35 -28.05
CA SER I 105 0.62 30.86 -28.20
C SER I 105 1.43 31.65 -29.22
N SER I 106 0.77 32.29 -30.20
CA SER I 106 1.51 33.14 -31.13
C SER I 106 1.95 34.44 -30.47
N ILE I 107 1.06 35.05 -29.68
CA ILE I 107 1.43 36.23 -28.91
C ILE I 107 2.54 35.90 -27.91
N TYR I 108 2.44 34.74 -27.28
CA TYR I 108 3.49 34.34 -26.36
C TYR I 108 4.77 33.93 -27.08
N GLU I 109 4.67 33.48 -28.34
CA GLU I 109 5.86 33.24 -29.15
C GLU I 109 6.60 34.54 -29.43
N ALA I 110 5.85 35.61 -29.72
CA ALA I 110 6.46 36.92 -29.86
C ALA I 110 7.07 37.41 -28.55
N MET I 111 6.40 37.10 -27.43
CA MET I 111 6.93 37.42 -26.11
C MET I 111 8.26 36.72 -25.85
N VAL I 112 8.34 35.43 -26.19
CA VAL I 112 9.55 34.65 -25.93
C VAL I 112 10.67 35.08 -26.84
N ARG I 113 10.37 35.30 -28.13
CA ARG I 113 11.41 35.69 -29.07
C ARG I 113 11.94 37.08 -28.77
N MET I 114 11.08 37.99 -28.30
CA MET I 114 11.55 39.33 -27.98
C MET I 114 12.44 39.34 -26.74
N ALA I 115 12.16 38.46 -25.78
CA ALA I 115 12.82 38.51 -24.47
C ALA I 115 13.98 37.52 -24.35
N GLN I 116 14.73 37.31 -25.44
CA GLN I 116 15.92 36.47 -25.42
C GLN I 116 17.08 37.23 -26.04
N TRP I 117 18.24 37.14 -25.39
CA TRP I 117 19.37 37.93 -25.83
C TRP I 117 19.96 37.40 -27.13
N TRP I 118 19.87 36.10 -27.38
CA TRP I 118 20.42 35.54 -28.62
C TRP I 118 19.39 35.54 -29.74
N SER I 119 18.12 35.47 -29.41
CA SER I 119 17.08 35.50 -30.42
C SER I 119 16.80 36.92 -30.89
N TYR I 120 17.23 37.92 -30.13
CA TYR I 120 16.82 39.29 -30.37
C TYR I 120 17.89 40.17 -29.74
N ARG I 121 18.33 41.19 -30.49
CA ARG I 121 19.58 41.88 -30.15
C ARG I 121 19.47 42.66 -28.85
N TYR I 122 18.57 43.62 -28.78
CA TYR I 122 18.35 44.39 -27.57
C TYR I 122 16.98 43.98 -27.04
N MET I 123 16.97 43.24 -25.93
CA MET I 123 15.73 42.65 -25.40
C MET I 123 14.80 43.75 -24.93
N LEU I 124 13.75 44.01 -25.70
CA LEU I 124 12.78 45.03 -25.31
C LEU I 124 12.00 44.59 -24.08
N VAL I 125 11.59 43.33 -24.06
CA VAL I 125 11.01 42.73 -22.87
C VAL I 125 12.12 42.03 -22.11
N ASP I 126 12.22 42.31 -20.82
CA ASP I 126 13.08 41.53 -19.94
C ASP I 126 12.21 40.50 -19.23
N GLY I 127 12.56 39.23 -19.41
CA GLY I 127 11.75 38.14 -18.88
C GLY I 127 12.25 37.64 -17.55
N HIS I 128 11.58 36.59 -17.07
CA HIS I 128 11.81 36.07 -15.73
C HIS I 128 11.39 34.60 -15.76
N GLY I 129 12.35 33.72 -15.94
CA GLY I 129 12.11 32.30 -16.03
C GLY I 129 12.78 31.69 -17.23
N ASN I 130 12.54 30.39 -17.40
CA ASN I 130 13.12 29.65 -18.52
C ASN I 130 12.37 30.00 -19.80
N PHE I 131 13.09 30.53 -20.77
CA PHE I 131 12.54 30.78 -22.09
C PHE I 131 13.09 29.87 -23.17
N GLY I 132 14.40 29.72 -23.26
CA GLY I 132 14.96 28.83 -24.24
C GLY I 132 16.47 28.74 -24.11
N SER I 133 17.09 28.26 -25.18
CA SER I 133 18.53 28.16 -25.27
C SER I 133 18.93 28.39 -26.72
N MET I 134 20.23 28.60 -26.94
CA MET I 134 20.75 28.64 -28.30
C MET I 134 20.70 27.27 -28.97
N ASP I 135 20.62 26.20 -28.18
CA ASP I 135 20.40 24.87 -28.73
C ASP I 135 19.02 24.71 -29.34
N GLY I 136 18.09 25.56 -28.95
CA GLY I 136 16.72 25.48 -29.43
C GLY I 136 15.83 24.87 -28.37
N ASP I 137 15.18 25.74 -27.60
CA ASP I 137 14.33 25.35 -26.49
C ASP I 137 13.20 26.36 -26.39
N SER I 138 12.09 25.93 -25.80
CA SER I 138 10.91 26.77 -25.68
C SER I 138 10.39 26.76 -24.25
N ALA I 139 9.75 27.85 -23.86
CA ALA I 139 9.01 27.85 -22.62
C ALA I 139 7.72 27.07 -22.78
N ALA I 140 7.13 26.68 -21.65
CA ALA I 140 5.96 25.80 -21.69
C ALA I 140 4.72 26.58 -22.14
N ALA I 141 4.32 27.60 -21.37
CA ALA I 141 3.17 28.42 -21.73
C ALA I 141 3.35 29.80 -21.13
N GLN I 142 2.33 30.63 -21.31
CA GLN I 142 2.33 32.01 -20.86
C GLN I 142 2.06 32.16 -19.38
N ARG I 143 1.67 31.09 -18.69
CA ARG I 143 1.30 31.15 -17.29
C ARG I 143 2.35 30.52 -16.38
N TYR I 144 3.52 30.18 -16.92
CA TYR I 144 4.60 29.59 -16.14
C TYR I 144 5.67 30.59 -15.76
N THR I 145 5.99 31.53 -16.64
CA THR I 145 7.07 32.48 -16.45
C THR I 145 6.55 33.91 -16.50
N GLU I 146 7.38 34.82 -16.00
CA GLU I 146 7.05 36.22 -15.84
C GLU I 146 7.83 37.06 -16.83
N ALA I 147 7.46 38.35 -16.92
CA ALA I 147 8.12 39.29 -17.79
C ALA I 147 7.80 40.70 -17.34
N ARG I 148 8.52 41.67 -17.93
CA ARG I 148 8.22 43.09 -17.83
C ARG I 148 8.97 43.79 -18.96
N MET I 149 8.78 45.10 -19.06
CA MET I 149 9.54 45.88 -20.02
C MET I 149 10.96 46.09 -19.49
N SER I 150 11.91 46.16 -20.42
CA SER I 150 13.28 46.46 -20.07
C SER I 150 13.51 47.97 -20.18
N LYS I 151 14.77 48.38 -20.13
CA LYS I 151 15.11 49.80 -20.16
C LYS I 151 14.94 50.42 -21.54
N ILE I 152 14.65 49.61 -22.55
CA ILE I 152 14.58 50.13 -23.90
C ILE I 152 13.13 50.34 -24.33
N ALA I 153 12.20 49.60 -23.74
CA ALA I 153 10.80 49.82 -24.02
C ALA I 153 10.30 51.11 -23.40
N LEU I 154 10.87 51.52 -22.26
CA LEU I 154 10.57 52.83 -21.71
C LEU I 154 11.09 53.94 -22.61
N GLU I 155 12.16 53.67 -23.35
CA GLU I 155 12.59 54.60 -24.39
C GLU I 155 11.58 54.63 -25.54
N MET I 156 11.14 53.46 -25.97
CA MET I 156 10.18 53.36 -27.08
C MET I 156 8.83 53.97 -26.74
N LEU I 157 8.51 54.08 -25.46
CA LEU I 157 7.22 54.59 -25.01
C LEU I 157 7.34 55.91 -24.27
N ARG I 158 8.53 56.48 -24.21
CA ARG I 158 8.67 57.81 -23.63
C ARG I 158 8.04 58.82 -24.57
N ASP I 159 7.20 59.68 -24.00
CA ASP I 159 6.40 60.67 -24.72
C ASP I 159 5.53 59.99 -25.78
N ILE I 160 4.58 59.20 -25.28
CA ILE I 160 3.55 58.63 -26.11
C ILE I 160 2.19 59.29 -25.88
N ASN I 161 1.90 59.72 -24.66
CA ASN I 161 0.56 60.12 -24.26
C ASN I 161 0.32 61.59 -24.51
N LYS I 162 1.00 62.18 -25.48
CA LYS I 162 1.10 63.63 -25.62
C LYS I 162 0.86 64.05 -27.05
N ASN I 163 -0.20 63.49 -27.67
CA ASN I 163 -0.58 63.76 -29.06
C ASN I 163 0.57 63.46 -30.02
N THR I 164 1.33 62.43 -29.72
CA THR I 164 2.55 62.17 -30.45
C THR I 164 2.28 61.35 -31.70
N VAL I 165 1.55 60.25 -31.57
CA VAL I 165 1.07 59.48 -32.71
C VAL I 165 -0.43 59.30 -32.55
N ASP I 166 -1.17 59.49 -33.64
CA ASP I 166 -2.62 59.39 -33.61
C ASP I 166 -3.07 57.98 -33.28
N PHE I 167 -4.03 57.88 -32.37
CA PHE I 167 -4.64 56.61 -32.03
C PHE I 167 -5.70 56.22 -33.05
N VAL I 168 -6.08 54.95 -33.02
CA VAL I 168 -7.24 54.45 -33.73
C VAL I 168 -8.06 53.60 -32.77
N ASP I 169 -9.33 53.41 -33.12
CA ASP I 169 -10.20 52.51 -32.39
C ASP I 169 -9.98 51.10 -32.91
N ASN I 170 -9.82 50.15 -32.01
CA ASN I 170 -9.59 48.78 -32.41
C ASN I 170 -10.93 48.03 -32.52
N TYR I 171 -10.85 46.70 -32.55
CA TYR I 171 -11.97 45.83 -32.88
C TYR I 171 -13.09 45.85 -31.85
N ASP I 172 -12.85 46.38 -30.66
CA ASP I 172 -13.86 46.46 -29.61
C ASP I 172 -14.43 47.85 -29.43
N ALA I 173 -13.93 48.84 -30.18
CA ALA I 173 -14.48 50.19 -30.30
C ALA I 173 -14.55 50.95 -28.97
N ASN I 174 -13.78 50.53 -27.97
CA ASN I 174 -13.69 51.24 -26.71
C ASN I 174 -12.23 51.51 -26.36
N GLU I 175 -11.37 50.55 -26.70
CA GLU I 175 -9.94 50.73 -26.56
C GLU I 175 -9.39 51.52 -27.73
N ARG I 176 -8.29 52.23 -27.49
CA ARG I 176 -7.59 52.96 -28.52
C ARG I 176 -6.16 52.43 -28.57
N GLU I 177 -5.66 52.19 -29.76
CA GLU I 177 -4.29 51.74 -29.89
C GLU I 177 -3.48 52.71 -30.75
N PRO I 178 -2.16 52.74 -30.59
CA PRO I 178 -1.34 53.56 -31.48
C PRO I 178 -1.11 52.91 -32.83
N LEU I 179 -1.13 53.75 -33.86
CA LEU I 179 -0.82 53.31 -35.21
C LEU I 179 0.63 52.83 -35.31
N VAL I 180 1.57 53.70 -34.99
CA VAL I 180 2.99 53.39 -35.00
C VAL I 180 3.60 53.89 -33.70
N LEU I 181 4.42 53.07 -33.06
CA LEU I 181 5.00 53.50 -31.80
C LEU I 181 6.00 54.63 -32.04
N PRO I 182 5.93 55.71 -31.27
CA PRO I 182 6.91 56.78 -31.44
C PRO I 182 8.26 56.32 -30.97
N ALA I 183 9.12 56.01 -31.92
CA ALA I 183 10.41 55.47 -31.60
C ALA I 183 11.35 56.59 -31.19
N ARG I 184 12.37 56.23 -30.44
CA ARG I 184 13.44 57.17 -30.15
C ARG I 184 14.77 56.68 -30.68
N PHE I 185 14.81 55.47 -31.23
CA PHE I 185 15.98 55.00 -31.93
C PHE I 185 15.42 54.14 -33.05
N PRO I 186 16.03 54.17 -34.22
CA PRO I 186 15.47 53.42 -35.36
C PRO I 186 15.68 51.92 -35.19
N ASN I 187 14.59 51.21 -34.93
CA ASN I 187 14.63 49.84 -34.45
C ASN I 187 14.74 48.83 -35.59
N LEU I 188 14.50 49.24 -36.84
CA LEU I 188 14.75 48.37 -37.98
C LEU I 188 16.20 47.96 -38.05
N LEU I 189 17.10 48.95 -38.03
CA LEU I 189 18.51 48.66 -38.14
C LEU I 189 19.01 47.92 -36.92
N VAL I 190 18.39 48.13 -35.77
CA VAL I 190 18.83 47.47 -34.56
C VAL I 190 18.41 46.01 -34.56
N ASN I 191 17.14 45.73 -34.85
CA ASN I 191 16.61 44.40 -34.61
C ASN I 191 16.22 43.63 -35.86
N GLY I 192 16.05 44.30 -36.99
CA GLY I 192 15.78 43.62 -38.23
C GLY I 192 14.33 43.16 -38.36
N ALA I 193 14.00 42.73 -39.58
CA ALA I 193 12.64 42.30 -39.91
C ALA I 193 12.70 40.92 -40.55
N THR I 194 12.25 39.90 -39.83
CA THR I 194 12.11 38.59 -40.43
C THR I 194 10.82 38.54 -41.24
N GLY I 195 10.88 37.94 -42.43
CA GLY I 195 9.75 38.05 -43.34
C GLY I 195 9.15 36.76 -43.87
N ILE I 196 7.83 36.74 -43.96
CA ILE I 196 7.10 35.64 -44.57
C ILE I 196 6.70 36.05 -45.98
N ALA I 197 7.14 35.28 -46.97
CA ALA I 197 6.82 35.55 -48.36
C ALA I 197 5.45 34.99 -48.69
N VAL I 198 4.56 35.86 -49.15
CA VAL I 198 3.42 35.47 -49.95
C VAL I 198 3.79 36.03 -51.32
N GLY I 199 5.10 36.03 -51.58
CA GLY I 199 5.72 36.63 -52.74
C GLY I 199 6.86 37.53 -52.31
N MET I 200 6.78 38.04 -51.07
CA MET I 200 7.65 39.10 -50.60
C MET I 200 8.07 38.81 -49.16
N ALA I 201 9.36 38.52 -48.96
CA ALA I 201 9.93 38.31 -47.63
C ALA I 201 11.05 39.31 -47.39
N THR I 202 11.48 39.41 -46.14
CA THR I 202 12.44 40.44 -45.76
C THR I 202 13.38 39.91 -44.69
N ASN I 203 14.53 40.58 -44.56
CA ASN I 203 15.68 40.04 -43.83
C ASN I 203 16.10 40.94 -42.68
N ILE I 204 17.08 40.46 -41.93
CA ILE I 204 17.61 41.08 -40.72
C ILE I 204 18.98 41.68 -41.03
N PRO I 205 19.11 42.97 -41.32
CA PRO I 205 20.38 43.63 -41.04
C PRO I 205 20.39 44.20 -39.63
N PRO I 206 21.08 43.56 -38.68
CA PRO I 206 21.24 44.17 -37.38
C PRO I 206 22.38 45.18 -37.42
N HIS I 207 22.40 46.06 -36.42
CA HIS I 207 23.40 47.12 -36.42
C HIS I 207 23.80 47.45 -34.99
N ASN I 208 25.02 47.96 -34.85
CA ASN I 208 25.47 48.50 -33.58
C ASN I 208 24.79 49.82 -33.35
N LEU I 209 24.27 50.02 -32.13
CA LEU I 209 23.44 51.18 -31.85
C LEU I 209 24.19 52.49 -31.97
N GLY I 210 25.43 52.53 -31.46
CA GLY I 210 26.16 53.79 -31.42
C GLY I 210 26.58 54.25 -32.81
N GLU I 211 27.09 53.33 -33.62
CA GLU I 211 27.42 53.66 -34.99
C GLU I 211 26.18 54.01 -35.80
N THR I 212 25.05 53.39 -35.46
CA THR I 212 23.80 53.72 -36.12
C THR I 212 23.38 55.14 -35.81
N ILE I 213 23.46 55.53 -34.55
CA ILE I 213 23.10 56.88 -34.13
C ILE I 213 24.05 57.89 -34.74
N ASP I 214 25.32 57.55 -34.85
CA ASP I 214 26.27 58.45 -35.51
C ASP I 214 25.98 58.56 -37.00
N ALA I 215 25.50 57.48 -37.61
CA ALA I 215 25.08 57.53 -39.01
C ALA I 215 23.86 58.41 -39.17
N VAL I 216 22.93 58.33 -38.22
CA VAL I 216 21.76 59.20 -38.22
C VAL I 216 22.19 60.65 -38.12
N LYS I 217 23.17 60.93 -37.26
CA LYS I 217 23.68 62.29 -37.11
C LYS I 217 24.31 62.80 -38.39
N LEU I 218 25.11 61.96 -39.05
CA LEU I 218 25.79 62.43 -40.25
C LEU I 218 24.83 62.57 -41.43
N VAL I 219 23.81 61.73 -41.50
CA VAL I 219 22.79 61.90 -42.53
C VAL I 219 21.97 63.15 -42.27
N MET I 220 21.67 63.43 -41.01
CA MET I 220 20.87 64.60 -40.70
C MET I 220 21.68 65.88 -40.86
N ASP I 221 22.99 65.79 -40.71
CA ASP I 221 23.84 66.94 -41.00
C ASP I 221 23.95 67.16 -42.49
N ASN I 222 24.57 66.22 -43.22
CA ASN I 222 24.74 66.41 -44.64
C ASN I 222 23.66 65.64 -45.38
N PRO I 223 22.81 66.31 -46.15
CA PRO I 223 21.74 65.59 -46.86
C PRO I 223 22.24 64.71 -47.99
N GLU I 224 23.50 64.85 -48.42
CA GLU I 224 24.10 63.97 -49.41
C GLU I 224 25.40 63.42 -48.84
N VAL I 225 25.31 62.31 -48.13
CA VAL I 225 26.46 61.50 -47.75
C VAL I 225 26.45 60.26 -48.63
N THR I 226 27.59 59.95 -49.22
CA THR I 226 27.68 58.74 -50.02
C THR I 226 27.64 57.51 -49.12
N THR I 227 27.12 56.42 -49.67
CA THR I 227 26.96 55.18 -48.91
C THR I 227 28.30 54.54 -48.55
N LYS I 228 29.35 54.83 -49.34
CA LYS I 228 30.70 54.46 -48.90
C LYS I 228 31.07 55.20 -47.64
N ASP I 229 30.69 56.48 -47.53
CA ASP I 229 31.02 57.24 -46.34
C ASP I 229 30.15 56.87 -45.14
N LEU I 230 29.07 56.15 -45.37
CA LEU I 230 28.31 55.58 -44.25
C LEU I 230 28.73 54.17 -43.93
N MET I 231 29.31 53.45 -44.89
CA MET I 231 30.02 52.23 -44.57
C MET I 231 31.31 52.53 -43.81
N GLU I 232 31.87 53.73 -44.01
CA GLU I 232 32.86 54.25 -43.08
C GLU I 232 32.28 54.32 -41.67
N VAL I 233 31.03 54.76 -41.55
CA VAL I 233 30.37 54.78 -40.26
C VAL I 233 29.94 53.38 -39.87
N LEU I 234 29.02 52.80 -40.64
CA LEU I 234 28.40 51.55 -40.25
C LEU I 234 29.24 50.38 -40.74
N PRO I 235 29.70 49.52 -39.87
CA PRO I 235 30.35 48.29 -40.32
C PRO I 235 29.34 47.36 -40.96
N GLY I 236 28.25 47.08 -40.23
CA GLY I 236 27.20 46.23 -40.72
C GLY I 236 26.58 45.37 -39.63
N PRO I 237 26.53 44.06 -39.86
CA PRO I 237 25.74 43.18 -39.00
C PRO I 237 26.30 42.95 -37.61
N ASP I 238 25.67 43.60 -36.62
CA ASP I 238 26.02 43.41 -35.21
C ASP I 238 25.11 42.31 -34.67
N PHE I 239 25.58 41.08 -34.72
CA PHE I 239 24.78 39.94 -34.33
C PHE I 239 24.61 39.86 -32.82
N PRO I 240 23.52 39.26 -32.34
CA PRO I 240 23.35 39.08 -30.90
C PRO I 240 24.28 38.08 -30.26
N THR I 241 24.96 37.23 -31.03
CA THR I 241 25.93 36.30 -30.48
C THR I 241 27.33 36.47 -31.04
N GLY I 242 27.51 37.33 -32.03
CA GLY I 242 28.83 37.46 -32.63
C GLY I 242 29.07 36.43 -33.71
N ALA I 243 29.91 36.81 -34.67
CA ALA I 243 30.29 35.98 -35.82
C ALA I 243 31.47 36.63 -36.51
N LEU I 244 31.76 36.14 -37.71
CA LEU I 244 32.65 36.77 -38.67
C LEU I 244 31.88 37.00 -39.96
N VAL I 245 32.00 38.20 -40.52
CA VAL I 245 31.32 38.56 -41.75
C VAL I 245 32.34 38.61 -42.87
N MET I 246 32.16 37.76 -43.87
CA MET I 246 32.95 37.79 -45.08
C MET I 246 32.17 38.51 -46.17
N GLY I 247 32.86 39.39 -46.88
CA GLY I 247 32.27 40.06 -48.01
C GLY I 247 31.85 41.48 -47.70
N LYS I 248 32.69 42.44 -48.06
CA LYS I 248 32.27 43.83 -47.96
C LYS I 248 31.60 44.28 -49.24
N SER I 249 31.78 43.50 -50.32
CA SER I 249 31.10 43.78 -51.58
C SER I 249 29.60 43.56 -51.46
N GLY I 250 29.20 42.45 -50.83
CA GLY I 250 27.78 42.21 -50.61
C GLY I 250 27.17 43.18 -49.62
N ILE I 251 27.96 43.62 -48.64
CA ILE I 251 27.54 44.69 -47.74
C ILE I 251 27.29 45.98 -48.50
N HIS I 252 28.18 46.34 -49.42
CA HIS I 252 28.02 47.56 -50.20
C HIS I 252 26.82 47.46 -51.14
N LYS I 253 26.63 46.29 -51.76
CA LYS I 253 25.45 46.01 -52.56
C LYS I 253 24.17 46.14 -51.74
N ALA I 254 24.20 45.66 -50.49
CA ALA I 254 23.01 45.69 -49.65
C ALA I 254 22.64 47.10 -49.25
N TYR I 255 23.60 47.89 -48.76
CA TYR I 255 23.24 49.23 -48.34
C TYR I 255 23.17 50.21 -49.50
N GLU I 256 23.46 49.78 -50.73
CA GLU I 256 23.07 50.59 -51.87
C GLU I 256 21.67 50.25 -52.38
N THR I 257 21.43 49.00 -52.74
CA THR I 257 20.22 48.62 -53.44
C THR I 257 19.18 47.96 -52.55
N GLY I 258 19.59 47.30 -51.48
CA GLY I 258 18.65 46.62 -50.63
C GLY I 258 18.80 45.12 -50.74
N LYS I 259 18.93 44.61 -51.95
CA LYS I 259 19.14 43.20 -52.16
C LYS I 259 20.63 42.88 -52.15
N GLY I 260 20.97 41.77 -51.54
CA GLY I 260 22.35 41.32 -51.54
C GLY I 260 22.49 40.09 -50.67
N SER I 261 23.73 39.65 -50.54
CA SER I 261 24.04 38.57 -49.62
C SER I 261 25.46 38.72 -49.13
N ILE I 262 25.67 38.41 -47.85
CA ILE I 262 26.99 38.36 -47.26
C ILE I 262 27.22 36.92 -46.81
N VAL I 263 28.45 36.64 -46.36
CA VAL I 263 28.81 35.30 -45.93
C VAL I 263 29.10 35.37 -44.44
N LEU I 264 28.68 34.34 -43.72
CA LEU I 264 28.87 34.29 -42.27
C LEU I 264 29.81 33.13 -41.95
N ARG I 265 31.05 33.47 -41.62
CA ARG I 265 32.05 32.53 -41.15
C ARG I 265 32.19 32.67 -39.63
N SER I 266 32.07 31.55 -38.93
CA SER I 266 32.11 31.56 -37.47
C SER I 266 33.50 31.95 -36.96
N ARG I 267 33.53 32.48 -35.73
CA ARG I 267 34.80 32.78 -35.08
C ARG I 267 35.47 31.48 -34.69
N THR I 268 36.30 30.99 -35.60
CA THR I 268 37.05 29.76 -35.44
C THR I 268 38.54 30.08 -35.45
N GLU I 269 39.29 29.31 -34.68
CA GLU I 269 40.74 29.50 -34.67
C GLU I 269 41.41 28.15 -34.55
N ILE I 270 42.61 28.05 -35.14
CA ILE I 270 43.40 26.83 -35.17
C ILE I 270 44.48 26.96 -34.11
N GLU I 271 44.48 26.04 -33.15
CA GLU I 271 45.42 26.06 -32.04
C GLU I 271 46.16 24.72 -32.04
N THR I 272 47.45 24.77 -32.30
CA THR I 272 48.26 23.56 -32.43
C THR I 272 48.84 23.16 -31.09
N THR I 273 48.56 21.94 -30.65
CA THR I 273 49.12 21.43 -29.42
C THR I 273 50.59 21.08 -29.62
N LYS I 274 51.34 21.04 -28.51
CA LYS I 274 52.71 20.56 -28.55
C LYS I 274 52.75 19.05 -28.84
N THR I 275 51.71 18.33 -28.45
CA THR I 275 51.59 16.91 -28.76
C THR I 275 51.49 16.68 -30.26
N GLY I 276 50.58 17.41 -30.92
CA GLY I 276 50.49 17.33 -32.37
C GLY I 276 49.07 17.33 -32.91
N ARG I 277 48.12 16.88 -32.09
CA ARG I 277 46.73 16.79 -32.50
C ARG I 277 46.08 18.16 -32.38
N GLU I 278 45.85 18.83 -33.51
CA GLU I 278 45.50 20.24 -33.53
C GLU I 278 44.05 20.45 -33.07
N ARG I 279 43.70 21.73 -32.95
CA ARG I 279 42.51 22.17 -32.23
C ARG I 279 41.77 23.20 -33.07
N ILE I 280 40.46 23.05 -33.18
CA ILE I 280 39.61 24.10 -33.74
C ILE I 280 38.74 24.62 -32.62
N VAL I 281 38.98 25.85 -32.20
CA VAL I 281 38.19 26.52 -31.18
C VAL I 281 37.16 27.35 -31.91
N VAL I 282 35.90 26.96 -31.77
CA VAL I 282 34.78 27.70 -32.35
C VAL I 282 34.02 28.36 -31.23
N THR I 283 33.82 29.67 -31.34
CA THR I 283 33.19 30.44 -30.27
C THR I 283 31.94 31.21 -30.68
N GLU I 284 31.76 31.49 -31.97
CA GLU I 284 30.66 32.36 -32.41
C GLU I 284 29.98 31.78 -33.65
N PHE I 285 28.99 30.91 -33.41
CA PHE I 285 28.11 30.49 -34.49
C PHE I 285 27.29 31.66 -35.03
N PRO I 286 26.93 31.66 -36.33
CA PRO I 286 26.29 32.84 -36.92
C PRO I 286 24.86 33.05 -36.49
N TYR I 287 24.22 34.04 -37.11
CA TYR I 287 22.91 34.51 -36.68
C TYR I 287 21.83 33.47 -36.94
N MET I 288 21.13 33.11 -35.86
CA MET I 288 20.01 32.14 -35.87
C MET I 288 20.43 30.79 -36.44
N VAL I 289 21.55 30.29 -35.95
CA VAL I 289 22.02 28.95 -36.28
C VAL I 289 22.13 28.17 -34.97
N ASN I 290 21.56 26.96 -34.96
CA ASN I 290 21.64 26.07 -33.82
C ASN I 290 23.09 25.66 -33.56
N LYS I 291 23.37 25.36 -32.30
CA LYS I 291 24.61 24.68 -31.91
C LYS I 291 24.47 23.18 -32.08
N THR I 292 23.39 22.61 -31.54
CA THR I 292 23.24 21.16 -31.44
C THR I 292 23.10 20.52 -32.81
N LYS I 293 22.35 21.18 -33.71
CA LYS I 293 22.18 20.65 -35.06
C LYS I 293 23.49 20.69 -35.82
N VAL I 294 24.32 21.71 -35.60
CA VAL I 294 25.60 21.80 -36.28
C VAL I 294 26.57 20.75 -35.77
N HIS I 295 26.60 20.52 -34.45
CA HIS I 295 27.51 19.50 -33.93
C HIS I 295 27.06 18.09 -34.31
N GLU I 296 25.75 17.84 -34.33
CA GLU I 296 25.25 16.56 -34.83
C GLU I 296 25.51 16.40 -36.32
N HIS I 297 25.45 17.49 -37.09
CA HIS I 297 25.78 17.44 -38.50
C HIS I 297 27.27 17.16 -38.72
N ILE I 298 28.12 17.68 -37.83
CA ILE I 298 29.56 17.42 -37.92
C ILE I 298 29.85 15.96 -37.60
N VAL I 299 29.25 15.42 -36.54
CA VAL I 299 29.44 14.01 -36.19
C VAL I 299 28.89 13.10 -37.27
N ARG I 300 27.77 13.51 -37.88
CA ARG I 300 27.20 12.75 -38.99
C ARG I 300 28.11 12.80 -40.22
N LEU I 301 28.71 13.95 -40.52
CA LEU I 301 29.67 14.05 -41.62
C LEU I 301 30.95 13.26 -41.34
N VAL I 302 31.30 13.07 -40.07
CA VAL I 302 32.34 12.11 -39.75
C VAL I 302 31.86 10.70 -40.10
N GLN I 303 30.63 10.36 -39.73
CA GLN I 303 30.12 9.03 -40.02
C GLN I 303 29.44 8.92 -41.39
N GLU I 304 29.30 10.02 -42.14
CA GLU I 304 28.99 9.91 -43.56
C GLU I 304 30.24 9.65 -44.38
N LYS I 305 31.42 9.94 -43.81
CA LYS I 305 32.72 9.48 -44.31
C LYS I 305 33.06 10.05 -45.68
N ARG I 306 32.61 11.27 -45.96
CA ARG I 306 33.04 11.94 -47.18
C ARG I 306 34.46 12.47 -47.03
N ILE I 307 34.76 13.06 -45.86
CA ILE I 307 36.12 13.49 -45.54
C ILE I 307 36.37 13.18 -44.07
N GLU I 308 37.63 12.86 -43.76
CA GLU I 308 38.05 12.42 -42.44
C GLU I 308 39.08 13.39 -41.89
N GLY I 309 39.53 13.11 -40.66
CA GLY I 309 40.49 13.95 -39.95
C GLY I 309 39.98 14.50 -38.64
N ILE I 310 38.67 14.58 -38.45
CA ILE I 310 38.09 15.02 -37.19
C ILE I 310 38.20 13.88 -36.20
N THR I 311 38.83 14.14 -35.05
CA THR I 311 38.87 13.13 -34.00
C THR I 311 37.55 13.10 -33.22
N ALA I 312 37.20 14.21 -32.58
CA ALA I 312 36.02 14.25 -31.73
C ALA I 312 35.55 15.70 -31.60
N VAL I 313 34.46 15.86 -30.86
CA VAL I 313 33.87 17.17 -30.57
C VAL I 313 33.63 17.25 -29.07
N ARG I 314 34.13 18.30 -28.44
CA ARG I 314 33.90 18.56 -27.02
C ARG I 314 32.95 19.74 -26.88
N ASP I 315 31.77 19.46 -26.34
CA ASP I 315 30.77 20.47 -25.99
C ASP I 315 30.88 20.69 -24.49
N GLU I 316 31.81 21.57 -24.10
CA GLU I 316 32.26 21.70 -22.71
C GLU I 316 31.54 22.80 -21.95
N SER I 317 30.25 23.02 -22.24
CA SER I 317 29.46 23.97 -21.47
C SER I 317 28.02 23.47 -21.36
N ASN I 318 27.39 23.81 -20.24
CA ASN I 318 25.98 23.54 -20.02
C ASN I 318 25.15 24.72 -20.51
N ARG I 319 25.36 25.88 -19.91
CA ARG I 319 24.74 27.12 -20.35
C ARG I 319 25.70 28.29 -20.39
N GLU I 320 26.89 28.18 -19.81
CA GLU I 320 27.73 29.33 -19.50
C GLU I 320 29.00 29.28 -20.34
N GLY I 321 29.24 30.34 -21.12
CA GLY I 321 30.43 30.46 -21.92
C GLY I 321 30.30 29.71 -23.23
N VAL I 322 30.54 30.39 -24.34
CA VAL I 322 30.40 29.78 -25.67
C VAL I 322 31.81 29.70 -26.24
N ARG I 323 32.48 28.59 -25.96
CA ARG I 323 33.80 28.27 -26.49
C ARG I 323 33.89 26.75 -26.56
N PHE I 324 34.01 26.21 -27.77
CA PHE I 324 33.88 24.78 -27.95
C PHE I 324 35.00 24.25 -28.84
N VAL I 325 35.59 23.13 -28.41
CA VAL I 325 36.79 22.57 -29.00
C VAL I 325 36.38 21.36 -29.83
N ILE I 326 36.75 21.37 -31.10
CA ILE I 326 36.67 20.18 -31.95
C ILE I 326 38.07 19.82 -32.40
N GLU I 327 38.44 18.56 -32.19
CA GLU I 327 39.82 18.11 -32.31
C GLU I 327 40.10 17.62 -33.72
N VAL I 328 41.25 18.00 -34.26
CA VAL I 328 41.79 17.42 -35.48
C VAL I 328 42.98 16.56 -35.08
N LYS I 329 43.08 15.37 -35.68
CA LYS I 329 44.06 14.38 -35.29
C LYS I 329 45.48 14.81 -35.65
N ARG I 330 46.44 13.96 -35.25
CA ARG I 330 47.82 14.14 -35.66
C ARG I 330 47.95 13.96 -37.17
N ASP I 331 48.87 14.73 -37.76
CA ASP I 331 49.21 14.68 -39.19
C ASP I 331 48.00 15.05 -40.06
N ALA I 332 47.41 16.19 -39.74
CA ALA I 332 46.31 16.75 -40.52
C ALA I 332 46.26 18.25 -40.27
N SER I 333 46.50 19.03 -41.30
CA SER I 333 46.43 20.48 -41.18
C SER I 333 44.99 20.91 -40.99
N ALA I 334 44.69 21.52 -39.83
CA ALA I 334 43.31 21.80 -39.46
C ALA I 334 42.68 22.93 -40.26
N ASN I 335 43.46 23.65 -41.08
CA ASN I 335 42.86 24.61 -41.98
C ASN I 335 42.14 23.94 -43.14
N VAL I 336 42.59 22.73 -43.52
CA VAL I 336 41.87 21.94 -44.52
C VAL I 336 40.52 21.49 -43.97
N ILE I 337 40.53 20.97 -42.74
CA ILE I 337 39.30 20.56 -42.06
C ILE I 337 38.40 21.76 -41.82
N LEU I 338 39.00 22.92 -41.55
CA LEU I 338 38.25 24.14 -41.28
C LEU I 338 37.54 24.64 -42.53
N ASN I 339 38.25 24.66 -43.66
CA ASN I 339 37.64 25.01 -44.94
C ASN I 339 36.56 24.02 -45.35
N ASN I 340 36.74 22.74 -45.01
CA ASN I 340 35.74 21.75 -45.41
C ASN I 340 34.50 21.81 -44.53
N LEU I 341 34.65 22.09 -43.23
CA LEU I 341 33.48 22.31 -42.39
C LEU I 341 32.79 23.63 -42.73
N PHE I 342 33.55 24.60 -43.25
CA PHE I 342 32.92 25.81 -43.75
C PHE I 342 32.15 25.55 -45.05
N LYS I 343 32.67 24.65 -45.88
CA LYS I 343 31.97 24.28 -47.11
C LYS I 343 30.70 23.51 -46.82
N MET I 344 30.75 22.56 -45.88
CA MET I 344 29.64 21.63 -45.67
C MET I 344 28.62 22.14 -44.67
N THR I 345 29.06 22.42 -43.44
CA THR I 345 28.15 22.57 -42.31
C THR I 345 27.44 23.92 -42.33
N GLN I 346 26.65 24.17 -41.30
CA GLN I 346 26.09 25.49 -41.04
C GLN I 346 26.98 26.29 -40.11
N MET I 347 28.26 26.35 -40.44
CA MET I 347 29.24 27.13 -39.69
C MET I 347 29.70 28.35 -40.45
N GLN I 348 29.85 28.22 -41.77
CA GLN I 348 29.95 29.36 -42.68
C GLN I 348 28.84 29.22 -43.72
N THR I 349 27.85 30.09 -43.61
CA THR I 349 26.65 30.07 -44.44
C THR I 349 26.56 31.32 -45.29
N ASN I 350 25.56 31.35 -46.16
CA ASN I 350 25.16 32.60 -46.79
C ASN I 350 24.10 33.28 -45.93
N PHE I 351 23.92 34.58 -46.16
CA PHE I 351 22.87 35.29 -45.47
C PHE I 351 22.43 36.44 -46.36
N GLY I 352 21.17 36.43 -46.77
CA GLY I 352 20.67 37.43 -47.67
C GLY I 352 20.18 38.66 -46.93
N PHE I 353 20.35 39.81 -47.57
CA PHE I 353 19.75 41.07 -47.16
C PHE I 353 18.72 41.48 -48.20
N ASN I 354 17.50 41.77 -47.75
CA ASN I 354 16.47 42.35 -48.60
C ASN I 354 15.61 43.22 -47.68
N MET I 355 15.96 44.51 -47.61
CA MET I 355 15.34 45.42 -46.64
C MET I 355 14.00 45.88 -47.19
N LEU I 356 12.99 45.08 -46.90
CA LEU I 356 11.63 45.27 -47.36
C LEU I 356 10.74 45.57 -46.17
N ALA I 357 10.08 46.72 -46.19
CA ALA I 357 9.21 47.11 -45.08
C ALA I 357 8.18 48.10 -45.58
N ILE I 358 7.26 48.47 -44.69
CA ILE I 358 6.12 49.31 -45.04
C ILE I 358 6.52 50.76 -44.95
N GLN I 359 6.47 51.48 -46.06
CA GLN I 359 6.58 52.93 -46.05
C GLN I 359 5.34 53.47 -46.73
N ASN I 360 4.72 54.48 -46.12
CA ASN I 360 3.53 55.16 -46.61
C ASN I 360 2.36 54.22 -46.87
N GLY I 361 2.34 53.05 -46.23
CA GLY I 361 1.29 52.09 -46.44
C GLY I 361 1.58 51.01 -47.46
N ILE I 362 2.70 51.07 -48.19
CA ILE I 362 2.99 50.02 -49.15
C ILE I 362 4.29 49.31 -48.76
N PRO I 363 4.46 48.03 -49.10
CA PRO I 363 5.76 47.40 -48.89
C PRO I 363 6.73 47.80 -49.98
N LYS I 364 7.94 48.16 -49.58
CA LYS I 364 8.98 48.55 -50.52
C LYS I 364 10.32 48.03 -50.06
N ILE I 365 11.17 47.72 -51.03
CA ILE I 365 12.57 47.44 -50.79
C ILE I 365 13.28 48.78 -50.68
N LEU I 366 13.87 49.05 -49.52
CA LEU I 366 14.45 50.35 -49.24
C LEU I 366 15.91 50.22 -48.88
N SER I 367 16.67 51.27 -49.17
CA SER I 367 18.09 51.26 -48.90
C SER I 367 18.38 51.82 -47.51
N LEU I 368 19.67 51.75 -47.13
CA LEU I 368 20.11 52.27 -45.84
C LEU I 368 19.93 53.78 -45.78
N ARG I 369 20.16 54.46 -46.90
CA ARG I 369 19.87 55.89 -46.99
C ARG I 369 18.40 56.17 -46.78
N GLN I 370 17.53 55.37 -47.40
CA GLN I 370 16.11 55.63 -47.39
C GLN I 370 15.47 55.33 -46.04
N ILE I 371 15.94 54.27 -45.38
CA ILE I 371 15.50 53.96 -44.02
C ILE I 371 15.79 55.12 -43.09
N LEU I 372 16.98 55.69 -43.18
CA LEU I 372 17.36 56.72 -42.24
C LEU I 372 16.79 58.08 -42.61
N ASP I 373 16.59 58.35 -43.90
CA ASP I 373 15.85 59.54 -44.30
C ASP I 373 14.42 59.51 -43.77
N ALA I 374 13.77 58.35 -43.89
CA ALA I 374 12.40 58.21 -43.39
C ALA I 374 12.35 58.29 -41.87
N TYR I 375 13.35 57.72 -41.19
CA TYR I 375 13.39 57.78 -39.74
C TYR I 375 13.61 59.21 -39.25
N ILE I 376 14.45 59.97 -39.93
CA ILE I 376 14.68 61.36 -39.57
C ILE I 376 13.42 62.19 -39.80
N GLU I 377 12.70 61.91 -40.89
CA GLU I 377 11.42 62.57 -41.12
C GLU I 377 10.41 62.22 -40.03
N HIS I 378 10.42 60.97 -39.57
CA HIS I 378 9.50 60.58 -38.51
C HIS I 378 9.85 61.23 -37.18
N GLN I 379 11.14 61.38 -36.89
CA GLN I 379 11.49 62.04 -35.64
C GLN I 379 11.22 63.53 -35.71
N LYS I 380 11.31 64.12 -36.90
CA LYS I 380 10.85 65.50 -37.06
C LYS I 380 9.36 65.62 -36.78
N GLU I 381 8.58 64.65 -37.26
CA GLU I 381 7.14 64.62 -36.96
C GLU I 381 6.88 64.46 -35.47
N VAL I 382 7.65 63.58 -34.81
CA VAL I 382 7.49 63.34 -33.37
C VAL I 382 7.80 64.60 -32.58
N VAL I 383 8.89 65.28 -32.93
CA VAL I 383 9.32 66.45 -32.20
C VAL I 383 8.35 67.61 -32.41
N VAL I 384 7.87 67.80 -33.64
CA VAL I 384 6.91 68.87 -33.92
C VAL I 384 5.60 68.61 -33.19
N ARG I 385 5.13 67.36 -33.16
CA ARG I 385 3.87 67.09 -32.47
C ARG I 385 3.99 67.20 -30.97
N ARG I 386 5.11 66.75 -30.40
CA ARG I 386 5.30 66.87 -28.96
C ARG I 386 5.45 68.32 -28.55
N THR I 387 6.16 69.10 -29.36
CA THR I 387 6.35 70.51 -29.08
C THR I 387 5.05 71.28 -29.19
N ARG I 388 4.22 70.94 -30.19
CA ARG I 388 2.92 71.58 -30.29
C ARG I 388 2.00 71.17 -29.15
N PHE I 389 2.13 69.94 -28.64
CA PHE I 389 1.32 69.54 -27.50
C PHE I 389 1.69 70.31 -26.25
N ASP I 390 2.99 70.42 -25.98
CA ASP I 390 3.39 71.16 -24.79
C ASP I 390 3.11 72.65 -24.94
N LYS I 391 3.13 73.16 -26.17
CA LYS I 391 2.71 74.54 -26.38
C LYS I 391 1.21 74.70 -26.15
N GLU I 392 0.42 73.70 -26.52
CA GLU I 392 -1.02 73.71 -26.21
C GLU I 392 -1.26 73.70 -24.71
N LYS I 393 -0.55 72.84 -23.98
CA LYS I 393 -0.75 72.72 -22.54
C LYS I 393 -0.33 73.99 -21.82
N ALA I 394 0.87 74.48 -22.11
CA ALA I 394 1.35 75.71 -21.50
C ALA I 394 0.53 76.92 -21.96
N GLU I 395 0.00 76.88 -23.18
CA GLU I 395 -0.78 78.01 -23.66
C GLU I 395 -2.14 78.04 -23.00
N ALA I 396 -2.73 76.87 -22.73
CA ALA I 396 -3.98 76.82 -21.99
C ALA I 396 -3.78 77.27 -20.55
N ARG I 397 -2.65 76.85 -19.94
CA ARG I 397 -2.39 77.28 -18.57
C ARG I 397 -2.09 78.76 -18.50
N ALA I 398 -1.39 79.31 -19.50
CA ALA I 398 -1.15 80.74 -19.57
C ALA I 398 -2.42 81.52 -19.86
N HIS I 399 -3.37 80.90 -20.58
CA HIS I 399 -4.66 81.51 -20.83
C HIS I 399 -5.46 81.63 -19.53
N ILE I 400 -5.48 80.55 -18.74
CA ILE I 400 -6.16 80.57 -17.44
C ILE I 400 -5.47 81.55 -16.49
N LEU I 401 -4.15 81.57 -16.51
CA LEU I 401 -3.41 82.44 -15.62
C LEU I 401 -3.51 83.89 -16.05
N GLU I 402 -3.71 84.14 -17.35
CA GLU I 402 -3.97 85.48 -17.83
C GLU I 402 -5.36 85.95 -17.42
N GLY I 403 -6.34 85.05 -17.44
CA GLY I 403 -7.64 85.40 -16.91
C GLY I 403 -7.62 85.76 -15.44
N LEU I 404 -6.86 84.99 -14.66
CA LEU I 404 -6.67 85.35 -13.25
C LEU I 404 -5.84 86.62 -13.11
N LEU I 405 -4.96 86.91 -14.06
CA LEU I 405 -4.18 88.13 -13.99
C LEU I 405 -5.04 89.35 -14.27
N ILE I 406 -5.98 89.22 -15.21
CA ILE I 406 -6.97 90.28 -15.45
C ILE I 406 -7.89 90.44 -14.25
N ALA I 407 -8.19 89.34 -13.55
CA ALA I 407 -8.91 89.43 -12.29
C ALA I 407 -8.11 90.20 -11.25
N LEU I 408 -6.80 90.00 -11.21
CA LEU I 408 -5.93 90.76 -10.32
C LEU I 408 -5.77 92.21 -10.76
N ASP I 409 -6.05 92.51 -12.03
CA ASP I 409 -5.94 93.88 -12.51
C ASP I 409 -7.03 94.75 -11.88
N HIS I 410 -8.28 94.43 -12.16
CA HIS I 410 -9.41 95.17 -11.62
C HIS I 410 -10.16 94.20 -10.70
N ILE I 411 -9.70 94.11 -9.45
CA ILE I 411 -10.34 93.21 -8.49
C ILE I 411 -11.68 93.78 -8.07
N ASP I 412 -11.78 95.11 -7.97
CA ASP I 412 -12.92 95.76 -7.35
C ASP I 412 -14.16 95.65 -8.23
N GLU I 413 -13.99 95.74 -9.55
CA GLU I 413 -15.11 95.59 -10.45
C GLU I 413 -15.65 94.16 -10.45
N VAL I 414 -14.74 93.18 -10.35
CA VAL I 414 -15.12 91.79 -10.27
C VAL I 414 -15.91 91.52 -9.00
N ILE I 415 -15.43 92.06 -7.88
CA ILE I 415 -16.14 91.92 -6.60
C ILE I 415 -17.50 92.62 -6.66
N ARG I 416 -17.54 93.78 -7.32
CA ARG I 416 -18.79 94.53 -7.45
C ARG I 416 -19.82 93.78 -8.29
N ILE I 417 -19.37 93.04 -9.30
CA ILE I 417 -20.29 92.24 -10.09
C ILE I 417 -20.70 90.96 -9.35
N ILE I 418 -19.79 90.35 -8.60
CA ILE I 418 -20.11 89.17 -7.80
C ILE I 418 -21.13 89.50 -6.72
N ARG I 419 -20.98 90.67 -6.08
CA ARG I 419 -21.95 91.13 -5.11
C ARG I 419 -23.27 91.49 -5.77
N ALA I 420 -23.24 91.89 -7.03
CA ALA I 420 -24.45 92.17 -7.78
C ALA I 420 -25.00 90.95 -8.52
N SER I 421 -24.34 89.80 -8.39
CA SER I 421 -24.77 88.61 -9.08
C SER I 421 -25.86 87.89 -8.29
N GLU I 422 -26.54 86.99 -8.98
CA GLU I 422 -27.56 86.15 -8.36
C GLU I 422 -27.30 84.67 -8.56
N THR I 423 -26.78 84.29 -9.74
CA THR I 423 -26.35 82.93 -10.02
C THR I 423 -24.91 82.96 -10.50
N ASP I 424 -24.29 81.77 -10.54
CA ASP I 424 -22.91 81.68 -11.00
C ASP I 424 -22.82 81.91 -12.50
N ALA I 425 -23.83 81.45 -13.23
CA ALA I 425 -23.86 81.68 -14.67
C ALA I 425 -23.99 83.16 -15.00
N GLU I 426 -24.80 83.89 -14.21
CA GLU I 426 -24.89 85.34 -14.36
C GLU I 426 -23.56 86.00 -14.09
N ALA I 427 -22.86 85.55 -13.03
CA ALA I 427 -21.60 86.16 -12.66
C ALA I 427 -20.55 85.95 -13.73
N GLN I 428 -20.44 84.73 -14.25
CA GLN I 428 -19.44 84.47 -15.28
C GLN I 428 -19.81 85.13 -16.60
N ALA I 429 -21.11 85.25 -16.90
CA ALA I 429 -21.52 85.93 -18.13
C ALA I 429 -21.24 87.42 -18.06
N GLU I 430 -21.49 88.04 -16.90
CA GLU I 430 -21.23 89.47 -16.77
C GLU I 430 -19.74 89.76 -16.71
N LEU I 431 -18.94 88.85 -16.14
CA LEU I 431 -17.49 89.04 -16.18
C LEU I 431 -16.94 88.91 -17.60
N MET I 432 -17.42 87.91 -18.34
CA MET I 432 -17.01 87.76 -19.73
C MET I 432 -17.51 88.92 -20.60
N SER I 433 -18.63 89.52 -20.22
CA SER I 433 -19.13 90.68 -20.96
C SER I 433 -18.34 91.93 -20.63
N LYS I 434 -17.88 92.06 -19.39
CA LYS I 434 -17.26 93.30 -18.94
C LYS I 434 -15.77 93.33 -19.20
N PHE I 435 -15.09 92.19 -19.15
CA PHE I 435 -13.64 92.19 -19.32
C PHE I 435 -13.17 91.26 -20.43
N LYS I 436 -14.09 90.86 -21.34
CA LYS I 436 -13.78 90.11 -22.55
C LYS I 436 -13.11 88.77 -22.24
N LEU I 437 -13.76 88.00 -21.38
CA LEU I 437 -13.16 86.82 -20.80
C LEU I 437 -13.70 85.55 -21.46
N SER I 438 -13.10 84.43 -21.10
CA SER I 438 -13.54 83.13 -21.58
C SER I 438 -14.33 82.42 -20.48
N GLU I 439 -14.91 81.28 -20.86
CA GLU I 439 -15.56 80.42 -19.86
C GLU I 439 -14.54 79.85 -18.90
N ARG I 440 -13.39 79.41 -19.41
CA ARG I 440 -12.31 78.92 -18.56
C ARG I 440 -11.80 80.02 -17.64
N GLN I 441 -11.63 81.22 -18.19
CA GLN I 441 -11.16 82.36 -17.41
C GLN I 441 -12.17 82.75 -16.34
N SER I 442 -13.46 82.77 -16.69
CA SER I 442 -14.47 83.17 -15.72
C SER I 442 -14.67 82.12 -14.64
N GLN I 443 -14.55 80.83 -14.98
CA GLN I 443 -14.60 79.79 -13.96
C GLN I 443 -13.40 79.86 -13.03
N ALA I 444 -12.23 80.20 -13.58
CA ALA I 444 -11.04 80.35 -12.74
C ALA I 444 -11.17 81.54 -11.81
N ILE I 445 -11.80 82.62 -12.28
CA ILE I 445 -12.01 83.80 -11.43
C ILE I 445 -13.02 83.50 -10.34
N LEU I 446 -14.14 82.87 -10.69
CA LEU I 446 -15.15 82.55 -9.69
C LEU I 446 -14.76 81.39 -8.79
N ASP I 447 -13.68 80.68 -9.10
CA ASP I 447 -13.11 79.69 -8.20
C ASP I 447 -11.77 80.13 -7.63
N MET I 448 -11.38 81.38 -7.85
CA MET I 448 -10.13 81.89 -7.30
C MET I 448 -10.25 82.08 -5.80
N ARG I 449 -9.23 81.64 -5.08
CA ARG I 449 -9.24 81.70 -3.63
C ARG I 449 -8.85 83.09 -3.14
N LEU I 450 -9.56 83.57 -2.11
CA LEU I 450 -9.41 84.94 -1.64
C LEU I 450 -8.04 85.17 -1.02
N ARG I 451 -7.43 84.12 -0.48
CA ARG I 451 -6.07 84.17 0.03
C ARG I 451 -5.07 84.51 -1.05
N ARG I 452 -5.40 84.19 -2.30
CA ARG I 452 -4.60 84.56 -3.45
C ARG I 452 -4.80 86.02 -3.88
N LEU I 453 -5.53 86.81 -3.10
CA LEU I 453 -5.71 88.24 -3.37
C LEU I 453 -4.70 89.11 -2.63
N THR I 454 -3.42 88.77 -2.73
CA THR I 454 -2.39 89.53 -2.06
C THR I 454 -1.22 89.76 -3.00
N GLY I 455 -0.40 90.76 -2.66
CA GLY I 455 0.81 91.01 -3.43
C GLY I 455 1.87 89.94 -3.26
N LEU I 456 1.78 89.17 -2.17
CA LEU I 456 2.63 88.01 -2.01
C LEU I 456 2.22 86.87 -2.94
N GLU I 457 0.98 86.89 -3.42
CA GLU I 457 0.49 85.92 -4.39
C GLU I 457 0.46 86.47 -5.81
N ARG I 458 0.27 87.78 -5.98
CA ARG I 458 0.35 88.38 -7.32
C ARG I 458 1.76 88.30 -7.88
N ASP I 459 2.76 88.32 -7.00
CA ASP I 459 4.15 88.15 -7.43
C ASP I 459 4.39 86.77 -8.01
N LYS I 460 3.87 85.74 -7.34
CA LYS I 460 4.07 84.37 -7.79
C LYS I 460 3.33 84.11 -9.10
N ILE I 461 2.11 84.62 -9.20
CA ILE I 461 1.32 84.48 -10.43
C ILE I 461 1.97 85.21 -11.59
N GLN I 462 2.47 86.43 -11.34
CA GLN I 462 3.08 87.21 -12.41
C GLN I 462 4.41 86.61 -12.87
N SER I 463 5.21 86.12 -11.92
CA SER I 463 6.49 85.49 -12.27
C SER I 463 6.28 84.19 -13.01
N GLU I 464 5.33 83.36 -12.55
CA GLU I 464 5.02 82.11 -13.24
C GLU I 464 4.41 82.36 -14.60
N TYR I 465 3.65 83.45 -14.75
CA TYR I 465 3.06 83.82 -16.03
C TYR I 465 4.11 84.24 -17.03
N ASP I 466 5.09 85.03 -16.59
CA ASP I 466 6.19 85.38 -17.47
C ASP I 466 7.06 84.17 -17.80
N ASP I 467 7.21 83.24 -16.86
CA ASP I 467 7.97 82.02 -17.13
C ASP I 467 7.25 81.14 -18.16
N LEU I 468 5.93 81.05 -18.06
CA LEU I 468 5.19 80.24 -19.04
C LEU I 468 5.16 80.90 -20.40
N LEU I 469 5.11 82.23 -20.45
CA LEU I 469 5.23 82.89 -21.76
C LEU I 469 6.63 82.74 -22.33
N ALA I 470 7.65 82.68 -21.48
CA ALA I 470 9.00 82.38 -21.94
C ALA I 470 9.09 80.96 -22.50
N LEU I 471 8.40 80.02 -21.87
CA LEU I 471 8.38 78.66 -22.37
C LEU I 471 7.62 78.57 -23.70
N ILE I 472 6.55 79.36 -23.84
CA ILE I 472 5.82 79.43 -25.11
C ILE I 472 6.70 80.01 -26.21
N ALA I 473 7.48 81.05 -25.88
CA ALA I 473 8.39 81.62 -26.87
C ALA I 473 9.50 80.64 -27.24
N ASP I 474 9.96 79.84 -26.28
CA ASP I 474 10.96 78.81 -26.56
C ASP I 474 10.40 77.74 -27.48
N LEU I 475 9.18 77.28 -27.22
CA LEU I 475 8.59 76.24 -28.06
C LEU I 475 8.22 76.78 -29.43
N ALA I 476 7.87 78.06 -29.53
CA ALA I 476 7.66 78.67 -30.84
C ALA I 476 8.97 78.79 -31.61
N ASP I 477 10.07 79.05 -30.92
CA ASP I 477 11.37 79.03 -31.57
C ASP I 477 11.78 77.63 -32.00
N ILE I 478 11.35 76.61 -31.26
CA ILE I 478 11.58 75.24 -31.69
C ILE I 478 10.74 74.91 -32.93
N LEU I 479 9.48 75.33 -32.93
CA LEU I 479 8.61 75.11 -34.08
C LEU I 479 8.95 75.98 -35.28
N ALA I 480 9.75 77.02 -35.09
CA ALA I 480 10.08 77.91 -36.22
C ALA I 480 11.36 77.51 -36.93
N LYS I 481 12.29 76.87 -36.24
CA LYS I 481 13.61 76.57 -36.80
C LYS I 481 13.85 75.07 -36.82
N PRO I 482 13.96 74.44 -38.00
CA PRO I 482 14.24 73.00 -38.05
C PRO I 482 15.65 72.63 -37.60
N GLU I 483 16.55 73.60 -37.44
CA GLU I 483 17.88 73.31 -36.91
C GLU I 483 17.80 72.79 -35.49
N ARG I 484 17.02 73.47 -34.64
CA ARG I 484 16.88 73.05 -33.26
C ARG I 484 16.14 71.73 -33.14
N VAL I 485 15.29 71.40 -34.12
CA VAL I 485 14.64 70.11 -34.17
C VAL I 485 15.68 69.00 -34.27
N SER I 486 16.58 69.14 -35.25
CA SER I 486 17.70 68.22 -35.40
C SER I 486 18.60 68.23 -34.18
N GLN I 487 18.69 69.38 -33.49
CA GLN I 487 19.51 69.45 -32.30
C GLN I 487 18.92 68.61 -31.16
N ILE I 488 17.61 68.71 -30.96
CA ILE I 488 16.94 67.90 -29.95
C ILE I 488 17.06 66.43 -30.28
N ILE I 489 16.98 66.10 -31.57
CA ILE I 489 17.13 64.71 -32.01
C ILE I 489 18.53 64.20 -31.71
N LYS I 490 19.55 65.00 -32.00
CA LYS I 490 20.94 64.64 -31.70
C LYS I 490 21.16 64.43 -30.23
N ASP I 491 20.58 65.32 -29.40
CA ASP I 491 20.79 65.26 -27.96
C ASP I 491 20.18 64.01 -27.37
N GLU I 492 18.95 63.69 -27.76
CA GLU I 492 18.31 62.52 -27.17
C GLU I 492 18.88 61.23 -27.73
N LEU I 493 19.32 61.24 -28.99
CA LEU I 493 20.01 60.07 -29.53
C LEU I 493 21.33 59.82 -28.84
N ASP I 494 22.07 60.88 -28.55
CA ASP I 494 23.33 60.70 -27.83
C ASP I 494 23.09 60.29 -26.39
N GLU I 495 21.95 60.69 -25.81
CA GLU I 495 21.56 60.19 -24.50
C GLU I 495 21.33 58.69 -24.53
N VAL I 496 20.64 58.23 -25.57
CA VAL I 496 20.40 56.79 -25.73
C VAL I 496 21.73 56.05 -25.96
N LYS I 497 22.62 56.67 -26.75
CA LYS I 497 23.92 56.08 -27.04
C LYS I 497 24.76 55.96 -25.78
N ARG I 498 24.67 56.95 -24.88
CA ARG I 498 25.34 56.83 -23.60
C ARG I 498 24.71 55.73 -22.76
N LYS I 499 23.38 55.61 -22.81
CA LYS I 499 22.73 54.69 -21.89
C LYS I 499 22.84 53.22 -22.31
N PHE I 500 23.12 52.92 -23.58
CA PHE I 500 23.00 51.52 -23.99
C PHE I 500 24.10 50.99 -24.89
N SER I 501 24.88 51.82 -25.59
CA SER I 501 25.64 51.35 -26.74
C SER I 501 26.83 50.49 -26.35
N ASP I 502 26.76 49.20 -26.68
CA ASP I 502 27.91 48.31 -26.63
C ASP I 502 28.62 48.38 -27.97
N LYS I 503 29.55 47.46 -28.22
CA LYS I 503 30.22 47.39 -29.52
C LYS I 503 29.98 46.02 -30.16
N ARG I 504 30.60 45.84 -31.32
CA ARG I 504 30.30 44.71 -32.18
C ARG I 504 30.82 43.41 -31.58
N ARG I 505 29.90 42.50 -31.30
CA ARG I 505 30.28 41.13 -30.98
C ARG I 505 30.75 40.38 -32.21
N THR I 506 30.37 40.86 -33.40
CA THR I 506 30.78 40.29 -34.66
C THR I 506 31.96 41.08 -35.21
N GLU I 507 32.98 40.38 -35.68
CA GLU I 507 34.13 41.01 -36.33
C GLU I 507 33.93 40.98 -37.84
N LEU I 508 34.10 42.13 -38.48
CA LEU I 508 34.13 42.18 -39.94
C LEU I 508 35.50 41.71 -40.41
N MET I 509 35.55 40.50 -40.95
CA MET I 509 36.78 39.98 -41.52
C MET I 509 36.80 40.27 -43.01
N VAL I 510 37.90 39.89 -43.66
CA VAL I 510 38.03 40.10 -45.09
C VAL I 510 38.24 38.76 -45.79
N LYS J 28 -48.71 -32.32 -12.20
CA LYS J 28 -49.25 -33.66 -12.42
C LYS J 28 -48.63 -34.30 -13.65
N ASN J 29 -47.43 -34.87 -13.48
CA ASN J 29 -46.66 -35.36 -14.62
C ASN J 29 -46.81 -36.86 -14.86
N LEU J 30 -46.38 -37.69 -13.92
CA LEU J 30 -46.52 -39.13 -14.08
C LEU J 30 -47.97 -39.51 -13.86
N VAL J 31 -48.49 -40.40 -14.70
CA VAL J 31 -49.90 -40.77 -14.64
C VAL J 31 -50.04 -42.27 -14.47
N ASN J 32 -49.00 -42.91 -13.92
CA ASN J 32 -48.91 -44.36 -13.78
C ASN J 32 -49.97 -44.87 -12.80
N VAL J 33 -50.88 -45.69 -13.29
CA VAL J 33 -52.06 -46.08 -12.52
C VAL J 33 -51.89 -47.36 -11.73
N ASN J 34 -51.67 -48.49 -12.40
CA ASN J 34 -51.91 -49.81 -11.80
C ASN J 34 -50.79 -50.14 -10.80
N LEU J 35 -50.99 -49.64 -9.59
CA LEU J 35 -49.93 -49.64 -8.59
C LEU J 35 -50.48 -50.06 -7.23
N THR J 36 -51.13 -51.22 -7.15
CA THR J 36 -51.63 -51.64 -5.84
C THR J 36 -50.54 -52.33 -5.01
N LYS J 37 -50.13 -53.51 -5.45
CA LYS J 37 -49.12 -54.24 -4.68
C LYS J 37 -47.76 -53.63 -4.85
N GLU J 38 -47.55 -52.89 -5.93
CA GLU J 38 -46.27 -52.21 -6.09
C GLU J 38 -46.16 -50.99 -5.19
N MET J 39 -47.28 -50.30 -4.91
CA MET J 39 -47.16 -49.25 -3.91
C MET J 39 -47.06 -49.84 -2.52
N LYS J 40 -47.64 -51.02 -2.28
CA LYS J 40 -47.44 -51.65 -0.98
C LYS J 40 -46.00 -52.10 -0.79
N ALA J 41 -45.42 -52.71 -1.81
CA ALA J 41 -44.03 -53.18 -1.72
C ALA J 41 -43.06 -52.02 -1.63
N SER J 42 -43.25 -50.97 -2.46
CA SER J 42 -42.37 -49.81 -2.39
C SER J 42 -42.56 -49.04 -1.09
N PHE J 43 -43.77 -49.08 -0.51
CA PHE J 43 -43.99 -48.36 0.72
C PHE J 43 -43.39 -49.10 1.90
N ILE J 44 -43.50 -50.43 1.92
CA ILE J 44 -42.83 -51.24 2.94
C ILE J 44 -41.32 -51.10 2.81
N ASP J 45 -40.82 -51.02 1.57
CA ASP J 45 -39.38 -50.89 1.36
C ASP J 45 -38.87 -49.56 1.87
N TYR J 46 -39.57 -48.47 1.56
CA TYR J 46 -39.08 -47.17 2.01
C TYR J 46 -39.29 -47.00 3.52
N ALA J 47 -40.33 -47.61 4.08
CA ALA J 47 -40.54 -47.54 5.54
C ALA J 47 -39.50 -48.34 6.30
N MET J 48 -39.21 -49.57 5.85
CA MET J 48 -38.16 -50.36 6.49
C MET J 48 -36.80 -49.72 6.32
N SER J 49 -36.56 -49.05 5.19
CA SER J 49 -35.29 -48.37 5.03
C SER J 49 -35.16 -47.20 5.98
N VAL J 50 -36.26 -46.50 6.24
CA VAL J 50 -36.24 -45.46 7.26
C VAL J 50 -35.94 -46.05 8.64
N ILE J 51 -36.73 -47.06 9.04
CA ILE J 51 -36.64 -47.66 10.38
C ILE J 51 -35.26 -48.24 10.65
N VAL J 52 -34.68 -48.92 9.67
CA VAL J 52 -33.36 -49.47 9.88
C VAL J 52 -32.31 -48.37 9.82
N ALA J 53 -32.18 -47.69 8.68
CA ALA J 53 -31.00 -46.88 8.43
C ALA J 53 -30.97 -45.62 9.27
N ARG J 54 -32.06 -44.87 9.31
CA ARG J 54 -32.00 -43.55 9.92
C ARG J 54 -32.78 -43.50 11.22
N ALA J 55 -32.97 -44.65 11.86
CA ALA J 55 -33.88 -44.74 12.99
C ALA J 55 -33.37 -45.83 13.92
N LEU J 56 -34.30 -46.36 14.72
CA LEU J 56 -34.04 -47.05 15.97
C LEU J 56 -33.13 -48.26 15.81
N PRO J 57 -32.13 -48.44 16.67
CA PRO J 57 -31.19 -49.55 16.50
C PRO J 57 -31.63 -50.86 17.12
N ASP J 58 -30.69 -51.81 17.08
CA ASP J 58 -30.92 -53.24 17.25
C ASP J 58 -30.87 -53.63 18.73
N VAL J 59 -31.46 -54.78 19.04
CA VAL J 59 -31.30 -55.34 20.38
C VAL J 59 -29.89 -55.88 20.57
N ARG J 60 -29.43 -56.71 19.64
CA ARG J 60 -28.28 -57.56 19.91
C ARG J 60 -26.96 -56.82 19.96
N ASP J 61 -26.90 -55.56 19.53
CA ASP J 61 -25.73 -54.77 19.89
C ASP J 61 -26.02 -53.33 20.24
N GLY J 62 -27.26 -52.87 20.15
CA GLY J 62 -27.57 -51.50 20.51
C GLY J 62 -26.97 -50.45 19.62
N LEU J 63 -26.55 -50.82 18.41
CA LEU J 63 -25.82 -49.90 17.55
C LEU J 63 -26.62 -49.63 16.30
N LYS J 64 -26.61 -48.37 15.88
CA LYS J 64 -27.26 -47.99 14.64
C LYS J 64 -26.44 -48.50 13.47
N PRO J 65 -27.07 -48.74 12.32
CA PRO J 65 -26.32 -49.22 11.15
C PRO J 65 -25.28 -48.25 10.64
N VAL J 66 -25.51 -46.95 10.80
CA VAL J 66 -24.46 -45.97 10.56
C VAL J 66 -23.31 -46.19 11.53
N HIS J 67 -23.64 -46.42 12.80
CA HIS J 67 -22.62 -46.66 13.81
C HIS J 67 -21.90 -47.98 13.58
N ARG J 68 -22.63 -49.01 13.16
CA ARG J 68 -22.03 -50.30 12.88
C ARG J 68 -21.04 -50.21 11.74
N ARG J 69 -21.39 -49.44 10.70
CA ARG J 69 -20.46 -49.28 9.60
C ARG J 69 -19.29 -48.39 9.97
N ILE J 70 -19.48 -47.44 10.91
CA ILE J 70 -18.36 -46.66 11.44
C ILE J 70 -17.37 -47.57 12.13
N LEU J 71 -17.85 -48.41 13.04
CA LEU J 71 -16.95 -49.26 13.82
C LEU J 71 -16.28 -50.30 12.95
N TYR J 72 -17.01 -50.88 12.00
CA TYR J 72 -16.38 -51.91 11.19
C TYR J 72 -15.42 -51.33 10.16
N GLY J 73 -15.70 -50.14 9.63
CA GLY J 73 -14.76 -49.52 8.72
C GLY J 73 -13.51 -49.06 9.42
N MET J 74 -13.64 -48.55 10.63
CA MET J 74 -12.46 -48.15 11.38
C MET J 74 -11.70 -49.35 11.90
N ASN J 75 -12.37 -50.50 12.02
CA ASN J 75 -11.68 -51.76 12.31
C ASN J 75 -10.86 -52.22 11.12
N GLU J 76 -11.47 -52.23 9.93
CA GLU J 76 -10.75 -52.67 8.73
C GLU J 76 -9.64 -51.71 8.34
N LEU J 77 -9.73 -50.44 8.74
CA LEU J 77 -8.59 -49.56 8.61
C LEU J 77 -7.58 -49.76 9.73
N GLY J 78 -7.97 -50.47 10.79
CA GLY J 78 -7.04 -50.77 11.87
C GLY J 78 -6.71 -49.60 12.76
N VAL J 79 -7.55 -48.57 12.78
CA VAL J 79 -7.22 -47.33 13.49
C VAL J 79 -7.63 -47.56 14.94
N THR J 80 -6.74 -48.20 15.67
CA THR J 80 -6.86 -48.60 17.05
C THR J 80 -6.01 -47.66 17.91
N PRO J 81 -6.11 -47.71 19.26
CA PRO J 81 -5.26 -46.82 20.06
C PRO J 81 -3.78 -47.19 20.17
N ASP J 82 -3.29 -48.16 19.39
CA ASP J 82 -1.85 -48.32 19.30
C ASP J 82 -1.22 -47.26 18.40
N LYS J 83 -1.93 -46.86 17.37
CA LYS J 83 -1.54 -45.77 16.48
C LYS J 83 -2.13 -44.46 16.97
N PRO J 84 -1.53 -43.34 16.62
CA PRO J 84 -2.15 -42.04 16.91
C PRO J 84 -3.37 -41.81 16.03
N HIS J 85 -4.06 -40.71 16.30
CA HIS J 85 -5.35 -40.44 15.70
C HIS J 85 -5.21 -40.12 14.22
N LYS J 86 -6.19 -40.56 13.44
CA LYS J 86 -6.18 -40.32 12.01
C LYS J 86 -7.31 -39.38 11.60
N LYS J 87 -7.13 -38.79 10.42
CA LYS J 87 -8.09 -37.82 9.90
C LYS J 87 -9.42 -38.48 9.59
N SER J 88 -10.49 -37.91 10.15
CA SER J 88 -11.82 -38.52 10.07
C SER J 88 -12.39 -38.47 8.67
N ALA J 89 -11.92 -37.55 7.83
CA ALA J 89 -12.39 -37.46 6.46
C ALA J 89 -12.04 -38.71 5.67
N ARG J 90 -10.86 -39.28 5.93
CA ARG J 90 -10.44 -40.50 5.24
C ARG J 90 -11.28 -41.69 5.68
N ILE J 91 -11.64 -41.73 6.97
CA ILE J 91 -12.49 -42.80 7.49
C ILE J 91 -13.88 -42.71 6.90
N THR J 92 -14.47 -41.51 6.86
CA THR J 92 -15.79 -41.35 6.27
C THR J 92 -15.77 -41.55 4.76
N GLY J 93 -14.66 -41.23 4.10
CA GLY J 93 -14.55 -41.52 2.69
C GLY J 93 -14.47 -43.01 2.40
N ASP J 94 -13.81 -43.75 3.29
CA ASP J 94 -13.80 -45.20 3.15
C ASP J 94 -15.16 -45.80 3.50
N VAL J 95 -15.89 -45.17 4.41
CA VAL J 95 -17.29 -45.56 4.67
C VAL J 95 -18.14 -45.36 3.43
N MET J 96 -17.96 -44.22 2.75
CA MET J 96 -18.69 -43.94 1.51
C MET J 96 -18.31 -44.91 0.40
N GLY J 97 -17.02 -45.22 0.28
CA GLY J 97 -16.56 -46.10 -0.76
C GLY J 97 -16.77 -47.58 -0.50
N LYS J 98 -17.10 -47.96 0.73
CA LYS J 98 -17.30 -49.38 1.01
C LYS J 98 -18.68 -49.72 1.53
N TYR J 99 -19.19 -49.03 2.54
CA TYR J 99 -20.34 -49.53 3.29
C TYR J 99 -21.59 -48.66 3.26
N HIS J 100 -21.47 -47.34 3.27
CA HIS J 100 -22.68 -46.58 3.56
C HIS J 100 -22.80 -45.32 2.70
N PRO J 101 -23.47 -45.41 1.55
CA PRO J 101 -23.54 -44.27 0.60
C PRO J 101 -24.65 -43.27 0.92
N HIS J 102 -24.36 -42.35 1.85
CA HIS J 102 -25.35 -41.39 2.33
C HIS J 102 -24.62 -40.09 2.67
N GLY J 103 -25.24 -39.27 3.51
CA GLY J 103 -24.71 -37.94 3.78
C GLY J 103 -23.40 -37.97 4.55
N ASP J 104 -22.41 -37.26 4.02
CA ASP J 104 -21.10 -37.18 4.66
C ASP J 104 -21.19 -36.47 6.00
N SER J 105 -21.96 -35.37 6.05
CA SER J 105 -22.17 -34.67 7.31
C SER J 105 -23.02 -35.48 8.29
N SER J 106 -23.87 -36.38 7.80
CA SER J 106 -24.64 -37.24 8.71
C SER J 106 -23.74 -38.30 9.35
N ILE J 107 -22.86 -38.91 8.55
CA ILE J 107 -21.89 -39.87 9.08
C ILE J 107 -20.95 -39.17 10.06
N TYR J 108 -20.54 -37.94 9.73
CA TYR J 108 -19.69 -37.21 10.66
C TYR J 108 -20.45 -36.71 11.87
N GLU J 109 -21.77 -36.51 11.76
CA GLU J 109 -22.60 -36.21 12.92
C GLU J 109 -22.64 -37.38 13.89
N ALA J 110 -22.74 -38.60 13.35
CA ALA J 110 -22.64 -39.79 14.19
C ALA J 110 -21.24 -39.92 14.80
N MET J 111 -20.21 -39.55 14.04
CA MET J 111 -18.84 -39.53 14.56
C MET J 111 -18.70 -38.57 15.74
N VAL J 112 -19.26 -37.37 15.60
CA VAL J 112 -19.12 -36.35 16.64
C VAL J 112 -19.94 -36.72 17.87
N ARG J 113 -21.17 -37.21 17.67
CA ARG J 113 -22.01 -37.57 18.81
C ARG J 113 -21.46 -38.78 19.56
N MET J 114 -20.84 -39.72 18.84
CA MET J 114 -20.28 -40.88 19.53
C MET J 114 -19.04 -40.51 20.34
N ALA J 115 -18.25 -39.54 19.88
CA ALA J 115 -16.96 -39.24 20.47
C ALA J 115 -17.00 -38.06 21.43
N GLN J 116 -18.09 -37.90 22.18
CA GLN J 116 -18.20 -36.87 23.20
C GLN J 116 -18.66 -37.51 24.50
N TRP J 117 -18.02 -37.10 25.61
CA TRP J 117 -18.30 -37.75 26.88
C TRP J 117 -19.67 -37.35 27.43
N TRP J 118 -20.15 -36.15 27.12
CA TRP J 118 -21.45 -35.73 27.61
C TRP J 118 -22.57 -36.11 26.66
N SER J 119 -22.27 -36.21 25.38
CA SER J 119 -23.28 -36.61 24.41
C SER J 119 -23.50 -38.10 24.41
N TYR J 120 -22.56 -38.86 24.96
CA TYR J 120 -22.56 -40.30 24.82
C TYR J 120 -21.76 -40.86 25.99
N ARG J 121 -22.31 -41.89 26.64
CA ARG J 121 -21.84 -42.29 27.97
C ARG J 121 -20.42 -42.83 27.93
N TYR J 122 -20.19 -43.92 27.20
CA TYR J 122 -18.85 -44.48 27.07
C TYR J 122 -18.44 -44.23 25.63
N MET J 123 -17.47 -43.33 25.44
CA MET J 123 -17.08 -42.89 24.11
C MET J 123 -16.42 -44.03 23.36
N LEU J 124 -17.16 -44.61 22.40
CA LEU J 124 -16.61 -45.71 21.60
C LEU J 124 -15.49 -45.21 20.70
N VAL J 125 -15.69 -44.06 20.07
CA VAL J 125 -14.64 -43.38 19.35
C VAL J 125 -14.00 -42.37 20.28
N ASP J 126 -12.68 -42.40 20.38
CA ASP J 126 -11.95 -41.32 21.03
C ASP J 126 -11.44 -40.36 19.98
N GLY J 127 -11.85 -39.09 20.09
CA GLY J 127 -11.54 -38.11 19.10
C GLY J 127 -10.31 -37.29 19.44
N HIS J 128 -10.04 -36.32 18.56
CA HIS J 128 -8.81 -35.53 18.64
C HIS J 128 -9.09 -34.20 17.97
N GLY J 129 -9.42 -33.20 18.78
CA GLY J 129 -9.77 -31.89 18.29
C GLY J 129 -11.06 -31.38 18.91
N ASN J 130 -11.47 -30.20 18.44
CA ASN J 130 -12.69 -29.58 18.94
C ASN J 130 -13.89 -30.27 18.32
N PHE J 131 -14.75 -30.82 19.17
CA PHE J 131 -16.00 -31.39 18.72
C PHE J 131 -17.22 -30.61 19.16
N GLY J 132 -17.31 -30.23 20.42
CA GLY J 132 -18.44 -29.44 20.87
C GLY J 132 -18.30 -29.07 22.33
N SER J 133 -19.43 -28.66 22.90
CA SER J 133 -19.51 -28.33 24.32
C SER J 133 -20.89 -28.74 24.81
N MET J 134 -21.05 -28.74 26.14
CA MET J 134 -22.37 -28.93 26.72
C MET J 134 -23.28 -27.74 26.47
N ASP J 135 -22.70 -26.57 26.17
CA ASP J 135 -23.48 -25.41 25.75
C ASP J 135 -24.13 -25.61 24.39
N GLY J 136 -23.61 -26.54 23.59
CA GLY J 136 -24.12 -26.79 22.26
C GLY J 136 -23.20 -26.17 21.23
N ASP J 137 -22.29 -27.00 20.71
CA ASP J 137 -21.29 -26.58 19.74
C ASP J 137 -21.02 -27.75 18.81
N SER J 138 -20.53 -27.43 17.61
CA SER J 138 -20.28 -28.44 16.59
C SER J 138 -18.88 -28.26 16.02
N ALA J 139 -18.32 -29.36 15.55
CA ALA J 139 -17.10 -29.28 14.78
C ALA J 139 -17.42 -28.80 13.37
N ALA J 140 -16.39 -28.32 12.68
CA ALA J 140 -16.59 -27.70 11.37
C ALA J 140 -16.91 -28.74 10.31
N ALA J 141 -15.99 -29.66 10.06
CA ALA J 141 -16.22 -30.73 9.09
C ALA J 141 -15.36 -31.93 9.48
N GLN J 142 -15.41 -32.95 8.62
CA GLN J 142 -14.73 -34.21 8.84
C GLN J 142 -13.24 -34.15 8.53
N ARG J 143 -12.77 -33.07 7.93
CA ARG J 143 -11.38 -32.93 7.51
C ARG J 143 -10.59 -31.99 8.40
N TYR J 144 -11.16 -31.54 9.51
CA TYR J 144 -10.48 -30.63 10.43
C TYR J 144 -9.91 -31.35 11.65
N THR J 145 -10.61 -32.35 12.17
CA THR J 145 -10.23 -33.04 13.39
C THR J 145 -10.03 -34.52 13.13
N GLU J 146 -9.36 -35.17 14.08
CA GLU J 146 -8.96 -36.56 13.98
C GLU J 146 -9.77 -37.41 14.96
N ALA J 147 -9.62 -38.73 14.82
CA ALA J 147 -10.31 -39.68 15.67
C ALA J 147 -9.62 -41.03 15.59
N ARG J 148 -10.01 -41.93 16.49
CA ARG J 148 -9.67 -43.34 16.44
C ARG J 148 -10.63 -44.08 17.34
N MET J 149 -10.50 -45.40 17.38
CA MET J 149 -11.28 -46.19 18.33
C MET J 149 -10.71 -46.06 19.73
N SER J 150 -11.60 -46.11 20.72
CA SER J 150 -11.18 -46.09 22.11
C SER J 150 -11.01 -47.53 22.59
N LYS J 151 -10.88 -47.69 23.90
CA LYS J 151 -10.64 -49.01 24.48
C LYS J 151 -11.89 -49.88 24.50
N ILE J 152 -13.04 -49.33 24.12
CA ILE J 152 -14.28 -50.07 24.20
C ILE J 152 -14.67 -50.62 22.83
N ALA J 153 -14.24 -49.96 21.76
CA ALA J 153 -14.50 -50.48 20.43
C ALA J 153 -13.67 -51.71 20.14
N LEU J 154 -12.46 -51.79 20.72
CA LEU J 154 -11.69 -53.02 20.63
C LEU J 154 -12.37 -54.16 21.37
N GLU J 155 -13.13 -53.84 22.41
CA GLU J 155 -13.97 -54.85 23.05
C GLU J 155 -15.11 -55.26 22.11
N MET J 156 -15.76 -54.28 21.49
CA MET J 156 -16.88 -54.55 20.58
C MET J 156 -16.46 -55.33 19.34
N LEU J 157 -15.18 -55.27 18.98
CA LEU J 157 -14.67 -55.92 17.78
C LEU J 157 -13.70 -57.04 18.10
N ARG J 158 -13.51 -57.37 19.38
CA ARG J 158 -12.71 -58.53 19.72
C ARG J 158 -13.46 -59.78 19.32
N ASP J 159 -12.76 -60.67 18.61
CA ASP J 159 -13.30 -61.89 18.03
C ASP J 159 -14.47 -61.58 17.10
N ILE J 160 -14.15 -60.89 16.02
CA ILE J 160 -15.08 -60.67 14.93
C ILE J 160 -14.75 -61.52 13.71
N ASN J 161 -13.47 -61.77 13.44
CA ASN J 161 -13.03 -62.34 12.17
C ASN J 161 -13.01 -63.84 12.20
N LYS J 162 -13.85 -64.46 13.03
CA LYS J 162 -13.73 -65.86 13.37
C LYS J 162 -15.06 -66.57 13.28
N ASN J 163 -15.78 -66.33 12.17
CA ASN J 163 -17.12 -66.90 11.90
C ASN J 163 -18.10 -66.57 13.03
N THR J 164 -17.97 -65.38 13.58
CA THR J 164 -18.72 -65.04 14.77
C THR J 164 -20.11 -64.51 14.42
N VAL J 165 -20.19 -63.56 13.50
CA VAL J 165 -21.45 -63.10 12.96
C VAL J 165 -21.35 -63.16 11.44
N ASP J 166 -22.40 -63.67 10.79
CA ASP J 166 -22.41 -63.83 9.35
C ASP J 166 -22.34 -62.48 8.64
N PHE J 167 -21.47 -62.40 7.64
CA PHE J 167 -21.39 -61.22 6.81
C PHE J 167 -22.47 -61.23 5.74
N VAL J 168 -22.67 -60.05 5.14
CA VAL J 168 -23.49 -59.90 3.95
C VAL J 168 -22.70 -59.06 2.95
N ASP J 169 -23.11 -59.17 1.69
CA ASP J 169 -22.56 -58.32 0.64
C ASP J 169 -23.32 -57.01 0.63
N ASN J 170 -22.60 -55.90 0.58
CA ASN J 170 -23.24 -54.60 0.58
C ASN J 170 -23.50 -54.14 -0.86
N TYR J 171 -23.76 -52.85 -1.01
CA TYR J 171 -24.27 -52.26 -2.25
C TYR J 171 -23.27 -52.31 -3.40
N ASP J 172 -21.99 -52.57 -3.12
CA ASP J 172 -20.96 -52.64 -4.14
C ASP J 172 -20.54 -54.06 -4.48
N ALA J 173 -21.10 -55.06 -3.78
CA ALA J 173 -20.98 -56.49 -4.07
C ALA J 173 -19.54 -57.00 -4.08
N ASN J 174 -18.62 -56.28 -3.44
CA ASN J 174 -17.24 -56.73 -3.28
C ASN J 174 -16.84 -56.66 -1.82
N GLU J 175 -17.33 -55.65 -1.12
CA GLU J 175 -17.14 -55.53 0.32
C GLU J 175 -18.15 -56.41 1.05
N ARG J 176 -17.75 -56.85 2.23
CA ARG J 176 -18.64 -57.61 3.11
C ARG J 176 -18.75 -56.85 4.42
N GLU J 177 -19.95 -56.74 4.94
CA GLU J 177 -20.15 -56.07 6.20
C GLU J 177 -20.80 -57.02 7.20
N PRO J 178 -20.63 -56.78 8.50
CA PRO J 178 -21.34 -57.59 9.50
C PRO J 178 -22.78 -57.15 9.67
N LEU J 179 -23.65 -58.14 9.84
CA LEU J 179 -25.05 -57.91 10.13
C LEU J 179 -25.21 -57.19 11.47
N VAL J 180 -24.72 -57.81 12.55
CA VAL J 180 -24.78 -57.25 13.89
C VAL J 180 -23.40 -57.41 14.51
N LEU J 181 -22.90 -56.36 15.14
CA LEU J 181 -21.57 -56.44 15.74
C LEU J 181 -21.58 -57.40 16.92
N PRO J 182 -20.63 -58.31 17.01
CA PRO J 182 -20.61 -59.21 18.17
C PRO J 182 -20.19 -58.44 19.40
N ALA J 183 -21.19 -58.15 20.23
CA ALA J 183 -20.94 -57.33 21.39
C ALA J 183 -20.34 -58.19 22.49
N ARG J 184 -19.64 -57.52 23.40
CA ARG J 184 -19.17 -58.18 24.60
C ARG J 184 -19.75 -57.56 25.83
N PHE J 185 -20.52 -56.48 25.70
CA PHE J 185 -21.27 -55.94 26.79
C PHE J 185 -22.54 -55.40 26.16
N PRO J 186 -23.68 -55.53 26.81
CA PRO J 186 -24.93 -55.10 26.18
C PRO J 186 -25.04 -53.57 26.12
N ASN J 187 -24.92 -53.05 24.91
CA ASN J 187 -24.70 -51.63 24.69
C ASN J 187 -26.00 -50.83 24.67
N LEU J 188 -27.15 -51.49 24.56
CA LEU J 188 -28.43 -50.80 24.71
C LEU J 188 -28.55 -50.15 26.08
N LEU J 189 -28.35 -50.95 27.13
CA LEU J 189 -28.48 -50.43 28.48
C LEU J 189 -27.40 -49.41 28.78
N VAL J 190 -26.26 -49.52 28.15
CA VAL J 190 -25.18 -48.59 28.41
C VAL J 190 -25.43 -47.25 27.74
N ASN J 191 -25.79 -47.27 26.46
CA ASN J 191 -25.80 -46.03 25.70
C ASN J 191 -27.18 -45.58 25.25
N GLY J 192 -28.18 -46.45 25.24
CA GLY J 192 -29.52 -46.05 24.90
C GLY J 192 -29.76 -45.91 23.41
N ALA J 193 -31.03 -45.76 23.06
CA ALA J 193 -31.45 -45.64 21.67
C ALA J 193 -32.33 -44.41 21.52
N THR J 194 -31.81 -43.38 20.87
CA THR J 194 -32.65 -42.23 20.53
C THR J 194 -33.47 -42.56 19.28
N GLY J 195 -34.75 -42.17 19.30
CA GLY J 195 -35.63 -42.63 18.24
C GLY J 195 -36.40 -41.59 17.45
N ILE J 196 -36.51 -41.83 16.15
CA ILE J 196 -37.32 -41.00 15.28
C ILE J 196 -38.63 -41.71 15.03
N ALA J 197 -39.73 -41.06 15.37
CA ALA J 197 -41.07 -41.63 15.16
C ALA J 197 -41.51 -41.39 13.73
N VAL J 198 -41.82 -42.48 13.03
CA VAL J 198 -42.70 -42.43 11.88
C VAL J 198 -43.93 -43.15 12.40
N GLY J 199 -44.17 -42.96 13.71
CA GLY J 199 -45.19 -43.63 14.47
C GLY J 199 -44.59 -44.22 15.73
N MET J 200 -43.29 -44.51 15.69
CA MET J 200 -42.62 -45.31 16.71
C MET J 200 -41.26 -44.69 17.00
N ALA J 201 -41.09 -44.15 18.20
CA ALA J 201 -39.81 -43.61 18.66
C ALA J 201 -39.38 -44.33 19.93
N THR J 202 -38.12 -44.13 20.32
CA THR J 202 -37.55 -44.90 21.42
C THR J 202 -36.58 -44.03 22.21
N ASN J 203 -36.32 -44.44 23.45
CA ASN J 203 -35.67 -43.58 24.44
C ASN J 203 -34.37 -44.19 24.96
N ILE J 204 -33.71 -43.41 25.82
CA ILE J 204 -32.40 -43.71 26.38
C ILE J 204 -32.57 -44.09 27.84
N PRO J 205 -32.63 -45.36 28.22
CA PRO J 205 -32.21 -45.73 29.56
C PRO J 205 -30.72 -46.03 29.62
N PRO J 206 -29.91 -45.13 30.14
CA PRO J 206 -28.50 -45.46 30.34
C PRO J 206 -28.35 -46.23 31.64
N HIS J 207 -27.21 -46.90 31.76
CA HIS J 207 -27.00 -47.75 32.92
C HIS J 207 -25.53 -47.75 33.31
N ASN J 208 -25.28 -48.00 34.60
CA ASN J 208 -23.93 -48.21 35.08
C ASN J 208 -23.48 -49.59 34.62
N LEU J 209 -22.24 -49.66 34.11
CA LEU J 209 -21.77 -50.88 33.46
C LEU J 209 -21.64 -52.04 34.44
N GLY J 210 -21.11 -51.76 35.63
CA GLY J 210 -20.85 -52.84 36.58
C GLY J 210 -22.12 -53.46 37.14
N GLU J 211 -23.08 -52.61 37.52
CA GLU J 211 -24.36 -53.11 37.96
C GLU J 211 -25.10 -53.82 36.84
N THR J 212 -24.90 -53.37 35.60
CA THR J 212 -25.51 -54.02 34.45
C THR J 212 -24.96 -55.42 34.28
N ILE J 213 -23.64 -55.56 34.37
CA ILE J 213 -22.99 -56.85 34.23
C ILE J 213 -23.40 -57.79 35.36
N ASP J 214 -23.55 -57.24 36.58
CA ASP J 214 -24.02 -58.05 37.69
C ASP J 214 -25.47 -58.47 37.49
N ALA J 215 -26.28 -57.61 36.86
CA ALA J 215 -27.64 -57.99 36.53
C ALA J 215 -27.67 -59.08 35.48
N VAL J 216 -26.76 -59.01 34.51
CA VAL J 216 -26.62 -60.06 33.51
C VAL J 216 -26.25 -61.38 34.17
N LYS J 217 -25.34 -61.32 35.16
CA LYS J 217 -24.94 -62.52 35.88
C LYS J 217 -26.10 -63.12 36.66
N LEU J 218 -26.89 -62.28 37.32
CA LEU J 218 -27.98 -62.81 38.13
C LEU J 218 -29.12 -63.34 37.27
N VAL J 219 -29.36 -62.71 36.12
CA VAL J 219 -30.36 -63.24 35.20
C VAL J 219 -29.89 -64.55 34.60
N MET J 220 -28.61 -64.65 34.28
CA MET J 220 -28.10 -65.88 33.69
C MET J 220 -28.01 -67.00 34.72
N ASP J 221 -27.87 -66.65 36.00
CA ASP J 221 -27.93 -67.67 37.04
C ASP J 221 -29.36 -68.12 37.25
N ASN J 222 -30.22 -67.23 37.73
CA ASN J 222 -31.60 -67.63 38.00
C ASN J 222 -32.47 -67.20 36.85
N PRO J 223 -33.12 -68.14 36.16
CA PRO J 223 -33.97 -67.76 35.01
C PRO J 223 -35.24 -67.01 35.40
N GLU J 224 -35.61 -67.00 36.68
CA GLU J 224 -36.73 -66.21 37.16
C GLU J 224 -36.26 -65.35 38.32
N VAL J 225 -35.76 -64.16 38.01
CA VAL J 225 -35.50 -63.11 38.98
C VAL J 225 -36.59 -62.06 38.79
N THR J 226 -37.22 -61.66 39.89
CA THR J 226 -38.22 -60.60 39.80
C THR J 226 -37.56 -59.26 39.51
N THR J 227 -38.30 -58.40 38.83
CA THR J 227 -37.77 -57.10 38.43
C THR J 227 -37.53 -56.18 39.61
N LYS J 228 -38.23 -56.40 40.73
CA LYS J 228 -37.85 -55.73 41.97
C LYS J 228 -36.47 -56.16 42.41
N ASP J 229 -36.13 -57.44 42.26
CA ASP J 229 -34.82 -57.92 42.65
C ASP J 229 -33.73 -57.51 41.68
N LEU J 230 -34.09 -57.04 40.50
CA LEU J 230 -33.11 -56.43 39.60
C LEU J 230 -33.04 -54.94 39.75
N MET J 231 -34.10 -54.31 40.24
CA MET J 231 -33.99 -52.94 40.71
C MET J 231 -33.18 -52.86 42.00
N GLU J 232 -33.15 -53.95 42.77
CA GLU J 232 -32.12 -54.12 43.79
C GLU J 232 -30.74 -54.05 43.16
N VAL J 233 -30.56 -54.68 42.00
CA VAL J 233 -29.30 -54.59 41.30
C VAL J 233 -29.17 -53.24 40.61
N LEU J 234 -30.05 -52.98 39.66
CA LEU J 234 -29.90 -51.82 38.81
C LEU J 234 -30.58 -50.62 39.43
N PRO J 235 -29.87 -49.55 39.70
CA PRO J 235 -30.53 -48.32 40.14
C PRO J 235 -31.33 -47.72 39.02
N GLY J 236 -30.68 -47.51 37.87
CA GLY J 236 -31.33 -46.95 36.71
C GLY J 236 -30.43 -46.05 35.90
N PRO J 237 -30.89 -44.83 35.63
CA PRO J 237 -30.21 -43.96 34.66
C PRO J 237 -28.87 -43.42 35.11
N ASP J 238 -27.80 -43.97 34.56
CA ASP J 238 -26.44 -43.49 34.81
C ASP J 238 -26.12 -42.49 33.70
N PHE J 239 -26.38 -41.22 33.95
CA PHE J 239 -26.22 -40.20 32.94
C PHE J 239 -24.74 -39.89 32.69
N PRO J 240 -24.40 -39.41 31.49
CA PRO J 240 -23.02 -39.02 31.22
C PRO J 240 -22.55 -37.77 31.94
N THR J 241 -23.45 -36.96 32.48
CA THR J 241 -23.07 -35.79 33.25
C THR J 241 -23.57 -35.81 34.69
N GLY J 242 -24.38 -36.77 35.06
CA GLY J 242 -24.92 -36.76 36.41
C GLY J 242 -26.17 -35.91 36.52
N ALA J 243 -27.04 -36.30 37.45
CA ALA J 243 -28.31 -35.62 37.73
C ALA J 243 -28.86 -36.15 39.04
N LEU J 244 -30.13 -35.85 39.29
CA LEU J 244 -30.94 -36.46 40.33
C LEU J 244 -32.17 -37.05 39.66
N VAL J 245 -32.50 -38.29 40.02
CA VAL J 245 -33.67 -38.98 39.48
C VAL J 245 -34.74 -39.03 40.55
N MET J 246 -35.88 -38.41 40.26
CA MET J 246 -37.06 -38.51 41.10
C MET J 246 -38.01 -39.54 40.51
N GLY J 247 -38.54 -40.40 41.38
CA GLY J 247 -39.54 -41.35 40.97
C GLY J 247 -38.98 -42.74 40.78
N LYS J 248 -39.15 -43.59 41.79
CA LYS J 248 -38.81 -44.99 41.62
C LYS J 248 -40.01 -45.76 41.10
N SER J 249 -41.20 -45.16 41.20
CA SER J 249 -42.39 -45.78 40.63
C SER J 249 -42.34 -45.82 39.11
N GLY J 250 -41.93 -44.71 38.49
CA GLY J 250 -41.77 -44.69 37.05
C GLY J 250 -40.63 -45.56 36.57
N ILE J 251 -39.58 -45.68 37.38
CA ILE J 251 -38.51 -46.63 37.11
C ILE J 251 -39.04 -48.06 37.11
N HIS J 252 -39.87 -48.40 38.11
CA HIS J 252 -40.41 -49.75 38.19
C HIS J 252 -41.36 -50.05 37.04
N LYS J 253 -42.19 -49.06 36.68
CA LYS J 253 -43.04 -49.14 35.51
C LYS J 253 -42.23 -49.35 34.23
N ALA J 254 -41.09 -48.66 34.12
CA ALA J 254 -40.27 -48.75 32.91
C ALA J 254 -39.63 -50.12 32.78
N TYR J 255 -39.00 -50.62 33.83
CA TYR J 255 -38.35 -51.91 33.69
C TYR J 255 -39.32 -53.08 33.86
N GLU J 256 -40.59 -52.82 34.12
CA GLU J 256 -41.58 -53.87 33.94
C GLU J 256 -42.15 -53.88 32.53
N THR J 257 -42.74 -52.77 32.08
CA THR J 257 -43.51 -52.75 30.85
C THR J 257 -42.78 -52.14 29.68
N GLY J 258 -41.84 -51.25 29.91
CA GLY J 258 -41.13 -50.60 28.83
C GLY J 258 -41.50 -49.14 28.72
N LYS J 259 -42.80 -48.85 28.82
CA LYS J 259 -43.25 -47.48 28.79
C LYS J 259 -43.27 -46.90 30.19
N GLY J 260 -42.87 -45.65 30.32
CA GLY J 260 -42.93 -44.97 31.59
C GLY J 260 -42.30 -43.60 31.48
N SER J 261 -42.23 -42.92 32.61
CA SER J 261 -41.51 -41.66 32.68
C SER J 261 -40.98 -41.47 34.08
N ILE J 262 -39.78 -40.92 34.17
CA ILE J 262 -39.19 -40.52 35.44
C ILE J 262 -39.00 -39.01 35.40
N VAL J 263 -38.58 -38.44 36.53
CA VAL J 263 -38.41 -37.01 36.64
C VAL J 263 -36.92 -36.76 36.86
N LEU J 264 -36.40 -35.72 36.23
CA LEU J 264 -34.99 -35.37 36.34
C LEU J 264 -34.87 -34.03 37.05
N ARG J 265 -34.46 -34.07 38.32
CA ARG J 265 -34.15 -32.91 39.12
C ARG J 265 -32.64 -32.74 39.20
N SER J 266 -32.13 -31.56 38.86
CA SER J 266 -30.70 -31.31 38.83
C SER J 266 -30.11 -31.35 40.24
N ARG J 267 -28.80 -31.64 40.31
CA ARG J 267 -28.10 -31.60 41.58
C ARG J 267 -27.94 -30.14 41.99
N THR J 268 -28.90 -29.67 42.77
CA THR J 268 -28.96 -28.32 43.28
C THR J 268 -28.89 -28.37 44.80
N GLU J 269 -28.26 -27.36 45.37
CA GLU J 269 -28.20 -27.27 46.83
C GLU J 269 -28.31 -25.82 47.26
N ILE J 270 -28.89 -25.62 48.44
CA ILE J 270 -29.13 -24.30 49.00
C ILE J 270 -28.04 -24.05 50.04
N GLU J 271 -27.26 -22.99 49.83
CA GLU J 271 -26.16 -22.64 50.70
C GLU J 271 -26.39 -21.21 51.20
N THR J 272 -26.61 -21.07 52.50
CA THR J 272 -26.95 -19.78 53.07
C THR J 272 -25.70 -19.06 53.53
N THR J 273 -25.50 -17.85 53.01
CA THR J 273 -24.36 -17.04 53.42
C THR J 273 -24.61 -16.47 54.83
N LYS J 274 -23.51 -16.10 55.49
CA LYS J 274 -23.62 -15.39 56.76
C LYS J 274 -24.17 -13.99 56.55
N THR J 275 -23.92 -13.41 55.38
CA THR J 275 -24.48 -12.10 55.04
C THR J 275 -26.00 -12.16 54.95
N GLY J 276 -26.54 -13.15 54.22
CA GLY J 276 -27.98 -13.35 54.19
C GLY J 276 -28.53 -13.68 52.82
N ARG J 277 -27.83 -13.28 51.77
CA ARG J 277 -28.27 -13.52 50.40
C ARG J 277 -27.89 -14.94 50.00
N GLU J 278 -28.91 -15.82 49.94
CA GLU J 278 -28.67 -17.25 49.83
C GLU J 278 -28.20 -17.64 48.44
N ARG J 279 -27.86 -18.92 48.30
CA ARG J 279 -27.09 -19.43 47.18
C ARG J 279 -27.74 -20.72 46.67
N ILE J 280 -27.89 -20.83 45.35
CA ILE J 280 -28.27 -22.09 44.74
C ILE J 280 -27.08 -22.55 43.92
N VAL J 281 -26.45 -23.63 44.36
CA VAL J 281 -25.34 -24.24 43.64
C VAL J 281 -25.92 -25.36 42.80
N VAL J 282 -25.87 -25.19 41.49
CA VAL J 282 -26.33 -26.19 40.54
C VAL J 282 -25.11 -26.78 39.85
N THR J 283 -24.99 -28.11 39.90
CA THR J 283 -23.81 -28.77 39.36
C THR J 283 -24.10 -29.81 38.29
N GLU J 284 -25.32 -30.34 38.21
CA GLU J 284 -25.60 -31.47 37.31
C GLU J 284 -26.93 -31.24 36.59
N PHE J 285 -26.88 -30.54 35.46
CA PHE J 285 -28.03 -30.46 34.57
C PHE J 285 -28.35 -31.85 34.00
N PRO J 286 -29.64 -32.13 33.70
CA PRO J 286 -30.02 -33.49 33.31
C PRO J 286 -29.57 -33.89 31.91
N TYR J 287 -30.01 -35.07 31.49
CA TYR J 287 -29.53 -35.68 30.26
C TYR J 287 -29.99 -34.92 29.03
N MET J 288 -29.00 -34.50 28.22
CA MET J 288 -29.20 -33.77 26.96
C MET J 288 -30.00 -32.49 27.16
N VAL J 289 -29.59 -31.71 28.15
CA VAL J 289 -30.15 -30.39 28.40
C VAL J 289 -29.01 -29.38 28.30
N ASN J 290 -29.22 -28.32 27.53
CA ASN J 290 -28.26 -27.24 27.40
C ASN J 290 -28.06 -26.54 28.74
N LYS J 291 -26.86 -25.97 28.91
CA LYS J 291 -26.58 -25.03 29.99
C LYS J 291 -27.03 -23.62 29.60
N THR J 292 -26.61 -23.17 28.42
CA THR J 292 -26.78 -21.78 28.01
C THR J 292 -28.24 -21.44 27.83
N LYS J 293 -29.01 -22.36 27.25
CA LYS J 293 -30.44 -22.13 27.05
C LYS J 293 -31.17 -22.04 28.38
N VAL J 294 -30.75 -22.85 29.36
CA VAL J 294 -31.40 -22.83 30.67
C VAL J 294 -31.07 -21.55 31.42
N HIS J 295 -29.81 -21.09 31.36
CA HIS J 295 -29.46 -19.85 32.04
C HIS J 295 -30.10 -18.62 31.37
N GLU J 296 -30.19 -18.63 30.04
CA GLU J 296 -30.91 -17.57 29.35
C GLU J 296 -32.40 -17.62 29.64
N HIS J 297 -32.95 -18.82 29.81
CA HIS J 297 -34.35 -18.96 30.19
C HIS J 297 -34.59 -18.46 31.61
N ILE J 298 -33.62 -18.66 32.51
CA ILE J 298 -33.73 -18.16 33.87
C ILE J 298 -33.68 -16.64 33.90
N VAL J 299 -32.74 -16.04 33.16
CA VAL J 299 -32.64 -14.57 33.09
C VAL J 299 -33.88 -13.99 32.43
N ARG J 300 -34.42 -14.69 31.44
CA ARG J 300 -35.66 -14.24 30.80
C ARG J 300 -36.84 -14.34 31.76
N LEU J 301 -36.92 -15.41 32.56
CA LEU J 301 -37.96 -15.52 33.57
C LEU J 301 -37.82 -14.48 34.68
N VAL J 302 -36.60 -14.01 34.92
CA VAL J 302 -36.44 -12.84 35.76
C VAL J 302 -37.04 -11.62 35.08
N GLN J 303 -36.76 -11.44 33.78
CA GLN J 303 -37.30 -10.30 33.06
C GLN J 303 -38.67 -10.56 32.44
N GLU J 304 -39.21 -11.78 32.53
CA GLU J 304 -40.63 -11.96 32.27
C GLU J 304 -41.47 -11.64 33.49
N LYS J 305 -40.84 -11.61 34.67
CA LYS J 305 -41.39 -11.02 35.90
C LYS J 305 -42.63 -11.75 36.39
N ARG J 306 -42.69 -13.06 36.18
CA ARG J 306 -43.77 -13.85 36.78
C ARG J 306 -43.50 -14.08 38.26
N ILE J 307 -42.26 -14.38 38.61
CA ILE J 307 -41.83 -14.50 40.00
C ILE J 307 -40.44 -13.90 40.13
N GLU J 308 -40.18 -13.31 41.29
CA GLU J 308 -38.96 -12.58 41.56
C GLU J 308 -38.21 -13.24 42.73
N GLY J 309 -37.05 -12.67 43.06
CA GLY J 309 -36.20 -13.19 44.11
C GLY J 309 -34.81 -13.59 43.65
N ILE J 310 -34.64 -13.86 42.37
CA ILE J 310 -33.32 -14.17 41.82
C ILE J 310 -32.54 -12.87 41.67
N THR J 311 -31.36 -12.82 42.28
CA THR J 311 -30.51 -11.65 42.10
C THR J 311 -29.77 -11.72 40.77
N ALA J 312 -28.94 -12.74 40.58
CA ALA J 312 -28.11 -12.86 39.39
C ALA J 312 -27.73 -14.31 39.18
N VAL J 313 -26.99 -14.54 38.09
CA VAL J 313 -26.49 -15.86 37.72
C VAL J 313 -25.00 -15.71 37.44
N ARG J 314 -24.19 -16.54 38.10
CA ARG J 314 -22.75 -16.58 37.84
C ARG J 314 -22.40 -17.86 37.11
N ASP J 315 -21.94 -17.72 35.86
CA ASP J 315 -21.44 -18.81 35.05
C ASP J 315 -19.91 -18.75 35.14
N GLU J 316 -19.36 -19.37 36.17
CA GLU J 316 -17.96 -19.16 36.57
C GLU J 316 -17.04 -20.22 36.01
N SER J 317 -17.29 -20.72 34.81
CA SER J 317 -16.37 -21.64 34.16
C SER J 317 -16.37 -21.40 32.66
N ASN J 318 -15.22 -21.65 32.04
CA ASN J 318 -15.08 -21.60 30.59
C ASN J 318 -15.35 -22.98 30.00
N ARG J 319 -14.56 -23.96 30.38
CA ARG J 319 -14.78 -25.35 30.01
C ARG J 319 -14.59 -26.33 31.16
N GLU J 320 -14.02 -25.90 32.29
CA GLU J 320 -13.50 -26.80 33.31
C GLU J 320 -14.31 -26.68 34.59
N GLY J 321 -14.88 -27.79 35.03
CA GLY J 321 -15.64 -27.83 36.26
C GLY J 321 -17.06 -27.37 36.06
N VAL J 322 -18.03 -28.17 36.47
CA VAL J 322 -19.44 -27.83 36.29
C VAL J 322 -20.01 -27.61 37.69
N ARG J 323 -19.92 -26.36 38.13
CA ARG J 323 -20.47 -25.90 39.41
C ARG J 323 -20.81 -24.43 39.24
N PHE J 324 -22.10 -24.10 39.33
CA PHE J 324 -22.54 -22.76 38.95
C PHE J 324 -23.49 -22.21 40.00
N VAL J 325 -23.25 -20.94 40.36
CA VAL J 325 -23.92 -20.29 41.47
C VAL J 325 -24.96 -19.34 40.90
N ILE J 326 -26.21 -19.49 41.33
CA ILE J 326 -27.25 -18.51 41.07
C ILE J 326 -27.75 -17.99 42.42
N GLU J 327 -27.76 -16.66 42.55
CA GLU J 327 -27.94 -16.01 43.83
C GLU J 327 -29.41 -15.71 44.08
N VAL J 328 -29.86 -15.98 45.31
CA VAL J 328 -31.16 -15.53 45.80
C VAL J 328 -30.90 -14.42 46.79
N LYS J 329 -31.70 -13.36 46.71
CA LYS J 329 -31.48 -12.14 47.48
C LYS J 329 -31.73 -12.37 48.98
N ARG J 330 -31.48 -11.32 49.75
CA ARG J 330 -31.83 -11.30 51.16
C ARG J 330 -33.34 -11.37 51.32
N ASP J 331 -33.78 -12.05 52.38
CA ASP J 331 -35.19 -12.20 52.78
C ASP J 331 -35.99 -12.92 51.70
N ALA J 332 -35.48 -14.08 51.30
CA ALA J 332 -36.17 -14.95 50.34
C ALA J 332 -35.65 -16.36 50.55
N SER J 333 -36.52 -17.26 50.98
CA SER J 333 -36.14 -18.66 51.16
C SER J 333 -35.89 -19.29 49.81
N ALA J 334 -34.65 -19.74 49.56
CA ALA J 334 -34.25 -20.19 48.23
C ALA J 334 -34.85 -21.54 47.86
N ASN J 335 -35.52 -22.23 48.78
CA ASN J 335 -36.24 -23.45 48.40
C ASN J 335 -37.51 -23.11 47.63
N VAL J 336 -38.10 -21.94 47.88
CA VAL J 336 -39.23 -21.47 47.09
C VAL J 336 -38.78 -21.18 45.66
N ILE J 337 -37.67 -20.46 45.51
CA ILE J 337 -37.09 -20.17 44.20
C ILE J 337 -36.65 -21.45 43.51
N LEU J 338 -36.17 -22.42 44.29
CA LEU J 338 -35.70 -23.69 43.75
C LEU J 338 -36.85 -24.53 43.20
N ASN J 339 -37.95 -24.61 43.97
CA ASN J 339 -39.14 -25.28 43.48
C ASN J 339 -39.75 -24.58 42.26
N ASN J 340 -39.64 -23.26 42.20
CA ASN J 340 -40.22 -22.54 41.06
C ASN J 340 -39.37 -22.67 39.80
N LEU J 341 -38.04 -22.69 39.95
CA LEU J 341 -37.19 -22.98 38.79
C LEU J 341 -37.29 -24.43 38.36
N PHE J 342 -37.62 -25.33 39.29
CA PHE J 342 -37.92 -26.70 38.92
C PHE J 342 -39.23 -26.81 38.18
N LYS J 343 -40.21 -25.98 38.57
CA LYS J 343 -41.50 -25.97 37.88
C LYS J 343 -41.37 -25.40 36.47
N MET J 344 -40.61 -24.31 36.31
CA MET J 344 -40.60 -23.57 35.05
C MET J 344 -39.53 -24.08 34.09
N THR J 345 -38.27 -24.05 34.51
CA THR J 345 -37.14 -24.17 33.59
C THR J 345 -36.93 -25.60 33.14
N GLN J 346 -35.88 -25.81 32.35
CA GLN J 346 -35.40 -27.14 32.01
C GLN J 346 -34.32 -27.59 32.99
N MET J 347 -34.61 -27.48 34.28
CA MET J 347 -33.72 -27.93 35.33
C MET J 347 -34.26 -29.16 36.05
N GLN J 348 -35.57 -29.24 36.23
CA GLN J 348 -36.26 -30.48 36.57
C GLN J 348 -37.31 -30.72 35.50
N THR J 349 -37.07 -31.74 34.67
CA THR J 349 -37.91 -32.06 33.52
C THR J 349 -38.52 -33.45 33.70
N ASN J 350 -39.39 -33.81 32.76
CA ASN J 350 -39.78 -35.19 32.61
C ASN J 350 -38.84 -35.89 31.65
N PHE J 351 -38.83 -37.22 31.71
CA PHE J 351 -38.04 -37.99 30.76
C PHE J 351 -38.71 -39.33 30.59
N GLY J 352 -39.13 -39.62 29.37
CA GLY J 352 -39.84 -40.84 29.08
C GLY J 352 -38.90 -41.98 28.78
N PHE J 353 -39.33 -43.18 29.17
CA PHE J 353 -38.70 -44.43 28.77
C PHE J 353 -39.67 -45.20 27.90
N ASN J 354 -39.19 -45.62 26.73
CA ASN J 354 -39.94 -46.51 25.85
C ASN J 354 -38.89 -47.35 25.12
N MET J 355 -38.58 -48.52 25.68
CA MET J 355 -37.48 -49.34 25.19
C MET J 355 -37.95 -50.12 23.98
N LEU J 356 -37.83 -49.48 22.83
CA LEU J 356 -38.26 -50.00 21.54
C LEU J 356 -37.04 -50.24 20.66
N ALA J 357 -36.87 -51.48 20.22
CA ALA J 357 -35.73 -51.81 19.38
C ALA J 357 -36.05 -53.06 18.55
N ILE J 358 -35.13 -53.42 17.68
CA ILE J 358 -35.34 -54.49 16.72
C ILE J 358 -34.97 -55.82 17.36
N GLN J 359 -35.95 -56.70 17.49
CA GLN J 359 -35.67 -58.09 17.84
C GLN J 359 -36.27 -58.96 16.77
N ASN J 360 -35.49 -59.93 16.29
CA ASN J 360 -35.86 -60.90 15.26
C ASN J 360 -36.31 -60.24 13.96
N GLY J 361 -35.89 -59.01 13.71
CA GLY J 361 -36.28 -58.29 12.52
C GLY J 361 -37.47 -57.38 12.66
N ILE J 362 -38.16 -57.37 13.80
CA ILE J 362 -39.30 -56.46 13.96
C ILE J 362 -39.02 -55.47 15.09
N PRO J 363 -39.58 -54.26 15.05
CA PRO J 363 -39.46 -53.38 16.21
C PRO J 363 -40.45 -53.79 17.28
N LYS J 364 -39.99 -53.85 18.52
CA LYS J 364 -40.82 -54.21 19.65
C LYS J 364 -40.44 -53.38 20.87
N ILE J 365 -41.44 -53.08 21.68
CA ILE J 365 -41.23 -52.52 23.00
C ILE J 365 -40.88 -53.67 23.94
N LEU J 366 -39.68 -53.63 24.51
CA LEU J 366 -39.16 -54.73 25.28
C LEU J 366 -38.81 -54.28 26.69
N SER J 367 -38.88 -55.21 27.63
CA SER J 367 -38.61 -54.90 29.01
C SER J 367 -37.14 -55.14 29.33
N LEU J 368 -36.75 -54.78 30.56
CA LEU J 368 -35.38 -54.99 31.03
C LEU J 368 -35.05 -56.47 31.11
N ARG J 369 -36.02 -57.28 31.51
CA ARG J 369 -35.87 -58.73 31.48
C ARG J 369 -35.63 -59.22 30.07
N GLN J 370 -36.40 -58.71 29.11
CA GLN J 370 -36.37 -59.23 27.75
C GLN J 370 -35.10 -58.82 27.01
N ILE J 371 -34.63 -57.58 27.26
CA ILE J 371 -33.36 -57.13 26.71
C ILE J 371 -32.22 -58.03 27.15
N LEU J 372 -32.20 -58.39 28.42
CA LEU J 372 -31.08 -59.15 28.93
C LEU J 372 -31.20 -60.63 28.62
N ASP J 373 -32.43 -61.16 28.54
CA ASP J 373 -32.62 -62.52 28.04
C ASP J 373 -32.13 -62.65 26.61
N ALA J 374 -32.46 -61.66 25.76
CA ALA J 374 -32.01 -61.70 24.38
C ALA J 374 -30.51 -61.51 24.27
N TYR J 375 -29.93 -60.66 25.12
CA TYR J 375 -28.50 -60.47 25.10
C TYR J 375 -27.75 -61.72 25.53
N ILE J 376 -28.27 -62.42 26.54
CA ILE J 376 -27.65 -63.67 26.99
C ILE J 376 -27.76 -64.73 25.91
N GLU J 377 -28.89 -64.78 25.20
CA GLU J 377 -29.02 -65.69 24.06
C GLU J 377 -28.02 -65.34 22.97
N HIS J 378 -27.79 -64.05 22.72
CA HIS J 378 -26.83 -63.65 21.70
C HIS J 378 -25.41 -63.99 22.10
N GLN J 379 -25.08 -63.85 23.38
CA GLN J 379 -23.73 -64.21 23.79
C GLN J 379 -23.53 -65.71 23.78
N LYS J 380 -24.59 -66.48 24.03
CA LYS J 380 -24.51 -67.92 23.83
C LYS J 380 -24.23 -68.26 22.37
N GLU J 381 -24.88 -67.55 21.46
CA GLU J 381 -24.62 -67.73 20.03
C GLU J 381 -23.18 -67.35 19.67
N VAL J 382 -22.68 -66.26 20.24
CA VAL J 382 -21.32 -65.79 19.98
C VAL J 382 -20.30 -66.81 20.46
N VAL J 383 -20.51 -67.34 21.67
CA VAL J 383 -19.58 -68.27 22.26
C VAL J 383 -19.58 -69.60 21.51
N VAL J 384 -20.78 -70.09 21.13
CA VAL J 384 -20.86 -71.34 20.39
C VAL J 384 -20.22 -71.20 19.02
N ARG J 385 -20.41 -70.07 18.34
CA ARG J 385 -19.82 -69.92 17.02
C ARG J 385 -18.30 -69.74 17.09
N ARG J 386 -17.81 -68.99 18.09
CA ARG J 386 -16.37 -68.83 18.23
C ARG J 386 -15.70 -70.14 18.61
N THR J 387 -16.34 -70.91 19.48
CA THR J 387 -15.82 -72.19 19.91
C THR J 387 -15.81 -73.18 18.76
N ARG J 388 -16.87 -73.18 17.94
CA ARG J 388 -16.87 -74.05 16.77
C ARG J 388 -15.83 -73.62 15.75
N PHE J 389 -15.55 -72.32 15.63
CA PHE J 389 -14.52 -71.88 14.71
C PHE J 389 -13.14 -72.34 15.15
N ASP J 390 -12.83 -72.17 16.43
CA ASP J 390 -11.53 -72.61 16.91
C ASP J 390 -11.41 -74.12 16.89
N LYS J 391 -12.52 -74.82 17.06
CA LYS J 391 -12.48 -76.27 16.90
C LYS J 391 -12.26 -76.66 15.45
N GLU J 392 -12.81 -75.89 14.51
CA GLU J 392 -12.53 -76.11 13.09
C GLU J 392 -11.05 -75.88 12.76
N LYS J 393 -10.49 -74.80 13.29
CA LYS J 393 -9.10 -74.46 13.00
C LYS J 393 -8.15 -75.49 13.60
N ALA J 394 -8.34 -75.80 14.88
CA ALA J 394 -7.49 -76.81 15.53
C ALA J 394 -7.75 -78.19 14.98
N GLU J 395 -8.96 -78.47 14.50
CA GLU J 395 -9.25 -79.79 13.94
C GLU J 395 -8.61 -79.95 12.58
N ALA J 396 -8.56 -78.88 11.78
CA ALA J 396 -7.85 -78.93 10.51
C ALA J 396 -6.36 -79.06 10.72
N ARG J 397 -5.82 -78.36 11.73
CA ARG J 397 -4.39 -78.47 12.00
C ARG J 397 -4.05 -79.85 12.55
N ALA J 398 -4.92 -80.43 13.37
CA ALA J 398 -4.72 -81.78 13.86
C ALA J 398 -4.90 -82.82 12.77
N HIS J 399 -5.73 -82.52 11.77
CA HIS J 399 -5.88 -83.38 10.60
C HIS J 399 -4.60 -83.42 9.78
N ILE J 400 -4.01 -82.24 9.53
CA ILE J 400 -2.75 -82.15 8.81
C ILE J 400 -1.62 -82.80 9.61
N LEU J 401 -1.62 -82.59 10.92
CA LEU J 401 -0.57 -83.14 11.76
C LEU J 401 -0.74 -84.64 11.93
N GLU J 402 -1.97 -85.15 11.83
CA GLU J 402 -2.21 -86.58 11.84
C GLU J 402 -1.75 -87.21 10.54
N GLY J 403 -1.93 -86.52 9.41
CA GLY J 403 -1.37 -87.00 8.16
C GLY J 403 0.14 -87.08 8.19
N LEU J 404 0.79 -86.06 8.76
CA LEU J 404 2.23 -86.14 8.95
C LEU J 404 2.61 -87.20 9.97
N LEU J 405 1.74 -87.48 10.94
CA LEU J 405 2.05 -88.51 11.92
C LEU J 405 1.98 -89.90 11.30
N ILE J 406 1.02 -90.11 10.39
CA ILE J 406 0.95 -91.35 9.62
C ILE J 406 2.15 -91.46 8.69
N ALA J 407 2.62 -90.32 8.17
CA ALA J 407 3.88 -90.32 7.41
C ALA J 407 5.05 -90.75 8.28
N LEU J 408 5.07 -90.30 9.54
CA LEU J 408 6.10 -90.72 10.48
C LEU J 408 5.93 -92.18 10.92
N ASP J 409 4.72 -92.74 10.76
CA ASP J 409 4.51 -94.14 11.12
C ASP J 409 5.26 -95.06 10.18
N HIS J 410 4.92 -95.03 8.91
CA HIS J 410 5.57 -95.84 7.89
C HIS J 410 6.28 -94.89 6.95
N ILE J 411 7.50 -94.50 7.32
CA ILE J 411 8.27 -93.58 6.49
C ILE J 411 8.78 -94.30 5.25
N ASP J 412 9.11 -95.58 5.39
CA ASP J 412 9.81 -96.32 4.34
C ASP J 412 8.92 -96.58 3.14
N GLU J 413 7.64 -96.86 3.40
CA GLU J 413 6.70 -97.09 2.30
C GLU J 413 6.44 -95.79 1.53
N VAL J 414 6.39 -94.67 2.25
CA VAL J 414 6.20 -93.37 1.62
C VAL J 414 7.38 -93.02 0.74
N ILE J 415 8.59 -93.27 1.26
CA ILE J 415 9.82 -93.04 0.48
C ILE J 415 9.86 -93.98 -0.73
N ARG J 416 9.43 -95.22 -0.55
CA ARG J 416 9.41 -96.20 -1.65
C ARG J 416 8.44 -95.79 -2.75
N ILE J 417 7.32 -95.18 -2.38
CA ILE J 417 6.38 -94.71 -3.39
C ILE J 417 6.87 -93.43 -4.05
N ILE J 418 7.52 -92.53 -3.30
CA ILE J 418 8.08 -91.30 -3.87
C ILE J 418 9.19 -91.62 -4.85
N ARG J 419 10.03 -92.61 -4.52
CA ARG J 419 11.06 -93.06 -5.45
C ARG J 419 10.46 -93.77 -6.65
N ALA J 420 9.28 -94.36 -6.50
CA ALA J 420 8.58 -94.99 -7.60
C ALA J 420 7.63 -94.04 -8.32
N SER J 421 7.57 -92.78 -7.88
CA SER J 421 6.66 -91.82 -8.48
C SER J 421 7.28 -91.18 -9.71
N GLU J 422 6.44 -90.55 -10.50
CA GLU J 422 6.88 -89.82 -11.69
C GLU J 422 6.41 -88.37 -11.68
N THR J 423 5.21 -88.11 -11.19
CA THR J 423 4.68 -86.78 -10.99
C THR J 423 4.24 -86.62 -9.54
N ASP J 424 4.00 -85.38 -9.13
CA ASP J 424 3.55 -85.11 -7.77
C ASP J 424 2.12 -85.57 -7.57
N ALA J 425 1.29 -85.45 -8.61
CA ALA J 425 -0.09 -85.93 -8.54
C ALA J 425 -0.13 -87.44 -8.39
N GLU J 426 0.76 -88.15 -9.10
CA GLU J 426 0.87 -89.60 -8.92
C GLU J 426 1.29 -89.95 -7.50
N ALA J 427 2.24 -89.21 -6.95
CA ALA J 427 2.74 -89.50 -5.61
C ALA J 427 1.66 -89.30 -4.57
N GLN J 428 0.94 -88.19 -4.66
CA GLN J 428 -0.11 -87.94 -3.67
C GLN J 428 -1.29 -88.88 -3.86
N ALA J 429 -1.59 -89.28 -5.10
CA ALA J 429 -2.68 -90.23 -5.33
C ALA J 429 -2.34 -91.61 -4.80
N GLU J 430 -1.09 -92.05 -4.99
CA GLU J 430 -0.70 -93.36 -4.49
C GLU J 430 -0.57 -93.37 -2.97
N LEU J 431 -0.16 -92.24 -2.37
CA LEU J 431 -0.14 -92.17 -0.92
C LEU J 431 -1.55 -92.19 -0.33
N MET J 432 -2.47 -91.43 -0.94
CA MET J 432 -3.86 -91.47 -0.50
C MET J 432 -4.51 -92.82 -0.74
N SER J 433 -4.04 -93.55 -1.76
CA SER J 433 -4.57 -94.88 -2.01
C SER J 433 -4.01 -95.90 -1.03
N LYS J 434 -2.76 -95.72 -0.62
CA LYS J 434 -2.10 -96.73 0.18
C LYS J 434 -2.31 -96.54 1.67
N PHE J 435 -2.47 -95.30 2.14
CA PHE J 435 -2.61 -95.07 3.56
C PHE J 435 -3.87 -94.27 3.91
N LYS J 436 -4.83 -94.22 2.99
CA LYS J 436 -6.17 -93.65 3.22
C LYS J 436 -6.09 -92.18 3.62
N LEU J 437 -5.38 -91.40 2.82
CA LEU J 437 -5.03 -90.04 3.18
C LEU J 437 -5.90 -89.03 2.44
N SER J 438 -5.75 -87.77 2.82
CA SER J 438 -6.46 -86.68 2.18
C SER J 438 -5.52 -85.94 1.24
N GLU J 439 -6.10 -85.00 0.49
CA GLU J 439 -5.29 -84.12 -0.35
C GLU J 439 -4.42 -83.21 0.51
N ARG J 440 -4.99 -82.68 1.59
CA ARG J 440 -4.23 -81.86 2.53
C ARG J 440 -3.12 -82.67 3.18
N GLN J 441 -3.44 -83.90 3.58
CA GLN J 441 -2.46 -84.77 4.20
C GLN J 441 -1.35 -85.15 3.23
N SER J 442 -1.71 -85.46 1.98
CA SER J 442 -0.70 -85.86 1.01
C SER J 442 0.16 -84.69 0.58
N GLN J 443 -0.40 -83.49 0.48
CA GLN J 443 0.42 -82.31 0.21
C GLN J 443 1.36 -82.00 1.36
N ALA J 444 0.90 -82.22 2.60
CA ALA J 444 1.77 -82.00 3.75
C ALA J 444 2.90 -83.01 3.79
N ILE J 445 2.63 -84.25 3.38
CA ILE J 445 3.66 -85.28 3.34
C ILE J 445 4.67 -84.97 2.24
N LEU J 446 4.20 -84.64 1.05
CA LEU J 446 5.11 -84.34 -0.05
C LEU J 446 5.79 -82.98 0.09
N ASP J 447 5.37 -82.15 1.05
CA ASP J 447 6.09 -80.93 1.39
C ASP J 447 6.75 -81.02 2.75
N MET J 448 6.76 -82.20 3.38
CA MET J 448 7.41 -82.37 4.67
C MET J 448 8.92 -82.32 4.51
N ARG J 449 9.57 -81.58 5.41
CA ARG J 449 11.01 -81.39 5.33
C ARG J 449 11.74 -82.58 5.94
N LEU J 450 12.82 -82.99 5.28
CA LEU J 450 13.53 -84.21 5.64
C LEU J 450 14.22 -84.08 7.00
N ARG J 451 14.56 -82.85 7.39
CA ARG J 451 15.10 -82.58 8.72
C ARG J 451 14.10 -82.91 9.81
N ARG J 452 12.81 -82.88 9.49
CA ARG J 452 11.75 -83.29 10.39
C ARG J 452 11.60 -84.81 10.46
N LEU J 453 12.49 -85.58 9.85
CA LEU J 453 12.48 -87.05 9.94
C LEU J 453 13.37 -87.57 11.04
N THR J 454 13.24 -87.03 12.25
CA THR J 454 14.06 -87.46 13.38
C THR J 454 13.19 -87.63 14.61
N GLY J 455 13.71 -88.40 15.57
CA GLY J 455 13.02 -88.57 16.83
C GLY J 455 13.01 -87.30 17.67
N LEU J 456 13.95 -86.38 17.41
CA LEU J 456 13.91 -85.07 18.03
C LEU J 456 12.78 -84.22 17.48
N GLU J 457 12.29 -84.53 16.29
CA GLU J 457 11.16 -83.86 15.68
C GLU J 457 9.86 -84.63 15.82
N ARG J 458 9.92 -85.97 15.85
CA ARG J 458 8.72 -86.77 16.11
C ARG J 458 8.17 -86.54 17.51
N ASP J 459 9.05 -86.22 18.46
CA ASP J 459 8.62 -85.90 19.81
C ASP J 459 7.81 -84.60 19.83
N LYS J 460 8.28 -83.58 19.11
CA LYS J 460 7.59 -82.30 19.08
C LYS J 460 6.24 -82.40 18.37
N ILE J 461 6.21 -83.14 17.26
CA ILE J 461 4.97 -83.36 16.52
C ILE J 461 3.97 -84.16 17.35
N GLN J 462 4.43 -85.21 18.03
CA GLN J 462 3.53 -86.03 18.83
C GLN J 462 2.99 -85.29 20.04
N SER J 463 3.86 -84.52 20.72
CA SER J 463 3.42 -83.74 21.87
C SER J 463 2.44 -82.64 21.47
N GLU J 464 2.74 -81.92 20.37
CA GLU J 464 1.83 -80.89 19.89
C GLU J 464 0.53 -81.49 19.39
N TYR J 465 0.57 -82.71 18.84
CA TYR J 465 -0.63 -83.38 18.38
C TYR J 465 -1.53 -83.77 19.53
N ASP J 466 -0.94 -84.30 20.61
CA ASP J 466 -1.73 -84.59 21.81
C ASP J 466 -2.26 -83.32 22.46
N ASP J 467 -1.49 -82.22 22.40
CA ASP J 467 -1.98 -80.96 22.94
C ASP J 467 -3.15 -80.42 22.13
N LEU J 468 -3.09 -80.54 20.81
CA LEU J 468 -4.20 -80.06 20.00
C LEU J 468 -5.43 -80.95 20.14
N LEU J 469 -5.24 -82.26 20.33
CA LEU J 469 -6.41 -83.09 20.62
C LEU J 469 -6.98 -82.80 22.00
N ALA J 470 -6.13 -82.41 22.95
CA ALA J 470 -6.62 -81.95 24.24
C ALA J 470 -7.43 -80.67 24.11
N LEU J 471 -6.98 -79.77 23.23
CA LEU J 471 -7.73 -78.54 23.00
C LEU J 471 -9.05 -78.83 22.30
N ILE J 472 -9.07 -79.81 21.40
CA ILE J 472 -10.31 -80.23 20.76
C ILE J 472 -11.27 -80.83 21.77
N ALA J 473 -10.76 -81.62 22.71
CA ALA J 473 -11.61 -82.19 23.75
C ALA J 473 -12.14 -81.11 24.69
N ASP J 474 -11.33 -80.09 24.95
CA ASP J 474 -11.78 -78.96 25.77
C ASP J 474 -12.89 -78.18 25.07
N LEU J 475 -12.72 -77.90 23.77
CA LEU J 475 -13.75 -77.15 23.06
C LEU J 475 -15.01 -77.98 22.85
N ALA J 476 -14.88 -79.31 22.74
CA ALA J 476 -16.06 -80.15 22.70
C ALA J 476 -16.78 -80.18 24.04
N ASP J 477 -16.02 -80.10 25.14
CA ASP J 477 -16.65 -79.97 26.45
C ASP J 477 -17.33 -78.62 26.62
N ILE J 478 -16.79 -77.58 25.98
CA ILE J 478 -17.46 -76.28 25.99
C ILE J 478 -18.74 -76.33 25.16
N LEU J 479 -18.69 -76.97 24.00
CA LEU J 479 -19.87 -77.11 23.15
C LEU J 479 -20.89 -78.10 23.71
N ALA J 480 -20.52 -78.94 24.67
CA ALA J 480 -21.45 -79.93 25.19
C ALA J 480 -22.21 -79.43 26.42
N LYS J 481 -21.63 -78.53 27.19
CA LYS J 481 -22.21 -78.10 28.46
C LYS J 481 -22.50 -76.60 28.43
N PRO J 482 -23.77 -76.19 28.49
CA PRO J 482 -24.07 -74.75 28.52
C PRO J 482 -23.68 -74.05 29.82
N GLU J 483 -23.34 -74.80 30.87
CA GLU J 483 -22.85 -74.19 32.10
C GLU J 483 -21.54 -73.46 31.87
N ARG J 484 -20.61 -74.10 31.17
CA ARG J 484 -19.31 -73.48 30.90
C ARG J 484 -19.45 -72.31 29.94
N VAL J 485 -20.49 -72.32 29.09
CA VAL J 485 -20.77 -71.19 28.22
C VAL J 485 -21.06 -69.95 29.05
N SER J 486 -21.99 -70.10 30.00
CA SER J 486 -22.27 -69.04 30.96
C SER J 486 -21.05 -68.67 31.78
N GLN J 487 -20.19 -69.64 32.05
CA GLN J 487 -18.98 -69.36 32.81
C GLN J 487 -18.02 -68.45 32.04
N ILE J 488 -17.83 -68.74 30.75
CA ILE J 488 -16.99 -67.91 29.89
C ILE J 488 -17.58 -66.52 29.78
N ILE J 489 -18.91 -66.44 29.70
CA ILE J 489 -19.59 -65.15 29.63
C ILE J 489 -19.35 -64.35 30.90
N LYS J 490 -19.49 -65.00 32.06
CA LYS J 490 -19.24 -64.34 33.34
C LYS J 490 -17.82 -63.84 33.46
N ASP J 491 -16.87 -64.66 33.02
CA ASP J 491 -15.45 -64.31 33.15
C ASP J 491 -15.11 -63.10 32.28
N GLU J 492 -15.57 -63.09 31.04
CA GLU J 492 -15.21 -61.97 30.18
C GLU J 492 -15.98 -60.71 30.54
N LEU J 493 -17.21 -60.86 31.04
CA LEU J 493 -17.95 -59.70 31.53
C LEU J 493 -17.29 -59.10 32.77
N ASP J 494 -16.79 -59.95 33.66
CA ASP J 494 -16.10 -59.41 34.83
C ASP J 494 -14.76 -58.82 34.46
N GLU J 495 -14.15 -59.31 33.38
CA GLU J 495 -12.94 -58.66 32.85
C GLU J 495 -13.25 -57.26 32.35
N VAL J 496 -14.37 -57.11 31.65
CA VAL J 496 -14.79 -55.79 31.18
C VAL J 496 -15.13 -54.89 32.37
N LYS J 497 -15.78 -55.45 33.38
CA LYS J 497 -16.14 -54.70 34.58
C LYS J 497 -14.92 -54.21 35.32
N ARG J 498 -13.87 -55.03 35.36
CA ARG J 498 -12.62 -54.57 35.93
C ARG J 498 -11.99 -53.48 35.08
N LYS J 499 -12.08 -53.61 33.75
CA LYS J 499 -11.36 -52.67 32.91
C LYS J 499 -12.03 -51.31 32.79
N PHE J 500 -13.33 -51.18 33.07
CA PHE J 500 -13.99 -49.93 32.73
C PHE J 500 -14.95 -49.36 33.77
N SER J 501 -15.48 -50.15 34.70
CA SER J 501 -16.69 -49.77 35.43
C SER J 501 -16.44 -48.65 36.43
N ASP J 502 -17.00 -47.47 36.15
CA ASP J 502 -17.09 -46.39 37.11
C ASP J 502 -18.39 -46.56 37.89
N LYS J 503 -18.79 -45.55 38.66
CA LYS J 503 -20.06 -45.59 39.36
C LYS J 503 -20.94 -44.42 38.93
N ARG J 504 -22.11 -44.34 39.55
CA ARG J 504 -23.16 -43.44 39.11
C ARG J 504 -22.80 -41.99 39.35
N ARG J 505 -22.70 -41.22 38.28
CA ARG J 505 -22.63 -39.77 38.40
C ARG J 505 -23.97 -39.17 38.78
N THR J 506 -25.05 -39.91 38.56
CA THR J 506 -26.39 -39.52 38.92
C THR J 506 -26.77 -40.16 40.24
N GLU J 507 -27.35 -39.37 41.14
CA GLU J 507 -27.86 -39.90 42.41
C GLU J 507 -29.34 -40.17 42.29
N LEU J 508 -29.77 -41.36 42.68
CA LEU J 508 -31.18 -41.66 42.79
C LEU J 508 -31.72 -41.05 44.07
N MET J 509 -32.47 -39.96 43.94
CA MET J 509 -33.10 -39.33 45.08
C MET J 509 -34.52 -39.87 45.22
N VAL J 510 -35.21 -39.41 46.26
CA VAL J 510 -36.58 -39.84 46.50
C VAL J 510 -37.51 -38.63 46.50
N LYS K 28 -8.88 45.05 -38.17
CA LYS K 28 -8.35 45.79 -39.31
C LYS K 28 -7.04 46.50 -38.94
N ASN K 29 -5.94 45.75 -38.98
CA ASN K 29 -4.66 46.24 -38.49
C ASN K 29 -3.76 46.80 -39.58
N LEU K 30 -3.31 45.97 -40.52
CA LEU K 30 -2.46 46.45 -41.60
C LEU K 30 -3.32 47.23 -42.59
N VAL K 31 -2.81 48.37 -43.05
CA VAL K 31 -3.57 49.24 -43.92
C VAL K 31 -2.81 49.47 -45.22
N ASN K 32 -1.92 48.54 -45.56
CA ASN K 32 -1.03 48.64 -46.72
C ASN K 32 -1.83 48.62 -48.02
N VAL K 33 -1.76 49.71 -48.78
CA VAL K 33 -2.64 49.90 -49.92
C VAL K 33 -2.04 49.43 -51.24
N ASN K 34 -0.95 50.02 -51.69
CA ASN K 34 -0.53 49.95 -53.09
C ASN K 34 0.04 48.56 -53.41
N LEU K 35 -0.87 47.66 -53.70
CA LEU K 35 -0.55 46.24 -53.79
C LEU K 35 -1.19 45.60 -55.00
N THR K 36 -0.96 46.15 -56.20
CA THR K 36 -1.56 45.52 -57.37
C THR K 36 -0.72 44.35 -57.88
N LYS K 37 0.46 44.65 -58.42
CA LYS K 37 1.30 43.59 -58.95
C LYS K 37 1.93 42.78 -57.85
N GLU K 38 2.05 43.35 -56.65
CA GLU K 38 2.57 42.57 -55.55
C GLU K 38 1.54 41.58 -55.02
N MET K 39 0.24 41.91 -55.07
CA MET K 39 -0.71 40.88 -54.72
C MET K 39 -0.83 39.85 -55.82
N LYS K 40 -0.61 40.24 -57.09
CA LYS K 40 -0.59 39.23 -58.14
C LYS K 40 0.60 38.29 -58.00
N ALA K 41 1.79 38.84 -57.72
CA ALA K 41 2.97 38.02 -57.58
C ALA K 41 2.90 37.14 -56.34
N SER K 42 2.45 37.70 -55.22
CA SER K 42 2.32 36.90 -54.00
C SER K 42 1.21 35.86 -54.14
N PHE K 43 0.18 36.16 -54.93
CA PHE K 43 -0.90 35.21 -55.08
C PHE K 43 -0.50 34.06 -56.01
N ILE K 44 0.23 34.37 -57.08
CA ILE K 44 0.79 33.33 -57.94
C ILE K 44 1.79 32.48 -57.17
N ASP K 45 2.58 33.11 -56.29
CA ASP K 45 3.56 32.37 -55.51
C ASP K 45 2.89 31.43 -54.53
N TYR K 46 1.87 31.89 -53.82
CA TYR K 46 1.23 31.00 -52.85
C TYR K 46 0.40 29.93 -53.56
N ALA K 47 -0.16 30.24 -54.73
CA ALA K 47 -0.93 29.25 -55.48
C ALA K 47 -0.02 28.16 -56.06
N MET K 48 1.10 28.56 -56.67
CA MET K 48 2.05 27.59 -57.18
C MET K 48 2.68 26.78 -56.06
N SER K 49 2.87 27.37 -54.88
CA SER K 49 3.40 26.59 -53.77
C SER K 49 2.39 25.55 -53.29
N VAL K 50 1.10 25.90 -53.32
CA VAL K 50 0.07 24.90 -53.03
C VAL K 50 0.10 23.77 -54.05
N ILE K 51 0.03 24.13 -55.35
CA ILE K 51 -0.07 23.16 -56.45
C ILE K 51 1.13 22.21 -56.46
N VAL K 52 2.32 22.75 -56.29
CA VAL K 52 3.49 21.89 -56.27
C VAL K 52 3.55 21.08 -54.98
N ALA K 53 3.67 21.77 -53.84
CA ALA K 53 4.09 21.09 -52.62
C ALA K 53 3.01 20.18 -52.05
N ARG K 54 1.78 20.68 -51.94
CA ARG K 54 0.78 19.92 -51.20
C ARG K 54 -0.29 19.38 -52.13
N ALA K 55 0.02 19.21 -53.41
CA ALA K 55 -0.99 18.91 -54.40
C ALA K 55 -0.35 18.09 -55.51
N LEU K 56 -0.96 18.14 -56.68
CA LEU K 56 -0.86 17.13 -57.72
C LEU K 56 0.57 16.95 -58.22
N PRO K 57 1.03 15.71 -58.39
CA PRO K 57 2.41 15.46 -58.78
C PRO K 57 2.68 15.49 -60.27
N ASP K 58 3.91 15.15 -60.61
CA ASP K 58 4.57 15.40 -61.88
C ASP K 58 4.25 14.31 -62.90
N VAL K 59 4.43 14.65 -64.18
CA VAL K 59 4.36 13.62 -65.22
C VAL K 59 5.59 12.72 -65.16
N ARG K 60 6.78 13.31 -65.15
CA ARG K 60 7.98 12.57 -65.49
C ARG K 60 8.41 11.58 -64.41
N ASP K 61 7.86 11.63 -63.21
CA ASP K 61 8.03 10.51 -62.31
C ASP K 61 6.81 10.14 -61.50
N GLY K 62 5.72 10.89 -61.59
CA GLY K 62 4.52 10.53 -60.84
C GLY K 62 4.64 10.67 -59.35
N LEU K 63 5.63 11.40 -58.86
CA LEU K 63 5.90 11.46 -57.44
C LEU K 63 5.68 12.86 -56.91
N LYS K 64 5.09 12.94 -55.73
CA LYS K 64 4.90 14.22 -55.09
C LYS K 64 6.24 14.72 -54.56
N PRO K 65 6.40 16.05 -54.42
CA PRO K 65 7.66 16.58 -53.92
C PRO K 65 7.99 16.15 -52.49
N VAL K 66 6.97 15.94 -51.67
CA VAL K 66 7.18 15.29 -50.37
C VAL K 66 7.73 13.89 -50.57
N HIS K 67 7.14 13.15 -51.51
CA HIS K 67 7.59 11.79 -51.80
C HIS K 67 8.99 11.79 -52.40
N ARG K 68 9.28 12.74 -53.27
CA ARG K 68 10.60 12.83 -53.89
C ARG K 68 11.66 13.09 -52.85
N ARG K 69 11.36 13.97 -51.89
CA ARG K 69 12.33 14.22 -50.84
C ARG K 69 12.44 13.05 -49.88
N ILE K 70 11.36 12.28 -49.69
CA ILE K 70 11.45 11.04 -48.91
C ILE K 70 12.42 10.07 -49.56
N LEU K 71 12.24 9.81 -50.86
CA LEU K 71 13.07 8.83 -51.54
C LEU K 71 14.51 9.29 -51.63
N TYR K 72 14.74 10.57 -51.89
CA TYR K 72 16.11 11.00 -52.03
C TYR K 72 16.83 11.10 -50.69
N GLY K 73 16.12 11.47 -49.62
CA GLY K 73 16.73 11.49 -48.31
C GLY K 73 17.05 10.10 -47.81
N MET K 74 16.15 9.14 -48.08
CA MET K 74 16.43 7.78 -47.67
C MET K 74 17.49 7.13 -48.55
N ASN K 75 17.69 7.67 -49.77
CA ASN K 75 18.81 7.25 -50.60
C ASN K 75 20.13 7.78 -50.04
N GLU K 76 20.18 9.06 -49.69
CA GLU K 76 21.41 9.62 -49.14
C GLU K 76 21.74 9.07 -47.76
N LEU K 77 20.74 8.59 -47.03
CA LEU K 77 21.04 7.82 -45.82
C LEU K 77 21.42 6.38 -46.14
N GLY K 78 21.18 5.93 -47.37
CA GLY K 78 21.57 4.60 -47.77
C GLY K 78 20.73 3.48 -47.19
N VAL K 79 19.51 3.79 -46.74
CA VAL K 79 18.70 2.81 -46.01
C VAL K 79 17.99 1.98 -47.07
N THR K 80 18.71 0.99 -47.58
CA THR K 80 18.33 0.07 -48.63
C THR K 80 18.01 -1.29 -47.99
N PRO K 81 17.42 -2.25 -48.74
CA PRO K 81 17.15 -3.54 -48.11
C PRO K 81 18.35 -4.45 -47.87
N ASP K 82 19.59 -3.97 -48.03
CA ASP K 82 20.72 -4.76 -47.53
C ASP K 82 20.84 -4.65 -46.01
N LYS K 83 20.52 -3.50 -45.46
CA LYS K 83 20.46 -3.24 -44.04
C LYS K 83 19.07 -3.51 -43.51
N PRO K 84 18.94 -3.81 -42.23
CA PRO K 84 17.60 -3.90 -41.63
C PRO K 84 16.98 -2.51 -41.49
N HIS K 85 15.72 -2.52 -41.06
CA HIS K 85 14.90 -1.32 -41.06
C HIS K 85 15.39 -0.32 -40.03
N LYS K 86 15.29 0.96 -40.37
CA LYS K 86 15.71 2.01 -39.46
C LYS K 86 14.53 2.84 -38.99
N LYS K 87 14.74 3.53 -37.87
CA LYS K 87 13.70 4.33 -37.24
C LYS K 87 13.31 5.51 -38.13
N SER K 88 12.00 5.61 -38.40
CA SER K 88 11.50 6.60 -39.35
C SER K 88 11.63 8.02 -38.85
N ALA K 89 11.72 8.21 -37.54
CA ALA K 89 11.88 9.54 -36.97
C ALA K 89 13.19 10.17 -37.40
N ARG K 90 14.25 9.35 -37.49
CA ARG K 90 15.55 9.86 -37.92
C ARG K 90 15.52 10.25 -39.38
N ILE K 91 14.80 9.49 -40.20
CA ILE K 91 14.66 9.79 -41.62
C ILE K 91 13.88 11.09 -41.82
N THR K 92 12.77 11.24 -41.11
CA THR K 92 12.00 12.47 -41.22
C THR K 92 12.73 13.66 -40.62
N GLY K 93 13.56 13.43 -39.59
CA GLY K 93 14.36 14.52 -39.06
C GLY K 93 15.44 14.96 -40.04
N ASP K 94 16.00 14.02 -40.79
CA ASP K 94 16.95 14.39 -41.83
C ASP K 94 16.25 15.07 -43.01
N VAL K 95 14.99 14.69 -43.27
CA VAL K 95 14.18 15.40 -44.25
C VAL K 95 13.95 16.84 -43.82
N MET K 96 13.64 17.04 -42.54
CA MET K 96 13.46 18.39 -42.00
C MET K 96 14.75 19.19 -42.03
N GLY K 97 15.87 18.56 -41.69
CA GLY K 97 17.13 19.26 -41.66
C GLY K 97 17.79 19.46 -43.00
N LYS K 98 17.32 18.78 -44.05
CA LYS K 98 17.94 18.95 -45.36
C LYS K 98 17.00 19.46 -46.43
N TYR K 99 15.82 18.86 -46.61
CA TYR K 99 15.05 19.07 -47.84
C TYR K 99 13.68 19.69 -47.66
N HIS K 100 12.93 19.37 -46.59
CA HIS K 100 11.53 19.73 -46.63
C HIS K 100 11.01 20.23 -45.29
N PRO K 101 11.05 21.54 -45.04
CA PRO K 101 10.69 22.10 -43.71
C PRO K 101 9.19 22.34 -43.55
N HIS K 102 8.47 21.28 -43.19
CA HIS K 102 7.01 21.33 -43.09
C HIS K 102 6.58 20.38 -41.97
N GLY K 103 5.32 19.96 -42.01
CA GLY K 103 4.76 19.18 -40.92
C GLY K 103 5.37 17.80 -40.80
N ASP K 104 5.83 17.47 -39.59
CA ASP K 104 6.43 16.16 -39.33
C ASP K 104 5.41 15.05 -39.48
N SER K 105 4.19 15.28 -38.98
CA SER K 105 3.12 14.30 -39.16
C SER K 105 2.65 14.22 -40.60
N SER K 106 2.81 15.28 -41.39
CA SER K 106 2.45 15.20 -42.80
C SER K 106 3.46 14.36 -43.58
N ILE K 107 4.75 14.57 -43.31
CA ILE K 107 5.80 13.74 -43.91
C ILE K 107 5.63 12.28 -43.49
N TYR K 108 5.30 12.05 -42.23
CA TYR K 108 5.06 10.68 -41.79
C TYR K 108 3.74 10.12 -42.32
N GLU K 109 2.77 10.97 -42.63
CA GLU K 109 1.56 10.52 -43.32
C GLU K 109 1.88 10.02 -44.71
N ALA K 110 2.76 10.72 -45.42
CA ALA K 110 3.23 10.24 -46.72
C ALA K 110 4.02 8.94 -46.57
N MET K 111 4.81 8.82 -45.49
CA MET K 111 5.53 7.59 -45.17
C MET K 111 4.58 6.42 -44.98
N VAL K 112 3.51 6.64 -44.21
CA VAL K 112 2.57 5.57 -43.89
C VAL K 112 1.76 5.17 -45.11
N ARG K 113 1.29 6.17 -45.88
CA ARG K 113 0.49 5.87 -47.06
C ARG K 113 1.32 5.18 -48.15
N MET K 114 2.59 5.53 -48.27
CA MET K 114 3.42 4.88 -49.27
C MET K 114 3.72 3.43 -48.90
N ALA K 115 3.86 3.13 -47.61
CA ALA K 115 4.33 1.83 -47.16
C ALA K 115 3.19 0.89 -46.75
N GLN K 116 2.06 0.95 -47.45
CA GLN K 116 0.95 0.04 -47.21
C GLN K 116 0.52 -0.58 -48.53
N TRP K 117 0.28 -1.89 -48.51
CA TRP K 117 -0.03 -2.58 -49.75
C TRP K 117 -1.41 -2.24 -50.27
N TRP K 118 -2.37 -1.94 -49.39
CA TRP K 118 -3.71 -1.60 -49.83
C TRP K 118 -3.88 -0.13 -50.09
N SER K 119 -3.11 0.71 -49.41
CA SER K 119 -3.18 2.14 -49.63
C SER K 119 -2.41 2.55 -50.87
N TYR K 120 -1.52 1.69 -51.36
CA TYR K 120 -0.57 2.08 -52.39
C TYR K 120 -0.15 0.79 -53.09
N ARG K 121 -0.14 0.81 -54.42
CA ARG K 121 -0.11 -0.42 -55.20
C ARG K 121 1.22 -1.16 -55.04
N TYR K 122 2.32 -0.53 -55.41
CA TYR K 122 3.63 -1.13 -55.25
C TYR K 122 4.34 -0.33 -54.17
N MET K 123 4.52 -0.93 -53.00
CA MET K 123 5.05 -0.21 -51.84
C MET K 123 6.50 0.17 -52.08
N LEU K 124 6.72 1.47 -52.33
CA LEU K 124 8.08 1.94 -52.55
C LEU K 124 8.89 1.86 -51.28
N VAL K 125 8.30 2.26 -50.17
CA VAL K 125 8.89 2.07 -48.86
C VAL K 125 8.34 0.77 -48.30
N ASP K 126 9.23 -0.11 -47.83
CA ASP K 126 8.82 -1.26 -47.06
C ASP K 126 8.99 -0.93 -45.58
N GLY K 127 7.90 -1.01 -44.83
CA GLY K 127 7.89 -0.62 -43.44
C GLY K 127 8.11 -1.77 -42.49
N HIS K 128 8.04 -1.45 -41.20
CA HIS K 128 8.38 -2.40 -40.15
C HIS K 128 7.62 -1.96 -38.90
N GLY K 129 6.46 -2.57 -38.67
CA GLY K 129 5.62 -2.22 -37.56
C GLY K 129 4.18 -2.02 -37.98
N ASN K 130 3.36 -1.63 -37.01
CA ASN K 130 1.95 -1.39 -37.26
C ASN K 130 1.79 -0.05 -37.96
N PHE K 131 1.19 -0.08 -39.15
CA PHE K 131 0.87 1.13 -39.89
C PHE K 131 -0.62 1.39 -39.98
N GLY K 132 -1.41 0.40 -40.36
CA GLY K 132 -2.84 0.59 -40.42
C GLY K 132 -3.55 -0.69 -40.81
N SER K 133 -4.80 -0.52 -41.23
CA SER K 133 -5.61 -1.62 -41.72
C SER K 133 -6.51 -1.10 -42.83
N MET K 134 -7.13 -2.02 -43.56
CA MET K 134 -8.16 -1.63 -44.53
C MET K 134 -9.41 -1.09 -43.84
N ASP K 135 -9.61 -1.44 -42.57
CA ASP K 135 -10.69 -0.86 -41.78
C ASP K 135 -10.48 0.62 -41.52
N GLY K 136 -9.24 1.10 -41.62
CA GLY K 136 -8.91 2.47 -41.34
C GLY K 136 -8.25 2.59 -39.99
N ASP K 137 -6.92 2.61 -40.00
CA ASP K 137 -6.10 2.66 -38.79
C ASP K 137 -4.84 3.43 -39.11
N SER K 138 -4.24 4.00 -38.09
CA SER K 138 -3.05 4.83 -38.25
C SER K 138 -1.97 4.39 -37.27
N ALA K 139 -0.72 4.60 -37.66
CA ALA K 139 0.38 4.45 -36.72
C ALA K 139 0.41 5.64 -35.77
N ALA K 140 1.10 5.46 -34.64
CA ALA K 140 1.09 6.47 -33.60
C ALA K 140 1.92 7.69 -33.99
N ALA K 141 3.22 7.49 -34.21
CA ALA K 141 4.09 8.57 -34.64
C ALA K 141 5.26 7.98 -35.41
N GLN K 142 6.19 8.86 -35.78
CA GLN K 142 7.35 8.50 -36.60
C GLN K 142 8.45 7.83 -35.80
N ARG K 143 8.35 7.80 -34.47
CA ARG K 143 9.38 7.26 -33.62
C ARG K 143 9.00 5.92 -33.01
N TYR K 144 7.90 5.33 -33.45
CA TYR K 144 7.44 4.03 -32.95
C TYR K 144 7.80 2.89 -33.87
N THR K 145 7.73 3.09 -35.19
CA THR K 145 7.93 2.05 -36.17
C THR K 145 9.08 2.40 -37.09
N GLU K 146 9.56 1.39 -37.80
CA GLU K 146 10.72 1.48 -38.67
C GLU K 146 10.31 1.38 -40.13
N ALA K 147 11.27 1.64 -41.02
CA ALA K 147 11.04 1.58 -42.45
C ALA K 147 12.38 1.47 -43.16
N ARG K 148 12.30 1.19 -44.47
CA ARG K 148 13.43 1.27 -45.39
C ARG K 148 12.86 1.30 -46.80
N MET K 149 13.74 1.44 -47.79
CA MET K 149 13.31 1.34 -49.17
C MET K 149 13.07 -0.12 -49.54
N SER K 150 12.11 -0.33 -50.43
CA SER K 150 11.84 -1.66 -50.95
C SER K 150 12.64 -1.87 -52.22
N LYS K 151 12.31 -2.94 -52.95
CA LYS K 151 13.05 -3.28 -54.16
C LYS K 151 12.73 -2.38 -55.33
N ILE K 152 11.76 -1.49 -55.18
CA ILE K 152 11.33 -0.65 -56.28
C ILE K 152 11.93 0.74 -56.18
N ALA K 153 12.24 1.18 -54.97
CA ALA K 153 12.91 2.47 -54.80
C ALA K 153 14.35 2.41 -55.26
N LEU K 154 15.00 1.25 -55.14
CA LEU K 154 16.32 1.07 -55.74
C LEU K 154 16.25 1.13 -57.25
N GLU K 155 15.13 0.72 -57.83
CA GLU K 155 14.91 0.95 -59.26
C GLU K 155 14.75 2.43 -59.56
N MET K 156 13.94 3.13 -58.76
CA MET K 156 13.70 4.55 -58.96
C MET K 156 14.96 5.39 -58.76
N LEU K 157 15.94 4.89 -58.03
CA LEU K 157 17.15 5.62 -57.72
C LEU K 157 18.37 5.00 -58.37
N ARG K 158 18.20 3.97 -59.17
CA ARG K 158 19.34 3.42 -59.91
C ARG K 158 19.75 4.42 -60.98
N ASP K 159 21.05 4.71 -61.02
CA ASP K 159 21.66 5.72 -61.89
C ASP K 159 21.01 7.09 -61.66
N ILE K 160 21.26 7.59 -60.46
CA ILE K 160 20.90 8.96 -60.13
C ILE K 160 22.13 9.87 -60.02
N ASN K 161 23.27 9.34 -59.57
CA ASN K 161 24.41 10.15 -59.20
C ASN K 161 25.34 10.41 -60.37
N LYS K 162 24.82 10.39 -61.59
CA LYS K 162 25.63 10.31 -62.79
C LYS K 162 25.17 11.33 -63.83
N ASN K 163 24.97 12.58 -63.37
CA ASN K 163 24.50 13.70 -64.21
C ASN K 163 23.18 13.37 -64.91
N THR K 164 22.33 12.64 -64.22
CA THR K 164 21.13 12.12 -64.85
C THR K 164 20.00 13.13 -64.82
N VAL K 165 19.72 13.70 -63.66
CA VAL K 165 18.79 14.82 -63.53
C VAL K 165 19.50 15.93 -62.78
N ASP K 166 19.34 17.16 -63.27
CA ASP K 166 19.99 18.32 -62.68
C ASP K 166 19.49 18.57 -61.26
N PHE K 167 20.43 18.80 -60.35
CA PHE K 167 20.10 19.17 -58.99
C PHE K 167 19.77 20.65 -58.90
N VAL K 168 19.15 21.01 -57.77
CA VAL K 168 18.97 22.41 -57.38
C VAL K 168 19.39 22.55 -55.93
N ASP K 169 19.68 23.78 -55.54
CA ASP K 169 19.94 24.11 -54.15
C ASP K 169 18.61 24.33 -53.44
N ASN K 170 18.46 23.71 -52.27
CA ASN K 170 17.22 23.87 -51.52
C ASN K 170 17.32 25.05 -50.56
N TYR K 171 16.41 25.08 -49.59
CA TYR K 171 16.19 26.23 -48.72
C TYR K 171 17.36 26.52 -47.80
N ASP K 172 18.29 25.58 -47.62
CA ASP K 172 19.44 25.77 -46.75
C ASP K 172 20.73 26.03 -47.51
N ALA K 173 20.68 26.02 -48.84
CA ALA K 173 21.76 26.44 -49.75
C ALA K 173 23.06 25.66 -49.57
N ASN K 174 23.00 24.47 -48.96
CA ASN K 174 24.16 23.60 -48.85
C ASN K 174 23.82 22.21 -49.37
N GLU K 175 22.59 21.78 -49.12
CA GLU K 175 22.09 20.54 -49.68
C GLU K 175 21.65 20.75 -51.12
N ARG K 176 21.72 19.68 -51.90
CA ARG K 176 21.23 19.68 -53.27
C ARG K 176 20.17 18.59 -53.39
N GLU K 177 19.07 18.91 -54.04
CA GLU K 177 18.04 17.92 -54.24
C GLU K 177 17.77 17.73 -55.73
N PRO K 178 17.24 16.58 -56.12
CA PRO K 178 16.85 16.38 -57.52
C PRO K 178 15.53 17.05 -57.84
N LEU K 179 15.47 17.62 -59.05
CA LEU K 179 14.25 18.20 -59.57
C LEU K 179 13.18 17.14 -59.76
N VAL K 180 13.47 16.13 -60.57
CA VAL K 180 12.56 15.02 -60.83
C VAL K 180 13.36 13.73 -60.71
N LEU K 181 12.81 12.75 -60.02
CA LEU K 181 13.55 11.49 -59.86
C LEU K 181 13.65 10.77 -61.19
N PRO K 182 14.83 10.30 -61.56
CA PRO K 182 14.95 9.55 -62.82
C PRO K 182 14.27 8.20 -62.67
N ALA K 183 13.09 8.12 -63.26
CA ALA K 183 12.31 6.91 -63.12
C ALA K 183 12.80 5.86 -64.09
N ARG K 184 12.52 4.61 -63.74
CA ARG K 184 12.78 3.53 -64.67
C ARG K 184 11.50 2.80 -65.05
N PHE K 185 10.38 3.17 -64.45
CA PHE K 185 9.10 2.69 -64.88
C PHE K 185 8.14 3.85 -64.65
N PRO K 186 7.18 4.06 -65.53
CA PRO K 186 6.31 5.23 -65.38
C PRO K 186 5.33 5.05 -64.24
N ASN K 187 5.56 5.82 -63.17
CA ASN K 187 4.93 5.60 -61.88
C ASN K 187 3.55 6.24 -61.77
N LEU K 188 3.21 7.15 -62.70
CA LEU K 188 1.85 7.69 -62.75
C LEU K 188 0.84 6.58 -62.98
N LEU K 189 1.05 5.79 -64.03
CA LEU K 189 0.11 4.74 -64.36
C LEU K 189 0.11 3.65 -63.30
N VAL K 190 1.22 3.47 -62.61
CA VAL K 190 1.29 2.44 -61.60
C VAL K 190 0.55 2.86 -60.35
N ASN K 191 0.81 4.07 -59.85
CA ASN K 191 0.35 4.43 -58.52
C ASN K 191 -0.69 5.54 -58.50
N GLY K 192 -0.84 6.31 -59.56
CA GLY K 192 -1.88 7.32 -59.64
C GLY K 192 -1.54 8.58 -58.86
N ALA K 193 -2.37 9.60 -59.08
CA ALA K 193 -2.19 10.91 -58.46
C ALA K 193 -3.48 11.32 -57.78
N THR K 194 -3.50 11.32 -56.46
CA THR K 194 -4.64 11.88 -55.74
C THR K 194 -4.52 13.40 -55.70
N GLY K 195 -5.63 14.09 -55.92
CA GLY K 195 -5.55 15.53 -56.11
C GLY K 195 -6.40 16.41 -55.22
N ILE K 196 -5.83 17.53 -54.79
CA ILE K 196 -6.55 18.54 -54.05
C ILE K 196 -6.91 19.67 -54.99
N ALA K 197 -8.20 19.96 -55.10
CA ALA K 197 -8.68 21.03 -55.97
C ALA K 197 -8.57 22.35 -55.24
N VAL K 198 -7.85 23.29 -55.85
CA VAL K 198 -8.03 24.70 -55.59
C VAL K 198 -8.63 25.19 -56.90
N GLY K 199 -9.43 24.29 -57.50
CA GLY K 199 -10.02 24.44 -58.81
C GLY K 199 -9.74 23.21 -59.65
N MET K 200 -8.65 22.51 -59.33
CA MET K 200 -8.10 21.47 -60.18
C MET K 200 -7.66 20.29 -59.31
N ALA K 201 -8.35 19.17 -59.42
CA ALA K 201 -7.99 17.93 -58.74
C ALA K 201 -7.75 16.82 -59.75
N THR K 202 -7.16 15.72 -59.29
CA THR K 202 -6.73 14.67 -60.20
C THR K 202 -6.91 13.31 -59.54
N ASN K 203 -6.95 12.27 -60.37
CA ASN K 203 -7.43 10.95 -59.95
C ASN K 203 -6.37 9.88 -60.16
N ILE K 204 -6.72 8.67 -59.72
CA ILE K 204 -5.87 7.49 -59.71
C ILE K 204 -6.33 6.54 -60.81
N PRO K 205 -5.73 6.52 -61.99
CA PRO K 205 -5.75 5.29 -62.78
C PRO K 205 -4.57 4.40 -62.45
N PRO K 206 -4.76 3.34 -61.68
CA PRO K 206 -3.67 2.38 -61.48
C PRO K 206 -3.60 1.44 -62.66
N HIS K 207 -2.46 0.78 -62.79
CA HIS K 207 -2.25 -0.10 -63.94
C HIS K 207 -1.39 -1.29 -63.54
N ASN K 208 -1.57 -2.38 -64.28
CA ASN K 208 -0.71 -3.54 -64.15
C ASN K 208 0.63 -3.20 -64.80
N LEU K 209 1.72 -3.53 -64.10
CA LEU K 209 3.04 -3.09 -64.53
C LEU K 209 3.46 -3.72 -65.86
N GLY K 210 3.17 -5.01 -66.03
CA GLY K 210 3.65 -5.70 -67.22
C GLY K 210 2.94 -5.25 -68.48
N GLU K 211 1.61 -5.12 -68.40
CA GLU K 211 0.86 -4.58 -69.53
C GLU K 211 1.23 -3.13 -69.80
N THR K 212 1.57 -2.39 -68.76
CA THR K 212 2.01 -1.00 -68.93
C THR K 212 3.31 -0.94 -69.69
N ILE K 213 4.26 -1.79 -69.33
CA ILE K 213 5.55 -1.84 -69.99
C ILE K 213 5.40 -2.29 -71.43
N ASP K 214 4.49 -3.24 -71.68
CA ASP K 214 4.22 -3.66 -73.05
C ASP K 214 3.56 -2.54 -73.85
N ALA K 215 2.73 -1.72 -73.20
CA ALA K 215 2.15 -0.57 -73.86
C ALA K 215 3.22 0.46 -74.19
N VAL K 216 4.18 0.64 -73.28
CA VAL K 216 5.30 1.52 -73.54
C VAL K 216 6.10 1.03 -74.74
N LYS K 217 6.31 -0.28 -74.83
CA LYS K 217 7.03 -0.87 -75.95
C LYS K 217 6.30 -0.66 -77.26
N LEU K 218 4.98 -0.84 -77.26
CA LEU K 218 4.25 -0.70 -78.51
C LEU K 218 4.12 0.75 -78.93
N VAL K 219 4.03 1.67 -77.98
CA VAL K 219 4.02 3.08 -78.32
C VAL K 219 5.39 3.51 -78.85
N MET K 220 6.45 2.98 -78.25
CA MET K 220 7.78 3.37 -78.70
C MET K 220 8.12 2.73 -80.04
N ASP K 221 7.51 1.59 -80.35
CA ASP K 221 7.67 1.01 -81.67
C ASP K 221 6.88 1.80 -82.70
N ASN K 222 5.56 1.80 -82.60
CA ASN K 222 4.76 2.49 -83.59
C ASN K 222 4.35 3.84 -83.04
N PRO K 223 4.75 4.95 -83.67
CA PRO K 223 4.38 6.27 -83.14
C PRO K 223 2.90 6.60 -83.26
N GLU K 224 2.14 5.84 -84.05
CA GLU K 224 0.69 6.00 -84.12
C GLU K 224 0.04 4.65 -83.86
N VAL K 225 -0.23 4.38 -82.58
CA VAL K 225 -1.07 3.27 -82.16
C VAL K 225 -2.39 3.88 -81.70
N THR K 226 -3.50 3.33 -82.18
CA THR K 226 -4.79 3.81 -81.74
C THR K 226 -5.04 3.39 -80.30
N THR K 227 -5.82 4.21 -79.58
CA THR K 227 -6.10 3.96 -78.18
C THR K 227 -6.95 2.71 -77.97
N LYS K 228 -7.74 2.32 -78.97
CA LYS K 228 -8.38 1.00 -78.93
C LYS K 228 -7.34 -0.09 -78.92
N ASP K 229 -6.26 0.06 -79.70
CA ASP K 229 -5.23 -0.95 -79.74
C ASP K 229 -4.34 -0.94 -78.50
N LEU K 230 -4.41 0.11 -77.69
CA LEU K 230 -3.76 0.09 -76.40
C LEU K 230 -4.69 -0.35 -75.28
N MET K 231 -5.99 -0.20 -75.47
CA MET K 231 -6.95 -0.89 -74.61
C MET K 231 -6.94 -2.38 -74.87
N GLU K 232 -6.55 -2.79 -76.08
CA GLU K 232 -6.14 -4.17 -76.31
C GLU K 232 -4.99 -4.55 -75.39
N VAL K 233 -4.03 -3.64 -75.23
CA VAL K 233 -2.94 -3.88 -74.30
C VAL K 233 -3.40 -3.68 -72.87
N LEU K 234 -3.79 -2.46 -72.54
CA LEU K 234 -4.07 -2.11 -71.16
C LEU K 234 -5.52 -2.40 -70.82
N PRO K 235 -5.79 -3.25 -69.85
CA PRO K 235 -7.16 -3.43 -69.40
C PRO K 235 -7.64 -2.17 -68.69
N GLY K 236 -6.87 -1.73 -67.69
CA GLY K 236 -7.20 -0.53 -66.95
C GLY K 236 -6.82 -0.62 -65.49
N PRO K 237 -7.77 -0.36 -64.60
CA PRO K 237 -7.46 -0.19 -63.18
C PRO K 237 -7.06 -1.45 -62.44
N ASP K 238 -5.76 -1.58 -62.17
CA ASP K 238 -5.22 -2.68 -61.37
C ASP K 238 -5.17 -2.20 -59.93
N PHE K 239 -6.23 -2.47 -59.19
CA PHE K 239 -6.35 -1.98 -57.83
C PHE K 239 -5.42 -2.75 -56.88
N PRO K 240 -5.01 -2.12 -55.78
CA PRO K 240 -4.18 -2.83 -54.79
C PRO K 240 -4.91 -3.90 -53.99
N THR K 241 -6.25 -3.92 -54.01
CA THR K 241 -7.00 -4.97 -53.34
C THR K 241 -7.89 -5.77 -54.27
N GLY K 242 -8.01 -5.38 -55.52
CA GLY K 242 -8.92 -6.10 -56.41
C GLY K 242 -10.34 -5.58 -56.30
N ALA K 243 -11.07 -5.70 -57.42
CA ALA K 243 -12.46 -5.27 -57.54
C ALA K 243 -13.03 -5.85 -58.83
N LEU K 244 -14.19 -5.33 -59.22
CA LEU K 244 -14.77 -5.51 -60.53
C LEU K 244 -15.00 -4.15 -61.15
N VAL K 245 -14.61 -3.98 -62.42
CA VAL K 245 -14.77 -2.73 -63.12
C VAL K 245 -15.90 -2.89 -64.14
N MET K 246 -16.95 -2.10 -63.97
CA MET K 246 -18.02 -2.01 -64.94
C MET K 246 -17.81 -0.78 -65.82
N GLY K 247 -17.99 -0.97 -67.11
CA GLY K 247 -17.94 0.13 -68.05
C GLY K 247 -16.63 0.19 -68.79
N LYS K 248 -16.63 -0.32 -70.02
CA LYS K 248 -15.47 -0.14 -70.87
C LYS K 248 -15.61 1.13 -71.69
N SER K 249 -16.83 1.67 -71.76
CA SER K 249 -17.06 2.95 -72.42
C SER K 249 -16.40 4.10 -71.67
N GLY K 250 -16.56 4.12 -70.34
CA GLY K 250 -15.89 5.14 -69.54
C GLY K 250 -14.39 4.98 -69.52
N ILE K 251 -13.91 3.73 -69.60
CA ILE K 251 -12.48 3.47 -69.76
C ILE K 251 -11.97 4.04 -71.07
N HIS K 252 -12.72 3.85 -72.16
CA HIS K 252 -12.31 4.36 -73.46
C HIS K 252 -12.32 5.89 -73.48
N LYS K 253 -13.36 6.48 -72.88
CA LYS K 253 -13.43 7.92 -72.69
C LYS K 253 -12.25 8.45 -71.89
N ALA K 254 -11.84 7.72 -70.86
CA ALA K 254 -10.75 8.16 -69.99
C ALA K 254 -9.42 8.14 -70.72
N TYR K 255 -9.10 7.04 -71.38
CA TYR K 255 -7.80 6.99 -72.04
C TYR K 255 -7.81 7.67 -73.41
N GLU K 256 -8.95 8.19 -73.86
CA GLU K 256 -8.91 9.14 -74.97
C GLU K 256 -8.74 10.58 -74.50
N THR K 257 -9.66 11.06 -73.66
CA THR K 257 -9.71 12.48 -73.33
C THR K 257 -9.12 12.83 -71.99
N GLY K 258 -9.11 11.90 -71.04
CA GLY K 258 -8.60 12.19 -69.72
C GLY K 258 -9.71 12.23 -68.70
N LYS K 259 -10.81 12.88 -69.03
CA LYS K 259 -11.96 12.92 -68.14
C LYS K 259 -12.88 11.75 -68.42
N GLY K 260 -13.41 11.18 -67.35
CA GLY K 260 -14.37 10.10 -67.49
C GLY K 260 -14.73 9.56 -66.13
N SER K 261 -15.54 8.50 -66.15
CA SER K 261 -15.84 7.78 -64.93
C SER K 261 -16.16 6.34 -65.27
N ILE K 262 -15.71 5.44 -64.41
CA ILE K 262 -16.03 4.02 -64.50
C ILE K 262 -16.81 3.66 -63.25
N VAL K 263 -17.32 2.43 -63.21
CA VAL K 263 -18.11 1.97 -62.09
C VAL K 263 -17.34 0.84 -61.41
N LEU K 264 -17.37 0.82 -60.08
CA LEU K 264 -16.66 -0.19 -59.32
C LEU K 264 -17.67 -1.05 -58.59
N ARG K 265 -17.86 -2.27 -59.10
CA ARG K 265 -18.68 -3.30 -58.47
C ARG K 265 -17.77 -4.31 -57.79
N SER K 266 -18.02 -4.57 -56.51
CA SER K 266 -17.18 -5.47 -55.73
C SER K 266 -17.29 -6.91 -56.23
N ARG K 267 -16.25 -7.70 -55.96
CA ARG K 267 -16.29 -9.12 -56.28
C ARG K 267 -17.23 -9.81 -55.31
N THR K 268 -18.49 -9.92 -55.72
CA THR K 268 -19.55 -10.52 -54.96
C THR K 268 -20.08 -11.73 -55.73
N GLU K 269 -20.49 -12.74 -54.99
CA GLU K 269 -21.07 -13.92 -55.63
C GLU K 269 -22.20 -14.44 -54.77
N ILE K 270 -23.18 -15.04 -55.44
CA ILE K 270 -24.37 -15.59 -54.80
C ILE K 270 -24.19 -17.10 -54.70
N GLU K 271 -24.23 -17.60 -53.46
CA GLU K 271 -24.02 -19.02 -53.19
C GLU K 271 -25.25 -19.52 -52.43
N THR K 272 -26.00 -20.41 -53.06
CA THR K 272 -27.26 -20.90 -52.50
C THR K 272 -27.00 -22.14 -51.67
N THR K 273 -27.41 -22.09 -50.40
CA THR K 273 -27.29 -23.24 -49.53
C THR K 273 -28.35 -24.29 -49.89
N LYS K 274 -28.09 -25.54 -49.50
CA LYS K 274 -29.09 -26.58 -49.64
C LYS K 274 -30.24 -26.35 -48.67
N THR K 275 -29.97 -25.70 -47.53
CA THR K 275 -31.02 -25.34 -46.59
C THR K 275 -31.99 -24.34 -47.20
N GLY K 276 -31.48 -23.27 -47.80
CA GLY K 276 -32.33 -22.34 -48.51
C GLY K 276 -31.96 -20.87 -48.31
N ARG K 277 -31.31 -20.57 -47.19
CA ARG K 277 -30.94 -19.20 -46.87
C ARG K 277 -29.65 -18.85 -47.62
N GLU K 278 -29.78 -18.03 -48.67
CA GLU K 278 -28.70 -17.82 -49.62
C GLU K 278 -27.59 -16.95 -49.03
N ARG K 279 -26.52 -16.81 -49.81
CA ARG K 279 -25.24 -16.32 -49.33
C ARG K 279 -24.70 -15.30 -50.32
N ILE K 280 -24.21 -14.17 -49.81
CA ILE K 280 -23.47 -13.22 -50.62
C ILE K 280 -22.05 -13.23 -50.10
N VAL K 281 -21.13 -13.76 -50.89
CA VAL K 281 -19.71 -13.77 -50.56
C VAL K 281 -19.09 -12.55 -51.24
N VAL K 282 -18.64 -11.59 -50.42
CA VAL K 282 -17.98 -10.40 -50.91
C VAL K 282 -16.51 -10.51 -50.53
N THR K 283 -15.63 -10.36 -51.52
CA THR K 283 -14.20 -10.55 -51.29
C THR K 283 -13.35 -9.35 -51.68
N GLU K 284 -13.83 -8.45 -52.54
CA GLU K 284 -12.98 -7.37 -53.06
C GLU K 284 -13.75 -6.05 -53.05
N PHE K 285 -13.69 -5.33 -51.93
CA PHE K 285 -14.18 -3.96 -51.89
C PHE K 285 -13.34 -3.06 -52.80
N PRO K 286 -13.93 -2.00 -53.38
CA PRO K 286 -13.20 -1.21 -54.38
C PRO K 286 -12.11 -0.33 -53.81
N TYR K 287 -11.52 0.48 -54.68
CA TYR K 287 -10.33 1.25 -54.35
C TYR K 287 -10.63 2.34 -53.31
N MET K 288 -9.89 2.28 -52.20
CA MET K 288 -9.97 3.24 -51.09
C MET K 288 -11.38 3.33 -50.53
N VAL K 289 -11.97 2.17 -50.25
CA VAL K 289 -13.26 2.08 -49.59
C VAL K 289 -13.06 1.26 -48.32
N ASN K 290 -13.55 1.80 -47.20
CA ASN K 290 -13.50 1.11 -45.91
C ASN K 290 -14.31 -0.19 -45.97
N LYS K 291 -13.90 -1.14 -45.14
CA LYS K 291 -14.72 -2.32 -44.84
C LYS K 291 -15.73 -2.01 -43.75
N THR K 292 -15.25 -1.44 -42.64
CA THR K 292 -16.06 -1.27 -41.43
C THR K 292 -17.20 -0.31 -41.66
N LYS K 293 -16.94 0.78 -42.38
CA LYS K 293 -17.99 1.75 -42.67
C LYS K 293 -19.06 1.15 -43.57
N VAL K 294 -18.66 0.29 -44.51
CA VAL K 294 -19.64 -0.33 -45.41
C VAL K 294 -20.49 -1.35 -44.66
N HIS K 295 -19.88 -2.16 -43.78
CA HIS K 295 -20.66 -3.13 -43.02
C HIS K 295 -21.58 -2.45 -42.01
N GLU K 296 -21.13 -1.36 -41.38
CA GLU K 296 -22.00 -0.59 -40.50
C GLU K 296 -23.11 0.10 -41.29
N HIS K 297 -22.81 0.53 -42.52
CA HIS K 297 -23.84 1.11 -43.38
C HIS K 297 -24.86 0.07 -43.80
N ILE K 298 -24.43 -1.18 -44.00
CA ILE K 298 -25.36 -2.25 -44.35
C ILE K 298 -26.26 -2.60 -43.17
N VAL K 299 -25.69 -2.70 -41.97
CA VAL K 299 -26.48 -2.99 -40.77
C VAL K 299 -27.45 -1.83 -40.48
N ARG K 300 -27.00 -0.60 -40.74
CA ARG K 300 -27.86 0.56 -40.57
C ARG K 300 -28.99 0.56 -41.60
N LEU K 301 -28.71 0.19 -42.85
CA LEU K 301 -29.75 0.06 -43.87
C LEU K 301 -30.73 -1.08 -43.56
N VAL K 302 -30.27 -2.10 -42.83
CA VAL K 302 -31.22 -3.07 -42.29
C VAL K 302 -32.10 -2.39 -41.25
N GLN K 303 -31.51 -1.60 -40.36
CA GLN K 303 -32.29 -0.91 -39.33
C GLN K 303 -32.83 0.44 -39.76
N GLU K 304 -32.49 0.92 -40.96
CA GLU K 304 -33.25 2.02 -41.55
C GLU K 304 -34.50 1.53 -42.24
N LYS K 305 -34.56 0.23 -42.56
CA LYS K 305 -35.77 -0.49 -42.93
C LYS K 305 -36.38 0.02 -44.24
N ARG K 306 -35.53 0.46 -45.16
CA ARG K 306 -36.03 0.80 -46.49
C ARG K 306 -36.28 -0.46 -47.31
N ILE K 307 -35.37 -1.43 -47.21
CA ILE K 307 -35.56 -2.73 -47.84
C ILE K 307 -35.02 -3.80 -46.88
N GLU K 308 -35.66 -4.97 -46.91
CA GLU K 308 -35.37 -6.06 -45.99
C GLU K 308 -34.93 -7.28 -46.78
N GLY K 309 -34.59 -8.36 -46.06
CA GLY K 309 -34.11 -9.59 -46.64
C GLY K 309 -32.73 -10.00 -46.16
N ILE K 310 -31.93 -9.07 -45.65
CA ILE K 310 -30.63 -9.38 -45.09
C ILE K 310 -30.84 -9.99 -43.72
N THR K 311 -30.30 -11.19 -43.51
CA THR K 311 -30.35 -11.79 -42.17
C THR K 311 -29.29 -11.19 -41.27
N ALA K 312 -28.02 -11.36 -41.64
CA ALA K 312 -26.91 -10.93 -40.80
C ALA K 312 -25.68 -10.72 -41.66
N VAL K 313 -24.60 -10.28 -40.99
CA VAL K 313 -23.30 -10.06 -41.61
C VAL K 313 -22.25 -10.77 -40.77
N ARG K 314 -21.45 -11.62 -41.41
CA ARG K 314 -20.34 -12.29 -40.74
C ARG K 314 -19.02 -11.69 -41.22
N ASP K 315 -18.31 -11.04 -40.31
CA ASP K 315 -16.97 -10.51 -40.53
C ASP K 315 -16.00 -11.52 -39.92
N GLU K 316 -15.65 -12.54 -40.70
CA GLU K 316 -14.97 -13.73 -40.18
C GLU K 316 -13.47 -13.67 -40.34
N SER K 317 -12.87 -12.50 -40.23
CA SER K 317 -11.41 -12.38 -40.25
C SER K 317 -10.97 -11.26 -39.31
N ASN K 318 -9.79 -11.44 -38.73
CA ASN K 318 -9.14 -10.42 -37.91
C ASN K 318 -8.26 -9.54 -38.78
N ARG K 319 -7.26 -10.14 -39.42
CA ARG K 319 -6.42 -9.45 -40.39
C ARG K 319 -6.14 -10.27 -41.64
N GLU K 320 -6.46 -11.57 -41.65
CA GLU K 320 -5.95 -12.50 -42.64
C GLU K 320 -7.09 -13.02 -43.50
N GLY K 321 -6.97 -12.80 -44.81
CA GLY K 321 -7.95 -13.29 -45.77
C GLY K 321 -9.13 -12.36 -45.87
N VAL K 322 -9.46 -11.93 -47.08
CA VAL K 322 -10.57 -11.00 -47.30
C VAL K 322 -11.65 -11.79 -48.04
N ARG K 323 -12.52 -12.42 -47.27
CA ARG K 323 -13.69 -13.14 -47.78
C ARG K 323 -14.75 -13.07 -46.71
N PHE K 324 -15.87 -12.42 -47.00
CA PHE K 324 -16.85 -12.12 -45.96
C PHE K 324 -18.25 -12.45 -46.44
N VAL K 325 -19.00 -13.10 -45.56
CA VAL K 325 -20.31 -13.68 -45.87
C VAL K 325 -21.37 -12.79 -45.26
N ILE K 326 -22.30 -12.34 -46.10
CA ILE K 326 -23.51 -11.68 -45.64
C ILE K 326 -24.70 -12.52 -46.11
N GLU K 327 -25.57 -12.86 -45.16
CA GLU K 327 -26.60 -13.86 -45.36
C GLU K 327 -27.89 -13.22 -45.85
N VAL K 328 -28.51 -13.84 -46.84
CA VAL K 328 -29.87 -13.51 -47.27
C VAL K 328 -30.77 -14.65 -46.81
N LYS K 329 -31.94 -14.30 -46.27
CA LYS K 329 -32.83 -15.25 -45.64
C LYS K 329 -33.45 -16.21 -46.65
N ARG K 330 -34.22 -17.15 -46.13
CA ARG K 330 -35.04 -18.03 -46.96
C ARG K 330 -36.09 -17.22 -47.70
N ASP K 331 -36.39 -17.66 -48.94
CA ASP K 331 -37.44 -17.08 -49.80
C ASP K 331 -37.12 -15.63 -50.14
N ALA K 332 -35.89 -15.41 -50.62
CA ALA K 332 -35.46 -14.09 -51.09
C ALA K 332 -34.32 -14.30 -52.07
N SER K 333 -34.53 -13.93 -53.33
CA SER K 333 -33.49 -14.04 -54.34
C SER K 333 -32.40 -13.02 -54.05
N ALA K 334 -31.18 -13.51 -53.77
CA ALA K 334 -30.11 -12.64 -53.30
C ALA K 334 -29.54 -11.74 -54.39
N ASN K 335 -29.94 -11.92 -55.65
CA ASN K 335 -29.54 -10.97 -56.67
C ASN K 335 -30.32 -9.66 -56.54
N VAL K 336 -31.54 -9.71 -56.00
CA VAL K 336 -32.29 -8.49 -55.69
C VAL K 336 -31.60 -7.72 -54.58
N ILE K 337 -31.21 -8.41 -53.51
CA ILE K 337 -30.48 -7.81 -52.39
C ILE K 337 -29.13 -7.31 -52.87
N LEU K 338 -28.52 -8.02 -53.81
CA LEU K 338 -27.20 -7.66 -54.32
C LEU K 338 -27.27 -6.38 -55.15
N ASN K 339 -28.27 -6.27 -56.04
CA ASN K 339 -28.49 -5.05 -56.79
C ASN K 339 -28.84 -3.88 -55.89
N ASN K 340 -29.56 -4.14 -54.80
CA ASN K 340 -29.94 -3.04 -53.91
C ASN K 340 -28.79 -2.57 -53.04
N LEU K 341 -27.93 -3.47 -52.60
CA LEU K 341 -26.71 -3.06 -51.89
C LEU K 341 -25.73 -2.39 -52.84
N PHE K 342 -25.77 -2.74 -54.13
CA PHE K 342 -24.98 -2.02 -55.11
C PHE K 342 -25.54 -0.62 -55.35
N LYS K 343 -26.86 -0.48 -55.31
CA LYS K 343 -27.48 0.82 -55.46
C LYS K 343 -27.19 1.73 -54.26
N MET K 344 -27.28 1.20 -53.05
CA MET K 344 -27.22 2.01 -51.84
C MET K 344 -25.80 2.21 -51.32
N THR K 345 -25.11 1.12 -51.01
CA THR K 345 -23.91 1.16 -50.19
C THR K 345 -22.71 1.65 -50.99
N GLN K 346 -21.55 1.66 -50.33
CA GLN K 346 -20.27 1.88 -50.99
C GLN K 346 -19.64 0.55 -51.40
N MET K 347 -20.42 -0.29 -52.07
CA MET K 347 -19.95 -1.57 -52.59
C MET K 347 -19.84 -1.57 -54.10
N GLN K 348 -20.76 -0.89 -54.77
CA GLN K 348 -20.61 -0.50 -56.17
C GLN K 348 -20.76 1.00 -56.25
N THR K 349 -19.66 1.70 -56.52
CA THR K 349 -19.58 3.14 -56.53
C THR K 349 -19.21 3.64 -57.93
N ASN K 350 -19.22 4.96 -58.08
CA ASN K 350 -18.59 5.57 -59.23
C ASN K 350 -17.13 5.87 -58.90
N PHE K 351 -16.34 6.07 -59.96
CA PHE K 351 -14.96 6.46 -59.76
C PHE K 351 -14.53 7.26 -60.97
N GLY K 352 -14.17 8.51 -60.74
CA GLY K 352 -13.79 9.38 -61.82
C GLY K 352 -12.32 9.26 -62.18
N PHE K 353 -12.04 9.44 -63.47
CA PHE K 353 -10.69 9.60 -63.99
C PHE K 353 -10.54 11.02 -64.51
N ASN K 354 -9.50 11.70 -64.06
CA ASN K 354 -9.12 13.00 -64.62
C ASN K 354 -7.60 13.09 -64.48
N MET K 355 -6.89 12.68 -65.52
CA MET K 355 -5.43 12.54 -65.47
C MET K 355 -4.81 13.91 -65.66
N LEU K 356 -4.66 14.61 -64.54
CA LEU K 356 -4.14 15.96 -64.47
C LEU K 356 -2.81 15.95 -63.73
N ALA K 357 -1.76 16.42 -64.40
CA ALA K 357 -0.44 16.42 -63.77
C ALA K 357 0.41 17.49 -64.45
N ILE K 358 1.62 17.67 -63.91
CA ILE K 358 2.51 18.74 -64.34
C ILE K 358 3.32 18.27 -65.54
N GLN K 359 3.14 18.93 -66.67
CA GLN K 359 4.04 18.75 -67.80
C GLN K 359 4.58 20.10 -68.17
N ASN K 360 5.90 20.18 -68.38
CA ASN K 360 6.64 21.39 -68.75
C ASN K 360 6.44 22.53 -67.77
N GLY K 361 6.08 22.24 -66.53
CA GLY K 361 5.84 23.27 -65.54
C GLY K 361 4.40 23.71 -65.39
N ILE K 362 3.47 23.24 -66.22
CA ILE K 362 2.07 23.64 -66.05
C ILE K 362 1.22 22.42 -65.75
N PRO K 363 0.11 22.56 -65.03
CA PRO K 363 -0.81 21.43 -64.88
C PRO K 363 -1.66 21.29 -66.13
N LYS K 364 -1.79 20.05 -66.60
CA LYS K 364 -2.59 19.75 -67.77
C LYS K 364 -3.30 18.44 -67.59
N ILE K 365 -4.49 18.36 -68.18
CA ILE K 365 -5.21 17.10 -68.32
C ILE K 365 -4.63 16.39 -69.53
N LEU K 366 -4.06 15.21 -69.29
CA LEU K 366 -3.33 14.50 -70.34
C LEU K 366 -3.92 13.11 -70.55
N SER K 367 -3.77 12.61 -71.76
CA SER K 367 -4.31 11.31 -72.11
C SER K 367 -3.28 10.22 -71.87
N LEU K 368 -3.73 8.97 -72.05
CA LEU K 368 -2.84 7.82 -71.90
C LEU K 368 -1.74 7.83 -72.94
N ARG K 369 -2.07 8.26 -74.15
CA ARG K 369 -1.07 8.47 -75.19
C ARG K 369 -0.04 9.50 -74.77
N GLN K 370 -0.51 10.61 -74.21
CA GLN K 370 0.37 11.74 -73.91
C GLN K 370 1.27 11.46 -72.72
N ILE K 371 0.75 10.75 -71.71
CA ILE K 371 1.57 10.31 -70.57
C ILE K 371 2.73 9.46 -71.04
N LEU K 372 2.45 8.53 -71.94
CA LEU K 372 3.48 7.60 -72.34
C LEU K 372 4.42 8.19 -73.37
N ASP K 373 3.94 9.10 -74.22
CA ASP K 373 4.84 9.85 -75.09
C ASP K 373 5.82 10.68 -74.27
N ALA K 374 5.32 11.35 -73.23
CA ALA K 374 6.19 12.16 -72.39
C ALA K 374 7.15 11.29 -71.59
N TYR K 375 6.69 10.12 -71.13
CA TYR K 375 7.58 9.23 -70.39
C TYR K 375 8.69 8.67 -71.28
N ILE K 376 8.35 8.34 -72.52
CA ILE K 376 9.36 7.86 -73.46
C ILE K 376 10.37 8.96 -73.78
N GLU K 377 9.90 10.20 -73.93
CA GLU K 377 10.82 11.32 -74.11
C GLU K 377 11.72 11.50 -72.89
N HIS K 378 11.18 11.30 -71.69
CA HIS K 378 12.00 11.45 -70.49
C HIS K 378 13.02 10.32 -70.37
N GLN K 379 12.66 9.11 -70.78
CA GLN K 379 13.65 8.05 -70.71
C GLN K 379 14.71 8.20 -71.79
N LYS K 380 14.36 8.80 -72.93
CA LYS K 380 15.38 9.18 -73.90
C LYS K 380 16.34 10.20 -73.32
N GLU K 381 15.81 11.18 -72.57
CA GLU K 381 16.67 12.15 -71.90
C GLU K 381 17.56 11.48 -70.86
N VAL K 382 17.01 10.53 -70.09
CA VAL K 382 17.77 9.81 -69.06
C VAL K 382 18.90 9.01 -69.69
N VAL K 383 18.60 8.31 -70.77
CA VAL K 383 19.59 7.46 -71.42
C VAL K 383 20.68 8.29 -72.07
N VAL K 384 20.32 9.40 -72.73
CA VAL K 384 21.31 10.26 -73.36
C VAL K 384 22.21 10.90 -72.30
N ARG K 385 21.65 11.32 -71.17
CA ARG K 385 22.50 11.96 -70.16
C ARG K 385 23.39 10.94 -69.45
N ARG K 386 22.88 9.74 -69.18
CA ARG K 386 23.72 8.73 -68.54
C ARG K 386 24.83 8.27 -69.48
N THR K 387 24.51 8.13 -70.77
CA THR K 387 25.50 7.72 -71.75
C THR K 387 26.56 8.79 -71.94
N ARG K 388 26.15 10.07 -71.95
CA ARG K 388 27.14 11.12 -72.03
C ARG K 388 27.99 11.21 -70.78
N PHE K 389 27.42 10.88 -69.61
CA PHE K 389 28.23 10.88 -68.39
C PHE K 389 29.28 9.79 -68.42
N ASP K 390 28.89 8.58 -68.81
CA ASP K 390 29.87 7.50 -68.86
C ASP K 390 30.88 7.73 -69.97
N LYS K 391 30.48 8.41 -71.05
CA LYS K 391 31.45 8.78 -72.06
C LYS K 391 32.42 9.83 -71.54
N GLU K 392 31.94 10.76 -70.70
CA GLU K 392 32.82 11.72 -70.04
C GLU K 392 33.82 11.03 -69.13
N LYS K 393 33.35 10.08 -68.32
CA LYS K 393 34.21 9.39 -67.37
C LYS K 393 35.25 8.54 -68.08
N ALA K 394 34.81 7.72 -69.04
CA ALA K 394 35.74 6.90 -69.79
C ALA K 394 36.64 7.75 -70.68
N GLU K 395 36.17 8.90 -71.15
CA GLU K 395 36.99 9.75 -71.99
C GLU K 395 38.07 10.44 -71.17
N ALA K 396 37.75 10.83 -69.94
CA ALA K 396 38.77 11.39 -69.06
C ALA K 396 39.80 10.34 -68.66
N ARG K 397 39.35 9.11 -68.42
CA ARG K 397 40.28 8.05 -68.07
C ARG K 397 41.15 7.69 -69.28
N ALA K 398 40.57 7.68 -70.47
CA ALA K 398 41.34 7.43 -71.68
C ALA K 398 42.29 8.59 -71.99
N HIS K 399 41.93 9.81 -71.59
CA HIS K 399 42.82 10.95 -71.74
C HIS K 399 44.04 10.80 -70.84
N ILE K 400 43.81 10.42 -69.58
CA ILE K 400 44.92 10.20 -68.65
C ILE K 400 45.77 9.02 -69.11
N LEU K 401 45.13 7.97 -69.59
CA LEU K 401 45.86 6.79 -70.01
C LEU K 401 46.59 7.04 -71.33
N GLU K 402 46.08 7.95 -72.15
CA GLU K 402 46.80 8.36 -73.35
C GLU K 402 48.02 9.20 -73.01
N GLY K 403 47.90 10.05 -71.99
CA GLY K 403 49.08 10.77 -71.51
C GLY K 403 50.16 9.84 -70.99
N LEU K 404 49.75 8.82 -70.22
CA LEU K 404 50.73 7.81 -69.80
C LEU K 404 51.23 6.98 -70.96
N LEU K 405 50.42 6.83 -72.02
CA LEU K 405 50.87 6.08 -73.18
C LEU K 405 51.92 6.86 -73.96
N ILE K 406 51.75 8.18 -74.05
CA ILE K 406 52.76 9.05 -74.66
C ILE K 406 54.02 9.06 -73.79
N ALA K 407 53.86 8.96 -72.46
CA ALA K 407 55.01 8.78 -71.59
C ALA K 407 55.73 7.47 -71.88
N LEU K 408 54.98 6.41 -72.16
CA LEU K 408 55.58 5.14 -72.55
C LEU K 408 56.18 5.18 -73.94
N ASP K 409 55.76 6.13 -74.78
CA ASP K 409 56.32 6.24 -76.12
C ASP K 409 57.78 6.68 -76.06
N HIS K 410 58.02 7.87 -75.54
CA HIS K 410 59.37 8.42 -75.40
C HIS K 410 59.64 8.53 -73.89
N ILE K 411 60.09 7.43 -73.30
CA ILE K 411 60.39 7.42 -71.87
C ILE K 411 61.66 8.22 -71.60
N ASP K 412 62.62 8.14 -72.53
CA ASP K 412 63.96 8.66 -72.29
C ASP K 412 63.98 10.17 -72.25
N GLU K 413 63.17 10.82 -73.10
CA GLU K 413 63.09 12.27 -73.10
C GLU K 413 62.44 12.78 -71.83
N VAL K 414 61.42 12.06 -71.35
CA VAL K 414 60.75 12.41 -70.11
C VAL K 414 61.70 12.30 -68.93
N ILE K 415 62.48 11.21 -68.89
CA ILE K 415 63.47 11.03 -67.84
C ILE K 415 64.55 12.10 -67.93
N ARG K 416 64.95 12.47 -69.15
CA ARG K 416 65.96 13.50 -69.37
C ARG K 416 65.48 14.87 -68.90
N ILE K 417 64.20 15.16 -69.06
CA ILE K 417 63.66 16.42 -68.56
C ILE K 417 63.46 16.39 -67.04
N ILE K 418 63.06 15.24 -66.48
CA ILE K 418 62.92 15.11 -65.03
C ILE K 418 64.27 15.26 -64.34
N ARG K 419 65.32 14.67 -64.91
CA ARG K 419 66.67 14.86 -64.39
C ARG K 419 67.16 16.28 -64.58
N ALA K 420 66.66 16.99 -65.59
CA ALA K 420 66.99 18.39 -65.80
C ALA K 420 66.03 19.33 -65.08
N SER K 421 65.05 18.81 -64.36
CA SER K 421 64.08 19.63 -63.68
C SER K 421 64.60 20.09 -62.33
N GLU K 422 63.95 21.09 -61.79
CA GLU K 422 64.27 21.60 -60.45
C GLU K 422 63.06 21.61 -59.54
N THR K 423 61.88 21.91 -60.06
CA THR K 423 60.62 21.83 -59.33
C THR K 423 59.66 20.95 -60.12
N ASP K 424 58.57 20.55 -59.46
CA ASP K 424 57.56 19.72 -60.12
C ASP K 424 56.79 20.52 -61.15
N ALA K 425 56.55 21.81 -60.86
CA ALA K 425 55.86 22.68 -61.81
C ALA K 425 56.70 22.87 -63.07
N GLU K 426 58.02 23.01 -62.91
CA GLU K 426 58.92 23.07 -64.06
C GLU K 426 58.87 21.80 -64.88
N ALA K 427 58.85 20.66 -64.20
CA ALA K 427 58.85 19.37 -64.89
C ALA K 427 57.57 19.18 -65.69
N GLN K 428 56.42 19.49 -65.09
CA GLN K 428 55.18 19.31 -65.80
C GLN K 428 55.01 20.35 -66.91
N ALA K 429 55.53 21.57 -66.71
CA ALA K 429 55.45 22.58 -67.75
C ALA K 429 56.32 22.22 -68.94
N GLU K 430 57.53 21.70 -68.69
CA GLU K 430 58.40 21.33 -69.80
C GLU K 430 57.90 20.07 -70.51
N LEU K 431 57.26 19.15 -69.78
CA LEU K 431 56.65 17.99 -70.45
C LEU K 431 55.47 18.41 -71.31
N MET K 432 54.61 19.30 -70.80
CA MET K 432 53.50 19.80 -71.60
C MET K 432 53.99 20.63 -72.77
N SER K 433 55.15 21.28 -72.65
CA SER K 433 55.70 22.05 -73.75
C SER K 433 56.33 21.13 -74.80
N LYS K 434 56.92 20.02 -74.36
CA LYS K 434 57.67 19.18 -75.27
C LYS K 434 56.82 18.14 -75.97
N PHE K 435 55.78 17.63 -75.31
CA PHE K 435 54.97 16.57 -75.90
C PHE K 435 53.50 16.92 -75.96
N LYS K 436 53.15 18.22 -75.85
CA LYS K 436 51.80 18.75 -76.06
C LYS K 436 50.79 18.11 -75.09
N LEU K 437 51.11 18.16 -73.81
CA LEU K 437 50.39 17.40 -72.81
C LEU K 437 49.46 18.31 -72.02
N SER K 438 48.65 17.69 -71.18
CA SER K 438 47.74 18.41 -70.30
C SER K 438 48.30 18.45 -68.89
N GLU K 439 47.62 19.19 -68.01
CA GLU K 439 47.97 19.18 -66.60
C GLU K 439 47.67 17.82 -65.98
N ARG K 440 46.53 17.23 -66.35
CA ARG K 440 46.19 15.90 -65.87
C ARG K 440 47.18 14.87 -66.38
N GLN K 441 47.56 14.98 -67.66
CA GLN K 441 48.53 14.07 -68.25
C GLN K 441 49.90 14.22 -67.60
N SER K 442 50.33 15.46 -67.37
CA SER K 442 51.65 15.67 -66.79
C SER K 442 51.70 15.26 -65.32
N GLN K 443 50.61 15.46 -64.58
CA GLN K 443 50.56 14.94 -63.21
C GLN K 443 50.57 13.42 -63.17
N ALA K 444 49.89 12.79 -64.13
CA ALA K 444 49.91 11.34 -64.19
C ALA K 444 51.29 10.81 -64.55
N ILE K 445 52.02 11.52 -65.41
CA ILE K 445 53.38 11.11 -65.76
C ILE K 445 54.32 11.28 -64.58
N LEU K 446 54.25 12.44 -63.90
CA LEU K 446 55.12 12.67 -62.77
C LEU K 446 54.71 11.90 -61.52
N ASP K 447 53.54 11.26 -61.53
CA ASP K 447 53.16 10.33 -60.48
C ASP K 447 53.12 8.88 -60.96
N MET K 448 53.60 8.63 -62.17
CA MET K 448 53.65 7.27 -62.69
C MET K 448 54.72 6.46 -61.97
N ARG K 449 54.36 5.24 -61.59
CA ARG K 449 55.25 4.38 -60.83
C ARG K 449 56.25 3.69 -61.77
N LEU K 450 57.51 3.63 -61.31
CA LEU K 450 58.60 3.14 -62.16
C LEU K 450 58.45 1.66 -62.47
N ARG K 451 57.78 0.92 -61.57
CA ARG K 451 57.47 -0.49 -61.80
C ARG K 451 56.56 -0.66 -63.01
N ARG K 452 55.78 0.35 -63.34
CA ARG K 452 54.95 0.38 -64.54
C ARG K 452 55.74 0.71 -65.80
N LEU K 453 57.07 0.77 -65.72
CA LEU K 453 57.91 0.99 -66.89
C LEU K 453 58.43 -0.31 -67.49
N THR K 454 57.52 -1.26 -67.74
CA THR K 454 57.91 -2.55 -68.31
C THR K 454 56.93 -2.93 -69.41
N GLY K 455 57.38 -3.85 -70.26
CA GLY K 455 56.51 -4.38 -71.30
C GLY K 455 55.40 -5.26 -70.75
N LEU K 456 55.58 -5.79 -69.54
CA LEU K 456 54.51 -6.50 -68.87
C LEU K 456 53.43 -5.54 -68.37
N GLU K 457 53.76 -4.26 -68.22
CA GLU K 457 52.81 -3.23 -67.85
C GLU K 457 52.34 -2.41 -69.04
N ARG K 458 53.18 -2.22 -70.06
CA ARG K 458 52.75 -1.54 -71.27
C ARG K 458 51.68 -2.33 -72.01
N ASP K 459 51.72 -3.66 -71.90
CA ASP K 459 50.69 -4.50 -72.49
C ASP K 459 49.34 -4.26 -71.84
N LYS K 460 49.31 -4.18 -70.50
CA LYS K 460 48.06 -3.98 -69.77
C LYS K 460 47.49 -2.59 -70.04
N ILE K 461 48.34 -1.58 -70.06
CA ILE K 461 47.92 -0.21 -70.35
C ILE K 461 47.40 -0.10 -71.77
N GLN K 462 48.09 -0.71 -72.74
CA GLN K 462 47.67 -0.62 -74.14
C GLN K 462 46.36 -1.37 -74.39
N SER K 463 46.22 -2.56 -73.78
CA SER K 463 44.99 -3.33 -73.94
C SER K 463 43.80 -2.64 -73.27
N GLU K 464 44.01 -2.10 -72.07
CA GLU K 464 42.94 -1.37 -71.39
C GLU K 464 42.60 -0.07 -72.12
N TYR K 465 43.59 0.55 -72.76
CA TYR K 465 43.37 1.76 -73.54
C TYR K 465 42.53 1.49 -74.77
N ASP K 466 42.83 0.40 -75.48
CA ASP K 466 42.01 0.01 -76.61
C ASP K 466 40.61 -0.42 -76.18
N ASP K 467 40.48 -1.04 -75.00
CA ASP K 467 39.17 -1.40 -74.49
C ASP K 467 38.34 -0.16 -74.14
N LEU K 468 38.98 0.85 -73.55
CA LEU K 468 38.24 2.06 -73.22
C LEU K 468 37.89 2.87 -74.46
N LEU K 469 38.74 2.85 -75.48
CA LEU K 469 38.35 3.49 -76.74
C LEU K 469 37.23 2.72 -77.43
N ALA K 470 37.20 1.40 -77.26
CA ALA K 470 36.07 0.61 -77.76
C ALA K 470 34.79 0.96 -77.02
N LEU K 471 34.88 1.20 -75.72
CA LEU K 471 33.71 1.60 -74.95
C LEU K 471 33.25 2.99 -75.35
N ILE K 472 34.19 3.89 -75.66
CA ILE K 472 33.86 5.22 -76.16
C ILE K 472 33.16 5.13 -77.51
N ALA K 473 33.63 4.25 -78.39
CA ALA K 473 32.99 4.06 -79.68
C ALA K 473 31.59 3.47 -79.53
N ASP K 474 31.42 2.57 -78.56
CA ASP K 474 30.10 2.01 -78.27
C ASP K 474 29.14 3.07 -77.77
N LEU K 475 29.59 3.92 -76.85
CA LEU K 475 28.71 4.96 -76.32
C LEU K 475 28.43 6.03 -77.36
N ALA K 476 29.37 6.28 -78.26
CA ALA K 476 29.10 7.20 -79.38
C ALA K 476 28.09 6.61 -80.35
N ASP K 477 28.13 5.29 -80.54
CA ASP K 477 27.10 4.63 -81.34
C ASP K 477 25.74 4.66 -80.65
N ILE K 478 25.73 4.63 -79.32
CA ILE K 478 24.47 4.78 -78.59
C ILE K 478 23.94 6.21 -78.74
N LEU K 479 24.83 7.20 -78.62
CA LEU K 479 24.43 8.59 -78.78
C LEU K 479 24.13 8.98 -80.22
N ALA K 480 24.53 8.16 -81.20
CA ALA K 480 24.28 8.50 -82.59
C ALA K 480 22.98 7.93 -83.12
N LYS K 481 22.51 6.81 -82.58
CA LYS K 481 21.35 6.11 -83.12
C LYS K 481 20.26 6.02 -82.08
N PRO K 482 19.10 6.68 -82.30
CA PRO K 482 18.00 6.58 -81.32
C PRO K 482 17.34 5.20 -81.28
N GLU K 483 17.61 4.32 -82.24
CA GLU K 483 17.10 2.96 -82.20
C GLU K 483 17.63 2.21 -80.99
N ARG K 484 18.94 2.30 -80.76
CA ARG K 484 19.56 1.61 -79.63
C ARG K 484 19.14 2.22 -78.31
N VAL K 485 18.76 3.49 -78.31
CA VAL K 485 18.21 4.13 -77.12
C VAL K 485 16.92 3.43 -76.70
N SER K 486 16.01 3.28 -77.66
CA SER K 486 14.78 2.53 -77.43
C SER K 486 15.08 1.08 -77.07
N GLN K 487 16.16 0.52 -77.61
CA GLN K 487 16.52 -0.85 -77.29
C GLN K 487 16.92 -1.00 -75.83
N ILE K 488 17.74 -0.07 -75.32
CA ILE K 488 18.15 -0.07 -73.93
C ILE K 488 16.94 0.11 -73.02
N ILE K 489 16.00 0.96 -73.46
CA ILE K 489 14.77 1.20 -72.71
C ILE K 489 13.95 -0.08 -72.63
N LYS K 490 13.79 -0.78 -73.77
CA LYS K 490 13.05 -2.04 -73.80
C LYS K 490 13.68 -3.08 -72.91
N ASP K 491 15.01 -3.17 -72.93
CA ASP K 491 15.71 -4.19 -72.18
C ASP K 491 15.55 -3.96 -70.68
N GLU K 492 15.72 -2.73 -70.22
CA GLU K 492 15.62 -2.48 -68.79
C GLU K 492 14.18 -2.53 -68.32
N LEU K 493 13.23 -2.14 -69.17
CA LEU K 493 11.82 -2.29 -68.82
C LEU K 493 11.42 -3.75 -68.71
N ASP K 494 11.93 -4.60 -69.61
CA ASP K 494 11.61 -6.01 -69.51
C ASP K 494 12.31 -6.65 -68.33
N GLU K 495 13.47 -6.10 -67.92
CA GLU K 495 14.11 -6.55 -66.69
C GLU K 495 13.23 -6.23 -65.48
N VAL K 496 12.64 -5.04 -65.45
CA VAL K 496 11.73 -4.67 -64.38
C VAL K 496 10.49 -5.54 -64.41
N LYS K 497 9.99 -5.83 -65.61
CA LYS K 497 8.80 -6.66 -65.77
C LYS K 497 9.05 -8.08 -65.28
N ARG K 498 10.26 -8.60 -65.51
CA ARG K 498 10.61 -9.89 -64.95
C ARG K 498 10.70 -9.81 -63.43
N LYS K 499 11.25 -8.71 -62.90
CA LYS K 499 11.50 -8.68 -61.47
C LYS K 499 10.25 -8.43 -60.63
N PHE K 500 9.18 -7.87 -61.20
CA PHE K 500 8.08 -7.44 -60.33
C PHE K 500 6.67 -7.76 -60.79
N SER K 501 6.43 -8.03 -62.08
CA SER K 501 5.08 -7.91 -62.62
C SER K 501 4.17 -9.05 -62.17
N ASP K 502 3.18 -8.71 -61.34
CA ASP K 502 2.07 -9.61 -61.04
C ASP K 502 0.98 -9.38 -62.08
N LYS K 503 -0.21 -9.93 -61.84
CA LYS K 503 -1.34 -9.68 -62.73
C LYS K 503 -2.48 -9.03 -61.96
N ARG K 504 -3.58 -8.82 -62.68
CA ARG K 504 -4.69 -8.00 -62.18
C ARG K 504 -5.41 -8.68 -61.04
N ARG K 505 -5.40 -8.06 -59.88
CA ARG K 505 -6.28 -8.46 -58.80
C ARG K 505 -7.72 -8.05 -59.07
N THR K 506 -7.92 -7.09 -59.95
CA THR K 506 -9.23 -6.62 -60.37
C THR K 506 -9.61 -7.30 -61.68
N GLU K 507 -10.85 -7.79 -61.75
CA GLU K 507 -11.37 -8.36 -62.98
C GLU K 507 -12.18 -7.31 -63.72
N LEU K 508 -11.89 -7.13 -65.01
CA LEU K 508 -12.72 -6.30 -65.86
C LEU K 508 -13.98 -7.08 -66.23
N MET K 509 -15.10 -6.72 -65.64
CA MET K 509 -16.36 -7.34 -65.98
C MET K 509 -17.07 -6.48 -67.02
N VAL K 510 -18.23 -6.95 -67.47
CA VAL K 510 -19.00 -6.22 -68.47
C VAL K 510 -20.37 -5.89 -67.91
N LYS L 28 -29.57 -51.87 0.91
CA LYS L 28 -30.54 -52.70 1.61
C LYS L 28 -30.04 -53.07 3.00
N ASN L 29 -30.19 -52.16 3.95
CA ASN L 29 -29.60 -52.32 5.28
C ASN L 29 -30.56 -52.89 6.31
N LEU L 30 -31.63 -52.16 6.64
CA LEU L 30 -32.59 -52.66 7.62
C LEU L 30 -33.43 -53.75 6.96
N VAL L 31 -33.67 -54.84 7.68
CA VAL L 31 -34.39 -55.98 7.13
C VAL L 31 -35.62 -56.28 7.97
N ASN L 32 -36.11 -55.29 8.70
CA ASN L 32 -37.22 -55.43 9.65
C ASN L 32 -38.51 -55.77 8.91
N VAL L 33 -39.05 -56.95 9.21
CA VAL L 33 -40.16 -57.49 8.43
C VAL L 33 -41.53 -57.16 9.00
N ASN L 34 -41.85 -57.62 10.20
CA ASN L 34 -43.25 -57.71 10.66
C ASN L 34 -43.78 -56.33 11.00
N LEU L 35 -44.25 -55.67 9.95
CA LEU L 35 -44.58 -54.25 10.03
C LEU L 35 -45.91 -53.96 9.34
N THR L 36 -46.98 -54.65 9.73
CA THR L 36 -48.26 -54.37 9.08
C THR L 36 -48.96 -53.17 9.72
N LYS L 37 -49.41 -53.33 10.96
CA LYS L 37 -50.12 -52.25 11.62
C LYS L 37 -49.17 -51.16 12.05
N GLU L 38 -47.89 -51.49 12.21
CA GLU L 38 -46.93 -50.44 12.54
C GLU L 38 -46.60 -49.58 11.34
N MET L 39 -46.62 -50.14 10.12
CA MET L 39 -46.46 -49.25 8.98
C MET L 39 -47.75 -48.46 8.73
N LYS L 40 -48.91 -49.03 9.08
CA LYS L 40 -50.13 -48.23 8.97
C LYS L 40 -50.15 -47.09 9.97
N ALA L 41 -49.76 -47.35 11.21
CA ALA L 41 -49.75 -46.32 12.24
C ALA L 41 -48.69 -45.27 11.96
N SER L 42 -47.48 -45.68 11.56
CA SER L 42 -46.44 -44.72 11.22
C SER L 42 -46.77 -43.95 9.97
N PHE L 43 -47.51 -44.56 9.04
CA PHE L 43 -47.86 -43.85 7.81
C PHE L 43 -48.96 -42.84 8.05
N ILE L 44 -49.95 -43.19 8.87
CA ILE L 44 -50.98 -42.24 9.28
C ILE L 44 -50.36 -41.10 10.09
N ASP L 45 -49.37 -41.41 10.93
CA ASP L 45 -48.72 -40.39 11.74
C ASP L 45 -47.94 -39.42 10.86
N TYR L 46 -47.17 -39.92 9.91
CA TYR L 46 -46.39 -39.02 9.08
C TYR L 46 -47.29 -38.25 8.10
N ALA L 47 -48.39 -38.86 7.66
CA ALA L 47 -49.32 -38.16 6.78
C ALA L 47 -50.07 -37.05 7.51
N MET L 48 -50.58 -37.34 8.71
CA MET L 48 -51.24 -36.31 9.50
C MET L 48 -50.28 -35.22 9.91
N SER L 49 -49.01 -35.55 10.15
CA SER L 49 -48.05 -34.52 10.48
C SER L 49 -47.79 -33.61 9.29
N VAL L 50 -47.78 -34.17 8.08
CA VAL L 50 -47.67 -33.35 6.88
C VAL L 50 -48.88 -32.42 6.76
N ILE L 51 -50.10 -33.01 6.81
CA ILE L 51 -51.35 -32.27 6.60
C ILE L 51 -51.52 -31.16 7.61
N VAL L 52 -51.23 -31.42 8.87
CA VAL L 52 -51.36 -30.38 9.87
C VAL L 52 -50.23 -29.37 9.73
N ALA L 53 -48.98 -29.81 9.91
CA ALA L 53 -47.89 -28.86 10.15
C ALA L 53 -47.52 -28.08 8.90
N ARG L 54 -47.33 -28.75 7.78
CA ARG L 54 -46.77 -28.08 6.63
C ARG L 54 -47.78 -27.91 5.52
N ALA L 55 -49.07 -27.92 5.86
CA ALA L 55 -50.12 -27.98 4.86
C ALA L 55 -51.34 -27.25 5.40
N LEU L 56 -52.50 -27.63 4.85
CA LEU L 56 -53.71 -26.82 4.83
C LEU L 56 -54.20 -26.46 6.22
N PRO L 57 -54.59 -25.21 6.46
CA PRO L 57 -55.00 -24.79 7.81
C PRO L 57 -56.46 -25.04 8.15
N ASP L 58 -56.83 -24.53 9.31
CA ASP L 58 -58.03 -24.89 10.05
C ASP L 58 -59.23 -24.07 9.60
N VAL L 59 -60.43 -24.58 9.90
CA VAL L 59 -61.63 -23.78 9.70
C VAL L 59 -61.72 -22.68 10.74
N ARG L 60 -61.59 -23.03 12.01
CA ARG L 60 -62.03 -22.15 13.09
C ARG L 60 -61.15 -20.93 13.29
N ASP L 61 -59.96 -20.88 12.69
CA ASP L 61 -59.28 -19.60 12.63
C ASP L 61 -58.56 -19.33 11.33
N GLY L 62 -58.53 -20.26 10.38
CA GLY L 62 -57.88 -20.00 9.12
C GLY L 62 -56.38 -19.85 9.19
N LEU L 63 -55.76 -20.30 10.27
CA LEU L 63 -54.34 -20.06 10.47
C LEU L 63 -53.58 -21.36 10.48
N LYS L 64 -52.41 -21.34 9.86
CA LYS L 64 -51.55 -22.50 9.86
C LYS L 64 -50.92 -22.66 11.24
N PRO L 65 -50.54 -23.88 11.62
CA PRO L 65 -49.93 -24.07 12.94
C PRO L 65 -48.62 -23.35 13.11
N VAL L 66 -47.84 -23.18 12.04
CA VAL L 66 -46.68 -22.31 12.08
C VAL L 66 -47.13 -20.88 12.38
N HIS L 67 -48.19 -20.44 11.72
CA HIS L 67 -48.71 -19.09 11.94
C HIS L 67 -49.29 -18.94 13.33
N ARG L 68 -49.97 -19.97 13.83
CA ARG L 68 -50.54 -19.92 15.17
C ARG L 68 -49.46 -19.80 16.21
N ARG L 69 -48.36 -20.53 16.03
CA ARG L 69 -47.26 -20.42 16.98
C ARG L 69 -46.53 -19.10 16.83
N ILE L 70 -46.50 -18.51 15.63
CA ILE L 70 -45.95 -17.16 15.46
C ILE L 70 -46.75 -16.16 16.27
N LEU L 71 -48.07 -16.17 16.12
CA LEU L 71 -48.91 -15.19 16.79
C LEU L 71 -48.90 -15.39 18.29
N TYR L 72 -48.92 -16.64 18.76
CA TYR L 72 -48.97 -16.83 20.19
C TYR L 72 -47.61 -16.56 20.85
N GLY L 73 -46.51 -16.86 20.16
CA GLY L 73 -45.21 -16.54 20.72
C GLY L 73 -44.96 -15.04 20.75
N MET L 74 -45.40 -14.33 19.72
CA MET L 74 -45.25 -12.89 19.73
C MET L 74 -46.22 -12.23 20.71
N ASN L 75 -47.31 -12.92 21.05
CA ASN L 75 -48.18 -12.47 22.12
C ASN L 75 -47.52 -12.63 23.48
N GLU L 76 -46.94 -13.81 23.74
CA GLU L 76 -46.29 -14.04 25.02
C GLU L 76 -45.04 -13.20 25.19
N LEU L 77 -44.40 -12.78 24.09
CA LEU L 77 -43.36 -11.78 24.19
C LEU L 77 -43.92 -10.37 24.33
N GLY L 78 -45.21 -10.20 24.07
CA GLY L 78 -45.84 -8.90 24.24
C GLY L 78 -45.48 -7.88 23.19
N VAL L 79 -45.00 -8.31 22.02
CA VAL L 79 -44.47 -7.38 21.03
C VAL L 79 -45.68 -6.89 20.23
N THR L 80 -46.34 -5.89 20.79
CA THR L 80 -47.55 -5.25 20.30
C THR L 80 -47.17 -3.89 19.72
N PRO L 81 -48.09 -3.19 19.02
CA PRO L 81 -47.71 -1.87 18.49
C PRO L 81 -47.61 -0.74 19.50
N ASP L 82 -47.66 -1.00 20.81
CA ASP L 82 -47.30 0.04 21.76
C ASP L 82 -45.79 0.22 21.84
N LYS L 83 -45.05 -0.87 21.69
CA LYS L 83 -43.60 -0.86 21.62
C LYS L 83 -43.15 -0.76 20.17
N PRO L 84 -41.94 -0.28 19.93
CA PRO L 84 -41.39 -0.32 18.57
C PRO L 84 -41.02 -1.75 18.19
N HIS L 85 -40.60 -1.90 16.93
CA HIS L 85 -40.41 -3.20 16.33
C HIS L 85 -39.21 -3.91 16.94
N LYS L 86 -39.31 -5.22 17.08
CA LYS L 86 -38.22 -6.01 17.64
C LYS L 86 -37.62 -6.93 16.60
N LYS L 87 -36.39 -7.37 16.87
CA LYS L 87 -35.65 -8.23 15.96
C LYS L 87 -36.31 -9.59 15.82
N SER L 88 -36.59 -9.97 14.58
CA SER L 88 -37.36 -11.19 14.30
C SER L 88 -36.60 -12.45 14.64
N ALA L 89 -35.27 -12.38 14.70
CA ALA L 89 -34.47 -13.55 15.07
C ALA L 89 -34.76 -13.99 16.49
N ARG L 90 -34.98 -13.03 17.39
CA ARG L 90 -35.30 -13.36 18.78
C ARG L 90 -36.66 -14.01 18.89
N ILE L 91 -37.62 -13.54 18.09
CA ILE L 91 -38.97 -14.11 18.07
C ILE L 91 -38.93 -15.53 17.54
N THR L 92 -38.23 -15.76 16.43
CA THR L 92 -38.12 -17.11 15.89
C THR L 92 -37.30 -18.02 16.79
N GLY L 93 -36.33 -17.47 17.53
CA GLY L 93 -35.59 -18.29 18.48
C GLY L 93 -36.46 -18.69 19.66
N ASP L 94 -37.36 -17.81 20.08
CA ASP L 94 -38.31 -18.17 21.12
C ASP L 94 -39.34 -19.16 20.61
N VAL L 95 -39.69 -19.07 19.33
CA VAL L 95 -40.55 -20.08 18.68
C VAL L 95 -39.87 -21.45 18.70
N MET L 96 -38.57 -21.47 18.37
CA MET L 96 -37.80 -22.71 18.41
C MET L 96 -37.67 -23.26 19.82
N GLY L 97 -37.43 -22.39 20.79
CA GLY L 97 -37.26 -22.83 22.15
C GLY L 97 -38.54 -23.14 22.90
N LYS L 98 -39.70 -22.74 22.35
CA LYS L 98 -40.94 -23.03 23.06
C LYS L 98 -41.92 -23.88 22.27
N TYR L 99 -42.22 -23.54 21.02
CA TYR L 99 -43.40 -24.10 20.36
C TYR L 99 -43.12 -24.91 19.10
N HIS L 100 -42.15 -24.55 18.27
CA HIS L 100 -42.15 -25.17 16.94
C HIS L 100 -40.74 -25.50 16.46
N PRO L 101 -40.27 -26.72 16.72
CA PRO L 101 -38.87 -27.10 16.40
C PRO L 101 -38.68 -27.57 14.96
N HIS L 102 -38.53 -26.62 14.05
CA HIS L 102 -38.45 -26.90 12.62
C HIS L 102 -37.52 -25.87 11.98
N GLY L 103 -37.64 -25.69 10.67
CA GLY L 103 -36.71 -24.86 9.93
C GLY L 103 -36.85 -23.38 10.29
N ASP L 104 -35.71 -22.77 10.62
CA ASP L 104 -35.68 -21.35 10.98
C ASP L 104 -36.05 -20.49 9.78
N SER L 105 -35.53 -20.84 8.60
CA SER L 105 -35.89 -20.11 7.39
C SER L 105 -37.34 -20.37 6.98
N SER L 106 -37.91 -21.51 7.35
CA SER L 106 -39.33 -21.74 7.05
C SER L 106 -40.23 -20.89 7.94
N ILE L 107 -39.90 -20.80 9.23
CA ILE L 107 -40.64 -19.92 10.14
C ILE L 107 -40.49 -18.47 9.70
N TYR L 108 -39.28 -18.08 9.27
CA TYR L 108 -39.10 -16.73 8.79
C TYR L 108 -39.75 -16.50 7.42
N GLU L 109 -39.92 -17.56 6.63
CA GLU L 109 -40.69 -17.46 5.39
C GLU L 109 -42.14 -17.16 5.67
N ALA L 110 -42.70 -17.81 6.70
CA ALA L 110 -44.06 -17.47 7.14
C ALA L 110 -44.13 -16.05 7.69
N MET L 111 -43.07 -15.61 8.38
CA MET L 111 -42.99 -14.23 8.87
C MET L 111 -43.01 -13.24 7.72
N VAL L 112 -42.24 -13.50 6.67
CA VAL L 112 -42.13 -12.58 5.54
C VAL L 112 -43.42 -12.57 4.74
N ARG L 113 -44.00 -13.75 4.48
CA ARG L 113 -45.22 -13.80 3.69
C ARG L 113 -46.40 -13.18 4.43
N MET L 114 -46.44 -13.31 5.76
CA MET L 114 -47.54 -12.71 6.51
C MET L 114 -47.43 -11.19 6.53
N ALA L 115 -46.21 -10.64 6.55
CA ALA L 115 -45.99 -9.22 6.77
C ALA L 115 -45.78 -8.44 5.48
N GLN L 116 -46.46 -8.82 4.40
CA GLN L 116 -46.41 -8.10 3.14
C GLN L 116 -47.82 -7.82 2.66
N TRP L 117 -48.05 -6.59 2.19
CA TRP L 117 -49.40 -6.19 1.84
C TRP L 117 -49.87 -6.86 0.55
N TRP L 118 -48.96 -7.16 -0.36
CA TRP L 118 -49.35 -7.81 -1.61
C TRP L 118 -49.35 -9.32 -1.50
N SER L 119 -48.51 -9.87 -0.64
CA SER L 119 -48.48 -11.30 -0.44
C SER L 119 -49.60 -11.78 0.45
N TYR L 120 -50.22 -10.88 1.20
CA TYR L 120 -51.16 -11.26 2.24
C TYR L 120 -52.07 -10.06 2.47
N ARG L 121 -53.38 -10.31 2.53
CA ARG L 121 -54.37 -9.24 2.39
C ARG L 121 -54.32 -8.27 3.56
N TYR L 122 -54.57 -8.74 4.76
CA TYR L 122 -54.49 -7.89 5.95
C TYR L 122 -53.28 -8.36 6.74
N MET L 123 -52.23 -7.53 6.75
CA MET L 123 -50.94 -7.92 7.34
C MET L 123 -51.09 -8.09 8.84
N LEU L 124 -51.11 -9.34 9.30
CA LEU L 124 -51.23 -9.60 10.73
C LEU L 124 -49.97 -9.16 11.45
N VAL L 125 -48.81 -9.45 10.89
CA VAL L 125 -47.55 -8.93 11.37
C VAL L 125 -47.25 -7.66 10.59
N ASP L 126 -46.93 -6.58 11.28
CA ASP L 126 -46.38 -5.40 10.64
C ASP L 126 -44.86 -5.44 10.80
N GLY L 127 -44.16 -5.42 9.68
CA GLY L 127 -42.73 -5.56 9.68
C GLY L 127 -41.99 -4.24 9.64
N HIS L 128 -40.67 -4.34 9.57
CA HIS L 128 -39.80 -3.17 9.68
C HIS L 128 -38.50 -3.52 8.96
N GLY L 129 -38.40 -3.09 7.71
CA GLY L 129 -37.25 -3.39 6.88
C GLY L 129 -37.66 -3.93 5.53
N ASN L 130 -36.65 -4.27 4.75
CA ASN L 130 -36.87 -4.81 3.41
C ASN L 130 -37.33 -6.26 3.51
N PHE L 131 -38.51 -6.54 2.99
CA PHE L 131 -39.01 -7.90 2.91
C PHE L 131 -39.07 -8.43 1.49
N GLY L 132 -39.65 -7.68 0.56
CA GLY L 132 -39.70 -8.14 -0.82
C GLY L 132 -40.32 -7.09 -1.72
N SER L 133 -40.72 -7.55 -2.89
CA SER L 133 -41.41 -6.72 -3.86
C SER L 133 -42.42 -7.59 -4.59
N MET L 134 -43.31 -6.93 -5.34
CA MET L 134 -44.20 -7.66 -6.23
C MET L 134 -43.45 -8.28 -7.40
N ASP L 135 -42.27 -7.76 -7.72
CA ASP L 135 -41.40 -8.38 -8.71
C ASP L 135 -40.87 -9.73 -8.26
N GLY L 136 -40.87 -9.99 -6.96
CA GLY L 136 -40.35 -11.21 -6.41
C GLY L 136 -38.98 -10.98 -5.80
N ASP L 137 -38.97 -10.75 -4.49
CA ASP L 137 -37.77 -10.44 -3.73
C ASP L 137 -37.93 -11.03 -2.35
N SER L 138 -36.80 -11.28 -1.69
CA SER L 138 -36.79 -11.89 -0.38
C SER L 138 -35.89 -11.10 0.56
N ALA L 139 -36.22 -11.16 1.84
CA ALA L 139 -35.30 -10.65 2.85
C ALA L 139 -34.16 -11.63 3.05
N ALA L 140 -33.07 -11.13 3.65
CA ALA L 140 -31.87 -11.94 3.76
C ALA L 140 -32.02 -13.02 4.82
N ALA L 141 -32.25 -12.63 6.07
CA ALA L 141 -32.46 -13.61 7.13
C ALA L 141 -33.31 -12.97 8.22
N GLN L 142 -33.51 -13.71 9.30
CA GLN L 142 -34.35 -13.29 10.41
C GLN L 142 -33.68 -12.31 11.34
N ARG L 143 -32.38 -12.08 11.18
CA ARG L 143 -31.61 -11.21 12.06
C ARG L 143 -31.27 -9.87 11.42
N TYR L 144 -31.82 -9.57 10.25
CA TYR L 144 -31.57 -8.32 9.56
C TYR L 144 -32.68 -7.30 9.75
N THR L 145 -33.94 -7.75 9.78
CA THR L 145 -35.09 -6.87 9.83
C THR L 145 -35.92 -7.17 11.08
N GLU L 146 -36.79 -6.22 11.40
CA GLU L 146 -37.61 -6.25 12.61
C GLU L 146 -39.07 -6.48 12.25
N ALA L 147 -39.88 -6.71 13.28
CA ALA L 147 -41.30 -6.95 13.11
C ALA L 147 -42.01 -6.73 14.44
N ARG L 148 -43.34 -6.70 14.38
CA ARG L 148 -44.22 -6.74 15.54
C ARG L 148 -45.61 -7.12 15.05
N MET L 149 -46.54 -7.26 15.98
CA MET L 149 -47.92 -7.47 15.62
C MET L 149 -48.56 -6.17 15.14
N SER L 150 -49.48 -6.29 14.20
CA SER L 150 -50.23 -5.14 13.72
C SER L 150 -51.51 -5.03 14.54
N LYS L 151 -52.43 -4.18 14.07
CA LYS L 151 -53.67 -3.92 14.80
C LYS L 151 -54.66 -5.06 14.68
N ILE L 152 -54.37 -6.07 13.87
CA ILE L 152 -55.31 -7.15 13.64
C ILE L 152 -54.95 -8.37 14.47
N ALA L 153 -53.67 -8.53 14.81
CA ALA L 153 -53.27 -9.63 15.67
C ALA L 153 -53.71 -9.40 17.10
N LEU L 154 -53.79 -8.13 17.54
CA LEU L 154 -54.39 -7.83 18.83
C LEU L 154 -55.87 -8.16 18.84
N GLU L 155 -56.53 -8.07 17.70
CA GLU L 155 -57.89 -8.57 17.58
C GLU L 155 -57.93 -10.09 17.70
N MET L 156 -57.02 -10.77 16.99
CA MET L 156 -56.97 -12.23 17.02
C MET L 156 -56.61 -12.79 18.39
N LEU L 157 -55.96 -11.99 19.22
CA LEU L 157 -55.52 -12.43 20.54
C LEU L 157 -56.23 -11.72 21.66
N ARG L 158 -57.23 -10.89 21.36
CA ARG L 158 -58.03 -10.29 22.41
C ARG L 158 -58.90 -11.37 23.03
N ASP L 159 -58.86 -11.43 24.37
CA ASP L 159 -59.53 -12.44 25.18
C ASP L 159 -59.06 -13.83 24.79
N ILE L 160 -57.78 -14.08 25.04
CA ILE L 160 -57.22 -15.40 24.92
C ILE L 160 -56.94 -16.05 26.28
N ASN L 161 -56.57 -15.25 27.28
CA ASN L 161 -56.04 -15.77 28.53
C ASN L 161 -57.13 -16.05 29.54
N LYS L 162 -58.34 -16.34 29.08
CA LYS L 162 -59.53 -16.32 29.92
C LYS L 162 -60.36 -17.57 29.71
N ASN L 163 -59.70 -18.74 29.70
CA ASN L 163 -60.32 -20.06 29.48
C ASN L 163 -61.09 -20.09 28.17
N THR L 164 -60.55 -19.43 27.15
CA THR L 164 -61.29 -19.24 25.91
C THR L 164 -61.10 -20.42 24.98
N VAL L 165 -59.86 -20.83 24.75
CA VAL L 165 -59.55 -22.04 24.02
C VAL L 165 -58.60 -22.87 24.88
N ASP L 166 -58.86 -24.18 24.95
CA ASP L 166 -58.05 -25.07 25.78
C ASP L 166 -56.62 -25.16 25.26
N PHE L 167 -55.68 -25.05 26.18
CA PHE L 167 -54.28 -25.24 25.87
C PHE L 167 -53.93 -26.71 25.79
N VAL L 168 -52.76 -26.98 25.19
CA VAL L 168 -52.14 -28.29 25.24
C VAL L 168 -50.67 -28.09 25.60
N ASP L 169 -50.06 -29.17 26.09
CA ASP L 169 -48.63 -29.19 26.34
C ASP L 169 -47.90 -29.52 25.04
N ASN L 170 -46.87 -28.76 24.73
CA ASN L 170 -46.14 -28.99 23.50
C ASN L 170 -44.97 -29.95 23.77
N TYR L 171 -44.03 -29.98 22.82
CA TYR L 171 -42.97 -30.99 22.77
C TYR L 171 -41.98 -30.89 23.93
N ASP L 172 -41.97 -29.79 24.67
CA ASP L 172 -41.07 -29.60 25.79
C ASP L 172 -41.74 -29.75 27.14
N ALA L 173 -43.06 -29.99 27.16
CA ALA L 173 -43.86 -30.36 28.33
C ALA L 173 -43.79 -29.34 29.47
N ASN L 174 -43.42 -28.10 29.17
CA ASN L 174 -43.44 -27.02 30.15
C ASN L 174 -44.20 -25.83 29.60
N GLU L 175 -44.07 -25.60 28.30
CA GLU L 175 -44.84 -24.58 27.62
C GLU L 175 -46.23 -25.12 27.28
N ARG L 176 -47.19 -24.19 27.21
CA ARG L 176 -48.54 -24.53 26.79
C ARG L 176 -48.86 -23.69 25.57
N GLU L 177 -49.46 -24.31 24.57
CA GLU L 177 -49.86 -23.57 23.38
C GLU L 177 -51.36 -23.68 23.16
N PRO L 178 -51.97 -22.73 22.46
CA PRO L 178 -53.39 -22.87 22.11
C PRO L 178 -53.60 -23.80 20.93
N LEU L 179 -54.68 -24.58 21.04
CA LEU L 179 -55.10 -25.46 19.96
C LEU L 179 -55.50 -24.65 18.73
N VAL L 180 -56.47 -23.76 18.88
CA VAL L 180 -56.95 -22.90 17.80
C VAL L 180 -57.05 -21.49 18.36
N LEU L 181 -56.56 -20.50 17.61
CA LEU L 181 -56.61 -19.14 18.11
C LEU L 181 -58.05 -18.65 18.15
N PRO L 182 -58.48 -18.04 19.24
CA PRO L 182 -59.85 -17.52 19.30
C PRO L 182 -59.96 -16.31 18.38
N ALA L 183 -60.57 -16.54 17.23
CA ALA L 183 -60.66 -15.49 16.25
C ALA L 183 -61.79 -14.55 16.60
N ARG L 184 -61.69 -13.33 16.08
CA ARG L 184 -62.78 -12.39 16.20
C ARG L 184 -63.30 -11.99 14.83
N PHE L 185 -62.67 -12.45 13.76
CA PHE L 185 -63.20 -12.28 12.44
C PHE L 185 -62.78 -13.54 11.70
N PRO L 186 -63.62 -14.08 10.82
CA PRO L 186 -63.28 -15.34 10.16
C PRO L 186 -62.18 -15.14 9.12
N ASN L 187 -61.01 -15.66 9.43
CA ASN L 187 -59.79 -15.32 8.70
C ASN L 187 -59.58 -16.19 7.46
N LEU L 188 -60.33 -17.28 7.33
CA LEU L 188 -60.30 -18.05 6.08
C LEU L 188 -60.75 -17.21 4.91
N LEU L 189 -61.93 -16.60 5.02
CA LEU L 189 -62.45 -15.80 3.93
C LEU L 189 -61.60 -14.56 3.69
N VAL L 190 -60.94 -14.07 4.72
CA VAL L 190 -60.13 -12.88 4.56
C VAL L 190 -58.82 -13.20 3.85
N ASN L 191 -58.13 -14.24 4.30
CA ASN L 191 -56.76 -14.44 3.84
C ASN L 191 -56.55 -15.69 3.01
N GLY L 192 -57.47 -16.66 3.05
CA GLY L 192 -57.36 -17.82 2.20
C GLY L 192 -56.37 -18.86 2.72
N ALA L 193 -56.42 -20.03 2.09
CA ALA L 193 -55.57 -21.15 2.47
C ALA L 193 -54.85 -21.68 1.25
N THR L 194 -53.55 -21.44 1.15
CA THR L 194 -52.76 -22.06 0.10
C THR L 194 -52.44 -23.51 0.48
N GLY L 195 -52.55 -24.42 -0.48
CA GLY L 195 -52.47 -25.82 -0.14
C GLY L 195 -51.45 -26.67 -0.86
N ILE L 196 -50.82 -27.58 -0.12
CA ILE L 196 -49.91 -28.56 -0.68
C ILE L 196 -50.65 -29.87 -0.80
N ALA L 197 -50.72 -30.40 -2.02
CA ALA L 197 -51.39 -31.68 -2.27
C ALA L 197 -50.43 -32.82 -1.96
N VAL L 198 -50.86 -33.69 -1.06
CA VAL L 198 -50.35 -35.06 -0.99
C VAL L 198 -51.56 -35.86 -1.45
N GLY L 199 -52.32 -35.24 -2.35
CA GLY L 199 -53.58 -35.72 -2.85
C GLY L 199 -54.63 -34.63 -2.75
N MET L 200 -54.43 -33.70 -1.82
CA MET L 200 -55.45 -32.74 -1.42
C MET L 200 -54.79 -31.38 -1.23
N ALA L 201 -55.12 -30.43 -2.10
CA ALA L 201 -54.66 -29.04 -1.99
C ALA L 201 -55.85 -28.10 -1.90
N THR L 202 -55.59 -26.85 -1.53
CA THR L 202 -56.67 -25.92 -1.25
C THR L 202 -56.27 -24.52 -1.69
N ASN L 203 -57.27 -23.67 -1.89
CA ASN L 203 -57.11 -22.40 -2.61
C ASN L 203 -57.49 -21.20 -1.75
N ILE L 204 -57.28 -20.02 -2.32
CA ILE L 204 -57.47 -18.72 -1.69
C ILE L 204 -58.73 -18.07 -2.25
N PRO L 205 -59.89 -18.16 -1.62
CA PRO L 205 -60.88 -17.12 -1.81
C PRO L 205 -60.69 -15.98 -0.82
N PRO L 206 -60.14 -14.85 -1.23
CA PRO L 206 -60.10 -13.70 -0.34
C PRO L 206 -61.43 -12.97 -0.38
N HIS L 207 -61.65 -12.15 0.64
CA HIS L 207 -62.93 -11.47 0.74
C HIS L 207 -62.76 -10.09 1.36
N ASN L 208 -63.68 -9.19 1.03
CA ASN L 208 -63.73 -7.90 1.67
C ASN L 208 -64.30 -8.10 3.07
N LEU L 209 -63.65 -7.45 4.06
CA LEU L 209 -63.98 -7.71 5.46
C LEU L 209 -65.39 -7.27 5.81
N GLY L 210 -65.80 -6.10 5.32
CA GLY L 210 -67.09 -5.55 5.73
C GLY L 210 -68.26 -6.34 5.16
N GLU L 211 -68.18 -6.69 3.88
CA GLU L 211 -69.20 -7.54 3.29
C GLU L 211 -69.20 -8.93 3.91
N THR L 212 -68.03 -9.40 4.33
CA THR L 212 -67.95 -10.69 5.00
C THR L 212 -68.67 -10.65 6.33
N ILE L 213 -68.44 -9.59 7.11
CA ILE L 213 -69.09 -9.43 8.39
C ILE L 213 -70.59 -9.28 8.23
N ASP L 214 -71.02 -8.56 7.18
CA ASP L 214 -72.44 -8.45 6.91
C ASP L 214 -73.04 -9.78 6.49
N ALA L 215 -72.26 -10.60 5.79
CA ALA L 215 -72.72 -11.95 5.45
C ALA L 215 -72.85 -12.81 6.70
N VAL L 216 -71.91 -12.66 7.63
CA VAL L 216 -71.98 -13.35 8.91
C VAL L 216 -73.23 -12.94 9.66
N LYS L 217 -73.55 -11.65 9.64
CA LYS L 217 -74.75 -11.14 10.30
C LYS L 217 -76.02 -11.71 9.67
N LEU L 218 -76.07 -11.76 8.34
CA LEU L 218 -77.28 -12.25 7.70
C LEU L 218 -77.45 -13.76 7.86
N VAL L 219 -76.34 -14.50 7.88
CA VAL L 219 -76.42 -15.93 8.13
C VAL L 219 -76.84 -16.19 9.57
N MET L 220 -76.33 -15.38 10.51
CA MET L 220 -76.68 -15.59 11.91
C MET L 220 -78.11 -15.14 12.19
N ASP L 221 -78.63 -14.21 11.40
CA ASP L 221 -80.04 -13.85 11.53
C ASP L 221 -80.92 -14.93 10.93
N ASN L 222 -80.83 -15.15 9.63
CA ASN L 222 -81.69 -16.15 9.00
C ASN L 222 -80.91 -17.42 8.81
N PRO L 223 -81.33 -18.53 9.43
CA PRO L 223 -80.58 -19.79 9.28
C PRO L 223 -80.66 -20.40 7.88
N GLU L 224 -81.58 -19.94 7.04
CA GLU L 224 -81.65 -20.36 5.64
C GLU L 224 -81.65 -19.13 4.74
N VAL L 225 -80.44 -18.69 4.39
CA VAL L 225 -80.24 -17.69 3.33
C VAL L 225 -79.69 -18.44 2.13
N THR L 226 -80.29 -18.20 0.96
CA THR L 226 -79.77 -18.82 -0.24
C THR L 226 -78.44 -18.20 -0.63
N THR L 227 -77.60 -19.01 -1.29
CA THR L 227 -76.26 -18.56 -1.67
C THR L 227 -76.29 -17.49 -2.74
N LYS L 228 -77.36 -17.42 -3.53
CA LYS L 228 -77.56 -16.26 -4.39
C LYS L 228 -77.75 -15.00 -3.56
N ASP L 229 -78.46 -15.10 -2.44
CA ASP L 229 -78.67 -13.93 -1.59
C ASP L 229 -77.44 -13.57 -0.78
N LEU L 230 -76.45 -14.46 -0.71
CA LEU L 230 -75.17 -14.09 -0.13
C LEU L 230 -74.18 -13.64 -1.17
N MET L 231 -74.35 -14.05 -2.43
CA MET L 231 -73.64 -13.41 -3.51
C MET L 231 -74.17 -12.01 -3.76
N GLU L 232 -75.43 -11.75 -3.39
CA GLU L 232 -75.89 -10.38 -3.21
C GLU L 232 -75.04 -9.65 -2.19
N VAL L 233 -74.70 -10.32 -1.10
CA VAL L 233 -73.82 -9.73 -0.11
C VAL L 233 -72.39 -9.76 -0.59
N LEU L 234 -71.84 -10.96 -0.78
CA LEU L 234 -70.43 -11.10 -1.06
C LEU L 234 -70.18 -11.02 -2.56
N PRO L 235 -69.37 -10.09 -3.01
CA PRO L 235 -68.97 -10.09 -4.41
C PRO L 235 -68.06 -11.26 -4.71
N GLY L 236 -67.00 -11.38 -3.91
CA GLY L 236 -66.05 -12.45 -4.06
C GLY L 236 -64.62 -12.05 -3.76
N PRO L 237 -63.72 -12.32 -4.71
CA PRO L 237 -62.28 -12.18 -4.43
C PRO L 237 -61.78 -10.77 -4.28
N ASP L 238 -61.52 -10.36 -3.04
CA ASP L 238 -60.93 -9.05 -2.74
C ASP L 238 -59.41 -9.26 -2.68
N PHE L 239 -58.75 -9.05 -3.81
CA PHE L 239 -57.33 -9.31 -3.90
C PHE L 239 -56.52 -8.24 -3.16
N PRO L 240 -55.31 -8.58 -2.70
CA PRO L 240 -54.46 -7.58 -2.06
C PRO L 240 -53.88 -6.53 -3.00
N THR L 241 -53.91 -6.75 -4.32
CA THR L 241 -53.46 -5.76 -5.26
C THR L 241 -54.53 -5.30 -6.24
N GLY L 242 -55.70 -5.92 -6.24
CA GLY L 242 -56.70 -5.55 -7.22
C GLY L 242 -56.54 -6.29 -8.52
N ALA L 243 -57.66 -6.48 -9.21
CA ALA L 243 -57.73 -7.18 -10.50
C ALA L 243 -59.11 -6.94 -11.09
N LEU L 244 -59.42 -7.72 -12.13
CA LEU L 244 -60.75 -7.88 -12.67
C LEU L 244 -61.11 -9.35 -12.64
N VAL L 245 -62.32 -9.65 -12.16
CA VAL L 245 -62.80 -11.04 -12.07
C VAL L 245 -63.83 -11.26 -13.16
N MET L 246 -63.55 -12.18 -14.06
CA MET L 246 -64.50 -12.63 -15.05
C MET L 246 -65.14 -13.92 -14.59
N GLY L 247 -66.45 -14.01 -14.75
CA GLY L 247 -67.16 -15.22 -14.46
C GLY L 247 -67.87 -15.18 -13.12
N LYS L 248 -69.17 -14.89 -13.15
CA LYS L 248 -69.97 -15.01 -11.94
C LYS L 248 -70.54 -16.41 -11.82
N SER L 249 -70.52 -17.16 -12.92
CA SER L 249 -70.95 -18.56 -12.90
C SER L 249 -69.99 -19.42 -12.08
N GLY L 250 -68.68 -19.24 -12.29
CA GLY L 250 -67.70 -19.97 -11.50
C GLY L 250 -67.68 -19.54 -10.05
N ILE L 251 -67.98 -18.26 -9.79
CA ILE L 251 -68.17 -17.78 -8.43
C ILE L 251 -69.35 -18.47 -7.77
N HIS L 252 -70.47 -18.61 -8.48
CA HIS L 252 -71.65 -19.26 -7.93
C HIS L 252 -71.40 -20.74 -7.68
N LYS L 253 -70.72 -21.39 -8.62
CA LYS L 253 -70.27 -22.77 -8.45
C LYS L 253 -69.37 -22.93 -7.23
N ALA L 254 -68.48 -21.97 -7.00
CA ALA L 254 -67.54 -22.05 -5.90
C ALA L 254 -68.23 -21.91 -4.55
N TYR L 255 -69.08 -20.90 -4.39
CA TYR L 255 -69.72 -20.74 -3.10
C TYR L 255 -70.94 -21.64 -2.93
N GLU L 256 -71.30 -22.43 -3.94
CA GLU L 256 -72.22 -23.52 -3.69
C GLU L 256 -71.49 -24.81 -3.29
N THR L 257 -70.60 -25.30 -4.15
CA THR L 257 -70.02 -26.63 -3.96
C THR L 257 -68.63 -26.62 -3.39
N GLY L 258 -67.86 -25.56 -3.58
CA GLY L 258 -66.50 -25.51 -3.09
C GLY L 258 -65.50 -25.57 -4.21
N LYS L 259 -65.74 -26.46 -5.18
CA LYS L 259 -64.87 -26.55 -6.34
C LYS L 259 -65.37 -25.63 -7.44
N GLY L 260 -64.42 -24.99 -8.11
CA GLY L 260 -64.77 -24.14 -9.23
C GLY L 260 -63.54 -23.44 -9.75
N SER L 261 -63.76 -22.57 -10.73
CA SER L 261 -62.69 -21.71 -11.21
C SER L 261 -63.29 -20.43 -11.75
N ILE L 262 -62.59 -19.33 -11.50
CA ILE L 262 -62.95 -18.04 -12.06
C ILE L 262 -61.79 -17.61 -12.96
N VAL L 263 -61.99 -16.50 -13.67
CA VAL L 263 -60.97 -16.00 -14.58
C VAL L 263 -60.51 -14.66 -14.05
N LEU L 264 -59.21 -14.41 -14.16
CA LEU L 264 -58.62 -13.17 -13.65
C LEU L 264 -58.08 -12.38 -14.83
N ARG L 265 -58.80 -11.33 -15.21
CA ARG L 265 -58.38 -10.37 -16.23
C ARG L 265 -57.87 -9.11 -15.54
N SER L 266 -56.66 -8.67 -15.89
CA SER L 266 -56.05 -7.52 -15.26
C SER L 266 -56.80 -6.24 -15.60
N ARG L 267 -56.66 -5.24 -14.73
CA ARG L 267 -57.24 -3.92 -15.00
C ARG L 267 -56.42 -3.25 -16.09
N THR L 268 -56.86 -3.46 -17.32
CA THR L 268 -56.24 -2.92 -18.51
C THR L 268 -57.22 -1.99 -19.20
N GLU L 269 -56.68 -0.94 -19.82
CA GLU L 269 -57.53 -0.03 -20.56
C GLU L 269 -56.79 0.43 -21.81
N ILE L 270 -57.57 0.72 -22.85
CA ILE L 270 -57.06 1.14 -24.15
C ILE L 270 -57.22 2.64 -24.23
N GLU L 271 -56.11 3.35 -24.41
CA GLU L 271 -56.09 4.80 -24.48
C GLU L 271 -55.45 5.20 -25.80
N THR L 272 -56.24 5.83 -26.66
CA THR L 272 -55.79 6.16 -28.01
C THR L 272 -55.20 7.56 -28.01
N THR L 273 -53.95 7.66 -28.47
CA THR L 273 -53.30 8.96 -28.59
C THR L 273 -53.85 9.70 -29.80
N LYS L 274 -53.69 11.03 -29.77
CA LYS L 274 -54.03 11.85 -30.94
C LYS L 274 -53.06 11.58 -32.08
N THR L 275 -51.82 11.19 -31.75
CA THR L 275 -50.83 10.82 -32.76
C THR L 275 -51.27 9.58 -33.52
N GLY L 276 -51.67 8.52 -32.79
CA GLY L 276 -52.21 7.33 -33.44
C GLY L 276 -51.74 6.03 -32.84
N ARG L 277 -50.58 6.04 -32.19
CA ARG L 277 -50.00 4.84 -31.59
C ARG L 277 -50.66 4.60 -30.24
N GLU L 278 -51.54 3.61 -30.17
CA GLU L 278 -52.43 3.43 -29.03
C GLU L 278 -51.68 2.90 -27.81
N ARG L 279 -52.40 2.82 -26.70
CA ARG L 279 -51.83 2.66 -25.38
C ARG L 279 -52.61 1.58 -24.63
N ILE L 280 -51.90 0.67 -23.98
CA ILE L 280 -52.51 -0.25 -23.03
C ILE L 280 -51.97 0.10 -21.66
N VAL L 281 -52.84 0.63 -20.81
CA VAL L 281 -52.49 0.96 -19.43
C VAL L 281 -52.93 -0.22 -18.58
N VAL L 282 -51.95 -0.92 -18.02
CA VAL L 282 -52.21 -2.05 -17.13
C VAL L 282 -51.83 -1.62 -15.72
N THR L 283 -52.77 -1.77 -14.79
CA THR L 283 -52.56 -1.31 -13.43
C THR L 283 -52.70 -2.37 -12.35
N GLU L 284 -53.39 -3.48 -12.63
CA GLU L 284 -53.70 -4.46 -11.59
C GLU L 284 -53.47 -5.88 -12.11
N PHE L 285 -52.24 -6.36 -11.99
CA PHE L 285 -51.96 -7.77 -12.23
C PHE L 285 -52.67 -8.64 -11.19
N PRO L 286 -53.06 -9.88 -11.57
CA PRO L 286 -53.89 -10.69 -10.66
C PRO L 286 -53.15 -11.24 -9.46
N TYR L 287 -53.86 -12.08 -8.70
CA TYR L 287 -53.37 -12.56 -7.41
C TYR L 287 -52.18 -13.48 -7.57
N MET L 288 -51.07 -13.10 -6.90
CA MET L 288 -49.81 -13.85 -6.86
C MET L 288 -49.26 -14.09 -8.26
N VAL L 289 -49.22 -13.03 -9.06
CA VAL L 289 -48.59 -13.05 -10.37
C VAL L 289 -47.48 -12.00 -10.37
N ASN L 290 -46.30 -12.41 -10.82
CA ASN L 290 -45.16 -11.52 -10.95
C ASN L 290 -45.45 -10.42 -11.98
N LYS L 291 -44.80 -9.27 -11.77
CA LYS L 291 -44.73 -8.22 -12.79
C LYS L 291 -43.62 -8.52 -13.78
N THR L 292 -42.42 -8.80 -13.26
CA THR L 292 -41.21 -8.88 -14.08
C THR L 292 -41.28 -10.06 -15.04
N LYS L 293 -41.79 -11.20 -14.55
CA LYS L 293 -41.92 -12.38 -15.41
C LYS L 293 -42.93 -12.15 -16.52
N VAL L 294 -44.00 -11.40 -16.24
CA VAL L 294 -45.00 -11.14 -17.25
C VAL L 294 -44.47 -10.18 -18.31
N HIS L 295 -43.74 -9.13 -17.89
CA HIS L 295 -43.18 -8.20 -18.87
C HIS L 295 -42.07 -8.85 -19.70
N GLU L 296 -41.26 -9.71 -19.09
CA GLU L 296 -40.27 -10.46 -19.86
C GLU L 296 -40.93 -11.46 -20.79
N HIS L 297 -42.05 -12.04 -20.37
CA HIS L 297 -42.81 -12.94 -21.23
C HIS L 297 -43.43 -12.19 -22.41
N ILE L 298 -43.85 -10.94 -22.18
CA ILE L 298 -44.39 -10.12 -23.27
C ILE L 298 -43.31 -9.75 -24.27
N VAL L 299 -42.14 -9.33 -23.79
CA VAL L 299 -41.02 -8.99 -24.67
C VAL L 299 -40.55 -10.24 -25.43
N ARG L 300 -40.57 -11.39 -24.77
CA ARG L 300 -40.21 -12.63 -25.41
C ARG L 300 -41.23 -13.01 -26.48
N LEU L 301 -42.53 -12.82 -26.21
CA LEU L 301 -43.56 -13.07 -27.22
C LEU L 301 -43.49 -12.09 -28.38
N VAL L 302 -42.95 -10.89 -28.15
CA VAL L 302 -42.60 -10.03 -29.27
C VAL L 302 -41.46 -10.66 -30.07
N GLN L 303 -40.44 -11.16 -29.39
CA GLN L 303 -39.32 -11.78 -30.09
C GLN L 303 -39.51 -13.27 -30.37
N GLU L 304 -40.59 -13.89 -29.89
CA GLU L 304 -40.98 -15.19 -30.42
C GLU L 304 -41.77 -15.06 -31.71
N LYS L 305 -42.32 -13.87 -31.97
CA LYS L 305 -42.84 -13.45 -33.27
C LYS L 305 -44.03 -14.28 -33.72
N ARG L 306 -44.85 -14.73 -32.77
CA ARG L 306 -46.11 -15.37 -33.13
C ARG L 306 -47.14 -14.33 -33.57
N ILE L 307 -47.22 -13.22 -32.85
CA ILE L 307 -48.06 -12.10 -33.23
C ILE L 307 -47.31 -10.81 -32.93
N GLU L 308 -47.55 -9.80 -33.75
CA GLU L 308 -46.84 -8.53 -33.71
C GLU L 308 -47.84 -7.40 -33.44
N GLY L 309 -47.31 -6.18 -33.34
CA GLY L 309 -48.09 -4.99 -33.05
C GLY L 309 -47.68 -4.27 -31.80
N ILE L 310 -47.00 -4.94 -30.87
CA ILE L 310 -46.48 -4.30 -29.66
C ILE L 310 -45.24 -3.51 -30.04
N THR L 311 -45.25 -2.21 -29.73
CA THR L 311 -44.05 -1.42 -29.95
C THR L 311 -43.03 -1.64 -28.84
N ALA L 312 -43.40 -1.31 -27.60
CA ALA L 312 -42.48 -1.39 -26.47
C ALA L 312 -43.27 -1.51 -25.18
N VAL L 313 -42.53 -1.63 -24.08
CA VAL L 313 -43.08 -1.72 -22.74
C VAL L 313 -42.37 -0.69 -21.87
N ARG L 314 -43.14 0.16 -21.20
CA ARG L 314 -42.58 1.13 -20.25
C ARG L 314 -42.93 0.70 -18.83
N ASP L 315 -41.90 0.36 -18.06
CA ASP L 315 -42.01 0.05 -16.64
C ASP L 315 -41.57 1.30 -15.89
N GLU L 316 -42.51 2.22 -15.68
CA GLU L 316 -42.21 3.59 -15.26
C GLU L 316 -42.34 3.77 -13.75
N SER L 317 -42.01 2.76 -12.96
CA SER L 317 -41.98 2.90 -11.51
C SER L 317 -40.85 2.07 -10.93
N ASN L 318 -40.30 2.56 -9.82
CA ASN L 318 -39.30 1.83 -9.06
C ASN L 318 -39.98 0.97 -7.99
N ARG L 319 -40.70 1.63 -7.07
CA ARG L 319 -41.52 0.95 -6.08
C ARG L 319 -42.90 1.57 -5.90
N GLU L 320 -43.13 2.77 -6.42
CA GLU L 320 -44.27 3.59 -6.05
C GLU L 320 -45.24 3.74 -7.22
N GLY L 321 -46.48 3.32 -7.01
CA GLY L 321 -47.52 3.45 -8.01
C GLY L 321 -47.48 2.32 -9.00
N VAL L 322 -48.59 1.64 -9.20
CA VAL L 322 -48.66 0.50 -10.11
C VAL L 322 -49.55 0.92 -11.28
N ARG L 323 -48.92 1.52 -12.28
CA ARG L 323 -49.56 1.92 -13.53
C ARG L 323 -48.50 1.86 -14.61
N PHE L 324 -48.70 0.97 -15.60
CA PHE L 324 -47.64 0.68 -16.54
C PHE L 324 -48.18 0.67 -17.97
N VAL L 325 -47.44 1.32 -18.86
CA VAL L 325 -47.88 1.58 -20.22
C VAL L 325 -47.14 0.63 -21.15
N ILE L 326 -47.89 -0.12 -21.94
CA ILE L 326 -47.34 -0.89 -23.04
C ILE L 326 -47.96 -0.37 -24.34
N GLU L 327 -47.11 -0.03 -25.29
CA GLU L 327 -47.50 0.71 -26.48
C GLU L 327 -47.89 -0.23 -27.61
N VAL L 328 -48.98 0.09 -28.29
CA VAL L 328 -49.36 -0.55 -29.54
C VAL L 328 -49.12 0.47 -30.64
N LYS L 329 -48.55 0.02 -31.76
CA LYS L 329 -48.11 0.90 -32.83
C LYS L 329 -49.30 1.54 -33.55
N ARG L 330 -48.96 2.40 -34.51
CA ARG L 330 -49.95 2.96 -35.42
C ARG L 330 -50.54 1.86 -36.29
N ASP L 331 -51.84 2.00 -36.60
CA ASP L 331 -52.61 1.10 -37.48
C ASP L 331 -52.67 -0.31 -36.90
N ALA L 332 -53.09 -0.38 -35.64
CA ALA L 332 -53.30 -1.66 -34.96
C ALA L 332 -54.29 -1.42 -33.83
N SER L 333 -55.46 -2.04 -33.92
CA SER L 333 -56.47 -1.92 -32.87
C SER L 333 -55.98 -2.65 -31.62
N ALA L 334 -55.78 -1.91 -30.53
CA ALA L 334 -55.14 -2.48 -29.34
C ALA L 334 -56.03 -3.44 -28.58
N ASN L 335 -57.32 -3.56 -28.93
CA ASN L 335 -58.15 -4.60 -28.34
C ASN L 335 -57.79 -5.97 -28.87
N VAL L 336 -57.29 -6.05 -30.11
CA VAL L 336 -56.78 -7.31 -30.65
C VAL L 336 -55.53 -7.74 -29.89
N ILE L 337 -54.60 -6.81 -29.68
CA ILE L 337 -53.39 -7.07 -28.91
C ILE L 337 -53.73 -7.40 -27.46
N LEU L 338 -54.79 -6.76 -26.94
CA LEU L 338 -55.20 -6.97 -25.56
C LEU L 338 -55.79 -8.36 -25.36
N ASN L 339 -56.66 -8.79 -26.29
CA ASN L 339 -57.18 -10.14 -26.26
C ASN L 339 -56.09 -11.19 -26.45
N ASN L 340 -55.06 -10.87 -27.25
CA ASN L 340 -54.01 -11.85 -27.48
C ASN L 340 -53.05 -11.95 -26.30
N LEU L 341 -52.76 -10.83 -25.63
CA LEU L 341 -51.98 -10.91 -24.40
C LEU L 341 -52.78 -11.54 -23.27
N PHE L 342 -54.10 -11.43 -23.31
CA PHE L 342 -54.93 -12.17 -22.35
C PHE L 342 -54.92 -13.65 -22.65
N LYS L 343 -54.87 -14.01 -23.92
CA LYS L 343 -54.80 -15.42 -24.31
C LYS L 343 -53.46 -16.04 -23.92
N MET L 344 -52.36 -15.32 -24.15
CA MET L 344 -51.03 -15.89 -24.01
C MET L 344 -50.46 -15.74 -22.60
N THR L 345 -50.34 -14.50 -22.13
CA THR L 345 -49.51 -14.18 -20.99
C THR L 345 -50.18 -14.58 -19.68
N GLN L 346 -49.52 -14.26 -18.57
CA GLN L 346 -50.11 -14.36 -17.24
C GLN L 346 -50.74 -13.03 -16.83
N MET L 347 -51.56 -12.48 -17.71
CA MET L 347 -52.30 -11.25 -17.44
C MET L 347 -53.79 -11.49 -17.27
N GLN L 348 -54.34 -12.44 -18.02
CA GLN L 348 -55.65 -13.02 -17.74
C GLN L 348 -55.45 -14.53 -17.63
N THR L 349 -55.57 -15.04 -16.41
CA THR L 349 -55.32 -16.44 -16.08
C THR L 349 -56.60 -17.10 -15.57
N ASN L 350 -56.52 -18.40 -15.34
CA ASN L 350 -57.53 -19.07 -14.55
C ASN L 350 -57.13 -19.05 -13.09
N PHE L 351 -58.12 -19.28 -12.22
CA PHE L 351 -57.83 -19.37 -10.80
C PHE L 351 -58.86 -20.28 -10.19
N GLY L 352 -58.42 -21.39 -9.62
CA GLY L 352 -59.32 -22.36 -9.05
C GLY L 352 -59.67 -22.03 -7.62
N PHE L 353 -60.90 -22.39 -7.24
CA PHE L 353 -61.35 -22.38 -5.86
C PHE L 353 -61.63 -23.81 -5.44
N ASN L 354 -61.04 -24.21 -4.31
CA ASN L 354 -61.35 -25.50 -3.69
C ASN L 354 -61.17 -25.29 -2.19
N MET L 355 -62.27 -24.95 -1.51
CA MET L 355 -62.22 -24.54 -0.11
C MET L 355 -62.15 -25.79 0.75
N LEU L 356 -60.92 -26.24 0.96
CA LEU L 356 -60.59 -27.44 1.71
C LEU L 356 -59.85 -27.06 2.98
N ALA L 357 -60.40 -27.44 4.13
CA ALA L 357 -59.77 -27.11 5.40
C ALA L 357 -60.23 -28.10 6.46
N ILE L 358 -59.67 -27.96 7.65
CA ILE L 358 -59.87 -28.92 8.73
C ILE L 358 -61.12 -28.53 9.50
N GLN L 359 -62.13 -29.39 9.49
CA GLN L 359 -63.25 -29.25 10.39
C GLN L 359 -63.36 -30.54 11.19
N ASN L 360 -63.53 -30.40 12.51
CA ASN L 360 -63.67 -31.51 13.46
C ASN L 360 -62.51 -32.48 13.42
N GLY L 361 -61.34 -32.05 12.95
CA GLY L 361 -60.19 -32.91 12.86
C GLY L 361 -59.98 -33.57 11.51
N ILE L 362 -60.90 -33.43 10.56
CA ILE L 362 -60.68 -34.05 9.24
C ILE L 362 -60.61 -32.96 8.17
N PRO L 363 -59.89 -33.17 7.07
CA PRO L 363 -59.97 -32.21 5.97
C PRO L 363 -61.23 -32.44 5.16
N LYS L 364 -61.93 -31.36 4.84
CA LYS L 364 -63.15 -31.42 4.06
C LYS L 364 -63.21 -30.24 3.12
N ILE L 365 -63.81 -30.48 1.96
CA ILE L 365 -64.19 -29.42 1.05
C ILE L 365 -65.51 -28.83 1.54
N LEU L 366 -65.48 -27.55 1.89
CA LEU L 366 -66.62 -26.91 2.52
C LEU L 366 -67.09 -25.71 1.72
N SER L 367 -68.37 -25.41 1.84
CA SER L 367 -68.95 -24.31 1.09
C SER L 367 -68.89 -23.03 1.90
N LEU L 368 -69.30 -21.93 1.26
CA LEU L 368 -69.35 -20.63 1.92
C LEU L 368 -70.36 -20.62 3.05
N ARG L 369 -71.48 -21.31 2.85
CA ARG L 369 -72.45 -21.50 3.93
C ARG L 369 -71.83 -22.26 5.10
N GLN L 370 -71.08 -23.31 4.80
CA GLN L 370 -70.58 -24.19 5.85
C GLN L 370 -69.44 -23.56 6.64
N ILE L 371 -68.58 -22.79 5.95
CA ILE L 371 -67.54 -22.02 6.61
C ILE L 371 -68.13 -21.06 7.64
N LEU L 372 -69.18 -20.37 7.25
CA LEU L 372 -69.73 -19.35 8.12
C LEU L 372 -70.62 -19.93 9.20
N ASP L 373 -71.30 -21.05 8.91
CA ASP L 373 -72.01 -21.77 9.97
C ASP L 373 -71.05 -22.26 11.05
N ALA L 374 -69.91 -22.81 10.62
CA ALA L 374 -68.92 -23.28 11.58
C ALA L 374 -68.27 -22.14 12.34
N TYR L 375 -68.04 -21.01 11.66
CA TYR L 375 -67.47 -19.85 12.33
C TYR L 375 -68.42 -19.27 13.37
N ILE L 376 -69.71 -19.23 13.05
CA ILE L 376 -70.70 -18.74 14.00
C ILE L 376 -70.81 -19.68 15.20
N GLU L 377 -70.73 -20.99 14.96
CA GLU L 377 -70.69 -21.95 16.06
C GLU L 377 -69.45 -21.74 16.94
N HIS L 378 -68.31 -21.43 16.30
CA HIS L 378 -67.09 -21.21 17.07
C HIS L 378 -67.16 -19.93 17.89
N GLN L 379 -67.79 -18.90 17.34
CA GLN L 379 -67.91 -17.67 18.12
C GLN L 379 -68.91 -17.82 19.24
N LYS L 380 -69.93 -18.67 19.05
CA LYS L 380 -70.81 -19.01 20.17
C LYS L 380 -70.04 -19.72 21.26
N GLU L 381 -69.14 -20.63 20.88
CA GLU L 381 -68.29 -21.30 21.85
C GLU L 381 -67.37 -20.31 22.58
N VAL L 382 -66.80 -19.36 21.83
CA VAL L 382 -65.91 -18.35 22.41
C VAL L 382 -66.64 -17.49 23.41
N VAL L 383 -67.84 -17.05 23.04
CA VAL L 383 -68.61 -16.16 23.89
C VAL L 383 -69.09 -16.87 25.15
N VAL L 384 -69.55 -18.13 25.00
CA VAL L 384 -69.99 -18.89 26.17
C VAL L 384 -68.83 -19.17 27.11
N ARG L 385 -67.65 -19.49 26.59
CA ARG L 385 -66.53 -19.76 27.48
C ARG L 385 -66.01 -18.50 28.15
N ARG L 386 -65.96 -17.38 27.43
CA ARG L 386 -65.50 -16.14 28.04
C ARG L 386 -66.49 -15.66 29.09
N THR L 387 -67.78 -15.81 28.82
CA THR L 387 -68.81 -15.40 29.76
C THR L 387 -68.78 -16.28 30.99
N ARG L 388 -68.58 -17.59 30.82
CA ARG L 388 -68.45 -18.46 31.98
C ARG L 388 -67.19 -18.16 32.77
N PHE L 389 -66.11 -17.75 32.12
CA PHE L 389 -64.90 -17.39 32.85
C PHE L 389 -65.11 -16.15 33.70
N ASP L 390 -65.71 -15.11 33.12
CA ASP L 390 -65.94 -13.91 33.89
C ASP L 390 -66.98 -14.13 34.97
N LYS L 391 -67.91 -15.05 34.75
CA LYS L 391 -68.83 -15.41 35.83
C LYS L 391 -68.12 -16.17 36.93
N GLU L 392 -67.14 -16.99 36.58
CA GLU L 392 -66.30 -17.66 37.59
C GLU L 392 -65.50 -16.65 38.41
N LYS L 393 -64.91 -15.68 37.73
CA LYS L 393 -64.07 -14.69 38.42
C LYS L 393 -64.91 -13.80 39.33
N ALA L 394 -66.01 -13.25 38.80
CA ALA L 394 -66.88 -12.42 39.61
C ALA L 394 -67.59 -13.23 40.67
N GLU L 395 -67.84 -14.52 40.44
CA GLU L 395 -68.52 -15.34 41.43
C GLU L 395 -67.57 -15.68 42.58
N ALA L 396 -66.29 -15.89 42.27
CA ALA L 396 -65.30 -16.10 43.33
C ALA L 396 -65.10 -14.83 44.14
N ARG L 397 -65.08 -13.68 43.46
CA ARG L 397 -64.92 -12.42 44.19
C ARG L 397 -66.15 -12.12 45.04
N ALA L 398 -67.34 -12.43 44.52
CA ALA L 398 -68.56 -12.26 45.30
C ALA L 398 -68.65 -13.26 46.44
N HIS L 399 -68.04 -14.44 46.28
CA HIS L 399 -67.97 -15.41 47.36
C HIS L 399 -67.09 -14.90 48.50
N ILE L 400 -65.92 -14.35 48.15
CA ILE L 400 -65.03 -13.77 49.15
C ILE L 400 -65.67 -12.55 49.81
N LEU L 401 -66.35 -11.73 49.01
CA LEU L 401 -66.97 -10.53 49.55
C LEU L 401 -68.20 -10.87 50.37
N GLU L 402 -68.86 -12.00 50.08
CA GLU L 402 -69.95 -12.47 50.90
C GLU L 402 -69.45 -13.00 52.24
N GLY L 403 -68.30 -13.67 52.22
CA GLY L 403 -67.67 -14.07 53.48
C GLY L 403 -67.31 -12.88 54.36
N LEU L 404 -66.75 -11.84 53.74
CA LEU L 404 -66.50 -10.62 54.50
C LEU L 404 -67.80 -9.93 54.90
N LEU L 405 -68.87 -10.09 54.14
CA LEU L 405 -70.13 -9.49 54.51
C LEU L 405 -70.75 -10.20 55.70
N ILE L 406 -70.61 -11.52 55.76
CA ILE L 406 -71.02 -12.29 56.94
C ILE L 406 -70.16 -11.92 58.14
N ALA L 407 -68.87 -11.62 57.91
CA ALA L 407 -68.03 -11.09 58.97
C ALA L 407 -68.54 -9.74 59.47
N LEU L 408 -69.02 -8.90 58.56
CA LEU L 408 -69.62 -7.62 58.94
C LEU L 408 -70.98 -7.80 59.60
N ASP L 409 -71.64 -8.94 59.39
CA ASP L 409 -72.93 -9.19 60.03
C ASP L 409 -72.77 -9.34 61.53
N HIS L 410 -72.03 -10.36 61.96
CA HIS L 410 -71.77 -10.62 63.37
C HIS L 410 -70.28 -10.42 63.58
N ILE L 411 -69.88 -9.17 63.81
CA ILE L 411 -68.47 -8.87 64.03
C ILE L 411 -68.05 -9.35 65.41
N ASP L 412 -68.96 -9.27 66.39
CA ASP L 412 -68.61 -9.49 67.78
C ASP L 412 -68.30 -10.95 68.06
N GLU L 413 -69.03 -11.86 67.42
CA GLU L 413 -68.77 -13.28 67.60
C GLU L 413 -67.44 -13.66 66.98
N VAL L 414 -67.10 -13.06 65.83
CA VAL L 414 -65.83 -13.31 65.17
C VAL L 414 -64.68 -12.83 66.03
N ILE L 415 -64.83 -11.63 66.62
CA ILE L 415 -63.81 -11.09 67.52
C ILE L 415 -63.69 -11.96 68.76
N ARG L 416 -64.83 -12.45 69.27
CA ARG L 416 -64.84 -13.31 70.46
C ARG L 416 -64.13 -14.62 70.20
N ILE L 417 -64.25 -15.16 69.00
CA ILE L 417 -63.55 -16.39 68.66
C ILE L 417 -62.07 -16.14 68.40
N ILE L 418 -61.72 -15.00 67.78
CA ILE L 418 -60.32 -14.65 67.55
C ILE L 418 -59.59 -14.43 68.88
N ARG L 419 -60.25 -13.78 69.82
CA ARG L 419 -59.69 -13.62 71.16
C ARG L 419 -59.60 -14.94 71.91
N ALA L 420 -60.47 -15.89 71.57
CA ALA L 420 -60.42 -17.22 72.16
C ALA L 420 -59.57 -18.19 71.36
N SER L 421 -58.96 -17.72 70.27
CA SER L 421 -58.17 -18.59 69.41
C SER L 421 -56.75 -18.69 69.94
N GLU L 422 -56.04 -19.69 69.45
CA GLU L 422 -54.63 -19.89 69.79
C GLU L 422 -53.74 -19.96 68.56
N THR L 423 -54.22 -20.56 67.48
CA THR L 423 -53.55 -20.57 66.19
C THR L 423 -54.49 -20.03 65.12
N ASP L 424 -53.93 -19.73 63.96
CA ASP L 424 -54.74 -19.23 62.85
C ASP L 424 -55.62 -20.31 62.28
N ALA L 425 -55.11 -21.55 62.26
CA ALA L 425 -55.90 -22.68 61.79
C ALA L 425 -57.09 -22.95 62.70
N GLU L 426 -56.89 -22.81 64.01
CA GLU L 426 -58.00 -22.92 64.96
C GLU L 426 -59.02 -21.83 64.72
N ALA L 427 -58.57 -20.60 64.48
CA ALA L 427 -59.49 -19.48 64.29
C ALA L 427 -60.33 -19.67 63.03
N GLN L 428 -59.68 -20.06 61.93
CA GLN L 428 -60.44 -20.25 60.70
C GLN L 428 -61.34 -21.48 60.76
N ALA L 429 -60.92 -22.52 61.49
CA ALA L 429 -61.77 -23.70 61.63
C ALA L 429 -62.99 -23.41 62.48
N GLU L 430 -62.82 -22.63 63.56
CA GLU L 430 -63.95 -22.31 64.41
C GLU L 430 -64.89 -21.31 63.73
N LEU L 431 -64.35 -20.41 62.91
CA LEU L 431 -65.22 -19.51 62.14
C LEU L 431 -66.02 -20.27 61.09
N MET L 432 -65.37 -21.20 60.38
CA MET L 432 -66.08 -22.03 59.41
C MET L 432 -67.08 -22.96 60.09
N SER L 433 -66.81 -23.35 61.33
CA SER L 433 -67.76 -24.18 62.06
C SER L 433 -68.95 -23.37 62.57
N LYS L 434 -68.71 -22.12 62.94
CA LYS L 434 -69.75 -21.33 63.58
C LYS L 434 -70.63 -20.58 62.58
N PHE L 435 -70.08 -20.18 61.44
CA PHE L 435 -70.87 -19.39 60.49
C PHE L 435 -70.89 -20.01 59.10
N LYS L 436 -70.54 -21.30 58.99
CA LYS L 436 -70.67 -22.10 57.76
C LYS L 436 -69.86 -21.49 56.61
N LEU L 437 -68.58 -21.26 56.88
CA LEU L 437 -67.74 -20.48 55.98
C LEU L 437 -66.81 -21.39 55.19
N SER L 438 -66.11 -20.79 54.24
CA SER L 438 -65.13 -21.50 53.43
C SER L 438 -63.73 -21.17 53.93
N GLU L 439 -62.74 -21.88 53.36
CA GLU L 439 -61.35 -21.55 53.63
C GLU L 439 -60.99 -20.19 53.07
N ARG L 440 -61.47 -19.88 51.86
CA ARG L 440 -61.26 -18.57 51.26
C ARG L 440 -61.92 -17.49 52.09
N GLN L 441 -63.16 -17.75 52.53
CA GLN L 441 -63.89 -16.80 53.36
C GLN L 441 -63.21 -16.58 54.70
N SER L 442 -62.74 -17.66 55.34
CA SER L 442 -62.11 -17.52 56.64
C SER L 442 -60.74 -16.87 56.55
N GLN L 443 -59.99 -17.11 55.48
CA GLN L 443 -58.74 -16.40 55.28
C GLN L 443 -58.98 -14.92 55.01
N ALA L 444 -60.06 -14.59 54.29
CA ALA L 444 -60.37 -13.19 54.05
C ALA L 444 -60.79 -12.50 55.34
N ILE L 445 -61.49 -13.21 56.22
CA ILE L 445 -61.90 -12.63 57.50
C ILE L 445 -60.69 -12.41 58.40
N LEU L 446 -59.83 -13.43 58.50
CA LEU L 446 -58.65 -13.30 59.35
C LEU L 446 -57.57 -12.40 58.74
N ASP L 447 -57.71 -11.99 57.48
CA ASP L 447 -56.85 -10.98 56.90
C ASP L 447 -57.59 -9.68 56.64
N MET L 448 -58.82 -9.55 57.12
CA MET L 448 -59.57 -8.32 56.96
C MET L 448 -58.99 -7.22 57.83
N ARG L 449 -58.84 -6.03 57.24
CA ARG L 449 -58.24 -4.91 57.94
C ARG L 449 -59.27 -4.22 58.84
N LEU L 450 -58.82 -3.86 60.05
CA LEU L 450 -59.71 -3.33 61.07
C LEU L 450 -60.28 -1.98 60.69
N ARG L 451 -59.55 -1.22 59.86
CA ARG L 451 -60.04 0.04 59.31
C ARG L 451 -61.27 -0.17 58.45
N ARG L 452 -61.42 -1.35 57.87
CA ARG L 452 -62.60 -1.73 57.12
C ARG L 452 -63.77 -2.13 58.01
N LEU L 453 -63.67 -1.95 59.32
CA LEU L 453 -64.77 -2.21 60.25
C LEU L 453 -65.59 -0.96 60.55
N THR L 454 -66.01 -0.24 59.51
CA THR L 454 -66.80 0.97 59.69
C THR L 454 -67.96 0.98 58.71
N GLY L 455 -68.96 1.80 59.03
CA GLY L 455 -70.10 1.97 58.13
C GLY L 455 -69.73 2.72 56.87
N LEU L 456 -68.63 3.48 56.90
CA LEU L 456 -68.10 4.09 55.68
C LEU L 456 -67.47 3.05 54.77
N GLU L 457 -67.07 1.90 55.31
CA GLU L 457 -66.55 0.80 54.53
C GLU L 457 -67.57 -0.29 54.26
N ARG L 458 -68.53 -0.50 55.18
CA ARG L 458 -69.61 -1.45 54.92
C ARG L 458 -70.50 -1.01 53.77
N ASP L 459 -70.62 0.31 53.57
CA ASP L 459 -71.37 0.84 52.44
C ASP L 459 -70.70 0.47 51.12
N LYS L 460 -69.37 0.62 51.06
CA LYS L 460 -68.64 0.33 49.82
C LYS L 460 -68.66 -1.16 49.51
N ILE L 461 -68.49 -1.99 50.54
CA ILE L 461 -68.54 -3.44 50.37
C ILE L 461 -69.93 -3.90 49.94
N GLN L 462 -70.98 -3.35 50.56
CA GLN L 462 -72.33 -3.75 50.23
C GLN L 462 -72.74 -3.30 48.82
N SER L 463 -72.35 -2.08 48.44
CA SER L 463 -72.67 -1.58 47.12
C SER L 463 -71.91 -2.35 46.03
N GLU L 464 -70.62 -2.62 46.27
CA GLU L 464 -69.83 -3.40 45.32
C GLU L 464 -70.32 -4.84 45.25
N TYR L 465 -70.84 -5.37 46.36
CA TYR L 465 -71.37 -6.73 46.38
C TYR L 465 -72.65 -6.83 45.57
N ASP L 466 -73.54 -5.84 45.71
CA ASP L 466 -74.74 -5.81 44.88
C ASP L 466 -74.41 -5.58 43.42
N ASP L 467 -73.36 -4.79 43.13
CA ASP L 467 -72.95 -4.60 41.74
C ASP L 467 -72.39 -5.88 41.13
N LEU L 468 -71.62 -6.64 41.91
CA LEU L 468 -71.08 -7.88 41.38
C LEU L 468 -72.16 -8.94 41.23
N LEU L 469 -73.16 -8.96 42.12
CA LEU L 469 -74.29 -9.86 41.89
C LEU L 469 -75.12 -9.44 40.70
N ALA L 470 -75.20 -8.13 40.43
CA ALA L 470 -75.85 -7.66 39.20
C ALA L 470 -75.08 -8.11 37.96
N LEU L 471 -73.75 -8.09 38.04
CA LEU L 471 -72.94 -8.56 36.92
C LEU L 471 -73.09 -10.07 36.73
N ILE L 472 -73.22 -10.82 37.84
CA ILE L 472 -73.47 -12.25 37.76
C ILE L 472 -74.83 -12.52 37.12
N ALA L 473 -75.85 -11.73 37.47
CA ALA L 473 -77.16 -11.90 36.87
C ALA L 473 -77.14 -11.54 35.38
N ASP L 474 -76.35 -10.54 35.01
CA ASP L 474 -76.19 -10.18 33.60
C ASP L 474 -75.51 -11.30 32.81
N LEU L 475 -74.44 -11.88 33.36
CA LEU L 475 -73.75 -12.94 32.65
C LEU L 475 -74.58 -14.22 32.62
N ALA L 476 -75.42 -14.46 33.63
CA ALA L 476 -76.35 -15.58 33.57
C ALA L 476 -77.43 -15.36 32.52
N ASP L 477 -77.84 -14.11 32.34
CA ASP L 477 -78.77 -13.80 31.25
C ASP L 477 -78.11 -13.95 29.88
N ILE L 478 -76.81 -13.69 29.80
CA ILE L 478 -76.08 -13.94 28.56
C ILE L 478 -75.97 -15.44 28.30
N LEU L 479 -75.67 -16.22 29.34
CA LEU L 479 -75.58 -17.66 29.19
C LEU L 479 -76.93 -18.34 29.03
N ALA L 480 -78.03 -17.65 29.33
CA ALA L 480 -79.35 -18.28 29.20
C ALA L 480 -79.99 -18.05 27.86
N LYS L 481 -79.68 -16.95 27.18
CA LYS L 481 -80.34 -16.58 25.94
C LYS L 481 -79.35 -16.50 24.79
N PRO L 482 -79.46 -17.38 23.79
CA PRO L 482 -78.54 -17.31 22.64
C PRO L 482 -78.75 -16.10 21.74
N GLU L 483 -79.86 -15.36 21.91
CA GLU L 483 -80.06 -14.13 21.16
C GLU L 483 -79.00 -13.09 21.50
N ARG L 484 -78.75 -12.91 22.79
CA ARG L 484 -77.75 -11.93 23.22
C ARG L 484 -76.34 -12.36 22.85
N VAL L 485 -76.12 -13.67 22.70
CA VAL L 485 -74.84 -14.18 22.22
C VAL L 485 -74.57 -13.66 20.81
N SER L 486 -75.56 -13.85 19.93
CA SER L 486 -75.49 -13.29 18.58
C SER L 486 -75.39 -11.78 18.60
N GLN L 487 -76.00 -11.14 19.60
CA GLN L 487 -75.93 -9.70 19.69
C GLN L 487 -74.51 -9.22 20.00
N ILE L 488 -73.84 -9.89 20.93
CA ILE L 488 -72.46 -9.56 21.27
C ILE L 488 -71.56 -9.80 20.07
N ILE L 489 -71.85 -10.87 19.33
CA ILE L 489 -71.08 -11.18 18.12
C ILE L 489 -71.25 -10.08 17.07
N LYS L 490 -72.50 -9.64 16.86
CA LYS L 490 -72.77 -8.56 15.92
C LYS L 490 -72.07 -7.28 16.31
N ASP L 491 -72.09 -6.97 17.61
CA ASP L 491 -71.51 -5.71 18.09
C ASP L 491 -70.01 -5.70 17.89
N GLU L 492 -69.33 -6.79 18.25
CA GLU L 492 -67.88 -6.79 18.13
C GLU L 492 -67.44 -6.92 16.68
N LEU L 493 -68.23 -7.61 15.85
CA LEU L 493 -67.93 -7.66 14.43
C LEU L 493 -68.09 -6.30 13.78
N ASP L 494 -69.12 -5.55 14.17
CA ASP L 494 -69.28 -4.22 13.61
C ASP L 494 -68.22 -3.27 14.13
N GLU L 495 -67.71 -3.52 15.34
CA GLU L 495 -66.56 -2.76 15.83
C GLU L 495 -65.33 -3.00 14.97
N VAL L 496 -65.10 -4.26 14.60
CA VAL L 496 -63.99 -4.61 13.72
C VAL L 496 -64.19 -3.99 12.34
N LYS L 497 -65.43 -4.01 11.85
CA LYS L 497 -65.76 -3.44 10.55
C LYS L 497 -65.53 -1.94 10.53
N ARG L 498 -65.83 -1.26 11.64
CA ARG L 498 -65.50 0.15 11.74
C ARG L 498 -64.00 0.36 11.77
N LYS L 499 -63.27 -0.52 12.46
CA LYS L 499 -61.86 -0.26 12.65
C LYS L 499 -61.00 -0.58 11.43
N PHE L 500 -61.47 -1.40 10.50
CA PHE L 500 -60.56 -1.86 9.46
C PHE L 500 -61.09 -1.89 8.04
N SER L 501 -62.40 -1.91 7.80
CA SER L 501 -62.95 -2.36 6.52
C SER L 501 -62.71 -1.34 5.42
N ASP L 502 -61.86 -1.70 4.45
CA ASP L 502 -61.73 -0.98 3.20
C ASP L 502 -62.72 -1.57 2.21
N LYS L 503 -62.61 -1.22 0.93
CA LYS L 503 -63.45 -1.82 -0.09
C LYS L 503 -62.60 -2.52 -1.14
N ARG L 504 -63.29 -3.04 -2.16
CA ARG L 504 -62.67 -3.95 -3.11
C ARG L 504 -61.68 -3.22 -4.01
N ARG L 505 -60.42 -3.62 -3.93
CA ARG L 505 -59.45 -3.19 -4.92
C ARG L 505 -59.65 -3.90 -6.25
N THR L 506 -60.35 -5.02 -6.24
CA THR L 506 -60.70 -5.78 -7.43
C THR L 506 -62.11 -5.43 -7.86
N GLU L 507 -62.29 -5.19 -9.16
CA GLU L 507 -63.63 -4.95 -9.71
C GLU L 507 -64.17 -6.24 -10.29
N LEU L 508 -65.40 -6.58 -9.92
CA LEU L 508 -66.10 -7.68 -10.55
C LEU L 508 -66.63 -7.22 -11.90
N MET L 509 -65.99 -7.66 -12.97
CA MET L 509 -66.46 -7.35 -14.31
C MET L 509 -67.34 -8.49 -14.80
N VAL L 510 -67.88 -8.32 -16.00
CA VAL L 510 -68.74 -9.34 -16.59
C VAL L 510 -68.15 -9.82 -17.91
#